data_8RWJ
#
_entry.id   8RWJ
#
_cell.length_a   1.00
_cell.length_b   1.00
_cell.length_c   1.00
_cell.angle_alpha   90.00
_cell.angle_beta   90.00
_cell.angle_gamma   90.00
#
_symmetry.space_group_name_H-M   'P 1'
#
loop_
_entity.id
_entity.type
_entity.pdbx_description
1 polymer 'Acetyl-coenzyme A synthetase'
2 non-polymer '[[(2~{R},3~{S},4~{R},5~{R})-5-(6-aminopurin-9-yl)-3,4-bis(oxidanyl)oxolan-2-yl]methoxy-oxidanyl-phosphoryl] ethanoate'
#
_entity_poly.entity_id   1
_entity_poly.type   'polypeptide(L)'
_entity_poly.pdbx_seq_one_letter_code
;MSPSAVQSSKLEEQSSEIDKLKAKMSQSASTAQQKKEHEYEHLTSVKIVPQRPISDRLQPAIATHYSPHLDGLQDYQRLH
KESIEDPAKFFGSKATQFLNWSKPFDKVFIPDSKTGRPSFQNNAWFLNGQLNACYNCVDRHALKTPNKKAIIFEGDEPGQ
GYSITYKELLEEVCQVAQVLTYSMGVRKGDTVAVYMPMVPEAIITLLAISRIGAIHSVVFAGFSSNSLRDRINDGDSKVV
ITTDESNRGGKVIETKRIVDDALRETPGVRHVLVYRKTNNPSVAFHAPRDLDWATEKKKYKTYYPCTPVDSEDPLFLLYT
SGSTGAPKGVQHSTAGYLLGALLTMRYTFDTHQEDVFFTAGDIGWITGHTYVVYGPLLYGCATLVFEGTPAYPNYSRYWD
IIDEHKVTQFYVAPTALRLLKRAGDSYIENHSLKSLRCLGSVGEPIAAEVWEWYSEKIGKNEIPIVDTYWQTESGSHLVT
PLAGGVTPMKPGSASFPFFGIDAVVLDPNTGEELNTSHAEGVLAVKAAWPSFARTIWKNHDRYLDTYLNPYPGYYFTGDG
AAKDKDGYIWILGRVDDVVNVSGHRLSTAEIEAAIIEDPIVAECAVVGFNDDLTGQAVAAFVVLKNKSNWSTATDDELQD
IKKHLVFTVRKDIGPFAAPKLIILVDDLPKTRSGKIMRRILRKILAGESDQLGDVSTLSNPGIVRHLIDSVKL
;
_entity_poly.pdbx_strand_id   D,I,A,B,C,E,F,G,H
#
loop_
_chem_comp.id
_chem_comp.type
_chem_comp.name
_chem_comp.formula
6R9 non-polymer '[[(2~{R},3~{S},4~{R},5~{R})-5-(6-aminopurin-9-yl)-3,4-bis(oxidanyl)oxolan-2-yl]methoxy-oxidanyl-phosphoryl] ethanoate' 'C12 H16 N5 O8 P'
#
# COMPACT_ATOMS: atom_id res chain seq x y z
N HIS A 38 -32.55 -29.70 -60.00
CA HIS A 38 -31.93 -30.90 -59.64
C HIS A 38 -32.84 -31.72 -58.75
N GLU A 39 -32.35 -32.09 -57.58
CA GLU A 39 -33.15 -32.83 -56.64
C GLU A 39 -33.54 -31.71 -55.77
N TYR A 40 -34.67 -31.15 -56.10
CA TYR A 40 -35.19 -29.97 -55.46
C TYR A 40 -34.63 -28.69 -56.02
N GLU A 41 -34.05 -28.76 -57.21
CA GLU A 41 -33.56 -27.55 -57.82
C GLU A 41 -34.64 -26.52 -57.96
N HIS A 42 -35.86 -26.92 -58.27
CA HIS A 42 -36.88 -25.90 -58.39
C HIS A 42 -37.11 -25.25 -57.03
N LEU A 43 -37.42 -26.06 -56.03
CA LEU A 43 -37.69 -25.57 -54.69
C LEU A 43 -36.66 -24.64 -54.12
N THR A 44 -35.40 -24.96 -54.28
CA THR A 44 -34.36 -24.19 -53.63
C THR A 44 -33.77 -23.08 -54.47
N SER A 45 -34.22 -22.92 -55.71
CA SER A 45 -33.60 -21.92 -56.57
C SER A 45 -34.25 -20.59 -56.39
N VAL A 46 -33.89 -19.94 -55.30
CA VAL A 46 -34.50 -18.69 -54.97
C VAL A 46 -33.47 -17.65 -54.62
N LYS A 47 -33.91 -16.40 -54.65
CA LYS A 47 -33.11 -15.24 -54.26
C LYS A 47 -33.12 -15.07 -52.77
N ILE A 48 -32.01 -14.61 -52.23
CA ILE A 48 -31.92 -14.29 -50.82
C ILE A 48 -32.40 -12.90 -50.57
N VAL A 49 -33.28 -12.76 -49.61
CA VAL A 49 -33.80 -11.46 -49.26
C VAL A 49 -33.16 -11.02 -47.96
N PRO A 50 -32.42 -9.92 -47.94
CA PRO A 50 -31.74 -9.38 -46.77
C PRO A 50 -32.79 -8.74 -45.91
N GLN A 51 -32.55 -8.53 -44.64
CA GLN A 51 -33.54 -7.85 -43.83
C GLN A 51 -33.18 -6.38 -43.77
N ARG A 52 -34.16 -5.54 -43.83
CA ARG A 52 -34.02 -4.11 -43.84
C ARG A 52 -34.20 -3.67 -42.40
N PRO A 53 -33.53 -2.61 -41.95
CA PRO A 53 -33.69 -2.09 -40.62
C PRO A 53 -35.04 -1.51 -40.47
N ILE A 54 -35.57 -1.60 -39.26
CA ILE A 54 -36.83 -1.00 -38.94
C ILE A 54 -36.64 0.01 -37.85
N SER A 55 -37.05 1.24 -38.07
CA SER A 55 -36.94 2.23 -37.03
C SER A 55 -38.20 3.01 -37.06
N ASP A 56 -38.78 2.97 -38.21
CA ASP A 56 -39.94 3.73 -38.55
C ASP A 56 -41.24 3.05 -38.22
N ARG A 57 -41.14 1.92 -37.56
CA ARG A 57 -42.28 1.20 -37.08
C ARG A 57 -42.16 1.07 -35.57
N LEU A 58 -41.23 1.77 -34.97
CA LEU A 58 -41.13 1.63 -33.53
C LEU A 58 -42.15 2.53 -32.89
N GLN A 59 -42.66 2.11 -31.76
CA GLN A 59 -43.57 2.92 -31.01
C GLN A 59 -42.74 3.74 -30.04
N PRO A 60 -43.21 4.91 -29.61
CA PRO A 60 -42.52 5.79 -28.66
C PRO A 60 -41.97 5.08 -27.45
N ALA A 61 -42.67 4.05 -26.99
CA ALA A 61 -42.25 3.25 -25.84
C ALA A 61 -40.83 2.73 -25.94
N ILE A 62 -40.41 2.34 -27.15
CA ILE A 62 -39.09 1.79 -27.33
C ILE A 62 -38.30 2.59 -28.31
N ALA A 63 -38.92 3.59 -28.88
CA ALA A 63 -38.23 4.38 -29.88
C ALA A 63 -36.94 4.97 -29.35
N THR A 64 -36.87 5.27 -28.06
CA THR A 64 -35.69 5.88 -27.52
C THR A 64 -34.60 4.93 -27.10
N HIS A 65 -34.86 3.64 -27.02
CA HIS A 65 -33.82 2.74 -26.55
C HIS A 65 -33.71 1.43 -27.31
N TYR A 66 -34.55 1.21 -28.30
CA TYR A 66 -34.54 -0.03 -29.04
C TYR A 66 -33.22 -0.38 -29.65
N SER A 67 -32.84 -1.61 -29.45
CA SER A 67 -31.66 -2.19 -30.01
C SER A 67 -31.90 -3.69 -30.02
N PRO A 68 -31.55 -4.40 -31.09
CA PRO A 68 -31.77 -5.83 -31.22
C PRO A 68 -30.94 -6.57 -30.23
N HIS A 69 -31.37 -7.77 -29.85
CA HIS A 69 -30.59 -8.56 -28.89
C HIS A 69 -29.34 -9.18 -29.54
N LEU A 70 -29.40 -9.49 -30.82
CA LEU A 70 -28.27 -10.00 -31.57
C LEU A 70 -27.97 -8.99 -32.64
N ASP A 71 -26.71 -8.59 -32.75
CA ASP A 71 -26.33 -7.53 -33.68
C ASP A 71 -26.21 -7.96 -35.14
N GLY A 72 -25.92 -9.22 -35.40
CA GLY A 72 -25.78 -9.67 -36.77
C GLY A 72 -25.49 -11.15 -36.88
N LEU A 73 -25.36 -11.62 -38.11
CA LEU A 73 -25.14 -13.01 -38.39
C LEU A 73 -23.87 -13.48 -37.78
N GLN A 74 -22.86 -12.62 -37.76
CA GLN A 74 -21.59 -13.03 -37.20
C GLN A 74 -21.67 -13.29 -35.71
N ASP A 75 -22.65 -12.73 -35.01
CA ASP A 75 -22.73 -12.98 -33.59
C ASP A 75 -23.52 -14.24 -33.42
N TYR A 76 -24.49 -14.43 -34.29
CA TYR A 76 -25.19 -15.68 -34.26
C TYR A 76 -24.19 -16.78 -34.44
N GLN A 77 -23.36 -16.66 -35.45
CA GLN A 77 -22.44 -17.73 -35.72
C GLN A 77 -21.49 -18.01 -34.57
N ARG A 78 -20.94 -16.99 -33.92
CA ARG A 78 -20.01 -17.34 -32.87
C ARG A 78 -20.73 -17.82 -31.63
N LEU A 79 -21.89 -17.26 -31.36
CA LEU A 79 -22.63 -17.64 -30.18
C LEU A 79 -23.15 -19.04 -30.32
N HIS A 80 -23.61 -19.39 -31.51
CA HIS A 80 -24.09 -20.72 -31.78
C HIS A 80 -22.96 -21.67 -31.55
N LYS A 81 -21.81 -21.37 -32.12
CA LYS A 81 -20.68 -22.24 -31.89
C LYS A 81 -20.49 -22.51 -30.41
N GLU A 82 -20.49 -21.47 -29.57
CA GLU A 82 -20.28 -21.67 -28.14
C GLU A 82 -21.38 -22.51 -27.53
N SER A 83 -22.61 -22.29 -27.95
CA SER A 83 -23.74 -23.04 -27.42
C SER A 83 -23.59 -24.52 -27.66
N ILE A 84 -23.06 -24.89 -28.82
CA ILE A 84 -22.88 -26.30 -29.10
C ILE A 84 -21.65 -26.85 -28.40
N GLU A 85 -20.53 -26.14 -28.50
CA GLU A 85 -19.29 -26.64 -27.91
C GLU A 85 -19.28 -26.70 -26.38
N ASP A 86 -19.90 -25.75 -25.69
CA ASP A 86 -19.87 -25.80 -24.23
C ASP A 86 -21.14 -25.21 -23.60
N PRO A 87 -22.24 -25.99 -23.58
CA PRO A 87 -23.57 -25.62 -23.09
C PRO A 87 -23.53 -25.21 -21.64
N ALA A 88 -22.53 -25.73 -20.94
CA ALA A 88 -22.32 -25.48 -19.54
C ALA A 88 -22.21 -24.02 -19.26
N LYS A 89 -21.68 -23.25 -20.18
CA LYS A 89 -21.57 -21.85 -19.92
C LYS A 89 -22.70 -21.13 -20.61
N PHE A 90 -22.99 -21.49 -21.86
CA PHE A 90 -24.04 -20.76 -22.55
C PHE A 90 -25.38 -20.82 -21.82
N PHE A 91 -25.86 -22.03 -21.55
CA PHE A 91 -27.14 -22.16 -20.89
C PHE A 91 -26.95 -21.93 -19.43
N GLY A 92 -25.84 -22.40 -18.92
CA GLY A 92 -25.59 -22.22 -17.51
C GLY A 92 -25.85 -20.80 -17.07
N SER A 93 -25.28 -19.82 -17.77
CA SER A 93 -25.51 -18.45 -17.41
C SER A 93 -26.90 -17.93 -17.72
N LYS A 94 -27.43 -18.20 -18.91
CA LYS A 94 -28.73 -17.65 -19.23
C LYS A 94 -29.79 -18.18 -18.27
N ALA A 95 -29.60 -19.39 -17.81
CA ALA A 95 -30.50 -20.01 -16.88
C ALA A 95 -30.64 -19.24 -15.60
N THR A 96 -29.60 -18.55 -15.14
CA THR A 96 -29.76 -17.84 -13.89
C THR A 96 -30.01 -16.38 -14.13
N GLN A 97 -29.67 -15.90 -15.31
CA GLN A 97 -29.89 -14.51 -15.61
C GLN A 97 -31.32 -14.22 -15.97
N PHE A 98 -32.05 -15.18 -16.51
CA PHE A 98 -33.43 -14.89 -16.86
C PHE A 98 -34.50 -15.59 -16.04
N LEU A 99 -34.16 -16.56 -15.22
CA LEU A 99 -35.13 -17.26 -14.41
C LEU A 99 -34.83 -16.98 -12.96
N ASN A 100 -35.85 -16.83 -12.17
CA ASN A 100 -35.66 -16.57 -10.78
C ASN A 100 -35.82 -17.85 -9.98
N TRP A 101 -34.68 -18.36 -9.51
CA TRP A 101 -34.58 -19.64 -8.82
C TRP A 101 -34.84 -19.52 -7.34
N SER A 102 -35.51 -20.53 -6.76
CA SER A 102 -35.73 -20.56 -5.31
C SER A 102 -34.53 -21.16 -4.66
N LYS A 103 -33.91 -22.07 -5.38
CA LYS A 103 -32.72 -22.74 -4.96
C LYS A 103 -31.84 -22.85 -6.18
N PRO A 104 -30.57 -22.47 -6.11
CA PRO A 104 -29.65 -22.54 -7.22
C PRO A 104 -29.38 -23.96 -7.58
N PHE A 105 -29.06 -24.19 -8.83
CA PHE A 105 -28.73 -25.53 -9.29
C PHE A 105 -27.24 -25.76 -9.25
N ASP A 106 -26.86 -27.04 -9.21
CA ASP A 106 -25.45 -27.40 -9.20
C ASP A 106 -24.92 -27.74 -10.56
N LYS A 107 -25.72 -28.43 -11.36
CA LYS A 107 -25.19 -28.87 -12.65
C LYS A 107 -26.02 -28.49 -13.82
N VAL A 108 -25.37 -27.96 -14.81
CA VAL A 108 -26.14 -27.57 -15.94
C VAL A 108 -26.72 -28.79 -16.62
N PHE A 109 -25.94 -29.84 -16.84
CA PHE A 109 -26.53 -31.00 -17.49
C PHE A 109 -25.81 -32.30 -17.22
N ILE A 110 -26.48 -33.41 -17.53
CA ILE A 110 -25.84 -34.73 -17.44
C ILE A 110 -25.19 -35.08 -18.76
N PRO A 111 -23.88 -35.24 -18.82
CA PRO A 111 -23.12 -35.50 -20.02
C PRO A 111 -23.24 -36.93 -20.45
N ASP A 112 -23.03 -37.11 -21.74
CA ASP A 112 -22.91 -38.39 -22.38
C ASP A 112 -21.51 -38.96 -22.13
N SER A 113 -21.43 -40.19 -21.62
CA SER A 113 -20.12 -40.78 -21.30
C SER A 113 -19.11 -40.70 -22.45
N LYS A 114 -19.59 -40.77 -23.69
CA LYS A 114 -18.68 -40.78 -24.85
C LYS A 114 -18.28 -39.39 -25.36
N THR A 115 -18.93 -38.34 -24.86
CA THR A 115 -18.69 -36.99 -25.37
C THR A 115 -19.17 -35.92 -24.38
N GLY A 116 -18.66 -34.72 -24.48
CA GLY A 116 -19.08 -33.70 -23.54
C GLY A 116 -20.48 -33.13 -23.78
N ARG A 117 -21.15 -33.59 -24.81
CA ARG A 117 -22.47 -33.10 -25.12
C ARG A 117 -23.54 -33.78 -24.26
N PRO A 118 -24.68 -33.13 -24.04
CA PRO A 118 -25.83 -33.66 -23.32
C PRO A 118 -26.37 -34.95 -23.87
N SER A 119 -26.66 -35.87 -22.96
CA SER A 119 -27.22 -37.18 -23.24
C SER A 119 -28.68 -37.16 -23.62
N PHE A 120 -29.08 -37.96 -24.61
CA PHE A 120 -30.50 -38.07 -24.93
C PHE A 120 -31.26 -38.98 -24.00
N GLN A 121 -30.65 -40.06 -23.63
CA GLN A 121 -31.30 -41.06 -22.81
C GLN A 121 -31.43 -40.63 -21.37
N ASN A 122 -30.53 -39.82 -20.90
CA ASN A 122 -30.58 -39.35 -19.53
C ASN A 122 -30.53 -37.85 -19.51
N ASN A 123 -31.31 -37.25 -20.37
CA ASN A 123 -31.39 -35.81 -20.49
C ASN A 123 -31.98 -35.19 -19.23
N ALA A 124 -31.25 -34.28 -18.63
CA ALA A 124 -31.72 -33.55 -17.46
C ALA A 124 -30.87 -32.32 -17.35
N TRP A 125 -31.48 -31.23 -16.91
CA TRP A 125 -30.81 -29.95 -16.81
C TRP A 125 -31.07 -29.21 -15.51
N PHE A 126 -30.12 -28.38 -15.12
CA PHE A 126 -30.25 -27.55 -13.93
C PHE A 126 -30.54 -28.40 -12.72
N LEU A 127 -29.75 -29.41 -12.57
CA LEU A 127 -29.93 -30.37 -11.54
C LEU A 127 -29.78 -29.76 -10.17
N ASN A 128 -30.68 -30.21 -9.33
CA ASN A 128 -30.83 -29.91 -7.93
C ASN A 128 -31.29 -28.50 -7.61
N GLY A 129 -31.70 -27.72 -8.59
CA GLY A 129 -32.26 -26.41 -8.28
C GLY A 129 -33.75 -26.52 -8.15
N GLN A 130 -34.39 -25.43 -7.76
CA GLN A 130 -35.84 -25.37 -7.61
C GLN A 130 -36.37 -24.09 -8.21
N LEU A 131 -37.49 -24.20 -8.90
CA LEU A 131 -38.03 -23.10 -9.66
C LEU A 131 -39.53 -23.18 -9.83
N ASN A 132 -40.26 -22.17 -9.43
CA ASN A 132 -41.69 -22.20 -9.63
C ASN A 132 -42.10 -21.42 -10.87
N ALA A 133 -42.69 -22.11 -11.83
CA ALA A 133 -43.07 -21.48 -13.09
C ALA A 133 -44.03 -20.32 -12.93
N CYS A 134 -44.95 -20.41 -11.98
CA CYS A 134 -45.95 -19.36 -11.81
C CYS A 134 -45.28 -18.13 -11.26
N TYR A 135 -44.32 -18.34 -10.37
CA TYR A 135 -43.61 -17.22 -9.80
C TYR A 135 -42.99 -16.43 -10.92
N ASN A 136 -42.27 -17.12 -11.78
CA ASN A 136 -41.60 -16.45 -12.86
C ASN A 136 -42.54 -15.81 -13.87
N CYS A 137 -43.69 -16.43 -14.11
CA CYS A 137 -44.67 -15.91 -15.07
C CYS A 137 -45.50 -14.76 -14.55
N VAL A 138 -45.88 -14.77 -13.29
CA VAL A 138 -46.73 -13.71 -12.81
C VAL A 138 -46.10 -12.90 -11.73
N ASP A 139 -45.80 -13.52 -10.59
CA ASP A 139 -45.42 -12.71 -9.43
C ASP A 139 -44.21 -11.87 -9.67
N ARG A 140 -43.29 -12.43 -10.39
CA ARG A 140 -42.08 -11.72 -10.68
C ARG A 140 -42.32 -10.38 -11.34
N HIS A 141 -43.37 -10.26 -12.13
CA HIS A 141 -43.65 -9.03 -12.81
C HIS A 141 -44.70 -8.25 -12.06
N ALA A 142 -45.72 -8.92 -11.55
CA ALA A 142 -46.79 -8.24 -10.86
C ALA A 142 -46.30 -7.49 -9.66
N LEU A 143 -45.27 -7.98 -9.01
CA LEU A 143 -44.75 -7.33 -7.84
C LEU A 143 -43.78 -6.21 -8.17
N LYS A 144 -43.48 -5.98 -9.44
CA LYS A 144 -42.56 -4.92 -9.82
C LYS A 144 -43.21 -3.87 -10.71
N THR A 145 -44.01 -4.32 -11.67
CA THR A 145 -44.68 -3.47 -12.65
C THR A 145 -46.17 -3.76 -12.62
N PRO A 146 -46.85 -3.53 -11.51
CA PRO A 146 -48.23 -3.91 -11.28
C PRO A 146 -49.26 -3.34 -12.22
N ASN A 147 -48.96 -2.23 -12.88
CA ASN A 147 -49.97 -1.64 -13.73
C ASN A 147 -49.52 -1.61 -15.14
N LYS A 148 -49.33 -2.80 -15.66
CA LYS A 148 -48.90 -3.07 -17.00
C LYS A 148 -49.77 -4.18 -17.53
N LYS A 149 -50.25 -4.04 -18.75
CA LYS A 149 -51.12 -5.05 -19.32
C LYS A 149 -50.42 -6.38 -19.47
N ALA A 150 -51.07 -7.42 -18.97
CA ALA A 150 -50.55 -8.76 -19.09
C ALA A 150 -51.27 -9.48 -20.19
N ILE A 151 -52.58 -9.35 -20.17
CA ILE A 151 -53.45 -10.02 -21.11
C ILE A 151 -54.40 -9.05 -21.73
N ILE A 152 -54.48 -9.07 -23.03
CA ILE A 152 -55.43 -8.26 -23.74
C ILE A 152 -56.39 -9.24 -24.33
N PHE A 153 -57.66 -9.14 -23.99
CA PHE A 153 -58.59 -10.12 -24.48
C PHE A 153 -59.68 -9.62 -25.35
N GLU A 154 -59.87 -10.31 -26.46
CA GLU A 154 -60.94 -9.97 -27.35
C GLU A 154 -61.78 -11.19 -27.63
N GLY A 155 -63.09 -11.02 -27.48
CA GLY A 155 -64.01 -12.12 -27.61
C GLY A 155 -64.45 -12.41 -29.03
N ASP A 156 -65.35 -13.36 -29.15
CA ASP A 156 -65.85 -13.80 -30.45
C ASP A 156 -66.64 -12.67 -31.07
N GLU A 157 -67.44 -12.00 -30.26
CA GLU A 157 -68.24 -10.90 -30.73
C GLU A 157 -67.40 -9.62 -30.57
N PRO A 158 -67.17 -8.83 -31.65
CA PRO A 158 -66.34 -7.64 -31.69
C PRO A 158 -66.56 -6.59 -30.60
N GLY A 159 -67.76 -6.44 -30.09
CA GLY A 159 -67.96 -5.41 -29.07
C GLY A 159 -67.45 -5.78 -27.68
N GLN A 160 -66.99 -7.02 -27.46
CA GLN A 160 -66.56 -7.37 -26.12
C GLN A 160 -65.08 -7.69 -26.02
N GLY A 161 -64.51 -7.25 -24.90
CA GLY A 161 -63.11 -7.48 -24.59
C GLY A 161 -62.72 -6.58 -23.44
N TYR A 162 -61.53 -6.81 -22.91
CA TYR A 162 -60.99 -6.07 -21.79
C TYR A 162 -59.53 -6.40 -21.57
N SER A 163 -58.86 -5.63 -20.72
CA SER A 163 -57.50 -5.96 -20.38
C SER A 163 -57.37 -6.38 -18.93
N ILE A 164 -56.33 -7.17 -18.67
CA ILE A 164 -55.95 -7.60 -17.33
C ILE A 164 -54.52 -7.20 -17.07
N THR A 165 -54.28 -6.50 -15.96
CA THR A 165 -52.91 -6.11 -15.64
C THR A 165 -52.20 -7.18 -14.86
N TYR A 166 -50.89 -7.06 -14.73
CA TYR A 166 -50.19 -8.05 -13.94
C TYR A 166 -50.66 -8.09 -12.51
N LYS A 167 -50.96 -6.94 -11.88
CA LYS A 167 -51.46 -7.02 -10.52
C LYS A 167 -52.73 -7.82 -10.46
N GLU A 168 -53.64 -7.54 -11.37
CA GLU A 168 -54.92 -8.23 -11.38
C GLU A 168 -54.76 -9.71 -11.61
N LEU A 169 -53.82 -10.07 -12.46
CA LEU A 169 -53.56 -11.46 -12.75
C LEU A 169 -53.12 -12.15 -11.47
N LEU A 170 -52.21 -11.54 -10.73
CA LEU A 170 -51.75 -12.15 -9.49
C LEU A 170 -52.92 -12.50 -8.61
N GLU A 171 -53.83 -11.55 -8.41
CA GLU A 171 -54.92 -11.84 -7.51
C GLU A 171 -55.80 -12.98 -8.02
N GLU A 172 -56.08 -13.03 -9.31
CA GLU A 172 -56.94 -14.10 -9.81
C GLU A 172 -56.28 -15.44 -9.72
N VAL A 173 -55.00 -15.50 -10.00
CA VAL A 173 -54.29 -16.75 -9.94
C VAL A 173 -54.30 -17.26 -8.54
N CYS A 174 -54.04 -16.38 -7.58
CA CYS A 174 -53.99 -16.80 -6.21
C CYS A 174 -55.32 -17.35 -5.72
N GLN A 175 -56.42 -16.71 -6.06
CA GLN A 175 -57.66 -17.25 -5.59
C GLN A 175 -57.93 -18.61 -6.17
N VAL A 176 -57.63 -18.80 -7.46
CA VAL A 176 -57.89 -20.10 -8.04
C VAL A 176 -57.03 -21.15 -7.41
N ALA A 177 -55.77 -20.85 -7.16
CA ALA A 177 -54.91 -21.84 -6.55
C ALA A 177 -55.47 -22.33 -5.23
N GLN A 178 -56.03 -21.43 -4.42
CA GLN A 178 -56.64 -21.85 -3.18
C GLN A 178 -57.86 -22.69 -3.41
N VAL A 179 -58.62 -22.40 -4.44
CA VAL A 179 -59.77 -23.23 -4.73
C VAL A 179 -59.32 -24.63 -5.02
N LEU A 180 -58.30 -24.76 -5.85
CA LEU A 180 -57.81 -26.08 -6.19
C LEU A 180 -57.30 -26.79 -4.96
N THR A 181 -56.62 -26.06 -4.10
CA THR A 181 -56.04 -26.60 -2.89
C THR A 181 -57.05 -27.07 -1.87
N TYR A 182 -58.04 -26.26 -1.58
CA TYR A 182 -58.94 -26.62 -0.51
C TYR A 182 -60.24 -27.26 -0.92
N SER A 183 -60.81 -26.90 -2.04
CA SER A 183 -62.08 -27.49 -2.36
C SER A 183 -61.94 -28.62 -3.35
N MET A 184 -61.00 -28.53 -4.26
CA MET A 184 -60.90 -29.57 -5.25
C MET A 184 -59.98 -30.70 -4.76
N GLY A 185 -59.28 -30.44 -3.67
CA GLY A 185 -58.36 -31.40 -3.05
C GLY A 185 -57.10 -31.66 -3.86
N VAL A 186 -56.63 -30.71 -4.65
CA VAL A 186 -55.47 -30.93 -5.49
C VAL A 186 -54.19 -30.80 -4.72
N ARG A 187 -53.31 -31.76 -4.91
CA ARG A 187 -52.03 -31.75 -4.25
C ARG A 187 -50.89 -31.87 -5.24
N LYS A 188 -49.73 -31.45 -4.79
CA LYS A 188 -48.53 -31.48 -5.60
C LYS A 188 -48.38 -32.81 -6.28
N GLY A 189 -48.15 -32.76 -7.59
CA GLY A 189 -47.98 -33.95 -8.40
C GLY A 189 -49.27 -34.54 -8.96
N ASP A 190 -50.42 -34.04 -8.58
CA ASP A 190 -51.67 -34.57 -9.08
C ASP A 190 -51.91 -34.02 -10.47
N THR A 191 -52.99 -34.43 -11.12
CA THR A 191 -53.28 -33.96 -12.46
C THR A 191 -54.65 -33.35 -12.64
N VAL A 192 -54.60 -32.18 -13.24
CA VAL A 192 -55.77 -31.42 -13.51
C VAL A 192 -55.95 -31.27 -15.00
N ALA A 193 -57.08 -31.74 -15.48
CA ALA A 193 -57.39 -31.66 -16.89
C ALA A 193 -58.16 -30.39 -17.13
N VAL A 194 -57.87 -29.75 -18.23
CA VAL A 194 -58.54 -28.54 -18.61
C VAL A 194 -59.14 -28.71 -20.00
N TYR A 195 -60.43 -28.43 -20.12
CA TYR A 195 -61.14 -28.58 -21.38
C TYR A 195 -61.85 -27.29 -21.75
N MET A 196 -61.28 -26.19 -21.30
CA MET A 196 -61.82 -24.87 -21.52
C MET A 196 -61.50 -24.34 -22.92
N PRO A 197 -62.32 -23.43 -23.44
CA PRO A 197 -62.09 -22.66 -24.65
C PRO A 197 -61.00 -21.68 -24.32
N MET A 198 -60.31 -21.14 -25.30
CA MET A 198 -59.32 -20.17 -24.84
C MET A 198 -59.93 -18.84 -24.47
N VAL A 199 -60.02 -18.63 -23.17
CA VAL A 199 -60.56 -17.44 -22.54
C VAL A 199 -59.57 -17.05 -21.44
N PRO A 200 -59.58 -15.83 -20.90
CA PRO A 200 -58.73 -15.41 -19.80
C PRO A 200 -58.77 -16.35 -18.63
N GLU A 201 -59.92 -16.94 -18.37
CA GLU A 201 -60.03 -17.85 -17.25
C GLU A 201 -59.21 -19.10 -17.46
N ALA A 202 -59.04 -19.54 -18.71
CA ALA A 202 -58.26 -20.70 -19.00
C ALA A 202 -56.81 -20.40 -18.71
N ILE A 203 -56.38 -19.19 -19.04
CA ILE A 203 -55.00 -18.83 -18.81
C ILE A 203 -54.73 -18.80 -17.33
N ILE A 204 -55.63 -18.19 -16.60
CA ILE A 204 -55.51 -18.08 -15.17
C ILE A 204 -55.45 -19.46 -14.58
N THR A 205 -56.32 -20.34 -15.03
CA THR A 205 -56.35 -21.69 -14.54
C THR A 205 -55.03 -22.39 -14.72
N LEU A 206 -54.44 -22.31 -15.91
CA LEU A 206 -53.21 -23.03 -16.10
C LEU A 206 -52.12 -22.51 -15.17
N LEU A 207 -52.06 -21.20 -14.99
CA LEU A 207 -51.06 -20.65 -14.09
C LEU A 207 -51.31 -21.08 -12.65
N ALA A 208 -52.56 -21.08 -12.23
CA ALA A 208 -52.92 -21.47 -10.88
C ALA A 208 -52.56 -22.91 -10.61
N ILE A 209 -52.72 -23.77 -11.60
CA ILE A 209 -52.38 -25.16 -11.41
C ILE A 209 -50.90 -25.29 -11.16
N SER A 210 -50.11 -24.61 -11.99
CA SER A 210 -48.67 -24.66 -11.85
C SER A 210 -48.21 -24.14 -10.50
N ARG A 211 -48.89 -23.13 -10.00
CA ARG A 211 -48.55 -22.49 -8.74
C ARG A 211 -48.55 -23.45 -7.56
N ILE A 212 -49.33 -24.53 -7.61
CA ILE A 212 -49.42 -25.43 -6.50
C ILE A 212 -48.71 -26.73 -6.78
N GLY A 213 -47.88 -26.74 -7.81
CA GLY A 213 -47.08 -27.90 -8.13
C GLY A 213 -47.86 -29.03 -8.76
N ALA A 214 -48.98 -28.73 -9.38
CA ALA A 214 -49.76 -29.79 -10.00
C ALA A 214 -49.42 -29.78 -11.46
N ILE A 215 -49.73 -30.87 -12.14
CA ILE A 215 -49.45 -31.02 -13.56
C ILE A 215 -50.69 -30.74 -14.35
N HIS A 216 -50.61 -29.87 -15.34
CA HIS A 216 -51.82 -29.68 -16.12
C HIS A 216 -51.79 -30.40 -17.44
N SER A 217 -52.99 -30.67 -17.95
CA SER A 217 -53.21 -31.30 -19.24
C SER A 217 -54.35 -30.63 -19.96
N VAL A 218 -54.12 -30.14 -21.16
CA VAL A 218 -55.12 -29.35 -21.86
C VAL A 218 -55.62 -30.02 -23.12
N VAL A 219 -56.93 -30.16 -23.20
CA VAL A 219 -57.58 -30.82 -24.30
C VAL A 219 -58.35 -29.84 -25.17
N PHE A 220 -58.17 -29.88 -26.49
CA PHE A 220 -58.89 -28.92 -27.32
C PHE A 220 -60.37 -29.01 -27.03
N ALA A 221 -61.01 -27.87 -26.83
CA ALA A 221 -62.43 -27.83 -26.49
C ALA A 221 -63.32 -28.52 -27.52
N GLY A 222 -62.95 -28.50 -28.78
CA GLY A 222 -63.82 -29.11 -29.77
C GLY A 222 -63.79 -30.65 -29.84
N PHE A 223 -62.97 -31.31 -29.06
CA PHE A 223 -62.94 -32.75 -29.18
C PHE A 223 -64.18 -33.40 -28.66
N SER A 224 -64.48 -34.54 -29.24
CA SER A 224 -65.60 -35.37 -28.84
C SER A 224 -65.32 -36.10 -27.58
N SER A 225 -66.36 -36.66 -26.99
CA SER A 225 -66.24 -37.38 -25.74
C SER A 225 -65.37 -38.63 -25.78
N ASN A 226 -65.17 -39.26 -26.92
CA ASN A 226 -64.35 -40.45 -26.85
C ASN A 226 -62.91 -40.12 -26.66
N SER A 227 -62.43 -39.13 -27.39
CA SER A 227 -61.05 -38.84 -27.26
C SER A 227 -60.79 -38.11 -25.97
N LEU A 228 -61.80 -37.40 -25.46
CA LEU A 228 -61.63 -36.74 -24.20
C LEU A 228 -61.45 -37.80 -23.16
N ARG A 229 -62.25 -38.84 -23.23
CA ARG A 229 -62.19 -39.87 -22.23
C ARG A 229 -60.87 -40.55 -22.21
N ASP A 230 -60.34 -40.82 -23.37
CA ASP A 230 -59.04 -41.45 -23.37
C ASP A 230 -57.98 -40.58 -22.74
N ARG A 231 -58.02 -39.28 -22.99
CA ARG A 231 -57.01 -38.42 -22.41
C ARG A 231 -57.17 -38.30 -20.91
N ILE A 232 -58.39 -38.20 -20.43
CA ILE A 232 -58.61 -38.09 -19.01
C ILE A 232 -58.10 -39.32 -18.31
N ASN A 233 -58.43 -40.48 -18.84
CA ASN A 233 -58.00 -41.69 -18.18
C ASN A 233 -56.53 -41.93 -18.32
N ASP A 234 -55.96 -41.70 -19.49
CA ASP A 234 -54.55 -42.02 -19.65
C ASP A 234 -53.69 -41.18 -18.73
N GLY A 235 -54.06 -39.92 -18.56
CA GLY A 235 -53.27 -39.03 -17.73
C GLY A 235 -53.63 -39.13 -16.27
N ASP A 236 -54.58 -39.98 -15.93
CA ASP A 236 -55.06 -40.16 -14.57
C ASP A 236 -55.47 -38.86 -13.89
N SER A 237 -56.26 -38.03 -14.56
CA SER A 237 -56.63 -36.82 -13.85
C SER A 237 -57.70 -37.14 -12.84
N LYS A 238 -57.86 -36.25 -11.89
CA LYS A 238 -58.91 -36.42 -10.90
C LYS A 238 -59.78 -35.21 -10.86
N VAL A 239 -59.26 -34.15 -11.40
CA VAL A 239 -59.97 -32.91 -11.45
C VAL A 239 -60.08 -32.44 -12.85
N VAL A 240 -61.28 -32.04 -13.22
CA VAL A 240 -61.54 -31.52 -14.55
C VAL A 240 -62.07 -30.12 -14.45
N ILE A 241 -61.50 -29.23 -15.24
CA ILE A 241 -61.94 -27.86 -15.26
C ILE A 241 -62.51 -27.54 -16.62
N THR A 242 -63.74 -27.05 -16.64
CA THR A 242 -64.44 -26.75 -17.86
C THR A 242 -65.31 -25.53 -17.77
N THR A 243 -66.11 -25.35 -18.80
CA THR A 243 -67.06 -24.26 -18.95
C THR A 243 -68.40 -24.84 -19.25
N ASP A 244 -69.44 -24.04 -19.17
CA ASP A 244 -70.73 -24.59 -19.53
C ASP A 244 -70.94 -24.59 -21.04
N GLU A 245 -70.87 -23.42 -21.64
CA GLU A 245 -71.03 -23.30 -23.08
C GLU A 245 -70.03 -22.29 -23.58
N SER A 246 -69.63 -22.42 -24.83
CA SER A 246 -68.75 -21.44 -25.43
C SER A 246 -69.15 -21.12 -26.84
N ASN A 247 -68.70 -19.99 -27.34
CA ASN A 247 -69.05 -19.54 -28.67
C ASN A 247 -67.85 -19.26 -29.51
N ARG A 248 -67.81 -19.93 -30.63
CA ARG A 248 -66.71 -19.75 -31.55
C ARG A 248 -67.24 -19.66 -32.97
N GLY A 249 -67.02 -18.53 -33.61
CA GLY A 249 -67.51 -18.33 -34.95
C GLY A 249 -69.00 -18.18 -34.94
N GLY A 250 -69.55 -17.77 -33.81
CA GLY A 250 -70.98 -17.66 -33.67
C GLY A 250 -71.66 -18.99 -33.36
N LYS A 251 -70.92 -20.10 -33.25
CA LYS A 251 -71.57 -21.36 -32.99
C LYS A 251 -71.39 -21.79 -31.55
N VAL A 252 -72.40 -22.45 -31.00
CA VAL A 252 -72.34 -22.91 -29.62
C VAL A 252 -71.71 -24.28 -29.46
N ILE A 253 -70.75 -24.36 -28.57
CA ILE A 253 -70.08 -25.59 -28.24
C ILE A 253 -70.49 -26.05 -26.85
N GLU A 254 -71.08 -27.23 -26.76
CA GLU A 254 -71.57 -27.69 -25.47
C GLU A 254 -70.50 -28.39 -24.65
N THR A 255 -69.64 -27.60 -24.05
CA THR A 255 -68.50 -28.16 -23.33
C THR A 255 -68.91 -28.96 -22.10
N LYS A 256 -69.92 -28.54 -21.34
CA LYS A 256 -70.26 -29.32 -20.16
C LYS A 256 -70.76 -30.67 -20.55
N ARG A 257 -71.66 -30.74 -21.51
CA ARG A 257 -72.21 -32.03 -21.86
C ARG A 257 -71.13 -32.97 -22.36
N ILE A 258 -70.18 -32.49 -23.11
CA ILE A 258 -69.14 -33.39 -23.54
C ILE A 258 -68.37 -33.93 -22.35
N VAL A 259 -68.03 -33.08 -21.40
CA VAL A 259 -67.31 -33.60 -20.25
C VAL A 259 -68.15 -34.61 -19.50
N ASP A 260 -69.43 -34.30 -19.25
CA ASP A 260 -70.26 -35.23 -18.50
C ASP A 260 -70.34 -36.57 -19.19
N ASP A 261 -70.37 -36.56 -20.51
CA ASP A 261 -70.39 -37.80 -21.25
C ASP A 261 -69.11 -38.56 -21.01
N ALA A 262 -67.98 -37.91 -21.23
CA ALA A 262 -66.72 -38.59 -21.11
C ALA A 262 -66.54 -39.20 -19.73
N LEU A 263 -67.03 -38.52 -18.71
CA LEU A 263 -66.81 -38.99 -17.37
C LEU A 263 -67.72 -40.12 -16.98
N ARG A 264 -68.63 -40.52 -17.82
CA ARG A 264 -69.50 -41.62 -17.48
C ARG A 264 -68.70 -42.90 -17.33
N GLU A 265 -67.62 -43.03 -18.08
CA GLU A 265 -66.84 -44.24 -18.02
C GLU A 265 -65.55 -44.02 -17.26
N THR A 266 -65.44 -42.94 -16.52
CA THR A 266 -64.19 -42.69 -15.82
C THR A 266 -64.38 -42.72 -14.31
N PRO A 267 -63.76 -43.67 -13.59
CA PRO A 267 -63.89 -43.84 -12.15
C PRO A 267 -63.07 -42.86 -11.33
N GLY A 268 -62.18 -42.17 -12.00
CA GLY A 268 -61.22 -41.29 -11.37
C GLY A 268 -61.77 -40.00 -10.84
N VAL A 269 -62.32 -39.20 -11.71
CA VAL A 269 -62.64 -37.84 -11.36
C VAL A 269 -63.55 -37.69 -10.19
N ARG A 270 -63.09 -36.86 -9.28
CA ARG A 270 -63.78 -36.56 -8.06
C ARG A 270 -64.47 -35.23 -8.12
N HIS A 271 -63.90 -34.25 -8.81
CA HIS A 271 -64.58 -32.97 -8.86
C HIS A 271 -64.45 -32.30 -10.21
N VAL A 272 -65.51 -31.59 -10.58
CA VAL A 272 -65.50 -30.83 -11.79
C VAL A 272 -65.79 -29.37 -11.49
N LEU A 273 -64.92 -28.52 -11.96
CA LEU A 273 -65.07 -27.11 -11.73
C LEU A 273 -65.62 -26.50 -12.99
N VAL A 274 -66.69 -25.75 -12.89
CA VAL A 274 -67.35 -25.22 -14.06
C VAL A 274 -67.43 -23.74 -14.10
N TYR A 275 -66.90 -23.15 -15.14
CA TYR A 275 -67.01 -21.73 -15.29
C TYR A 275 -68.20 -21.34 -16.12
N ARG A 276 -69.11 -20.61 -15.49
CA ARG A 276 -70.33 -20.24 -16.17
C ARG A 276 -70.12 -19.05 -17.05
N LYS A 277 -69.42 -19.27 -18.15
CA LYS A 277 -69.16 -18.18 -19.05
C LYS A 277 -70.49 -17.61 -19.50
N THR A 278 -71.46 -18.47 -19.77
CA THR A 278 -72.78 -17.98 -20.12
C THR A 278 -73.56 -17.98 -18.81
N ASN A 279 -74.15 -16.86 -18.45
CA ASN A 279 -74.76 -16.81 -17.13
C ASN A 279 -76.10 -17.54 -16.95
N ASN A 280 -76.83 -17.79 -18.01
CA ASN A 280 -78.14 -18.39 -17.87
C ASN A 280 -78.58 -19.51 -18.82
N PRO A 281 -77.70 -20.42 -19.24
CA PRO A 281 -78.02 -21.49 -20.16
C PRO A 281 -78.79 -22.57 -19.41
N SER A 282 -79.37 -23.50 -20.13
CA SER A 282 -80.08 -24.58 -19.46
C SER A 282 -79.20 -25.81 -19.40
N VAL A 283 -78.24 -25.69 -18.51
CA VAL A 283 -77.21 -26.69 -18.32
C VAL A 283 -77.28 -27.28 -16.93
N ALA A 284 -77.33 -28.60 -16.88
CA ALA A 284 -77.41 -29.31 -15.63
C ALA A 284 -76.24 -28.98 -14.75
N PHE A 285 -76.48 -28.96 -13.47
CA PHE A 285 -75.40 -28.68 -12.55
C PHE A 285 -75.68 -29.50 -11.30
N HIS A 286 -74.76 -30.37 -10.95
CA HIS A 286 -74.99 -31.28 -9.82
C HIS A 286 -74.10 -30.93 -8.66
N ALA A 287 -74.72 -30.43 -7.61
CA ALA A 287 -73.94 -29.94 -6.47
C ALA A 287 -72.94 -30.93 -5.88
N PRO A 288 -73.19 -32.23 -5.79
CA PRO A 288 -72.21 -33.15 -5.24
C PRO A 288 -70.83 -32.96 -5.85
N ARG A 289 -70.72 -32.62 -7.15
CA ARG A 289 -69.35 -32.43 -7.61
C ARG A 289 -69.22 -31.42 -8.73
N ASP A 290 -70.12 -30.47 -8.80
CA ASP A 290 -70.00 -29.38 -9.74
C ASP A 290 -69.81 -28.13 -8.96
N LEU A 291 -68.66 -27.53 -9.13
CA LEU A 291 -68.37 -26.37 -8.35
C LEU A 291 -68.42 -25.18 -9.25
N ASP A 292 -69.08 -24.13 -8.80
CA ASP A 292 -69.16 -22.96 -9.62
C ASP A 292 -67.94 -22.10 -9.42
N TRP A 293 -67.17 -21.98 -10.47
CA TRP A 293 -65.90 -21.29 -10.44
C TRP A 293 -66.07 -19.92 -9.88
N ALA A 294 -67.13 -19.25 -10.31
CA ALA A 294 -67.36 -17.86 -9.98
C ALA A 294 -68.00 -17.66 -8.61
N THR A 295 -68.31 -18.74 -7.92
CA THR A 295 -68.90 -18.64 -6.60
C THR A 295 -67.92 -19.11 -5.59
N GLU A 296 -67.14 -20.09 -5.96
CA GLU A 296 -66.18 -20.63 -5.03
C GLU A 296 -65.03 -19.65 -4.80
N LYS A 297 -64.56 -19.02 -5.87
CA LYS A 297 -63.42 -18.12 -5.82
C LYS A 297 -63.48 -17.05 -4.73
N LYS A 298 -64.64 -16.45 -4.49
CA LYS A 298 -64.78 -15.34 -3.54
C LYS A 298 -64.47 -15.69 -2.10
N LYS A 299 -64.37 -16.96 -1.82
CA LYS A 299 -64.11 -17.42 -0.49
C LYS A 299 -62.64 -17.44 -0.16
N TYR A 300 -61.80 -17.07 -1.11
CA TYR A 300 -60.39 -17.18 -0.89
C TYR A 300 -59.62 -15.86 -0.90
N LYS A 301 -58.49 -15.85 -0.20
CA LYS A 301 -57.70 -14.63 -0.16
C LYS A 301 -56.97 -14.35 -1.45
N THR A 302 -56.66 -13.10 -1.64
CA THR A 302 -56.10 -12.60 -2.91
C THR A 302 -54.58 -12.70 -3.05
N TYR A 303 -53.93 -13.35 -2.12
CA TYR A 303 -52.51 -13.64 -2.17
C TYR A 303 -52.32 -15.01 -1.61
N TYR A 304 -51.54 -15.83 -2.29
CA TYR A 304 -51.27 -17.16 -1.85
C TYR A 304 -49.94 -17.52 -2.47
N PRO A 305 -49.01 -18.10 -1.73
CA PRO A 305 -47.66 -18.44 -2.14
C PRO A 305 -47.47 -19.57 -3.11
N CYS A 306 -46.32 -19.52 -3.79
CA CYS A 306 -45.84 -20.56 -4.68
C CYS A 306 -45.22 -21.72 -3.96
N THR A 307 -45.52 -22.92 -4.42
CA THR A 307 -44.91 -24.12 -3.88
C THR A 307 -43.61 -24.44 -4.62
N PRO A 308 -42.49 -24.66 -3.96
CA PRO A 308 -41.25 -25.05 -4.61
C PRO A 308 -41.43 -26.30 -5.44
N VAL A 309 -40.86 -26.29 -6.63
CA VAL A 309 -40.93 -27.36 -7.59
C VAL A 309 -39.54 -27.69 -8.09
N ASP A 310 -39.21 -28.96 -8.19
CA ASP A 310 -37.88 -29.28 -8.66
C ASP A 310 -37.72 -28.87 -10.09
N SER A 311 -36.50 -28.52 -10.48
CA SER A 311 -36.25 -28.13 -11.85
C SER A 311 -36.63 -29.21 -12.87
N GLU A 312 -36.60 -30.49 -12.48
CA GLU A 312 -36.98 -31.56 -13.39
C GLU A 312 -38.38 -32.11 -13.20
N ASP A 313 -39.19 -31.49 -12.36
CA ASP A 313 -40.54 -31.96 -12.19
C ASP A 313 -41.31 -31.60 -13.46
N PRO A 314 -42.27 -32.41 -13.87
CA PRO A 314 -43.11 -32.16 -15.03
C PRO A 314 -43.91 -30.90 -14.89
N LEU A 315 -43.94 -30.07 -15.93
CA LEU A 315 -44.76 -28.88 -15.91
C LEU A 315 -46.12 -29.25 -16.46
N PHE A 316 -46.10 -29.92 -17.60
CA PHE A 316 -47.36 -30.25 -18.26
C PHE A 316 -47.26 -31.40 -19.20
N LEU A 317 -48.43 -31.91 -19.55
CA LEU A 317 -48.57 -32.94 -20.55
C LEU A 317 -49.37 -32.45 -21.73
N LEU A 318 -49.00 -32.89 -22.93
CA LEU A 318 -49.84 -32.63 -24.07
C LEU A 318 -50.19 -33.89 -24.78
N TYR A 319 -51.45 -34.18 -24.82
CA TYR A 319 -51.90 -35.37 -25.48
C TYR A 319 -52.09 -35.15 -26.93
N THR A 320 -50.99 -35.27 -27.63
CA THR A 320 -50.99 -35.04 -29.04
C THR A 320 -51.48 -36.28 -29.70
N SER A 321 -51.83 -36.15 -30.97
CA SER A 321 -52.27 -37.32 -31.68
C SER A 321 -52.11 -37.24 -33.17
N GLY A 322 -51.75 -38.40 -33.73
CA GLY A 322 -51.64 -38.67 -35.16
C GLY A 322 -52.71 -39.68 -35.56
N SER A 323 -53.72 -39.84 -34.69
CA SER A 323 -54.83 -40.79 -34.84
C SER A 323 -54.36 -42.23 -35.04
N THR A 324 -53.39 -42.65 -34.23
CA THR A 324 -52.86 -44.01 -34.26
C THR A 324 -52.40 -44.36 -32.86
N GLY A 325 -52.50 -45.64 -32.52
CA GLY A 325 -52.14 -46.05 -31.18
C GLY A 325 -53.11 -45.35 -30.24
N ALA A 326 -52.59 -44.53 -29.37
CA ALA A 326 -53.36 -43.79 -28.40
C ALA A 326 -52.67 -42.46 -28.24
N PRO A 327 -53.37 -41.41 -27.82
CA PRO A 327 -52.78 -40.10 -27.61
C PRO A 327 -51.55 -40.19 -26.74
N LYS A 328 -50.52 -39.45 -27.12
CA LYS A 328 -49.25 -39.45 -26.43
C LYS A 328 -49.13 -38.30 -25.47
N GLY A 329 -49.03 -38.60 -24.18
CA GLY A 329 -48.89 -37.55 -23.20
C GLY A 329 -47.47 -37.03 -23.19
N VAL A 330 -47.15 -36.20 -24.14
CA VAL A 330 -45.79 -35.73 -24.23
C VAL A 330 -45.52 -34.93 -22.99
N GLN A 331 -44.45 -35.23 -22.30
CA GLN A 331 -44.13 -34.54 -21.07
C GLN A 331 -42.90 -33.67 -21.12
N HIS A 332 -43.07 -32.44 -20.63
CA HIS A 332 -42.00 -31.46 -20.56
C HIS A 332 -41.79 -31.01 -19.13
N SER A 333 -40.52 -30.94 -18.71
CA SER A 333 -40.19 -30.50 -17.37
C SER A 333 -40.10 -28.99 -17.25
N THR A 334 -40.18 -28.51 -16.01
CA THR A 334 -40.22 -27.08 -15.78
C THR A 334 -38.99 -26.26 -16.15
N ALA A 335 -37.82 -26.54 -15.62
CA ALA A 335 -36.75 -25.60 -15.94
C ALA A 335 -36.41 -25.61 -17.40
N GLY A 336 -36.43 -26.79 -17.99
CA GLY A 336 -36.09 -26.94 -19.37
C GLY A 336 -36.98 -26.14 -20.28
N TYR A 337 -38.27 -26.38 -20.14
CA TYR A 337 -39.24 -25.73 -20.97
C TYR A 337 -39.20 -24.23 -20.81
N LEU A 338 -39.17 -23.74 -19.58
CA LEU A 338 -39.22 -22.31 -19.38
C LEU A 338 -38.03 -21.62 -19.99
N LEU A 339 -36.84 -22.20 -19.87
CA LEU A 339 -35.70 -21.54 -20.47
C LEU A 339 -35.84 -21.50 -21.97
N GLY A 340 -36.28 -22.60 -22.55
CA GLY A 340 -36.47 -22.66 -23.98
C GLY A 340 -37.38 -21.54 -24.45
N ALA A 341 -38.52 -21.42 -23.78
CA ALA A 341 -39.47 -20.41 -24.15
C ALA A 341 -38.88 -19.00 -24.07
N LEU A 342 -38.11 -18.71 -23.03
CA LEU A 342 -37.51 -17.39 -22.96
C LEU A 342 -36.49 -17.11 -24.01
N LEU A 343 -35.62 -18.07 -24.28
CA LEU A 343 -34.59 -17.81 -25.25
C LEU A 343 -35.19 -17.55 -26.60
N THR A 344 -36.25 -18.26 -26.89
CA THR A 344 -36.88 -18.10 -28.16
C THR A 344 -37.50 -16.72 -28.28
N MET A 345 -38.20 -16.28 -27.25
CA MET A 345 -38.80 -14.95 -27.30
C MET A 345 -37.76 -13.87 -27.49
N ARG A 346 -36.64 -14.03 -26.80
CA ARG A 346 -35.57 -13.07 -26.83
C ARG A 346 -34.78 -13.07 -28.13
N TYR A 347 -34.48 -14.22 -28.71
CA TYR A 347 -33.66 -14.21 -29.90
C TYR A 347 -34.36 -14.45 -31.21
N THR A 348 -35.48 -15.15 -31.24
CA THR A 348 -36.12 -15.37 -32.51
C THR A 348 -37.03 -14.22 -32.80
N PHE A 349 -37.84 -13.85 -31.84
CA PHE A 349 -38.80 -12.78 -32.10
C PHE A 349 -38.28 -11.41 -31.71
N ASP A 350 -37.13 -11.36 -31.09
CA ASP A 350 -36.48 -10.13 -30.66
C ASP A 350 -37.43 -9.26 -29.86
N THR A 351 -38.14 -9.82 -28.89
CA THR A 351 -39.11 -8.98 -28.19
C THR A 351 -38.57 -8.13 -27.07
N HIS A 352 -39.41 -7.19 -26.71
CA HIS A 352 -39.20 -6.27 -25.63
C HIS A 352 -40.39 -6.25 -24.72
N GLN A 353 -40.15 -5.70 -23.57
CA GLN A 353 -41.12 -5.66 -22.53
C GLN A 353 -42.32 -4.85 -22.91
N GLU A 354 -42.17 -4.01 -23.91
CA GLU A 354 -43.19 -3.09 -24.35
C GLU A 354 -44.04 -3.62 -25.49
N ASP A 355 -43.82 -4.84 -25.94
CA ASP A 355 -44.60 -5.36 -27.05
C ASP A 355 -45.92 -5.99 -26.69
N VAL A 356 -46.63 -6.38 -27.76
CA VAL A 356 -47.86 -7.15 -27.73
C VAL A 356 -47.68 -8.28 -28.72
N PHE A 357 -47.75 -9.49 -28.20
CA PHE A 357 -47.48 -10.64 -29.01
C PHE A 357 -48.78 -11.36 -29.34
N PHE A 358 -49.14 -11.42 -30.59
CA PHE A 358 -50.40 -12.05 -30.98
C PHE A 358 -50.19 -13.38 -31.67
N THR A 359 -50.58 -14.45 -30.99
CA THR A 359 -50.45 -15.79 -31.55
C THR A 359 -51.81 -16.27 -31.95
N ALA A 360 -51.94 -16.55 -33.21
CA ALA A 360 -53.23 -16.94 -33.73
C ALA A 360 -53.43 -18.45 -33.61
N GLY A 361 -53.66 -18.92 -32.40
CA GLY A 361 -53.83 -20.35 -32.24
C GLY A 361 -54.32 -20.81 -30.87
N ASP A 362 -54.96 -21.97 -30.88
CA ASP A 362 -55.58 -22.57 -29.71
C ASP A 362 -54.63 -22.97 -28.59
N ILE A 363 -55.13 -22.81 -27.38
CA ILE A 363 -54.41 -23.15 -26.17
C ILE A 363 -54.06 -24.63 -26.03
N GLY A 364 -54.79 -25.53 -26.67
CA GLY A 364 -54.50 -26.94 -26.56
C GLY A 364 -53.36 -27.41 -27.46
N TRP A 365 -52.78 -26.52 -28.23
CA TRP A 365 -51.71 -26.85 -29.14
C TRP A 365 -50.40 -26.41 -28.49
N ILE A 366 -49.29 -27.02 -28.89
CA ILE A 366 -48.02 -26.61 -28.29
C ILE A 366 -47.74 -25.13 -28.45
N THR A 367 -48.19 -24.48 -29.51
CA THR A 367 -47.88 -23.06 -29.64
C THR A 367 -48.71 -22.25 -28.70
N GLY A 368 -49.80 -22.81 -28.21
CA GLY A 368 -50.64 -22.12 -27.27
C GLY A 368 -49.85 -21.99 -25.99
N HIS A 369 -49.31 -23.11 -25.58
CA HIS A 369 -48.54 -23.09 -24.37
C HIS A 369 -47.32 -22.22 -24.49
N THR A 370 -46.53 -22.47 -25.52
CA THR A 370 -45.31 -21.72 -25.66
C THR A 370 -45.51 -20.23 -25.94
N TYR A 371 -46.48 -19.84 -26.76
CA TYR A 371 -46.59 -18.43 -27.08
C TYR A 371 -47.81 -17.66 -26.61
N VAL A 372 -48.72 -18.26 -25.89
CA VAL A 372 -49.83 -17.54 -25.35
C VAL A 372 -49.64 -17.43 -23.87
N VAL A 373 -49.27 -18.53 -23.23
CA VAL A 373 -49.14 -18.50 -21.78
C VAL A 373 -47.73 -18.46 -21.23
N TYR A 374 -46.84 -19.35 -21.63
CA TYR A 374 -45.53 -19.39 -20.98
C TYR A 374 -44.47 -18.62 -21.74
N GLY A 375 -44.88 -17.89 -22.72
CA GLY A 375 -43.97 -17.11 -23.54
C GLY A 375 -44.02 -15.69 -23.04
N PRO A 376 -44.80 -14.81 -23.67
CA PRO A 376 -44.91 -13.43 -23.31
C PRO A 376 -45.07 -13.18 -21.83
N LEU A 377 -45.86 -13.97 -21.11
CA LEU A 377 -45.98 -13.67 -19.69
C LEU A 377 -44.68 -13.82 -18.95
N LEU A 378 -43.91 -14.81 -19.33
CA LEU A 378 -42.68 -15.12 -18.64
C LEU A 378 -41.68 -14.06 -18.92
N TYR A 379 -41.68 -13.65 -20.17
CA TYR A 379 -40.79 -12.61 -20.66
C TYR A 379 -41.15 -11.27 -20.06
N GLY A 380 -42.44 -10.96 -20.02
CA GLY A 380 -42.95 -9.69 -19.54
C GLY A 380 -43.69 -8.89 -20.61
N CYS A 381 -44.00 -9.50 -21.74
CA CYS A 381 -44.73 -8.83 -22.82
C CYS A 381 -46.21 -9.05 -22.61
N ALA A 382 -47.07 -8.24 -23.24
CA ALA A 382 -48.49 -8.52 -23.15
C ALA A 382 -48.87 -9.59 -24.15
N THR A 383 -49.84 -10.41 -23.78
CA THR A 383 -50.36 -11.43 -24.67
C THR A 383 -51.70 -11.03 -25.22
N LEU A 384 -51.88 -11.14 -26.51
CA LEU A 384 -53.20 -10.89 -27.06
C LEU A 384 -53.90 -12.21 -27.25
N VAL A 385 -55.04 -12.34 -26.62
CA VAL A 385 -55.83 -13.54 -26.62
C VAL A 385 -57.09 -13.34 -27.40
N PHE A 386 -57.27 -14.14 -28.42
CA PHE A 386 -58.44 -14.04 -29.26
C PHE A 386 -59.13 -15.36 -29.31
N GLU A 387 -60.36 -15.40 -28.79
CA GLU A 387 -61.06 -16.68 -28.71
C GLU A 387 -61.72 -17.17 -30.01
N GLY A 388 -62.01 -16.27 -30.94
CA GLY A 388 -62.74 -16.62 -32.15
C GLY A 388 -61.89 -17.01 -33.36
N THR A 389 -62.49 -16.82 -34.54
CA THR A 389 -61.95 -17.19 -35.84
C THR A 389 -62.05 -16.01 -36.78
N PRO A 390 -61.08 -15.79 -37.67
CA PRO A 390 -61.09 -14.69 -38.64
C PRO A 390 -62.29 -14.78 -39.56
N ALA A 391 -62.82 -15.96 -39.70
CA ALA A 391 -64.00 -16.15 -40.51
C ALA A 391 -65.15 -15.27 -40.06
N TYR A 392 -65.26 -15.00 -38.76
CA TYR A 392 -66.41 -14.29 -38.22
C TYR A 392 -66.14 -12.91 -37.61
N PRO A 393 -66.94 -11.92 -37.97
CA PRO A 393 -67.95 -11.86 -39.00
C PRO A 393 -67.49 -11.74 -40.46
N ASN A 394 -66.25 -11.32 -40.77
CA ASN A 394 -65.96 -11.12 -42.19
C ASN A 394 -64.52 -11.09 -42.70
N TYR A 395 -63.63 -11.92 -42.23
CA TYR A 395 -62.23 -11.91 -42.69
C TYR A 395 -61.40 -10.67 -42.42
N SER A 396 -61.97 -9.55 -42.05
CA SER A 396 -61.12 -8.41 -41.76
C SER A 396 -60.81 -8.37 -40.29
N ARG A 397 -61.32 -9.36 -39.58
CA ARG A 397 -61.20 -9.37 -38.16
C ARG A 397 -59.76 -9.36 -37.69
N TYR A 398 -58.87 -10.14 -38.28
CA TYR A 398 -57.53 -10.11 -37.74
C TYR A 398 -56.90 -8.76 -37.91
N TRP A 399 -57.15 -8.14 -39.03
CA TRP A 399 -56.59 -6.86 -39.27
C TRP A 399 -57.14 -5.84 -38.34
N ASP A 400 -58.44 -5.87 -38.12
CA ASP A 400 -59.00 -4.90 -37.22
C ASP A 400 -58.35 -5.03 -35.87
N ILE A 401 -58.13 -6.27 -35.43
CA ILE A 401 -57.50 -6.54 -34.15
C ILE A 401 -56.11 -5.97 -34.09
N ILE A 402 -55.33 -6.21 -35.13
CA ILE A 402 -53.97 -5.76 -35.14
C ILE A 402 -53.86 -4.28 -35.01
N ASP A 403 -54.64 -3.53 -35.76
CA ASP A 403 -54.49 -2.09 -35.58
C ASP A 403 -55.09 -1.58 -34.28
N GLU A 404 -56.22 -2.10 -33.85
CA GLU A 404 -56.82 -1.54 -32.65
C GLU A 404 -55.91 -1.66 -31.45
N HIS A 405 -55.21 -2.77 -31.34
CA HIS A 405 -54.38 -2.97 -30.17
C HIS A 405 -52.90 -2.80 -30.44
N LYS A 406 -52.53 -2.24 -31.57
CA LYS A 406 -51.12 -2.06 -31.90
C LYS A 406 -50.28 -3.32 -31.73
N VAL A 407 -50.74 -4.41 -32.31
CA VAL A 407 -50.01 -5.66 -32.23
C VAL A 407 -48.68 -5.50 -32.89
N THR A 408 -47.60 -5.98 -32.27
CA THR A 408 -46.31 -5.81 -32.88
C THR A 408 -45.74 -7.10 -33.44
N GLN A 409 -46.15 -8.24 -32.90
CA GLN A 409 -45.71 -9.55 -33.38
C GLN A 409 -46.91 -10.36 -33.84
N PHE A 410 -46.89 -10.90 -35.06
CA PHE A 410 -48.01 -11.73 -35.47
C PHE A 410 -47.57 -13.09 -35.98
N TYR A 411 -47.89 -14.11 -35.20
CA TYR A 411 -47.48 -15.49 -35.43
C TYR A 411 -48.71 -16.34 -35.77
N VAL A 412 -48.80 -16.76 -37.02
CA VAL A 412 -50.01 -17.43 -37.52
C VAL A 412 -49.79 -18.72 -38.30
N ALA A 413 -50.68 -19.69 -38.15
CA ALA A 413 -50.57 -20.90 -38.94
C ALA A 413 -50.77 -20.59 -40.42
N PRO A 414 -50.06 -21.25 -41.34
CA PRO A 414 -50.16 -21.05 -42.77
C PRO A 414 -51.53 -21.37 -43.34
N THR A 415 -52.31 -22.15 -42.64
CA THR A 415 -53.62 -22.47 -43.15
C THR A 415 -54.48 -21.24 -43.07
N ALA A 416 -54.29 -20.48 -42.01
CA ALA A 416 -55.06 -19.29 -41.86
C ALA A 416 -54.66 -18.34 -42.95
N LEU A 417 -53.37 -18.32 -43.26
CA LEU A 417 -52.93 -17.40 -44.27
C LEU A 417 -53.53 -17.75 -45.60
N ARG A 418 -53.61 -19.03 -45.92
CA ARG A 418 -54.19 -19.35 -47.20
C ARG A 418 -55.63 -18.91 -47.27
N LEU A 419 -56.40 -19.10 -46.21
CA LEU A 419 -57.79 -18.68 -46.27
C LEU A 419 -57.94 -17.18 -46.42
N LEU A 420 -57.11 -16.43 -45.73
CA LEU A 420 -57.16 -14.98 -45.83
C LEU A 420 -56.79 -14.55 -47.23
N LYS A 421 -55.81 -15.20 -47.80
CA LYS A 421 -55.40 -14.89 -49.13
C LYS A 421 -56.54 -15.12 -50.09
N ARG A 422 -57.27 -16.19 -49.96
CA ARG A 422 -58.35 -16.36 -50.89
C ARG A 422 -59.38 -15.28 -50.69
N ALA A 423 -59.69 -14.97 -49.46
CA ALA A 423 -60.72 -13.97 -49.26
C ALA A 423 -60.46 -12.77 -50.15
N GLY A 424 -59.18 -12.43 -50.31
CA GLY A 424 -58.80 -11.36 -51.21
C GLY A 424 -58.35 -10.09 -50.52
N ASP A 425 -57.61 -9.30 -51.29
CA ASP A 425 -57.01 -8.06 -50.82
C ASP A 425 -58.02 -6.98 -50.50
N SER A 426 -59.26 -7.16 -50.92
CA SER A 426 -60.30 -6.18 -50.64
C SER A 426 -60.58 -6.08 -49.15
N TYR A 427 -60.13 -7.06 -48.39
CA TYR A 427 -60.38 -7.04 -46.97
C TYR A 427 -59.30 -6.34 -46.17
N ILE A 428 -58.27 -5.82 -46.84
CA ILE A 428 -57.19 -5.07 -46.18
C ILE A 428 -57.01 -3.67 -46.72
N GLU A 429 -57.96 -3.20 -47.52
CA GLU A 429 -57.83 -1.89 -48.13
C GLU A 429 -57.75 -0.77 -47.12
N ASN A 430 -58.43 -0.91 -46.00
CA ASN A 430 -58.44 0.13 -45.00
C ASN A 430 -57.56 -0.13 -43.79
N HIS A 431 -56.51 -0.93 -43.90
CA HIS A 431 -55.67 -1.12 -42.74
C HIS A 431 -54.21 -0.86 -43.06
N SER A 432 -53.53 -0.15 -42.18
CA SER A 432 -52.12 0.09 -42.43
C SER A 432 -51.26 -0.99 -41.85
N LEU A 433 -51.72 -1.56 -40.74
CA LEU A 433 -50.98 -2.58 -40.02
C LEU A 433 -49.54 -2.12 -39.72
N LYS A 434 -49.37 -0.81 -39.61
CA LYS A 434 -48.06 -0.22 -39.42
C LYS A 434 -47.34 -0.69 -38.18
N SER A 435 -48.06 -0.95 -37.11
CA SER A 435 -47.41 -1.36 -35.88
C SER A 435 -46.64 -2.66 -35.96
N LEU A 436 -46.96 -3.53 -36.89
CA LEU A 436 -46.27 -4.80 -36.92
C LEU A 436 -44.81 -4.61 -37.19
N ARG A 437 -44.00 -5.36 -36.46
CA ARG A 437 -42.57 -5.32 -36.70
C ARG A 437 -42.04 -6.69 -37.06
N CYS A 438 -42.82 -7.72 -36.84
CA CYS A 438 -42.37 -9.06 -37.15
C CYS A 438 -43.53 -9.98 -37.45
N LEU A 439 -43.43 -10.74 -38.53
CA LEU A 439 -44.41 -11.71 -38.93
C LEU A 439 -43.83 -13.08 -38.87
N GLY A 440 -44.65 -14.08 -38.72
CA GLY A 440 -44.13 -15.42 -38.83
C GLY A 440 -45.22 -16.45 -38.89
N SER A 441 -44.81 -17.70 -39.08
CA SER A 441 -45.74 -18.81 -39.20
C SER A 441 -45.17 -20.14 -38.81
N VAL A 442 -46.09 -21.06 -38.53
CA VAL A 442 -45.73 -22.40 -38.11
C VAL A 442 -46.78 -23.46 -38.38
N GLY A 443 -46.33 -24.71 -38.60
CA GLY A 443 -47.23 -25.86 -38.68
C GLY A 443 -47.23 -26.60 -40.00
N GLU A 444 -46.81 -25.94 -41.06
CA GLU A 444 -46.81 -26.58 -42.35
C GLU A 444 -45.88 -25.76 -43.23
N PRO A 445 -45.22 -26.34 -44.23
CA PRO A 445 -44.39 -25.60 -45.14
C PRO A 445 -45.18 -24.49 -45.80
N ILE A 446 -44.54 -23.37 -46.01
CA ILE A 446 -45.19 -22.26 -46.67
C ILE A 446 -44.65 -22.19 -48.09
N ALA A 447 -45.52 -22.22 -49.06
CA ALA A 447 -45.06 -22.11 -50.44
C ALA A 447 -44.50 -20.73 -50.64
N ALA A 448 -43.49 -20.58 -51.51
CA ALA A 448 -42.97 -19.24 -51.76
C ALA A 448 -44.07 -18.32 -52.22
N GLU A 449 -45.01 -18.83 -52.97
CA GLU A 449 -46.10 -18.00 -53.45
C GLU A 449 -46.87 -17.33 -52.33
N VAL A 450 -47.06 -18.05 -51.23
CA VAL A 450 -47.81 -17.52 -50.11
C VAL A 450 -46.92 -16.58 -49.35
N TRP A 451 -45.67 -16.98 -49.19
CA TRP A 451 -44.71 -16.19 -48.47
C TRP A 451 -44.63 -14.82 -49.11
N GLU A 452 -44.55 -14.78 -50.43
CA GLU A 452 -44.47 -13.51 -51.13
C GLU A 452 -45.71 -12.69 -50.91
N TRP A 453 -46.89 -13.28 -50.97
CA TRP A 453 -48.11 -12.53 -50.74
C TRP A 453 -48.12 -11.94 -49.35
N TYR A 454 -47.78 -12.74 -48.38
CA TYR A 454 -47.81 -12.34 -47.02
C TYR A 454 -46.85 -11.17 -46.83
N SER A 455 -45.64 -11.31 -47.37
CA SER A 455 -44.64 -10.27 -47.28
C SER A 455 -45.09 -8.98 -47.91
N GLU A 456 -45.64 -9.04 -49.12
CA GLU A 456 -46.08 -7.87 -49.85
C GLU A 456 -47.31 -7.17 -49.32
N LYS A 457 -48.35 -7.91 -48.95
CA LYS A 457 -49.59 -7.23 -48.60
C LYS A 457 -49.74 -6.95 -47.13
N ILE A 458 -49.19 -7.78 -46.26
CA ILE A 458 -49.32 -7.59 -44.85
C ILE A 458 -48.06 -6.95 -44.32
N GLY A 459 -46.91 -7.52 -44.70
CA GLY A 459 -45.63 -7.04 -44.20
C GLY A 459 -45.09 -5.83 -44.97
N LYS A 460 -45.79 -5.46 -46.03
CA LYS A 460 -45.48 -4.36 -46.93
C LYS A 460 -44.04 -4.35 -47.41
N ASN A 461 -43.47 -5.52 -47.64
CA ASN A 461 -42.09 -5.70 -48.06
C ASN A 461 -41.06 -5.15 -47.07
N GLU A 462 -41.44 -4.85 -45.84
CA GLU A 462 -40.51 -4.35 -44.85
C GLU A 462 -40.31 -5.29 -43.68
N ILE A 463 -41.36 -5.95 -43.26
CA ILE A 463 -41.29 -6.79 -42.09
C ILE A 463 -40.77 -8.18 -42.42
N PRO A 464 -39.80 -8.73 -41.71
CA PRO A 464 -39.29 -10.07 -41.93
C PRO A 464 -40.34 -11.09 -41.60
N ILE A 465 -40.35 -12.20 -42.33
CA ILE A 465 -41.23 -13.31 -42.03
C ILE A 465 -40.44 -14.45 -41.49
N VAL A 466 -40.73 -14.85 -40.28
CA VAL A 466 -40.02 -15.94 -39.68
C VAL A 466 -40.78 -17.24 -39.84
N ASP A 467 -40.25 -18.09 -40.70
CA ASP A 467 -40.77 -19.44 -40.94
C ASP A 467 -40.06 -20.35 -39.98
N THR A 468 -40.75 -20.76 -38.94
CA THR A 468 -40.09 -21.52 -37.91
C THR A 468 -40.51 -22.96 -37.92
N TYR A 469 -39.54 -23.83 -37.77
CA TYR A 469 -39.76 -25.25 -37.74
C TYR A 469 -39.54 -25.85 -36.38
N TRP A 470 -40.56 -26.54 -35.89
CA TRP A 470 -40.44 -27.22 -34.63
C TRP A 470 -41.51 -28.27 -34.43
N GLN A 471 -41.40 -29.00 -33.34
CA GLN A 471 -42.28 -30.11 -33.05
C GLN A 471 -42.72 -30.05 -31.62
N THR A 472 -43.83 -30.71 -31.29
CA THR A 472 -44.24 -30.74 -29.90
C THR A 472 -43.10 -31.19 -29.02
N GLU A 473 -42.46 -32.26 -29.41
CA GLU A 473 -41.38 -32.81 -28.64
C GLU A 473 -40.15 -31.94 -28.52
N SER A 474 -39.96 -30.95 -29.38
CA SER A 474 -38.77 -30.14 -29.23
C SER A 474 -38.99 -29.09 -28.18
N GLY A 475 -40.24 -28.66 -28.08
CA GLY A 475 -40.70 -27.70 -27.08
C GLY A 475 -40.32 -26.26 -27.40
N SER A 476 -39.59 -26.08 -28.47
CA SER A 476 -39.07 -24.79 -28.86
C SER A 476 -38.60 -24.87 -30.29
N HIS A 477 -38.17 -23.77 -30.83
CA HIS A 477 -37.73 -23.77 -32.20
C HIS A 477 -36.53 -24.65 -32.44
N LEU A 478 -36.52 -25.39 -33.55
CA LEU A 478 -35.37 -26.20 -33.91
C LEU A 478 -34.59 -25.49 -34.97
N VAL A 479 -35.28 -25.08 -36.03
CA VAL A 479 -34.62 -24.39 -37.12
C VAL A 479 -35.42 -23.16 -37.43
N THR A 480 -34.80 -21.99 -37.43
CA THR A 480 -35.59 -20.81 -37.69
C THR A 480 -34.77 -19.60 -38.04
N PRO A 481 -35.28 -18.70 -38.85
CA PRO A 481 -34.71 -17.42 -39.05
C PRO A 481 -34.79 -16.71 -37.76
N LEU A 482 -33.86 -15.83 -37.53
CA LEU A 482 -33.94 -15.00 -36.36
C LEU A 482 -34.30 -13.62 -36.87
N ALA A 483 -35.12 -12.92 -36.11
CA ALA A 483 -35.60 -11.60 -36.44
C ALA A 483 -34.54 -10.55 -36.23
N GLY A 484 -34.94 -9.31 -36.38
CA GLY A 484 -33.97 -8.25 -36.33
C GLY A 484 -33.23 -8.41 -37.61
N GLY A 485 -32.00 -7.98 -37.65
CA GLY A 485 -31.22 -8.04 -38.87
C GLY A 485 -30.35 -9.27 -38.90
N VAL A 486 -30.61 -10.24 -38.05
CA VAL A 486 -29.64 -11.31 -37.95
C VAL A 486 -29.44 -12.11 -39.21
N THR A 487 -30.49 -12.52 -39.90
CA THR A 487 -30.20 -13.36 -41.05
C THR A 487 -30.94 -12.99 -42.31
N PRO A 488 -30.32 -13.17 -43.47
CA PRO A 488 -30.96 -13.15 -44.75
C PRO A 488 -31.93 -14.30 -44.75
N MET A 489 -32.99 -14.19 -45.54
CA MET A 489 -34.02 -15.21 -45.60
C MET A 489 -34.34 -15.70 -46.97
N LYS A 490 -34.67 -16.96 -47.08
CA LYS A 490 -35.09 -17.42 -48.37
C LYS A 490 -36.58 -17.63 -48.30
N PRO A 491 -37.29 -17.33 -49.34
CA PRO A 491 -38.68 -17.58 -49.11
C PRO A 491 -38.85 -19.05 -48.99
N GLY A 492 -39.64 -19.51 -48.06
CA GLY A 492 -39.87 -20.93 -47.98
C GLY A 492 -38.91 -21.81 -47.25
N SER A 493 -37.87 -21.28 -46.65
CA SER A 493 -36.97 -22.13 -45.94
C SER A 493 -36.63 -21.65 -44.57
N ALA A 494 -36.81 -22.50 -43.56
CA ALA A 494 -36.30 -22.16 -42.26
C ALA A 494 -34.83 -21.93 -42.52
N SER A 495 -34.11 -21.29 -41.63
CA SER A 495 -32.73 -21.06 -41.97
C SER A 495 -31.78 -21.93 -41.19
N PHE A 496 -31.35 -21.48 -40.06
CA PHE A 496 -30.32 -22.14 -39.34
C PHE A 496 -30.82 -22.69 -38.01
N PRO A 497 -30.19 -23.71 -37.47
CA PRO A 497 -30.51 -24.28 -36.19
C PRO A 497 -30.49 -23.26 -35.08
N PHE A 498 -31.43 -23.41 -34.17
CA PHE A 498 -31.53 -22.54 -33.02
C PHE A 498 -30.45 -22.91 -32.03
N PHE A 499 -30.02 -21.95 -31.27
CA PHE A 499 -28.93 -22.16 -30.34
C PHE A 499 -29.09 -23.42 -29.54
N GLY A 500 -28.01 -24.18 -29.52
CA GLY A 500 -27.93 -25.41 -28.75
C GLY A 500 -28.34 -26.67 -29.49
N ILE A 501 -28.88 -26.54 -30.68
CA ILE A 501 -29.33 -27.71 -31.40
C ILE A 501 -28.49 -28.05 -32.61
N ASP A 502 -27.71 -29.11 -32.51
CA ASP A 502 -26.79 -29.47 -33.59
C ASP A 502 -27.48 -30.34 -34.66
N ALA A 503 -28.32 -29.69 -35.44
CA ALA A 503 -29.07 -30.38 -36.50
C ALA A 503 -28.15 -30.87 -37.61
N VAL A 504 -28.46 -32.05 -38.12
CA VAL A 504 -27.72 -32.68 -39.21
C VAL A 504 -28.65 -33.38 -40.16
N VAL A 505 -28.32 -33.42 -41.44
CA VAL A 505 -29.13 -34.20 -42.36
C VAL A 505 -28.45 -35.53 -42.52
N LEU A 506 -29.21 -36.60 -42.30
CA LEU A 506 -28.65 -37.95 -42.34
C LEU A 506 -29.00 -38.69 -43.59
N ASP A 507 -28.16 -39.66 -43.94
CA ASP A 507 -28.53 -40.53 -45.03
C ASP A 507 -29.86 -41.13 -44.62
N PRO A 508 -30.88 -41.07 -45.46
CA PRO A 508 -32.21 -41.54 -45.14
C PRO A 508 -32.30 -43.03 -44.97
N ASN A 509 -31.33 -43.78 -45.44
CA ASN A 509 -31.47 -45.20 -45.37
C ASN A 509 -30.61 -45.78 -44.29
N THR A 510 -29.39 -45.28 -44.17
CA THR A 510 -28.51 -45.89 -43.20
C THR A 510 -27.28 -45.14 -42.79
N GLY A 511 -26.81 -45.47 -41.61
CA GLY A 511 -25.51 -45.05 -41.13
C GLY A 511 -25.25 -43.56 -40.98
N GLU A 512 -24.17 -43.18 -41.65
CA GLU A 512 -23.56 -41.87 -41.69
C GLU A 512 -24.41 -40.70 -42.14
N GLU A 513 -24.01 -39.55 -41.65
CA GLU A 513 -24.64 -38.34 -42.03
C GLU A 513 -24.17 -37.88 -43.38
N LEU A 514 -24.72 -36.80 -43.86
CA LEU A 514 -24.29 -36.33 -45.14
C LEU A 514 -23.46 -35.07 -45.02
N ASN A 515 -22.15 -35.23 -45.13
CA ASN A 515 -21.20 -34.13 -45.05
C ASN A 515 -20.89 -33.69 -46.45
N THR A 516 -21.63 -32.72 -46.91
CA THR A 516 -21.58 -32.32 -48.30
C THR A 516 -22.24 -31.00 -48.55
N SER A 517 -21.86 -30.39 -49.65
CA SER A 517 -22.47 -29.15 -50.10
C SER A 517 -23.93 -29.32 -50.51
N HIS A 518 -24.33 -30.53 -50.82
CA HIS A 518 -25.70 -30.80 -51.20
C HIS A 518 -26.21 -32.08 -50.58
N ALA A 519 -27.22 -31.98 -49.73
CA ALA A 519 -27.67 -33.20 -49.07
C ALA A 519 -29.15 -33.36 -49.02
N GLU A 520 -29.56 -34.57 -49.28
CA GLU A 520 -30.94 -34.98 -49.19
C GLU A 520 -31.07 -36.08 -48.18
N GLY A 521 -31.94 -35.94 -47.22
CA GLY A 521 -32.06 -37.00 -46.24
C GLY A 521 -33.09 -36.68 -45.23
N VAL A 522 -32.83 -37.08 -43.99
CA VAL A 522 -33.78 -36.84 -42.94
C VAL A 522 -33.15 -35.95 -41.91
N LEU A 523 -33.96 -35.24 -41.17
CA LEU A 523 -33.37 -34.33 -40.22
C LEU A 523 -33.20 -35.00 -38.87
N ALA A 524 -32.07 -34.77 -38.24
CA ALA A 524 -31.83 -35.36 -36.94
C ALA A 524 -30.96 -34.48 -36.09
N VAL A 525 -30.98 -34.71 -34.80
CA VAL A 525 -30.14 -33.91 -33.95
C VAL A 525 -29.14 -34.72 -33.16
N LYS A 526 -27.90 -34.30 -33.21
CA LYS A 526 -26.80 -34.97 -32.53
C LYS A 526 -26.80 -34.99 -30.99
N ALA A 527 -27.40 -34.01 -30.33
CA ALA A 527 -27.36 -33.98 -28.86
C ALA A 527 -28.61 -33.35 -28.31
N ALA A 528 -28.85 -33.60 -27.04
CA ALA A 528 -30.02 -33.08 -26.35
C ALA A 528 -29.87 -31.61 -26.05
N TRP A 529 -31.00 -30.97 -25.76
CA TRP A 529 -31.10 -29.55 -25.42
C TRP A 529 -32.13 -29.42 -24.29
N PRO A 530 -32.13 -28.30 -23.55
CA PRO A 530 -32.97 -28.05 -22.38
C PRO A 530 -34.45 -28.28 -22.48
N SER A 531 -35.08 -28.09 -23.62
CA SER A 531 -36.51 -28.30 -23.59
C SER A 531 -36.96 -29.42 -24.47
N PHE A 532 -36.15 -30.44 -24.53
CA PHE A 532 -36.52 -31.63 -25.24
C PHE A 532 -37.48 -32.45 -24.41
N ALA A 533 -38.59 -32.91 -25.00
CA ALA A 533 -39.52 -33.69 -24.22
C ALA A 533 -38.81 -34.80 -23.55
N ARG A 534 -39.13 -35.01 -22.30
CA ARG A 534 -38.44 -35.99 -21.51
C ARG A 534 -39.00 -37.35 -21.68
N THR A 535 -40.31 -37.43 -21.82
CA THR A 535 -40.90 -38.74 -21.95
C THR A 535 -42.31 -38.70 -22.46
N ILE A 536 -42.92 -39.87 -22.52
CA ILE A 536 -44.33 -40.02 -22.81
C ILE A 536 -44.95 -40.58 -21.56
N TRP A 537 -45.94 -39.89 -21.06
CA TRP A 537 -46.55 -40.25 -19.81
C TRP A 537 -46.94 -41.70 -19.80
N LYS A 538 -46.38 -42.39 -18.84
CA LYS A 538 -46.58 -43.80 -18.59
C LYS A 538 -46.25 -44.72 -19.74
N ASN A 539 -45.29 -44.37 -20.57
CA ASN A 539 -44.91 -45.26 -21.63
C ASN A 539 -43.55 -44.90 -22.16
N HIS A 540 -42.51 -45.15 -21.38
CA HIS A 540 -41.20 -44.72 -21.81
C HIS A 540 -40.75 -45.55 -22.99
N ASP A 541 -41.21 -46.78 -23.10
CA ASP A 541 -40.77 -47.56 -24.22
C ASP A 541 -41.23 -46.97 -25.53
N ARG A 542 -42.46 -46.46 -25.60
CA ARG A 542 -42.91 -45.92 -26.86
C ARG A 542 -42.04 -44.76 -27.23
N TYR A 543 -41.69 -43.94 -26.25
CA TYR A 543 -40.83 -42.79 -26.48
C TYR A 543 -39.53 -43.20 -27.11
N LEU A 544 -38.87 -44.17 -26.52
CA LEU A 544 -37.58 -44.54 -27.06
C LEU A 544 -37.68 -45.14 -28.44
N ASP A 545 -38.66 -46.01 -28.66
CA ASP A 545 -38.80 -46.62 -29.96
C ASP A 545 -39.14 -45.65 -31.05
N THR A 546 -39.91 -44.64 -30.71
CA THR A 546 -40.34 -43.66 -31.67
C THR A 546 -39.26 -42.70 -32.05
N TYR A 547 -38.52 -42.18 -31.07
CA TYR A 547 -37.58 -41.13 -31.38
C TYR A 547 -36.10 -41.42 -31.32
N LEU A 548 -35.66 -42.32 -30.44
CA LEU A 548 -34.23 -42.47 -30.27
C LEU A 548 -33.66 -43.76 -30.81
N ASN A 549 -34.47 -44.78 -30.92
CA ASN A 549 -33.95 -46.03 -31.42
C ASN A 549 -33.70 -46.12 -32.93
N PRO A 550 -34.51 -45.50 -33.81
CA PRO A 550 -34.26 -45.44 -35.24
C PRO A 550 -33.01 -44.65 -35.38
N TYR A 551 -32.19 -44.88 -36.40
CA TYR A 551 -30.99 -44.08 -36.57
C TYR A 551 -30.35 -43.77 -35.22
N PRO A 552 -30.01 -44.78 -34.43
CA PRO A 552 -29.64 -44.63 -33.05
C PRO A 552 -28.44 -43.76 -32.94
N GLY A 553 -28.43 -42.92 -31.94
CA GLY A 553 -27.36 -41.99 -31.70
C GLY A 553 -27.84 -40.59 -31.94
N TYR A 554 -28.90 -40.44 -32.72
CA TYR A 554 -29.46 -39.16 -33.04
C TYR A 554 -30.92 -39.08 -32.69
N TYR A 555 -31.41 -37.89 -32.46
CA TYR A 555 -32.83 -37.74 -32.31
C TYR A 555 -33.43 -37.70 -33.67
N PHE A 556 -34.34 -38.59 -33.95
CA PHE A 556 -34.92 -38.63 -35.27
C PHE A 556 -36.09 -37.72 -35.32
N THR A 557 -35.99 -36.72 -36.17
CA THR A 557 -37.03 -35.74 -36.24
C THR A 557 -38.30 -36.33 -36.77
N GLY A 558 -38.19 -37.11 -37.82
CA GLY A 558 -39.35 -37.70 -38.48
C GLY A 558 -39.71 -36.97 -39.76
N ASP A 559 -39.13 -35.80 -39.95
CA ASP A 559 -39.35 -35.02 -41.15
C ASP A 559 -38.17 -35.13 -42.06
N GLY A 560 -38.46 -35.01 -43.36
CA GLY A 560 -37.44 -35.03 -44.37
C GLY A 560 -36.82 -33.66 -44.46
N ALA A 561 -35.63 -33.60 -45.00
CA ALA A 561 -34.98 -32.32 -45.11
C ALA A 561 -33.91 -32.32 -46.17
N ALA A 562 -33.54 -31.12 -46.56
CA ALA A 562 -32.44 -31.01 -47.47
C ALA A 562 -31.57 -29.85 -47.06
N LYS A 563 -30.28 -30.05 -47.13
CA LYS A 563 -29.38 -29.00 -46.78
C LYS A 563 -28.85 -28.41 -48.05
N ASP A 564 -29.07 -27.13 -48.17
CA ASP A 564 -28.72 -26.38 -49.34
C ASP A 564 -27.30 -25.87 -49.32
N LYS A 565 -26.95 -25.21 -50.39
CA LYS A 565 -25.70 -24.51 -50.46
C LYS A 565 -25.84 -23.41 -49.43
N ASP A 566 -24.76 -23.07 -48.79
CA ASP A 566 -24.74 -22.00 -47.81
C ASP A 566 -25.50 -22.31 -46.51
N GLY A 567 -25.92 -23.55 -46.33
CA GLY A 567 -26.46 -23.97 -45.04
C GLY A 567 -27.93 -23.78 -44.76
N TYR A 568 -28.74 -23.41 -45.71
CA TYR A 568 -30.14 -23.27 -45.36
C TYR A 568 -30.80 -24.63 -45.32
N ILE A 569 -31.61 -24.90 -44.30
CA ILE A 569 -32.28 -26.19 -44.23
C ILE A 569 -33.71 -26.13 -44.70
N TRP A 570 -33.99 -26.88 -45.73
CA TRP A 570 -35.31 -26.94 -46.30
C TRP A 570 -36.03 -28.10 -45.66
N ILE A 571 -37.33 -27.97 -45.42
CA ILE A 571 -38.07 -29.08 -44.87
C ILE A 571 -38.88 -29.66 -46.00
N LEU A 572 -38.72 -30.95 -46.25
CA LEU A 572 -39.34 -31.58 -47.40
C LEU A 572 -40.68 -32.25 -47.16
N GLY A 573 -41.15 -32.23 -45.92
CA GLY A 573 -42.39 -32.88 -45.53
C GLY A 573 -42.08 -34.11 -44.68
N ARG A 574 -43.10 -34.72 -44.09
CA ARG A 574 -42.85 -35.86 -43.23
C ARG A 574 -42.28 -37.02 -44.00
N VAL A 575 -41.42 -37.79 -43.35
CA VAL A 575 -40.81 -38.92 -44.04
C VAL A 575 -41.85 -39.95 -44.44
N ASP A 576 -42.79 -40.17 -43.56
CA ASP A 576 -43.86 -41.14 -43.80
C ASP A 576 -44.71 -40.85 -45.03
N ASP A 577 -44.75 -39.61 -45.50
CA ASP A 577 -45.59 -39.29 -46.65
C ASP A 577 -44.84 -39.25 -47.96
N VAL A 578 -43.57 -39.61 -47.95
CA VAL A 578 -42.83 -39.56 -49.19
C VAL A 578 -43.41 -40.51 -50.20
N VAL A 579 -43.60 -40.01 -51.41
CA VAL A 579 -44.17 -40.84 -52.44
C VAL A 579 -43.02 -41.42 -53.23
N ASN A 580 -42.96 -42.71 -53.31
CA ASN A 580 -41.86 -43.33 -54.00
C ASN A 580 -42.23 -43.61 -55.44
N VAL A 581 -41.52 -42.99 -56.36
CA VAL A 581 -41.76 -43.14 -57.78
C VAL A 581 -40.47 -43.76 -58.30
N SER A 582 -40.53 -44.44 -59.42
CA SER A 582 -39.35 -45.15 -59.83
C SER A 582 -38.21 -44.21 -60.00
N GLY A 583 -38.46 -43.08 -60.60
CA GLY A 583 -37.38 -42.15 -60.85
C GLY A 583 -36.69 -41.67 -59.62
N HIS A 584 -37.44 -41.14 -58.64
CA HIS A 584 -36.85 -40.63 -57.41
C HIS A 584 -37.86 -40.42 -56.26
N ARG A 585 -37.33 -40.26 -55.05
CA ARG A 585 -38.15 -39.99 -53.89
C ARG A 585 -38.88 -38.72 -54.24
N LEU A 586 -40.07 -38.55 -53.74
CA LEU A 586 -40.76 -37.36 -54.11
C LEU A 586 -41.14 -36.60 -52.89
N SER A 587 -40.83 -35.32 -52.91
CA SER A 587 -41.07 -34.44 -51.79
C SER A 587 -42.41 -33.83 -51.95
N THR A 588 -43.27 -34.04 -50.97
CA THR A 588 -44.58 -33.48 -51.07
C THR A 588 -44.49 -31.97 -50.98
N ALA A 589 -43.54 -31.45 -50.20
CA ALA A 589 -43.41 -30.01 -50.11
C ALA A 589 -43.08 -29.38 -51.45
N GLU A 590 -42.17 -29.99 -52.21
CA GLU A 590 -41.80 -29.39 -53.48
C GLU A 590 -42.91 -29.42 -54.49
N ILE A 591 -43.57 -30.55 -54.63
CA ILE A 591 -44.63 -30.59 -55.61
C ILE A 591 -45.79 -29.70 -55.25
N GLU A 592 -46.13 -29.59 -53.98
CA GLU A 592 -47.22 -28.70 -53.64
C GLU A 592 -46.86 -27.28 -53.98
N ALA A 593 -45.60 -26.90 -53.76
CA ALA A 593 -45.18 -25.57 -54.09
C ALA A 593 -45.34 -25.31 -55.58
N ALA A 594 -45.07 -26.29 -56.41
CA ALA A 594 -45.25 -26.07 -57.83
C ALA A 594 -46.72 -25.89 -58.19
N ILE A 595 -47.57 -26.70 -57.62
CA ILE A 595 -48.98 -26.66 -57.99
C ILE A 595 -49.63 -25.33 -57.68
N ILE A 596 -49.32 -24.72 -56.54
CA ILE A 596 -49.92 -23.42 -56.16
C ILE A 596 -49.63 -22.28 -57.15
N GLU A 597 -48.67 -22.44 -58.05
CA GLU A 597 -48.42 -21.38 -59.03
C GLU A 597 -49.63 -21.42 -59.95
N ASP A 598 -49.74 -20.55 -60.96
CA ASP A 598 -50.96 -20.55 -61.78
C ASP A 598 -52.14 -20.17 -60.87
N PRO A 599 -52.28 -18.88 -60.54
CA PRO A 599 -53.17 -18.36 -59.54
C PRO A 599 -54.64 -18.44 -59.88
N ILE A 600 -55.08 -19.68 -59.97
CA ILE A 600 -56.42 -20.13 -60.15
C ILE A 600 -56.59 -21.11 -59.04
N VAL A 601 -55.41 -21.62 -58.59
CA VAL A 601 -55.30 -22.58 -57.52
C VAL A 601 -55.22 -21.85 -56.21
N ALA A 602 -56.05 -22.25 -55.29
CA ALA A 602 -56.05 -21.65 -53.99
C ALA A 602 -55.27 -22.47 -52.99
N GLU A 603 -55.50 -23.77 -53.00
CA GLU A 603 -54.87 -24.67 -52.06
C GLU A 603 -54.59 -26.00 -52.74
N CYS A 604 -53.65 -26.75 -52.21
CA CYS A 604 -53.36 -28.06 -52.76
C CYS A 604 -52.65 -29.00 -51.83
N ALA A 605 -53.02 -30.28 -51.93
CA ALA A 605 -52.33 -31.33 -51.23
C ALA A 605 -52.01 -32.48 -52.17
N VAL A 606 -50.81 -33.01 -52.04
CA VAL A 606 -50.40 -34.13 -52.87
C VAL A 606 -50.32 -35.39 -52.07
N VAL A 607 -50.99 -36.37 -52.61
CA VAL A 607 -51.20 -37.65 -51.99
C VAL A 607 -50.68 -38.81 -52.84
N GLY A 608 -49.92 -39.72 -52.24
CA GLY A 608 -49.47 -40.87 -53.01
C GLY A 608 -50.68 -41.75 -53.28
N PHE A 609 -50.76 -42.39 -54.44
CA PHE A 609 -51.89 -43.32 -54.54
C PHE A 609 -51.54 -44.61 -55.28
N ASN A 610 -52.06 -45.71 -54.74
CA ASN A 610 -51.80 -47.05 -55.24
C ASN A 610 -52.17 -47.14 -56.70
N ASP A 611 -51.24 -47.64 -57.49
CA ASP A 611 -51.40 -47.74 -58.93
C ASP A 611 -50.60 -48.94 -59.40
N ASP A 612 -50.63 -49.19 -60.70
CA ASP A 612 -49.91 -50.31 -61.33
C ASP A 612 -48.48 -49.91 -61.69
N LEU A 613 -48.13 -48.70 -61.31
CA LEU A 613 -46.84 -48.10 -61.53
C LEU A 613 -45.89 -48.60 -60.48
N THR A 614 -44.60 -48.53 -60.78
CA THR A 614 -43.63 -48.82 -59.76
C THR A 614 -43.89 -47.85 -58.62
N GLY A 615 -43.98 -48.37 -57.39
CA GLY A 615 -44.29 -47.54 -56.25
C GLY A 615 -45.71 -47.01 -56.33
N GLN A 616 -45.87 -45.71 -56.26
CA GLN A 616 -47.19 -45.09 -56.31
C GLN A 616 -47.32 -43.97 -57.32
N ALA A 617 -48.55 -43.71 -57.69
CA ALA A 617 -48.89 -42.59 -58.56
C ALA A 617 -48.98 -41.34 -57.75
N VAL A 618 -48.88 -40.24 -58.43
CA VAL A 618 -49.10 -38.99 -57.76
C VAL A 618 -50.52 -38.50 -58.01
N ALA A 619 -51.21 -38.20 -56.93
CA ALA A 619 -52.56 -37.67 -57.00
C ALA A 619 -52.59 -36.32 -56.32
N ALA A 620 -53.48 -35.45 -56.73
CA ALA A 620 -53.52 -34.18 -56.04
C ALA A 620 -54.92 -33.67 -55.88
N PHE A 621 -55.12 -33.06 -54.73
CA PHE A 621 -56.36 -32.45 -54.38
C PHE A 621 -56.18 -30.97 -54.49
N VAL A 622 -56.91 -30.39 -55.40
CA VAL A 622 -56.72 -29.00 -55.70
C VAL A 622 -57.98 -28.21 -55.48
N VAL A 623 -57.85 -27.12 -54.76
CA VAL A 623 -58.94 -26.23 -54.48
C VAL A 623 -58.83 -25.04 -55.37
N LEU A 624 -59.88 -24.71 -56.10
CA LEU A 624 -59.81 -23.55 -56.95
C LEU A 624 -60.31 -22.34 -56.20
N LYS A 625 -59.73 -21.20 -56.51
CA LYS A 625 -60.05 -19.94 -55.82
C LYS A 625 -61.47 -19.44 -55.89
N ASN A 626 -62.11 -19.58 -57.03
CA ASN A 626 -63.47 -19.06 -57.16
C ASN A 626 -64.44 -20.15 -57.57
N LYS A 627 -65.57 -20.23 -56.87
CA LYS A 627 -66.56 -21.27 -57.16
C LYS A 627 -67.17 -21.12 -58.54
N SER A 628 -67.41 -19.88 -58.98
CA SER A 628 -68.04 -19.63 -60.27
C SER A 628 -67.21 -20.22 -61.39
N ASN A 629 -65.89 -20.08 -61.32
CA ASN A 629 -65.05 -20.72 -62.33
C ASN A 629 -65.14 -22.21 -62.18
N TRP A 630 -65.15 -22.68 -60.94
CA TRP A 630 -65.24 -24.11 -60.67
C TRP A 630 -66.52 -24.75 -61.12
N SER A 631 -67.64 -24.07 -60.94
CA SER A 631 -68.92 -24.62 -61.36
C SER A 631 -69.27 -24.11 -62.74
N THR A 632 -69.04 -24.97 -63.72
CA THR A 632 -69.24 -24.69 -65.15
C THR A 632 -69.33 -26.01 -65.89
N ALA A 633 -69.57 -25.95 -67.20
CA ALA A 633 -69.66 -27.20 -67.94
C ALA A 633 -68.27 -27.80 -67.85
N THR A 634 -68.21 -28.98 -67.26
CA THR A 634 -66.95 -29.66 -66.97
C THR A 634 -66.14 -30.02 -68.19
N ASP A 635 -66.78 -30.53 -69.21
CA ASP A 635 -66.02 -30.88 -70.40
C ASP A 635 -65.39 -29.63 -70.99
N ASP A 636 -66.13 -28.54 -70.90
CA ASP A 636 -65.79 -27.29 -71.52
C ASP A 636 -64.51 -26.74 -70.93
N GLU A 637 -64.45 -26.64 -69.61
CA GLU A 637 -63.31 -25.97 -68.98
C GLU A 637 -62.55 -26.70 -67.91
N LEU A 638 -63.18 -27.57 -67.11
CA LEU A 638 -62.38 -28.10 -66.00
C LEU A 638 -61.27 -28.95 -66.57
N GLN A 639 -61.52 -29.52 -67.75
CA GLN A 639 -60.54 -30.32 -68.43
C GLN A 639 -59.26 -29.53 -68.74
N ASP A 640 -59.36 -28.21 -68.94
CA ASP A 640 -58.18 -27.47 -69.27
C ASP A 640 -57.50 -27.09 -68.01
N ILE A 641 -58.29 -26.91 -66.98
CA ILE A 641 -57.65 -26.60 -65.73
C ILE A 641 -56.75 -27.76 -65.39
N LYS A 642 -57.25 -28.97 -65.56
CA LYS A 642 -56.42 -30.10 -65.28
C LYS A 642 -55.17 -30.13 -66.17
N LYS A 643 -55.31 -29.82 -67.46
CA LYS A 643 -54.14 -29.82 -68.34
C LYS A 643 -53.09 -28.82 -67.86
N HIS A 644 -53.54 -27.66 -67.45
CA HIS A 644 -52.60 -26.64 -67.02
C HIS A 644 -51.88 -27.05 -65.76
N LEU A 645 -52.62 -27.64 -64.83
CA LEU A 645 -52.01 -28.02 -63.58
C LEU A 645 -50.94 -29.07 -63.77
N VAL A 646 -51.20 -30.05 -64.63
CA VAL A 646 -50.23 -31.09 -64.85
C VAL A 646 -49.05 -30.56 -65.65
N PHE A 647 -49.33 -29.67 -66.60
CA PHE A 647 -48.30 -29.08 -67.41
C PHE A 647 -47.25 -28.40 -66.58
N THR A 648 -47.69 -27.54 -65.68
CA THR A 648 -46.74 -26.85 -64.83
C THR A 648 -45.90 -27.79 -64.00
N VAL A 649 -46.50 -28.78 -63.39
CA VAL A 649 -45.64 -29.60 -62.59
C VAL A 649 -44.65 -30.32 -63.49
N ARG A 650 -45.14 -30.83 -64.60
CA ARG A 650 -44.28 -31.56 -65.51
C ARG A 650 -43.09 -30.76 -65.97
N LYS A 651 -43.25 -29.47 -66.27
CA LYS A 651 -42.10 -28.72 -66.73
C LYS A 651 -41.19 -28.24 -65.61
N ASP A 652 -41.73 -27.87 -64.45
CA ASP A 652 -40.87 -27.35 -63.41
C ASP A 652 -40.27 -28.39 -62.47
N ILE A 653 -40.97 -29.47 -62.19
CA ILE A 653 -40.46 -30.46 -61.28
C ILE A 653 -39.98 -31.67 -62.06
N GLY A 654 -40.80 -32.12 -63.00
CA GLY A 654 -40.49 -33.27 -63.82
C GLY A 654 -41.67 -34.23 -63.92
N PRO A 655 -41.55 -35.09 -64.94
CA PRO A 655 -42.45 -36.11 -65.44
C PRO A 655 -42.76 -37.12 -64.39
N PHE A 656 -41.81 -37.56 -63.58
CA PHE A 656 -42.23 -38.51 -62.58
C PHE A 656 -43.20 -37.88 -61.59
N ALA A 657 -42.94 -36.65 -61.19
CA ALA A 657 -43.80 -35.96 -60.22
C ALA A 657 -45.19 -35.58 -60.72
N ALA A 658 -45.25 -35.06 -61.93
CA ALA A 658 -46.48 -34.63 -62.52
C ALA A 658 -47.61 -35.56 -62.08
N PRO A 659 -48.73 -35.03 -61.58
CA PRO A 659 -49.86 -35.79 -61.11
C PRO A 659 -50.59 -36.44 -62.23
N LYS A 660 -51.25 -37.53 -61.91
CA LYS A 660 -52.15 -38.19 -62.83
C LYS A 660 -53.58 -37.98 -62.43
N LEU A 661 -53.86 -38.05 -61.14
CA LEU A 661 -55.23 -37.86 -60.72
C LEU A 661 -55.38 -36.48 -60.16
N ILE A 662 -56.11 -35.63 -60.87
CA ILE A 662 -56.36 -34.30 -60.34
C ILE A 662 -57.80 -34.21 -59.93
N ILE A 663 -58.00 -33.99 -58.67
CA ILE A 663 -59.32 -33.96 -58.11
C ILE A 663 -59.57 -32.53 -57.72
N LEU A 664 -60.57 -31.91 -58.31
CA LEU A 664 -60.86 -30.52 -58.02
C LEU A 664 -61.95 -30.47 -56.98
N VAL A 665 -61.64 -29.92 -55.84
CA VAL A 665 -62.54 -29.93 -54.70
C VAL A 665 -62.84 -28.56 -54.17
N ASP A 666 -63.86 -28.47 -53.33
CA ASP A 666 -64.22 -27.20 -52.71
C ASP A 666 -63.32 -26.84 -51.54
N ASP A 667 -62.80 -27.84 -50.84
CA ASP A 667 -61.90 -27.60 -49.72
C ASP A 667 -61.09 -28.85 -49.35
N LEU A 668 -60.15 -28.69 -48.43
CA LEU A 668 -59.35 -29.77 -47.88
C LEU A 668 -59.61 -29.88 -46.38
N PRO A 669 -59.53 -31.07 -45.79
CA PRO A 669 -59.71 -31.26 -44.38
C PRO A 669 -58.55 -30.61 -43.68
N LYS A 670 -58.83 -29.90 -42.62
CA LYS A 670 -57.78 -29.22 -41.88
C LYS A 670 -57.87 -29.52 -40.40
N THR A 671 -56.74 -29.52 -39.73
CA THR A 671 -56.76 -29.78 -38.31
C THR A 671 -56.84 -28.53 -37.46
N ARG A 672 -57.21 -28.75 -36.22
CA ARG A 672 -57.21 -27.68 -35.22
C ARG A 672 -55.80 -27.14 -35.04
N SER A 673 -54.82 -28.04 -35.17
CA SER A 673 -53.41 -27.75 -35.04
C SER A 673 -52.83 -27.02 -36.24
N GLY A 674 -53.60 -26.80 -37.29
CA GLY A 674 -53.05 -26.04 -38.40
C GLY A 674 -52.47 -26.78 -39.59
N LYS A 675 -52.88 -28.00 -39.87
CA LYS A 675 -52.33 -28.76 -40.96
C LYS A 675 -53.33 -29.40 -41.87
N ILE A 676 -53.00 -29.58 -43.13
CA ILE A 676 -53.92 -30.33 -43.96
C ILE A 676 -53.85 -31.77 -43.51
N MET A 677 -54.99 -32.36 -43.23
CA MET A 677 -54.96 -33.73 -42.73
C MET A 677 -54.83 -34.72 -43.88
N ARG A 678 -53.63 -34.79 -44.40
CA ARG A 678 -53.32 -35.59 -45.57
C ARG A 678 -53.63 -37.04 -45.37
N ARG A 679 -53.50 -37.53 -44.15
CA ARG A 679 -53.82 -38.93 -43.93
C ARG A 679 -55.23 -39.26 -44.35
N ILE A 680 -56.18 -38.35 -44.11
CA ILE A 680 -57.55 -38.65 -44.50
C ILE A 680 -57.62 -38.73 -45.97
N LEU A 681 -57.02 -37.76 -46.63
CA LEU A 681 -57.11 -37.76 -48.05
C LEU A 681 -56.53 -39.03 -48.62
N ARG A 682 -55.43 -39.48 -48.04
CA ARG A 682 -54.81 -40.70 -48.51
C ARG A 682 -55.72 -41.90 -48.37
N LYS A 683 -56.38 -42.02 -47.22
CA LYS A 683 -57.25 -43.16 -47.06
C LYS A 683 -58.45 -43.09 -47.98
N ILE A 684 -59.04 -41.92 -48.14
CA ILE A 684 -60.21 -41.85 -48.97
C ILE A 684 -59.82 -42.20 -50.37
N LEU A 685 -58.73 -41.63 -50.83
CA LEU A 685 -58.28 -41.86 -52.17
C LEU A 685 -57.98 -43.32 -52.42
N ALA A 686 -57.33 -43.97 -51.47
CA ALA A 686 -57.01 -45.37 -51.58
C ALA A 686 -58.25 -46.23 -51.76
N GLY A 687 -59.34 -45.84 -51.11
CA GLY A 687 -60.60 -46.56 -51.19
C GLY A 687 -61.15 -46.90 -49.82
N GLU A 688 -60.29 -46.91 -48.82
CA GLU A 688 -60.70 -47.20 -47.46
C GLU A 688 -61.16 -45.92 -46.79
N SER A 689 -62.27 -45.39 -47.30
CA SER A 689 -62.84 -44.11 -46.88
C SER A 689 -63.63 -44.16 -45.60
N ASP A 690 -63.90 -45.35 -45.11
CA ASP A 690 -64.66 -45.53 -43.90
C ASP A 690 -63.76 -45.38 -42.68
N GLN A 691 -62.66 -46.09 -42.67
CA GLN A 691 -61.85 -46.09 -41.49
C GLN A 691 -60.94 -44.90 -41.34
N LEU A 692 -61.56 -43.76 -41.09
CA LEU A 692 -60.86 -42.49 -40.93
C LEU A 692 -60.66 -42.12 -39.46
N GLY A 693 -61.21 -42.91 -38.57
CA GLY A 693 -61.14 -42.60 -37.16
C GLY A 693 -62.11 -41.48 -36.87
N ASP A 694 -61.89 -40.77 -35.77
CA ASP A 694 -62.82 -39.74 -35.38
C ASP A 694 -62.60 -38.49 -36.21
N VAL A 695 -63.62 -38.07 -36.91
CA VAL A 695 -63.51 -36.90 -37.75
C VAL A 695 -63.24 -35.67 -36.91
N SER A 696 -63.65 -35.68 -35.65
CA SER A 696 -63.51 -34.51 -34.80
C SER A 696 -62.10 -34.30 -34.27
N THR A 697 -61.22 -34.06 -35.22
CA THR A 697 -59.84 -33.72 -35.02
C THR A 697 -59.67 -32.54 -35.93
N LEU A 698 -60.64 -32.43 -36.85
CA LEU A 698 -60.67 -31.43 -37.87
C LEU A 698 -61.36 -30.19 -37.40
N SER A 699 -60.96 -29.08 -37.99
CA SER A 699 -61.57 -27.78 -37.76
C SER A 699 -62.80 -27.57 -38.63
N ASN A 700 -62.96 -28.43 -39.63
CA ASN A 700 -64.05 -28.36 -40.57
C ASN A 700 -64.83 -29.66 -40.80
N PRO A 701 -65.13 -30.43 -39.75
CA PRO A 701 -65.75 -31.72 -39.86
C PRO A 701 -67.04 -31.49 -40.57
N GLY A 702 -67.35 -32.42 -41.43
CA GLY A 702 -68.52 -32.33 -42.27
C GLY A 702 -67.98 -32.42 -43.69
N ILE A 703 -66.80 -31.83 -43.88
CA ILE A 703 -66.12 -31.82 -45.16
C ILE A 703 -65.96 -33.17 -45.78
N VAL A 704 -65.79 -34.20 -44.97
CA VAL A 704 -65.59 -35.52 -45.47
C VAL A 704 -66.69 -35.94 -46.39
N ARG A 705 -67.91 -35.51 -46.14
CA ARG A 705 -68.99 -35.91 -47.01
C ARG A 705 -68.66 -35.59 -48.47
N HIS A 706 -68.11 -34.41 -48.71
CA HIS A 706 -67.82 -34.01 -50.07
C HIS A 706 -66.58 -34.66 -50.57
N LEU A 707 -65.61 -34.83 -49.69
CA LEU A 707 -64.36 -35.37 -50.17
C LEU A 707 -64.61 -36.74 -50.73
N ILE A 708 -65.48 -37.50 -50.08
CA ILE A 708 -65.74 -38.82 -50.58
C ILE A 708 -66.40 -38.76 -51.94
N ASP A 709 -67.42 -37.92 -52.10
CA ASP A 709 -68.04 -37.87 -53.42
C ASP A 709 -67.07 -37.43 -54.51
N SER A 710 -66.21 -36.46 -54.22
CA SER A 710 -65.29 -35.94 -55.24
C SER A 710 -64.31 -36.99 -55.68
N VAL A 711 -63.78 -37.76 -54.74
CA VAL A 711 -62.84 -38.80 -55.07
C VAL A 711 -63.48 -39.88 -55.89
N LYS A 712 -64.65 -40.35 -55.48
CA LYS A 712 -65.31 -41.40 -56.24
C LYS A 712 -65.50 -40.99 -57.67
N LEU A 713 -65.96 -39.76 -57.88
CA LEU A 713 -66.20 -39.25 -59.21
C LEU A 713 -65.34 -38.01 -59.46
N HIS B 38 -19.90 45.58 36.63
CA HIS B 38 -20.46 45.94 35.39
C HIS B 38 -21.15 44.75 34.76
N GLU B 39 -20.75 44.42 33.54
CA GLU B 39 -21.30 43.28 32.87
C GLU B 39 -20.19 42.34 33.12
N TYR B 40 -20.35 41.61 34.20
CA TYR B 40 -19.35 40.71 34.70
C TYR B 40 -18.32 41.40 35.56
N GLU B 41 -18.62 42.59 36.03
CA GLU B 41 -17.69 43.26 36.90
C GLU B 41 -17.35 42.43 38.10
N HIS B 42 -18.31 41.71 38.66
CA HIS B 42 -17.96 40.89 39.81
C HIS B 42 -16.98 39.81 39.40
N LEU B 43 -17.35 39.02 38.41
CA LEU B 43 -16.52 37.93 37.93
C LEU B 43 -15.09 38.30 37.60
N THR B 44 -14.90 39.41 36.92
CA THR B 44 -13.57 39.74 36.46
C THR B 44 -12.77 40.64 37.38
N SER B 45 -13.33 41.04 38.50
CA SER B 45 -12.63 41.98 39.35
C SER B 45 -11.74 41.26 40.32
N VAL B 46 -10.62 40.80 39.80
CA VAL B 46 -9.71 40.01 40.60
C VAL B 46 -8.30 40.51 40.49
N LYS B 47 -7.49 40.08 41.43
CA LYS B 47 -6.06 40.36 41.47
C LYS B 47 -5.31 39.39 40.59
N ILE B 48 -4.25 39.90 39.97
CA ILE B 48 -3.38 39.06 39.17
C ILE B 48 -2.34 38.41 40.04
N VAL B 49 -2.20 37.12 39.91
CA VAL B 49 -1.23 36.39 40.67
C VAL B 49 -0.06 36.03 39.76
N PRO B 50 1.15 36.51 40.04
CA PRO B 50 2.34 36.26 39.25
C PRO B 50 2.79 34.86 39.56
N GLN B 51 3.58 34.24 38.72
CA GLN B 51 4.05 32.89 39.05
C GLN B 51 5.41 33.03 39.68
N ARG B 52 5.66 32.22 40.68
CA ARG B 52 6.88 32.22 41.44
C ARG B 52 7.75 31.15 40.83
N PRO B 53 9.06 31.30 40.83
CA PRO B 53 9.97 30.31 40.32
C PRO B 53 9.93 29.10 41.20
N ILE B 54 10.14 27.95 40.59
CA ILE B 54 10.23 26.72 41.33
C ILE B 54 11.57 26.10 41.09
N SER B 55 12.31 25.81 42.16
CA SER B 55 13.59 25.17 41.98
C SER B 55 13.67 24.15 43.05
N ASP B 56 12.93 24.42 44.06
CA ASP B 56 12.93 23.68 45.28
C ASP B 56 11.98 22.51 45.28
N ARG B 57 11.37 22.27 44.14
CA ARG B 57 10.51 21.15 43.94
C ARG B 57 11.06 20.31 42.82
N LEU B 58 12.28 20.60 42.37
CA LEU B 58 12.79 19.78 41.29
C LEU B 58 13.36 18.51 41.87
N GLN B 59 13.27 17.45 41.11
CA GLN B 59 13.86 16.20 41.52
C GLN B 59 15.26 16.18 40.97
N PRO B 60 16.20 15.45 41.58
CA PRO B 60 17.58 15.31 41.14
C PRO B 60 17.73 15.04 39.66
N ALA B 61 16.80 14.31 39.07
CA ALA B 61 16.81 13.97 37.66
C ALA B 61 16.92 15.18 36.75
N ILE B 62 16.30 16.30 37.13
CA ILE B 62 16.33 17.48 36.31
C ILE B 62 16.90 18.64 37.05
N ALA B 63 17.21 18.44 38.31
CA ALA B 63 17.72 19.53 39.10
C ALA B 63 18.96 20.15 38.48
N THR B 64 19.77 19.38 37.77
CA THR B 64 20.98 19.91 37.22
C THR B 64 20.83 20.56 35.85
N HIS B 65 19.72 20.41 35.18
CA HIS B 65 19.61 21.00 33.86
C HIS B 65 18.28 21.68 33.54
N TYR B 66 17.34 21.65 34.46
CA TYR B 66 16.05 22.23 34.24
C TYR B 66 16.07 23.67 33.82
N SER B 67 15.30 23.94 32.79
CA SER B 67 15.09 25.25 32.28
C SER B 67 13.78 25.20 31.52
N PRO B 68 12.91 26.18 31.65
CA PRO B 68 11.61 26.22 31.02
C PRO B 68 11.76 26.31 29.54
N HIS B 69 10.77 25.83 28.78
CA HIS B 69 10.85 25.92 27.32
C HIS B 69 10.61 27.33 26.81
N LEU B 70 9.79 28.11 27.51
CA LEU B 70 9.54 29.51 27.16
C LEU B 70 10.05 30.32 28.32
N ASP B 71 10.86 31.34 28.04
CA ASP B 71 11.49 32.12 29.09
C ASP B 71 10.59 33.16 29.76
N GLY B 72 9.58 33.65 29.05
CA GLY B 72 8.72 34.67 29.64
C GLY B 72 7.59 35.07 28.72
N LEU B 73 6.76 35.99 29.20
CA LEU B 73 5.60 36.45 28.48
C LEU B 73 6.01 37.10 27.20
N GLN B 74 7.13 37.79 27.20
CA GLN B 74 7.56 38.46 26.00
C GLN B 74 7.93 37.49 24.89
N ASP B 75 8.27 36.24 25.22
CA ASP B 75 8.61 35.32 24.17
C ASP B 75 7.33 34.71 23.70
N TYR B 76 6.41 34.51 24.62
CA TYR B 76 5.12 34.04 24.20
C TYR B 76 4.57 35.02 23.22
N GLN B 77 4.61 36.29 23.56
CA GLN B 77 4.02 37.26 22.68
C GLN B 77 4.65 37.31 21.32
N ARG B 78 5.98 37.25 21.21
CA ARG B 78 6.51 37.35 19.87
C ARG B 78 6.33 36.05 19.11
N LEU B 79 6.40 34.92 19.82
CA LEU B 79 6.29 33.65 19.15
C LEU B 79 4.87 33.45 18.68
N HIS B 80 3.91 33.88 19.48
CA HIS B 80 2.52 33.77 19.12
C HIS B 80 2.32 34.59 17.88
N LYS B 81 2.81 35.81 17.89
CA LYS B 81 2.67 36.61 16.70
C LYS B 81 3.13 35.85 15.47
N GLU B 82 4.33 35.24 15.51
CA GLU B 82 4.84 34.53 14.36
C GLU B 82 3.95 33.35 13.98
N SER B 83 3.44 32.65 14.97
CA SER B 83 2.59 31.51 14.72
C SER B 83 1.35 31.90 13.94
N ILE B 84 0.78 33.06 14.25
CA ILE B 84 -0.39 33.50 13.53
C ILE B 84 -0.03 34.05 12.17
N GLU B 85 0.96 34.93 12.11
CA GLU B 85 1.32 35.57 10.84
C GLU B 85 1.90 34.63 9.79
N ASP B 86 2.70 33.63 10.17
CA ASP B 86 3.27 32.75 9.17
C ASP B 86 3.48 31.31 9.69
N PRO B 87 2.39 30.51 9.75
CA PRO B 87 2.35 29.15 10.26
C PRO B 87 3.29 28.24 9.52
N ALA B 88 3.57 28.62 8.28
CA ALA B 88 4.44 27.90 7.39
C ALA B 88 5.78 27.67 8.01
N LYS B 89 6.25 28.60 8.81
CA LYS B 89 7.53 28.40 9.40
C LYS B 89 7.36 27.90 10.81
N PHE B 90 6.44 28.48 11.56
CA PHE B 90 6.31 28.04 12.94
C PHE B 90 6.00 26.56 13.06
N PHE B 91 4.94 26.11 12.41
CA PHE B 91 4.56 24.72 12.50
C PHE B 91 5.43 23.93 11.58
N GLY B 92 5.72 24.51 10.44
CA GLY B 92 6.55 23.82 9.48
C GLY B 92 7.78 23.21 10.14
N SER B 93 8.51 24.01 10.90
CA SER B 93 9.68 23.49 11.57
C SER B 93 9.38 22.57 12.74
N LYS B 94 8.46 22.93 13.62
CA LYS B 94 8.23 22.07 14.76
C LYS B 94 7.75 20.69 14.32
N ALA B 95 7.04 20.66 13.22
CA ALA B 95 6.54 19.42 12.67
C ALA B 95 7.64 18.45 12.32
N THR B 96 8.82 18.91 11.95
CA THR B 96 9.85 17.95 11.59
C THR B 96 10.82 17.78 12.71
N GLN B 97 10.87 18.75 13.61
CA GLN B 97 11.78 18.65 14.72
C GLN B 97 11.27 17.74 15.81
N PHE B 98 9.97 17.59 15.95
CA PHE B 98 9.48 16.72 17.01
C PHE B 98 8.81 15.43 16.56
N LEU B 99 8.50 15.27 15.29
CA LEU B 99 7.86 14.05 14.81
C LEU B 99 8.81 13.36 13.87
N ASN B 100 8.82 12.06 13.92
CA ASN B 100 9.69 11.31 13.06
C ASN B 100 8.91 10.81 11.85
N TRP B 101 9.16 11.43 10.71
CA TRP B 101 8.45 11.19 9.46
C TRP B 101 9.05 10.05 8.66
N SER B 102 8.20 9.25 8.02
CA SER B 102 8.68 8.18 7.15
C SER B 102 8.96 8.75 5.79
N LYS B 103 8.19 9.76 5.46
CA LYS B 103 8.31 10.48 4.22
C LYS B 103 8.09 11.93 4.55
N PRO B 104 8.95 12.84 4.13
CA PRO B 104 8.83 14.25 4.40
C PRO B 104 7.63 14.81 3.68
N PHE B 105 7.07 15.86 4.22
CA PHE B 105 5.94 16.52 3.59
C PHE B 105 6.38 17.66 2.73
N ASP B 106 5.52 18.03 1.79
CA ASP B 106 5.82 19.14 0.90
C ASP B 106 5.21 20.44 1.35
N LYS B 107 3.99 20.38 1.86
CA LYS B 107 3.33 21.63 2.22
C LYS B 107 2.80 21.69 3.60
N VAL B 108 3.10 22.78 4.26
CA VAL B 108 2.63 22.84 5.60
C VAL B 108 1.12 22.92 5.62
N PHE B 109 0.50 23.75 4.78
CA PHE B 109 -0.96 23.80 4.83
C PHE B 109 -1.60 24.29 3.55
N ILE B 110 -2.91 24.06 3.42
CA ILE B 110 -3.66 24.61 2.30
C ILE B 110 -4.22 25.97 2.67
N PRO B 111 -3.83 27.04 1.99
CA PRO B 111 -4.22 28.40 2.27
C PRO B 111 -5.60 28.69 1.80
N ASP B 112 -6.19 29.68 2.44
CA ASP B 112 -7.44 30.27 2.07
C ASP B 112 -7.21 31.25 0.91
N SER B 113 -7.96 31.09 -0.18
CA SER B 113 -7.77 31.96 -1.35
C SER B 113 -7.76 33.46 -1.01
N LYS B 114 -8.52 33.87 -0.01
CA LYS B 114 -8.62 35.30 0.32
C LYS B 114 -7.53 35.81 1.28
N THR B 115 -6.75 34.92 1.86
CA THR B 115 -5.76 35.30 2.87
C THR B 115 -4.70 34.22 3.06
N GLY B 116 -3.56 34.59 3.58
CA GLY B 116 -2.51 33.58 3.76
C GLY B 116 -2.74 32.60 4.90
N ARG B 117 -3.81 32.76 5.63
CA ARG B 117 -4.09 31.89 6.75
C ARG B 117 -4.73 30.58 6.29
N PRO B 118 -4.60 29.50 7.06
CA PRO B 118 -5.22 28.21 6.82
C PRO B 118 -6.71 28.23 6.70
N SER B 119 -7.20 27.51 5.68
CA SER B 119 -8.61 27.36 5.37
C SER B 119 -9.36 26.47 6.33
N PHE B 120 -10.59 26.84 6.71
CA PHE B 120 -11.40 25.95 7.54
C PHE B 120 -12.06 24.86 6.75
N GLN B 121 -12.54 25.19 5.58
CA GLN B 121 -13.28 24.26 4.76
C GLN B 121 -12.40 23.21 4.12
N ASN B 122 -11.16 23.55 3.86
CA ASN B 122 -10.25 22.61 3.24
C ASN B 122 -9.01 22.53 4.07
N ASN B 123 -9.20 22.40 5.37
CA ASN B 123 -8.11 22.29 6.31
C ASN B 123 -7.34 21.01 6.12
N ALA B 124 -6.05 21.12 5.90
CA ALA B 124 -5.18 19.97 5.77
C ALA B 124 -3.78 20.44 6.02
N TRP B 125 -2.97 19.61 6.65
CA TRP B 125 -1.61 19.97 7.01
C TRP B 125 -0.58 18.89 6.68
N PHE B 126 0.64 19.31 6.46
CA PHE B 126 1.76 18.40 6.22
C PHE B 126 1.44 17.48 5.07
N LEU B 127 1.02 18.10 4.00
CA LEU B 127 0.59 17.38 2.84
C LEU B 127 1.70 16.60 2.22
N ASN B 128 1.31 15.41 1.83
CA ASN B 128 2.07 14.39 1.14
C ASN B 128 3.15 13.72 1.96
N GLY B 129 3.20 13.95 3.26
CA GLY B 129 4.16 13.23 4.08
C GLY B 129 3.50 11.98 4.63
N GLN B 130 4.29 11.16 5.31
CA GLN B 130 3.78 9.93 5.94
C GLN B 130 4.35 9.78 7.32
N LEU B 131 3.52 9.35 8.25
CA LEU B 131 3.87 9.31 9.65
C LEU B 131 3.10 8.27 10.41
N ASN B 132 3.79 7.37 11.08
CA ASN B 132 3.08 6.38 11.87
C ASN B 132 3.03 6.77 13.34
N ALA B 133 1.83 6.97 13.85
CA ALA B 133 1.67 7.41 15.24
C ALA B 133 2.28 6.47 16.26
N CYS B 134 2.21 5.18 16.02
CA CYS B 134 2.71 4.21 16.97
C CYS B 134 4.21 4.27 17.00
N TYR B 135 4.80 4.49 15.85
CA TYR B 135 6.24 4.58 15.79
C TYR B 135 6.68 5.71 16.69
N ASN B 136 6.07 6.85 16.52
CA ASN B 136 6.45 8.01 17.31
C ASN B 136 6.16 7.85 18.80
N CYS B 137 5.07 7.15 19.14
CA CYS B 137 4.69 6.96 20.53
C CYS B 137 5.49 5.89 21.25
N VAL B 138 5.84 4.81 20.59
CA VAL B 138 6.54 3.75 21.29
C VAL B 138 7.91 3.51 20.74
N ASP B 139 8.00 3.09 19.50
CA ASP B 139 9.29 2.58 19.01
C ASP B 139 10.38 3.60 19.08
N ARG B 140 10.02 4.81 18.81
CA ARG B 140 10.97 5.88 18.84
C ARG B 140 11.70 5.98 20.16
N HIS B 141 11.02 5.65 21.25
CA HIS B 141 11.62 5.76 22.54
C HIS B 141 12.13 4.41 23.00
N ALA B 142 11.37 3.37 22.75
CA ALA B 142 11.75 2.04 23.20
C ALA B 142 13.07 1.61 22.61
N LEU B 143 13.35 2.04 21.40
CA LEU B 143 14.58 1.66 20.77
C LEU B 143 15.76 2.52 21.17
N LYS B 144 15.55 3.53 22.00
CA LYS B 144 16.64 4.40 22.44
C LYS B 144 16.85 4.36 23.94
N THR B 145 15.77 4.38 24.70
CA THR B 145 15.76 4.40 26.16
C THR B 145 14.92 3.25 26.67
N PRO B 146 15.28 2.00 26.39
CA PRO B 146 14.49 0.81 26.67
C PRO B 146 14.14 0.57 28.12
N ASN B 147 14.88 1.13 29.05
CA ASN B 147 14.59 0.81 30.42
C ASN B 147 14.22 2.05 31.17
N LYS B 148 13.13 2.61 30.74
CA LYS B 148 12.53 3.81 31.26
C LYS B 148 11.05 3.56 31.38
N LYS B 149 10.47 3.93 32.50
CA LYS B 149 9.05 3.70 32.71
C LYS B 149 8.21 4.44 31.71
N ALA B 150 7.29 3.73 31.08
CA ALA B 150 6.38 4.30 30.13
C ALA B 150 5.04 4.50 30.79
N ILE B 151 4.60 3.46 31.47
CA ILE B 151 3.31 3.42 32.11
C ILE B 151 3.44 2.99 33.54
N ILE B 152 2.86 3.75 34.42
CA ILE B 152 2.83 3.39 35.82
C ILE B 152 1.40 3.08 36.09
N PHE B 153 1.09 1.88 36.52
CA PHE B 153 -0.30 1.55 36.71
C PHE B 153 -0.70 1.21 38.10
N GLU B 154 -1.79 1.81 38.53
CA GLU B 154 -2.34 1.50 39.81
C GLU B 154 -3.80 1.13 39.69
N GLY B 155 -4.14 0.01 40.31
CA GLY B 155 -5.47 -0.54 40.19
C GLY B 155 -6.47 0.03 41.17
N ASP B 156 -7.68 -0.52 41.13
CA ASP B 156 -8.77 -0.05 41.97
C ASP B 156 -8.44 -0.37 43.41
N GLU B 157 -7.89 -1.55 43.63
CA GLU B 157 -7.53 -1.97 44.97
C GLU B 157 -6.08 -1.52 45.21
N PRO B 158 -5.79 -0.74 46.26
CA PRO B 158 -4.48 -0.17 46.60
C PRO B 158 -3.29 -1.10 46.60
N GLY B 159 -3.46 -2.37 46.90
CA GLY B 159 -2.29 -3.24 46.92
C GLY B 159 -1.80 -3.69 45.54
N GLN B 160 -2.52 -3.37 44.46
CA GLN B 160 -2.08 -3.84 43.16
C GLN B 160 -1.67 -2.74 42.21
N GLY B 161 -0.63 -3.02 41.45
CA GLY B 161 -0.10 -2.11 40.45
C GLY B 161 1.27 -2.60 40.03
N TYR B 162 1.79 -1.99 38.98
CA TYR B 162 3.09 -2.33 38.42
C TYR B 162 3.53 -1.31 37.39
N SER B 163 4.77 -1.39 36.96
CA SER B 163 5.22 -0.51 35.89
C SER B 163 5.51 -1.28 34.62
N ILE B 164 5.43 -0.58 33.51
CA ILE B 164 5.79 -1.08 32.20
C ILE B 164 6.81 -0.17 31.57
N THR B 165 7.94 -0.72 31.13
CA THR B 165 8.95 0.11 30.49
C THR B 165 8.71 0.25 29.01
N TYR B 166 9.41 1.18 28.38
CA TYR B 166 9.22 1.32 26.96
C TYR B 166 9.59 0.04 26.20
N LYS B 167 10.65 -0.66 26.60
CA LYS B 167 10.93 -1.89 25.89
C LYS B 167 9.78 -2.86 25.99
N GLU B 168 9.25 -3.02 27.18
CA GLU B 168 8.15 -3.95 27.40
C GLU B 168 6.94 -3.56 26.61
N LEU B 169 6.68 -2.26 26.51
CA LEU B 169 5.54 -1.78 25.77
C LEU B 169 5.69 -2.16 24.33
N LEU B 170 6.88 -1.97 23.75
CA LEU B 170 7.07 -2.34 22.36
C LEU B 170 6.67 -3.77 22.13
N GLU B 171 7.14 -4.68 22.97
CA GLU B 171 6.82 -6.07 22.73
C GLU B 171 5.32 -6.34 22.81
N GLU B 172 4.63 -5.74 23.78
CA GLU B 172 3.21 -6.01 23.90
C GLU B 172 2.42 -5.44 22.74
N VAL B 173 2.80 -4.27 22.29
CA VAL B 173 2.10 -3.66 21.20
C VAL B 173 2.26 -4.50 19.97
N CYS B 174 3.47 -4.96 19.72
CA CYS B 174 3.72 -5.74 18.54
C CYS B 174 2.92 -7.03 18.53
N GLN B 175 2.85 -7.72 19.65
CA GLN B 175 2.08 -8.96 19.60
C GLN B 175 0.62 -8.67 19.34
N VAL B 176 0.06 -7.63 19.93
CA VAL B 176 -1.34 -7.35 19.69
C VAL B 176 -1.57 -6.99 18.25
N ALA B 177 -0.69 -6.20 17.67
CA ALA B 177 -0.89 -5.82 16.28
C ALA B 177 -0.97 -7.05 15.39
N GLN B 178 -0.15 -8.06 15.63
CA GLN B 178 -0.22 -9.29 14.85
C GLN B 178 -1.52 -10.01 15.09
N VAL B 179 -2.02 -9.98 16.32
CA VAL B 179 -3.29 -10.63 16.57
C VAL B 179 -4.36 -9.98 15.72
N LEU B 180 -4.38 -8.66 15.71
CA LEU B 180 -5.38 -7.95 14.95
C LEU B 180 -5.24 -8.27 13.48
N THR B 181 -4.00 -8.34 13.01
CA THR B 181 -3.70 -8.59 11.62
C THR B 181 -4.09 -9.99 11.15
N TYR B 182 -3.72 -11.00 11.90
CA TYR B 182 -3.95 -12.34 11.41
C TYR B 182 -5.18 -13.04 11.91
N SER B 183 -5.60 -12.81 13.14
CA SER B 183 -6.73 -13.54 13.61
C SER B 183 -8.00 -12.72 13.54
N MET B 184 -7.90 -11.43 13.76
CA MET B 184 -9.12 -10.65 13.76
C MET B 184 -9.44 -10.16 12.35
N GLY B 185 -8.50 -10.31 11.44
CA GLY B 185 -8.63 -9.90 10.05
C GLY B 185 -8.65 -8.39 9.83
N VAL B 186 -8.01 -7.62 10.68
CA VAL B 186 -8.05 -6.17 10.58
C VAL B 186 -7.09 -5.68 9.52
N ARG B 187 -7.58 -4.79 8.69
CA ARG B 187 -6.77 -4.21 7.64
C ARG B 187 -6.79 -2.70 7.69
N LYS B 188 -5.78 -2.11 7.08
CA LYS B 188 -5.64 -0.68 7.04
C LYS B 188 -6.93 -0.02 6.65
N GLY B 189 -7.34 0.97 7.44
CA GLY B 189 -8.56 1.70 7.19
C GLY B 189 -9.81 1.11 7.84
N ASP B 190 -9.72 -0.07 8.43
CA ASP B 190 -10.89 -0.68 9.05
C ASP B 190 -11.11 -0.04 10.40
N THR B 191 -12.16 -0.45 11.10
CA THR B 191 -12.45 0.14 12.39
C THR B 191 -12.61 -0.87 13.52
N VAL B 192 -11.88 -0.55 14.58
CA VAL B 192 -11.86 -1.36 15.75
C VAL B 192 -12.43 -0.58 16.91
N ALA B 193 -13.48 -1.11 17.49
CA ALA B 193 -14.12 -0.49 18.61
C ALA B 193 -13.53 -1.03 19.87
N VAL B 194 -13.33 -0.17 20.84
CA VAL B 194 -12.79 -0.55 22.11
C VAL B 194 -13.75 -0.14 23.21
N TYR B 195 -14.10 -1.09 24.07
CA TYR B 195 -15.04 -0.84 25.16
C TYR B 195 -14.44 -1.26 26.48
N MET B 196 -13.13 -1.20 26.55
CA MET B 196 -12.38 -1.59 27.71
C MET B 196 -12.40 -0.51 28.81
N PRO B 197 -12.21 -0.90 30.07
CA PRO B 197 -11.99 -0.03 31.20
C PRO B 197 -10.61 0.53 31.05
N MET B 198 -10.28 1.64 31.68
CA MET B 198 -8.90 2.05 31.48
C MET B 198 -7.92 1.23 32.28
N VAL B 199 -7.26 0.32 31.58
CA VAL B 199 -6.26 -0.59 32.11
C VAL B 199 -5.07 -0.54 31.14
N PRO B 200 -3.87 -0.98 31.50
CA PRO B 200 -2.71 -1.05 30.62
C PRO B 200 -3.01 -1.73 29.31
N GLU B 201 -3.86 -2.74 29.33
CA GLU B 201 -4.19 -3.46 28.12
C GLU B 201 -4.95 -2.57 27.14
N ALA B 202 -5.74 -1.64 27.65
CA ALA B 202 -6.48 -0.74 26.78
C ALA B 202 -5.52 0.17 26.08
N ILE B 203 -4.50 0.61 26.80
CA ILE B 203 -3.52 1.51 26.21
C ILE B 203 -2.78 0.79 25.11
N ILE B 204 -2.36 -0.42 25.41
CA ILE B 204 -1.64 -1.21 24.46
C ILE B 204 -2.47 -1.43 23.25
N THR B 205 -3.75 -1.75 23.45
CA THR B 205 -4.65 -1.96 22.34
C THR B 205 -4.74 -0.77 21.44
N LEU B 206 -4.91 0.42 21.99
CA LEU B 206 -5.06 1.56 21.12
C LEU B 206 -3.81 1.78 20.29
N LEU B 207 -2.65 1.60 20.89
CA LEU B 207 -1.41 1.77 20.15
C LEU B 207 -1.27 0.72 19.07
N ALA B 208 -1.62 -0.52 19.38
CA ALA B 208 -1.53 -1.60 18.43
C ALA B 208 -2.44 -1.38 17.25
N ILE B 209 -3.61 -0.82 17.48
CA ILE B 209 -4.52 -0.56 16.38
C ILE B 209 -3.90 0.45 15.45
N SER B 210 -3.37 1.53 16.01
CA SER B 210 -2.75 2.56 15.21
C SER B 210 -1.58 2.03 14.40
N ARG B 211 -0.84 1.11 14.98
CA ARG B 211 0.34 0.52 14.35
C ARG B 211 0.06 -0.12 13.01
N ILE B 212 -1.16 -0.61 12.80
CA ILE B 212 -1.48 -1.30 11.57
C ILE B 212 -2.35 -0.46 10.66
N GLY B 213 -2.44 0.82 10.95
CA GLY B 213 -3.17 1.74 10.12
C GLY B 213 -4.67 1.62 10.25
N ALA B 214 -5.16 1.11 11.36
CA ALA B 214 -6.59 0.98 11.53
C ALA B 214 -7.05 2.16 12.33
N ILE B 215 -8.34 2.43 12.31
CA ILE B 215 -8.91 3.55 13.02
C ILE B 215 -9.53 3.06 14.30
N HIS B 216 -9.22 3.67 15.42
CA HIS B 216 -9.88 3.20 16.63
C HIS B 216 -11.00 4.11 17.07
N SER B 217 -11.92 3.51 17.81
CA SER B 217 -13.06 4.21 18.41
C SER B 217 -13.29 3.71 19.81
N VAL B 218 -13.29 4.61 20.79
CA VAL B 218 -13.36 4.20 22.18
C VAL B 218 -14.63 4.64 22.86
N VAL B 219 -15.31 3.70 23.46
CA VAL B 219 -16.58 3.93 24.11
C VAL B 219 -16.46 3.80 25.61
N PHE B 220 -16.97 4.77 26.39
CA PHE B 220 -16.81 4.64 27.83
C PHE B 220 -17.39 3.32 28.29
N ALA B 221 -16.65 2.60 29.12
CA ALA B 221 -17.08 1.29 29.59
C ALA B 221 -18.43 1.29 30.29
N GLY B 222 -18.78 2.38 30.97
CA GLY B 222 -20.05 2.36 31.67
C GLY B 222 -21.31 2.56 30.83
N PHE B 223 -21.19 2.77 29.53
CA PHE B 223 -22.39 2.98 28.76
C PHE B 223 -23.22 1.75 28.62
N SER B 224 -24.50 1.97 28.48
CA SER B 224 -25.48 0.93 28.27
C SER B 224 -25.42 0.41 26.87
N SER B 225 -26.08 -0.72 26.65
CA SER B 225 -26.10 -1.34 25.35
C SER B 225 -26.76 -0.54 24.24
N ASN B 226 -27.65 0.38 24.53
CA ASN B 226 -28.25 1.07 23.41
C ASN B 226 -27.30 2.04 22.80
N SER B 227 -26.61 2.78 23.63
CA SER B 227 -25.74 3.76 23.05
C SER B 227 -24.50 3.08 22.51
N LEU B 228 -24.15 1.94 23.06
CA LEU B 228 -23.02 1.22 22.52
C LEU B 228 -23.38 0.80 21.13
N ARG B 229 -24.58 0.31 20.96
CA ARG B 229 -24.98 -0.18 19.66
C ARG B 229 -24.97 0.89 18.63
N ASP B 230 -25.44 2.04 18.99
CA ASP B 230 -25.41 3.11 18.02
C ASP B 230 -24.01 3.45 17.61
N ARG B 231 -23.07 3.48 18.54
CA ARG B 231 -21.72 3.83 18.17
C ARG B 231 -21.07 2.76 17.32
N ILE B 232 -21.31 1.49 17.64
CA ILE B 232 -20.72 0.42 16.87
C ILE B 232 -21.21 0.48 15.45
N ASN B 233 -22.51 0.66 15.28
CA ASN B 233 -23.04 0.69 13.94
C ASN B 233 -22.68 1.94 13.20
N ASP B 234 -22.74 3.09 13.83
CA ASP B 234 -22.46 4.30 13.10
C ASP B 234 -21.05 4.32 12.57
N GLY B 235 -20.11 3.84 13.36
CA GLY B 235 -18.72 3.86 12.96
C GLY B 235 -18.35 2.67 12.08
N ASP B 236 -19.30 1.79 11.82
CA ASP B 236 -19.09 0.59 11.05
C ASP B 236 -17.94 -0.26 11.54
N SER B 237 -17.85 -0.53 12.83
CA SER B 237 -16.74 -1.37 13.24
C SER B 237 -17.03 -2.80 12.89
N LYS B 238 -15.98 -3.59 12.85
CA LYS B 238 -16.15 -5.01 12.60
C LYS B 238 -15.52 -5.81 13.68
N VAL B 239 -14.66 -5.16 14.41
CA VAL B 239 -13.98 -5.78 15.50
C VAL B 239 -14.22 -5.02 16.75
N VAL B 240 -14.55 -5.76 17.79
CA VAL B 240 -14.79 -5.19 19.09
C VAL B 240 -13.84 -5.76 20.10
N ILE B 241 -13.20 -4.90 20.87
CA ILE B 241 -12.29 -5.35 21.89
C ILE B 241 -12.83 -4.97 23.25
N THR B 242 -12.94 -5.95 24.12
CA THR B 242 -13.49 -5.74 25.44
C THR B 242 -12.83 -6.58 26.50
N THR B 243 -13.45 -6.58 27.66
CA THR B 243 -13.01 -7.31 28.84
C THR B 243 -14.17 -8.12 29.34
N ASP B 244 -13.92 -9.05 30.24
CA ASP B 244 -15.06 -9.77 30.77
C ASP B 244 -15.77 -8.99 31.88
N GLU B 245 -15.04 -8.66 32.91
CA GLU B 245 -15.59 -7.89 34.02
C GLU B 245 -14.57 -6.88 34.46
N SER B 246 -15.03 -5.78 35.02
CA SER B 246 -14.10 -4.81 35.57
C SER B 246 -14.60 -4.27 36.89
N ASN B 247 -13.69 -3.69 37.66
CA ASN B 247 -14.03 -3.17 38.97
C ASN B 247 -13.65 -1.75 39.13
N ARG B 248 -14.63 -0.95 39.45
CA ARG B 248 -14.41 0.46 39.66
C ARG B 248 -15.13 0.93 40.89
N GLY B 249 -14.38 1.40 41.87
CA GLY B 249 -14.98 1.86 43.12
C GLY B 249 -15.49 0.67 43.89
N GLY B 250 -14.91 -0.49 43.64
CA GLY B 250 -15.36 -1.70 44.29
C GLY B 250 -16.60 -2.32 43.63
N LYS B 251 -17.14 -1.71 42.57
CA LYS B 251 -18.33 -2.27 41.96
C LYS B 251 -18.00 -3.00 40.69
N VAL B 252 -18.73 -4.07 40.41
CA VAL B 252 -18.52 -4.85 39.20
C VAL B 252 -19.30 -4.34 38.00
N ILE B 253 -18.59 -4.17 36.91
CA ILE B 253 -19.18 -3.74 35.67
C ILE B 253 -19.15 -4.89 34.67
N GLU B 254 -20.31 -5.31 34.20
CA GLU B 254 -20.35 -6.46 33.30
C GLU B 254 -20.15 -6.08 31.85
N THR B 255 -18.90 -5.84 31.50
CA THR B 255 -18.59 -5.37 30.17
C THR B 255 -18.89 -6.39 29.07
N LYS B 256 -18.65 -7.67 29.30
CA LYS B 256 -18.95 -8.61 28.22
C LYS B 256 -20.42 -8.66 27.93
N ARG B 257 -21.25 -8.74 28.96
CA ARG B 257 -22.66 -8.84 28.71
C ARG B 257 -23.18 -7.63 27.98
N ILE B 258 -22.70 -6.45 28.29
CA ILE B 258 -23.18 -5.30 27.57
C ILE B 258 -22.81 -5.40 26.11
N VAL B 259 -21.58 -5.80 25.81
CA VAL B 259 -21.22 -5.93 24.41
C VAL B 259 -22.09 -6.96 23.72
N ASP B 260 -22.27 -8.12 24.33
CA ASP B 260 -23.05 -9.16 23.69
C ASP B 260 -24.46 -8.69 23.40
N ASP B 261 -25.01 -7.89 24.30
CA ASP B 261 -26.32 -7.34 24.08
C ASP B 261 -26.31 -6.42 22.88
N ALA B 262 -25.39 -5.47 22.88
CA ALA B 262 -25.37 -4.51 21.79
C ALA B 262 -25.23 -5.19 20.45
N LEU B 263 -24.45 -6.26 20.40
CA LEU B 263 -24.20 -6.90 19.13
C LEU B 263 -25.33 -7.74 18.64
N ARG B 264 -26.39 -7.89 19.41
CA ARG B 264 -27.49 -8.68 18.94
C ARG B 264 -28.13 -8.05 17.74
N GLU B 265 -28.10 -6.73 17.64
CA GLU B 265 -28.73 -6.07 16.52
C GLU B 265 -27.71 -5.55 15.54
N THR B 266 -26.47 -6.02 15.62
CA THR B 266 -25.47 -5.51 14.72
C THR B 266 -24.95 -6.60 13.79
N PRO B 267 -25.16 -6.49 12.47
CA PRO B 267 -24.76 -7.48 11.47
C PRO B 267 -23.29 -7.43 11.12
N GLY B 268 -22.64 -6.39 11.54
CA GLY B 268 -21.26 -6.10 11.17
C GLY B 268 -20.22 -6.98 11.83
N VAL B 269 -20.17 -6.92 13.13
CA VAL B 269 -19.05 -7.49 13.84
C VAL B 269 -18.84 -8.95 13.57
N ARG B 270 -17.59 -9.22 13.24
CA ARG B 270 -17.14 -10.54 12.92
C ARG B 270 -16.37 -11.17 14.07
N HIS B 271 -15.63 -10.37 14.83
CA HIS B 271 -14.88 -10.97 15.92
C HIS B 271 -14.84 -10.09 17.14
N VAL B 272 -14.86 -10.73 18.30
CA VAL B 272 -14.75 -10.03 19.55
C VAL B 272 -13.56 -10.56 20.32
N LEU B 273 -12.70 -9.66 20.72
CA LEU B 273 -11.52 -10.05 21.46
C LEU B 273 -11.77 -9.73 22.90
N VAL B 274 -11.57 -10.69 23.78
CA VAL B 274 -11.91 -10.50 25.17
C VAL B 274 -10.75 -10.67 26.10
N TYR B 275 -10.48 -9.66 26.88
CA TYR B 275 -9.43 -9.77 27.85
C TYR B 275 -9.96 -10.21 29.19
N ARG B 276 -9.50 -11.36 29.63
CA ARG B 276 -9.98 -11.93 30.87
C ARG B 276 -9.30 -11.30 32.04
N LYS B 277 -9.64 -10.06 32.32
CA LYS B 277 -9.01 -9.38 33.43
C LYS B 277 -9.29 -10.18 34.68
N THR B 278 -10.50 -10.70 34.82
CA THR B 278 -10.79 -11.55 35.96
C THR B 278 -10.58 -12.96 35.47
N ASN B 279 -9.77 -13.74 36.15
CA ASN B 279 -9.45 -15.05 35.59
C ASN B 279 -10.52 -16.14 35.69
N ASN B 280 -11.47 -16.02 36.59
CA ASN B 280 -12.44 -17.08 36.78
C ASN B 280 -13.92 -16.73 36.95
N PRO B 281 -14.46 -15.71 36.29
CA PRO B 281 -15.85 -15.29 36.43
C PRO B 281 -16.74 -16.26 35.67
N SER B 282 -18.04 -16.20 35.88
CA SER B 282 -18.92 -17.06 35.15
C SER B 282 -19.52 -16.33 33.98
N VAL B 283 -18.67 -16.15 32.99
CA VAL B 283 -18.96 -15.39 31.80
C VAL B 283 -18.90 -16.26 30.56
N ALA B 284 -19.96 -16.21 29.80
CA ALA B 284 -20.06 -17.01 28.59
C ALA B 284 -18.95 -16.67 27.66
N PHE B 285 -18.50 -17.67 26.93
CA PHE B 285 -17.46 -17.42 25.96
C PHE B 285 -17.73 -18.34 24.80
N HIS B 286 -17.90 -17.79 23.62
CA HIS B 286 -18.26 -18.58 22.46
C HIS B 286 -17.12 -18.66 21.47
N ALA B 287 -16.55 -19.83 21.35
CA ALA B 287 -15.36 -19.98 20.52
C ALA B 287 -15.50 -19.50 19.08
N PRO B 288 -16.63 -19.63 18.39
CA PRO B 288 -16.73 -19.14 17.02
C PRO B 288 -16.27 -17.70 16.88
N ARG B 289 -16.46 -16.83 17.89
CA ARG B 289 -15.93 -15.50 17.67
C ARG B 289 -15.51 -14.78 18.93
N ASP B 290 -15.15 -15.51 19.95
CA ASP B 290 -14.61 -14.92 21.15
C ASP B 290 -13.19 -15.36 21.27
N LEU B 291 -12.30 -14.42 21.19
CA LEU B 291 -10.91 -14.78 21.21
C LEU B 291 -10.35 -14.35 22.52
N ASP B 292 -9.59 -15.23 23.14
CA ASP B 292 -9.00 -14.88 24.40
C ASP B 292 -7.71 -14.13 24.19
N TRP B 293 -7.72 -12.89 24.59
CA TRP B 293 -6.63 -11.98 24.37
C TRP B 293 -5.36 -12.57 24.89
N ALA B 294 -5.44 -13.17 26.05
CA ALA B 294 -4.27 -13.68 26.74
C ALA B 294 -3.82 -15.04 26.25
N THR B 295 -4.54 -15.64 25.31
CA THR B 295 -4.15 -16.93 24.79
C THR B 295 -3.71 -16.77 23.37
N GLU B 296 -4.32 -15.84 22.67
CA GLU B 296 -3.98 -15.63 21.30
C GLU B 296 -2.62 -14.96 21.18
N LYS B 297 -2.35 -13.98 22.02
CA LYS B 297 -1.12 -13.21 21.98
C LYS B 297 0.17 -14.02 21.91
N LYS B 298 0.27 -15.12 22.64
CA LYS B 298 1.50 -15.91 22.72
C LYS B 298 1.93 -16.55 21.41
N LYS B 299 1.06 -16.53 20.43
CA LYS B 299 1.36 -17.12 19.18
C LYS B 299 2.08 -16.18 18.24
N TYR B 300 2.34 -14.98 18.69
CA TYR B 300 2.94 -14.01 17.80
C TYR B 300 4.32 -13.51 18.22
N LYS B 301 5.09 -13.06 17.24
CA LYS B 301 6.42 -12.58 17.54
C LYS B 301 6.41 -11.24 18.22
N THR B 302 7.49 -10.97 18.92
CA THR B 302 7.61 -9.80 19.78
C THR B 302 8.09 -8.52 19.11
N TYR B 303 8.22 -8.53 17.80
CA TYR B 303 8.56 -7.38 17.01
C TYR B 303 7.76 -7.46 15.74
N TYR B 304 7.16 -6.37 15.35
CA TYR B 304 6.37 -6.33 14.16
C TYR B 304 6.38 -4.89 13.74
N PRO B 305 6.60 -4.57 12.47
CA PRO B 305 6.72 -3.24 11.90
C PRO B 305 5.48 -2.38 11.80
N CYS B 306 5.72 -1.08 11.74
CA CYS B 306 4.71 -0.07 11.50
C CYS B 306 4.32 0.07 10.05
N THR B 307 3.04 0.21 9.81
CA THR B 307 2.55 0.45 8.46
C THR B 307 2.52 1.95 8.16
N PRO B 308 3.09 2.43 7.06
CA PRO B 308 3.02 3.83 6.68
C PRO B 308 1.58 4.31 6.60
N VAL B 309 1.35 5.49 7.12
CA VAL B 309 0.05 6.13 7.16
C VAL B 309 0.17 7.55 6.65
N ASP B 310 -0.76 7.97 5.82
CA ASP B 310 -0.67 9.33 5.32
C ASP B 310 -0.86 10.32 6.44
N SER B 311 -0.22 11.47 6.32
CA SER B 311 -0.36 12.48 7.34
C SER B 311 -1.81 12.93 7.57
N GLU B 312 -2.67 12.80 6.55
CA GLU B 312 -4.09 13.17 6.70
C GLU B 312 -5.04 12.01 6.93
N ASP B 313 -4.52 10.81 7.12
CA ASP B 313 -5.40 9.68 7.37
C ASP B 313 -5.95 9.85 8.77
N PRO B 314 -7.18 9.43 9.04
CA PRO B 314 -7.80 9.49 10.35
C PRO B 314 -7.06 8.67 11.37
N LEU B 315 -6.83 9.23 12.54
CA LEU B 315 -6.21 8.48 13.61
C LEU B 315 -7.30 7.80 14.41
N PHE B 316 -8.30 8.58 14.77
CA PHE B 316 -9.36 8.04 15.61
C PHE B 316 -10.65 8.81 15.52
N LEU B 317 -11.68 8.15 16.00
CA LEU B 317 -12.99 8.76 16.13
C LEU B 317 -13.41 8.84 17.58
N LEU B 318 -14.10 9.91 17.94
CA LEU B 318 -14.72 9.95 19.26
C LEU B 318 -16.17 10.22 19.16
N TYR B 319 -16.95 9.29 19.62
CA TYR B 319 -18.37 9.46 19.56
C TYR B 319 -18.87 10.20 20.75
N THR B 320 -18.80 11.50 20.62
CA THR B 320 -19.19 12.36 21.70
C THR B 320 -20.67 12.50 21.65
N SER B 321 -21.23 13.01 22.73
CA SER B 321 -22.66 13.20 22.72
C SER B 321 -23.15 14.26 23.69
N GLY B 322 -24.16 14.98 23.21
CA GLY B 322 -24.92 15.98 23.95
C GLY B 322 -26.35 15.48 24.13
N SER B 323 -26.55 14.17 23.95
CA SER B 323 -27.84 13.48 24.02
C SER B 323 -28.90 14.09 23.09
N THR B 324 -28.49 14.38 21.86
CA THR B 324 -29.37 14.92 20.83
C THR B 324 -28.90 14.43 19.48
N GLY B 325 -29.84 14.24 18.56
CA GLY B 325 -29.47 13.72 17.27
C GLY B 325 -28.93 12.32 17.51
N ALA B 326 -27.68 12.12 17.16
CA ALA B 326 -27.01 10.85 17.31
C ALA B 326 -25.56 11.17 17.65
N PRO B 327 -24.84 10.28 18.30
CA PRO B 327 -23.45 10.50 18.65
C PRO B 327 -22.65 10.92 17.44
N LYS B 328 -21.78 11.90 17.64
CA LYS B 328 -20.96 12.44 16.58
C LYS B 328 -19.58 11.85 16.55
N GLY B 329 -19.26 11.15 15.48
CA GLY B 329 -17.95 10.55 15.36
C GLY B 329 -16.93 11.59 15.00
N VAL B 330 -16.51 12.38 15.97
CA VAL B 330 -15.60 13.45 15.63
C VAL B 330 -14.32 12.82 15.17
N GLN B 331 -13.84 13.24 14.02
CA GLN B 331 -12.64 12.66 13.45
C GLN B 331 -11.44 13.58 13.41
N HIS B 332 -10.32 13.04 13.88
CA HIS B 332 -9.05 13.75 13.90
C HIS B 332 -8.01 12.98 13.11
N SER B 333 -7.25 13.70 12.27
CA SER B 333 -6.20 13.08 11.49
C SER B 333 -4.89 12.95 12.23
N THR B 334 -4.02 12.08 11.73
CA THR B 334 -2.79 11.78 12.43
C THR B 334 -1.76 12.89 12.56
N ALA B 335 -1.28 13.49 11.50
CA ALA B 335 -0.21 14.45 11.75
C ALA B 335 -0.67 15.62 12.56
N GLY B 336 -1.87 16.07 12.28
CA GLY B 336 -2.43 17.21 12.94
C GLY B 336 -2.53 17.03 14.42
N TYR B 337 -3.20 15.96 14.80
CA TYR B 337 -3.41 15.67 16.18
C TYR B 337 -2.13 15.48 16.94
N LEU B 338 -1.20 14.69 16.40
CA LEU B 338 0.01 14.41 17.12
C LEU B 338 0.81 15.65 17.36
N LEU B 339 0.89 16.55 16.38
CA LEU B 339 1.65 17.77 16.62
C LEU B 339 1.02 18.58 17.70
N GLY B 340 -0.30 18.69 17.66
CA GLY B 340 -1.01 19.45 18.67
C GLY B 340 -0.68 18.93 20.04
N ALA B 341 -0.79 17.63 20.22
CA ALA B 341 -0.51 17.04 21.51
C ALA B 341 0.90 17.33 21.98
N LEU B 342 1.89 17.26 21.10
CA LEU B 342 3.25 17.56 21.54
C LEU B 342 3.46 18.99 21.91
N LEU B 343 2.94 19.92 21.13
CA LEU B 343 3.18 21.31 21.43
C LEU B 343 2.58 21.65 22.76
N THR B 344 1.43 21.07 23.04
CA THR B 344 0.79 21.36 24.28
C THR B 344 1.60 20.84 25.45
N MET B 345 2.09 19.61 25.36
CA MET B 345 2.89 19.07 26.44
C MET B 345 4.13 19.91 26.70
N ARG B 346 4.74 20.36 25.61
CA ARG B 346 5.96 21.14 25.69
C ARG B 346 5.75 22.56 26.19
N TYR B 347 4.70 23.24 25.75
CA TYR B 347 4.57 24.62 26.16
C TYR B 347 3.54 24.92 27.23
N THR B 348 2.50 24.12 27.37
CA THR B 348 1.52 24.44 28.38
C THR B 348 1.96 23.82 29.68
N PHE B 349 2.32 22.55 29.64
CA PHE B 349 2.67 21.90 30.88
C PHE B 349 4.16 21.93 31.18
N ASP B 350 4.95 22.43 30.24
CA ASP B 350 6.39 22.57 30.37
C ASP B 350 7.02 21.26 30.79
N THR B 351 6.67 20.15 30.16
CA THR B 351 7.23 18.91 30.64
C THR B 351 8.61 18.55 30.13
N HIS B 352 9.17 17.59 30.84
CA HIS B 352 10.44 17.00 30.55
C HIS B 352 10.34 15.50 30.53
N GLN B 353 11.37 14.92 29.98
CA GLN B 353 11.42 13.52 29.76
C GLN B 353 11.41 12.77 31.05
N GLU B 354 11.74 13.43 32.12
CA GLU B 354 11.89 12.85 33.44
C GLU B 354 10.63 12.93 34.29
N ASP B 355 9.56 13.48 33.77
CA ASP B 355 8.35 13.62 34.57
C ASP B 355 7.42 12.42 34.60
N VAL B 356 6.37 12.57 35.42
CA VAL B 356 5.25 11.67 35.53
C VAL B 356 4.01 12.51 35.45
N PHE B 357 3.22 12.24 34.42
CA PHE B 357 2.05 13.04 34.17
C PHE B 357 0.79 12.29 34.58
N PHE B 358 0.08 12.81 35.56
CA PHE B 358 -1.12 12.12 36.03
C PHE B 358 -2.39 12.83 35.63
N THR B 359 -3.14 12.19 34.75
CA THR B 359 -4.39 12.75 34.28
C THR B 359 -5.54 11.99 34.91
N ALA B 360 -6.33 12.69 35.64
CA ALA B 360 -7.39 12.06 36.37
C ALA B 360 -8.65 11.96 35.51
N GLY B 361 -8.62 11.05 34.54
CA GLY B 361 -9.80 10.94 33.69
C GLY B 361 -9.80 9.75 32.74
N ASP B 362 -11.02 9.35 32.37
CA ASP B 362 -11.28 8.19 31.54
C ASP B 362 -10.75 8.26 30.12
N ILE B 363 -10.33 7.10 29.64
CA ILE B 363 -9.81 6.93 28.30
C ILE B 363 -10.80 7.24 27.19
N GLY B 364 -12.09 7.14 27.44
CA GLY B 364 -13.08 7.42 26.40
C GLY B 364 -13.35 8.90 26.19
N TRP B 365 -12.70 9.76 26.95
CA TRP B 365 -12.89 11.18 26.85
C TRP B 365 -11.74 11.76 26.05
N ILE B 366 -11.92 12.92 25.45
CA ILE B 366 -10.83 13.50 24.69
C ILE B 366 -9.56 13.70 25.50
N THR B 367 -9.66 13.95 26.81
CA THR B 367 -8.43 14.16 27.58
C THR B 367 -7.73 12.85 27.81
N GLY B 368 -8.44 11.76 27.69
CA GLY B 368 -7.86 10.46 27.84
C GLY B 368 -6.90 10.26 26.70
N HIS B 369 -7.40 10.51 25.52
CA HIS B 369 -6.57 10.35 24.36
C HIS B 369 -5.40 11.31 24.38
N THR B 370 -5.69 12.58 24.54
CA THR B 370 -4.63 13.56 24.50
C THR B 370 -3.62 13.45 25.65
N TYR B 371 -4.05 13.18 26.87
CA TYR B 371 -3.09 13.18 27.95
C TYR B 371 -2.77 11.88 28.66
N VAL B 372 -3.36 10.77 28.27
CA VAL B 372 -3.00 9.51 28.86
C VAL B 372 -2.23 8.72 27.84
N VAL B 373 -2.71 8.70 26.60
CA VAL B 373 -2.04 7.90 25.60
C VAL B 373 -1.19 8.64 24.60
N TYR B 374 -1.69 9.65 23.92
CA TYR B 374 -0.91 10.27 22.85
C TYR B 374 -0.16 11.50 23.29
N GLY B 375 -0.14 11.73 24.57
CA GLY B 375 0.53 12.89 25.13
C GLY B 375 1.86 12.42 25.65
N PRO B 376 1.99 12.14 26.94
CA PRO B 376 3.21 11.71 27.56
C PRO B 376 3.96 10.64 26.81
N LEU B 377 3.28 9.64 26.23
CA LEU B 377 4.06 8.63 25.53
C LEU B 377 4.78 9.20 24.34
N LEU B 378 4.15 10.11 23.64
CA LEU B 378 4.69 10.65 22.42
C LEU B 378 5.86 11.53 22.76
N TYR B 379 5.68 12.28 23.82
CA TYR B 379 6.69 13.18 24.32
C TYR B 379 7.87 12.42 24.88
N GLY B 380 7.60 11.37 25.64
CA GLY B 380 8.62 10.57 26.29
C GLY B 380 8.52 10.59 27.83
N CYS B 381 7.42 11.11 28.37
CA CYS B 381 7.22 11.16 29.82
C CYS B 381 6.50 9.90 30.25
N ALA B 382 6.55 9.57 31.55
CA ALA B 382 5.76 8.42 31.99
C ALA B 382 4.33 8.84 32.21
N THR B 383 3.41 7.93 31.95
CA THR B 383 1.99 8.16 32.20
C THR B 383 1.54 7.43 33.42
N LEU B 384 0.84 8.12 34.30
CA LEU B 384 0.27 7.41 35.43
C LEU B 384 -1.18 7.10 35.12
N VAL B 385 -1.49 5.83 35.18
CA VAL B 385 -2.80 5.31 34.84
C VAL B 385 -3.49 4.81 36.08
N PHE B 386 -4.63 5.37 36.37
CA PHE B 386 -5.39 4.98 37.54
C PHE B 386 -6.76 4.57 37.14
N GLU B 387 -7.09 3.31 37.34
CA GLU B 387 -8.39 2.81 36.88
C GLU B 387 -9.59 3.17 37.76
N GLY B 388 -9.37 3.44 39.05
CA GLY B 388 -10.45 3.66 40.00
C GLY B 388 -10.91 5.10 40.17
N THR B 389 -11.49 5.36 41.34
CA THR B 389 -12.10 6.63 41.74
C THR B 389 -11.58 7.03 43.09
N PRO B 390 -11.36 8.33 43.36
CA PRO B 390 -10.87 8.83 44.64
C PRO B 390 -11.82 8.49 45.77
N ALA B 391 -13.06 8.25 45.42
CA ALA B 391 -14.04 7.87 46.40
C ALA B 391 -13.62 6.61 47.17
N TYR B 392 -12.91 5.70 46.51
CA TYR B 392 -12.59 4.42 47.10
C TYR B 392 -11.12 4.13 47.37
N PRO B 393 -10.79 3.66 48.57
CA PRO B 393 -11.59 3.50 49.77
C PRO B 393 -11.90 4.76 50.59
N ASN B 394 -11.16 5.88 50.45
CA ASN B 394 -11.47 6.98 51.37
C ASN B 394 -11.05 8.41 51.05
N TYR B 395 -11.16 8.88 49.84
CA TYR B 395 -10.76 10.25 49.48
C TYR B 395 -9.30 10.62 49.63
N SER B 396 -8.48 9.85 50.30
CA SER B 396 -7.08 10.24 50.36
C SER B 396 -6.31 9.56 49.27
N ARG B 397 -7.02 8.81 48.47
CA ARG B 397 -6.40 8.01 47.46
C ARG B 397 -5.60 8.82 46.47
N TYR B 398 -6.11 9.95 46.00
CA TYR B 398 -5.30 10.67 45.01
C TYR B 398 -4.02 11.13 45.62
N TRP B 399 -4.08 11.59 46.84
CA TRP B 399 -2.90 12.07 47.47
C TRP B 399 -1.93 10.97 47.71
N ASP B 400 -2.41 9.84 48.17
CA ASP B 400 -1.48 8.76 48.40
C ASP B 400 -0.76 8.42 47.11
N ILE B 401 -1.49 8.44 46.00
CA ILE B 401 -0.92 8.14 44.70
C ILE B 401 0.14 9.13 44.33
N ILE B 402 -0.15 10.41 44.50
CA ILE B 402 0.79 11.44 44.14
C ILE B 402 2.08 11.31 44.86
N ASP B 403 2.05 11.12 46.17
CA ASP B 403 3.35 11.00 46.80
C ASP B 403 4.05 9.69 46.53
N GLU B 404 3.35 8.58 46.48
CA GLU B 404 4.04 7.32 46.29
C GLU B 404 4.80 7.28 44.99
N HIS B 405 4.25 7.84 43.93
CA HIS B 405 4.91 7.78 42.66
C HIS B 405 5.56 9.08 42.22
N LYS B 406 5.70 10.03 43.13
CA LYS B 406 6.30 11.31 42.79
C LYS B 406 5.70 11.96 41.56
N VAL B 407 4.38 12.06 41.52
CA VAL B 407 3.71 12.68 40.39
C VAL B 407 4.13 14.12 40.30
N THR B 408 4.44 14.60 39.10
CA THR B 408 4.86 15.98 38.99
C THR B 408 3.83 16.87 38.34
N GLN B 409 2.96 16.31 37.52
CA GLN B 409 1.89 17.06 36.88
C GLN B 409 0.54 16.48 37.27
N PHE B 410 -0.40 17.31 37.76
CA PHE B 410 -1.71 16.76 38.08
C PHE B 410 -2.83 17.53 37.42
N TYR B 411 -3.47 16.88 36.46
CA TYR B 411 -4.51 17.46 35.62
C TYR B 411 -5.84 16.78 35.93
N VAL B 412 -6.75 17.52 36.56
CA VAL B 412 -8.00 16.96 37.08
C VAL B 412 -9.29 17.73 36.74
N ALA B 413 -10.37 17.02 36.51
CA ALA B 413 -11.64 17.70 36.26
C ALA B 413 -12.07 18.45 37.53
N PRO B 414 -12.68 19.62 37.42
CA PRO B 414 -13.15 20.42 38.53
C PRO B 414 -14.21 19.75 39.37
N THR B 415 -14.90 18.76 38.82
CA THR B 415 -15.90 18.10 39.60
C THR B 415 -15.24 17.28 40.66
N ALA B 416 -14.10 16.70 40.30
CA ALA B 416 -13.40 15.91 41.26
C ALA B 416 -12.92 16.82 42.34
N LEU B 417 -12.48 18.01 41.95
CA LEU B 417 -11.98 18.91 42.95
C LEU B 417 -13.06 19.30 43.91
N ARG B 418 -14.25 19.55 43.42
CA ARG B 418 -15.28 19.93 44.36
C ARG B 418 -15.56 18.81 45.34
N LEU B 419 -15.59 17.57 44.89
CA LEU B 419 -15.86 16.49 45.83
C LEU B 419 -14.77 16.35 46.88
N LEU B 420 -13.53 16.50 46.46
CA LEU B 420 -12.42 16.40 47.38
C LEU B 420 -12.49 17.53 48.39
N LYS B 421 -12.85 18.70 47.93
CA LYS B 421 -12.97 19.83 48.80
C LYS B 421 -14.02 19.56 49.84
N ARG B 422 -15.14 19.00 49.48
CA ARG B 422 -16.11 18.75 50.50
C ARG B 422 -15.60 17.75 51.49
N ALA B 423 -14.97 16.71 51.00
CA ALA B 423 -14.50 15.70 51.93
C ALA B 423 -13.78 16.36 53.08
N GLY B 424 -13.05 17.43 52.80
CA GLY B 424 -12.39 18.19 53.82
C GLY B 424 -10.89 18.01 53.91
N ASP B 425 -10.25 18.99 54.52
CA ASP B 425 -8.80 19.06 54.65
C ASP B 425 -8.22 17.99 55.53
N SER B 426 -9.05 17.30 56.29
CA SER B 426 -8.58 16.24 57.17
C SER B 426 -8.00 15.09 56.36
N TYR B 427 -8.30 15.04 55.08
CA TYR B 427 -7.81 13.95 54.27
C TYR B 427 -6.45 14.23 53.64
N ILE B 428 -5.87 15.41 53.90
CA ILE B 428 -4.55 15.78 53.38
C ILE B 428 -3.56 16.15 54.47
N GLU B 429 -3.91 15.87 55.71
CA GLU B 429 -3.04 16.23 56.82
C GLU B 429 -1.69 15.57 56.77
N ASN B 430 -1.62 14.36 56.25
CA ASN B 430 -0.37 13.65 56.21
C ASN B 430 0.28 13.58 54.85
N HIS B 431 0.02 14.53 53.95
CA HIS B 431 0.71 14.48 52.67
C HIS B 431 1.40 15.79 52.35
N SER B 432 2.61 15.71 51.86
CA SER B 432 3.29 16.95 51.49
C SER B 432 3.01 17.33 50.08
N LEU B 433 2.82 16.34 49.23
CA LEU B 433 2.60 16.55 47.81
C LEU B 433 3.70 17.43 47.20
N LYS B 434 4.88 17.40 47.81
CA LYS B 434 5.98 18.24 47.39
C LYS B 434 6.41 18.06 45.96
N SER B 435 6.33 16.85 45.44
CA SER B 435 6.78 16.62 44.07
C SER B 435 6.01 17.39 43.01
N LEU B 436 4.79 17.78 43.29
CA LEU B 436 4.05 18.44 42.24
C LEU B 436 4.69 19.73 41.83
N ARG B 437 4.73 19.97 40.54
CA ARG B 437 5.25 21.22 40.04
C ARG B 437 4.23 21.97 39.25
N CYS B 438 3.15 21.31 38.86
CA CYS B 438 2.12 21.97 38.08
C CYS B 438 0.77 21.33 38.28
N LEU B 439 -0.25 22.15 38.51
CA LEU B 439 -1.62 21.72 38.69
C LEU B 439 -2.45 22.25 37.57
N GLY B 440 -3.54 21.59 37.28
CA GLY B 440 -4.45 22.18 36.33
C GLY B 440 -5.77 21.45 36.29
N SER B 441 -6.69 21.99 35.50
CA SER B 441 -8.02 21.44 35.37
C SER B 441 -8.71 21.75 34.07
N VAL B 442 -9.71 20.93 33.79
CA VAL B 442 -10.48 21.06 32.56
C VAL B 442 -11.90 20.52 32.62
N GLY B 443 -12.80 21.09 31.83
CA GLY B 443 -14.14 20.55 31.64
C GLY B 443 -15.29 21.44 32.09
N GLU B 444 -15.02 22.36 32.97
CA GLU B 444 -16.06 23.23 33.46
C GLU B 444 -15.37 24.43 34.08
N PRO B 445 -15.99 25.61 34.09
CA PRO B 445 -15.41 26.76 34.75
C PRO B 445 -15.12 26.47 36.19
N ILE B 446 -14.02 27.00 36.68
CA ILE B 446 -13.66 26.82 38.06
C ILE B 446 -13.96 28.12 38.79
N ALA B 447 -14.76 28.06 39.83
CA ALA B 447 -15.04 29.27 40.59
C ALA B 447 -13.77 29.72 41.26
N ALA B 448 -13.59 31.02 41.45
CA ALA B 448 -12.39 31.48 42.14
C ALA B 448 -12.28 30.83 43.50
N GLU B 449 -13.41 30.62 44.16
CA GLU B 449 -13.38 30.00 45.47
C GLU B 449 -12.69 28.65 45.47
N VAL B 450 -12.91 27.87 44.42
CA VAL B 450 -12.34 26.55 44.33
C VAL B 450 -10.89 26.69 43.96
N TRP B 451 -10.63 27.59 43.03
CA TRP B 451 -9.29 27.83 42.55
C TRP B 451 -8.41 28.16 43.73
N GLU B 452 -8.88 29.05 44.60
CA GLU B 452 -8.11 29.44 45.75
C GLU B 452 -7.87 28.27 46.68
N TRP B 453 -8.87 27.45 46.93
CA TRP B 453 -8.67 26.29 47.79
C TRP B 453 -7.63 25.36 47.22
N TYR B 454 -7.74 25.10 45.95
CA TYR B 454 -6.86 24.18 45.29
C TYR B 454 -5.44 24.72 45.40
N SER B 455 -5.28 26.01 45.10
CA SER B 455 -3.98 26.64 45.16
C SER B 455 -3.38 26.59 46.55
N GLU B 456 -4.16 26.91 47.58
CA GLU B 456 -3.68 26.93 48.95
C GLU B 456 -3.41 25.58 49.59
N LYS B 457 -4.29 24.61 49.41
CA LYS B 457 -4.12 23.37 50.14
C LYS B 457 -3.34 22.30 49.40
N ILE B 458 -3.44 22.27 48.09
CA ILE B 458 -2.75 21.26 47.33
C ILE B 458 -1.50 21.87 46.75
N GLY B 459 -1.63 23.03 46.12
CA GLY B 459 -0.50 23.68 45.47
C GLY B 459 0.39 24.47 46.43
N LYS B 460 -0.04 24.56 47.67
CA LYS B 460 0.62 25.27 48.76
C LYS B 460 1.02 26.69 48.41
N ASN B 461 0.22 27.37 47.61
CA ASN B 461 0.48 28.72 47.14
C ASN B 461 1.76 28.87 46.31
N GLU B 462 2.34 27.77 45.85
CA GLU B 462 3.54 27.83 45.04
C GLU B 462 3.35 27.33 43.63
N ILE B 463 2.55 26.32 43.47
CA ILE B 463 2.38 25.71 42.16
C ILE B 463 1.33 26.42 41.33
N PRO B 464 1.59 26.78 40.08
CA PRO B 464 0.62 27.42 39.21
C PRO B 464 -0.51 26.49 38.89
N ILE B 465 -1.71 27.04 38.74
CA ILE B 465 -2.85 26.25 38.31
C ILE B 465 -3.23 26.63 36.92
N VAL B 466 -3.17 25.68 36.02
CA VAL B 466 -3.51 25.94 34.66
C VAL B 466 -4.95 25.57 34.37
N ASP B 467 -5.77 26.58 34.19
CA ASP B 467 -7.17 26.44 33.83
C ASP B 467 -7.21 26.46 32.32
N THR B 468 -7.42 25.32 31.72
CA THR B 468 -7.35 25.25 30.28
C THR B 468 -8.68 25.05 29.64
N TYR B 469 -8.92 25.78 28.58
CA TYR B 469 -10.15 25.70 27.85
C TYR B 469 -9.99 25.08 26.49
N TRP B 470 -10.76 24.04 26.24
CA TRP B 470 -10.75 23.40 24.95
C TRP B 470 -11.95 22.53 24.72
N GLN B 471 -12.06 22.00 23.53
CA GLN B 471 -13.20 21.22 23.10
C GLN B 471 -12.76 19.98 22.39
N THR B 472 -13.62 18.97 22.31
CA THR B 472 -13.24 17.78 21.57
C THR B 472 -12.78 18.16 20.19
N GLU B 473 -13.53 18.99 19.52
CA GLU B 473 -13.20 19.39 18.18
C GLU B 473 -11.92 20.20 18.03
N SER B 474 -11.40 20.80 19.08
CA SER B 474 -10.18 21.56 18.90
C SER B 474 -9.00 20.64 18.91
N GLY B 475 -9.14 19.58 19.69
CA GLY B 475 -8.14 18.52 19.79
C GLY B 475 -6.95 18.89 20.66
N SER B 476 -6.92 20.11 21.13
CA SER B 476 -5.83 20.65 21.90
C SER B 476 -6.29 21.92 22.57
N HIS B 477 -5.43 22.50 23.36
CA HIS B 477 -5.83 23.69 24.07
C HIS B 477 -6.13 24.86 23.15
N LEU B 478 -7.18 25.61 23.45
CA LEU B 478 -7.50 26.80 22.68
C LEU B 478 -7.05 28.01 23.43
N VAL B 479 -7.44 28.10 24.69
CA VAL B 479 -7.05 29.24 25.50
C VAL B 479 -6.51 28.71 26.81
N THR B 480 -5.31 29.10 27.18
CA THR B 480 -4.79 28.54 28.42
C THR B 480 -3.61 29.30 28.96
N PRO B 481 -3.43 29.33 30.27
CA PRO B 481 -2.24 29.80 30.87
C PRO B 481 -1.16 28.87 30.47
N LEU B 482 0.04 29.38 30.38
CA LEU B 482 1.15 28.52 30.13
C LEU B 482 1.92 28.44 31.43
N ALA B 483 2.45 27.27 31.72
CA ALA B 483 3.19 26.99 32.93
C ALA B 483 4.57 27.60 32.90
N GLY B 484 5.35 27.27 33.92
CA GLY B 484 6.62 27.91 34.03
C GLY B 484 6.28 29.30 34.45
N GLY B 485 7.12 30.25 34.13
CA GLY B 485 6.90 31.61 34.55
C GLY B 485 6.25 32.41 33.44
N VAL B 486 5.71 31.76 32.44
CA VAL B 486 5.28 32.54 31.29
C VAL B 486 4.21 33.55 31.57
N THR B 487 3.15 33.20 32.29
CA THR B 487 2.11 34.21 32.42
C THR B 487 1.59 34.39 33.83
N PRO B 488 1.22 35.61 34.20
CA PRO B 488 0.45 35.92 35.36
C PRO B 488 -0.89 35.27 35.16
N MET B 489 -1.56 34.92 36.25
CA MET B 489 -2.84 34.24 36.17
C MET B 489 -3.94 34.89 36.95
N LYS B 490 -5.14 34.81 36.44
CA LYS B 490 -6.22 35.32 37.23
C LYS B 490 -6.99 34.14 37.77
N PRO B 491 -7.47 34.22 38.96
CA PRO B 491 -8.16 33.01 39.33
C PRO B 491 -9.37 32.93 38.48
N GLY B 492 -9.69 31.78 37.97
CA GLY B 492 -10.90 31.65 37.19
C GLY B 492 -10.92 32.03 35.74
N SER B 493 -9.80 32.40 35.17
CA SER B 493 -9.83 32.73 33.78
C SER B 493 -8.73 32.10 32.98
N ALA B 494 -9.07 31.41 31.90
CA ALA B 494 -8.05 30.96 31.00
C ALA B 494 -7.37 32.24 30.62
N SER B 495 -6.18 32.19 30.06
CA SER B 495 -5.57 33.46 29.76
C SER B 495 -5.55 33.79 28.29
N PHE B 496 -4.52 33.37 27.60
CA PHE B 496 -4.35 33.77 26.24
C PHE B 496 -4.44 32.60 25.29
N PRO B 497 -4.79 32.84 24.05
CA PRO B 497 -4.86 31.84 23.01
C PRO B 497 -3.57 31.07 22.85
N PHE B 498 -3.70 29.79 22.61
CA PHE B 498 -2.57 28.92 22.40
C PHE B 498 -2.02 29.18 21.02
N PHE B 499 -0.73 28.95 20.86
CA PHE B 499 -0.07 29.23 19.61
C PHE B 499 -0.84 28.71 18.42
N GLY B 500 -1.00 29.60 17.46
CA GLY B 500 -1.64 29.29 16.19
C GLY B 500 -3.13 29.54 16.15
N ILE B 501 -3.75 29.86 17.27
CA ILE B 501 -5.17 30.04 17.29
C ILE B 501 -5.60 31.48 17.49
N ASP B 502 -6.09 32.11 16.44
CA ASP B 502 -6.45 33.52 16.51
C ASP B 502 -7.87 33.74 17.04
N ALA B 503 -8.03 33.52 18.34
CA ALA B 503 -9.33 33.65 18.99
C ALA B 503 -9.80 35.09 19.02
N VAL B 504 -11.09 35.27 18.82
CA VAL B 504 -11.73 36.58 18.82
C VAL B 504 -13.10 36.51 19.49
N VAL B 505 -13.51 37.58 20.16
CA VAL B 505 -14.85 37.58 20.70
C VAL B 505 -15.73 38.32 19.71
N LEU B 506 -16.81 37.68 19.30
CA LEU B 506 -17.68 38.26 18.29
C LEU B 506 -18.95 38.83 18.84
N ASP B 507 -19.54 39.77 18.12
CA ASP B 507 -20.84 40.24 18.52
C ASP B 507 -21.71 39.01 18.52
N PRO B 508 -22.43 38.73 19.59
CA PRO B 508 -23.24 37.54 19.72
C PRO B 508 -24.41 37.48 18.79
N ASN B 509 -24.81 38.60 18.23
CA ASN B 509 -25.99 38.56 17.41
C ASN B 509 -25.65 38.61 15.96
N THR B 510 -24.69 39.43 15.60
CA THR B 510 -24.41 39.56 14.19
C THR B 510 -23.12 40.20 13.76
N GLY B 511 -22.72 39.85 12.56
CA GLY B 511 -21.63 40.52 11.87
C GLY B 511 -20.26 40.52 12.51
N GLU B 512 -19.77 41.73 12.67
CA GLU B 512 -18.47 42.12 13.17
C GLU B 512 -18.07 41.66 14.55
N GLU B 513 -16.76 41.56 14.70
CA GLU B 513 -16.20 41.20 15.95
C GLU B 513 -16.20 42.38 16.89
N LEU B 514 -15.75 42.17 18.10
CA LEU B 514 -15.70 43.26 19.02
C LEU B 514 -14.29 43.72 19.29
N ASN B 515 -13.92 44.83 18.65
CA ASN B 515 -12.60 45.41 18.77
C ASN B 515 -12.68 46.50 19.81
N THR B 516 -12.40 46.13 21.04
CA THR B 516 -12.63 47.00 22.17
C THR B 516 -11.94 46.54 23.41
N SER B 517 -11.73 47.47 24.31
CA SER B 517 -11.17 47.17 25.62
C SER B 517 -12.09 46.31 26.48
N HIS B 518 -13.37 46.30 26.17
CA HIS B 518 -14.32 45.49 26.92
C HIS B 518 -15.30 44.81 26.00
N ALA B 519 -15.30 43.49 25.97
CA ALA B 519 -16.20 42.84 25.04
C ALA B 519 -16.93 41.66 25.61
N GLU B 520 -18.19 41.61 25.28
CA GLU B 520 -19.05 40.51 25.63
C GLU B 520 -19.59 39.87 24.38
N GLY B 521 -19.44 38.58 24.24
CA GLY B 521 -19.94 37.98 23.04
C GLY B 521 -19.71 36.50 23.03
N VAL B 522 -19.41 35.97 21.86
CA VAL B 522 -19.18 34.55 21.74
C VAL B 522 -17.77 34.33 21.28
N LEU B 523 -17.23 33.17 21.59
CA LEU B 523 -15.85 32.96 21.20
C LEU B 523 -15.77 32.31 19.82
N ALA B 524 -14.85 32.78 19.01
CA ALA B 524 -14.69 32.20 17.70
C ALA B 524 -13.28 32.27 17.23
N VAL B 525 -12.94 31.46 16.26
CA VAL B 525 -11.58 31.52 15.77
C VAL B 525 -11.50 31.87 14.28
N LYS B 526 -10.66 32.84 13.98
CA LYS B 526 -10.47 33.31 12.63
C LYS B 526 -9.84 32.36 11.60
N ALA B 527 -9.03 31.39 12.01
CA ALA B 527 -8.39 30.50 11.04
C ALA B 527 -8.17 29.13 11.62
N ALA B 528 -7.96 28.17 10.75
CA ALA B 528 -7.74 26.79 11.14
C ALA B 528 -6.36 26.60 11.73
N TRP B 529 -6.19 25.48 12.43
CA TRP B 529 -4.95 25.09 13.08
C TRP B 529 -4.80 23.57 12.90
N PRO B 530 -3.59 23.01 13.06
CA PRO B 530 -3.25 21.61 12.82
C PRO B 530 -4.10 20.54 13.44
N SER B 531 -4.68 20.75 14.61
CA SER B 531 -5.43 19.64 15.15
C SER B 531 -6.89 19.93 15.30
N PHE B 532 -7.41 20.67 14.37
CA PHE B 532 -8.83 20.94 14.32
C PHE B 532 -9.54 19.74 13.75
N ALA B 533 -10.62 19.29 14.38
CA ALA B 533 -11.32 18.14 13.86
C ALA B 533 -11.65 18.37 12.44
N ARG B 534 -11.44 17.35 11.64
CA ARG B 534 -11.62 17.48 10.22
C ARG B 534 -13.04 17.26 9.82
N THR B 535 -13.70 16.34 10.47
CA THR B 535 -15.06 16.08 10.07
C THR B 535 -15.83 15.29 11.10
N ILE B 536 -17.05 14.95 10.75
CA ILE B 536 -17.88 14.05 11.52
C ILE B 536 -18.08 12.84 10.67
N TRP B 537 -17.73 11.69 11.20
CA TRP B 537 -17.77 10.48 10.44
C TRP B 537 -19.09 10.28 9.78
N LYS B 538 -19.02 10.18 8.48
CA LYS B 538 -20.15 9.98 7.59
C LYS B 538 -21.23 11.03 7.67
N ASN B 539 -20.89 12.27 7.97
CA ASN B 539 -21.88 13.30 7.98
C ASN B 539 -21.24 14.66 7.89
N HIS B 540 -20.69 14.99 6.73
CA HIS B 540 -19.98 16.24 6.65
C HIS B 540 -20.94 17.40 6.74
N ASP B 541 -22.17 17.21 6.33
CA ASP B 541 -23.09 18.32 6.40
C ASP B 541 -23.34 18.74 7.84
N ARG B 542 -23.47 17.78 8.76
CA ARG B 542 -23.73 18.17 10.12
C ARG B 542 -22.59 18.99 10.63
N TYR B 543 -21.37 18.58 10.29
CA TYR B 543 -20.17 19.29 10.71
C TYR B 543 -20.22 20.73 10.27
N LEU B 544 -20.49 20.95 9.00
CA LEU B 544 -20.47 22.32 8.53
C LEU B 544 -21.57 23.15 9.16
N ASP B 545 -22.77 22.59 9.25
CA ASP B 545 -23.87 23.37 9.82
C ASP B 545 -23.67 23.70 11.28
N THR B 546 -23.03 22.81 12.00
CA THR B 546 -22.81 22.98 13.41
C THR B 546 -21.73 23.99 13.70
N TYR B 547 -20.60 23.90 13.01
CA TYR B 547 -19.48 24.74 13.38
C TYR B 547 -19.08 25.87 12.46
N LEU B 548 -19.26 25.73 11.16
CA LEU B 548 -18.71 26.76 10.28
C LEU B 548 -19.74 27.64 9.63
N ASN B 549 -20.96 27.16 9.49
CA ASN B 549 -21.96 27.99 8.84
C ASN B 549 -22.55 29.13 9.68
N PRO B 550 -22.74 29.00 11.00
CA PRO B 550 -23.19 30.08 11.87
C PRO B 550 -22.07 31.08 11.83
N TYR B 551 -22.33 32.36 11.99
CA TYR B 551 -21.26 33.35 12.00
C TYR B 551 -20.18 32.97 10.98
N PRO B 552 -20.53 32.82 9.71
CA PRO B 552 -19.69 32.24 8.70
C PRO B 552 -18.44 33.03 8.57
N GLY B 553 -17.35 32.34 8.39
CA GLY B 553 -16.05 32.95 8.26
C GLY B 553 -15.21 32.60 9.47
N TYR B 554 -15.87 32.25 10.56
CA TYR B 554 -15.17 31.91 11.78
C TYR B 554 -15.58 30.57 12.29
N TYR B 555 -14.73 29.93 13.06
CA TYR B 555 -15.14 28.72 13.73
C TYR B 555 -15.92 29.11 14.93
N PHE B 556 -17.14 28.65 15.02
CA PHE B 556 -17.95 29.03 16.15
C PHE B 556 -17.73 28.08 17.28
N THR B 557 -17.22 28.60 18.36
CA THR B 557 -16.88 27.76 19.47
C THR B 557 -18.12 27.15 20.08
N GLY B 558 -19.14 27.96 20.28
CA GLY B 558 -20.37 27.52 20.92
C GLY B 558 -20.45 27.98 22.36
N ASP B 559 -19.34 28.45 22.88
CA ASP B 559 -19.29 28.96 24.24
C ASP B 559 -19.27 30.47 24.23
N GLY B 560 -19.82 31.04 25.29
CA GLY B 560 -19.83 32.46 25.47
C GLY B 560 -18.50 32.88 26.03
N ALA B 561 -18.17 34.14 25.86
CA ALA B 561 -16.91 34.62 26.37
C ALA B 561 -16.90 36.10 26.57
N ALA B 562 -15.94 36.53 27.35
CA ALA B 562 -15.75 37.95 27.50
C ALA B 562 -14.29 38.27 27.49
N LYS B 563 -13.95 39.33 26.82
CA LYS B 563 -12.57 39.72 26.77
C LYS B 563 -12.39 40.88 27.70
N ASP B 564 -11.49 40.67 28.62
CA ASP B 564 -11.22 41.61 29.67
C ASP B 564 -10.21 42.66 29.28
N LYS B 565 -9.97 43.55 30.22
CA LYS B 565 -8.92 44.50 30.08
C LYS B 565 -7.66 43.67 30.10
N ASP B 566 -6.66 44.07 29.35
CA ASP B 566 -5.38 43.39 29.31
C ASP B 566 -5.41 42.02 28.64
N GLY B 567 -6.51 41.67 27.98
CA GLY B 567 -6.56 40.49 27.15
C GLY B 567 -6.90 39.15 27.77
N TYR B 568 -7.33 39.09 29.00
CA TYR B 568 -7.66 37.77 29.51
C TYR B 568 -9.03 37.34 29.00
N ILE B 569 -9.15 36.11 28.56
CA ILE B 569 -10.45 35.64 28.06
C ILE B 569 -11.20 34.82 29.09
N TRP B 570 -12.34 35.31 29.48
CA TRP B 570 -13.18 34.65 30.44
C TRP B 570 -14.16 33.79 29.68
N ILE B 571 -14.49 32.62 30.21
CA ILE B 571 -15.48 31.79 29.56
C ILE B 571 -16.75 31.92 30.35
N LEU B 572 -17.83 32.30 29.68
CA LEU B 572 -19.08 32.60 30.39
C LEU B 572 -20.07 31.45 30.47
N GLY B 573 -19.75 30.32 29.88
CA GLY B 573 -20.63 29.16 29.83
C GLY B 573 -21.15 28.97 28.41
N ARG B 574 -21.82 27.87 28.13
CA ARG B 574 -22.29 27.62 26.79
C ARG B 574 -23.31 28.64 26.36
N VAL B 575 -23.32 28.97 25.08
CA VAL B 575 -24.25 29.96 24.58
C VAL B 575 -25.68 29.49 24.75
N ASP B 576 -25.90 28.23 24.48
CA ASP B 576 -27.22 27.62 24.58
C ASP B 576 -27.86 27.71 25.97
N ASP B 577 -27.07 27.87 27.01
CA ASP B 577 -27.62 27.91 28.36
C ASP B 577 -27.82 29.30 28.89
N VAL B 578 -27.58 30.32 28.07
CA VAL B 578 -27.73 31.67 28.59
C VAL B 578 -29.16 31.93 28.98
N VAL B 579 -29.34 32.48 30.17
CA VAL B 579 -30.67 32.75 30.63
C VAL B 579 -30.98 34.19 30.28
N ASN B 580 -32.03 34.39 29.55
CA ASN B 580 -32.37 35.74 29.14
C ASN B 580 -33.33 36.37 30.11
N VAL B 581 -32.91 37.44 30.74
CA VAL B 581 -33.71 38.15 31.70
C VAL B 581 -33.90 39.53 31.08
N SER B 582 -34.94 40.25 31.46
CA SER B 582 -35.18 41.48 30.76
C SER B 582 -34.01 42.40 30.88
N GLY B 583 -33.44 42.49 32.06
CA GLY B 583 -32.36 43.40 32.24
C GLY B 583 -31.16 43.12 31.38
N HIS B 584 -30.66 41.89 31.40
CA HIS B 584 -29.48 41.53 30.60
C HIS B 584 -29.26 40.02 30.43
N ARG B 585 -28.41 39.65 29.46
CA ARG B 585 -28.06 38.27 29.25
C ARG B 585 -27.48 37.81 30.55
N LEU B 586 -27.63 36.56 30.89
CA LEU B 586 -27.11 36.16 32.15
C LEU B 586 -26.16 35.05 31.96
N SER B 587 -24.99 35.20 32.56
CA SER B 587 -23.93 34.23 32.45
C SER B 587 -24.05 33.24 33.55
N THR B 588 -24.18 31.98 33.17
CA THR B 588 -24.32 30.97 34.19
C THR B 588 -23.01 30.87 34.96
N ALA B 589 -21.88 31.08 34.29
CA ALA B 589 -20.62 31.00 35.02
C ALA B 589 -20.53 32.04 36.12
N GLU B 590 -20.95 33.27 35.83
CA GLU B 590 -20.82 34.30 36.85
C GLU B 590 -21.73 34.07 38.04
N ILE B 591 -22.99 33.75 37.77
CA ILE B 591 -23.86 33.53 38.90
C ILE B 591 -23.46 32.34 39.73
N GLU B 592 -23.00 31.26 39.11
CA GLU B 592 -22.60 30.13 39.91
C GLU B 592 -21.43 30.52 40.80
N ALA B 593 -20.51 31.32 40.27
CA ALA B 593 -19.39 31.74 41.08
C ALA B 593 -19.87 32.52 42.29
N ALA B 594 -20.88 33.35 42.13
CA ALA B 594 -21.37 34.07 43.29
C ALA B 594 -21.98 33.14 44.32
N ILE B 595 -22.76 32.18 43.87
CA ILE B 595 -23.46 31.31 44.81
C ILE B 595 -22.54 30.52 45.68
N ILE B 596 -21.44 29.99 45.14
CA ILE B 596 -20.49 29.18 45.93
C ILE B 596 -19.84 29.94 47.10
N GLU B 597 -19.95 31.25 47.16
CA GLU B 597 -19.40 31.97 48.31
C GLU B 597 -20.30 31.61 49.46
N ASP B 598 -20.05 32.08 50.69
CA ASP B 598 -20.91 31.64 51.81
C ASP B 598 -20.71 30.13 51.98
N PRO B 599 -19.60 29.71 52.57
CA PRO B 599 -19.13 28.34 52.63
C PRO B 599 -19.95 27.43 53.51
N ILE B 600 -21.18 27.25 53.06
CA ILE B 600 -22.17 26.36 53.55
C ILE B 600 -22.57 25.61 52.32
N VAL B 601 -22.32 26.29 51.19
CA VAL B 601 -22.60 25.77 49.86
C VAL B 601 -21.45 24.97 49.38
N ALA B 602 -21.73 23.78 48.93
CA ALA B 602 -20.71 22.92 48.40
C ALA B 602 -20.64 22.97 46.89
N GLU B 603 -21.80 22.91 46.26
CA GLU B 603 -21.88 22.88 44.82
C GLU B 603 -23.11 23.63 44.36
N CYS B 604 -23.11 24.10 43.12
CA CYS B 604 -24.28 24.77 42.61
C CYS B 604 -24.36 24.81 41.10
N ALA B 605 -25.60 24.70 40.60
CA ALA B 605 -25.86 24.88 39.19
C ALA B 605 -27.05 25.81 39.01
N VAL B 606 -26.94 26.71 38.04
CA VAL B 606 -28.01 27.64 37.76
C VAL B 606 -28.66 27.30 36.46
N VAL B 607 -29.97 27.20 36.56
CA VAL B 607 -30.83 26.76 35.51
C VAL B 607 -31.90 27.78 35.15
N GLY B 608 -32.07 28.08 33.87
CA GLY B 608 -33.14 29.00 33.50
C GLY B 608 -34.47 28.31 33.73
N PHE B 609 -35.50 29.02 34.18
CA PHE B 609 -36.75 28.28 34.23
C PHE B 609 -37.97 29.12 33.82
N ASN B 610 -38.85 28.47 33.06
CA ASN B 610 -40.03 29.10 32.49
C ASN B 610 -40.86 29.75 33.58
N ASP B 611 -41.20 31.00 33.38
CA ASP B 611 -41.95 31.77 34.34
C ASP B 611 -42.78 32.80 33.59
N ASP B 612 -43.53 33.61 34.33
CA ASP B 612 -44.38 34.65 33.74
C ASP B 612 -43.62 35.95 33.55
N LEU B 613 -42.34 35.88 33.83
CA LEU B 613 -41.40 36.96 33.71
C LEU B 613 -40.97 37.09 32.28
N THR B 614 -40.52 38.27 31.91
CA THR B 614 -39.91 38.41 30.60
C THR B 614 -38.77 37.42 30.53
N GLY B 615 -38.72 36.63 29.46
CA GLY B 615 -37.71 35.60 29.32
C GLY B 615 -37.91 34.51 30.36
N GLN B 616 -36.89 34.24 31.15
CA GLN B 616 -36.96 33.19 32.16
C GLN B 616 -36.52 33.63 33.54
N ALA B 617 -36.98 32.88 34.52
CA ALA B 617 -36.58 33.06 35.90
C ALA B 617 -35.27 32.40 36.14
N VAL B 618 -34.61 32.80 37.18
CA VAL B 618 -33.41 32.10 37.56
C VAL B 618 -33.71 31.12 38.68
N ALA B 619 -33.31 29.88 38.47
CA ALA B 619 -33.48 28.83 39.47
C ALA B 619 -32.12 28.27 39.80
N ALA B 620 -31.95 27.76 41.00
CA ALA B 620 -30.66 27.20 41.30
C ALA B 620 -30.75 25.96 42.15
N PHE B 621 -29.87 25.05 41.84
CA PHE B 621 -29.75 23.81 42.56
C PHE B 621 -28.53 23.91 43.39
N VAL B 622 -28.73 23.86 44.68
CA VAL B 622 -27.66 24.08 45.60
C VAL B 622 -27.45 22.90 46.50
N VAL B 623 -26.22 22.46 46.60
CA VAL B 623 -25.85 21.35 47.44
C VAL B 623 -25.19 21.90 48.67
N LEU B 624 -25.67 21.52 49.83
CA LEU B 624 -25.03 22.02 51.05
C LEU B 624 -23.96 21.06 51.48
N LYS B 625 -22.92 21.60 52.09
CA LYS B 625 -21.75 20.83 52.50
C LYS B 625 -21.96 19.72 53.51
N ASN B 626 -22.82 19.93 54.49
CA ASN B 626 -23.03 18.92 55.52
C ASN B 626 -24.48 18.52 55.62
N LYS B 627 -24.73 17.21 55.64
CA LYS B 627 -26.10 16.71 55.69
C LYS B 627 -26.80 17.09 57.00
N SER B 628 -26.07 17.07 58.11
CA SER B 628 -26.67 17.37 59.40
C SER B 628 -27.26 18.76 59.41
N ASN B 629 -26.57 19.73 58.82
CA ASN B 629 -27.14 21.07 58.74
C ASN B 629 -28.33 21.03 57.80
N TRP B 630 -28.22 20.28 56.72
CA TRP B 630 -29.29 20.16 55.74
C TRP B 630 -30.54 19.50 56.28
N SER B 631 -30.37 18.46 57.09
CA SER B 631 -31.53 17.79 57.65
C SER B 631 -31.83 18.33 59.03
N THR B 632 -32.83 19.19 59.08
CA THR B 632 -33.27 19.91 60.27
C THR B 632 -34.69 20.40 60.06
N ALA B 633 -35.28 21.04 61.06
CA ALA B 633 -36.64 21.53 60.87
C ALA B 633 -36.51 22.60 59.81
N THR B 634 -37.19 22.38 58.70
CA THR B 634 -37.09 23.24 57.52
C THR B 634 -37.54 24.66 57.73
N ASP B 635 -38.65 24.84 58.43
CA ASP B 635 -39.11 26.19 58.65
C ASP B 635 -38.08 26.95 59.46
N ASP B 636 -37.47 26.23 60.39
CA ASP B 636 -36.56 26.77 61.36
C ASP B 636 -35.35 27.36 60.69
N GLU B 637 -34.68 26.57 59.83
CA GLU B 637 -33.41 27.01 59.28
C GLU B 637 -33.25 26.99 57.77
N LEU B 638 -33.90 26.07 57.05
CA LEU B 638 -33.53 26.04 55.62
C LEU B 638 -33.99 27.33 54.99
N GLN B 639 -35.04 27.92 55.54
CA GLN B 639 -35.56 29.17 55.08
C GLN B 639 -34.51 30.29 55.14
N ASP B 640 -33.56 30.23 56.08
CA ASP B 640 -32.61 31.30 56.18
C ASP B 640 -31.50 31.00 55.24
N ILE B 641 -31.25 29.74 55.02
CA ILE B 641 -30.23 29.43 54.07
C ILE B 641 -30.65 30.00 52.76
N LYS B 642 -31.91 29.83 52.40
CA LYS B 642 -32.36 30.39 51.16
C LYS B 642 -32.24 31.91 51.15
N LYS B 643 -32.57 32.59 52.25
CA LYS B 643 -32.43 34.05 52.29
C LYS B 643 -31.00 34.48 52.06
N HIS B 644 -30.07 33.77 52.67
CA HIS B 644 -28.68 34.15 52.53
C HIS B 644 -28.20 33.96 51.12
N LEU B 645 -28.59 32.85 50.50
CA LEU B 645 -28.13 32.57 49.16
C LEU B 645 -28.62 33.62 48.18
N VAL B 646 -29.88 34.03 48.31
CA VAL B 646 -30.40 35.01 47.38
C VAL B 646 -29.82 36.37 47.67
N PHE B 647 -29.60 36.68 48.94
CA PHE B 647 -29.03 37.94 49.34
C PHE B 647 -27.69 38.18 48.69
N THR B 648 -26.80 37.20 48.79
CA THR B 648 -25.50 37.34 48.18
C THR B 648 -25.57 37.56 46.70
N VAL B 649 -26.37 36.79 46.00
CA VAL B 649 -26.35 37.04 44.58
C VAL B 649 -26.88 38.42 44.29
N ARG B 650 -27.97 38.79 44.96
CA ARG B 650 -28.57 40.07 44.74
C ARG B 650 -27.61 41.23 44.94
N LYS B 651 -26.77 41.17 45.97
CA LYS B 651 -25.85 42.29 46.17
C LYS B 651 -24.63 42.27 45.28
N ASP B 652 -24.08 41.09 44.98
CA ASP B 652 -22.86 41.05 44.18
C ASP B 652 -23.07 41.03 42.67
N ILE B 653 -24.13 40.39 42.19
CA ILE B 653 -24.35 40.30 40.77
C ILE B 653 -25.44 41.26 40.36
N GLY B 654 -26.53 41.26 41.11
CA GLY B 654 -27.67 42.10 40.84
C GLY B 654 -28.99 41.34 40.90
N PRO B 655 -30.05 42.13 41.03
CA PRO B 655 -31.47 41.83 41.18
C PRO B 655 -31.98 41.01 40.06
N PHE B 656 -31.61 41.28 38.82
CA PHE B 656 -32.14 40.41 37.80
C PHE B 656 -31.63 39.00 37.97
N ALA B 657 -30.35 38.83 38.29
CA ALA B 657 -29.76 37.51 38.45
C ALA B 657 -30.25 36.71 39.65
N ALA B 658 -30.33 37.37 40.79
CA ALA B 658 -30.74 36.75 42.02
C ALA B 658 -31.79 35.67 41.71
N PRO B 659 -31.61 34.46 42.23
CA PRO B 659 -32.52 33.34 42.01
C PRO B 659 -33.81 33.52 42.73
N LYS B 660 -34.84 32.90 42.18
CA LYS B 660 -36.13 32.84 42.83
C LYS B 660 -36.38 31.46 43.37
N LEU B 661 -36.03 30.45 42.60
CA LEU B 661 -36.28 29.10 43.08
C LEU B 661 -34.99 28.52 43.58
N ILE B 662 -34.90 28.33 44.90
CA ILE B 662 -33.71 27.70 45.43
C ILE B 662 -34.07 26.32 45.89
N ILE B 663 -33.45 25.35 45.27
CA ILE B 663 -33.76 23.98 45.54
C ILE B 663 -32.54 23.42 46.24
N LEU B 664 -32.70 22.95 47.46
CA LEU B 664 -31.57 22.44 48.20
C LEU B 664 -31.56 20.94 48.05
N VAL B 665 -30.51 20.42 47.48
CA VAL B 665 -30.43 19.01 47.13
C VAL B 665 -29.22 18.33 47.72
N ASP B 666 -29.23 17.00 47.70
CA ASP B 666 -28.10 16.24 48.20
C ASP B 666 -26.95 16.17 47.20
N ASP B 667 -27.25 16.22 45.91
CA ASP B 667 -26.22 16.20 44.88
C ASP B 667 -26.75 16.70 43.53
N LEU B 668 -25.84 16.84 42.57
CA LEU B 668 -26.16 17.21 41.20
C LEU B 668 -25.74 16.08 40.26
N PRO B 669 -26.43 15.87 39.15
CA PRO B 669 -26.08 14.87 38.18
C PRO B 669 -24.79 15.28 37.54
N LYS B 670 -23.89 14.34 37.39
CA LYS B 670 -22.59 14.64 36.79
C LYS B 670 -22.27 13.66 35.69
N THR B 671 -21.52 14.12 34.71
CA THR B 671 -21.15 13.24 33.62
C THR B 671 -19.83 12.55 33.82
N ARG B 672 -19.65 11.49 33.03
CA ARG B 672 -18.37 10.79 33.00
C ARG B 672 -17.27 11.72 32.52
N SER B 673 -17.64 12.64 31.64
CA SER B 673 -16.77 13.64 31.05
C SER B 673 -16.42 14.77 31.99
N GLY B 674 -16.99 14.81 33.18
CA GLY B 674 -16.61 15.87 34.10
C GLY B 674 -17.45 17.12 34.19
N LYS B 675 -18.73 17.07 33.86
CA LYS B 675 -19.57 18.26 33.87
C LYS B 675 -20.87 18.10 34.58
N ILE B 676 -21.40 19.17 35.16
CA ILE B 676 -22.75 19.02 35.71
C ILE B 676 -23.68 18.91 34.54
N MET B 677 -24.54 17.90 34.55
CA MET B 677 -25.42 17.73 33.42
C MET B 677 -26.64 18.62 33.54
N ARG B 678 -26.41 19.90 33.27
CA ARG B 678 -27.41 20.93 33.45
C ARG B 678 -28.63 20.68 32.60
N ARG B 679 -28.48 20.06 31.45
CA ARG B 679 -29.65 19.80 30.65
C ARG B 679 -30.68 18.98 31.41
N ILE B 680 -30.24 18.03 32.22
CA ILE B 680 -31.21 17.24 32.96
C ILE B 680 -31.91 18.10 33.92
N LEU B 681 -31.15 18.90 34.62
CA LEU B 681 -31.78 19.72 35.62
C LEU B 681 -32.79 20.63 34.97
N ARG B 682 -32.46 21.16 33.81
CA ARG B 682 -33.38 22.04 33.13
C ARG B 682 -34.66 21.34 32.78
N LYS B 683 -34.58 20.13 32.26
CA LYS B 683 -35.79 19.43 31.89
C LYS B 683 -36.62 19.07 33.10
N ILE B 684 -35.98 18.62 34.18
CA ILE B 684 -36.76 18.23 35.32
C ILE B 684 -37.45 19.44 35.86
N LEU B 685 -36.72 20.52 35.98
CA LEU B 685 -37.27 21.73 36.53
C LEU B 685 -38.43 22.23 35.71
N ALA B 686 -38.30 22.19 34.39
CA ALA B 686 -39.36 22.64 33.49
C ALA B 686 -40.63 21.85 33.70
N GLY B 687 -40.50 20.57 34.01
CA GLY B 687 -41.65 19.70 34.25
C GLY B 687 -41.58 18.44 33.40
N GLU B 688 -40.83 18.49 32.32
CA GLU B 688 -40.67 17.34 31.43
C GLU B 688 -39.56 16.45 31.96
N SER B 689 -39.80 15.87 33.14
CA SER B 689 -38.82 15.07 33.86
C SER B 689 -38.66 13.66 33.35
N ASP B 690 -39.55 13.23 32.48
CA ASP B 690 -39.50 11.91 31.91
C ASP B 690 -38.51 11.83 30.77
N GLN B 691 -38.63 12.74 29.84
CA GLN B 691 -37.80 12.63 28.67
C GLN B 691 -36.39 13.14 28.83
N LEU B 692 -35.62 12.41 29.61
CA LEU B 692 -34.24 12.74 29.92
C LEU B 692 -33.25 11.96 29.07
N GLY B 693 -33.75 11.04 28.28
CA GLY B 693 -32.89 10.18 27.49
C GLY B 693 -32.27 9.16 28.41
N ASP B 694 -31.15 8.59 27.98
CA ASP B 694 -30.55 7.52 28.76
C ASP B 694 -29.78 8.12 29.93
N VAL B 695 -30.15 7.73 31.12
CA VAL B 695 -29.51 8.24 32.31
C VAL B 695 -28.05 7.82 32.33
N SER B 696 -27.71 6.71 31.68
CA SER B 696 -26.35 6.19 31.73
C SER B 696 -25.38 6.95 30.84
N THR B 697 -25.21 8.20 31.18
CA THR B 697 -24.29 9.12 30.62
C THR B 697 -23.62 9.72 31.82
N LEU B 698 -24.33 9.54 32.95
CA LEU B 698 -23.95 10.07 34.22
C LEU B 698 -23.03 9.14 34.95
N SER B 699 -22.20 9.72 35.80
CA SER B 699 -21.31 8.99 36.69
C SER B 699 -22.02 8.57 37.96
N ASN B 700 -23.19 9.14 38.21
CA ASN B 700 -23.99 8.88 39.39
C ASN B 700 -25.45 8.52 39.15
N PRO B 701 -25.76 7.70 38.15
CA PRO B 701 -27.11 7.39 37.78
C PRO B 701 -27.76 6.81 38.98
N GLY B 702 -29.00 7.19 39.17
CA GLY B 702 -29.76 6.80 40.32
C GLY B 702 -30.19 8.10 40.95
N ILE B 703 -29.30 9.09 40.86
CA ILE B 703 -29.53 10.43 41.41
C ILE B 703 -30.81 11.05 40.95
N VAL B 704 -31.23 10.75 39.73
CA VAL B 704 -32.43 11.33 39.20
C VAL B 704 -33.61 11.09 40.10
N ARG B 705 -33.68 9.95 40.76
CA ARG B 705 -34.81 9.69 41.61
C ARG B 705 -35.01 10.83 42.61
N HIS B 706 -33.92 11.31 43.19
CA HIS B 706 -34.03 12.35 44.19
C HIS B 706 -34.25 13.68 43.56
N LEU B 707 -33.62 13.90 42.42
CA LEU B 707 -33.73 15.21 41.83
C LEU B 707 -35.17 15.48 41.53
N ILE B 708 -35.89 14.47 41.07
CA ILE B 708 -37.28 14.69 40.76
C ILE B 708 -38.05 15.03 42.01
N ASP B 709 -37.87 14.26 43.08
CA ASP B 709 -38.62 14.60 44.27
C ASP B 709 -38.31 16.00 44.80
N SER B 710 -37.05 16.40 44.77
CA SER B 710 -36.67 17.70 45.30
C SER B 710 -37.29 18.83 44.53
N VAL B 711 -37.30 18.71 43.22
CA VAL B 711 -37.89 19.74 42.37
C VAL B 711 -39.37 19.86 42.60
N LYS B 712 -40.07 18.72 42.61
CA LYS B 712 -41.50 18.77 42.81
C LYS B 712 -41.85 19.49 44.10
N LEU B 713 -41.13 19.16 45.16
CA LEU B 713 -41.35 19.76 46.45
C LEU B 713 -40.11 20.48 46.93
N HIS C 38 -66.33 20.54 26.93
CA HIS C 38 -66.73 20.69 25.59
C HIS C 38 -67.35 19.41 25.07
N GLU C 39 -66.81 18.90 23.98
CA GLU C 39 -67.30 17.67 23.43
C GLU C 39 -66.25 16.78 23.97
N TYR C 40 -66.55 16.23 25.12
CA TYR C 40 -65.64 15.41 25.87
C TYR C 40 -64.71 16.23 26.73
N GLU C 41 -65.05 17.50 26.98
CA GLU C 41 -64.21 18.29 27.84
C GLU C 41 -64.05 17.66 29.19
N HIS C 42 -65.09 17.03 29.73
CA HIS C 42 -64.91 16.41 31.02
C HIS C 42 -63.89 15.28 30.92
N LEU C 43 -64.15 14.34 30.02
CA LEU C 43 -63.29 13.19 29.84
C LEU C 43 -61.83 13.50 29.64
N THR C 44 -61.53 14.49 28.83
CA THR C 44 -60.15 14.74 28.48
C THR C 44 -59.46 15.77 29.35
N SER C 45 -60.15 16.35 30.31
CA SER C 45 -59.54 17.42 31.09
C SER C 45 -58.78 16.85 32.27
N VAL C 46 -57.62 16.32 31.97
CA VAL C 46 -56.85 15.66 32.98
C VAL C 46 -55.41 16.14 32.98
N LYS C 47 -54.73 15.87 34.09
CA LYS C 47 -53.32 16.15 34.25
C LYS C 47 -52.48 15.06 33.64
N ILE C 48 -51.35 15.46 33.08
CA ILE C 48 -50.40 14.51 32.56
C ILE C 48 -49.48 14.01 33.63
N VAL C 49 -49.36 12.70 33.72
CA VAL C 49 -48.51 12.10 34.71
C VAL C 49 -47.24 11.60 34.03
N PRO C 50 -46.06 12.12 34.37
CA PRO C 50 -44.79 11.74 33.80
C PRO C 50 -44.41 10.42 34.37
N GLN C 51 -43.53 9.66 33.74
CA GLN C 51 -43.14 8.40 34.33
C GLN C 51 -41.86 8.63 35.10
N ARG C 52 -41.76 8.00 36.25
CA ARG C 52 -40.65 8.11 37.15
C ARG C 52 -39.73 6.95 36.82
N PRO C 53 -38.42 7.10 36.98
CA PRO C 53 -37.48 6.04 36.75
C PRO C 53 -37.64 4.99 37.79
N ILE C 54 -37.39 3.76 37.41
CA ILE C 54 -37.41 2.66 38.33
C ILE C 54 -36.07 2.01 38.36
N SER C 55 -35.48 1.90 39.54
CA SER C 55 -34.20 1.24 39.64
C SER C 55 -34.26 0.39 40.86
N ASP C 56 -35.13 0.83 41.71
CA ASP C 56 -35.30 0.27 43.02
C ASP C 56 -36.27 -0.87 43.09
N ARG C 57 -36.72 -1.28 41.93
CA ARG C 57 -37.57 -2.43 41.79
C ARG C 57 -36.90 -3.44 40.90
N LEU C 58 -35.63 -3.23 40.57
CA LEU C 58 -35.00 -4.19 39.71
C LEU C 58 -34.54 -5.35 40.55
N GLN C 59 -34.56 -6.53 39.96
CA GLN C 59 -34.05 -7.69 40.63
C GLN C 59 -32.59 -7.80 40.26
N PRO C 60 -31.75 -8.43 41.09
CA PRO C 60 -30.33 -8.63 40.87
C PRO C 60 -29.99 -9.13 39.48
N ALA C 61 -30.86 -9.95 38.91
CA ALA C 61 -30.69 -10.50 37.57
C ALA C 61 -30.42 -9.45 36.50
N ILE C 62 -31.08 -8.30 36.62
CA ILE C 62 -30.92 -7.25 35.63
C ILE C 62 -30.42 -5.99 36.25
N ALA C 63 -30.27 -5.99 37.56
CA ALA C 63 -29.84 -4.79 38.22
C ALA C 63 -28.53 -4.27 37.68
N THR C 64 -27.65 -5.16 37.21
CA THR C 64 -26.37 -4.71 36.73
C THR C 64 -26.33 -4.27 35.29
N HIS C 65 -27.35 -4.54 34.50
CA HIS C 65 -27.28 -4.16 33.10
C HIS C 65 -28.55 -3.55 32.52
N TYR C 66 -29.60 -3.43 33.31
CA TYR C 66 -30.85 -2.89 32.83
C TYR C 66 -30.74 -1.54 32.20
N SER C 67 -31.36 -1.44 31.05
CA SER C 67 -31.48 -0.22 30.31
C SER C 67 -32.69 -0.39 29.41
N PRO C 68 -33.55 0.60 29.27
CA PRO C 68 -34.76 0.54 28.47
C PRO C 68 -34.42 0.40 27.03
N HIS C 69 -35.32 -0.20 26.25
CA HIS C 69 -35.05 -0.35 24.82
C HIS C 69 -35.20 0.97 24.06
N LEU C 70 -36.08 1.86 24.51
CA LEU C 70 -36.26 3.17 23.93
C LEU C 70 -35.88 4.16 25.00
N ASP C 71 -35.03 5.12 24.67
CA ASP C 71 -34.52 6.06 25.65
C ASP C 71 -35.47 7.20 26.02
N GLY C 72 -36.38 7.56 25.14
CA GLY C 72 -37.29 8.66 25.44
C GLY C 72 -38.28 8.91 24.33
N LEU C 73 -39.15 9.89 24.56
CA LEU C 73 -40.20 10.23 23.63
C LEU C 73 -39.62 10.67 22.32
N GLN C 74 -38.49 11.36 22.36
CA GLN C 74 -37.90 11.84 21.14
C GLN C 74 -37.41 10.70 20.25
N ASP C 75 -37.14 9.51 20.80
CA ASP C 75 -36.70 8.44 19.97
C ASP C 75 -37.91 7.77 19.44
N TYR C 76 -38.94 7.71 20.25
CA TYR C 76 -40.18 7.19 19.76
C TYR C 76 -40.58 7.99 18.57
N GLN C 77 -40.57 9.30 18.70
CA GLN C 77 -41.02 10.12 17.62
C GLN C 77 -40.21 9.95 16.36
N ARG C 78 -38.89 9.88 16.43
CA ARG C 78 -38.18 9.76 15.18
C ARG C 78 -38.30 8.36 14.62
N LEU C 79 -38.34 7.36 15.49
CA LEU C 79 -38.40 5.99 15.02
C LEU C 79 -39.75 5.73 14.40
N HIS C 80 -40.80 6.26 15.00
CA HIS C 80 -42.13 6.11 14.49
C HIS C 80 -42.16 6.72 13.12
N LYS C 81 -41.65 7.93 13.00
CA LYS C 81 -41.62 8.53 11.69
C LYS C 81 -41.02 7.59 10.67
N GLU C 82 -39.85 7.00 10.96
CA GLU C 82 -39.21 6.11 10.00
C GLU C 82 -40.07 4.90 9.70
N SER C 83 -40.71 4.35 10.71
CA SER C 83 -41.55 3.18 10.54
C SER C 83 -42.68 3.44 9.56
N ILE C 84 -43.25 4.64 9.60
CA ILE C 84 -44.32 4.96 8.69
C ILE C 84 -43.78 5.29 7.31
N GLU C 85 -42.77 6.15 7.24
CA GLU C 85 -42.24 6.58 5.95
C GLU C 85 -41.55 5.48 5.14
N ASP C 86 -40.83 4.56 5.78
CA ASP C 86 -40.16 3.52 4.99
C ASP C 86 -40.04 2.20 5.75
N PRO C 87 -41.14 1.42 5.80
CA PRO C 87 -41.28 0.15 6.52
C PRO C 87 -40.28 -0.87 6.05
N ALA C 88 -39.83 -0.68 4.82
CA ALA C 88 -38.87 -1.54 4.17
C ALA C 88 -37.62 -1.66 4.98
N LYS C 89 -37.23 -0.63 5.68
CA LYS C 89 -36.04 -0.72 6.45
C LYS C 89 -36.40 -0.99 7.89
N PHE C 90 -37.39 -0.30 8.41
CA PHE C 90 -37.72 -0.52 9.82
C PHE C 90 -38.06 -1.97 10.13
N PHE C 91 -39.04 -2.52 9.42
CA PHE C 91 -39.45 -3.88 9.68
C PHE C 91 -38.49 -4.79 9.02
N GLY C 92 -38.05 -4.40 7.84
CA GLY C 92 -37.12 -5.24 7.12
C GLY C 92 -35.99 -5.73 8.02
N SER C 93 -35.35 -4.82 8.74
CA SER C 93 -34.28 -5.22 9.62
C SER C 93 -34.74 -5.95 10.86
N LYS C 94 -35.76 -5.47 11.56
CA LYS C 94 -36.15 -6.13 12.79
C LYS C 94 -36.59 -7.56 12.50
N ALA C 95 -37.16 -7.77 11.34
CA ALA C 95 -37.61 -9.07 10.94
C ALA C 95 -36.50 -10.09 10.90
N THR C 96 -35.26 -9.70 10.60
CA THR C 96 -34.22 -10.70 10.53
C THR C 96 -33.40 -10.68 11.78
N GLN C 97 -33.46 -9.59 12.51
CA GLN C 97 -32.70 -9.51 13.73
C GLN C 97 -33.35 -10.25 14.87
N PHE C 98 -34.68 -10.37 14.87
CA PHE C 98 -35.29 -11.06 15.98
C PHE C 98 -35.93 -12.41 15.66
N LEU C 99 -36.08 -12.76 14.41
CA LEU C 99 -36.68 -14.04 14.03
C LEU C 99 -35.64 -14.87 13.35
N ASN C 100 -35.66 -16.14 13.61
CA ASN C 100 -34.70 -17.02 12.99
C ASN C 100 -35.32 -17.71 11.79
N TRP C 101 -34.92 -17.26 10.60
CA TRP C 101 -35.47 -17.71 9.32
C TRP C 101 -34.81 -18.97 8.81
N SER C 102 -35.58 -19.85 8.18
CA SER C 102 -35.02 -21.05 7.56
C SER C 102 -34.56 -20.69 6.18
N LYS C 103 -35.26 -19.75 5.60
CA LYS C 103 -34.97 -19.25 4.29
C LYS C 103 -35.21 -17.75 4.35
N PRO C 104 -34.28 -16.93 3.90
CA PRO C 104 -34.41 -15.49 3.93
C PRO C 104 -35.49 -15.06 2.99
N PHE C 105 -36.11 -13.93 3.28
CA PHE C 105 -37.13 -13.38 2.42
C PHE C 105 -36.55 -12.39 1.45
N ASP C 106 -37.28 -12.17 0.37
CA ASP C 106 -36.85 -11.21 -0.64
C ASP C 106 -37.50 -9.85 -0.48
N LYS C 107 -38.77 -9.83 -0.12
CA LYS C 107 -39.44 -8.54 -0.07
C LYS C 107 -40.15 -8.26 1.22
N VAL C 108 -39.91 -7.10 1.74
CA VAL C 108 -40.54 -6.81 2.98
C VAL C 108 -42.03 -6.73 2.79
N PHE C 109 -42.52 -6.04 1.77
CA PHE C 109 -43.98 -6.00 1.61
C PHE C 109 -44.44 -5.71 0.20
N ILE C 110 -45.72 -5.96 -0.05
CA ILE C 110 -46.32 -5.60 -1.33
C ILE C 110 -46.90 -4.19 -1.26
N PRO C 111 -46.40 -3.25 -2.04
CA PRO C 111 -46.81 -1.86 -2.02
C PRO C 111 -48.11 -1.64 -2.71
N ASP C 112 -48.75 -0.56 -2.31
CA ASP C 112 -49.94 -0.05 -2.93
C ASP C 112 -49.55 0.74 -4.19
N SER C 113 -50.15 0.42 -5.32
CA SER C 113 -49.80 1.09 -6.58
C SER C 113 -49.80 2.62 -6.49
N LYS C 114 -50.67 3.19 -5.67
CA LYS C 114 -50.78 4.65 -5.59
C LYS C 114 -49.82 5.30 -4.59
N THR C 115 -49.13 4.51 -3.77
CA THR C 115 -48.27 5.06 -2.72
C THR C 115 -47.26 4.02 -2.23
N GLY C 116 -46.18 4.46 -1.63
CA GLY C 116 -45.19 3.49 -1.17
C GLY C 116 -45.59 2.70 0.07
N ARG C 117 -46.74 2.99 0.64
CA ARG C 117 -47.17 2.30 1.83
C ARG C 117 -47.77 0.93 1.50
N PRO C 118 -47.76 -0.01 2.43
CA PRO C 118 -48.36 -1.33 2.33
C PRO C 118 -49.83 -1.32 2.01
N SER C 119 -50.19 -2.19 1.08
CA SER C 119 -51.57 -2.39 0.61
C SER C 119 -52.45 -3.13 1.60
N PHE C 120 -53.71 -2.70 1.75
CA PHE C 120 -54.63 -3.45 2.60
C PHE C 120 -55.22 -4.65 1.91
N GLN C 121 -55.54 -4.51 0.66
CA GLN C 121 -56.19 -5.55 -0.10
C GLN C 121 -55.26 -6.69 -0.43
N ASN C 122 -53.98 -6.40 -0.60
CA ASN C 122 -53.01 -7.41 -0.94
C ASN C 122 -51.89 -7.37 0.05
N ASN C 123 -52.25 -7.28 1.31
CA ASN C 123 -51.29 -7.25 2.39
C ASN C 123 -50.53 -8.55 2.51
N ALA C 124 -49.22 -8.48 2.43
CA ALA C 124 -48.36 -9.63 2.60
C ALA C 124 -46.99 -9.11 2.94
N TRP C 125 -46.28 -9.84 3.79
CA TRP C 125 -44.97 -9.44 4.26
C TRP C 125 -43.94 -10.55 4.24
N PHE C 126 -42.68 -10.16 4.12
CA PHE C 126 -41.56 -11.10 4.17
C PHE C 126 -41.76 -12.19 3.14
N LEU C 127 -42.03 -11.75 1.95
CA LEU C 127 -42.32 -12.64 0.87
C LEU C 127 -41.16 -13.52 0.52
N ASN C 128 -41.51 -14.75 0.28
CA ASN C 128 -40.70 -15.86 -0.14
C ASN C 128 -39.74 -16.40 0.90
N GLY C 129 -39.85 -15.96 2.15
CA GLY C 129 -39.02 -16.55 3.19
C GLY C 129 -39.76 -17.69 3.84
N GLN C 130 -39.09 -18.40 4.74
CA GLN C 130 -39.69 -19.51 5.48
C GLN C 130 -39.30 -19.44 6.93
N LEU C 131 -40.25 -19.72 7.80
CA LEU C 131 -40.09 -19.54 9.21
C LEU C 131 -40.96 -20.45 10.04
N ASN C 132 -40.38 -21.22 10.92
CA ASN C 132 -41.20 -22.08 11.75
C ASN C 132 -41.42 -21.46 13.13
N ALA C 133 -42.69 -21.18 13.45
CA ALA C 133 -43.00 -20.52 14.71
C ALA C 133 -42.55 -21.29 15.93
N CYS C 134 -42.62 -22.62 15.90
CA CYS C 134 -42.25 -23.42 17.05
C CYS C 134 -40.78 -23.34 17.26
N TYR C 135 -40.03 -23.32 16.16
CA TYR C 135 -38.60 -23.24 16.27
C TYR C 135 -38.25 -21.99 17.05
N ASN C 136 -38.81 -20.88 16.62
CA ASN C 136 -38.51 -19.62 17.26
C ASN C 136 -38.99 -19.53 18.70
N CYS C 137 -40.13 -20.17 19.00
CA CYS C 137 -40.68 -20.15 20.35
C CYS C 137 -40.00 -21.08 21.33
N VAL C 138 -39.60 -22.26 20.89
CA VAL C 138 -39.01 -23.18 21.84
C VAL C 138 -37.58 -23.51 21.51
N ASP C 139 -37.34 -24.13 20.36
CA ASP C 139 -36.02 -24.71 20.13
C ASP C 139 -34.92 -23.69 20.18
N ARG C 140 -35.22 -22.53 19.67
CA ARG C 140 -34.26 -21.47 19.65
C ARG C 140 -33.72 -21.16 21.04
N HIS C 141 -34.52 -21.31 22.07
CA HIS C 141 -34.09 -21.01 23.40
C HIS C 141 -33.67 -22.27 24.12
N ALA C 142 -34.41 -23.33 23.94
CA ALA C 142 -34.12 -24.57 24.63
C ALA C 142 -32.74 -25.09 24.29
N LEU C 143 -32.30 -24.85 23.08
CA LEU C 143 -31.00 -25.33 22.68
C LEU C 143 -29.87 -24.42 23.08
N LYS C 144 -30.17 -23.28 23.71
CA LYS C 144 -29.13 -22.36 24.14
C LYS C 144 -29.10 -22.16 25.65
N THR C 145 -30.27 -22.03 26.25
CA THR C 145 -30.46 -21.77 27.68
C THR C 145 -31.38 -22.83 28.25
N PRO C 146 -31.02 -24.10 28.22
CA PRO C 146 -31.86 -25.23 28.57
C PRO C 146 -32.39 -25.25 29.99
N ASN C 147 -31.76 -24.55 30.91
CA ASN C 147 -32.24 -24.65 32.27
C ASN C 147 -32.66 -23.29 32.76
N LYS C 148 -33.69 -22.81 32.10
CA LYS C 148 -34.32 -21.55 32.35
C LYS C 148 -35.81 -21.78 32.32
N LYS C 149 -36.52 -21.23 33.30
CA LYS C 149 -37.95 -21.43 33.35
C LYS C 149 -38.65 -20.86 32.13
N ALA C 150 -39.49 -21.67 31.52
CA ALA C 150 -40.27 -21.24 30.39
C ALA C 150 -41.67 -20.95 30.82
N ILE C 151 -42.21 -21.87 31.60
CA ILE C 151 -43.58 -21.80 32.07
C ILE C 151 -43.63 -22.00 33.56
N ILE C 152 -44.31 -21.12 34.23
CA ILE C 152 -44.52 -21.25 35.64
C ILE C 152 -45.98 -21.51 35.78
N PHE C 153 -46.37 -22.63 36.35
CA PHE C 153 -47.78 -22.93 36.41
C PHE C 153 -48.36 -23.05 37.78
N GLU C 154 -49.48 -22.38 37.96
CA GLU C 154 -50.20 -22.47 39.20
C GLU C 154 -51.63 -22.87 38.94
N GLY C 155 -52.06 -23.88 39.68
CA GLY C 155 -53.39 -24.44 39.49
C GLY C 155 -54.48 -23.72 40.23
N ASP C 156 -55.69 -24.27 40.12
CA ASP C 156 -56.86 -23.68 40.74
C ASP C 156 -56.74 -23.77 42.24
N GLU C 157 -56.24 -24.90 42.72
CA GLU C 157 -56.05 -25.10 44.13
C GLU C 157 -54.65 -24.62 44.49
N PRO C 158 -54.47 -23.68 45.44
CA PRO C 158 -53.20 -23.06 45.83
C PRO C 158 -52.03 -23.98 46.12
N GLY C 159 -52.27 -25.19 46.60
CA GLY C 159 -51.13 -26.05 46.90
C GLY C 159 -50.47 -26.70 45.68
N GLN C 160 -51.04 -26.55 44.50
CA GLN C 160 -50.46 -27.22 43.35
C GLN C 160 -49.92 -26.28 42.30
N GLY C 161 -48.78 -26.68 41.73
CA GLY C 161 -48.12 -25.95 40.68
C GLY C 161 -46.72 -26.49 40.51
N TYR C 162 -46.06 -26.05 39.45
CA TYR C 162 -44.70 -26.49 39.12
C TYR C 162 -44.12 -25.64 38.01
N SER C 163 -42.84 -25.78 37.76
CA SER C 163 -42.24 -25.09 36.64
C SER C 163 -41.80 -26.05 35.55
N ILE C 164 -41.73 -25.53 34.34
CA ILE C 164 -41.22 -26.24 33.17
C ILE C 164 -40.11 -25.44 32.55
N THR C 165 -38.95 -26.05 32.35
CA THR C 165 -37.84 -25.33 31.73
C THR C 165 -37.90 -25.42 30.23
N TYR C 166 -37.11 -24.61 29.55
CA TYR C 166 -37.11 -24.70 28.11
C TYR C 166 -36.68 -26.07 27.62
N LYS C 167 -35.70 -26.70 28.24
CA LYS C 167 -35.34 -28.04 27.78
C LYS C 167 -36.52 -28.97 27.88
N GLU C 168 -37.21 -28.94 29.01
CA GLU C 168 -38.32 -29.83 29.22
C GLU C 168 -39.43 -29.57 28.24
N LEU C 169 -39.64 -28.30 27.91
CA LEU C 169 -40.67 -27.94 26.96
C LEU C 169 -40.35 -28.54 25.63
N LEU C 170 -39.10 -28.44 25.19
CA LEU C 170 -38.73 -29.04 23.91
C LEU C 170 -39.13 -30.48 23.85
N GLU C 171 -38.80 -31.24 24.88
CA GLU C 171 -39.11 -32.65 24.83
C GLU C 171 -40.61 -32.91 24.75
N GLU C 172 -41.40 -32.16 25.52
CA GLU C 172 -42.84 -32.40 25.49
C GLU C 172 -43.46 -32.03 24.17
N VAL C 173 -43.00 -30.94 23.59
CA VAL C 173 -43.55 -30.52 22.34
C VAL C 173 -43.25 -31.54 21.29
N CYS C 174 -42.02 -32.04 21.27
CA CYS C 174 -41.64 -33.00 20.27
C CYS C 174 -42.46 -34.27 20.36
N GLN C 175 -42.69 -34.78 21.56
CA GLN C 175 -43.47 -36.01 21.60
C GLN C 175 -44.88 -35.77 21.11
N VAL C 176 -45.48 -34.64 21.46
CA VAL C 176 -46.83 -34.40 21.01
C VAL C 176 -46.89 -34.27 19.51
N ALA C 177 -45.92 -33.58 18.93
CA ALA C 177 -45.93 -33.44 17.48
C ALA C 177 -45.93 -34.79 16.78
N GLN C 178 -45.17 -35.74 17.30
CA GLN C 178 -45.16 -37.08 16.71
C GLN C 178 -46.50 -37.75 16.90
N VAL C 179 -47.14 -37.53 18.02
CA VAL C 179 -48.45 -38.14 18.20
C VAL C 179 -49.39 -37.63 17.14
N LEU C 180 -49.39 -36.32 16.93
CA LEU C 180 -50.27 -35.75 15.94
C LEU C 180 -49.95 -36.30 14.56
N THR C 181 -48.67 -36.44 14.28
CA THR C 181 -48.20 -36.91 12.99
C THR C 181 -48.55 -38.35 12.70
N TYR C 182 -48.31 -39.24 13.64
CA TYR C 182 -48.49 -40.64 13.34
C TYR C 182 -49.79 -41.25 13.79
N SER C 183 -50.35 -40.83 14.91
CA SER C 183 -51.55 -41.48 15.34
C SER C 183 -52.77 -40.69 14.98
N MET C 184 -52.68 -39.37 15.00
CA MET C 184 -53.87 -38.60 14.71
C MET C 184 -54.02 -38.33 13.23
N GLY C 185 -52.96 -38.64 12.47
CA GLY C 185 -52.91 -38.45 11.03
C GLY C 185 -52.88 -36.99 10.58
N VAL C 186 -52.32 -36.10 11.38
CA VAL C 186 -52.33 -34.69 11.04
C VAL C 186 -51.24 -34.36 10.05
N ARG C 187 -51.60 -33.61 9.03
CA ARG C 187 -50.65 -33.21 8.02
C ARG C 187 -50.65 -31.71 7.82
N LYS C 188 -49.55 -31.22 7.27
CA LYS C 188 -49.38 -29.81 7.03
C LYS C 188 -50.60 -29.23 6.37
N GLY C 189 -51.09 -28.14 6.94
CA GLY C 189 -52.26 -27.44 6.43
C GLY C 189 -53.58 -27.92 7.00
N ASP C 190 -53.60 -29.00 7.77
CA ASP C 190 -54.85 -29.50 8.33
C ASP C 190 -55.22 -28.65 9.52
N THR C 191 -56.35 -28.95 10.13
CA THR C 191 -56.80 -28.16 11.27
C THR C 191 -57.11 -28.98 12.51
N VAL C 192 -56.53 -28.50 13.58
CA VAL C 192 -56.67 -29.11 14.87
C VAL C 192 -57.36 -28.16 15.80
N ALA C 193 -58.48 -28.59 16.32
CA ALA C 193 -59.25 -27.79 17.25
C ALA C 193 -58.83 -28.14 18.64
N VAL C 194 -58.74 -27.14 19.47
CA VAL C 194 -58.37 -27.31 20.85
C VAL C 194 -59.45 -26.73 21.74
N TYR C 195 -59.93 -27.53 22.67
CA TYR C 195 -60.99 -27.12 23.59
C TYR C 195 -60.58 -27.32 25.03
N MET C 196 -59.29 -27.24 25.25
CA MET C 196 -58.69 -27.45 26.55
C MET C 196 -58.82 -26.21 27.44
N PRO C 197 -58.80 -26.39 28.77
CA PRO C 197 -58.71 -25.35 29.78
C PRO C 197 -57.30 -24.83 29.71
N MET C 198 -57.04 -23.64 30.19
CA MET C 198 -55.65 -23.26 30.11
C MET C 198 -54.79 -23.96 31.15
N VAL C 199 -54.06 -24.95 30.69
CA VAL C 199 -53.15 -25.76 31.48
C VAL C 199 -51.85 -25.87 30.67
N PRO C 200 -50.71 -26.25 31.25
CA PRO C 200 -49.46 -26.46 30.54
C PRO C 200 -49.59 -27.34 29.33
N GLU C 201 -50.46 -28.33 29.40
CA GLU C 201 -50.66 -29.22 28.29
C GLU C 201 -51.27 -28.51 27.09
N ALA C 202 -52.10 -27.50 27.34
CA ALA C 202 -52.71 -26.76 26.26
C ALA C 202 -51.63 -25.97 25.55
N ILE C 203 -50.71 -25.41 26.32
CA ILE C 203 -49.65 -24.63 25.72
C ILE C 203 -48.79 -25.51 24.85
N ILE C 204 -48.44 -26.65 25.39
CA ILE C 204 -47.62 -27.60 24.68
C ILE C 204 -48.30 -28.00 23.41
N THR C 205 -49.60 -28.28 23.49
CA THR C 205 -50.36 -28.67 22.34
C THR C 205 -50.30 -27.62 21.26
N LEU C 206 -50.53 -26.37 21.59
CA LEU C 206 -50.54 -25.38 20.54
C LEU C 206 -49.19 -25.30 19.85
N LEU C 207 -48.12 -25.37 20.61
CA LEU C 207 -46.79 -25.32 20.02
C LEU C 207 -46.53 -26.53 19.14
N ALA C 208 -46.95 -27.71 19.60
CA ALA C 208 -46.77 -28.93 18.84
C ALA C 208 -47.51 -28.90 17.53
N ILE C 209 -48.69 -28.30 17.52
CA ILE C 209 -49.45 -28.22 16.29
C ILE C 209 -48.69 -27.37 15.29
N SER C 210 -48.22 -26.22 15.75
CA SER C 210 -47.48 -25.33 14.88
C SER C 210 -46.23 -25.98 14.32
N ARG C 211 -45.58 -26.79 15.13
CA ARG C 211 -44.35 -27.47 14.75
C ARG C 211 -44.48 -28.32 13.51
N ILE C 212 -45.67 -28.84 13.22
CA ILE C 212 -45.83 -29.71 12.08
C ILE C 212 -46.57 -29.03 10.96
N GLY C 213 -46.67 -27.71 11.02
CA GLY C 213 -47.28 -26.94 9.97
C GLY C 213 -48.78 -27.04 9.92
N ALA C 214 -49.42 -27.36 11.04
CA ALA C 214 -50.86 -27.47 11.03
C ALA C 214 -51.39 -26.18 11.58
N ILE C 215 -52.67 -25.91 11.35
CA ILE C 215 -53.30 -24.69 11.81
C ILE C 215 -54.08 -24.98 13.05
N HIS C 216 -53.90 -24.19 14.09
CA HIS C 216 -54.72 -24.46 15.26
C HIS C 216 -55.87 -23.50 15.40
N SER C 217 -56.88 -23.98 16.12
CA SER C 217 -58.08 -23.20 16.43
C SER C 217 -58.49 -23.47 17.87
N VAL C 218 -58.60 -22.43 18.68
CA VAL C 218 -58.84 -22.61 20.11
C VAL C 218 -60.19 -22.06 20.53
N VAL C 219 -60.96 -22.90 21.18
CA VAL C 219 -62.29 -22.57 21.62
C VAL C 219 -62.37 -22.46 23.13
N PHE C 220 -62.94 -21.38 23.67
CA PHE C 220 -62.98 -21.27 25.13
C PHE C 220 -63.64 -22.50 25.71
N ALA C 221 -63.02 -23.09 26.74
CA ALA C 221 -63.54 -24.31 27.34
C ALA C 221 -64.96 -24.20 27.86
N GLY C 222 -65.37 -23.02 28.30
CA GLY C 222 -66.71 -22.92 28.84
C GLY C 222 -67.85 -22.86 27.81
N PHE C 223 -67.56 -22.86 26.53
CA PHE C 223 -68.65 -22.77 25.58
C PHE C 223 -69.49 -24.01 25.53
N SER C 224 -70.74 -23.82 25.21
CA SER C 224 -71.70 -24.88 25.04
C SER C 224 -71.48 -25.61 23.75
N SER C 225 -72.14 -26.76 23.63
CA SER C 225 -71.99 -27.58 22.46
C SER C 225 -72.49 -26.97 21.16
N ASN C 226 -73.40 -26.02 21.19
CA ASN C 226 -73.84 -25.51 19.90
C ASN C 226 -72.80 -24.64 19.27
N SER C 227 -72.20 -23.79 20.05
CA SER C 227 -71.25 -22.90 19.45
C SER C 227 -69.97 -23.66 19.18
N LEU C 228 -69.70 -24.71 19.95
CA LEU C 228 -68.53 -25.50 19.67
C LEU C 228 -68.72 -26.14 18.33
N ARG C 229 -69.90 -26.64 18.08
CA ARG C 229 -70.15 -27.35 16.85
C ARG C 229 -69.99 -26.44 15.67
N ASP C 230 -70.48 -25.24 15.77
CA ASP C 230 -70.30 -24.35 14.66
C ASP C 230 -68.85 -24.07 14.38
N ARG C 231 -68.04 -23.90 15.41
CA ARG C 231 -66.64 -23.61 15.18
C ARG C 231 -65.91 -24.81 14.58
N ILE C 232 -66.21 -26.00 15.07
CA ILE C 232 -65.55 -27.18 14.55
C ILE C 232 -65.86 -27.35 13.10
N ASN C 233 -67.13 -27.19 12.74
CA ASN C 233 -67.48 -27.38 11.35
C ASN C 233 -67.00 -26.27 10.47
N ASP C 234 -67.12 -25.03 10.91
CA ASP C 234 -66.74 -23.94 10.03
C ASP C 234 -65.26 -24.00 9.69
N GLY C 235 -64.44 -24.36 10.66
CA GLY C 235 -63.02 -24.41 10.43
C GLY C 235 -62.56 -25.71 9.82
N ASP C 236 -63.49 -26.63 9.57
CA ASP C 236 -63.21 -27.94 9.04
C ASP C 236 -62.13 -28.70 9.80
N SER C 237 -62.22 -28.75 11.12
CA SER C 237 -61.19 -29.52 11.79
C SER C 237 -61.46 -30.99 11.63
N LYS C 238 -60.43 -31.78 11.86
CA LYS C 238 -60.59 -33.22 11.80
C LYS C 238 -60.12 -33.83 13.07
N VAL C 239 -59.36 -33.07 13.80
CA VAL C 239 -58.82 -33.51 15.05
C VAL C 239 -59.21 -32.58 16.12
N VAL C 240 -59.68 -33.13 17.22
CA VAL C 240 -60.07 -32.36 18.36
C VAL C 240 -59.26 -32.77 19.57
N ILE C 241 -58.70 -31.81 20.26
CA ILE C 241 -57.93 -32.08 21.45
C ILE C 241 -58.63 -31.49 22.65
N THR C 242 -58.89 -32.32 23.64
CA THR C 242 -59.59 -31.91 24.83
C THR C 242 -59.08 -32.56 26.09
N THR C 243 -59.84 -32.39 27.15
CA THR C 243 -59.58 -32.92 28.47
C THR C 243 -60.80 -33.64 28.94
N ASP C 244 -60.69 -34.41 30.01
CA ASP C 244 -61.90 -35.04 30.50
C ASP C 244 -62.72 -34.10 31.35
N GLU C 245 -62.12 -33.60 32.42
CA GLU C 245 -62.80 -32.68 33.31
C GLU C 245 -61.81 -31.61 33.71
N SER C 246 -62.32 -30.43 34.03
CA SER C 246 -61.45 -29.39 34.54
C SER C 246 -62.10 -28.65 35.68
N ASN C 247 -61.28 -27.95 36.45
CA ASN C 247 -61.77 -27.23 37.61
C ASN C 247 -61.38 -25.80 37.60
N ARG C 248 -62.38 -24.96 37.66
CA ARG C 248 -62.15 -23.54 37.67
C ARG C 248 -63.03 -22.87 38.71
N GLY C 249 -62.40 -22.27 39.70
CA GLY C 249 -63.14 -21.62 40.76
C GLY C 249 -63.76 -22.66 41.65
N GLY C 250 -63.18 -23.85 41.66
CA GLY C 250 -63.73 -24.94 42.42
C GLY C 250 -64.89 -25.65 41.72
N LYS C 251 -65.28 -25.23 40.52
CA LYS C 251 -66.39 -25.87 39.87
C LYS C 251 -65.92 -26.79 38.76
N VAL C 252 -66.64 -27.89 38.57
CA VAL C 252 -66.29 -28.85 37.53
C VAL C 252 -66.90 -28.54 36.18
N ILE C 253 -66.06 -28.54 35.17
CA ILE C 253 -66.48 -28.31 33.81
C ILE C 253 -66.34 -29.61 33.01
N GLU C 254 -67.45 -30.09 32.48
CA GLU C 254 -67.40 -31.37 31.78
C GLU C 254 -67.00 -31.23 30.32
N THR C 255 -65.72 -31.05 30.10
CA THR C 255 -65.23 -30.80 28.76
C THR C 255 -65.41 -31.97 27.80
N LYS C 256 -65.24 -33.21 28.26
CA LYS C 256 -65.41 -34.31 27.31
C LYS C 256 -66.83 -34.39 26.85
N ARG C 257 -67.78 -34.32 27.76
CA ARG C 257 -69.15 -34.46 27.35
C ARG C 257 -69.55 -33.37 26.39
N ILE C 258 -69.09 -32.16 26.57
CA ILE C 258 -69.45 -31.14 25.62
C ILE C 258 -68.90 -31.47 24.26
N VAL C 259 -67.66 -31.91 24.17
CA VAL C 259 -67.13 -32.25 22.87
C VAL C 259 -67.92 -33.39 22.25
N ASP C 260 -68.20 -34.44 23.01
CA ASP C 260 -68.92 -35.56 22.44
C ASP C 260 -70.28 -35.14 21.91
N ASP C 261 -70.91 -34.21 22.60
CA ASP C 261 -72.17 -33.71 22.12
C ASP C 261 -71.99 -33.00 20.80
N ALA C 262 -71.07 -32.06 20.77
CA ALA C 262 -70.89 -31.27 19.56
C ALA C 262 -70.58 -32.15 18.36
N LEU C 263 -69.84 -33.22 18.58
CA LEU C 263 -69.43 -34.05 17.47
C LEU C 263 -70.52 -34.97 16.98
N ARG C 264 -71.66 -34.99 17.62
CA ARG C 264 -72.72 -35.85 17.15
C ARG C 264 -73.19 -35.41 15.78
N GLU C 265 -73.12 -34.13 15.50
CA GLU C 265 -73.59 -33.64 14.22
C GLU C 265 -72.43 -33.30 13.30
N THR C 266 -71.24 -33.75 13.61
CA THR C 266 -70.11 -33.38 12.77
C THR C 266 -69.51 -34.60 12.09
N PRO C 267 -69.55 -34.70 10.77
CA PRO C 267 -69.05 -35.84 10.00
C PRO C 267 -67.54 -35.85 9.82
N GLY C 268 -66.92 -34.75 10.15
CA GLY C 268 -65.51 -34.52 9.93
C GLY C 268 -64.57 -35.28 10.84
N VAL C 269 -64.68 -35.03 12.12
CA VAL C 269 -63.67 -35.48 13.04
C VAL C 269 -63.45 -36.95 13.04
N ARG C 270 -62.19 -37.27 12.92
CA ARG C 270 -61.72 -38.63 12.87
C ARG C 270 -61.12 -39.06 14.18
N HIS C 271 -60.46 -38.15 14.90
CA HIS C 271 -59.88 -38.57 16.16
C HIS C 271 -59.98 -37.52 17.22
N VAL C 272 -60.14 -37.96 18.45
CA VAL C 272 -60.18 -37.08 19.58
C VAL C 272 -59.11 -37.47 20.57
N LEU C 273 -58.28 -36.53 20.93
CA LEU C 273 -57.22 -36.79 21.86
C LEU C 273 -57.65 -36.25 23.19
N VAL C 274 -57.57 -37.06 24.23
CA VAL C 274 -58.08 -36.65 25.53
C VAL C 274 -57.04 -36.67 26.61
N TYR C 275 -56.86 -35.55 27.25
CA TYR C 275 -55.96 -35.50 28.35
C TYR C 275 -56.65 -35.73 29.66
N ARG C 276 -56.26 -36.80 30.33
CA ARG C 276 -56.91 -37.15 31.57
C ARG C 276 -56.37 -36.36 32.71
N LYS C 277 -56.72 -35.09 32.75
CA LYS C 277 -56.22 -34.24 33.80
C LYS C 277 -56.67 -34.82 35.12
N THR C 278 -57.90 -35.32 35.18
CA THR C 278 -58.36 -35.98 36.40
C THR C 278 -58.11 -37.46 36.16
N ASN C 279 -57.41 -38.12 37.05
CA ASN C 279 -57.04 -39.49 36.75
C ASN C 279 -58.14 -40.55 36.88
N ASN C 280 -59.19 -40.29 37.63
CA ASN C 280 -60.20 -41.31 37.85
C ASN C 280 -61.69 -40.94 37.77
N PRO C 281 -62.11 -40.04 36.90
CA PRO C 281 -63.50 -39.61 36.80
C PRO C 281 -64.30 -40.68 36.09
N SER C 282 -65.61 -40.58 36.12
CA SER C 282 -66.42 -41.56 35.42
C SER C 282 -66.85 -41.01 34.09
N VAL C 283 -65.88 -40.99 33.21
CA VAL C 283 -66.01 -40.43 31.88
C VAL C 283 -65.81 -41.49 30.82
N ALA C 284 -66.76 -41.56 29.92
CA ALA C 284 -66.73 -42.54 28.86
C ALA C 284 -65.50 -42.35 28.02
N PHE C 285 -64.98 -43.44 27.53
CA PHE C 285 -63.82 -43.36 26.67
C PHE C 285 -63.95 -44.46 25.66
N HIS C 286 -63.96 -44.10 24.38
CA HIS C 286 -64.20 -45.06 23.33
C HIS C 286 -62.95 -45.29 22.52
N ALA C 287 -62.38 -46.47 22.65
CA ALA C 287 -61.11 -46.74 22.01
C ALA C 287 -61.05 -46.50 20.50
N PRO C 288 -62.09 -46.75 19.71
CA PRO C 288 -62.01 -46.47 18.29
C PRO C 288 -61.50 -45.06 17.98
N ARG C 289 -61.81 -44.05 18.80
CA ARG C 289 -61.23 -42.77 18.44
C ARG C 289 -60.95 -41.87 19.62
N ASP C 290 -60.74 -42.43 20.78
CA ASP C 290 -60.33 -41.65 21.93
C ASP C 290 -58.95 -42.06 22.29
N LEU C 291 -58.04 -41.14 22.17
CA LEU C 291 -56.68 -41.49 22.44
C LEU C 291 -56.26 -40.87 23.73
N ASP C 292 -55.62 -41.64 24.56
CA ASP C 292 -55.19 -41.10 25.82
C ASP C 292 -53.87 -40.40 25.66
N TRP C 293 -53.90 -39.11 25.85
CA TRP C 293 -52.78 -38.23 25.63
C TRP C 293 -51.58 -38.73 26.39
N ALA C 294 -51.82 -39.15 27.63
CA ALA C 294 -50.77 -39.55 28.53
C ALA C 294 -50.28 -40.96 28.32
N THR C 295 -50.88 -41.70 27.40
CA THR C 295 -50.47 -43.06 27.14
C THR C 295 -49.85 -43.11 25.78
N GLU C 296 -50.34 -42.32 24.87
CA GLU C 296 -49.83 -42.32 23.54
C GLU C 296 -48.45 -41.68 23.49
N LYS C 297 -48.27 -40.58 24.20
CA LYS C 297 -47.03 -39.82 24.18
C LYS C 297 -45.75 -40.64 24.41
N LYS C 298 -45.78 -41.61 25.32
CA LYS C 298 -44.57 -42.38 25.68
C LYS C 298 -44.00 -43.21 24.54
N LYS C 299 -44.74 -43.35 23.48
CA LYS C 299 -44.30 -44.13 22.37
C LYS C 299 -43.44 -43.35 21.41
N TYR C 300 -43.22 -42.09 21.68
CA TYR C 300 -42.50 -41.27 20.75
C TYR C 300 -41.17 -40.72 21.24
N LYS C 301 -40.28 -40.44 20.32
CA LYS C 301 -38.98 -39.91 20.70
C LYS C 301 -39.04 -38.48 21.16
N THR C 302 -38.06 -38.10 21.94
CA THR C 302 -38.03 -36.80 22.62
C THR C 302 -37.44 -35.64 21.81
N TYR C 303 -37.15 -35.87 20.56
CA TYR C 303 -36.68 -34.85 19.65
C TYR C 303 -37.32 -35.14 18.31
N TYR C 304 -37.86 -34.13 17.69
CA TYR C 304 -38.48 -34.26 16.41
C TYR C 304 -38.39 -32.90 15.77
N PRO C 305 -38.01 -32.80 14.50
CA PRO C 305 -37.79 -31.57 13.75
C PRO C 305 -38.99 -30.76 13.37
N CYS C 306 -38.71 -29.47 13.13
CA CYS C 306 -39.67 -28.50 12.61
C CYS C 306 -39.87 -28.61 11.12
N THR C 307 -41.10 -28.50 10.70
CA THR C 307 -41.42 -28.48 9.27
C THR C 307 -41.37 -27.04 8.74
N PRO C 308 -40.67 -26.74 7.66
CA PRO C 308 -40.66 -25.42 7.07
C PRO C 308 -42.06 -24.95 6.73
N VAL C 309 -42.34 -23.71 7.02
CA VAL C 309 -43.62 -23.07 6.80
C VAL C 309 -43.41 -21.75 6.09
N ASP C 310 -44.22 -21.46 5.09
CA ASP C 310 -44.04 -20.21 4.40
C ASP C 310 -44.34 -19.05 5.31
N SER C 311 -43.69 -17.94 5.10
CA SER C 311 -43.93 -16.77 5.93
C SER C 311 -45.38 -16.30 5.89
N GLU C 312 -46.11 -16.58 4.80
CA GLU C 312 -47.52 -16.19 4.72
C GLU C 312 -48.52 -17.31 5.00
N ASP C 313 -48.07 -18.46 5.44
CA ASP C 313 -48.99 -19.53 5.76
C ASP C 313 -49.70 -19.14 7.03
N PRO C 314 -50.96 -19.52 7.20
CA PRO C 314 -51.75 -19.26 8.40
C PRO C 314 -51.15 -19.90 9.61
N LEU C 315 -51.07 -19.16 10.70
CA LEU C 315 -50.59 -19.73 11.94
C LEU C 315 -51.79 -20.28 12.69
N PHE C 316 -52.81 -19.45 12.81
CA PHE C 316 -53.97 -19.85 13.57
C PHE C 316 -55.22 -19.11 13.20
N LEU C 317 -56.33 -19.68 13.65
CA LEU C 317 -57.63 -19.06 13.51
C LEU C 317 -58.23 -18.75 14.86
N LEU C 318 -58.94 -17.64 14.96
CA LEU C 318 -59.71 -17.40 16.16
C LEU C 318 -61.14 -17.14 15.84
N TYR C 319 -61.99 -17.99 16.34
CA TYR C 319 -63.38 -17.83 16.08
C TYR C 319 -64.02 -16.91 17.05
N THR C 320 -63.90 -15.66 16.74
CA THR C 320 -64.40 -14.63 17.60
C THR C 320 -65.87 -14.50 17.35
N SER C 321 -66.56 -13.82 18.25
CA SER C 321 -67.97 -13.63 18.03
C SER C 321 -68.55 -12.44 18.75
N GLY C 322 -69.47 -11.81 18.04
CA GLY C 322 -70.30 -10.71 18.51
C GLY C 322 -71.76 -11.16 18.59
N SER C 323 -71.95 -12.49 18.58
CA SER C 323 -73.26 -13.15 18.61
C SER C 323 -74.18 -12.70 17.46
N THR C 324 -73.62 -12.62 16.26
CA THR C 324 -74.35 -12.24 15.07
C THR C 324 -73.72 -12.94 13.87
N GLY C 325 -74.53 -13.27 12.89
CA GLY C 325 -74.02 -13.99 11.76
C GLY C 325 -73.54 -15.33 12.27
N ALA C 326 -72.26 -15.59 12.12
CA ALA C 326 -71.64 -16.81 12.55
C ALA C 326 -70.25 -16.44 13.02
N PRO C 327 -69.63 -17.22 13.89
CA PRO C 327 -68.29 -16.95 14.38
C PRO C 327 -67.33 -16.73 13.22
N LYS C 328 -66.48 -15.73 13.37
CA LYS C 328 -65.52 -15.35 12.36
C LYS C 328 -64.16 -15.95 12.60
N GLY C 329 -63.72 -16.80 11.70
CA GLY C 329 -62.42 -17.42 11.85
C GLY C 329 -61.35 -16.44 11.45
N VAL C 330 -61.03 -15.52 12.32
CA VAL C 330 -60.07 -14.51 11.96
C VAL C 330 -58.75 -15.21 11.76
N GLN C 331 -58.12 -14.97 10.63
CA GLN C 331 -56.87 -15.63 10.32
C GLN C 331 -55.66 -14.73 10.28
N HIS C 332 -54.61 -15.19 10.97
CA HIS C 332 -53.34 -14.49 11.04
C HIS C 332 -52.23 -15.37 10.52
N SER C 333 -51.36 -14.80 9.69
CA SER C 333 -50.23 -15.54 9.15
C SER C 333 -49.03 -15.54 10.07
N THR C 334 -48.13 -16.48 9.82
CA THR C 334 -46.98 -16.67 10.70
C THR C 334 -45.97 -15.54 10.80
N ALA C 335 -45.34 -15.12 9.72
CA ALA C 335 -44.29 -14.14 9.95
C ALA C 335 -44.83 -12.85 10.50
N GLY C 336 -45.98 -12.45 10.01
CA GLY C 336 -46.59 -11.21 10.41
C GLY C 336 -46.87 -11.17 11.88
N TYR C 337 -47.61 -12.16 12.32
CA TYR C 337 -48.01 -12.23 13.70
C TYR C 337 -46.82 -12.30 14.63
N LEU C 338 -45.85 -13.17 14.33
CA LEU C 338 -44.75 -13.32 15.24
C LEU C 338 -43.96 -12.05 15.39
N LEU C 339 -43.74 -11.32 14.30
CA LEU C 339 -42.99 -10.09 14.44
C LEU C 339 -43.74 -9.11 15.29
N GLY C 340 -45.05 -9.01 15.06
CA GLY C 340 -45.86 -8.09 15.84
C GLY C 340 -45.72 -8.39 17.31
N ALA C 341 -45.86 -9.66 17.67
CA ALA C 341 -45.77 -10.04 19.06
C ALA C 341 -44.42 -9.67 19.66
N LEU C 342 -43.33 -9.88 18.93
CA LEU C 342 -42.04 -9.51 19.49
C LEU C 342 -41.83 -8.04 19.66
N LEU C 343 -42.24 -7.25 18.68
CA LEU C 343 -42.01 -5.84 18.79
C LEU C 343 -42.77 -5.29 19.96
N THR C 344 -43.95 -5.81 20.18
CA THR C 344 -44.75 -5.33 21.27
C THR C 344 -44.09 -5.66 22.60
N MET C 345 -43.62 -6.88 22.76
CA MET C 345 -42.97 -7.25 24.01
C MET C 345 -41.76 -6.38 24.28
N ARG C 346 -41.00 -6.10 23.24
CA ARG C 346 -39.80 -5.32 23.34
C ARG C 346 -40.04 -3.84 23.57
N TYR C 347 -41.01 -3.24 22.92
CA TYR C 347 -41.16 -1.81 23.08
C TYR C 347 -42.31 -1.34 23.94
N THR C 348 -43.38 -2.11 24.08
CA THR C 348 -44.46 -1.64 24.90
C THR C 348 -44.21 -2.05 26.32
N PHE C 349 -43.87 -3.30 26.52
CA PHE C 349 -43.69 -3.75 27.89
C PHE C 349 -42.25 -3.67 28.36
N ASP C 350 -41.35 -3.33 27.47
CA ASP C 350 -39.93 -3.18 27.76
C ASP C 350 -39.38 -4.40 28.46
N THR C 351 -39.68 -5.59 27.97
CA THR C 351 -39.20 -6.75 28.71
C THR C 351 -37.77 -7.18 28.44
N HIS C 352 -37.33 -8.02 29.35
CA HIS C 352 -36.04 -8.64 29.33
C HIS C 352 -36.17 -10.13 29.52
N GLN C 353 -35.09 -10.78 29.20
CA GLN C 353 -35.05 -12.20 29.22
C GLN C 353 -35.22 -12.74 30.60
N GLU C 354 -35.02 -11.91 31.59
CA GLU C 354 -35.06 -12.29 32.98
C GLU C 354 -36.40 -12.06 33.65
N ASP C 355 -37.40 -11.60 32.91
CA ASP C 355 -38.69 -11.34 33.52
C ASP C 355 -39.63 -12.52 33.62
N VAL C 356 -40.77 -12.24 34.26
CA VAL C 356 -41.92 -13.12 34.37
C VAL C 356 -43.13 -12.30 34.00
N PHE C 357 -43.79 -12.73 32.94
CA PHE C 357 -44.90 -11.98 32.43
C PHE C 357 -46.20 -12.65 32.78
N PHE C 358 -47.04 -11.99 33.57
CA PHE C 358 -48.30 -12.59 33.98
C PHE C 358 -49.48 -11.96 33.31
N THR C 359 -50.14 -12.74 32.45
CA THR C 359 -51.32 -12.25 31.75
C THR C 359 -52.53 -12.91 32.34
N ALA C 360 -53.40 -12.09 32.84
CA ALA C 360 -54.56 -12.60 33.52
C ALA C 360 -55.69 -12.84 32.54
N GLY C 361 -55.57 -13.89 31.74
CA GLY C 361 -56.63 -14.13 30.76
C GLY C 361 -56.53 -15.46 30.03
N ASP C 362 -57.70 -15.91 29.57
CA ASP C 362 -57.89 -17.19 28.91
C ASP C 362 -57.18 -17.35 27.57
N ILE C 363 -56.73 -18.57 27.34
CA ILE C 363 -56.04 -18.95 26.13
C ILE C 363 -56.88 -18.81 24.86
N GLY C 364 -58.20 -18.87 24.95
CA GLY C 364 -59.04 -18.76 23.76
C GLY C 364 -59.25 -17.33 23.29
N TRP C 365 -58.69 -16.37 23.99
CA TRP C 365 -58.84 -14.98 23.64
C TRP C 365 -57.58 -14.53 22.91
N ILE C 366 -57.66 -13.49 22.11
CA ILE C 366 -56.46 -13.03 21.43
C ILE C 366 -55.31 -12.70 22.35
N THR C 367 -55.57 -12.24 23.59
CA THR C 367 -54.45 -11.92 24.45
C THR C 367 -53.80 -13.17 24.98
N GLY C 368 -54.52 -14.27 24.93
CA GLY C 368 -53.98 -15.54 25.36
C GLY C 368 -52.89 -15.91 24.40
N HIS C 369 -53.23 -15.85 23.15
CA HIS C 369 -52.26 -16.18 22.14
C HIS C 369 -51.09 -15.24 22.15
N THR C 370 -51.37 -13.96 22.08
CA THR C 370 -50.30 -13.00 22.02
C THR C 370 -49.44 -12.93 23.28
N TYR C 371 -50.03 -12.99 24.47
CA TYR C 371 -49.21 -12.83 25.66
C TYR C 371 -49.02 -14.00 26.60
N VAL C 372 -49.56 -15.16 26.30
CA VAL C 372 -49.32 -16.31 27.12
C VAL C 372 -48.43 -17.25 26.35
N VAL C 373 -48.75 -17.46 25.08
CA VAL C 373 -47.98 -18.43 24.31
C VAL C 373 -46.99 -17.84 23.32
N TYR C 374 -47.39 -16.95 22.43
CA TYR C 374 -46.47 -16.51 21.39
C TYR C 374 -45.75 -15.22 21.72
N GLY C 375 -45.89 -14.78 22.95
CA GLY C 375 -45.28 -13.56 23.40
C GLY C 375 -44.02 -13.94 24.15
N PRO C 376 -44.06 -14.02 25.47
CA PRO C 376 -42.94 -14.34 26.30
C PRO C 376 -42.13 -15.52 25.82
N LEU C 377 -42.74 -16.59 25.33
CA LEU C 377 -41.91 -17.69 24.91
C LEU C 377 -41.03 -17.33 23.74
N LEU C 378 -41.55 -16.53 22.84
CA LEU C 378 -40.85 -16.18 21.61
C LEU C 378 -39.71 -15.27 21.96
N TYR C 379 -40.01 -14.37 22.87
CA TYR C 379 -39.06 -13.40 23.34
C TYR C 379 -37.97 -14.06 24.16
N GLY C 380 -38.36 -14.98 25.03
CA GLY C 380 -37.45 -15.66 25.93
C GLY C 380 -37.74 -15.40 27.41
N CYS C 381 -38.88 -14.81 27.73
CA CYS C 381 -39.26 -14.52 29.11
C CYS C 381 -40.05 -15.70 29.65
N ALA C 382 -40.18 -15.83 30.97
CA ALA C 382 -41.03 -16.88 31.48
C ALA C 382 -42.47 -16.43 31.46
N THR C 383 -43.37 -17.37 31.23
CA THR C 383 -44.80 -17.11 31.26
C THR C 383 -45.43 -17.63 32.50
N LEU C 384 -46.21 -16.83 33.17
CA LEU C 384 -46.93 -17.34 34.31
C LEU C 384 -48.34 -17.70 33.88
N VAL C 385 -48.68 -18.94 34.09
CA VAL C 385 -49.94 -19.50 33.68
C VAL C 385 -50.78 -19.81 34.88
N PHE C 386 -51.96 -19.22 34.93
CA PHE C 386 -52.86 -19.42 36.04
C PHE C 386 -54.18 -19.87 35.54
N GLU C 387 -54.55 -21.09 35.89
CA GLU C 387 -55.79 -21.65 35.36
C GLU C 387 -57.09 -21.16 36.01
N GLY C 388 -57.03 -20.69 37.24
CA GLY C 388 -58.22 -20.32 38.00
C GLY C 388 -58.67 -18.87 37.89
N THR C 389 -59.39 -18.43 38.92
CA THR C 389 -60.01 -17.12 39.04
C THR C 389 -59.66 -16.50 40.37
N PRO C 390 -59.45 -15.18 40.45
CA PRO C 390 -59.12 -14.48 41.69
C PRO C 390 -60.20 -14.65 42.72
N ALA C 391 -61.39 -14.93 42.26
CA ALA C 391 -62.50 -15.16 43.16
C ALA C 391 -62.20 -16.27 44.16
N TYR C 392 -61.44 -17.28 43.75
CA TYR C 392 -61.21 -18.45 44.58
C TYR C 392 -59.80 -18.69 45.07
N PRO C 393 -59.63 -18.97 46.36
CA PRO C 393 -60.57 -18.93 47.45
C PRO C 393 -60.96 -17.57 48.02
N ASN C 394 -60.19 -16.48 47.80
CA ASN C 394 -60.59 -15.25 48.50
C ASN C 394 -60.12 -13.89 48.01
N TYR C 395 -60.05 -13.61 46.72
CA TYR C 395 -59.58 -12.32 46.22
C TYR C 395 -58.14 -11.93 46.49
N SER C 396 -57.43 -12.58 47.38
CA SER C 396 -56.04 -12.19 47.56
C SER C 396 -55.16 -13.03 46.69
N ARG C 397 -55.79 -13.90 45.93
CA ARG C 397 -55.06 -14.85 45.15
C ARG C 397 -54.12 -14.20 44.16
N TYR C 398 -54.54 -13.16 43.45
CA TYR C 398 -53.59 -12.61 42.48
C TYR C 398 -52.38 -12.06 43.16
N TRP C 399 -52.61 -11.40 44.27
CA TRP C 399 -51.50 -10.84 44.97
C TRP C 399 -50.59 -11.88 45.50
N ASP C 400 -51.14 -12.93 46.06
CA ASP C 400 -50.27 -13.97 46.58
C ASP C 400 -49.40 -14.50 45.46
N ILE C 401 -49.98 -14.66 44.28
CA ILE C 401 -49.26 -15.16 43.13
C ILE C 401 -48.14 -14.23 42.75
N ILE C 402 -48.44 -12.94 42.67
CA ILE C 402 -47.44 -11.99 42.27
C ILE C 402 -46.25 -11.99 43.16
N ASP C 403 -46.44 -11.99 44.47
CA ASP C 403 -45.24 -11.99 45.28
C ASP C 403 -44.53 -13.34 45.31
N GLU C 404 -45.25 -14.44 45.34
CA GLU C 404 -44.56 -15.72 45.43
C GLU C 404 -43.64 -15.96 44.26
N HIS C 405 -44.05 -15.57 43.07
CA HIS C 405 -43.23 -15.84 41.91
C HIS C 405 -42.51 -14.61 41.38
N LYS C 406 -42.47 -13.52 42.13
CA LYS C 406 -41.81 -12.32 41.67
C LYS C 406 -42.24 -11.87 40.29
N VAL C 407 -43.53 -11.78 40.06
CA VAL C 407 -44.03 -11.35 38.79
C VAL C 407 -43.59 -9.94 38.52
N THR C 408 -43.11 -9.67 37.31
CA THR C 408 -42.66 -8.32 37.04
C THR C 408 -43.58 -7.53 36.14
N GLN C 409 -44.35 -8.23 35.30
CA GLN C 409 -45.31 -7.58 34.42
C GLN C 409 -46.72 -8.10 34.73
N PHE C 410 -47.69 -7.20 34.95
CA PHE C 410 -49.04 -7.69 35.19
C PHE C 410 -50.06 -7.03 34.28
N TYR C 411 -50.58 -7.83 33.36
CA TYR C 411 -51.49 -7.39 32.32
C TYR C 411 -52.88 -8.00 32.55
N VAL C 412 -53.84 -7.17 32.94
CA VAL C 412 -55.16 -7.65 33.38
C VAL C 412 -56.37 -6.95 32.76
N ALA C 413 -57.44 -7.68 32.49
CA ALA C 413 -58.64 -7.05 31.99
C ALA C 413 -59.22 -6.11 33.07
N PRO C 414 -59.79 -4.96 32.70
CA PRO C 414 -60.38 -4.00 33.59
C PRO C 414 -61.55 -4.53 34.39
N THR C 415 -62.17 -5.59 33.92
CA THR C 415 -63.29 -6.14 34.65
C THR C 415 -62.77 -6.78 35.91
N ALA C 416 -61.63 -7.40 35.79
CA ALA C 416 -61.05 -8.03 36.94
C ALA C 416 -60.70 -6.95 37.92
N LEU C 417 -60.19 -5.85 37.41
CA LEU C 417 -59.80 -4.79 38.32
C LEU C 417 -60.98 -4.26 39.06
N ARG C 418 -62.11 -4.10 38.39
CA ARG C 418 -63.24 -3.58 39.11
C ARG C 418 -63.65 -4.52 40.22
N LEU C 419 -63.65 -5.82 39.96
CA LEU C 419 -64.07 -6.74 41.01
C LEU C 419 -63.11 -6.70 42.20
N LEU C 420 -61.83 -6.62 41.93
CA LEU C 420 -60.84 -6.58 42.99
C LEU C 420 -61.02 -5.31 43.79
N LYS C 421 -61.30 -4.23 43.11
CA LYS C 421 -61.50 -2.97 43.77
C LYS C 421 -62.68 -3.07 44.71
N ARG C 422 -63.75 -3.68 44.29
CA ARG C 422 -64.86 -3.77 45.22
C ARG C 422 -64.49 -4.60 46.40
N ALA C 423 -63.82 -5.71 46.16
CA ALA C 423 -63.49 -6.55 47.29
C ALA C 423 -62.91 -5.71 48.41
N GLY C 424 -62.12 -4.71 48.05
CA GLY C 424 -61.59 -3.79 49.03
C GLY C 424 -60.10 -3.96 49.32
N ASP C 425 -59.53 -2.88 49.85
CA ASP C 425 -58.12 -2.80 50.15
C ASP C 425 -57.67 -3.72 51.26
N SER C 426 -58.60 -4.28 52.01
CA SER C 426 -58.27 -5.19 53.09
C SER C 426 -57.62 -6.45 52.56
N TYR C 427 -57.75 -6.71 51.27
CA TYR C 427 -57.18 -7.91 50.70
C TYR C 427 -55.75 -7.73 50.23
N ILE C 428 -55.19 -6.51 50.36
CA ILE C 428 -53.81 -6.24 49.97
C ILE C 428 -52.95 -5.71 51.10
N GLU C 429 -53.46 -5.78 52.32
CA GLU C 429 -52.74 -5.25 53.46
C GLU C 429 -51.40 -5.91 53.68
N ASN C 430 -51.29 -7.18 53.38
CA ASN C 430 -50.06 -7.89 53.61
C ASN C 430 -49.24 -8.18 52.35
N HIS C 431 -49.37 -7.38 51.30
CA HIS C 431 -48.53 -7.63 50.13
C HIS C 431 -47.78 -6.40 49.71
N SER C 432 -46.51 -6.55 49.39
CA SER C 432 -45.76 -5.39 48.93
C SER C 432 -45.86 -5.23 47.45
N LEU C 433 -45.96 -6.34 46.75
CA LEU C 433 -46.00 -6.36 45.29
C LEU C 433 -44.81 -5.58 44.71
N LYS C 434 -43.72 -5.52 45.45
CA LYS C 434 -42.57 -4.75 45.06
C LYS C 434 -41.96 -5.15 43.74
N SER C 435 -42.00 -6.43 43.40
CA SER C 435 -41.38 -6.88 42.16
C SER C 435 -41.99 -6.29 40.91
N LEU C 436 -43.23 -5.85 40.95
CA LEU C 436 -43.83 -5.37 39.73
C LEU C 436 -43.11 -4.16 39.21
N ARG C 437 -42.90 -4.13 37.91
CA ARG C 437 -42.29 -2.97 37.30
C ARG C 437 -43.20 -2.36 36.27
N CYS C 438 -44.23 -3.07 35.85
CA CYS C 438 -45.14 -2.54 34.86
C CYS C 438 -46.53 -3.15 34.99
N LEU C 439 -47.54 -2.30 34.96
CA LEU C 439 -48.93 -2.70 35.02
C LEU C 439 -49.59 -2.35 33.73
N GLY C 440 -50.67 -3.04 33.42
CA GLY C 440 -51.44 -2.61 32.28
C GLY C 440 -52.76 -3.34 32.18
N SER C 441 -53.55 -2.93 31.20
CA SER C 441 -54.87 -3.51 31.00
C SER C 441 -55.38 -3.40 29.59
N VAL C 442 -56.36 -4.25 29.31
CA VAL C 442 -56.97 -4.32 27.99
C VAL C 442 -58.39 -4.84 27.95
N GLY C 443 -59.18 -4.40 26.97
CA GLY C 443 -60.50 -4.97 26.71
C GLY C 443 -61.66 -4.02 26.86
N GLU C 444 -61.49 -2.97 27.61
CA GLU C 444 -62.57 -2.04 27.83
C GLU C 444 -61.94 -0.75 28.33
N PRO C 445 -62.52 0.42 28.08
CA PRO C 445 -62.02 1.66 28.61
C PRO C 445 -61.91 1.60 30.10
N ILE C 446 -60.88 2.20 30.63
CA ILE C 446 -60.70 2.24 32.07
C ILE C 446 -61.06 3.65 32.54
N ALA C 447 -61.98 3.75 33.48
CA ALA C 447 -62.34 5.05 33.99
C ALA C 447 -61.15 5.60 34.73
N ALA C 448 -60.97 6.92 34.74
CA ALA C 448 -59.86 7.49 35.51
C ALA C 448 -59.94 7.06 36.95
N GLU C 449 -61.13 6.95 37.48
CA GLU C 449 -61.29 6.55 38.86
C GLU C 449 -60.63 5.21 39.17
N VAL C 450 -60.72 4.27 38.23
CA VAL C 450 -60.17 2.96 38.43
C VAL C 450 -58.70 3.04 38.23
N TRP C 451 -58.30 3.78 37.20
CA TRP C 451 -56.91 3.94 36.87
C TRP C 451 -56.18 4.46 38.08
N GLU C 452 -56.73 5.47 38.73
CA GLU C 452 -56.11 6.04 39.90
C GLU C 452 -56.01 5.04 41.02
N TRP C 453 -57.05 4.26 41.27
CA TRP C 453 -56.98 3.26 42.31
C TRP C 453 -55.90 2.25 42.04
N TYR C 454 -55.86 1.79 40.82
CA TYR C 454 -54.92 0.78 40.44
C TYR C 454 -53.51 1.32 40.63
N SER C 455 -53.29 2.55 40.15
CA SER C 455 -51.99 3.18 40.29
C SER C 455 -51.57 3.35 41.73
N GLU C 456 -52.47 3.83 42.58
CA GLU C 456 -52.17 4.07 43.99
C GLU C 456 -52.00 2.84 44.86
N LYS C 457 -52.87 1.85 44.72
CA LYS C 457 -52.82 0.75 45.66
C LYS C 457 -51.98 -0.43 45.20
N ILE C 458 -51.91 -0.67 43.90
CA ILE C 458 -51.15 -1.79 43.41
C ILE C 458 -49.82 -1.28 42.91
N GLY C 459 -49.85 -0.22 42.10
CA GLY C 459 -48.64 0.31 41.50
C GLY C 459 -47.86 1.24 42.42
N LYS C 460 -48.44 1.53 43.57
CA LYS C 460 -47.92 2.40 44.61
C LYS C 460 -47.44 3.76 44.09
N ASN C 461 -48.12 4.29 43.10
CA ASN C 461 -47.78 5.56 42.46
C ASN C 461 -46.40 5.57 41.79
N GLU C 462 -45.79 4.41 41.59
CA GLU C 462 -44.49 4.34 40.94
C GLU C 462 -44.52 3.63 39.61
N ILE C 463 -45.31 2.60 39.51
CA ILE C 463 -45.32 1.79 38.31
C ILE C 463 -46.25 2.37 37.24
N PRO C 464 -45.82 2.53 35.99
CA PRO C 464 -46.67 3.02 34.92
C PRO C 464 -47.76 2.04 34.61
N ILE C 465 -48.92 2.56 34.21
CA ILE C 465 -50.01 1.72 33.78
C ILE C 465 -50.21 1.87 32.31
N VAL C 466 -50.06 0.79 31.59
CA VAL C 466 -50.22 0.84 30.17
C VAL C 466 -51.61 0.42 29.76
N ASP C 467 -52.39 1.39 29.33
CA ASP C 467 -53.74 1.19 28.80
C ASP C 467 -53.59 0.97 27.32
N THR C 468 -53.74 -0.25 26.89
CA THR C 468 -53.48 -0.54 25.49
C THR C 468 -54.74 -0.84 24.74
N TYR C 469 -54.82 -0.29 23.56
CA TYR C 469 -55.95 -0.48 22.69
C TYR C 469 -55.62 -1.30 21.47
N TRP C 470 -56.40 -2.38 21.30
CA TRP C 470 -56.23 -3.22 20.14
C TRP C 470 -57.42 -4.11 19.90
N GLN C 471 -57.38 -4.82 18.79
CA GLN C 471 -58.47 -5.66 18.35
C GLN C 471 -57.97 -7.00 17.90
N THR C 472 -58.83 -8.00 17.89
CA THR C 472 -58.38 -9.29 17.39
C THR C 472 -57.74 -9.14 16.04
N GLU C 473 -58.39 -8.42 15.16
CA GLU C 473 -57.89 -8.24 13.82
C GLU C 473 -56.59 -7.47 13.71
N SER C 474 -56.19 -6.70 14.72
CA SER C 474 -54.94 -5.99 14.56
C SER C 474 -53.79 -6.88 14.87
N GLY C 475 -54.04 -7.82 15.78
CA GLY C 475 -53.08 -8.85 16.18
C GLY C 475 -52.00 -8.34 17.12
N SER C 476 -52.02 -7.05 17.40
CA SER C 476 -51.02 -6.41 18.20
C SER C 476 -51.54 -5.04 18.60
N HIS C 477 -50.77 -4.35 19.40
CA HIS C 477 -51.23 -3.06 19.86
C HIS C 477 -51.39 -2.06 18.73
N LEU C 478 -52.46 -1.27 18.77
CA LEU C 478 -52.65 -0.21 17.80
C LEU C 478 -52.27 1.10 18.39
N VAL C 479 -52.81 1.39 19.57
CA VAL C 479 -52.52 2.64 20.23
C VAL C 479 -52.15 2.33 21.66
N THR C 480 -51.00 2.77 22.12
CA THR C 480 -50.65 2.41 23.49
C THR C 480 -49.54 3.25 24.05
N PRO C 481 -49.52 3.49 25.34
CA PRO C 481 -48.40 4.05 26.02
C PRO C 481 -47.31 3.07 25.90
N LEU C 482 -46.10 3.55 25.89
CA LEU C 482 -44.98 2.66 25.92
C LEU C 482 -44.39 2.80 27.31
N ALA C 483 -43.91 1.68 27.84
CA ALA C 483 -43.34 1.60 29.16
C ALA C 483 -41.96 2.19 29.22
N GLY C 484 -41.31 2.04 30.36
CA GLY C 484 -40.05 2.68 30.54
C GLY C 484 -40.41 4.11 30.69
N GLY C 485 -39.52 5.00 30.33
CA GLY C 485 -39.77 6.42 30.50
C GLY C 485 -40.25 7.03 29.21
N VAL C 486 -40.68 6.23 28.25
CA VAL C 486 -40.94 6.81 26.96
C VAL C 486 -42.02 7.86 26.93
N THR C 487 -43.17 7.63 27.56
CA THR C 487 -44.19 8.65 27.39
C THR C 487 -44.89 9.04 28.68
N PRO C 488 -45.27 10.31 28.80
CA PRO C 488 -46.18 10.79 29.80
C PRO C 488 -47.49 10.12 29.52
N MET C 489 -48.31 9.95 30.56
CA MET C 489 -49.58 9.27 30.44
C MET C 489 -50.75 10.03 30.95
N LYS C 490 -51.89 9.88 30.31
CA LYS C 490 -53.05 10.50 30.86
C LYS C 490 -53.90 9.42 31.48
N PRO C 491 -54.52 9.69 32.58
CA PRO C 491 -55.27 8.55 33.04
C PRO C 491 -56.37 8.34 32.07
N GLY C 492 -56.65 7.12 31.70
CA GLY C 492 -57.75 6.87 30.82
C GLY C 492 -57.58 7.01 29.33
N SER C 493 -56.40 7.29 28.85
CA SER C 493 -56.25 7.40 27.43
C SER C 493 -55.07 6.65 26.89
N ALA C 494 -55.28 5.79 25.90
CA ALA C 494 -54.16 5.21 25.22
C ALA C 494 -53.41 6.42 24.72
N SER C 495 -52.17 6.28 24.34
CA SER C 495 -51.48 7.48 23.93
C SER C 495 -51.28 7.58 22.45
N PHE C 496 -50.19 7.05 21.97
CA PHE C 496 -49.83 7.24 20.60
C PHE C 496 -49.83 5.93 19.83
N PRO C 497 -50.01 5.97 18.53
CA PRO C 497 -49.97 4.82 17.67
C PRO C 497 -48.69 4.04 17.79
N PHE C 498 -48.82 2.73 17.74
CA PHE C 498 -47.69 1.83 17.81
C PHE C 498 -46.96 1.88 16.49
N PHE C 499 -45.67 1.63 16.53
CA PHE C 499 -44.86 1.71 15.35
C PHE C 499 -45.47 1.00 14.18
N GLY C 500 -45.49 1.73 13.06
CA GLY C 500 -45.97 1.22 11.80
C GLY C 500 -47.44 1.46 11.53
N ILE C 501 -48.19 1.95 12.49
CA ILE C 501 -49.60 2.13 12.29
C ILE C 501 -50.02 3.60 12.22
N ASP C 502 -50.36 4.05 11.04
CA ASP C 502 -50.70 5.46 10.83
C ASP C 502 -52.17 5.74 11.14
N ALA C 503 -52.49 5.73 12.42
CA ALA C 503 -53.86 5.96 12.88
C ALA C 503 -54.30 7.40 12.61
N VAL C 504 -55.56 7.54 12.22
CA VAL C 504 -56.17 8.83 11.94
C VAL C 504 -57.61 8.87 12.42
N VAL C 505 -58.08 10.03 12.87
CA VAL C 505 -59.49 10.12 13.23
C VAL C 505 -60.21 10.69 12.03
N LEU C 506 -61.24 10.00 11.59
CA LEU C 506 -61.97 10.40 10.40
C LEU C 506 -63.29 11.05 10.69
N ASP C 507 -63.76 11.88 9.76
CA ASP C 507 -65.09 12.40 9.90
C ASP C 507 -65.98 11.19 10.00
N PRO C 508 -66.84 11.08 11.00
CA PRO C 508 -67.68 9.93 11.21
C PRO C 508 -68.72 9.71 10.16
N ASN C 509 -69.02 10.74 9.38
CA ASN C 509 -70.09 10.56 8.43
C ASN C 509 -69.58 10.38 7.05
N THR C 510 -68.56 11.14 6.69
CA THR C 510 -68.11 11.04 5.31
C THR C 510 -66.76 11.60 4.97
N GLY C 511 -66.22 11.07 3.90
CA GLY C 511 -65.04 11.62 3.26
C GLY C 511 -63.76 11.72 4.06
N GLU C 512 -63.27 12.94 4.09
CA GLU C 512 -62.03 13.42 4.69
C GLU C 512 -61.81 13.16 6.15
N GLU C 513 -60.54 13.10 6.48
CA GLU C 513 -60.15 12.95 7.84
C GLU C 513 -60.24 14.26 8.57
N LEU C 514 -59.95 14.24 9.85
CA LEU C 514 -60.00 15.46 10.59
C LEU C 514 -58.62 15.96 10.95
N ASN C 515 -58.15 16.95 10.20
CA ASN C 515 -56.85 17.55 10.39
C ASN C 515 -57.04 18.78 11.23
N THR C 516 -56.93 18.62 12.53
CA THR C 516 -57.27 19.65 13.47
C THR C 516 -56.76 19.39 14.84
N SER C 517 -56.65 20.46 15.62
CA SER C 517 -56.26 20.36 17.00
C SER C 517 -57.29 19.65 17.87
N HIS C 518 -58.53 19.59 17.41
CA HIS C 518 -59.58 18.92 18.15
C HIS C 518 -60.45 18.09 17.23
N ALA C 519 -60.47 16.78 17.40
CA ALA C 519 -61.25 15.99 16.48
C ALA C 519 -62.07 14.93 17.14
N GLU C 520 -63.29 14.82 16.66
CA GLU C 520 -64.21 13.79 17.06
C GLU C 520 -64.60 12.96 15.86
N GLY C 521 -64.46 11.67 15.95
CA GLY C 521 -64.82 10.88 14.80
C GLY C 521 -64.61 9.42 15.06
N VAL C 522 -64.17 8.72 14.03
CA VAL C 522 -63.96 7.29 14.18
C VAL C 522 -62.53 7.00 13.94
N LEU C 523 -62.03 5.91 14.48
CA LEU C 523 -60.63 5.64 14.31
C LEU C 523 -60.39 4.78 13.08
N ALA C 524 -59.36 5.11 12.33
CA ALA C 524 -59.06 4.33 11.15
C ALA C 524 -57.59 4.33 10.87
N VAL C 525 -57.15 3.38 10.08
CA VAL C 525 -55.73 3.36 9.76
C VAL C 525 -55.47 3.46 8.27
N LYS C 526 -54.58 4.38 7.93
CA LYS C 526 -54.20 4.63 6.55
C LYS C 526 -53.47 3.52 5.77
N ALA C 527 -52.74 2.63 6.42
CA ALA C 527 -52.00 1.60 5.70
C ALA C 527 -51.88 0.36 6.51
N ALA C 528 -51.58 -0.74 5.83
CA ALA C 528 -51.44 -2.04 6.46
C ALA C 528 -50.16 -2.14 7.24
N TRP C 529 -50.10 -3.13 8.14
CA TRP C 529 -48.95 -3.42 8.99
C TRP C 529 -48.82 -4.94 9.06
N PRO C 530 -47.65 -5.48 9.45
CA PRO C 530 -47.31 -6.89 9.48
C PRO C 530 -48.24 -7.85 10.16
N SER C 531 -48.96 -7.46 11.20
CA SER C 531 -49.80 -8.48 11.80
C SER C 531 -51.26 -8.16 11.72
N PHE C 532 -51.64 -7.57 10.63
CA PHE C 532 -53.03 -7.32 10.36
C PHE C 532 -53.70 -8.59 9.89
N ALA C 533 -54.85 -8.94 10.44
CA ALA C 533 -55.50 -10.16 10.04
C ALA C 533 -55.64 -10.16 8.55
N ARG C 534 -55.36 -11.29 7.97
CA ARG C 534 -55.36 -11.39 6.53
C ARG C 534 -56.71 -11.67 5.98
N THR C 535 -57.47 -12.47 6.68
CA THR C 535 -58.78 -12.79 6.16
C THR C 535 -59.69 -13.41 7.20
N ILE C 536 -60.86 -13.80 6.75
CA ILE C 536 -61.80 -14.57 7.55
C ILE C 536 -61.91 -15.90 6.87
N TRP C 537 -61.66 -16.94 7.62
CA TRP C 537 -61.62 -18.27 7.06
C TRP C 537 -62.86 -18.56 6.27
N LYS C 538 -62.63 -18.88 5.02
CA LYS C 538 -63.63 -19.21 4.04
C LYS C 538 -64.69 -18.16 3.82
N ASN C 539 -64.37 -16.89 3.96
CA ASN C 539 -65.34 -15.87 3.68
C ASN C 539 -64.66 -14.54 3.47
N HIS C 540 -63.96 -14.39 2.36
CA HIS C 540 -63.23 -13.18 2.17
C HIS C 540 -64.16 -12.02 1.95
N ASP C 541 -65.34 -12.27 1.40
CA ASP C 541 -66.24 -11.16 1.20
C ASP C 541 -66.66 -10.52 2.50
N ARG C 542 -66.92 -11.33 3.54
CA ARG C 542 -67.35 -10.72 4.78
C ARG C 542 -66.25 -9.83 5.29
N TYR C 543 -65.01 -10.29 5.18
CA TYR C 543 -63.86 -9.52 5.63
C TYR C 543 -63.83 -8.17 4.97
N LEU C 544 -63.93 -8.15 3.66
CA LEU C 544 -63.83 -6.88 2.99
C LEU C 544 -64.98 -5.96 3.33
N ASP C 545 -66.19 -6.48 3.35
CA ASP C 545 -67.34 -5.65 3.66
C ASP C 545 -67.31 -5.08 5.06
N THR C 546 -66.79 -5.85 5.98
CA THR C 546 -66.75 -5.45 7.36
C THR C 546 -65.69 -4.42 7.63
N TYR C 547 -64.49 -4.61 7.10
CA TYR C 547 -63.41 -3.72 7.48
C TYR C 547 -62.87 -2.74 6.46
N LEU C 548 -62.88 -3.08 5.18
CA LEU C 548 -62.21 -2.21 4.23
C LEU C 548 -63.14 -1.46 3.32
N ASN C 549 -64.34 -1.93 3.11
CA ASN C 549 -65.23 -1.22 2.21
C ASN C 549 -65.90 0.03 2.79
N PRO C 550 -66.25 0.11 4.08
CA PRO C 550 -66.78 1.32 4.69
C PRO C 550 -65.66 2.29 4.65
N TYR C 551 -65.92 3.59 4.55
CA TYR C 551 -64.82 4.56 4.55
C TYR C 551 -63.63 4.03 3.75
N PRO C 552 -63.83 3.68 2.48
CA PRO C 552 -62.87 2.95 1.70
C PRO C 552 -61.61 3.71 1.61
N GLY C 553 -60.51 2.99 1.68
CA GLY C 553 -59.20 3.57 1.62
C GLY C 553 -58.52 3.42 2.96
N TYR C 554 -59.31 3.26 4.00
CA TYR C 554 -58.79 3.11 5.34
C TYR C 554 -59.29 1.86 5.99
N TYR C 555 -58.54 1.37 6.96
CA TYR C 555 -59.06 0.27 7.75
C TYR C 555 -59.98 0.84 8.77
N PHE C 556 -61.21 0.40 8.78
CA PHE C 556 -62.15 0.95 9.72
C PHE C 556 -62.08 0.19 11.00
N THR C 557 -61.71 0.88 12.05
CA THR C 557 -61.54 0.22 13.31
C THR C 557 -62.85 -0.28 13.85
N GLY C 558 -63.87 0.55 13.77
CA GLY C 558 -65.18 0.21 14.32
C GLY C 558 -65.43 0.89 15.64
N ASP C 559 -64.39 1.45 16.24
CA ASP C 559 -64.50 2.16 17.48
C ASP C 559 -64.45 3.65 17.23
N GLY C 560 -65.11 4.38 18.11
CA GLY C 560 -65.11 5.82 18.08
C GLY C 560 -63.87 6.32 18.72
N ALA C 561 -63.49 7.54 18.39
CA ALA C 561 -62.30 8.09 18.99
C ALA C 561 -62.28 9.58 18.95
N ALA C 562 -61.42 10.13 19.76
CA ALA C 562 -61.22 11.55 19.71
C ALA C 562 -59.76 11.86 19.84
N LYS C 563 -59.32 12.81 19.07
CA LYS C 563 -57.93 13.20 19.12
C LYS C 563 -57.85 14.49 19.88
N ASP C 564 -57.09 14.42 20.93
CA ASP C 564 -56.92 15.51 21.84
C ASP C 564 -55.85 16.49 21.43
N LYS C 565 -55.72 17.52 22.23
CA LYS C 565 -54.63 18.43 22.07
C LYS C 565 -53.41 17.62 22.39
N ASP C 566 -52.32 17.90 21.72
CA ASP C 566 -51.05 17.22 21.96
C ASP C 566 -51.04 15.76 21.51
N GLY C 567 -52.05 15.32 20.79
CA GLY C 567 -52.01 14.02 20.15
C GLY C 567 -52.45 12.79 20.92
N TYR C 568 -53.04 12.92 22.08
CA TYR C 568 -53.45 11.70 22.75
C TYR C 568 -54.76 11.20 22.14
N ILE C 569 -54.84 9.91 21.87
CA ILE C 569 -56.08 9.38 21.31
C ILE C 569 -56.96 8.72 22.35
N TRP C 570 -58.13 9.26 22.50
CA TRP C 570 -59.10 8.76 23.44
C TRP C 570 -60.00 7.79 22.71
N ILE C 571 -60.42 6.73 23.36
CA ILE C 571 -61.33 5.80 22.72
C ILE C 571 -62.69 6.06 23.33
N LEU C 572 -63.67 6.32 22.47
CA LEU C 572 -64.99 6.73 22.96
C LEU C 572 -66.01 5.61 23.10
N GLY C 573 -65.63 4.40 22.73
CA GLY C 573 -66.53 3.25 22.75
C GLY C 573 -66.87 2.84 21.33
N ARG C 574 -67.52 1.71 21.14
CA ARG C 574 -67.83 1.24 19.80
C ARG C 574 -68.75 2.18 19.09
N VAL C 575 -68.59 2.30 17.79
CA VAL C 575 -69.44 3.20 17.02
C VAL C 575 -70.89 2.76 17.08
N ASP C 576 -71.11 1.48 16.99
CA ASP C 576 -72.43 0.90 17.02
C ASP C 576 -73.24 1.20 18.28
N ASP C 577 -72.59 1.53 19.39
CA ASP C 577 -73.30 1.78 20.62
C ASP C 577 -73.53 3.24 20.90
N VAL C 578 -73.18 4.11 19.98
CA VAL C 578 -73.36 5.52 20.24
C VAL C 578 -74.82 5.84 20.41
N VAL C 579 -75.14 6.58 21.46
CA VAL C 579 -76.52 6.92 21.69
C VAL C 579 -76.75 8.28 21.09
N ASN C 580 -77.69 8.36 20.20
CA ASN C 580 -77.95 9.62 19.55
C ASN C 580 -79.02 10.40 20.27
N VAL C 581 -78.66 11.56 20.78
CA VAL C 581 -79.56 12.42 21.51
C VAL C 581 -79.64 13.68 20.66
N SER C 582 -80.71 14.45 20.80
CA SER C 582 -80.84 15.56 19.88
C SER C 582 -79.67 16.48 20.01
N GLY C 583 -79.25 16.75 21.21
CA GLY C 583 -78.18 17.68 21.39
C GLY C 583 -76.90 17.27 20.74
N HIS C 584 -76.42 16.05 21.02
CA HIS C 584 -75.16 15.58 20.43
C HIS C 584 -74.95 14.06 20.54
N ARG C 585 -73.99 13.55 19.77
CA ARG C 585 -73.64 12.14 19.82
C ARG C 585 -73.24 11.90 21.24
N LEU C 586 -73.46 10.72 21.74
CA LEU C 586 -73.11 10.52 23.10
C LEU C 586 -72.16 9.39 23.22
N SER C 587 -71.07 9.64 23.93
CA SER C 587 -70.02 8.67 24.12
C SER C 587 -70.31 7.85 25.32
N THR C 588 -70.41 6.56 25.13
CA THR C 588 -70.69 5.73 26.27
C THR C 588 -69.50 5.74 27.20
N ALA C 589 -68.29 5.84 26.67
CA ALA C 589 -67.13 5.88 27.55
C ALA C 589 -67.16 7.08 28.47
N GLU C 590 -67.52 8.25 27.95
CA GLU C 590 -67.49 9.43 28.80
C GLU C 590 -68.56 9.39 29.88
N ILE C 591 -69.77 9.03 29.52
CA ILE C 591 -70.78 9.00 30.54
C ILE C 591 -70.53 7.94 31.59
N GLU C 592 -70.00 6.79 31.22
CA GLU C 592 -69.73 5.80 32.23
C GLU C 592 -68.68 6.32 33.18
N ALA C 593 -67.68 7.03 32.66
CA ALA C 593 -66.67 7.58 33.52
C ALA C 593 -67.27 8.54 34.52
N ALA C 594 -68.25 9.32 34.12
CA ALA C 594 -68.85 10.22 35.07
C ALA C 594 -69.61 9.47 36.16
N ILE C 595 -70.34 8.45 35.76
CA ILE C 595 -71.18 7.75 36.73
C ILE C 595 -70.38 7.09 37.83
N ILE C 596 -69.24 6.48 37.52
CA ILE C 596 -68.41 5.81 38.54
C ILE C 596 -67.91 6.74 39.65
N GLU C 597 -67.99 8.05 39.49
CA GLU C 597 -67.56 8.94 40.57
C GLU C 597 -68.62 8.76 41.65
N ASP C 598 -68.52 9.43 42.80
CA ASP C 598 -69.53 9.17 43.86
C ASP C 598 -69.37 7.70 44.29
N PRO C 599 -68.36 7.38 45.07
CA PRO C 599 -67.92 6.04 45.40
C PRO C 599 -68.86 5.28 46.31
N ILE C 600 -70.03 5.03 45.73
CA ILE C 600 -71.10 4.23 46.23
C ILE C 600 -71.35 3.30 45.09
N VAL C 601 -70.94 3.78 43.90
CA VAL C 601 -71.07 3.07 42.65
C VAL C 601 -69.88 2.20 42.44
N ALA C 602 -70.13 0.95 42.16
CA ALA C 602 -69.07 0.02 41.91
C ALA C 602 -68.80 -0.17 40.44
N GLU C 603 -69.88 -0.34 39.69
CA GLU C 603 -69.76 -0.59 38.25
C GLU C 603 -70.92 0.09 37.54
N CYS C 604 -70.76 0.34 36.25
CA CYS C 604 -71.84 0.92 35.49
C CYS C 604 -71.74 0.73 34.00
N ALA C 605 -72.90 0.54 33.37
CA ALA C 605 -72.98 0.50 31.93
C ALA C 605 -74.11 1.39 31.45
N VAL C 606 -73.87 2.13 30.38
CA VAL C 606 -74.87 2.99 29.81
C VAL C 606 -75.37 2.46 28.51
N VAL C 607 -76.67 2.37 28.46
CA VAL C 607 -77.41 1.77 27.39
C VAL C 607 -78.40 2.72 26.74
N GLY C 608 -78.40 2.81 25.42
CA GLY C 608 -79.39 3.67 24.78
C GLY C 608 -80.76 3.02 24.94
N PHE C 609 -81.82 3.79 25.14
CA PHE C 609 -83.10 3.07 25.15
C PHE C 609 -84.23 3.83 24.45
N ASN C 610 -85.02 3.07 23.71
CA ASN C 610 -86.11 3.60 22.90
C ASN C 610 -87.06 4.41 23.76
N ASP C 611 -87.34 5.61 23.32
CA ASP C 611 -88.18 6.53 24.05
C ASP C 611 -88.90 7.42 23.05
N ASP C 612 -89.72 8.34 23.55
CA ASP C 612 -90.47 9.28 22.70
C ASP C 612 -89.66 10.53 22.40
N LEU C 613 -88.42 10.51 22.86
CA LEU C 613 -87.46 11.56 22.69
C LEU C 613 -86.86 11.46 21.32
N THR C 614 -86.33 12.56 20.84
CA THR C 614 -85.57 12.50 19.60
C THR C 614 -84.44 11.51 19.84
N GLY C 615 -84.28 10.56 18.93
CA GLY C 615 -83.28 9.52 19.07
C GLY C 615 -83.62 8.60 20.24
N GLN C 616 -82.73 8.46 21.17
CA GLN C 616 -82.94 7.59 22.33
C GLN C 616 -82.67 8.24 23.67
N ALA C 617 -83.26 7.66 24.69
CA ALA C 617 -83.03 8.05 26.05
C ALA C 617 -81.78 7.42 26.56
N VAL C 618 -81.25 8.00 27.61
CA VAL C 618 -80.12 7.38 28.24
C VAL C 618 -80.57 6.58 29.45
N ALA C 619 -80.19 5.32 29.49
CA ALA C 619 -80.49 4.45 30.60
C ALA C 619 -79.19 3.95 31.20
N ALA C 620 -79.19 3.63 32.48
CA ALA C 620 -77.96 3.12 33.03
C ALA C 620 -78.18 2.03 34.04
N PHE C 621 -77.29 1.08 33.99
CA PHE C 621 -77.29 -0.03 34.89
C PHE C 621 -76.18 0.19 35.86
N VAL C 622 -76.54 0.35 37.10
CA VAL C 622 -75.58 0.72 38.10
C VAL C 622 -75.51 -0.31 39.20
N VAL C 623 -74.32 -0.72 39.51
CA VAL C 623 -74.07 -1.68 40.56
C VAL C 623 -73.56 -0.94 41.76
N LEU C 624 -74.19 -1.14 42.90
CA LEU C 624 -73.70 -0.46 44.09
C LEU C 624 -72.72 -1.34 44.81
N LYS C 625 -71.75 -0.71 45.45
CA LYS C 625 -70.66 -1.40 46.12
C LYS C 625 -71.02 -2.34 47.26
N ASN C 626 -71.98 -1.97 48.08
CA ASN C 626 -72.34 -2.81 49.21
C ASN C 626 -73.80 -3.19 49.19
N LYS C 627 -74.08 -4.48 49.38
CA LYS C 627 -75.45 -4.96 49.34
C LYS C 627 -76.30 -4.39 50.47
N SER C 628 -75.72 -4.23 51.64
CA SER C 628 -76.47 -3.73 52.80
C SER C 628 -77.04 -2.35 52.52
N ASN C 629 -76.26 -1.48 51.88
CA ASN C 629 -76.79 -0.17 51.51
C ASN C 629 -77.85 -0.36 50.45
N TRP C 630 -77.61 -1.28 49.52
CA TRP C 630 -78.55 -1.55 48.44
C TRP C 630 -79.87 -2.12 48.92
N SER C 631 -79.83 -3.01 49.89
CA SER C 631 -81.06 -3.59 50.39
C SER C 631 -81.52 -2.84 51.63
N THR C 632 -82.50 -1.98 51.41
CA THR C 632 -83.08 -1.09 52.41
C THR C 632 -84.45 -0.63 51.94
N ALA C 633 -85.15 0.15 52.75
CA ALA C 633 -86.46 0.61 52.31
C ALA C 633 -86.18 1.51 51.12
N THR C 634 -86.72 1.10 49.98
CA THR C 634 -86.46 1.77 48.72
C THR C 634 -86.90 3.21 48.64
N ASP C 635 -88.08 3.50 49.14
CA ASP C 635 -88.54 4.87 49.09
C ASP C 635 -87.61 5.75 49.90
N ASP C 636 -87.13 5.18 51.00
CA ASP C 636 -86.35 5.87 51.98
C ASP C 636 -85.04 6.34 51.39
N GLU C 637 -84.29 5.43 50.76
CA GLU C 637 -82.96 5.77 50.31
C GLU C 637 -82.60 5.51 48.85
N LEU C 638 -83.17 4.49 48.20
CA LEU C 638 -82.63 4.24 46.87
C LEU C 638 -82.98 5.41 45.98
N GLN C 639 -84.07 6.08 46.31
CA GLN C 639 -84.50 7.24 45.57
C GLN C 639 -83.46 8.36 45.60
N ASP C 640 -82.64 8.44 46.66
CA ASP C 640 -81.68 9.51 46.70
C ASP C 640 -80.46 9.08 45.97
N ILE C 641 -80.22 7.79 45.99
CA ILE C 641 -79.10 7.33 45.23
C ILE C 641 -79.33 7.70 43.81
N LYS C 642 -80.54 7.47 43.32
CA LYS C 642 -80.82 7.83 41.96
C LYS C 642 -80.66 9.33 41.73
N LYS C 643 -81.11 10.17 42.66
CA LYS C 643 -80.96 11.62 42.48
C LYS C 643 -79.51 12.01 42.36
N HIS C 644 -78.67 11.40 43.19
CA HIS C 644 -77.27 11.76 43.18
C HIS C 644 -76.62 11.34 41.89
N LEU C 645 -76.95 10.16 41.41
CA LEU C 645 -76.33 9.67 40.20
C LEU C 645 -76.67 10.54 39.00
N VAL C 646 -77.93 10.97 38.90
CA VAL C 646 -78.31 11.80 37.78
C VAL C 646 -77.74 13.18 37.93
N PHE C 647 -77.68 13.69 39.16
CA PHE C 647 -77.13 15.00 39.43
C PHE C 647 -75.72 15.13 38.91
N THR C 648 -74.87 14.18 39.28
CA THR C 648 -73.50 14.23 38.83
C THR C 648 -73.39 14.21 37.33
N VAL C 649 -74.10 13.34 36.66
CA VAL C 649 -73.90 13.35 35.24
C VAL C 649 -74.36 14.67 34.68
N ARG C 650 -75.52 15.13 35.13
CA ARG C 650 -76.07 16.37 34.64
C ARG C 650 -75.12 17.54 34.78
N LYS C 651 -74.41 17.66 35.90
CA LYS C 651 -73.51 18.79 36.04
C LYS C 651 -72.18 18.63 35.32
N ASP C 652 -71.61 17.42 35.28
CA ASP C 652 -70.31 17.26 34.65
C ASP C 652 -70.33 16.99 33.17
N ILE C 653 -71.33 16.29 32.66
CA ILE C 653 -71.37 15.98 31.25
C ILE C 653 -72.39 16.86 30.55
N GLY C 654 -73.56 16.97 31.16
CA GLY C 654 -74.65 17.76 30.61
C GLY C 654 -75.97 17.01 30.62
N PRO C 655 -77.02 17.82 30.48
CA PRO C 655 -78.45 17.55 30.51
C PRO C 655 -78.84 16.56 29.46
N PHE C 656 -78.31 16.63 28.25
CA PHE C 656 -78.72 15.61 27.33
C PHE C 656 -78.26 14.24 27.78
N ALA C 657 -77.04 14.14 28.28
CA ALA C 657 -76.50 12.85 28.73
C ALA C 657 -77.15 12.25 29.97
N ALA C 658 -77.37 13.08 30.97
CA ALA C 658 -77.95 12.66 32.22
C ALA C 658 -78.96 11.55 31.95
N PRO C 659 -78.88 10.43 32.67
CA PRO C 659 -79.76 9.29 32.51
C PRO C 659 -81.14 9.59 33.02
N LYS C 660 -82.10 8.88 32.46
CA LYS C 660 -83.46 8.93 32.94
C LYS C 660 -83.81 7.65 33.65
N LEU C 661 -83.38 6.53 33.10
CA LEU C 661 -83.72 5.29 33.74
C LEU C 661 -82.51 4.78 34.50
N ILE C 662 -82.59 4.80 35.82
CA ILE C 662 -81.49 4.27 36.60
C ILE C 662 -81.93 2.98 37.22
N ILE C 663 -81.27 1.92 36.84
CA ILE C 663 -81.62 0.61 37.28
C ILE C 663 -80.51 0.17 38.21
N LEU C 664 -80.83 -0.10 39.46
CA LEU C 664 -79.82 -0.50 40.41
C LEU C 664 -79.83 -2.00 40.50
N VAL C 665 -78.72 -2.60 40.15
CA VAL C 665 -78.62 -4.05 40.05
C VAL C 665 -77.51 -4.62 40.88
N ASP C 666 -77.55 -5.94 41.07
CA ASP C 666 -76.51 -6.62 41.82
C ASP C 666 -75.24 -6.84 41.00
N ASP C 667 -75.38 -6.99 39.69
CA ASP C 667 -74.22 -7.17 38.81
C ASP C 667 -74.56 -6.88 37.34
N LEU C 668 -73.54 -6.91 36.50
CA LEU C 668 -73.67 -6.75 35.06
C LEU C 668 -73.16 -8.02 34.37
N PRO C 669 -73.72 -8.41 33.23
CA PRO C 669 -73.26 -9.55 32.48
C PRO C 669 -71.90 -9.25 31.96
N LYS C 670 -71.00 -10.20 32.07
CA LYS C 670 -69.63 -10.00 31.60
C LYS C 670 -69.19 -11.13 30.71
N THR C 671 -68.32 -10.84 29.77
CA THR C 671 -67.84 -11.88 28.90
C THR C 671 -66.57 -12.52 29.37
N ARG C 672 -66.30 -13.69 28.80
CA ARG C 672 -65.05 -14.39 29.03
C ARG C 672 -63.88 -13.55 28.55
N SER C 673 -64.12 -12.78 27.50
CA SER C 673 -63.16 -11.89 26.87
C SER C 673 -62.91 -10.62 27.66
N GLY C 674 -63.63 -10.40 28.76
CA GLY C 674 -63.34 -9.21 29.53
C GLY C 674 -64.16 -7.95 29.32
N LYS C 675 -65.39 -8.05 28.84
CA LYS C 675 -66.19 -6.88 28.56
C LYS C 675 -67.58 -6.93 29.11
N ILE C 676 -68.16 -5.78 29.45
CA ILE C 676 -69.57 -5.84 29.83
C ILE C 676 -70.36 -6.13 28.59
N MET C 677 -71.22 -7.12 28.64
CA MET C 677 -71.95 -7.47 27.45
C MET C 677 -73.17 -6.58 27.28
N ARG C 678 -72.88 -5.35 26.84
CA ARG C 678 -73.86 -4.31 26.72
C ARG C 678 -74.98 -4.69 25.79
N ARG C 679 -74.70 -5.49 24.78
CA ARG C 679 -75.76 -5.87 23.88
C ARG C 679 -76.89 -6.56 24.62
N ILE C 680 -76.59 -7.38 25.62
CA ILE C 680 -77.66 -8.04 26.34
C ILE C 680 -78.45 -7.04 27.05
N LEU C 681 -77.76 -6.13 27.72
CA LEU C 681 -78.50 -5.16 28.49
C LEU C 681 -79.40 -4.37 27.58
N ARG C 682 -78.92 -4.03 26.40
CA ARG C 682 -79.74 -3.27 25.48
C ARG C 682 -80.97 -4.02 25.08
N LYS C 683 -80.84 -5.29 24.77
CA LYS C 683 -82.02 -6.04 24.37
C LYS C 683 -83.00 -6.21 25.51
N ILE C 684 -82.50 -6.48 26.71
CA ILE C 684 -83.42 -6.68 27.80
C ILE C 684 -84.17 -5.41 28.05
N LEU C 685 -83.43 -4.32 28.08
CA LEU C 685 -84.02 -3.04 28.36
C LEU C 685 -85.06 -2.67 27.33
N ALA C 686 -84.76 -2.93 26.05
CA ALA C 686 -85.69 -2.62 24.98
C ALA C 686 -87.00 -3.36 25.15
N GLY C 687 -86.94 -4.59 25.66
CA GLY C 687 -88.11 -5.40 25.88
C GLY C 687 -87.97 -6.78 25.26
N GLU C 688 -87.09 -6.90 24.30
CA GLU C 688 -86.84 -8.18 23.63
C GLU C 688 -85.82 -8.97 24.43
N SER C 689 -86.21 -9.36 25.64
CA SER C 689 -85.36 -10.04 26.60
C SER C 689 -85.17 -11.51 26.34
N ASP C 690 -85.94 -12.06 25.43
CA ASP C 690 -85.85 -13.47 25.10
C ASP C 690 -84.72 -13.73 24.12
N GLN C 691 -84.70 -12.98 23.04
CA GLN C 691 -83.74 -13.27 22.02
C GLN C 691 -82.35 -12.73 22.28
N LEU C 692 -81.70 -13.33 23.26
CA LEU C 692 -80.36 -12.96 23.68
C LEU C 692 -79.29 -13.86 23.10
N GLY C 693 -79.71 -14.90 22.41
CA GLY C 693 -78.78 -15.86 21.88
C GLY C 693 -78.29 -16.73 23.02
N ASP C 694 -77.14 -17.37 22.83
CA ASP C 694 -76.66 -18.29 23.84
C ASP C 694 -76.04 -17.52 24.98
N VAL C 695 -76.56 -17.72 26.17
CA VAL C 695 -76.06 -17.02 27.33
C VAL C 695 -74.63 -17.43 27.61
N SER C 696 -74.23 -18.63 27.19
CA SER C 696 -72.91 -19.13 27.49
C SER C 696 -71.80 -18.53 26.62
N THR C 697 -71.66 -17.24 26.79
CA THR C 697 -70.65 -16.42 26.20
C THR C 697 -70.13 -15.64 27.37
N LEU C 698 -70.97 -15.63 28.41
CA LEU C 698 -70.74 -14.91 29.63
C LEU C 698 -69.95 -15.72 30.61
N SER C 699 -69.22 -15.01 31.44
CA SER C 699 -68.47 -15.58 32.55
C SER C 699 -69.33 -15.79 33.77
N ASN C 700 -70.51 -15.20 33.77
CA ASN C 700 -71.46 -15.27 34.87
C ASN C 700 -72.89 -15.66 34.51
N PRO C 701 -73.10 -16.63 33.61
CA PRO C 701 -74.38 -17.00 33.12
C PRO C 701 -75.20 -17.38 34.31
N GLY C 702 -76.44 -16.98 34.28
CA GLY C 702 -77.34 -17.18 35.37
C GLY C 702 -77.82 -15.79 35.73
N ILE C 703 -76.91 -14.83 35.61
CA ILE C 703 -77.18 -13.43 35.89
C ILE C 703 -78.38 -12.88 35.19
N VAL C 704 -78.65 -13.37 33.99
CA VAL C 704 -79.77 -12.88 33.23
C VAL C 704 -81.06 -12.97 34.00
N ARG C 705 -81.22 -14.00 34.81
CA ARG C 705 -82.46 -14.12 35.54
C ARG C 705 -82.77 -12.84 36.32
N HIS C 706 -81.75 -12.26 36.95
CA HIS C 706 -81.95 -11.08 37.76
C HIS C 706 -82.06 -9.87 36.90
N LEU C 707 -81.30 -9.83 35.83
CA LEU C 707 -81.31 -8.63 35.02
C LEU C 707 -82.69 -8.41 34.51
N ILE C 708 -83.37 -9.49 34.12
CA ILE C 708 -84.70 -9.32 33.61
C ILE C 708 -85.62 -8.79 34.68
N ASP C 709 -85.59 -9.38 35.87
CA ASP C 709 -86.47 -8.85 36.89
C ASP C 709 -86.21 -7.40 37.23
N SER C 710 -84.94 -6.99 37.30
CA SER C 710 -84.61 -5.63 37.66
C SER C 710 -85.11 -4.64 36.65
N VAL C 711 -84.95 -4.95 35.37
CA VAL C 711 -85.41 -4.08 34.32
C VAL C 711 -86.91 -3.93 34.33
N LYS C 712 -87.62 -5.04 34.44
CA LYS C 712 -89.07 -4.97 34.44
C LYS C 712 -89.56 -4.06 35.54
N LEU C 713 -88.98 -4.22 36.73
CA LEU C 713 -89.36 -3.42 37.87
C LEU C 713 -88.17 -2.63 38.39
N HIS D 38 -4.60 -65.08 35.84
CA HIS D 38 -5.32 -64.39 36.82
C HIS D 38 -6.80 -64.45 36.54
N GLU D 39 -7.44 -63.30 36.45
CA GLU D 39 -8.84 -63.25 36.13
C GLU D 39 -8.72 -62.92 34.70
N TYR D 40 -8.71 -63.97 33.92
CA TYR D 40 -8.49 -63.90 32.49
C TYR D 40 -7.04 -63.86 32.13
N GLU D 41 -6.16 -64.26 33.05
CA GLU D 41 -4.76 -64.30 32.72
C GLU D 41 -4.50 -65.17 31.52
N HIS D 42 -5.21 -66.28 31.38
CA HIS D 42 -4.96 -67.09 30.21
C HIS D 42 -5.33 -66.34 28.95
N LEU D 43 -6.57 -65.87 28.90
CA LEU D 43 -7.08 -65.15 27.74
C LEU D 43 -6.23 -64.00 27.28
N THR D 44 -5.75 -63.19 28.20
CA THR D 44 -5.06 -61.99 27.81
C THR D 44 -3.55 -62.12 27.72
N SER D 45 -3.00 -63.29 28.00
CA SER D 45 -1.56 -63.41 28.01
C SER D 45 -1.04 -63.75 26.64
N VAL D 46 -1.01 -62.74 25.81
CA VAL D 46 -0.61 -62.94 24.44
C VAL D 46 0.44 -61.95 24.01
N LYS D 47 1.09 -62.27 22.91
CA LYS D 47 2.07 -61.42 22.26
C LYS D 47 1.40 -60.41 21.38
N ILE D 48 1.97 -59.21 21.32
CA ILE D 48 1.49 -58.18 20.43
C ILE D 48 2.08 -58.34 19.07
N VAL D 49 1.24 -58.34 18.06
CA VAL D 49 1.70 -58.45 16.70
C VAL D 49 1.63 -57.09 16.03
N PRO D 50 2.73 -56.53 15.59
CA PRO D 50 2.82 -55.23 14.94
C PRO D 50 2.30 -55.40 13.55
N GLN D 51 1.88 -54.35 12.88
CA GLN D 51 1.43 -54.51 11.50
C GLN D 51 2.60 -54.19 10.59
N ARG D 52 2.73 -54.95 9.54
CA ARG D 52 3.79 -54.83 8.58
C ARG D 52 3.24 -53.97 7.46
N PRO D 53 4.06 -53.18 6.80
CA PRO D 53 3.64 -52.36 5.68
C PRO D 53 3.28 -53.25 4.53
N ILE D 54 2.34 -52.80 3.75
CA ILE D 54 1.96 -53.50 2.54
C ILE D 54 2.17 -52.60 1.36
N SER D 55 2.94 -53.04 0.39
CA SER D 55 3.13 -52.23 -0.80
C SER D 55 3.06 -53.16 -1.95
N ASP D 56 3.36 -54.37 -1.62
CA ASP D 56 3.51 -55.45 -2.55
C ASP D 56 2.23 -56.18 -2.85
N ARG D 57 1.14 -55.66 -2.32
CA ARG D 57 -0.18 -56.17 -2.58
C ARG D 57 -1.01 -55.06 -3.18
N LEU D 58 -0.39 -53.95 -3.54
CA LEU D 58 -1.20 -52.90 -4.11
C LEU D 58 -1.41 -53.20 -5.58
N GLN D 59 -2.55 -52.80 -6.07
CA GLN D 59 -2.84 -52.94 -7.47
C GLN D 59 -2.38 -51.66 -8.15
N PRO D 60 -2.03 -51.70 -9.44
CA PRO D 60 -1.58 -50.54 -10.22
C PRO D 60 -2.45 -49.31 -10.04
N ALA D 61 -3.76 -49.51 -9.85
CA ALA D 61 -4.71 -48.43 -9.66
C ALA D 61 -4.32 -47.47 -8.55
N ILE D 62 -3.74 -48.00 -7.47
CA ILE D 62 -3.38 -47.17 -6.34
C ILE D 62 -1.92 -47.25 -6.06
N ALA D 63 -1.21 -48.09 -6.79
CA ALA D 63 0.19 -48.26 -6.53
C ALA D 63 0.94 -46.95 -6.61
N THR D 64 0.50 -46.02 -7.44
CA THR D 64 1.22 -44.79 -7.58
C THR D 64 0.87 -43.71 -6.57
N HIS D 65 -0.20 -43.86 -5.82
CA HIS D 65 -0.56 -42.78 -4.90
C HIS D 65 -1.01 -43.24 -3.52
N TYR D 66 -1.05 -44.53 -3.27
CA TYR D 66 -1.50 -45.04 -2.00
C TYR D 66 -0.76 -44.50 -0.81
N SER D 67 -1.55 -44.10 0.17
CA SER D 67 -1.07 -43.63 1.42
C SER D 67 -2.22 -43.83 2.40
N PRO D 68 -1.98 -44.30 3.60
CA PRO D 68 -2.99 -44.57 4.60
C PRO D 68 -3.63 -43.29 5.04
N HIS D 69 -4.87 -43.36 5.51
CA HIS D 69 -5.54 -42.14 5.97
C HIS D 69 -5.02 -41.68 7.34
N LEU D 70 -4.58 -42.61 8.18
CA LEU D 70 -3.99 -42.30 9.48
C LEU D 70 -2.57 -42.80 9.41
N ASP D 71 -1.61 -41.96 9.78
CA ASP D 71 -0.21 -42.31 9.66
C ASP D 71 0.33 -43.23 10.76
N GLY D 72 -0.27 -43.21 11.94
CA GLY D 72 0.24 -44.04 13.02
C GLY D 72 -0.60 -43.93 14.28
N LEU D 73 -0.20 -44.68 15.29
CA LEU D 73 -0.91 -44.73 16.54
C LEU D 73 -0.94 -43.38 17.19
N GLN D 74 0.14 -42.62 17.05
CA GLN D 74 0.19 -41.33 17.67
C GLN D 74 -0.83 -40.35 17.07
N ASP D 75 -1.29 -40.59 15.84
CA ASP D 75 -2.26 -39.68 15.28
C ASP D 75 -3.60 -40.14 15.73
N TYR D 76 -3.75 -41.45 15.84
CA TYR D 76 -4.98 -41.95 16.38
C TYR D 76 -5.16 -41.36 17.75
N GLN D 77 -4.12 -41.44 18.56
CA GLN D 77 -4.26 -40.96 19.91
C GLN D 77 -4.60 -39.49 19.99
N ARG D 78 -3.97 -38.63 19.20
CA ARG D 78 -4.32 -37.24 19.37
C ARG D 78 -5.65 -36.93 18.76
N LEU D 79 -6.00 -37.59 17.67
CA LEU D 79 -7.24 -37.32 16.99
C LEU D 79 -8.39 -37.81 17.83
N HIS D 80 -8.23 -38.96 18.46
CA HIS D 80 -9.24 -39.51 19.32
C HIS D 80 -9.45 -38.53 20.43
N LYS D 81 -8.38 -38.08 21.05
CA LYS D 81 -8.56 -37.11 22.10
C LYS D 81 -9.44 -35.96 21.65
N GLU D 82 -9.16 -35.37 20.48
CA GLU D 82 -9.96 -34.24 20.00
C GLU D 82 -11.41 -34.64 19.79
N SER D 83 -11.63 -35.82 19.24
CA SER D 83 -12.98 -36.28 18.98
C SER D 83 -13.81 -36.35 20.24
N ILE D 84 -13.20 -36.77 21.34
CA ILE D 84 -13.92 -36.85 22.59
C ILE D 84 -14.08 -35.47 23.22
N GLU D 85 -12.99 -34.72 23.30
CA GLU D 85 -13.04 -33.41 23.96
C GLU D 85 -13.88 -32.36 23.24
N ASP D 86 -13.90 -32.33 21.92
CA ASP D 86 -14.70 -31.32 21.24
C ASP D 86 -15.24 -31.80 19.89
N PRO D 87 -16.32 -32.60 19.91
CA PRO D 87 -16.98 -33.22 18.77
C PRO D 87 -17.46 -32.20 17.76
N ALA D 88 -17.69 -31.00 18.27
CA ALA D 88 -18.16 -29.88 17.50
C ALA D 88 -17.26 -29.60 16.34
N LYS D 89 -15.97 -29.83 16.51
CA LYS D 89 -15.09 -29.57 15.42
C LYS D 89 -14.77 -30.85 14.70
N PHE D 90 -14.50 -31.91 15.44
CA PHE D 90 -14.15 -33.15 14.76
C PHE D 90 -15.22 -33.62 13.80
N PHE D 91 -16.45 -33.80 14.30
CA PHE D 91 -17.51 -34.28 13.46
C PHE D 91 -18.02 -33.15 12.66
N GLY D 92 -18.09 -31.99 13.27
CA GLY D 92 -18.59 -30.84 12.57
C GLY D 92 -17.97 -30.71 11.18
N SER D 93 -16.65 -30.78 11.10
CA SER D 93 -15.99 -30.68 9.81
C SER D 93 -16.15 -31.90 8.94
N LYS D 94 -15.96 -33.10 9.47
CA LYS D 94 -16.06 -34.27 8.62
C LYS D 94 -17.45 -34.38 8.01
N ALA D 95 -18.43 -33.94 8.75
CA ALA D 95 -19.80 -33.97 8.30
C ALA D 95 -20.02 -33.18 7.03
N THR D 96 -19.27 -32.11 6.79
CA THR D 96 -19.52 -31.35 5.59
C THR D 96 -18.51 -31.69 4.54
N GLN D 97 -17.39 -32.24 4.94
CA GLN D 97 -16.38 -32.59 3.98
C GLN D 97 -16.69 -33.88 3.27
N PHE D 98 -17.42 -34.79 3.88
CA PHE D 98 -17.70 -36.04 3.18
C PHE D 98 -19.15 -36.25 2.77
N LEU D 99 -20.08 -35.46 3.23
CA LEU D 99 -21.49 -35.61 2.86
C LEU D 99 -21.90 -34.41 2.08
N ASN D 100 -22.72 -34.62 1.09
CA ASN D 100 -23.18 -33.52 0.29
C ASN D 100 -24.57 -33.09 0.74
N TRP D 101 -24.62 -31.96 1.43
CA TRP D 101 -25.82 -31.42 2.06
C TRP D 101 -26.66 -30.60 1.10
N SER D 102 -27.98 -30.69 1.22
CA SER D 102 -28.88 -29.86 0.42
C SER D 102 -29.06 -28.55 1.11
N LYS D 103 -28.99 -28.60 2.41
CA LYS D 103 -29.11 -27.45 3.26
C LYS D 103 -28.10 -27.65 4.37
N PRO D 104 -27.26 -26.66 4.66
CA PRO D 104 -26.26 -26.76 5.71
C PRO D 104 -26.92 -26.83 7.04
N PHE D 105 -26.26 -27.45 8.00
CA PHE D 105 -26.78 -27.53 9.34
C PHE D 105 -26.24 -26.42 10.21
N ASP D 106 -26.95 -26.14 11.29
CA ASP D 106 -26.52 -25.10 12.22
C ASP D 106 -25.77 -25.65 13.40
N LYS D 107 -26.21 -26.79 13.92
CA LYS D 107 -25.57 -27.28 15.13
C LYS D 107 -25.10 -28.69 15.04
N VAL D 108 -23.89 -28.89 15.47
CA VAL D 108 -23.38 -30.23 15.37
C VAL D 108 -24.15 -31.12 16.31
N PHE D 109 -24.38 -30.71 17.56
CA PHE D 109 -25.13 -31.61 18.44
C PHE D 109 -25.82 -30.91 19.59
N ILE D 110 -26.75 -31.62 20.23
CA ILE D 110 -27.40 -31.10 21.44
C ILE D 110 -26.62 -31.53 22.67
N PRO D 111 -26.06 -30.61 23.43
CA PRO D 111 -25.24 -30.90 24.59
C PRO D 111 -26.04 -31.30 25.77
N ASP D 112 -25.38 -32.02 26.65
CA ASP D 112 -25.87 -32.38 27.96
C ASP D 112 -25.71 -31.20 28.90
N SER D 113 -26.79 -30.80 29.58
CA SER D 113 -26.73 -29.64 30.47
C SER D 113 -25.57 -29.69 31.47
N LYS D 114 -25.19 -30.88 31.91
CA LYS D 114 -24.14 -31.01 32.93
C LYS D 114 -22.72 -31.05 32.37
N THR D 115 -22.57 -31.18 31.06
CA THR D 115 -21.25 -31.33 30.45
C THR D 115 -21.27 -31.00 28.96
N GLY D 116 -20.13 -30.68 28.40
CA GLY D 116 -20.14 -30.34 26.97
C GLY D 116 -20.30 -31.51 26.02
N ARG D 117 -20.40 -32.72 26.54
CA ARG D 117 -20.54 -33.89 25.71
C ARG D 117 -21.99 -34.08 25.26
N PRO D 118 -22.21 -34.75 24.13
CA PRO D 118 -23.53 -35.11 23.61
C PRO D 118 -24.39 -35.89 24.55
N SER D 119 -25.66 -35.48 24.62
CA SER D 119 -26.69 -36.10 25.45
C SER D 119 -27.18 -37.43 24.91
N PHE D 120 -27.41 -38.40 25.81
CA PHE D 120 -28.01 -39.67 25.36
C PHE D 120 -29.50 -39.59 25.18
N GLN D 121 -30.16 -38.89 26.08
CA GLN D 121 -31.60 -38.81 26.08
C GLN D 121 -32.13 -37.93 24.99
N ASN D 122 -31.37 -36.93 24.59
CA ASN D 122 -31.81 -36.03 23.55
C ASN D 122 -30.75 -35.96 22.48
N ASN D 123 -30.26 -37.12 22.10
CA ASN D 123 -29.25 -37.23 21.09
C ASN D 123 -29.77 -36.81 19.73
N ALA D 124 -29.11 -35.86 19.12
CA ALA D 124 -29.45 -35.39 17.79
C ALA D 124 -28.24 -34.68 17.25
N TRP D 125 -28.01 -34.82 15.95
CA TRP D 125 -26.85 -34.25 15.30
C TRP D 125 -27.17 -33.53 13.99
N PHE D 126 -26.34 -32.57 13.65
CA PHE D 126 -26.46 -31.84 12.40
C PHE D 126 -27.83 -31.23 12.26
N LEU D 127 -28.22 -30.57 13.30
CA LEU D 127 -29.53 -29.99 13.39
C LEU D 127 -29.75 -28.94 12.35
N ASN D 128 -30.95 -29.03 11.81
CA ASN D 128 -31.57 -28.17 10.83
C ASN D 128 -30.98 -28.28 9.42
N GLY D 129 -30.11 -29.25 9.15
CA GLY D 129 -29.65 -29.43 7.79
C GLY D 129 -30.53 -30.42 7.08
N GLN D 130 -30.29 -30.62 5.80
CA GLN D 130 -31.04 -31.57 4.98
C GLN D 130 -30.10 -32.35 4.10
N LEU D 131 -30.36 -33.64 4.00
CA LEU D 131 -29.46 -34.55 3.32
C LEU D 131 -30.17 -35.75 2.75
N ASN D 132 -30.02 -36.01 1.47
CA ASN D 132 -30.65 -37.18 0.90
C ASN D 132 -29.65 -38.32 0.75
N ALA D 133 -29.90 -39.42 1.46
CA ALA D 133 -28.98 -40.55 1.44
C ALA D 133 -28.73 -41.13 0.07
N CYS D 134 -29.75 -41.16 -0.78
CA CYS D 134 -29.61 -41.74 -2.10
C CYS D 134 -28.73 -40.87 -2.95
N TYR D 135 -28.87 -39.56 -2.77
CA TYR D 135 -28.06 -38.66 -3.53
C TYR D 135 -26.61 -38.96 -3.25
N ASN D 136 -26.28 -39.03 -1.97
CA ASN D 136 -24.90 -39.27 -1.60
C ASN D 136 -24.39 -40.64 -2.00
N CYS D 137 -25.26 -41.65 -1.98
CA CYS D 137 -24.86 -43.00 -2.35
C CYS D 137 -24.75 -43.26 -3.84
N VAL D 138 -25.61 -42.66 -4.64
CA VAL D 138 -25.55 -42.96 -6.06
C VAL D 138 -25.25 -41.74 -6.88
N ASP D 139 -26.13 -40.75 -6.86
CA ASP D 139 -26.02 -39.68 -7.84
C ASP D 139 -24.71 -38.94 -7.74
N ARG D 140 -24.26 -38.76 -6.54
CA ARG D 140 -23.02 -38.08 -6.32
C ARG D 140 -21.88 -38.70 -7.09
N HIS D 141 -21.88 -40.00 -7.28
CA HIS D 141 -20.81 -40.66 -7.96
C HIS D 141 -21.18 -40.90 -9.40
N ALA D 142 -22.40 -41.30 -9.65
CA ALA D 142 -22.84 -41.60 -11.01
C ALA D 142 -22.71 -40.42 -11.92
N LEU D 143 -22.89 -39.23 -11.38
CA LEU D 143 -22.81 -38.05 -12.19
C LEU D 143 -21.39 -37.54 -12.37
N LYS D 144 -20.41 -38.19 -11.76
CA LYS D 144 -19.03 -37.77 -11.90
C LYS D 144 -18.14 -38.84 -12.52
N THR D 145 -18.33 -40.09 -12.11
CA THR D 145 -17.55 -41.24 -12.55
C THR D 145 -18.49 -42.31 -13.06
N PRO D 146 -19.27 -42.04 -14.12
CA PRO D 146 -20.33 -42.90 -14.62
C PRO D 146 -19.93 -44.28 -15.05
N ASN D 147 -18.67 -44.51 -15.37
CA ASN D 147 -18.31 -45.82 -15.86
C ASN D 147 -17.30 -46.46 -14.96
N LYS D 148 -17.77 -46.68 -13.76
CA LYS D 148 -17.04 -47.29 -12.69
C LYS D 148 -17.95 -48.30 -12.03
N LYS D 149 -17.43 -49.49 -11.76
CA LYS D 149 -18.25 -50.52 -11.16
C LYS D 149 -18.75 -50.13 -9.80
N ALA D 150 -20.05 -50.27 -9.59
CA ALA D 150 -20.66 -49.99 -8.33
C ALA D 150 -20.93 -51.27 -7.60
N ILE D 151 -21.49 -52.21 -8.33
CA ILE D 151 -21.88 -53.49 -7.79
C ILE D 151 -21.34 -54.61 -8.64
N ILE D 152 -20.71 -55.56 -8.01
CA ILE D 152 -20.24 -56.72 -8.70
C ILE D 152 -21.07 -57.83 -8.16
N PHE D 153 -21.81 -58.52 -9.01
CA PHE D 153 -22.68 -59.55 -8.50
C PHE D 153 -22.40 -60.93 -8.95
N GLU D 154 -22.38 -61.83 -7.99
CA GLU D 154 -22.20 -63.23 -8.29
C GLU D 154 -23.31 -64.03 -7.68
N GLY D 155 -23.91 -64.89 -8.51
CA GLY D 155 -25.05 -65.66 -8.08
C GLY D 155 -24.72 -66.95 -7.38
N ASP D 156 -25.76 -67.71 -7.06
CA ASP D 156 -25.61 -68.96 -6.34
C ASP D 156 -24.88 -69.95 -7.22
N GLU D 157 -25.24 -69.96 -8.49
CA GLU D 157 -24.61 -70.87 -9.43
C GLU D 157 -23.42 -70.14 -10.04
N PRO D 158 -22.19 -70.69 -9.95
CA PRO D 158 -20.93 -70.10 -10.40
C PRO D 158 -20.88 -69.51 -11.80
N GLY D 159 -21.65 -70.04 -12.74
CA GLY D 159 -21.58 -69.48 -14.08
C GLY D 159 -22.31 -68.15 -14.28
N GLN D 160 -23.05 -67.68 -13.27
CA GLN D 160 -23.81 -66.45 -13.48
C GLN D 160 -23.36 -65.30 -12.59
N GLY D 161 -23.36 -64.12 -13.19
CA GLY D 161 -23.01 -62.89 -12.51
C GLY D 161 -22.81 -61.81 -13.55
N TYR D 162 -22.67 -60.58 -13.07
CA TYR D 162 -22.48 -59.42 -13.92
C TYR D 162 -22.11 -58.20 -13.09
N SER D 163 -21.70 -57.13 -13.75
CA SER D 163 -21.44 -55.90 -13.03
C SER D 163 -22.45 -54.83 -13.38
N ILE D 164 -22.61 -53.89 -12.45
CA ILE D 164 -23.44 -52.71 -12.63
C ILE D 164 -22.61 -51.48 -12.37
N THR D 165 -22.58 -50.53 -13.30
CA THR D 165 -21.81 -49.32 -13.08
C THR D 165 -22.63 -48.27 -12.36
N TYR D 166 -21.97 -47.23 -11.89
CA TYR D 166 -22.73 -46.19 -11.23
C TYR D 166 -23.75 -45.55 -12.15
N LYS D 167 -23.44 -45.33 -13.42
CA LYS D 167 -24.45 -44.76 -14.29
C LYS D 167 -25.67 -45.66 -14.35
N GLU D 168 -25.44 -46.95 -14.54
CA GLU D 168 -26.52 -47.89 -14.65
C GLU D 168 -27.35 -47.94 -13.39
N LEU D 169 -26.70 -47.84 -12.24
CA LEU D 169 -27.38 -47.86 -10.98
C LEU D 169 -28.31 -46.67 -10.90
N LEU D 170 -27.84 -45.49 -11.28
CA LEU D 170 -28.70 -44.32 -11.25
C LEU D 170 -29.97 -44.57 -11.99
N GLU D 171 -29.88 -45.08 -13.20
CA GLU D 171 -31.08 -45.27 -13.98
C GLU D 171 -32.04 -46.27 -13.32
N GLU D 172 -31.51 -47.36 -12.77
CA GLU D 172 -32.40 -48.34 -12.15
C GLU D 172 -33.07 -47.81 -10.91
N VAL D 173 -32.33 -47.06 -10.12
CA VAL D 173 -32.89 -46.53 -8.91
C VAL D 173 -33.99 -45.58 -9.24
N CYS D 174 -33.75 -44.72 -10.23
CA CYS D 174 -34.75 -43.74 -10.58
C CYS D 174 -36.04 -44.39 -11.07
N GLN D 175 -35.95 -45.42 -11.90
CA GLN D 175 -37.20 -46.00 -12.34
C GLN D 175 -37.95 -46.62 -11.18
N VAL D 176 -37.25 -47.28 -10.27
CA VAL D 176 -37.96 -47.88 -9.16
C VAL D 176 -38.61 -46.84 -8.30
N ALA D 177 -37.93 -45.74 -8.05
CA ALA D 177 -38.50 -44.71 -7.22
C ALA D 177 -39.82 -44.21 -7.79
N GLN D 178 -39.90 -44.06 -9.11
CA GLN D 178 -41.16 -43.65 -9.72
C GLN D 178 -42.20 -44.71 -9.58
N VAL D 179 -41.82 -45.97 -9.64
CA VAL D 179 -42.81 -47.02 -9.46
C VAL D 179 -43.42 -46.89 -8.08
N LEU D 180 -42.56 -46.73 -7.08
CA LEU D 180 -43.05 -46.61 -5.72
C LEU D 180 -43.95 -45.41 -5.59
N THR D 181 -43.56 -44.31 -6.22
CA THR D 181 -44.29 -43.07 -6.14
C THR D 181 -45.65 -43.11 -6.80
N TYR D 182 -45.73 -43.63 -8.00
CA TYR D 182 -46.99 -43.55 -8.72
C TYR D 182 -47.86 -44.78 -8.67
N SER D 183 -47.29 -45.97 -8.64
CA SER D 183 -48.14 -47.12 -8.66
C SER D 183 -48.33 -47.70 -7.29
N MET D 184 -47.33 -47.64 -6.45
CA MET D 184 -47.48 -48.26 -5.14
C MET D 184 -48.06 -47.27 -4.14
N GLY D 185 -48.12 -46.00 -4.53
CA GLY D 185 -48.66 -44.92 -3.72
C GLY D 185 -47.79 -44.55 -2.51
N VAL D 186 -46.49 -44.74 -2.59
CA VAL D 186 -45.63 -44.48 -1.46
C VAL D 186 -45.32 -43.01 -1.32
N ARG D 187 -45.45 -42.52 -0.10
CA ARG D 187 -45.17 -41.12 0.17
C ARG D 187 -44.17 -40.98 1.29
N LYS D 188 -43.55 -39.81 1.33
CA LYS D 188 -42.55 -39.50 2.32
C LYS D 188 -43.04 -39.87 3.69
N GLY D 189 -42.20 -40.59 4.42
CA GLY D 189 -42.50 -41.03 5.77
C GLY D 189 -43.24 -42.36 5.86
N ASP D 190 -43.66 -42.94 4.75
CA ASP D 190 -44.37 -44.21 4.79
C ASP D 190 -43.37 -45.32 4.97
N THR D 191 -43.84 -46.56 5.06
CA THR D 191 -42.95 -47.68 5.28
C THR D 191 -43.10 -48.80 4.26
N VAL D 192 -41.94 -49.16 3.74
CA VAL D 192 -41.85 -50.19 2.76
C VAL D 192 -41.04 -51.34 3.31
N ALA D 193 -41.66 -52.49 3.35
CA ALA D 193 -41.02 -53.68 3.84
C ALA D 193 -40.39 -54.41 2.69
N VAL D 194 -39.21 -54.93 2.91
CA VAL D 194 -38.50 -55.67 1.90
C VAL D 194 -38.19 -57.06 2.43
N TYR D 195 -38.55 -58.08 1.67
CA TYR D 195 -38.33 -59.46 2.07
C TYR D 195 -37.58 -60.22 0.97
N MET D 196 -36.80 -59.49 0.24
CA MET D 196 -36.03 -60.01 -0.87
C MET D 196 -34.76 -60.74 -0.40
N PRO D 197 -34.25 -61.68 -1.19
CA PRO D 197 -32.97 -62.33 -1.03
C PRO D 197 -31.94 -61.31 -1.39
N MET D 198 -30.71 -61.46 -0.96
CA MET D 198 -29.79 -60.43 -1.40
C MET D 198 -29.37 -60.60 -2.84
N VAL D 199 -29.96 -59.77 -3.68
CA VAL D 199 -29.73 -59.72 -5.12
C VAL D 199 -29.57 -58.24 -5.47
N PRO D 200 -29.01 -57.88 -6.64
CA PRO D 200 -28.88 -56.50 -7.08
C PRO D 200 -30.18 -55.73 -7.01
N GLU D 201 -31.29 -56.40 -7.27
CA GLU D 201 -32.57 -55.73 -7.22
C GLU D 201 -32.92 -55.29 -5.81
N ALA D 202 -32.48 -56.03 -4.80
CA ALA D 202 -32.75 -55.66 -3.43
C ALA D 202 -31.98 -54.40 -3.10
N ILE D 203 -30.76 -54.31 -3.60
CA ILE D 203 -29.95 -53.13 -3.32
C ILE D 203 -30.60 -51.92 -3.95
N ILE D 204 -31.00 -52.08 -5.19
CA ILE D 204 -31.62 -51.01 -5.92
C ILE D 204 -32.86 -50.57 -5.19
N THR D 205 -33.66 -51.53 -4.75
CA THR D 205 -34.87 -51.22 -4.03
C THR D 205 -34.59 -50.40 -2.80
N LEU D 206 -33.63 -50.77 -1.99
CA LEU D 206 -33.41 -50.01 -0.79
C LEU D 206 -33.03 -48.58 -1.10
N LEU D 207 -32.19 -48.39 -2.11
CA LEU D 207 -31.79 -47.05 -2.48
C LEU D 207 -32.97 -46.25 -3.00
N ALA D 208 -33.81 -46.88 -3.81
CA ALA D 208 -34.97 -46.22 -4.37
C ALA D 208 -35.93 -45.78 -3.29
N ILE D 209 -36.08 -46.59 -2.26
CA ILE D 209 -36.99 -46.21 -1.19
C ILE D 209 -36.47 -44.97 -0.52
N SER D 210 -35.19 -44.96 -0.20
CA SER D 210 -34.58 -43.81 0.46
C SER D 210 -34.71 -42.55 -0.38
N ARG D 211 -34.61 -42.69 -1.68
CA ARG D 211 -34.69 -41.58 -2.62
C ARG D 211 -35.96 -40.77 -2.51
N ILE D 212 -37.06 -41.40 -2.08
CA ILE D 212 -38.32 -40.70 -2.02
C ILE D 212 -38.72 -40.39 -0.60
N GLY D 213 -37.78 -40.49 0.32
CA GLY D 213 -38.02 -40.14 1.70
C GLY D 213 -38.85 -41.15 2.45
N ALA D 214 -38.87 -42.39 2.01
CA ALA D 214 -39.65 -43.39 2.71
C ALA D 214 -38.70 -44.15 3.60
N ILE D 215 -39.24 -44.85 4.57
CA ILE D 215 -38.45 -45.61 5.52
C ILE D 215 -38.44 -47.06 5.12
N HIS D 216 -37.28 -47.67 5.03
CA HIS D 216 -37.33 -49.09 4.70
C HIS D 216 -37.12 -49.97 5.89
N SER D 217 -37.61 -51.19 5.77
CA SER D 217 -37.47 -52.24 6.77
C SER D 217 -37.19 -53.56 6.08
N VAL D 218 -36.09 -54.22 6.45
CA VAL D 218 -35.66 -55.41 5.75
C VAL D 218 -35.71 -56.65 6.61
N VAL D 219 -36.39 -57.66 6.14
CA VAL D 219 -36.60 -58.89 6.86
C VAL D 219 -35.83 -60.04 6.22
N PHE D 220 -35.07 -60.81 6.98
CA PHE D 220 -34.31 -61.89 6.34
C PHE D 220 -35.26 -62.78 5.56
N ALA D 221 -34.88 -63.09 4.33
CA ALA D 221 -35.74 -63.90 3.45
C ALA D 221 -36.10 -65.26 4.05
N GLY D 222 -35.24 -65.85 4.84
CA GLY D 222 -35.56 -67.17 5.35
C GLY D 222 -36.57 -67.21 6.51
N PHE D 223 -37.04 -66.09 7.00
CA PHE D 223 -37.96 -66.16 8.11
C PHE D 223 -39.29 -66.71 7.73
N SER D 224 -39.92 -67.34 8.70
CA SER D 224 -41.24 -67.89 8.57
C SER D 224 -42.30 -66.82 8.59
N SER D 225 -43.50 -67.20 8.22
CA SER D 225 -44.60 -66.26 8.16
C SER D 225 -45.02 -65.66 9.50
N ASN D 226 -44.75 -66.29 10.61
CA ASN D 226 -45.21 -65.66 11.84
C ASN D 226 -44.38 -64.49 12.19
N SER D 227 -43.08 -64.62 12.07
CA SER D 227 -42.26 -63.52 12.46
C SER D 227 -42.32 -62.45 11.40
N LEU D 228 -42.58 -62.83 10.16
CA LEU D 228 -42.71 -61.83 9.13
C LEU D 228 -43.92 -61.00 9.47
N ARG D 229 -44.99 -61.65 9.87
CA ARG D 229 -46.20 -60.93 10.14
C ARG D 229 -46.03 -59.95 11.25
N ASP D 230 -45.35 -60.36 12.29
CA ASP D 230 -45.15 -59.43 13.36
C ASP D 230 -44.37 -58.22 12.93
N ARG D 231 -43.35 -58.40 12.10
CA ARG D 231 -42.57 -57.25 11.67
C ARG D 231 -43.36 -56.34 10.75
N ILE D 232 -44.15 -56.91 9.86
CA ILE D 232 -44.94 -56.09 8.96
C ILE D 232 -45.91 -55.26 9.74
N ASN D 233 -46.59 -55.87 10.69
CA ASN D 233 -47.56 -55.12 11.45
C ASN D 233 -46.94 -54.14 12.39
N ASP D 234 -45.89 -54.52 13.08
CA ASP D 234 -45.32 -53.61 14.06
C ASP D 234 -44.80 -52.34 13.41
N GLY D 235 -44.20 -52.49 12.24
CA GLY D 235 -43.64 -51.33 11.56
C GLY D 235 -44.67 -50.58 10.73
N ASP D 236 -45.90 -51.07 10.73
CA ASP D 236 -46.98 -50.49 9.95
C ASP D 236 -46.66 -50.31 8.48
N SER D 237 -46.10 -51.32 7.83
CA SER D 237 -45.82 -51.10 6.41
C SER D 237 -47.11 -51.18 5.64
N LYS D 238 -47.08 -50.65 4.43
CA LYS D 238 -48.23 -50.73 3.56
C LYS D 238 -47.85 -51.33 2.26
N VAL D 239 -46.56 -51.32 2.01
CA VAL D 239 -46.03 -51.85 0.80
C VAL D 239 -45.01 -52.89 1.11
N VAL D 240 -45.13 -54.02 0.43
CA VAL D 240 -44.21 -55.11 0.59
C VAL D 240 -43.53 -55.42 -0.72
N ILE D 241 -42.22 -55.53 -0.70
CA ILE D 241 -41.48 -55.86 -1.89
C ILE D 241 -40.82 -57.20 -1.71
N THR D 242 -41.07 -58.10 -2.64
CA THR D 242 -40.55 -59.44 -2.59
C THR D 242 -40.18 -60.00 -3.93
N THR D 243 -39.91 -61.29 -3.94
CA THR D 243 -39.54 -62.07 -5.10
C THR D 243 -40.44 -63.27 -5.17
N ASP D 244 -40.44 -63.96 -6.29
CA ASP D 244 -41.25 -65.15 -6.33
C ASP D 244 -40.56 -66.34 -5.68
N GLU D 245 -39.40 -66.69 -6.18
CA GLU D 245 -38.62 -67.79 -5.63
C GLU D 245 -37.17 -67.39 -5.63
N SER D 246 -36.40 -67.96 -4.71
CA SER D 246 -34.98 -67.71 -4.72
C SER D 246 -34.20 -68.97 -4.42
N ASN D 247 -32.94 -68.96 -4.78
CA ASN D 247 -32.09 -70.13 -4.60
C ASN D 247 -30.86 -69.83 -3.82
N ARG D 248 -30.71 -70.57 -2.75
CA ARG D 248 -29.55 -70.41 -1.90
C ARG D 248 -29.00 -71.75 -1.50
N GLY D 249 -27.77 -72.02 -1.91
CA GLY D 249 -27.16 -73.29 -1.61
C GLY D 249 -27.81 -74.38 -2.44
N GLY D 250 -28.38 -73.99 -3.56
CA GLY D 250 -29.08 -74.94 -4.39
C GLY D 250 -30.50 -75.24 -3.92
N LYS D 251 -30.95 -74.64 -2.82
CA LYS D 251 -32.29 -74.94 -2.34
C LYS D 251 -33.25 -73.83 -2.66
N VAL D 252 -34.50 -74.20 -2.94
CA VAL D 252 -35.52 -73.21 -3.27
C VAL D 252 -36.25 -72.66 -2.06
N ILE D 253 -36.31 -71.35 -2.00
CA ILE D 253 -37.00 -70.65 -0.94
C ILE D 253 -38.26 -70.00 -1.51
N GLU D 254 -39.42 -70.38 -0.98
CA GLU D 254 -40.66 -69.86 -1.53
C GLU D 254 -41.05 -68.53 -0.92
N THR D 255 -40.40 -67.47 -1.38
CA THR D 255 -40.62 -66.16 -0.79
C THR D 255 -42.02 -65.62 -1.01
N LYS D 256 -42.62 -65.83 -2.18
CA LYS D 256 -43.95 -65.28 -2.36
C LYS D 256 -44.94 -65.93 -1.43
N ARG D 257 -44.91 -67.25 -1.34
CA ARG D 257 -45.88 -67.90 -0.50
C ARG D 257 -45.74 -67.47 0.94
N ILE D 258 -44.55 -67.27 1.43
CA ILE D 258 -44.43 -66.82 2.79
C ILE D 258 -45.06 -65.46 2.95
N VAL D 259 -44.82 -64.54 2.03
CA VAL D 259 -45.43 -63.24 2.17
C VAL D 259 -46.93 -63.35 2.13
N ASP D 260 -47.47 -64.10 1.17
CA ASP D 260 -48.92 -64.21 1.08
C ASP D 260 -49.53 -64.75 2.34
N ASP D 261 -48.85 -65.67 2.98
CA ASP D 261 -49.32 -66.21 4.24
C ASP D 261 -49.34 -65.11 5.29
N ALA D 262 -48.21 -64.44 5.46
CA ALA D 262 -48.13 -63.44 6.50
C ALA D 262 -49.20 -62.38 6.33
N LEU D 263 -49.50 -62.03 5.09
CA LEU D 263 -50.45 -60.96 4.86
C LEU D 263 -51.88 -61.35 5.06
N ARG D 264 -52.15 -62.60 5.33
CA ARG D 264 -53.52 -63.00 5.54
C ARG D 264 -54.09 -62.35 6.77
N GLU D 265 -53.25 -62.07 7.76
CA GLU D 265 -53.75 -61.48 8.97
C GLU D 265 -53.36 -60.01 9.06
N THR D 266 -52.95 -59.41 7.96
CA THR D 266 -52.54 -58.02 8.03
C THR D 266 -53.46 -57.13 7.21
N PRO D 267 -54.18 -56.19 7.83
CA PRO D 267 -55.14 -55.30 7.17
C PRO D 267 -54.50 -54.14 6.45
N GLY D 268 -53.23 -53.93 6.70
CA GLY D 268 -52.49 -52.79 6.22
C GLY D 268 -52.14 -52.82 4.75
N VAL D 269 -51.40 -53.82 4.35
CA VAL D 269 -50.79 -53.79 3.04
C VAL D 269 -51.76 -53.65 1.92
N ARG D 270 -51.44 -52.69 1.08
CA ARG D 270 -52.22 -52.34 -0.07
C ARG D 270 -51.61 -52.88 -1.35
N HIS D 271 -50.29 -52.93 -1.43
CA HIS D 271 -49.70 -53.44 -2.66
C HIS D 271 -48.47 -54.27 -2.40
N VAL D 272 -48.29 -55.28 -3.25
CA VAL D 272 -47.12 -56.11 -3.18
C VAL D 272 -46.41 -56.09 -4.52
N LEU D 273 -45.15 -55.77 -4.49
CA LEU D 273 -44.38 -55.71 -5.69
C LEU D 273 -43.54 -56.95 -5.76
N VAL D 274 -43.61 -57.66 -6.88
CA VAL D 274 -42.93 -58.95 -6.98
C VAL D 274 -41.93 -59.01 -8.08
N TYR D 275 -40.72 -59.33 -7.72
CA TYR D 275 -39.71 -59.50 -8.72
C TYR D 275 -39.59 -60.94 -9.17
N ARG D 276 -39.86 -61.16 -10.43
CA ARG D 276 -39.84 -62.51 -10.96
C ARG D 276 -38.45 -62.96 -11.27
N LYS D 277 -37.68 -63.20 -10.23
CA LYS D 277 -36.31 -63.62 -10.44
C LYS D 277 -36.32 -64.88 -11.27
N THR D 278 -37.26 -65.79 -10.98
CA THR D 278 -37.38 -66.98 -11.80
C THR D 278 -38.45 -66.65 -12.82
N ASN D 279 -38.16 -66.82 -14.09
CA ASN D 279 -39.12 -66.37 -15.07
C ASN D 279 -40.38 -67.23 -15.28
N ASN D 280 -40.35 -68.49 -14.92
CA ASN D 280 -41.47 -69.36 -15.19
C ASN D 280 -41.97 -70.33 -14.11
N PRO D 281 -41.93 -69.99 -12.82
CA PRO D 281 -42.35 -70.86 -11.74
C PRO D 281 -43.86 -70.92 -11.69
N SER D 282 -44.41 -71.85 -10.95
CA SER D 282 -45.86 -71.91 -10.84
C SER D 282 -46.31 -71.24 -9.57
N VAL D 283 -46.24 -69.93 -9.64
CA VAL D 283 -46.53 -69.06 -8.52
C VAL D 283 -47.72 -68.17 -8.82
N ALA D 284 -48.66 -68.17 -7.91
CA ALA D 284 -49.86 -67.40 -8.07
C ALA D 284 -49.53 -65.94 -8.18
N PHE D 285 -50.31 -65.23 -8.96
CA PHE D 285 -50.09 -63.81 -9.09
C PHE D 285 -51.44 -63.18 -9.25
N HIS D 286 -51.79 -62.27 -8.37
CA HIS D 286 -53.11 -61.68 -8.38
C HIS D 286 -53.06 -60.23 -8.79
N ALA D 287 -53.58 -59.94 -9.97
CA ALA D 287 -53.46 -58.60 -10.52
C ALA D 287 -53.97 -57.48 -9.63
N PRO D 288 -55.05 -57.62 -8.84
CA PRO D 288 -55.48 -56.53 -7.99
C PRO D 288 -54.36 -55.94 -7.15
N ARG D 289 -53.38 -56.74 -6.70
CA ARG D 289 -52.33 -56.07 -5.96
C ARG D 289 -50.98 -56.71 -6.07
N ASP D 290 -50.72 -57.42 -7.14
CA ASP D 290 -49.41 -57.96 -7.40
C ASP D 290 -48.86 -57.27 -8.60
N LEU D 291 -47.80 -56.55 -8.39
CA LEU D 291 -47.26 -55.80 -9.48
C LEU D 291 -45.99 -56.43 -9.93
N ASP D 292 -45.84 -56.60 -11.22
CA ASP D 292 -44.63 -57.21 -11.71
C ASP D 292 -43.55 -56.17 -11.84
N TRP D 293 -42.53 -56.31 -11.03
CA TRP D 293 -41.44 -55.37 -10.93
C TRP D 293 -40.86 -55.10 -12.29
N ALA D 294 -40.70 -56.16 -13.06
CA ALA D 294 -40.04 -56.09 -14.34
C ALA D 294 -40.93 -55.61 -15.47
N THR D 295 -42.20 -55.38 -15.19
CA THR D 295 -43.11 -54.91 -16.22
C THR D 295 -43.51 -53.51 -15.90
N GLU D 296 -43.60 -53.19 -14.63
CA GLU D 296 -43.99 -51.87 -14.25
C GLU D 296 -42.88 -50.87 -14.52
N LYS D 297 -41.65 -51.25 -14.22
CA LYS D 297 -40.48 -50.37 -14.34
C LYS D 297 -40.36 -49.65 -15.70
N LYS D 298 -40.64 -50.33 -16.80
CA LYS D 298 -40.43 -49.78 -18.14
C LYS D 298 -41.31 -48.57 -18.46
N LYS D 299 -42.27 -48.31 -17.63
CA LYS D 299 -43.17 -47.22 -17.84
C LYS D 299 -42.64 -45.92 -17.28
N TYR D 300 -41.48 -45.95 -16.68
CA TYR D 300 -40.97 -44.76 -16.04
C TYR D 300 -39.68 -44.20 -16.62
N LYS D 301 -39.48 -42.91 -16.43
CA LYS D 301 -38.28 -42.29 -16.95
C LYS D 301 -37.04 -42.64 -16.16
N THR D 302 -35.92 -42.53 -16.82
CA THR D 302 -34.64 -42.98 -16.29
C THR D 302 -33.87 -41.99 -15.41
N TYR D 303 -34.51 -40.88 -15.09
CA TYR D 303 -33.97 -39.88 -14.18
C TYR D 303 -35.14 -39.36 -13.37
N TYR D 304 -34.95 -39.28 -12.08
CA TYR D 304 -35.98 -38.79 -11.20
C TYR D 304 -35.25 -38.24 -10.01
N PRO D 305 -35.59 -37.06 -9.50
CA PRO D 305 -34.95 -36.36 -8.41
C PRO D 305 -35.12 -36.90 -7.01
N CYS D 306 -34.16 -36.53 -6.16
CA CYS D 306 -34.17 -36.80 -4.74
C CYS D 306 -35.06 -35.86 -3.96
N THR D 307 -35.79 -36.41 -3.01
CA THR D 307 -36.61 -35.61 -2.12
C THR D 307 -35.78 -35.17 -0.90
N PRO D 308 -35.75 -33.90 -0.52
CA PRO D 308 -35.06 -33.46 0.67
C PRO D 308 -35.58 -34.17 1.90
N VAL D 309 -34.66 -34.56 2.75
CA VAL D 309 -34.92 -35.28 3.98
C VAL D 309 -34.20 -34.61 5.12
N ASP D 310 -34.87 -34.45 6.25
CA ASP D 310 -34.19 -33.81 7.36
C ASP D 310 -33.07 -34.67 7.86
N SER D 311 -32.02 -34.04 8.38
CA SER D 311 -30.90 -34.80 8.90
C SER D 311 -31.29 -35.78 10.00
N GLU D 312 -32.37 -35.50 10.74
CA GLU D 312 -32.81 -36.42 11.80
C GLU D 312 -33.98 -37.31 11.43
N ASP D 313 -34.39 -37.32 10.17
CA ASP D 313 -35.46 -38.20 9.77
C ASP D 313 -34.93 -39.62 9.79
N PRO D 314 -35.73 -40.61 10.12
CA PRO D 314 -35.36 -42.01 10.11
C PRO D 314 -34.95 -42.49 8.75
N LEU D 315 -33.85 -43.22 8.66
CA LEU D 315 -33.43 -43.79 7.41
C LEU D 315 -34.06 -45.16 7.28
N PHE D 316 -33.91 -45.94 8.34
CA PHE D 316 -34.40 -47.30 8.32
C PHE D 316 -34.65 -47.90 9.67
N LEU D 317 -35.40 -48.99 9.64
CA LEU D 317 -35.64 -49.79 10.82
C LEU D 317 -35.06 -51.17 10.67
N LEU D 318 -34.56 -51.72 11.76
CA LEU D 318 -34.18 -53.12 11.75
C LEU D 318 -34.84 -53.86 12.84
N TYR D 319 -35.64 -54.82 12.46
CA TYR D 319 -36.33 -55.59 13.44
C TYR D 319 -35.51 -56.73 13.92
N THR D 320 -34.68 -56.41 14.87
CA THR D 320 -33.77 -57.37 15.41
C THR D 320 -34.51 -58.20 16.40
N SER D 321 -33.91 -59.31 16.78
CA SER D 321 -34.58 -60.13 17.77
C SER D 321 -33.65 -61.04 18.54
N GLY D 322 -33.97 -61.17 19.82
CA GLY D 322 -33.34 -62.07 20.78
C GLY D 322 -34.36 -63.14 21.19
N SER D 323 -35.42 -63.28 20.40
CA SER D 323 -36.54 -64.20 20.63
C SER D 323 -37.21 -64.01 21.99
N THR D 324 -37.44 -62.75 22.36
CA THR D 324 -38.11 -62.39 23.60
C THR D 324 -38.88 -61.10 23.38
N GLY D 325 -39.98 -60.96 24.08
CA GLY D 325 -40.81 -59.79 23.88
C GLY D 325 -41.29 -59.85 22.45
N ALA D 326 -40.93 -58.85 21.68
CA ALA D 326 -41.32 -58.75 20.29
C ALA D 326 -40.13 -58.12 19.57
N PRO D 327 -39.98 -58.33 18.27
CA PRO D 327 -38.90 -57.75 17.50
C PRO D 327 -38.82 -56.25 17.72
N LYS D 328 -37.60 -55.76 17.87
CA LYS D 328 -37.35 -54.36 18.12
C LYS D 328 -37.00 -53.60 16.87
N GLY D 329 -37.84 -52.65 16.51
CA GLY D 329 -37.58 -51.87 15.32
C GLY D 329 -36.53 -50.83 15.62
N VAL D 330 -35.28 -51.24 15.65
CA VAL D 330 -34.25 -50.29 16.00
C VAL D 330 -34.22 -49.25 14.93
N GLN D 331 -34.27 -47.99 15.32
CA GLN D 331 -34.30 -46.91 14.36
C GLN D 331 -33.07 -46.04 14.35
N HIS D 332 -32.56 -45.83 13.13
CA HIS D 332 -31.39 -44.98 12.90
C HIS D 332 -31.74 -43.84 11.97
N SER D 333 -31.29 -42.64 12.31
CA SER D 333 -31.53 -41.47 11.47
C SER D 333 -30.51 -41.30 10.38
N THR D 334 -30.88 -40.51 9.38
CA THR D 334 -30.03 -40.36 8.20
C THR D 334 -28.66 -39.72 8.38
N ALA D 335 -28.56 -38.50 8.88
CA ALA D 335 -27.22 -37.93 8.88
C ALA D 335 -26.29 -38.69 9.78
N GLY D 336 -26.79 -39.12 10.90
CA GLY D 336 -26.00 -39.81 11.87
C GLY D 336 -25.41 -41.08 11.32
N TYR D 337 -26.28 -41.92 10.81
CA TYR D 337 -25.86 -43.18 10.28
C TYR D 337 -24.89 -43.04 9.15
N LEU D 338 -25.20 -42.17 8.19
CA LEU D 338 -24.33 -42.06 7.03
C LEU D 338 -22.94 -41.60 7.41
N LEU D 339 -22.83 -40.66 8.35
CA LEU D 339 -21.49 -40.22 8.71
C LEU D 339 -20.74 -41.35 9.36
N GLY D 340 -21.41 -42.10 10.23
CA GLY D 340 -20.77 -43.20 10.90
C GLY D 340 -20.22 -44.17 9.89
N ALA D 341 -21.04 -44.55 8.92
CA ALA D 341 -20.60 -45.49 7.92
C ALA D 341 -19.38 -44.99 7.15
N LEU D 342 -19.35 -43.71 6.79
CA LEU D 342 -18.18 -43.22 6.08
C LEU D 342 -16.93 -43.18 6.89
N LEU D 343 -17.03 -42.75 8.14
CA LEU D 343 -15.83 -42.65 8.93
C LEU D 343 -15.24 -44.01 9.12
N THR D 344 -16.09 -45.00 9.29
CA THR D 344 -15.61 -46.33 9.50
C THR D 344 -14.89 -46.85 8.26
N MET D 345 -15.48 -46.64 7.09
CA MET D 345 -14.83 -47.10 5.87
C MET D 345 -13.47 -46.45 5.68
N ARG D 346 -13.40 -45.17 6.00
CA ARG D 346 -12.19 -44.41 5.83
C ARG D 346 -11.12 -44.72 6.85
N TYR D 347 -11.47 -44.91 8.12
CA TYR D 347 -10.43 -45.13 9.10
C TYR D 347 -10.23 -46.55 9.59
N THR D 348 -11.25 -47.38 9.56
CA THR D 348 -11.04 -48.73 10.05
C THR D 348 -10.54 -49.57 8.94
N PHE D 349 -11.19 -49.50 7.79
CA PHE D 349 -10.78 -50.37 6.70
C PHE D 349 -9.78 -49.71 5.76
N ASP D 350 -9.53 -48.44 5.96
CA ASP D 350 -8.58 -47.66 5.17
C ASP D 350 -8.86 -47.80 3.69
N THR D 351 -10.12 -47.66 3.27
CA THR D 351 -10.38 -47.88 1.86
C THR D 351 -10.12 -46.71 0.94
N HIS D 352 -10.08 -47.06 -0.32
CA HIS D 352 -9.92 -46.16 -1.43
C HIS D 352 -10.97 -46.41 -2.47
N GLN D 353 -11.06 -45.44 -3.32
CA GLN D 353 -12.07 -45.43 -4.34
C GLN D 353 -11.90 -46.56 -5.30
N GLU D 354 -10.72 -47.13 -5.34
CA GLU D 354 -10.33 -48.16 -6.27
C GLU D 354 -10.53 -49.57 -5.73
N ASP D 355 -11.02 -49.73 -4.52
CA ASP D 355 -11.17 -51.05 -3.96
C ASP D 355 -12.44 -51.79 -4.32
N VAL D 356 -12.49 -53.04 -3.83
CA VAL D 356 -13.64 -53.93 -3.88
C VAL D 356 -13.81 -54.48 -2.49
N PHE D 357 -14.96 -54.18 -1.91
CA PHE D 357 -15.20 -54.55 -0.54
C PHE D 357 -16.16 -55.73 -0.48
N PHE D 358 -15.70 -56.86 0.02
CA PHE D 358 -16.55 -58.04 0.06
C PHE D 358 -17.00 -58.38 1.46
N THR D 359 -18.29 -58.21 1.71
CA THR D 359 -18.86 -58.51 3.01
C THR D 359 -19.64 -59.79 2.93
N ALA D 360 -19.23 -60.74 3.68
CA ALA D 360 -19.86 -62.04 3.62
C ALA D 360 -21.05 -62.12 4.55
N GLY D 361 -22.14 -61.46 4.17
CA GLY D 361 -23.30 -61.49 5.04
C GLY D 361 -24.58 -60.91 4.46
N ASP D 362 -25.69 -61.39 5.00
CA ASP D 362 -27.04 -61.05 4.56
C ASP D 362 -27.44 -59.60 4.72
N ILE D 363 -28.22 -59.14 3.77
CA ILE D 363 -28.74 -57.79 3.75
C ILE D 363 -29.66 -57.45 4.92
N GLY D 364 -30.31 -58.42 5.54
CA GLY D 364 -31.20 -58.16 6.66
C GLY D 364 -30.50 -57.94 7.99
N TRP D 365 -29.18 -58.05 7.99
CA TRP D 365 -28.40 -57.89 9.20
C TRP D 365 -27.81 -56.48 9.19
N ILE D 366 -27.47 -55.96 10.35
CA ILE D 366 -26.89 -54.62 10.38
C ILE D 366 -25.63 -54.50 9.53
N THR D 367 -24.84 -55.56 9.36
CA THR D 367 -23.64 -55.41 8.55
C THR D 367 -23.99 -55.35 7.09
N GLY D 368 -25.16 -55.83 6.74
CA GLY D 368 -25.61 -55.78 5.37
C GLY D 368 -25.81 -54.33 5.02
N HIS D 369 -26.53 -53.66 5.87
CA HIS D 369 -26.79 -52.27 5.62
C HIS D 369 -25.51 -51.46 5.64
N THR D 370 -24.76 -51.58 6.71
CA THR D 370 -23.56 -50.79 6.82
C THR D 370 -22.50 -51.11 5.79
N TYR D 371 -22.25 -52.39 5.46
CA TYR D 371 -21.16 -52.67 4.55
C TYR D 371 -21.48 -53.22 3.17
N VAL D 372 -22.72 -53.39 2.82
CA VAL D 372 -23.05 -53.83 1.48
C VAL D 372 -23.68 -52.67 0.76
N VAL D 373 -24.60 -51.98 1.42
CA VAL D 373 -25.29 -50.89 0.74
C VAL D 373 -24.85 -49.49 1.10
N TYR D 374 -24.82 -49.12 2.37
CA TYR D 374 -24.54 -47.72 2.70
C TYR D 374 -23.10 -47.46 3.03
N GLY D 375 -22.26 -48.43 2.80
CA GLY D 375 -20.86 -48.31 3.07
C GLY D 375 -20.15 -47.99 1.79
N PRO D 376 -19.60 -48.98 1.09
CA PRO D 376 -18.89 -48.81 -0.14
C PRO D 376 -19.58 -47.92 -1.14
N LEU D 377 -20.89 -48.00 -1.30
CA LEU D 377 -21.49 -47.12 -2.29
C LEU D 377 -21.37 -45.67 -1.93
N LEU D 378 -21.47 -45.37 -0.65
CA LEU D 378 -21.46 -44.00 -0.18
C LEU D 378 -20.07 -43.45 -0.33
N TYR D 379 -19.12 -44.31 -0.01
CA TYR D 379 -17.73 -43.98 -0.09
C TYR D 379 -17.28 -43.82 -1.53
N GLY D 380 -17.72 -44.72 -2.39
CA GLY D 380 -17.34 -44.75 -3.79
C GLY D 380 -16.59 -46.02 -4.19
N CYS D 381 -16.56 -47.03 -3.34
CA CYS D 381 -15.88 -48.29 -3.63
C CYS D 381 -16.87 -49.24 -4.27
N ALA D 382 -16.40 -50.28 -4.96
CA ALA D 382 -17.34 -51.26 -5.49
C ALA D 382 -17.73 -52.23 -4.40
N THR D 383 -18.96 -52.69 -4.45
CA THR D 383 -19.45 -53.70 -3.51
C THR D 383 -19.54 -55.03 -4.18
N LEU D 384 -19.02 -56.05 -3.53
CA LEU D 384 -19.21 -57.38 -4.08
C LEU D 384 -20.35 -58.05 -3.35
N VAL D 385 -21.33 -58.45 -4.13
CA VAL D 385 -22.55 -59.04 -3.64
C VAL D 385 -22.61 -60.49 -4.00
N PHE D 386 -22.73 -61.32 -2.99
CA PHE D 386 -22.78 -62.74 -3.20
C PHE D 386 -24.00 -63.31 -2.56
N GLU D 387 -24.91 -63.83 -3.37
CA GLU D 387 -26.18 -64.31 -2.83
C GLU D 387 -26.14 -65.68 -2.14
N GLY D 388 -25.17 -66.52 -2.46
CA GLY D 388 -25.13 -67.89 -1.95
C GLY D 388 -24.34 -68.10 -0.67
N THR D 389 -23.87 -69.34 -0.50
CA THR D 389 -23.17 -69.84 0.67
C THR D 389 -21.92 -70.55 0.24
N PRO D 390 -20.81 -70.45 1.00
CA PRO D 390 -19.55 -71.12 0.68
C PRO D 390 -19.70 -72.61 0.62
N ALA D 391 -20.71 -73.11 1.29
CA ALA D 391 -20.99 -74.51 1.27
C ALA D 391 -21.18 -75.05 -0.14
N TYR D 392 -21.73 -74.23 -1.04
CA TYR D 392 -22.09 -74.69 -2.37
C TYR D 392 -21.33 -74.06 -3.54
N PRO D 393 -20.84 -74.88 -4.46
CA PRO D 393 -20.75 -76.33 -4.48
C PRO D 393 -19.66 -76.99 -3.61
N ASN D 394 -18.60 -76.29 -3.18
CA ASN D 394 -17.57 -77.06 -2.46
C ASN D 394 -16.58 -76.35 -1.54
N TYR D 395 -16.96 -75.38 -0.75
CA TYR D 395 -16.03 -74.69 0.14
C TYR D 395 -14.90 -73.88 -0.50
N SER D 396 -14.60 -74.03 -1.76
CA SER D 396 -13.55 -73.20 -2.32
C SER D 396 -14.15 -71.97 -2.93
N ARG D 397 -15.46 -71.87 -2.82
CA ARG D 397 -16.17 -70.80 -3.46
C ARG D 397 -15.71 -69.44 -3.03
N TYR D 398 -15.50 -69.20 -1.73
CA TYR D 398 -15.10 -67.85 -1.38
C TYR D 398 -13.78 -67.49 -1.98
N TRP D 399 -12.88 -68.44 -1.97
CA TRP D 399 -11.59 -68.18 -2.51
C TRP D 399 -11.66 -67.94 -3.98
N ASP D 400 -12.42 -68.74 -4.68
CA ASP D 400 -12.50 -68.52 -6.11
C ASP D 400 -13.01 -67.11 -6.38
N ILE D 401 -13.97 -66.67 -5.58
CA ILE D 401 -14.53 -65.34 -5.74
C ILE D 401 -13.49 -64.28 -5.51
N ILE D 402 -12.73 -64.42 -4.44
CA ILE D 402 -11.74 -63.43 -4.12
C ILE D 402 -10.73 -63.25 -5.20
N ASP D 403 -10.19 -64.32 -5.74
CA ASP D 403 -9.23 -64.08 -6.80
C ASP D 403 -9.84 -63.63 -8.10
N GLU D 404 -10.99 -64.15 -8.49
CA GLU D 404 -11.53 -63.77 -9.77
C GLU D 404 -11.82 -62.29 -9.84
N HIS D 405 -12.31 -61.71 -8.77
CA HIS D 405 -12.65 -60.30 -8.80
C HIS D 405 -11.67 -59.40 -8.09
N LYS D 406 -10.50 -59.91 -7.75
CA LYS D 406 -9.50 -59.10 -7.04
C LYS D 406 -10.05 -58.39 -5.82
N VAL D 407 -10.73 -59.12 -4.95
CA VAL D 407 -11.27 -58.55 -3.74
C VAL D 407 -10.16 -58.04 -2.89
N THR D 408 -10.30 -56.83 -2.35
CA THR D 408 -9.22 -56.31 -1.53
C THR D 408 -9.54 -56.29 -0.05
N GLN D 409 -10.81 -56.22 0.29
CA GLN D 409 -11.25 -56.25 1.69
C GLN D 409 -12.15 -57.45 1.93
N PHE D 410 -11.87 -58.27 2.95
CA PHE D 410 -12.78 -59.38 3.22
C PHE D 410 -13.22 -59.42 4.66
N TYR D 411 -14.50 -59.13 4.85
CA TYR D 411 -15.13 -59.00 6.16
C TYR D 411 -16.14 -60.13 6.35
N VAL D 412 -15.82 -61.06 7.25
CA VAL D 412 -16.60 -62.30 7.39
C VAL D 412 -16.98 -62.68 8.83
N ALA D 413 -18.16 -63.24 9.02
CA ALA D 413 -18.53 -63.71 10.35
C ALA D 413 -17.62 -64.87 10.76
N PRO D 414 -17.24 -64.98 12.04
CA PRO D 414 -16.39 -66.04 12.56
C PRO D 414 -16.98 -67.42 12.42
N THR D 415 -18.27 -67.52 12.26
CA THR D 415 -18.86 -68.83 12.11
C THR D 415 -18.48 -69.38 10.78
N ALA D 416 -18.43 -68.51 9.80
CA ALA D 416 -18.06 -68.96 8.49
C ALA D 416 -16.63 -69.41 8.54
N LEU D 417 -15.81 -68.68 9.29
CA LEU D 417 -14.43 -69.04 9.34
C LEU D 417 -14.26 -70.39 9.98
N ARG D 418 -15.01 -70.69 11.02
CA ARG D 418 -14.83 -71.98 11.61
C ARG D 418 -15.20 -73.08 10.64
N LEU D 419 -16.27 -72.91 9.88
CA LEU D 419 -16.63 -73.96 8.95
C LEU D 419 -15.58 -74.16 7.86
N LEU D 420 -15.02 -73.07 7.37
CA LEU D 420 -14.00 -73.16 6.36
C LEU D 420 -12.77 -73.86 6.91
N LYS D 421 -12.45 -73.54 8.14
CA LYS D 421 -11.31 -74.14 8.78
C LYS D 421 -11.52 -75.63 8.87
N ARG D 422 -12.69 -76.08 9.24
CA ARG D 422 -12.84 -77.51 9.30
C ARG D 422 -12.71 -78.12 7.94
N ALA D 423 -13.29 -77.50 6.95
CA ALA D 423 -13.22 -78.11 5.63
C ALA D 423 -11.78 -78.50 5.33
N GLY D 424 -10.84 -77.68 5.78
CA GLY D 424 -9.45 -78.01 5.64
C GLY D 424 -8.70 -77.20 4.60
N ASP D 425 -7.38 -77.18 4.75
CA ASP D 425 -6.49 -76.41 3.91
C ASP D 425 -6.40 -76.91 2.48
N SER D 426 -6.91 -78.10 2.23
CA SER D 426 -6.90 -78.66 0.89
C SER D 426 -7.75 -77.84 -0.05
N TYR D 427 -8.62 -77.00 0.48
CA TYR D 427 -9.49 -76.22 -0.36
C TYR D 427 -8.89 -74.88 -0.76
N ILE D 428 -7.66 -74.57 -0.29
CA ILE D 428 -6.97 -73.33 -0.64
C ILE D 428 -5.62 -73.56 -1.31
N GLU D 429 -5.34 -74.78 -1.69
CA GLU D 429 -4.05 -75.11 -2.28
C GLU D 429 -3.78 -74.34 -3.55
N ASN D 430 -4.80 -74.06 -4.33
CA ASN D 430 -4.61 -73.39 -5.58
C ASN D 430 -5.02 -71.92 -5.58
N HIS D 431 -5.00 -71.23 -4.44
CA HIS D 431 -5.32 -69.82 -4.49
C HIS D 431 -4.26 -68.98 -3.82
N SER D 432 -3.90 -67.87 -4.44
CA SER D 432 -2.91 -67.02 -3.82
C SER D 432 -3.55 -66.00 -2.92
N LEU D 433 -4.75 -65.59 -3.27
CA LEU D 433 -5.48 -64.56 -2.54
C LEU D 433 -4.62 -63.31 -2.35
N LYS D 434 -3.68 -63.09 -3.26
CA LYS D 434 -2.74 -61.99 -3.15
C LYS D 434 -3.37 -60.63 -3.09
N SER D 435 -4.48 -60.42 -3.78
CA SER D 435 -5.10 -59.11 -3.78
C SER D 435 -5.57 -58.61 -2.43
N LEU D 436 -5.84 -59.51 -1.50
CA LEU D 436 -6.36 -59.03 -0.24
C LEU D 436 -5.37 -58.15 0.47
N ARG D 437 -5.88 -57.07 1.02
CA ARG D 437 -5.03 -56.19 1.80
C ARG D 437 -5.51 -56.06 3.22
N CYS D 438 -6.73 -56.48 3.49
CA CYS D 438 -7.27 -56.39 4.83
C CYS D 438 -8.32 -57.45 5.08
N LEU D 439 -8.22 -58.11 6.22
CA LEU D 439 -9.16 -59.13 6.65
C LEU D 439 -9.86 -58.66 7.88
N GLY D 440 -11.03 -59.17 8.14
CA GLY D 440 -11.64 -58.88 9.42
C GLY D 440 -12.86 -59.73 9.67
N SER D 441 -13.42 -59.58 10.86
CA SER D 441 -14.58 -60.35 11.26
C SER D 441 -15.43 -59.67 12.31
N VAL D 442 -16.65 -60.16 12.39
CA VAL D 442 -17.63 -59.63 13.33
C VAL D 442 -18.74 -60.58 13.74
N GLY D 443 -19.27 -60.42 14.95
CA GLY D 443 -20.45 -61.15 15.39
C GLY D 443 -20.26 -62.06 16.59
N GLU D 444 -19.05 -62.46 16.85
CA GLU D 444 -18.80 -63.36 17.95
C GLU D 444 -17.31 -63.27 18.24
N PRO D 445 -16.86 -63.48 19.47
CA PRO D 445 -15.44 -63.50 19.79
C PRO D 445 -14.73 -64.51 18.95
N ILE D 446 -13.53 -64.17 18.54
CA ILE D 446 -12.72 -65.09 17.77
C ILE D 446 -11.66 -65.66 18.67
N ALA D 447 -11.59 -66.98 18.78
CA ALA D 447 -10.55 -67.58 19.59
C ALA D 447 -9.21 -67.29 18.97
N ALA D 448 -8.17 -67.16 19.77
CA ALA D 448 -6.84 -66.93 19.19
C ALA D 448 -6.51 -68.03 18.22
N GLU D 449 -6.91 -69.24 18.51
CA GLU D 449 -6.62 -70.36 17.63
C GLU D 449 -7.13 -70.13 16.22
N VAL D 450 -8.31 -69.53 16.09
CA VAL D 450 -8.91 -69.31 14.80
C VAL D 450 -8.22 -68.14 14.17
N TRP D 451 -7.97 -67.12 14.97
CA TRP D 451 -7.33 -65.91 14.50
C TRP D 451 -6.01 -66.27 13.87
N GLU D 452 -5.24 -67.12 14.54
CA GLU D 452 -3.97 -67.52 14.01
C GLU D 452 -4.11 -68.29 12.71
N TRP D 453 -5.07 -69.18 12.61
CA TRP D 453 -5.26 -69.90 11.36
C TRP D 453 -5.60 -68.97 10.23
N TYR D 454 -6.51 -68.06 10.50
CA TYR D 454 -6.96 -67.14 9.51
C TYR D 454 -5.78 -66.30 9.04
N SER D 455 -5.01 -65.80 9.99
CA SER D 455 -3.84 -65.00 9.68
C SER D 455 -2.83 -65.73 8.84
N GLU D 456 -2.51 -66.97 9.22
CA GLU D 456 -1.52 -67.78 8.52
C GLU D 456 -1.91 -68.31 7.16
N LYS D 457 -3.13 -68.81 7.02
CA LYS D 457 -3.46 -69.46 5.76
C LYS D 457 -4.13 -68.57 4.74
N ILE D 458 -4.89 -67.58 5.19
CA ILE D 458 -5.56 -66.71 4.27
C ILE D 458 -4.79 -65.42 4.17
N GLY D 459 -4.42 -64.85 5.30
CA GLY D 459 -3.72 -63.58 5.32
C GLY D 459 -2.22 -63.69 5.09
N LYS D 460 -1.75 -64.92 5.01
CA LYS D 460 -0.36 -65.30 4.81
C LYS D 460 0.61 -64.59 5.75
N ASN D 461 0.20 -64.33 6.97
CA ASN D 461 0.98 -63.62 7.97
C ASN D 461 1.35 -62.18 7.58
N GLU D 462 0.71 -61.62 6.56
CA GLU D 462 0.99 -60.26 6.16
C GLU D 462 -0.19 -59.33 6.34
N ILE D 463 -1.38 -59.81 6.11
CA ILE D 463 -2.55 -58.96 6.16
C ILE D 463 -3.09 -58.83 7.58
N PRO D 464 -3.36 -57.63 8.10
CA PRO D 464 -3.93 -57.43 9.40
C PRO D 464 -5.33 -57.98 9.48
N ILE D 465 -5.70 -58.49 10.65
CA ILE D 465 -7.06 -58.94 10.86
C ILE D 465 -7.76 -58.01 11.81
N VAL D 466 -8.81 -57.40 11.35
CA VAL D 466 -9.53 -56.48 12.18
C VAL D 466 -10.72 -57.15 12.84
N ASP D 467 -10.60 -57.36 14.14
CA ASP D 467 -11.65 -57.92 14.97
C ASP D 467 -12.44 -56.75 15.48
N THR D 468 -13.62 -56.56 14.94
CA THR D 468 -14.37 -55.37 15.30
C THR D 468 -15.56 -55.70 16.14
N TYR D 469 -15.77 -54.90 17.16
CA TYR D 469 -16.88 -55.05 18.06
C TYR D 469 -17.90 -53.96 17.92
N TRP D 470 -19.14 -54.37 17.69
CA TRP D 470 -20.23 -53.43 17.61
C TRP D 470 -21.57 -54.09 17.75
N GLN D 471 -22.60 -53.28 17.79
CA GLN D 471 -23.97 -53.72 18.03
C GLN D 471 -24.91 -53.06 17.06
N THR D 472 -26.07 -53.65 16.84
CA THR D 472 -27.03 -53.00 15.98
C THR D 472 -27.25 -51.58 16.40
N GLU D 473 -27.47 -51.38 17.67
CA GLU D 473 -27.73 -50.07 18.20
C GLU D 473 -26.58 -49.08 18.10
N SER D 474 -25.35 -49.52 17.91
CA SER D 474 -24.29 -48.55 17.82
C SER D 474 -24.24 -47.98 16.43
N GLY D 475 -24.60 -48.82 15.47
CA GLY D 475 -24.69 -48.46 14.06
C GLY D 475 -23.34 -48.38 13.36
N SER D 476 -22.28 -48.58 14.11
CA SER D 476 -20.94 -48.46 13.63
C SER D 476 -20.00 -49.10 14.63
N HIS D 477 -18.74 -49.14 14.31
CA HIS D 477 -17.80 -49.76 15.20
C HIS D 477 -17.69 -49.06 16.53
N LEU D 478 -17.62 -49.82 17.63
CA LEU D 478 -17.41 -49.23 18.93
C LEU D 478 -15.98 -49.39 19.33
N VAL D 479 -15.47 -50.61 19.22
CA VAL D 479 -14.09 -50.87 19.60
C VAL D 479 -13.47 -51.65 18.47
N THR D 480 -12.36 -51.19 17.94
CA THR D 480 -11.80 -51.94 16.82
C THR D 480 -10.37 -51.57 16.52
N PRO D 481 -9.56 -52.49 16.03
CA PRO D 481 -8.29 -52.19 15.48
C PRO D 481 -8.52 -51.36 14.29
N LEU D 482 -7.59 -50.51 13.97
CA LEU D 482 -7.67 -49.77 12.76
C LEU D 482 -6.62 -50.36 11.84
N ALA D 483 -6.95 -50.43 10.56
CA ALA D 483 -6.09 -50.99 9.54
C ALA D 483 -4.96 -50.06 9.19
N GLY D 484 -4.22 -50.45 8.17
CA GLY D 484 -3.04 -49.70 7.85
C GLY D 484 -2.10 -50.04 8.95
N GLY D 485 -1.19 -49.16 9.26
CA GLY D 485 -0.20 -49.43 10.28
C GLY D 485 -0.60 -48.82 11.60
N VAL D 486 -1.85 -48.45 11.76
CA VAL D 486 -2.17 -47.68 12.94
C VAL D 486 -1.95 -48.41 14.24
N THR D 487 -2.38 -49.65 14.38
CA THR D 487 -2.22 -50.22 15.71
C THR D 487 -1.65 -51.63 15.70
N PRO D 488 -0.86 -51.98 16.71
CA PRO D 488 -0.48 -53.32 17.03
C PRO D 488 -1.74 -54.04 17.40
N MET D 489 -1.76 -55.35 17.20
CA MET D 489 -2.94 -56.15 17.47
C MET D 489 -2.72 -57.32 18.37
N LYS D 490 -3.69 -57.65 19.18
CA LYS D 490 -3.53 -58.84 19.94
C LYS D 490 -4.44 -59.88 19.35
N PRO D 491 -4.03 -61.10 19.31
CA PRO D 491 -5.00 -61.97 18.71
C PRO D 491 -6.16 -62.03 19.64
N GLY D 492 -7.36 -61.97 19.13
CA GLY D 492 -8.51 -62.09 19.99
C GLY D 492 -9.03 -60.90 20.74
N SER D 493 -8.48 -59.73 20.54
CA SER D 493 -9.00 -58.60 21.23
C SER D 493 -9.23 -57.41 20.37
N ALA D 494 -10.44 -56.85 20.39
CA ALA D 494 -10.64 -55.59 19.74
C ALA D 494 -9.63 -54.70 20.40
N SER D 495 -9.31 -53.56 19.85
CA SER D 495 -8.30 -52.78 20.52
C SER D 495 -8.84 -51.57 21.21
N PHE D 496 -8.92 -50.47 20.51
CA PHE D 496 -9.26 -49.24 21.14
C PHE D 496 -10.58 -48.69 20.62
N PRO D 497 -11.27 -47.87 21.39
CA PRO D 497 -12.50 -47.24 21.01
C PRO D 497 -12.37 -46.44 19.74
N PHE D 498 -13.42 -46.51 18.93
CA PHE D 498 -13.48 -45.79 17.68
C PHE D 498 -13.73 -44.34 17.98
N PHE D 499 -13.26 -43.48 17.11
CA PHE D 499 -13.37 -42.06 17.31
C PHE D 499 -14.74 -41.63 17.76
N GLY D 500 -14.76 -40.85 18.81
CA GLY D 500 -15.97 -40.27 19.35
C GLY D 500 -16.65 -41.09 20.45
N ILE D 501 -16.19 -42.30 20.68
CA ILE D 501 -16.83 -43.13 21.67
C ILE D 501 -16.02 -43.35 22.91
N ASP D 502 -16.42 -42.72 24.01
CA ASP D 502 -15.65 -42.80 25.24
C ASP D 502 -16.02 -44.03 26.07
N ALA D 503 -15.57 -45.19 25.61
CA ALA D 503 -15.85 -46.46 26.26
C ALA D 503 -15.15 -46.56 27.60
N VAL D 504 -15.84 -47.14 28.58
CA VAL D 504 -15.33 -47.35 29.92
C VAL D 504 -15.78 -48.70 30.46
N VAL D 505 -14.96 -49.33 31.29
CA VAL D 505 -15.40 -50.56 31.92
C VAL D 505 -15.91 -50.19 33.29
N LEU D 506 -17.14 -50.59 33.59
CA LEU D 506 -17.76 -50.23 34.85
C LEU D 506 -17.80 -51.35 35.85
N ASP D 507 -17.87 -50.99 37.11
CA ASP D 507 -18.07 -52.01 38.11
C ASP D 507 -19.36 -52.70 37.71
N PRO D 508 -19.37 -54.02 37.59
CA PRO D 508 -20.51 -54.77 37.14
C PRO D 508 -21.68 -54.73 38.08
N ASN D 509 -21.46 -54.36 39.32
CA ASN D 509 -22.56 -54.43 40.25
C ASN D 509 -23.11 -53.06 40.54
N THR D 510 -22.23 -52.09 40.70
CA THR D 510 -22.73 -50.80 41.08
C THR D 510 -21.83 -49.61 40.92
N GLY D 511 -22.47 -48.47 40.80
CA GLY D 511 -21.80 -47.19 40.87
C GLY D 511 -20.71 -46.88 39.86
N GLU D 512 -19.57 -46.54 40.42
CA GLU D 512 -18.34 -46.12 39.79
C GLU D 512 -17.71 -47.03 38.77
N GLU D 513 -16.97 -46.39 37.88
CA GLU D 513 -16.24 -47.09 36.89
C GLU D 513 -14.99 -47.67 37.48
N LEU D 514 -14.25 -48.39 36.66
CA LEU D 514 -13.03 -48.95 37.16
C LEU D 514 -11.81 -48.25 36.58
N ASN D 515 -11.22 -47.38 37.39
CA ASN D 515 -10.05 -46.61 37.00
C ASN D 515 -8.85 -47.33 37.54
N THR D 516 -8.29 -48.19 36.71
CA THR D 516 -7.26 -49.10 37.14
C THR D 516 -6.53 -49.74 36.00
N SER D 517 -5.34 -50.21 36.29
CA SER D 517 -4.55 -50.95 35.32
C SER D 517 -5.16 -52.29 34.95
N HIS D 518 -6.03 -52.82 35.80
CA HIS D 518 -6.68 -54.08 35.52
C HIS D 518 -8.15 -54.03 35.88
N ALA D 519 -9.02 -54.19 34.91
CA ALA D 519 -10.43 -54.07 35.25
C ALA D 519 -11.30 -55.12 34.63
N GLU D 520 -12.20 -55.61 35.43
CA GLU D 520 -13.20 -56.56 35.02
C GLU D 520 -14.56 -55.97 35.26
N GLY D 521 -15.41 -55.95 34.26
CA GLY D 521 -16.70 -55.37 34.48
C GLY D 521 -17.55 -55.43 33.25
N VAL D 522 -18.33 -54.40 33.04
CA VAL D 522 -19.20 -54.37 31.89
C VAL D 522 -18.82 -53.20 31.04
N LEU D 523 -19.13 -53.27 29.77
CA LEU D 523 -18.71 -52.17 28.91
C LEU D 523 -19.81 -51.14 28.81
N ALA D 524 -19.42 -49.87 28.86
CA ALA D 524 -20.41 -48.82 28.76
C ALA D 524 -19.83 -47.59 28.12
N VAL D 525 -20.68 -46.74 27.63
CA VAL D 525 -20.16 -45.53 27.02
C VAL D 525 -20.66 -44.26 27.69
N LYS D 526 -19.73 -43.39 28.03
CA LYS D 526 -20.01 -42.13 28.68
C LYS D 526 -20.84 -41.08 27.93
N ALA D 527 -20.82 -41.05 26.60
CA ALA D 527 -21.56 -40.03 25.86
C ALA D 527 -22.02 -40.55 24.55
N ALA D 528 -23.00 -39.86 23.98
CA ALA D 528 -23.58 -40.23 22.70
C ALA D 528 -22.64 -39.91 21.56
N TRP D 529 -22.92 -40.51 20.40
CA TRP D 529 -22.16 -40.35 19.17
C TRP D 529 -23.17 -40.32 18.02
N PRO D 530 -22.79 -39.80 16.83
CA PRO D 530 -23.65 -39.61 15.67
C PRO D 530 -24.48 -40.75 15.18
N SER D 531 -24.05 -41.99 15.31
CA SER D 531 -24.90 -43.02 14.76
C SER D 531 -25.42 -43.97 15.78
N PHE D 532 -25.72 -43.43 16.94
CA PHE D 532 -26.34 -44.19 17.98
C PHE D 532 -27.82 -44.33 17.70
N ALA D 533 -28.37 -45.54 17.80
CA ALA D 533 -29.78 -45.70 17.52
C ALA D 533 -30.55 -44.73 18.34
N ARG D 534 -31.52 -44.12 17.70
CA ARG D 534 -32.27 -43.09 18.35
C ARG D 534 -33.41 -43.63 19.15
N THR D 535 -34.03 -44.67 18.65
CA THR D 535 -35.15 -45.20 19.39
C THR D 535 -35.55 -46.58 18.93
N ILE D 536 -36.62 -47.07 19.51
CA ILE D 536 -37.26 -48.30 19.09
C ILE D 536 -38.60 -47.91 18.58
N TRP D 537 -38.88 -48.29 17.35
CA TRP D 537 -40.10 -47.88 16.70
C TRP D 537 -41.30 -48.16 17.56
N LYS D 538 -42.01 -47.10 17.84
CA LYS D 538 -43.21 -47.09 18.64
C LYS D 538 -43.08 -47.66 20.04
N ASN D 539 -41.92 -47.52 20.66
CA ASN D 539 -41.79 -47.97 22.02
C ASN D 539 -40.59 -47.34 22.67
N HIS D 540 -40.67 -46.05 22.95
CA HIS D 540 -39.52 -45.39 23.48
C HIS D 540 -39.23 -45.87 24.88
N ASP D 541 -40.25 -46.30 25.60
CA ASP D 541 -39.98 -46.75 26.95
C ASP D 541 -39.10 -47.98 26.95
N ARG D 542 -39.32 -48.92 26.03
CA ARG D 542 -38.49 -50.10 26.05
C ARG D 542 -37.06 -49.70 25.82
N TYR D 543 -36.84 -48.77 24.90
CA TYR D 543 -35.50 -48.30 24.59
C TYR D 543 -34.82 -47.79 25.83
N LEU D 544 -35.48 -46.91 26.56
CA LEU D 544 -34.83 -46.34 27.71
C LEU D 544 -34.56 -47.37 28.77
N ASP D 545 -35.52 -48.23 29.05
CA ASP D 545 -35.32 -49.23 30.09
C ASP D 545 -34.23 -50.22 29.76
N THR D 546 -34.09 -50.54 28.49
CA THR D 546 -33.12 -51.50 28.05
C THR D 546 -31.72 -50.95 28.07
N TYR D 547 -31.52 -49.75 27.56
CA TYR D 547 -30.17 -49.27 27.39
C TYR D 547 -29.68 -48.14 28.29
N LEU D 548 -30.55 -47.23 28.71
CA LEU D 548 -30.05 -46.07 29.42
C LEU D 548 -30.37 -46.04 30.89
N ASN D 549 -31.41 -46.72 31.29
CA ASN D 549 -31.76 -46.69 32.70
C ASN D 549 -30.90 -47.55 33.63
N PRO D 550 -30.39 -48.73 33.23
CA PRO D 550 -29.48 -49.53 34.03
C PRO D 550 -28.23 -48.71 34.12
N TYR D 551 -27.46 -48.81 35.19
CA TYR D 551 -26.22 -48.04 35.28
C TYR D 551 -26.42 -46.64 34.68
N PRO D 552 -27.36 -45.87 35.18
CA PRO D 552 -27.81 -44.65 34.56
C PRO D 552 -26.68 -43.69 34.46
N GLY D 553 -26.63 -43.00 33.35
CA GLY D 553 -25.59 -42.04 33.07
C GLY D 553 -24.73 -42.54 31.94
N TYR D 554 -24.74 -43.85 31.73
CA TYR D 554 -23.94 -44.45 30.69
C TYR D 554 -24.80 -45.29 29.76
N TYR D 555 -24.34 -45.46 28.55
CA TYR D 555 -25.00 -46.42 27.68
C TYR D 555 -24.54 -47.78 28.06
N PHE D 556 -25.46 -48.63 28.40
CA PHE D 556 -25.07 -49.95 28.82
C PHE D 556 -24.98 -50.85 27.63
N THR D 557 -23.79 -51.34 27.38
CA THR D 557 -23.59 -52.14 26.20
C THR D 557 -24.33 -53.43 26.28
N GLY D 558 -24.26 -54.09 27.43
CA GLY D 558 -24.88 -55.38 27.61
C GLY D 558 -23.88 -56.50 27.56
N ASP D 559 -22.69 -56.21 27.09
CA ASP D 559 -21.63 -57.18 27.01
C ASP D 559 -20.63 -56.95 28.12
N GLY D 560 -20.01 -58.04 28.54
CA GLY D 560 -18.98 -57.99 29.54
C GLY D 560 -17.69 -57.58 28.90
N ALA D 561 -16.77 -57.09 29.69
CA ALA D 561 -15.50 -56.68 29.14
C ALA D 561 -14.42 -56.62 30.17
N ALA D 562 -13.20 -56.62 29.69
CA ALA D 562 -12.11 -56.43 30.58
C ALA D 562 -11.10 -55.51 29.96
N LYS D 563 -10.56 -54.63 30.76
CA LYS D 563 -9.58 -53.71 30.26
C LYS D 563 -8.24 -54.19 30.72
N ASP D 564 -7.40 -54.42 29.74
CA ASP D 564 -6.09 -54.95 29.95
C ASP D 564 -5.06 -53.90 30.25
N LYS D 565 -3.86 -54.38 30.47
CA LYS D 565 -2.73 -53.51 30.61
C LYS D 565 -2.58 -52.90 29.24
N ASP D 566 -2.16 -51.66 29.18
CA ASP D 566 -1.93 -50.97 27.93
C ASP D 566 -3.20 -50.63 27.14
N GLY D 567 -4.36 -50.82 27.75
CA GLY D 567 -5.59 -50.35 27.15
C GLY D 567 -6.34 -51.22 26.16
N TYR D 568 -5.97 -52.46 25.99
CA TYR D 568 -6.74 -53.23 25.03
C TYR D 568 -8.03 -53.71 25.69
N ILE D 569 -9.15 -53.60 24.98
CA ILE D 569 -10.42 -54.04 25.56
C ILE D 569 -10.83 -55.41 25.07
N TRP D 570 -10.93 -56.33 25.98
CA TRP D 570 -11.32 -57.68 25.68
C TRP D 570 -12.81 -57.78 25.86
N ILE D 571 -13.48 -58.56 25.02
CA ILE D 571 -14.91 -58.74 25.20
C ILE D 571 -15.11 -60.11 25.79
N LEU D 572 -15.78 -60.17 26.92
CA LEU D 572 -15.91 -61.42 27.66
C LEU D 572 -17.16 -62.24 27.37
N GLY D 573 -18.04 -61.73 26.52
CA GLY D 573 -19.30 -62.37 26.21
C GLY D 573 -20.45 -61.59 26.81
N ARG D 574 -21.68 -61.91 26.47
CA ARG D 574 -22.81 -61.17 26.99
C ARG D 574 -22.91 -61.28 28.48
N VAL D 575 -23.37 -60.23 29.13
CA VAL D 575 -23.50 -60.26 30.59
C VAL D 575 -24.50 -61.31 31.02
N ASP D 576 -25.59 -61.40 30.30
CA ASP D 576 -26.64 -62.34 30.60
C ASP D 576 -26.22 -63.81 30.60
N ASP D 577 -25.13 -64.15 29.92
CA ASP D 577 -24.70 -65.53 29.86
C ASP D 577 -23.62 -65.89 30.85
N VAL D 578 -23.25 -64.96 31.72
CA VAL D 578 -22.18 -65.26 32.64
C VAL D 578 -22.58 -66.39 33.55
N VAL D 579 -21.70 -67.36 33.71
CA VAL D 579 -22.01 -68.48 34.55
C VAL D 579 -21.43 -68.19 35.91
N ASN D 580 -22.25 -68.21 36.91
CA ASN D 580 -21.77 -67.90 38.24
C ASN D 580 -21.38 -69.15 38.97
N VAL D 581 -20.12 -69.25 39.32
CA VAL D 581 -19.58 -70.40 40.03
C VAL D 581 -19.10 -69.84 41.35
N SER D 582 -19.01 -70.65 42.38
CA SER D 582 -18.70 -70.07 43.66
C SER D 582 -17.39 -69.34 43.61
N GLY D 583 -16.41 -69.92 42.96
CA GLY D 583 -15.12 -69.31 42.95
C GLY D 583 -15.11 -67.96 42.31
N HIS D 584 -15.62 -67.83 41.09
CA HIS D 584 -15.64 -66.55 40.38
C HIS D 584 -16.59 -66.50 39.18
N ARG D 585 -16.87 -65.28 38.71
CA ARG D 585 -17.70 -65.08 37.54
C ARG D 585 -17.00 -65.83 36.44
N LEU D 586 -17.73 -66.36 35.50
CA LEU D 586 -17.04 -67.11 34.49
C LEU D 586 -17.35 -66.54 33.17
N SER D 587 -16.30 -66.30 32.40
CA SER D 587 -16.41 -65.72 31.09
C SER D 587 -16.56 -66.80 30.08
N THR D 588 -17.64 -66.75 29.34
CA THR D 588 -17.85 -67.78 28.35
C THR D 588 -16.80 -67.63 27.27
N ALA D 589 -16.39 -66.40 26.96
CA ALA D 589 -15.38 -66.23 25.92
C ALA D 589 -14.07 -66.90 26.30
N GLU D 590 -13.65 -66.76 27.56
CA GLU D 590 -12.37 -67.36 27.93
C GLU D 590 -12.41 -68.87 27.93
N ILE D 591 -13.43 -69.45 28.50
CA ILE D 591 -13.46 -70.88 28.50
C ILE D 591 -13.60 -71.48 27.13
N GLU D 592 -14.36 -70.86 26.24
CA GLU D 592 -14.47 -71.41 24.92
C GLU D 592 -13.13 -71.37 24.23
N ALA D 593 -12.37 -70.29 24.45
CA ALA D 593 -11.06 -70.20 23.86
C ALA D 593 -10.17 -71.34 24.33
N ALA D 594 -10.27 -71.71 25.59
CA ALA D 594 -9.46 -72.82 26.05
C ALA D 594 -9.86 -74.12 25.41
N ILE D 595 -11.15 -74.37 25.29
CA ILE D 595 -11.61 -75.64 24.77
C ILE D 595 -11.17 -75.89 23.35
N ILE D 596 -11.21 -74.89 22.48
CA ILE D 596 -10.80 -75.05 21.07
C ILE D 596 -9.34 -75.49 20.88
N GLU D 597 -8.50 -75.43 21.90
CA GLU D 597 -7.13 -75.90 21.75
C GLU D 597 -7.26 -77.41 21.64
N ASP D 598 -6.18 -78.18 21.48
CA ASP D 598 -6.35 -79.62 21.30
C ASP D 598 -7.14 -79.86 20.01
N PRO D 599 -6.49 -79.72 18.86
CA PRO D 599 -7.10 -79.68 17.55
C PRO D 599 -7.69 -80.98 17.07
N ILE D 600 -8.71 -81.37 17.80
CA ILE D 600 -9.59 -82.49 17.57
C ILE D 600 -10.94 -81.84 17.64
N VAL D 601 -10.95 -80.70 18.36
CA VAL D 601 -12.13 -79.90 18.56
C VAL D 601 -12.27 -78.93 17.43
N ALA D 602 -13.45 -78.91 16.85
CA ALA D 602 -13.73 -78.01 15.77
C ALA D 602 -14.44 -76.76 16.24
N GLU D 603 -15.45 -76.95 17.08
CA GLU D 603 -16.27 -75.85 17.56
C GLU D 603 -16.68 -76.13 18.99
N CYS D 604 -17.03 -75.09 19.72
CA CYS D 604 -17.50 -75.27 21.08
C CYS D 604 -18.31 -74.13 21.64
N ALA D 605 -19.31 -74.48 22.43
CA ALA D 605 -20.07 -73.50 23.18
C ALA D 605 -20.20 -73.93 24.62
N VAL D 606 -20.06 -72.98 25.52
CA VAL D 606 -20.19 -73.25 26.93
C VAL D 606 -21.45 -72.66 27.49
N VAL D 607 -22.17 -73.53 28.14
CA VAL D 607 -23.48 -73.27 28.65
C VAL D 607 -23.58 -73.48 30.16
N GLY D 608 -24.15 -72.52 30.88
CA GLY D 608 -24.32 -72.73 32.32
C GLY D 608 -25.38 -73.80 32.51
N PHE D 609 -25.25 -74.67 33.50
CA PHE D 609 -26.39 -75.56 33.70
C PHE D 609 -26.72 -75.84 35.17
N ASN D 610 -28.01 -75.86 35.44
CA ASN D 610 -28.55 -76.03 36.78
C ASN D 610 -28.00 -77.29 37.40
N ASP D 611 -27.49 -77.16 38.59
CA ASP D 611 -26.87 -78.26 39.31
C ASP D 611 -27.06 -78.02 40.79
N ASP D 612 -26.55 -78.94 41.62
CA ASP D 612 -26.64 -78.84 43.08
C ASP D 612 -25.47 -78.05 43.66
N LEU D 613 -24.66 -77.52 42.76
CA LEU D 613 -23.51 -76.72 43.04
C LEU D 613 -23.93 -75.31 43.35
N THR D 614 -23.11 -74.58 44.06
CA THR D 614 -23.38 -73.18 44.22
C THR D 614 -23.44 -72.58 42.83
N GLY D 615 -24.48 -71.81 42.55
CA GLY D 615 -24.68 -71.24 41.23
C GLY D 615 -24.96 -72.33 40.21
N GLN D 616 -24.17 -72.38 39.16
CA GLN D 616 -24.37 -73.38 38.11
C GLN D 616 -23.11 -74.16 37.74
N ALA D 617 -23.34 -75.31 37.14
CA ALA D 617 -22.28 -76.13 36.61
C ALA D 617 -21.89 -75.63 35.27
N VAL D 618 -20.71 -76.01 34.85
CA VAL D 618 -20.31 -75.70 33.51
C VAL D 618 -20.54 -76.89 32.60
N ALA D 619 -21.24 -76.67 31.51
CA ALA D 619 -21.50 -77.69 30.52
C ALA D 619 -20.94 -77.22 29.20
N ALA D 620 -20.56 -78.15 28.34
CA ALA D 620 -20.06 -77.70 27.06
C ALA D 620 -20.49 -78.60 25.93
N PHE D 621 -20.77 -77.95 24.82
CA PHE D 621 -21.14 -78.62 23.61
C PHE D 621 -19.97 -78.54 22.69
N VAL D 622 -19.44 -79.69 22.38
CA VAL D 622 -18.23 -79.75 21.62
C VAL D 622 -18.41 -80.51 20.33
N VAL D 623 -17.98 -79.90 19.25
CA VAL D 623 -18.06 -80.51 17.94
C VAL D 623 -16.70 -81.01 17.58
N LEU D 624 -16.60 -82.28 17.21
CA LEU D 624 -15.30 -82.80 16.82
C LEU D 624 -15.12 -82.64 15.34
N LYS D 625 -13.88 -82.42 14.94
CA LYS D 625 -13.53 -82.16 13.54
C LYS D 625 -13.84 -83.24 12.53
N ASN D 626 -13.66 -84.50 12.89
CA ASN D 626 -13.89 -85.57 11.94
C ASN D 626 -14.90 -86.57 12.46
N LYS D 627 -15.88 -86.90 11.63
CA LYS D 627 -16.93 -87.84 12.04
C LYS D 627 -16.38 -89.24 12.34
N SER D 628 -15.42 -89.69 11.54
CA SER D 628 -14.87 -91.03 11.71
C SER D 628 -14.28 -91.20 13.09
N ASN D 629 -13.57 -90.20 13.59
CA ASN D 629 -13.05 -90.27 14.95
C ASN D 629 -14.22 -90.25 15.92
N TRP D 630 -15.21 -89.42 15.63
CA TRP D 630 -16.38 -89.30 16.48
C TRP D 630 -17.22 -90.56 16.56
N SER D 631 -17.39 -91.24 15.43
CA SER D 631 -18.17 -92.46 15.44
C SER D 631 -17.26 -93.67 15.59
N THR D 632 -17.21 -94.17 16.81
CA THR D 632 -16.36 -95.29 17.23
C THR D 632 -16.93 -95.88 18.50
N ALA D 633 -16.31 -96.95 19.01
CA ALA D 633 -16.82 -97.53 20.24
C ALA D 633 -16.60 -96.48 21.28
N THR D 634 -17.71 -96.03 21.87
CA THR D 634 -17.70 -94.92 22.81
C THR D 634 -16.91 -95.16 24.08
N ASP D 635 -17.03 -96.34 24.66
CA ASP D 635 -16.28 -96.60 25.85
C ASP D 635 -14.80 -96.54 25.55
N ASP D 636 -14.45 -97.01 24.37
CA ASP D 636 -13.10 -97.16 23.93
C ASP D 636 -12.39 -95.83 23.86
N GLU D 637 -12.99 -94.87 23.15
CA GLU D 637 -12.31 -93.62 22.90
C GLU D 637 -13.02 -92.32 23.27
N LEU D 638 -14.35 -92.25 23.19
CA LEU D 638 -14.91 -90.92 23.40
C LEU D 638 -14.65 -90.50 24.83
N GLN D 639 -14.54 -91.50 25.71
CA GLN D 639 -14.25 -91.25 27.09
C GLN D 639 -12.92 -90.53 27.29
N ASP D 640 -11.95 -90.73 26.38
CA ASP D 640 -10.68 -90.10 26.58
C ASP D 640 -10.76 -88.73 26.01
N ILE D 641 -11.56 -88.58 24.98
CA ILE D 641 -11.71 -87.26 24.44
C ILE D 641 -12.24 -86.39 25.54
N LYS D 642 -13.23 -86.88 26.26
CA LYS D 642 -13.75 -86.09 27.34
C LYS D 642 -12.70 -85.78 28.40
N LYS D 643 -11.86 -86.76 28.76
CA LYS D 643 -10.82 -86.52 29.75
C LYS D 643 -9.88 -85.43 29.30
N HIS D 644 -9.51 -85.46 28.03
CA HIS D 644 -8.57 -84.47 27.54
C HIS D 644 -9.17 -83.10 27.55
N LEU D 645 -10.43 -82.98 27.15
CA LEU D 645 -11.06 -81.68 27.09
C LEU D 645 -11.16 -81.05 28.47
N VAL D 646 -11.51 -81.85 29.48
CA VAL D 646 -11.64 -81.29 30.81
C VAL D 646 -10.28 -80.99 31.38
N PHE D 647 -9.29 -81.83 31.08
CA PHE D 647 -7.94 -81.62 31.56
C PHE D 647 -7.40 -80.28 31.15
N THR D 648 -7.50 -79.97 29.86
CA THR D 648 -7.01 -78.70 29.39
C THR D 648 -7.69 -77.54 30.07
N VAL D 649 -8.99 -77.56 30.18
CA VAL D 649 -9.57 -76.39 30.80
C VAL D 649 -9.10 -76.29 32.23
N ARG D 650 -9.10 -77.41 32.94
CA ARG D 650 -8.71 -77.42 34.31
C ARG D 650 -7.32 -76.85 34.54
N LYS D 651 -6.36 -77.17 33.68
CA LYS D 651 -5.02 -76.64 33.92
C LYS D 651 -4.83 -75.20 33.45
N ASP D 652 -5.46 -74.80 32.35
CA ASP D 652 -5.24 -73.44 31.85
C ASP D 652 -6.16 -72.38 32.43
N ILE D 653 -7.40 -72.72 32.73
CA ILE D 653 -8.32 -71.73 33.24
C ILE D 653 -8.51 -71.93 34.73
N GLY D 654 -8.71 -73.17 35.13
CA GLY D 654 -8.93 -73.52 36.52
C GLY D 654 -10.12 -74.45 36.70
N PRO D 655 -10.11 -75.07 37.89
CA PRO D 655 -10.99 -76.08 38.44
C PRO D 655 -12.39 -75.60 38.50
N PHE D 656 -12.66 -74.35 38.87
CA PHE D 656 -14.06 -73.99 38.85
C PHE D 656 -14.62 -74.01 37.44
N ALA D 657 -13.86 -73.53 36.47
CA ALA D 657 -14.32 -73.49 35.09
C ALA D 657 -14.47 -74.84 34.39
N ALA D 658 -13.50 -75.70 34.59
CA ALA D 658 -13.49 -77.01 33.99
C ALA D 658 -14.92 -77.53 33.90
N PRO D 659 -15.36 -78.01 32.73
CA PRO D 659 -16.69 -78.52 32.50
C PRO D 659 -16.91 -79.83 33.18
N LYS D 660 -18.16 -80.10 33.49
CA LYS D 660 -18.56 -81.39 34.00
C LYS D 660 -19.32 -82.15 32.96
N LEU D 661 -20.20 -81.47 32.23
CA LEU D 661 -20.96 -82.18 31.24
C LEU D 661 -20.38 -81.90 29.88
N ILE D 662 -19.76 -82.91 29.28
CA ILE D 662 -19.25 -82.71 27.94
C ILE D 662 -20.11 -83.47 26.98
N ILE D 663 -20.74 -82.76 26.09
CA ILE D 663 -21.65 -83.34 25.16
C ILE D 663 -21.00 -83.25 23.81
N LEU D 664 -20.75 -84.37 23.18
CA LEU D 664 -20.08 -84.36 21.89
C LEU D 664 -21.13 -84.45 20.82
N VAL D 665 -21.21 -83.42 19.99
CA VAL D 665 -22.26 -83.31 19.00
C VAL D 665 -21.74 -83.15 17.60
N ASP D 666 -22.62 -83.33 16.63
CA ASP D 666 -22.25 -83.14 15.24
C ASP D 666 -22.18 -81.69 14.82
N ASP D 667 -22.99 -80.84 15.44
CA ASP D 667 -22.97 -79.41 15.14
C ASP D 667 -23.64 -78.58 16.25
N LEU D 668 -23.56 -77.26 16.12
CA LEU D 668 -24.20 -76.31 17.01
C LEU D 668 -25.20 -75.48 16.21
N PRO D 669 -26.29 -75.03 16.82
CA PRO D 669 -27.27 -74.20 16.17
C PRO D 669 -26.63 -72.87 15.91
N LYS D 670 -26.84 -72.33 14.72
CA LYS D 670 -26.25 -71.06 14.37
C LYS D 670 -27.28 -70.12 13.81
N THR D 671 -27.09 -68.84 14.01
CA THR D 671 -28.03 -67.88 13.48
C THR D 671 -27.65 -67.34 12.12
N ARG D 672 -28.65 -66.76 11.47
CA ARG D 672 -28.44 -66.07 10.21
C ARG D 672 -27.48 -64.91 10.41
N SER D 673 -27.54 -64.30 11.58
CA SER D 673 -26.72 -63.18 11.99
C SER D 673 -25.29 -63.57 12.33
N GLY D 674 -24.96 -64.84 12.33
CA GLY D 674 -23.58 -65.19 12.60
C GLY D 674 -23.17 -65.60 14.00
N LYS D 675 -24.07 -66.10 14.83
CA LYS D 675 -23.74 -66.45 16.19
C LYS D 675 -24.19 -67.81 16.62
N ILE D 676 -23.49 -68.44 17.55
CA ILE D 676 -24.02 -69.69 18.07
C ILE D 676 -25.22 -69.33 18.91
N MET D 677 -26.34 -69.98 18.65
CA MET D 677 -27.53 -69.64 19.40
C MET D 677 -27.54 -70.34 20.75
N ARG D 678 -26.73 -69.81 21.64
CA ARG D 678 -26.50 -70.40 22.94
C ARG D 678 -27.77 -70.49 23.74
N ARG D 679 -28.69 -69.57 23.55
CA ARG D 679 -29.92 -69.67 24.31
C ARG D 679 -30.63 -70.99 24.07
N ILE D 680 -30.59 -71.51 22.85
CA ILE D 680 -31.26 -72.77 22.59
C ILE D 680 -30.57 -73.84 23.35
N LEU D 681 -29.26 -73.83 23.27
CA LEU D 681 -28.54 -74.88 23.95
C LEU D 681 -28.84 -74.85 25.42
N ARG D 682 -28.92 -73.66 25.99
CA ARG D 682 -29.21 -73.55 27.40
C ARG D 682 -30.55 -74.12 27.74
N LYS D 683 -31.57 -73.83 26.96
CA LYS D 683 -32.87 -74.35 27.27
C LYS D 683 -32.93 -75.85 27.12
N ILE D 684 -32.31 -76.37 26.06
CA ILE D 684 -32.39 -77.81 25.88
C ILE D 684 -31.71 -78.49 27.00
N LEU D 685 -30.54 -78.00 27.35
CA LEU D 685 -29.76 -78.59 28.39
C LEU D 685 -30.49 -78.56 29.72
N ALA D 686 -31.13 -77.44 30.03
CA ALA D 686 -31.88 -77.29 31.26
C ALA D 686 -33.00 -78.33 31.36
N GLY D 687 -33.60 -78.68 30.24
CA GLY D 687 -34.67 -79.66 30.19
C GLY D 687 -35.90 -79.12 29.49
N GLU D 688 -36.02 -77.81 29.42
CA GLU D 688 -37.14 -77.18 28.75
C GLU D 688 -36.84 -77.05 27.26
N SER D 689 -36.75 -78.21 26.61
CA SER D 689 -36.36 -78.31 25.20
C SER D 689 -37.47 -78.01 24.22
N ASP D 690 -38.68 -77.89 24.71
CA ASP D 690 -39.82 -77.61 23.86
C ASP D 690 -39.92 -76.12 23.58
N GLN D 691 -39.88 -75.32 24.62
CA GLN D 691 -40.12 -73.92 24.41
C GLN D 691 -38.93 -73.14 23.91
N LEU D 692 -38.57 -73.41 22.67
CA LEU D 692 -37.44 -72.78 22.00
C LEU D 692 -37.86 -71.63 21.11
N GLY D 693 -39.15 -71.43 20.97
CA GLY D 693 -39.64 -70.41 20.07
C GLY D 693 -39.50 -70.90 18.65
N ASP D 694 -39.49 -69.98 17.70
CA ASP D 694 -39.44 -70.39 16.31
C ASP D 694 -38.03 -70.78 15.93
N VAL D 695 -37.86 -72.00 15.48
CA VAL D 695 -36.56 -72.48 15.11
C VAL D 695 -36.02 -71.70 13.93
N SER D 696 -36.90 -71.13 13.11
CA SER D 696 -36.47 -70.44 11.91
C SER D 696 -35.91 -69.05 12.17
N THR D 697 -34.82 -69.05 12.90
CA THR D 697 -34.01 -67.92 13.22
C THR D 697 -32.63 -68.40 12.89
N LEU D 698 -32.54 -69.73 12.82
CA LEU D 698 -31.31 -70.45 12.58
C LEU D 698 -31.05 -70.61 11.12
N SER D 699 -29.77 -70.71 10.80
CA SER D 699 -29.30 -70.98 9.46
C SER D 699 -29.28 -72.47 9.16
N ASN D 700 -29.42 -73.28 10.19
CA ASN D 700 -29.41 -74.73 10.10
C ASN D 700 -30.58 -75.46 10.77
N PRO D 701 -31.81 -74.97 10.67
CA PRO D 701 -32.95 -75.51 11.35
C PRO D 701 -33.04 -76.93 10.92
N GLY D 702 -33.38 -77.76 11.87
CA GLY D 702 -33.45 -79.19 11.67
C GLY D 702 -32.49 -79.76 12.70
N ILE D 703 -31.40 -79.02 12.93
CA ILE D 703 -30.39 -79.40 13.89
C ILE D 703 -30.91 -79.72 15.26
N VAL D 704 -31.97 -79.05 15.67
CA VAL D 704 -32.52 -79.26 16.97
C VAL D 704 -32.86 -80.71 17.21
N ARG D 705 -33.30 -81.42 16.19
CA ARG D 705 -33.64 -82.81 16.41
C ARG D 705 -32.48 -83.56 17.05
N HIS D 706 -31.26 -83.31 16.59
CA HIS D 706 -30.12 -84.02 17.11
C HIS D 706 -29.70 -83.47 18.42
N LEU D 707 -29.81 -82.17 18.57
CA LEU D 707 -29.32 -81.58 19.81
C LEU D 707 -30.09 -82.17 20.95
N ILE D 708 -31.38 -82.36 20.76
CA ILE D 708 -32.16 -82.91 21.83
C ILE D 708 -31.72 -84.31 22.15
N ASP D 709 -31.55 -85.16 21.15
CA ASP D 709 -31.12 -86.51 21.47
C ASP D 709 -29.76 -86.55 22.16
N SER D 710 -28.82 -85.72 21.72
CA SER D 710 -27.48 -85.74 22.30
C SER D 710 -27.49 -85.34 23.74
N VAL D 711 -28.25 -84.32 24.07
CA VAL D 711 -28.34 -83.86 25.45
C VAL D 711 -28.96 -84.90 26.35
N LYS D 712 -30.07 -85.48 25.90
CA LYS D 712 -30.73 -86.50 26.72
C LYS D 712 -29.77 -87.62 27.06
N LEU D 713 -29.03 -88.08 26.05
CA LEU D 713 -28.10 -89.15 26.23
C LEU D 713 -26.70 -88.69 25.87
N HIS E 38 41.55 -39.77 23.07
CA HIS E 38 40.97 -39.27 24.25
C HIS E 38 39.46 -39.29 24.14
N GLU E 39 38.83 -38.14 24.33
CA GLU E 39 37.41 -38.05 24.21
C GLU E 39 37.36 -37.47 22.86
N TYR E 40 37.24 -38.37 21.90
CA TYR E 40 37.28 -38.04 20.50
C TYR E 40 38.69 -37.94 19.97
N GLU E 41 39.66 -38.48 20.69
CA GLU E 41 41.01 -38.46 20.18
C GLU E 41 41.10 -39.10 18.83
N HIS E 42 40.36 -40.18 18.58
CA HIS E 42 40.47 -40.76 17.26
C HIS E 42 39.95 -39.80 16.23
N LEU E 43 38.71 -39.34 16.40
CA LEU E 43 38.07 -38.44 15.46
C LEU E 43 38.87 -37.22 15.10
N THR E 44 39.48 -36.58 16.09
CA THR E 44 40.13 -35.32 15.82
C THR E 44 41.62 -35.43 15.52
N SER E 45 42.18 -36.62 15.53
CA SER E 45 43.61 -36.74 15.34
C SER E 45 43.94 -36.83 13.87
N VAL E 46 43.89 -35.69 13.23
CA VAL E 46 44.11 -35.65 11.81
C VAL E 46 45.11 -34.58 11.42
N LYS E 47 45.62 -34.71 10.21
CA LYS E 47 46.53 -33.74 9.61
C LYS E 47 45.76 -32.59 9.01
N ILE E 48 46.33 -31.40 9.09
CA ILE E 48 45.76 -30.25 8.46
C ILE E 48 46.18 -30.15 7.03
N VAL E 49 45.22 -29.97 6.15
CA VAL E 49 45.50 -29.85 4.75
C VAL E 49 45.36 -28.39 4.34
N PRO E 50 46.42 -27.75 3.87
CA PRO E 50 46.44 -26.36 3.44
C PRO E 50 45.75 -26.29 2.12
N GLN E 51 45.27 -25.13 1.70
CA GLN E 51 44.65 -25.06 0.39
C GLN E 51 45.70 -24.58 -0.58
N ARG E 52 45.68 -25.13 -1.77
CA ARG E 52 46.61 -24.84 -2.82
C ARG E 52 45.94 -23.80 -3.69
N PRO E 53 46.69 -22.90 -4.30
CA PRO E 53 46.14 -21.91 -5.20
C PRO E 53 45.63 -22.58 -6.43
N ILE E 54 44.60 -22.01 -7.00
CA ILE E 54 44.07 -22.49 -8.24
C ILE E 54 44.13 -21.40 -9.27
N SER E 55 44.77 -21.66 -10.39
CA SER E 55 44.82 -20.65 -11.43
C SER E 55 44.60 -21.37 -12.71
N ASP E 56 44.92 -22.62 -12.65
CA ASP E 56 44.93 -23.51 -13.76
C ASP E 56 43.61 -24.18 -14.02
N ARG E 57 42.61 -23.77 -13.26
CA ARG E 57 41.27 -24.24 -13.45
C ARG E 57 40.38 -23.05 -13.74
N LEU E 58 40.97 -21.89 -13.98
CA LEU E 58 40.11 -20.76 -14.25
C LEU E 58 39.70 -20.79 -15.70
N GLN E 59 38.51 -20.32 -15.97
CA GLN E 59 38.06 -20.22 -17.33
C GLN E 59 38.45 -18.84 -17.81
N PRO E 60 38.63 -18.64 -19.13
CA PRO E 60 38.99 -17.37 -19.75
C PRO E 60 38.17 -16.20 -19.24
N ALA E 61 36.90 -16.42 -18.93
CA ALA E 61 36.00 -15.40 -18.44
C ALA E 61 36.53 -14.66 -17.23
N ILE E 62 37.23 -15.36 -16.34
CA ILE E 62 37.76 -14.73 -15.14
C ILE E 62 39.24 -14.85 -15.07
N ALA E 63 39.82 -15.54 -16.01
CA ALA E 63 41.24 -15.76 -15.97
C ALA E 63 42.01 -14.45 -15.91
N THR E 64 41.48 -13.38 -16.49
CA THR E 64 42.20 -12.14 -16.51
C THR E 64 41.99 -11.26 -15.30
N HIS E 65 41.02 -11.55 -14.45
CA HIS E 65 40.80 -10.65 -13.32
C HIS E 65 40.52 -11.34 -12.01
N TYR E 66 40.48 -12.67 -11.98
CA TYR E 66 40.19 -13.39 -10.77
C TYR E 66 41.08 -13.06 -9.61
N SER E 67 40.43 -12.84 -8.49
CA SER E 67 41.07 -12.60 -7.23
C SER E 67 40.05 -12.97 -6.17
N PRO E 68 40.43 -13.65 -5.11
CA PRO E 68 39.54 -14.09 -4.06
C PRO E 68 38.99 -12.92 -3.32
N HIS E 69 37.81 -13.07 -2.72
CA HIS E 69 37.23 -11.96 -1.96
C HIS E 69 37.92 -11.75 -0.61
N LEU E 70 38.45 -12.80 -0.01
CA LEU E 70 39.20 -12.71 1.23
C LEU E 70 40.60 -13.19 0.90
N ASP E 71 41.60 -12.42 1.29
CA ASP E 71 42.98 -12.73 0.93
C ASP E 71 43.64 -13.82 1.78
N GLY E 72 43.19 -14.02 3.01
CA GLY E 72 43.81 -15.03 3.85
C GLY E 72 43.14 -15.14 5.21
N LEU E 73 43.65 -16.05 6.01
CA LEU E 73 43.11 -16.32 7.32
C LEU E 73 43.19 -15.12 8.19
N GLN E 74 44.24 -14.33 8.04
CA GLN E 74 44.39 -13.16 8.87
C GLN E 74 43.32 -12.11 8.58
N ASP E 75 42.70 -12.13 7.40
CA ASP E 75 41.69 -11.15 7.14
C ASP E 75 40.41 -11.70 7.67
N TYR E 76 40.25 -13.00 7.56
CA TYR E 76 39.09 -13.60 8.16
C TYR E 76 39.11 -13.26 9.61
N GLN E 77 40.22 -13.46 10.27
CA GLN E 77 40.25 -13.23 11.68
C GLN E 77 39.95 -11.81 12.07
N ARG E 78 40.50 -10.82 11.36
CA ARG E 78 40.20 -9.48 11.82
C ARG E 78 38.80 -9.07 11.44
N LEU E 79 38.31 -9.53 10.30
CA LEU E 79 37.00 -9.15 9.84
C LEU E 79 35.95 -9.78 10.73
N HIS E 80 36.18 -11.03 11.11
CA HIS E 80 35.28 -11.73 11.99
C HIS E 80 35.21 -10.97 13.27
N LYS E 81 36.36 -10.63 13.82
CA LYS E 81 36.33 -9.86 15.04
C LYS E 81 35.42 -8.65 14.91
N GLU E 82 35.56 -7.86 13.83
CA GLU E 82 34.72 -6.67 13.66
C GLU E 82 33.25 -7.03 13.56
N SER E 83 32.94 -8.10 12.86
CA SER E 83 31.57 -8.53 12.69
C SER E 83 30.90 -8.82 14.01
N ILE E 84 31.64 -9.41 14.95
CA ILE E 84 31.08 -9.72 16.24
C ILE E 84 31.02 -8.48 17.12
N GLU E 85 32.12 -7.74 17.19
CA GLU E 85 32.18 -6.57 18.07
C GLU E 85 31.27 -5.41 17.66
N ASP E 86 31.08 -5.15 16.37
CA ASP E 86 30.22 -4.04 15.98
C ASP E 86 29.51 -4.28 14.65
N PRO E 87 28.42 -5.08 14.67
CA PRO E 87 27.62 -5.49 13.52
C PRO E 87 27.04 -4.32 12.78
N ALA E 88 26.89 -3.23 13.52
CA ALA E 88 26.35 -1.99 13.02
C ALA E 88 27.10 -1.51 11.82
N LYS E 89 28.39 -1.75 11.78
CA LYS E 89 29.13 -1.30 10.66
C LYS E 89 29.35 -2.44 9.69
N PHE E 90 29.68 -3.61 10.19
CA PHE E 90 29.93 -4.71 9.27
C PHE E 90 28.73 -5.01 8.38
N PHE E 91 27.58 -5.28 9.00
CA PHE E 91 26.41 -5.61 8.22
C PHE E 91 25.82 -4.36 7.71
N GLY E 92 25.86 -3.33 8.51
CA GLY E 92 25.29 -2.08 8.08
C GLY E 92 25.73 -1.71 6.68
N SER E 93 27.03 -1.75 6.42
CA SER E 93 27.52 -1.42 5.11
C SER E 93 27.24 -2.47 4.05
N LYS E 94 27.47 -3.74 4.34
CA LYS E 94 27.25 -4.74 3.31
C LYS E 94 25.79 -4.76 2.88
N ALA E 95 24.92 -4.46 3.80
CA ALA E 95 23.50 -4.42 3.53
C ALA E 95 23.14 -3.43 2.46
N THR E 96 23.87 -2.32 2.32
CA THR E 96 23.48 -1.37 1.30
C THR E 96 24.35 -1.51 0.09
N GLN E 97 25.50 -2.11 0.25
CA GLN E 97 26.38 -2.28 -0.88
C GLN E 97 25.96 -3.43 -1.75
N PHE E 98 25.30 -4.44 -1.22
CA PHE E 98 24.91 -5.55 -2.09
C PHE E 98 23.41 -5.70 -2.36
N LEU E 99 22.56 -5.00 -1.65
CA LEU E 99 21.13 -5.10 -1.86
C LEU E 99 20.63 -3.77 -2.36
N ASN E 100 19.68 -3.81 -3.25
CA ASN E 100 19.14 -2.60 -3.78
C ASN E 100 17.84 -2.26 -3.09
N TRP E 101 17.89 -1.26 -2.22
CA TRP E 101 16.78 -0.85 -1.36
C TRP E 101 15.85 0.12 -2.04
N SER E 102 14.54 -0.01 -1.78
CA SER E 102 13.57 0.95 -2.31
C SER E 102 13.50 2.12 -1.38
N LYS E 103 13.72 1.84 -0.13
CA LYS E 103 13.74 2.83 0.92
C LYS E 103 14.87 2.44 1.85
N PRO E 104 15.76 3.35 2.20
CA PRO E 104 16.88 3.09 3.08
C PRO E 104 16.38 2.79 4.46
N PHE E 105 17.15 2.02 5.19
CA PHE E 105 16.80 1.69 6.56
C PHE E 105 17.47 2.63 7.52
N ASP E 106 16.90 2.72 8.72
CA ASP E 106 17.46 3.58 9.75
C ASP E 106 18.34 2.83 10.72
N LYS E 107 17.95 1.62 11.08
CA LYS E 107 18.74 0.92 12.09
C LYS E 107 19.17 -0.44 11.71
N VAL E 108 20.43 -0.70 11.93
CA VAL E 108 20.89 -2.00 11.54
C VAL E 108 20.23 -3.05 12.40
N PHE E 109 20.16 -2.87 13.72
CA PHE E 109 19.52 -3.90 14.52
C PHE E 109 18.99 -3.43 15.85
N ILE E 110 18.14 -4.24 16.47
CA ILE E 110 17.66 -3.95 17.82
C ILE E 110 18.58 -4.59 18.84
N PRO E 111 19.24 -3.82 19.69
CA PRO E 111 20.19 -4.29 20.65
C PRO E 111 19.54 -4.89 21.85
N ASP E 112 20.30 -5.75 22.49
CA ASP E 112 19.97 -6.35 23.77
C ASP E 112 20.26 -5.34 24.88
N SER E 113 19.28 -5.07 25.74
CA SER E 113 19.47 -4.10 26.81
C SER E 113 20.75 -4.30 27.63
N LYS E 114 21.16 -5.56 27.81
CA LYS E 114 22.32 -5.84 28.65
C LYS E 114 23.67 -5.79 27.91
N THR E 115 23.65 -5.67 26.59
CA THR E 115 24.88 -5.71 25.80
C THR E 115 24.67 -5.13 24.40
N GLY E 116 25.74 -4.71 23.76
CA GLY E 116 25.56 -4.12 22.44
C GLY E 116 25.26 -5.12 21.32
N ARG E 117 25.22 -6.39 21.63
CA ARG E 117 24.95 -7.40 20.63
C ARG E 117 23.45 -7.52 20.35
N PRO E 118 23.07 -7.99 19.16
CA PRO E 118 21.71 -8.25 18.75
C PRO E 118 20.95 -9.20 19.64
N SER E 119 19.72 -8.81 19.94
CA SER E 119 18.78 -9.57 20.77
C SER E 119 18.20 -10.78 20.08
N PHE E 120 18.07 -11.91 20.81
CA PHE E 120 17.40 -13.07 20.22
C PHE E 120 15.91 -12.98 20.26
N GLN E 121 15.38 -12.45 21.33
CA GLN E 121 13.95 -12.38 21.54
C GLN E 121 13.29 -11.33 20.69
N ASN E 122 14.02 -10.27 20.38
CA ASN E 122 13.48 -9.21 19.57
C ASN E 122 14.38 -8.94 18.41
N ASN E 123 14.80 -10.01 17.78
CA ASN E 123 15.69 -9.94 16.63
C ASN E 123 15.00 -9.28 15.45
N ALA E 124 15.59 -8.23 14.94
CA ALA E 124 15.09 -7.54 13.77
C ALA E 124 16.24 -6.75 13.20
N TRP E 125 16.29 -6.65 11.88
CA TRP E 125 17.38 -5.97 11.20
C TRP E 125 16.92 -5.04 10.09
N PHE E 126 17.70 -4.02 9.83
CA PHE E 126 17.45 -3.08 8.74
C PHE E 126 16.07 -2.48 8.89
N LEU E 127 15.83 -2.00 10.06
CA LEU E 127 14.56 -1.47 10.42
C LEU E 127 14.22 -0.25 9.61
N ASN E 128 12.96 -0.24 9.23
CA ASN E 128 12.24 0.76 8.49
C ASN E 128 12.63 0.92 7.03
N GLY E 129 13.44 0.01 6.49
CA GLY E 129 13.74 0.08 5.07
C GLY E 129 12.76 -0.79 4.32
N GLN E 130 12.83 -0.75 3.00
CA GLN E 130 11.97 -1.55 2.13
C GLN E 130 12.79 -2.16 1.01
N LEU E 131 12.49 -3.41 0.71
CA LEU E 131 13.28 -4.18 -0.22
C LEU E 131 12.50 -5.27 -0.90
N ASN E 132 12.47 -5.29 -2.20
CA ASN E 132 11.76 -6.35 -2.89
C ASN E 132 12.72 -7.44 -3.35
N ALA E 133 12.53 -8.66 -2.83
CA ALA E 133 13.43 -9.75 -3.16
C ALA E 133 13.49 -10.08 -4.63
N CYS E 134 12.38 -9.97 -5.34
CA CYS E 134 12.35 -10.32 -6.75
C CYS E 134 13.13 -9.30 -7.53
N TYR E 135 13.03 -8.05 -7.12
CA TYR E 135 13.76 -7.02 -7.81
C TYR E 135 15.23 -7.36 -7.76
N ASN E 136 15.71 -7.65 -6.57
CA ASN E 136 17.12 -7.94 -6.42
C ASN E 136 17.56 -9.21 -7.12
N CYS E 137 16.68 -10.22 -7.16
CA CYS E 137 16.99 -11.49 -7.81
C CYS E 137 16.93 -11.46 -9.32
N VAL E 138 15.97 -10.76 -9.89
CA VAL E 138 15.86 -10.79 -11.33
C VAL E 138 16.07 -9.44 -11.96
N ASP E 139 15.22 -8.49 -11.65
CA ASP E 139 15.22 -7.25 -12.43
C ASP E 139 16.53 -6.53 -12.38
N ARG E 140 17.14 -6.57 -11.24
CA ARG E 140 18.40 -5.92 -11.06
C ARG E 140 19.44 -6.39 -12.06
N HIS E 141 19.39 -7.64 -12.48
CA HIS E 141 20.36 -8.16 -13.39
C HIS E 141 19.80 -8.14 -14.79
N ALA E 142 18.55 -8.50 -14.96
CA ALA E 142 17.95 -8.57 -16.27
C ALA E 142 17.98 -7.25 -16.97
N LEU E 143 17.89 -6.17 -16.23
CA LEU E 143 17.88 -4.86 -16.81
C LEU E 143 19.28 -4.33 -17.08
N LYS E 144 20.32 -5.06 -16.72
CA LYS E 144 21.68 -4.62 -16.96
C LYS E 144 22.47 -5.56 -17.87
N THR E 145 22.31 -6.86 -17.66
CA THR E 145 23.01 -7.91 -18.39
C THR E 145 21.99 -8.87 -18.95
N PRO E 146 21.10 -8.44 -19.84
CA PRO E 146 19.97 -9.20 -20.34
C PRO E 146 20.29 -10.48 -21.07
N ASN E 147 21.49 -10.64 -21.58
CA ASN E 147 21.76 -11.84 -22.32
C ASN E 147 22.87 -12.62 -21.68
N LYS E 148 22.55 -13.06 -20.50
CA LYS E 148 23.40 -13.83 -19.64
C LYS E 148 22.56 -14.95 -19.06
N LYS E 149 23.10 -16.17 -19.08
CA LYS E 149 22.34 -17.29 -18.57
C LYS E 149 22.02 -17.15 -17.09
N ALA E 150 20.76 -17.33 -16.76
CA ALA E 150 20.31 -17.28 -15.40
C ALA E 150 20.12 -18.67 -14.87
N ILE E 151 19.46 -19.48 -15.69
CA ILE E 151 19.12 -20.83 -15.33
C ILE E 151 19.52 -21.77 -16.43
N ILE E 152 20.22 -22.81 -16.06
CA ILE E 152 20.58 -23.84 -16.98
C ILE E 152 19.81 -25.04 -16.55
N PHE E 153 18.97 -25.57 -17.41
CA PHE E 153 18.14 -26.68 -16.98
C PHE E 153 18.35 -27.96 -17.70
N GLU E 154 18.47 -29.01 -16.92
CA GLU E 154 18.59 -30.32 -17.48
C GLU E 154 17.55 -31.24 -16.88
N GLY E 155 16.85 -31.94 -17.76
CA GLY E 155 15.75 -32.78 -17.35
C GLY E 155 16.16 -34.17 -16.92
N ASP E 156 15.15 -34.98 -16.62
CA ASP E 156 15.37 -36.34 -16.15
C ASP E 156 15.95 -37.16 -17.28
N GLU E 157 15.44 -36.96 -18.47
CA GLU E 157 15.94 -37.67 -19.63
C GLU E 157 17.06 -36.84 -20.24
N PRO E 158 18.28 -37.39 -20.41
CA PRO E 158 19.48 -36.72 -20.90
C PRO E 158 19.36 -35.89 -22.18
N GLY E 159 18.47 -36.25 -23.09
CA GLY E 159 18.39 -35.46 -24.31
C GLY E 159 17.64 -34.13 -24.17
N GLN E 160 17.04 -33.85 -23.02
CA GLN E 160 16.30 -32.60 -22.91
C GLN E 160 16.87 -31.63 -21.90
N GLY E 161 16.81 -30.37 -22.27
CA GLY E 161 17.26 -29.27 -21.44
C GLY E 161 17.35 -28.01 -22.29
N TYR E 162 17.57 -26.89 -21.63
CA TYR E 162 17.66 -25.59 -22.27
C TYR E 162 18.15 -24.54 -21.30
N SER E 163 18.49 -23.37 -21.80
CA SER E 163 18.86 -22.28 -20.92
C SER E 163 17.83 -21.17 -20.95
N ILE E 164 17.80 -20.41 -19.86
CA ILE E 164 16.98 -19.23 -19.72
C ILE E 164 17.87 -18.05 -19.35
N THR E 165 17.78 -16.97 -20.10
CA THR E 165 18.58 -15.79 -19.78
C THR E 165 17.88 -14.90 -18.79
N TYR E 166 18.61 -13.96 -18.23
CA TYR E 166 17.96 -13.05 -17.31
C TYR E 166 16.84 -12.26 -17.97
N LYS E 167 16.99 -11.82 -19.21
CA LYS E 167 15.88 -11.12 -19.84
C LYS E 167 14.66 -12.00 -19.90
N GLU E 168 14.85 -13.23 -20.33
CA GLU E 168 13.74 -14.14 -20.47
C GLU E 168 13.07 -14.42 -19.14
N LEU E 169 13.87 -14.52 -18.09
CA LEU E 169 13.35 -14.76 -16.77
C LEU E 169 12.46 -13.62 -16.37
N LEU E 170 12.90 -12.39 -16.59
CA LEU E 170 12.07 -11.25 -16.24
C LEU E 170 10.70 -11.36 -16.85
N GLU E 171 10.64 -11.66 -18.14
CA GLU E 171 9.34 -11.73 -18.78
C GLU E 171 8.46 -12.82 -18.19
N GLU E 172 9.03 -13.99 -17.91
CA GLU E 172 8.22 -15.07 -17.37
C GLU E 172 7.72 -14.77 -15.97
N VAL E 173 8.56 -14.17 -15.17
CA VAL E 173 8.17 -13.86 -13.82
C VAL E 173 7.05 -12.87 -13.84
N CYS E 174 7.17 -11.85 -14.68
CA CYS E 174 6.15 -10.84 -14.73
C CYS E 174 4.81 -11.39 -15.16
N GLN E 175 4.77 -12.26 -16.15
CA GLN E 175 3.47 -12.77 -16.53
C GLN E 175 2.86 -13.59 -15.41
N VAL E 176 3.66 -14.38 -14.72
CA VAL E 176 3.08 -15.18 -13.66
C VAL E 176 2.56 -14.30 -12.55
N ALA E 177 3.29 -13.26 -12.21
CA ALA E 177 2.84 -12.39 -11.14
C ALA E 177 1.47 -11.82 -11.45
N GLN E 178 1.22 -11.44 -12.70
CA GLN E 178 -0.09 -10.94 -13.07
C GLN E 178 -1.13 -12.02 -12.98
N VAL E 179 -0.78 -13.25 -13.31
CA VAL E 179 -1.75 -14.31 -13.18
C VAL E 179 -2.18 -14.43 -11.75
N LEU E 180 -1.20 -14.43 -10.84
CA LEU E 180 -1.52 -14.56 -9.45
C LEU E 180 -2.37 -13.41 -8.98
N THR E 181 -2.05 -12.22 -9.46
CA THR E 181 -2.75 -11.01 -9.07
C THR E 181 -4.19 -10.95 -9.55
N TYR E 182 -4.42 -11.25 -10.81
CA TYR E 182 -5.75 -11.06 -11.33
C TYR E 182 -6.62 -12.28 -11.40
N SER E 183 -6.07 -13.45 -11.64
CA SER E 183 -6.94 -14.58 -11.76
C SER E 183 -6.97 -15.40 -10.50
N MET E 184 -5.87 -15.48 -9.79
CA MET E 184 -5.86 -16.31 -8.60
C MET E 184 -6.30 -15.52 -7.39
N GLY E 185 -6.39 -14.21 -7.53
CA GLY E 185 -6.79 -13.29 -6.48
C GLY E 185 -5.79 -13.13 -5.35
N VAL E 186 -4.51 -13.30 -5.63
CA VAL E 186 -3.51 -13.24 -4.57
C VAL E 186 -3.16 -11.82 -4.23
N ARG E 187 -3.12 -11.53 -2.94
CA ARG E 187 -2.80 -10.21 -2.46
C ARG E 187 -1.66 -10.26 -1.46
N LYS E 188 -1.02 -9.11 -1.31
CA LYS E 188 0.09 -8.97 -0.41
C LYS E 188 -0.21 -9.58 0.93
N GLY E 189 0.68 -10.41 1.41
CA GLY E 189 0.54 -11.08 2.68
C GLY E 189 -0.19 -12.41 2.64
N ASP E 190 -0.76 -12.79 1.49
CA ASP E 190 -1.48 -14.05 1.41
C ASP E 190 -0.47 -15.17 1.27
N THR E 191 -0.95 -16.41 1.21
CA THR E 191 -0.05 -17.55 1.09
C THR E 191 -0.35 -18.46 -0.07
N VAL E 192 0.72 -18.72 -0.79
CA VAL E 192 0.68 -19.57 -1.94
C VAL E 192 1.53 -20.79 -1.70
N ALA E 193 0.91 -21.94 -1.79
CA ALA E 193 1.59 -23.19 -1.59
C ALA E 193 2.05 -23.70 -2.93
N VAL E 194 3.25 -24.25 -2.95
CA VAL E 194 3.81 -24.79 -4.15
C VAL E 194 4.17 -26.25 -3.91
N TYR E 195 3.70 -27.12 -4.78
CA TYR E 195 3.94 -28.55 -4.68
C TYR E 195 4.53 -29.10 -5.96
N MET E 196 5.23 -28.25 -6.66
CA MET E 196 5.84 -28.56 -7.92
C MET E 196 7.15 -29.35 -7.76
N PRO E 197 7.55 -30.14 -8.76
CA PRO E 197 8.83 -30.80 -8.88
C PRO E 197 9.82 -29.73 -9.18
N MET E 198 11.10 -29.94 -8.94
CA MET E 198 11.96 -28.84 -9.30
C MET E 198 12.19 -28.75 -10.80
N VAL E 199 11.51 -27.79 -11.40
CA VAL E 199 11.57 -27.49 -12.83
C VAL E 199 11.70 -25.97 -12.93
N PRO E 200 12.12 -25.41 -14.07
CA PRO E 200 12.21 -23.96 -14.29
C PRO E 200 10.95 -23.23 -13.92
N GLU E 201 9.80 -23.85 -14.14
CA GLU E 201 8.56 -23.21 -13.81
C GLU E 201 8.39 -23.02 -12.32
N ALA E 202 8.94 -23.92 -11.51
CA ALA E 202 8.86 -23.81 -10.08
C ALA E 202 9.67 -22.61 -9.63
N ILE E 203 10.82 -22.43 -10.26
CA ILE E 203 11.68 -21.31 -9.89
C ILE E 203 10.98 -20.03 -10.21
N ILE E 204 10.42 -19.96 -11.40
CA ILE E 204 9.73 -18.78 -11.83
C ILE E 204 8.60 -18.48 -10.91
N THR E 205 7.85 -19.52 -10.53
CA THR E 205 6.74 -19.35 -9.63
C THR E 205 7.18 -18.75 -8.31
N LEU E 206 8.24 -19.25 -7.71
CA LEU E 206 8.61 -18.71 -6.43
C LEU E 206 8.97 -17.25 -6.53
N LEU E 207 9.68 -16.88 -7.58
CA LEU E 207 10.05 -15.48 -7.76
C LEU E 207 8.83 -14.62 -7.99
N ALA E 208 7.89 -15.10 -8.79
CA ALA E 208 6.67 -14.36 -9.06
C ALA E 208 5.85 -14.13 -7.82
N ILE E 209 5.83 -15.09 -6.93
CA ILE E 209 5.07 -14.94 -5.71
C ILE E 209 5.69 -13.82 -4.89
N SER E 210 7.00 -13.85 -4.75
CA SER E 210 7.70 -12.83 -3.98
C SER E 210 7.48 -11.44 -4.56
N ARG E 211 7.42 -11.36 -5.88
CA ARG E 211 7.25 -10.10 -6.58
C ARG E 211 6.01 -9.33 -6.18
N ILE E 212 4.97 -10.02 -5.73
CA ILE E 212 3.73 -9.36 -5.39
C ILE E 212 3.52 -9.31 -3.90
N GLY E 213 4.57 -9.56 -3.14
CA GLY E 213 4.51 -9.46 -1.70
C GLY E 213 3.76 -10.59 -1.04
N ALA E 214 3.67 -11.73 -1.68
CA ALA E 214 2.97 -12.85 -1.08
C ALA E 214 4.01 -13.74 -0.45
N ILE E 215 3.57 -14.61 0.45
CA ILE E 215 4.47 -15.52 1.13
C ILE E 215 4.41 -16.87 0.49
N HIS E 216 5.54 -17.45 0.15
CA HIS E 216 5.43 -18.79 -0.41
C HIS E 216 5.77 -19.87 0.57
N SER E 217 5.25 -21.05 0.29
CA SER E 217 5.50 -22.26 1.07
C SER E 217 5.67 -23.44 0.13
N VAL E 218 6.79 -24.14 0.24
CA VAL E 218 7.11 -25.20 -0.71
C VAL E 218 7.15 -26.56 -0.07
N VAL E 219 6.40 -27.48 -0.63
CA VAL E 219 6.27 -28.82 -0.12
C VAL E 219 6.93 -29.82 -1.05
N PHE E 220 7.78 -30.71 -0.52
CA PHE E 220 8.43 -31.66 -1.43
C PHE E 220 7.39 -32.40 -2.22
N ALA E 221 7.59 -32.49 -3.53
CA ALA E 221 6.62 -33.15 -4.42
C ALA E 221 6.31 -34.59 -4.04
N GLY E 222 7.25 -35.30 -3.47
CA GLY E 222 6.98 -36.70 -3.15
C GLY E 222 6.13 -36.95 -1.91
N PHE E 223 5.74 -35.92 -1.17
CA PHE E 223 4.96 -36.20 0.02
C PHE E 223 3.59 -36.70 -0.29
N SER E 224 3.08 -37.48 0.63
CA SER E 224 1.73 -38.01 0.57
C SER E 224 0.72 -36.96 0.91
N SER E 225 -0.54 -37.28 0.62
CA SER E 225 -1.61 -36.35 0.88
C SER E 225 -1.86 -35.99 2.34
N ASN E 226 -1.46 -36.82 3.29
CA ASN E 226 -1.75 -36.42 4.64
C ASN E 226 -0.86 -35.31 5.09
N SER E 227 0.40 -35.42 4.79
CA SER E 227 1.29 -34.40 5.26
C SER E 227 1.11 -33.16 4.43
N LEU E 228 0.68 -33.31 3.18
CA LEU E 228 0.44 -32.15 2.37
C LEU E 228 -0.69 -31.41 2.99
N ARG E 229 -1.72 -32.11 3.41
CA ARG E 229 -2.88 -31.46 3.95
C ARG E 229 -2.56 -30.69 5.19
N ASP E 230 -1.76 -31.27 6.04
CA ASP E 230 -1.40 -30.54 7.23
C ASP E 230 -0.66 -29.27 6.90
N ARG E 231 0.24 -29.29 5.94
CA ARG E 231 0.98 -28.09 5.62
C ARG E 231 0.09 -27.04 5.00
N ILE E 232 -0.82 -27.44 4.11
CA ILE E 232 -1.70 -26.48 3.48
C ILE E 232 -2.55 -25.81 4.51
N ASN E 233 -3.12 -26.58 5.42
CA ASN E 233 -3.97 -25.97 6.40
C ASN E 233 -3.22 -25.18 7.43
N ASP E 234 -2.10 -25.66 7.90
CA ASP E 234 -1.40 -24.93 8.94
C ASP E 234 -0.95 -23.57 8.46
N GLY E 235 -0.50 -23.51 7.22
CA GLY E 235 -0.01 -22.25 6.69
C GLY E 235 -1.13 -21.37 6.14
N ASP E 236 -2.36 -21.85 6.20
CA ASP E 236 -3.51 -21.15 5.67
C ASP E 236 -3.36 -20.72 4.23
N SER E 237 -2.92 -21.60 3.35
CA SER E 237 -2.81 -21.13 1.98
C SER E 237 -4.19 -21.09 1.37
N LYS E 238 -4.31 -20.35 0.28
CA LYS E 238 -5.55 -20.28 -0.44
C LYS E 238 -5.34 -20.65 -1.87
N VAL E 239 -4.11 -20.58 -2.27
CA VAL E 239 -3.73 -20.90 -3.61
C VAL E 239 -2.71 -21.97 -3.62
N VAL E 240 -2.92 -22.95 -4.47
CA VAL E 240 -2.00 -24.04 -4.62
C VAL E 240 -1.50 -24.11 -6.03
N ILE E 241 -0.20 -24.21 -6.19
CA ILE E 241 0.37 -24.32 -7.51
C ILE E 241 1.03 -25.68 -7.65
N THR E 242 0.65 -26.40 -8.69
CA THR E 242 1.16 -27.73 -8.93
C THR E 242 1.35 -28.04 -10.40
N THR E 243 1.59 -29.31 -10.65
CA THR E 243 1.81 -29.87 -11.97
C THR E 243 0.88 -31.04 -12.14
N ASP E 244 0.75 -31.53 -13.36
CA ASP E 244 -0.09 -32.70 -13.49
C ASP E 244 0.65 -33.98 -13.16
N GLU E 245 1.74 -34.23 -13.85
CA GLU E 245 2.56 -35.40 -13.61
C GLU E 245 4.01 -35.00 -13.72
N SER E 246 4.87 -35.72 -13.02
CA SER E 246 6.30 -35.46 -13.16
C SER E 246 7.07 -36.75 -13.20
N ASN E 247 8.29 -36.67 -13.70
CA ASN E 247 9.13 -37.83 -13.84
C ASN E 247 10.45 -37.68 -13.17
N ARG E 248 10.73 -38.59 -12.27
CA ARG E 248 11.98 -38.57 -11.57
C ARG E 248 12.56 -39.96 -11.48
N GLY E 249 13.73 -40.15 -12.08
CA GLY E 249 14.36 -41.45 -12.09
C GLY E 249 13.59 -42.38 -13.00
N GLY E 250 12.89 -41.81 -13.97
CA GLY E 250 12.07 -42.59 -14.85
C GLY E 250 10.72 -42.98 -14.26
N LYS E 251 10.42 -42.58 -13.02
CA LYS E 251 9.15 -42.98 -12.44
C LYS E 251 8.17 -41.83 -12.45
N VAL E 252 6.89 -42.15 -12.63
CA VAL E 252 5.85 -41.13 -12.65
C VAL E 252 5.29 -40.80 -11.28
N ILE E 253 5.26 -39.53 -10.97
CA ILE E 253 4.71 -39.03 -9.74
C ILE E 253 3.40 -38.29 -10.01
N GLU E 254 2.32 -38.77 -9.42
CA GLU E 254 1.02 -38.16 -9.71
C GLU E 254 0.73 -36.96 -8.84
N THR E 255 1.34 -35.85 -9.17
CA THR E 255 1.21 -34.67 -8.34
C THR E 255 -0.20 -34.10 -8.29
N LYS E 256 -0.94 -34.11 -9.39
CA LYS E 256 -2.28 -33.54 -9.31
C LYS E 256 -3.15 -34.35 -8.39
N ARG E 257 -3.13 -35.66 -8.53
CA ARG E 257 -4.00 -36.45 -7.71
C ARG E 257 -3.68 -36.28 -6.24
N ILE E 258 -2.42 -36.17 -5.87
CA ILE E 258 -2.13 -35.95 -4.48
C ILE E 258 -2.72 -34.66 -4.01
N VAL E 259 -2.57 -33.59 -4.78
CA VAL E 259 -3.15 -32.34 -4.34
C VAL E 259 -4.64 -32.44 -4.21
N ASP E 260 -5.31 -33.02 -5.20
CA ASP E 260 -6.77 -33.12 -5.14
C ASP E 260 -7.21 -33.88 -3.92
N ASP E 261 -6.47 -34.90 -3.55
CA ASP E 261 -6.78 -35.64 -2.36
C ASP E 261 -6.66 -34.75 -1.13
N ALA E 262 -5.52 -34.11 -0.99
CA ALA E 262 -5.28 -33.31 0.19
C ALA E 262 -6.36 -32.24 0.35
N LEU E 263 -6.80 -31.68 -0.75
CA LEU E 263 -7.75 -30.60 -0.68
C LEU E 263 -9.15 -31.03 -0.38
N ARG E 264 -9.40 -32.31 -0.30
CA ARG E 264 -10.74 -32.75 0.01
C ARG E 264 -11.15 -32.32 1.40
N GLU E 265 -10.18 -32.22 2.31
CA GLU E 265 -10.51 -31.85 3.66
C GLU E 265 -10.10 -30.42 3.96
N THR E 266 -9.82 -29.63 2.93
CA THR E 266 -9.38 -28.28 3.19
C THR E 266 -10.38 -27.25 2.66
N PRO E 267 -11.01 -26.44 3.52
CA PRO E 267 -12.02 -25.46 3.15
C PRO E 267 -11.46 -24.18 2.57
N GLY E 268 -10.17 -24.03 2.69
CA GLY E 268 -9.47 -22.81 2.33
C GLY E 268 -9.32 -22.58 0.85
N VAL E 269 -8.65 -23.48 0.18
CA VAL E 269 -8.21 -23.21 -1.16
C VAL E 269 -9.30 -22.89 -2.11
N ARG E 270 -9.07 -21.79 -2.80
CA ARG E 270 -9.99 -21.26 -3.76
C ARG E 270 -9.55 -21.56 -5.18
N HIS E 271 -8.25 -21.58 -5.44
CA HIS E 271 -7.84 -21.87 -6.81
C HIS E 271 -6.60 -22.72 -6.85
N VAL E 272 -6.53 -23.57 -7.87
CA VAL E 272 -5.38 -24.39 -8.11
C VAL E 272 -4.85 -24.14 -9.49
N LEU E 273 -3.59 -23.81 -9.57
CA LEU E 273 -2.97 -23.53 -10.84
C LEU E 273 -2.18 -24.75 -11.22
N VAL E 274 -2.38 -25.25 -12.42
CA VAL E 274 -1.75 -26.49 -12.83
C VAL E 274 -0.89 -26.35 -14.04
N TYR E 275 0.35 -26.72 -13.91
CA TYR E 275 1.23 -26.70 -15.05
C TYR E 275 1.27 -28.04 -15.74
N ARG E 276 0.84 -28.04 -16.99
CA ARG E 276 0.76 -29.28 -17.74
C ARG E 276 2.10 -29.65 -18.29
N LYS E 277 2.99 -30.07 -17.42
CA LYS E 277 4.32 -30.43 -17.87
C LYS E 277 4.17 -31.53 -18.90
N THR E 278 3.28 -32.48 -18.65
CA THR E 278 3.03 -33.52 -19.65
C THR E 278 1.85 -33.02 -20.45
N ASN E 279 1.98 -32.97 -21.76
CA ASN E 279 0.89 -32.35 -22.52
C ASN E 279 -0.38 -33.16 -22.71
N ASN E 280 -0.33 -34.47 -22.59
CA ASN E 280 -1.50 -35.29 -22.85
C ASN E 280 -1.86 -36.43 -21.92
N PRO E 281 -1.66 -36.33 -20.60
CA PRO E 281 -1.95 -37.38 -19.65
C PRO E 281 -3.45 -37.45 -19.42
N SER E 282 -3.91 -38.51 -18.78
CA SER E 282 -5.34 -38.59 -18.50
C SER E 282 -5.61 -38.16 -17.09
N VAL E 283 -5.53 -36.86 -16.93
CA VAL E 283 -5.66 -36.19 -15.66
C VAL E 283 -6.87 -35.28 -15.64
N ALA E 284 -7.69 -35.44 -14.63
CA ALA E 284 -8.89 -34.66 -14.50
C ALA E 284 -8.55 -33.21 -14.40
N PHE E 285 -9.41 -32.37 -14.93
CA PHE E 285 -9.18 -30.96 -14.85
C PHE E 285 -10.55 -30.31 -14.73
N HIS E 286 -10.76 -29.58 -13.66
CA HIS E 286 -12.07 -29.00 -13.39
C HIS E 286 -12.04 -27.49 -13.55
N ALA E 287 -12.70 -27.02 -14.59
CA ALA E 287 -12.62 -25.60 -14.90
C ALA E 287 -13.01 -24.66 -13.77
N PRO E 288 -13.98 -24.93 -12.90
CA PRO E 288 -14.28 -24.01 -11.81
C PRO E 288 -13.06 -23.58 -11.03
N ARG E 289 -12.04 -24.43 -10.86
CA ARG E 289 -10.90 -23.90 -10.15
C ARG E 289 -9.58 -24.50 -10.54
N ASP E 290 -9.47 -25.00 -11.75
CA ASP E 290 -8.21 -25.49 -12.26
C ASP E 290 -7.80 -24.59 -13.38
N LEU E 291 -6.72 -23.91 -13.18
CA LEU E 291 -6.30 -22.98 -14.19
C LEU E 291 -5.11 -23.53 -14.90
N ASP E 292 -5.12 -23.46 -16.20
CA ASP E 292 -3.99 -23.96 -16.94
C ASP E 292 -2.92 -22.91 -17.03
N TRP E 293 -1.81 -23.19 -16.39
CA TRP E 293 -0.71 -22.27 -16.26
C TRP E 293 -0.30 -21.76 -17.61
N ALA E 294 -0.25 -22.66 -18.57
CA ALA E 294 0.25 -22.37 -19.89
C ALA E 294 -0.78 -21.71 -20.80
N THR E 295 -1.99 -21.52 -20.32
CA THR E 295 -3.02 -20.89 -21.13
C THR E 295 -3.35 -19.57 -20.53
N GLU E 296 -3.28 -19.48 -19.23
CA GLU E 296 -3.60 -18.25 -18.57
C GLU E 296 -2.51 -17.21 -18.79
N LYS E 297 -1.26 -17.63 -18.73
CA LYS E 297 -0.12 -16.74 -18.84
C LYS E 297 -0.14 -15.79 -20.05
N LYS E 298 -0.57 -16.27 -21.21
CA LYS E 298 -0.53 -15.49 -22.46
C LYS E 298 -1.41 -14.24 -22.44
N LYS E 299 -2.27 -14.15 -21.47
CA LYS E 299 -3.16 -13.04 -21.37
C LYS E 299 -2.54 -11.85 -20.66
N TYR E 300 -1.31 -11.98 -20.23
CA TYR E 300 -0.72 -10.92 -19.45
C TYR E 300 0.50 -10.26 -20.08
N LYS E 301 0.74 -9.02 -19.70
CA LYS E 301 1.87 -8.31 -20.25
C LYS E 301 3.19 -8.79 -19.70
N THR E 302 4.23 -8.56 -20.46
CA THR E 302 5.57 -9.08 -20.18
C THR E 302 6.44 -8.25 -19.24
N TYR E 303 5.87 -7.22 -18.66
CA TYR E 303 6.53 -6.40 -17.67
C TYR E 303 5.49 -6.03 -16.64
N TYR E 304 5.83 -6.17 -15.39
CA TYR E 304 4.93 -5.85 -14.32
C TYR E 304 5.82 -5.52 -13.14
N PRO E 305 5.55 -4.45 -12.41
CA PRO E 305 6.34 -3.95 -11.30
C PRO E 305 6.35 -4.73 -10.01
N CYS E 306 7.40 -4.51 -9.23
CA CYS E 306 7.56 -5.02 -7.88
C CYS E 306 6.81 -4.24 -6.85
N THR E 307 6.18 -4.95 -5.93
CA THR E 307 5.50 -4.31 -4.82
C THR E 307 6.47 -4.10 -3.65
N PRO E 308 6.57 -2.92 -3.07
CA PRO E 308 7.41 -2.68 -1.91
C PRO E 308 7.04 -3.60 -0.77
N VAL E 309 8.05 -4.14 -0.12
CA VAL E 309 7.93 -5.05 0.99
C VAL E 309 8.81 -4.59 2.13
N ASP E 310 8.30 -4.63 3.35
CA ASP E 310 9.11 -4.20 4.45
C ASP E 310 10.28 -5.12 4.65
N SER E 311 11.39 -4.59 5.13
CA SER E 311 12.56 -5.42 5.37
C SER E 311 12.29 -6.57 6.32
N GLU E 312 11.32 -6.44 7.24
CA GLU E 312 10.99 -7.53 8.16
C GLU E 312 9.78 -8.35 7.79
N ASP E 313 9.21 -8.15 6.62
CA ASP E 313 8.08 -8.95 6.21
C ASP E 313 8.60 -10.34 5.90
N PRO E 314 7.81 -11.39 6.15
CA PRO E 314 8.18 -12.76 5.85
C PRO E 314 8.39 -12.98 4.39
N LEU E 315 9.47 -13.69 4.04
CA LEU E 315 9.71 -14.02 2.66
C LEU E 315 9.06 -15.35 2.38
N PHE E 316 9.32 -16.30 3.26
CA PHE E 316 8.81 -17.65 3.05
C PHE E 316 8.73 -18.46 4.31
N LEU E 317 7.96 -19.54 4.19
CA LEU E 317 7.86 -20.54 5.22
C LEU E 317 8.39 -21.87 4.77
N LEU E 318 9.03 -22.60 5.67
CA LEU E 318 9.38 -23.97 5.37
C LEU E 318 8.85 -24.91 6.38
N TYR E 319 7.98 -25.78 5.95
CA TYR E 319 7.42 -26.73 6.85
C TYR E 319 8.28 -27.92 7.02
N THR E 320 9.22 -27.77 7.90
CA THR E 320 10.18 -28.81 8.14
C THR E 320 9.55 -29.80 9.07
N SER E 321 10.17 -30.95 9.17
CA SER E 321 9.64 -31.94 10.07
C SER E 321 10.64 -32.96 10.55
N GLY E 322 10.47 -33.31 11.82
CA GLY E 322 11.19 -34.36 12.51
C GLY E 322 10.22 -35.50 12.86
N SER E 323 9.07 -35.50 12.19
CA SER E 323 7.98 -36.46 12.40
C SER E 323 7.49 -36.51 13.85
N THR E 324 7.31 -35.34 14.46
CA THR E 324 6.82 -35.21 15.81
C THR E 324 6.05 -33.90 15.92
N GLY E 325 5.04 -33.90 16.77
CA GLY E 325 4.21 -32.71 16.88
C GLY E 325 3.55 -32.52 15.54
N ALA E 326 3.83 -31.41 14.91
CA ALA E 326 3.27 -31.06 13.61
C ALA E 326 4.37 -30.31 12.88
N PRO E 327 4.35 -30.28 11.56
CA PRO E 327 5.33 -29.58 10.77
C PRO E 327 5.47 -28.14 11.23
N LYS E 328 6.71 -27.68 11.31
CA LYS E 328 7.01 -26.33 11.78
C LYS E 328 7.20 -25.36 10.65
N GLY E 329 6.35 -24.38 10.55
CA GLY E 329 6.46 -23.39 9.50
C GLY E 329 7.55 -22.41 9.84
N VAL E 330 8.79 -22.81 9.63
CA VAL E 330 9.87 -21.93 10.02
C VAL E 330 9.79 -20.72 9.15
N GLN E 331 9.81 -19.55 9.77
CA GLN E 331 9.68 -18.32 9.02
C GLN E 331 10.91 -17.45 9.00
N HIS E 332 11.26 -17.02 7.79
CA HIS E 332 12.41 -16.14 7.57
C HIS E 332 11.97 -14.86 6.89
N SER E 333 12.47 -13.73 7.39
CA SER E 333 12.14 -12.43 6.80
C SER E 333 13.02 -12.07 5.63
N THR E 334 12.55 -11.12 4.84
CA THR E 334 13.24 -10.76 3.61
C THR E 334 14.62 -10.16 3.72
N ALA E 335 14.81 -9.04 4.41
CA ALA E 335 16.15 -8.47 4.33
C ALA E 335 17.18 -9.36 4.96
N GLY E 336 16.81 -9.99 6.05
CA GLY E 336 17.71 -10.84 6.78
C GLY E 336 18.20 -11.98 5.94
N TYR E 337 17.27 -12.73 5.41
CA TYR E 337 17.59 -13.88 4.62
C TYR E 337 18.42 -13.53 3.41
N LEU E 338 18.01 -12.51 2.66
CA LEU E 338 18.72 -12.19 1.44
C LEU E 338 20.15 -11.80 1.72
N LEU E 339 20.40 -11.03 2.78
CA LEU E 339 21.77 -10.66 3.05
C LEU E 339 22.59 -11.88 3.40
N GLY E 340 22.02 -12.77 4.19
CA GLY E 340 22.72 -13.97 4.58
C GLY E 340 23.14 -14.74 3.35
N ALA E 341 22.20 -14.95 2.44
CA ALA E 341 22.48 -15.70 1.24
C ALA E 341 23.60 -15.06 0.43
N LEU E 342 23.61 -13.74 0.30
CA LEU E 342 24.68 -13.11 -0.45
C LEU E 342 26.02 -13.22 0.18
N LEU E 343 26.09 -13.01 1.49
CA LEU E 343 27.38 -13.05 2.13
C LEU E 343 27.97 -14.42 2.01
N THR E 344 27.13 -15.43 2.09
CA THR E 344 27.62 -16.76 2.01
C THR E 344 28.16 -17.06 0.63
N MET E 345 27.44 -16.65 -0.41
CA MET E 345 27.92 -16.89 -1.77
C MET E 345 29.26 -16.21 -2.01
N ARG E 346 29.39 -15.00 -1.49
CA ARG E 346 30.57 -14.20 -1.66
C ARG E 346 31.76 -14.70 -0.86
N TYR E 347 31.58 -15.10 0.38
CA TYR E 347 32.73 -15.48 1.17
C TYR E 347 32.96 -16.96 1.39
N THR E 348 31.93 -17.79 1.34
CA THR E 348 32.18 -19.19 1.56
C THR E 348 32.53 -19.83 0.26
N PHE E 349 31.74 -19.56 -0.76
CA PHE E 349 32.00 -20.22 -2.03
C PHE E 349 32.87 -19.41 -2.97
N ASP E 350 33.18 -18.18 -2.58
CA ASP E 350 34.03 -17.28 -3.34
C ASP E 350 33.55 -17.15 -4.77
N THR E 351 32.26 -16.96 -4.99
CA THR E 351 31.82 -16.93 -6.38
C THR E 351 31.98 -15.60 -7.10
N HIS E 352 31.86 -15.73 -8.40
CA HIS E 352 31.91 -14.65 -9.35
C HIS E 352 30.71 -14.72 -10.27
N GLN E 353 30.53 -13.61 -10.93
CA GLN E 353 29.41 -13.44 -11.78
C GLN E 353 29.45 -14.38 -12.95
N GLU E 354 30.60 -14.92 -13.23
CA GLU E 354 30.84 -15.77 -14.37
C GLU E 354 30.70 -17.26 -14.07
N ASP E 355 30.36 -17.62 -12.85
CA ASP E 355 30.26 -19.03 -12.51
C ASP E 355 28.94 -19.70 -12.83
N VAL E 356 28.93 -21.02 -12.57
CA VAL E 356 27.78 -21.88 -12.63
C VAL E 356 27.76 -22.67 -11.35
N PHE E 357 26.72 -22.49 -10.59
CA PHE E 357 26.64 -23.10 -9.29
C PHE E 357 25.68 -24.27 -9.31
N PHE E 358 26.17 -25.48 -9.08
CA PHE E 358 25.31 -26.66 -9.13
C PHE E 358 25.04 -27.22 -7.77
N THR E 359 23.79 -27.12 -7.34
CA THR E 359 23.40 -27.65 -6.03
C THR E 359 22.58 -28.90 -6.26
N ALA E 360 23.07 -29.97 -5.73
CA ALA E 360 22.43 -31.24 -5.94
C ALA E 360 21.35 -31.48 -4.90
N GLY E 361 20.24 -30.79 -5.02
CA GLY E 361 19.19 -30.97 -4.02
C GLY E 361 17.87 -30.30 -4.32
N ASP E 362 16.82 -30.88 -3.75
CA ASP E 362 15.43 -30.47 -3.95
C ASP E 362 15.07 -29.08 -3.47
N ILE E 363 14.19 -28.46 -4.23
CA ILE E 363 13.69 -27.13 -3.94
C ILE E 363 12.93 -27.01 -2.62
N GLY E 364 12.36 -28.09 -2.11
CA GLY E 364 11.61 -28.02 -0.87
C GLY E 364 12.48 -28.04 0.38
N TRP E 365 13.78 -28.14 0.20
CA TRP E 365 14.71 -28.18 1.32
C TRP E 365 15.33 -26.80 1.48
N ILE E 366 15.81 -26.48 2.67
CA ILE E 366 16.41 -25.16 2.85
C ILE E 366 17.55 -24.88 1.88
N THR E 367 18.30 -25.89 1.43
CA THR E 367 19.39 -25.59 0.52
C THR E 367 18.87 -25.29 -0.86
N GLY E 368 17.65 -25.70 -1.14
CA GLY E 368 17.03 -25.42 -2.40
C GLY E 368 16.81 -23.93 -2.47
N HIS E 369 16.22 -23.42 -1.44
CA HIS E 369 15.95 -22.02 -1.40
C HIS E 369 17.22 -21.21 -1.40
N THR E 370 18.11 -21.51 -0.48
CA THR E 370 19.32 -20.75 -0.38
C THR E 370 20.25 -20.87 -1.57
N TYR E 371 20.43 -22.07 -2.15
CA TYR E 371 21.38 -22.17 -3.23
C TYR E 371 20.90 -22.48 -4.62
N VAL E 372 19.61 -22.61 -4.85
CA VAL E 372 19.12 -22.80 -6.19
C VAL E 372 18.42 -21.54 -6.61
N VAL E 373 17.59 -20.97 -5.73
CA VAL E 373 16.85 -19.79 -6.12
C VAL E 373 17.36 -18.48 -5.58
N TYR E 374 17.54 -18.33 -4.28
CA TYR E 374 17.88 -17.01 -3.74
C TYR E 374 19.36 -16.80 -3.55
N GLY E 375 20.14 -17.71 -4.06
CA GLY E 375 21.57 -17.64 -3.94
C GLY E 375 22.12 -17.09 -5.24
N PRO E 376 22.56 -17.94 -6.15
CA PRO E 376 23.12 -17.54 -7.43
C PRO E 376 22.32 -16.49 -8.15
N LEU E 377 20.99 -16.55 -8.17
CA LEU E 377 20.29 -15.51 -8.90
C LEU E 377 20.48 -14.15 -8.31
N LEU E 378 20.54 -14.08 -6.99
CA LEU E 378 20.64 -12.82 -6.30
C LEU E 378 22.00 -12.24 -6.52
N TYR E 379 22.97 -13.13 -6.47
CA TYR E 379 24.35 -12.79 -6.67
C TYR E 379 24.62 -12.37 -8.11
N GLY E 380 24.05 -13.11 -9.05
CA GLY E 380 24.25 -12.90 -10.47
C GLY E 380 24.94 -14.07 -11.18
N CYS E 381 25.06 -15.22 -10.52
CA CYS E 381 25.67 -16.41 -11.11
C CYS E 381 24.60 -17.22 -11.79
N ALA E 382 24.96 -18.14 -12.70
CA ALA E 382 23.95 -19.01 -13.26
C ALA E 382 23.68 -20.16 -12.32
N THR E 383 22.44 -20.61 -12.29
CA THR E 383 22.06 -21.77 -11.50
C THR E 383 21.87 -22.97 -12.36
N LEU E 384 22.45 -24.08 -11.99
CA LEU E 384 22.19 -25.30 -12.72
C LEU E 384 21.12 -26.08 -12.00
N VAL E 385 20.04 -26.35 -12.69
CA VAL E 385 18.89 -27.03 -12.16
C VAL E 385 18.76 -28.39 -12.76
N PHE E 386 18.76 -29.39 -11.90
CA PHE E 386 18.65 -30.76 -12.36
C PHE E 386 17.52 -31.43 -11.67
N GLU E 387 16.51 -31.81 -12.44
CA GLU E 387 15.31 -32.38 -11.84
C GLU E 387 15.40 -33.84 -11.41
N GLY E 388 16.31 -34.62 -11.99
CA GLY E 388 16.41 -36.05 -11.74
C GLY E 388 17.35 -36.48 -10.62
N THR E 389 17.81 -37.72 -10.74
CA THR E 389 18.65 -38.42 -9.76
C THR E 389 19.83 -39.03 -10.46
N PRO E 390 21.02 -39.06 -9.85
CA PRO E 390 22.22 -39.65 -10.43
C PRO E 390 22.04 -41.12 -10.73
N ALA E 391 21.11 -41.73 -10.04
CA ALA E 391 20.82 -43.11 -10.28
C ALA E 391 20.44 -43.39 -11.71
N TYR E 392 19.79 -42.43 -12.38
CA TYR E 392 19.27 -42.65 -13.71
C TYR E 392 19.87 -41.83 -14.85
N PRO E 393 20.24 -42.47 -15.94
CA PRO E 393 20.30 -43.88 -16.23
C PRO E 393 21.48 -44.68 -15.64
N ASN E 394 22.60 -44.06 -15.22
CA ASN E 394 23.69 -44.93 -14.79
C ASN E 394 24.81 -44.40 -13.90
N TYR E 395 24.55 -43.59 -12.90
CA TYR E 395 25.59 -43.05 -12.03
C TYR E 395 26.64 -42.14 -12.65
N SER E 396 26.77 -42.07 -13.95
CA SER E 396 27.76 -41.13 -14.49
C SER E 396 27.11 -39.83 -14.79
N ARG E 397 25.83 -39.75 -14.49
CA ARG E 397 25.06 -38.59 -14.85
C ARG E 397 25.58 -37.32 -14.24
N TYR E 398 25.96 -37.32 -12.96
CA TYR E 398 26.43 -36.05 -12.43
C TYR E 398 27.66 -35.58 -13.12
N TRP E 399 28.55 -36.51 -13.39
CA TRP E 399 29.77 -36.14 -14.04
C TRP E 399 29.51 -35.66 -15.43
N ASP E 400 28.66 -36.32 -16.15
CA ASP E 400 28.40 -35.86 -17.49
C ASP E 400 27.89 -34.43 -17.46
N ILE E 401 27.04 -34.13 -16.48
CA ILE E 401 26.48 -32.80 -16.33
C ILE E 401 27.56 -31.80 -16.05
N ILE E 402 28.45 -32.12 -15.13
CA ILE E 402 29.49 -31.18 -14.76
C ILE E 402 30.35 -30.82 -15.91
N ASP E 403 30.81 -31.78 -16.69
CA ASP E 403 31.63 -31.34 -17.80
C ASP E 403 30.86 -30.67 -18.92
N GLU E 404 29.67 -31.13 -19.25
CA GLU E 404 28.97 -30.52 -20.37
C GLU E 404 28.70 -29.06 -20.14
N HIS E 405 28.37 -28.68 -18.92
CA HIS E 405 28.04 -27.29 -18.68
C HIS E 405 29.12 -26.53 -17.94
N LYS E 406 30.32 -27.08 -17.84
CA LYS E 406 31.40 -26.41 -17.13
C LYS E 406 31.02 -25.93 -15.75
N VAL E 407 30.45 -26.80 -14.95
CA VAL E 407 30.07 -26.45 -13.60
C VAL E 407 31.29 -26.08 -12.82
N THR E 408 31.23 -25.00 -12.07
CA THR E 408 32.41 -24.62 -11.31
C THR E 408 32.29 -24.86 -9.82
N GLN E 409 31.07 -24.86 -9.30
CA GLN E 409 30.82 -25.13 -7.90
C GLN E 409 29.93 -26.36 -7.75
N PHE E 410 30.33 -27.35 -6.94
CA PHE E 410 29.44 -28.49 -6.76
C PHE E 410 29.18 -28.79 -5.30
N TYR E 411 27.93 -28.55 -4.91
CA TYR E 411 27.48 -28.66 -3.52
C TYR E 411 26.48 -29.80 -3.41
N VAL E 412 26.89 -30.88 -2.73
CA VAL E 412 26.12 -32.12 -2.72
C VAL E 412 25.92 -32.76 -1.32
N ALA E 413 24.77 -33.35 -1.09
CA ALA E 413 24.55 -34.05 0.18
C ALA E 413 25.49 -35.25 0.26
N PRO E 414 26.03 -35.59 1.43
CA PRO E 414 26.92 -36.71 1.65
C PRO E 414 26.30 -38.05 1.35
N THR E 415 24.99 -38.13 1.34
CA THR E 415 24.37 -39.40 1.04
C THR E 415 24.58 -39.71 -0.40
N ALA E 416 24.51 -38.68 -1.21
CA ALA E 416 24.71 -38.89 -2.61
C ALA E 416 26.12 -39.33 -2.82
N LEU E 417 27.04 -38.73 -2.07
CA LEU E 417 28.42 -39.10 -2.25
C LEU E 417 28.65 -40.53 -1.90
N ARG E 418 28.03 -41.01 -0.84
CA ARG E 418 28.26 -42.39 -0.50
C ARG E 418 27.75 -43.30 -1.59
N LEU E 419 26.60 -43.01 -2.18
CA LEU E 419 26.10 -43.88 -3.23
C LEU E 419 27.01 -43.89 -4.45
N LEU E 420 27.52 -42.73 -4.81
CA LEU E 420 28.41 -42.63 -5.95
C LEU E 420 29.68 -43.39 -5.68
N LYS E 421 30.16 -43.30 -4.46
CA LYS E 421 31.36 -44.00 -4.09
C LYS E 421 31.14 -45.49 -4.24
N ARG E 422 30.02 -46.00 -3.82
CA ARG E 422 29.85 -47.41 -3.99
C ARG E 422 29.80 -47.78 -5.43
N ALA E 423 29.11 -46.99 -6.22
CA ALA E 423 29.01 -47.36 -7.62
C ALA E 423 30.39 -47.69 -8.16
N GLY E 424 31.39 -46.95 -7.70
CA GLY E 424 32.77 -47.24 -8.07
C GLY E 424 33.38 -46.25 -9.04
N ASP E 425 34.71 -46.25 -9.05
CA ASP E 425 35.51 -45.34 -9.85
C ASP E 425 35.40 -45.59 -11.34
N SER E 426 34.85 -46.72 -11.73
CA SER E 426 34.68 -47.04 -13.14
C SER E 426 33.73 -46.06 -13.81
N TYR E 427 32.94 -45.34 -13.02
CA TYR E 427 31.99 -44.42 -13.61
C TYR E 427 32.56 -43.03 -13.84
N ILE E 428 33.84 -42.81 -13.48
CA ILE E 428 34.50 -41.52 -13.70
C ILE E 428 35.75 -41.61 -14.55
N GLU E 429 35.96 -42.75 -15.18
CA GLU E 429 37.15 -42.95 -15.97
C GLU E 429 37.29 -41.98 -17.12
N ASN E 430 36.18 -41.57 -17.70
CA ASN E 430 36.21 -40.69 -18.83
C ASN E 430 35.84 -39.25 -18.53
N HIS E 431 36.01 -38.77 -17.29
CA HIS E 431 35.71 -37.38 -17.05
C HIS E 431 36.86 -36.66 -16.39
N SER E 432 37.15 -35.45 -16.84
CA SER E 432 38.23 -34.72 -16.20
C SER E 432 37.72 -33.88 -15.07
N LEU E 433 36.49 -33.42 -15.19
CA LEU E 433 35.88 -32.54 -14.21
C LEU E 433 36.77 -31.33 -13.90
N LYS E 434 37.59 -30.95 -14.88
CA LYS E 434 38.56 -29.89 -14.71
C LYS E 434 37.96 -28.56 -14.33
N SER E 435 36.78 -28.24 -14.82
CA SER E 435 36.18 -26.96 -14.52
C SER E 435 35.89 -26.71 -13.05
N LEU E 436 35.73 -27.75 -12.26
CA LEU E 436 35.38 -27.50 -10.88
C LEU E 436 36.46 -26.75 -10.17
N ARG E 437 36.05 -25.79 -9.37
CA ARG E 437 36.99 -25.05 -8.57
C ARG E 437 36.70 -25.19 -7.10
N CYS E 438 35.50 -25.65 -6.75
CA CYS E 438 35.15 -25.80 -5.36
C CYS E 438 34.12 -26.89 -5.17
N LEU E 439 34.35 -27.75 -4.18
CA LEU E 439 33.46 -28.83 -3.82
C LEU E 439 32.94 -28.59 -2.45
N GLY E 440 31.79 -29.15 -2.13
CA GLY E 440 31.35 -29.08 -0.76
C GLY E 440 30.16 -29.97 -0.51
N SER E 441 29.76 -30.03 0.75
CA SER E 441 28.65 -30.87 1.16
C SER E 441 27.95 -30.39 2.41
N VAL E 442 26.73 -30.90 2.55
CA VAL E 442 25.89 -30.55 3.68
C VAL E 442 24.82 -31.57 4.05
N GLY E 443 24.46 -31.62 5.34
CA GLY E 443 23.32 -32.42 5.79
C GLY E 443 23.65 -33.52 6.78
N GLU E 444 24.88 -33.97 6.80
CA GLU E 444 25.25 -35.04 7.69
C GLU E 444 26.77 -35.00 7.80
N PRO E 445 27.37 -35.42 8.91
CA PRO E 445 28.79 -35.48 9.04
C PRO E 445 29.39 -36.32 7.95
N ILE E 446 30.54 -35.91 7.46
CA ILE E 446 31.23 -36.67 6.44
C ILE E 446 32.39 -37.39 7.09
N ALA E 447 32.45 -38.69 6.96
CA ALA E 447 33.57 -39.43 7.52
C ALA E 447 34.82 -39.01 6.79
N ALA E 448 35.97 -39.02 7.47
CA ALA E 448 37.21 -38.69 6.77
C ALA E 448 37.40 -39.60 5.58
N GLU E 449 37.02 -40.85 5.71
CA GLU E 449 37.19 -41.79 4.63
C GLU E 449 36.50 -41.33 3.34
N VAL E 450 35.33 -40.72 3.47
CA VAL E 450 34.57 -40.27 2.33
C VAL E 450 35.19 -39.01 1.84
N TRP E 451 35.56 -38.14 2.76
CA TRP E 451 36.15 -36.87 2.43
C TRP E 451 37.38 -37.11 1.58
N GLU E 452 38.21 -38.05 1.99
CA GLU E 452 39.41 -38.35 1.25
C GLU E 452 39.10 -38.87 -0.14
N TRP E 453 38.11 -39.75 -0.27
CA TRP E 453 37.75 -40.24 -1.60
C TRP E 453 37.29 -39.12 -2.49
N TYR E 454 36.44 -38.28 -1.95
CA TYR E 454 35.88 -37.20 -2.71
C TYR E 454 37.00 -36.28 -3.17
N SER E 455 37.90 -35.94 -2.25
CA SER E 455 39.02 -35.10 -2.56
C SER E 455 39.91 -35.67 -3.64
N GLU E 456 40.26 -36.95 -3.52
CA GLU E 456 41.15 -37.61 -4.46
C GLU E 456 40.57 -37.90 -5.84
N LYS E 457 39.33 -38.38 -5.91
CA LYS E 457 38.84 -38.81 -7.21
C LYS E 457 38.07 -37.75 -7.96
N ILE E 458 37.39 -36.87 -7.27
CA ILE E 458 36.61 -35.85 -7.92
C ILE E 458 37.39 -34.56 -7.90
N GLY E 459 37.89 -34.19 -6.73
CA GLY E 459 38.62 -32.94 -6.58
C GLY E 459 40.08 -33.00 -7.02
N LYS E 460 40.52 -34.19 -7.36
CA LYS E 460 41.87 -34.52 -7.79
C LYS E 460 42.95 -33.97 -6.89
N ASN E 461 42.70 -33.94 -5.59
CA ASN E 461 43.62 -33.41 -4.59
C ASN E 461 43.95 -31.92 -4.76
N GLU E 462 43.20 -31.20 -5.58
CA GLU E 462 43.44 -29.79 -5.78
C GLU E 462 42.31 -28.91 -5.29
N ILE E 463 41.09 -29.36 -5.45
CA ILE E 463 39.97 -28.53 -5.10
C ILE E 463 39.60 -28.65 -3.63
N PRO E 464 39.42 -27.56 -2.88
CA PRO E 464 39.02 -27.60 -1.49
C PRO E 464 37.63 -28.16 -1.34
N ILE E 465 37.40 -28.87 -0.25
CA ILE E 465 36.07 -29.37 0.07
C ILE E 465 35.52 -28.61 1.24
N VAL E 466 34.43 -27.94 1.03
CA VAL E 466 33.83 -27.19 2.09
C VAL E 466 32.72 -27.97 2.76
N ASP E 467 33.00 -28.41 3.98
CA ASP E 467 32.05 -29.11 4.83
C ASP E 467 31.35 -28.06 5.64
N THR E 468 30.12 -27.77 5.29
CA THR E 468 29.43 -26.69 5.94
C THR E 468 28.35 -27.17 6.86
N TYR E 469 28.29 -26.54 8.01
CA TYR E 469 27.30 -26.87 9.00
C TYR E 469 26.28 -25.78 9.19
N TRP E 470 25.01 -26.15 9.05
CA TRP E 470 23.94 -25.22 9.27
C TRP E 470 22.61 -25.89 9.47
N GLN E 471 21.61 -25.11 9.78
CA GLN E 471 20.29 -25.59 10.10
C GLN E 471 19.23 -24.78 9.39
N THR E 472 18.04 -25.33 9.22
CA THR E 472 17.00 -24.55 8.60
C THR E 472 16.85 -23.22 9.30
N GLU E 473 16.80 -23.26 10.61
CA GLU E 473 16.62 -22.06 11.39
C GLU E 473 17.76 -21.06 11.31
N SER E 474 18.96 -21.45 10.89
CA SER E 474 20.01 -20.47 10.84
C SER E 474 19.91 -19.67 9.58
N GLY E 475 19.41 -20.33 8.54
CA GLY E 475 19.15 -19.73 7.24
C GLY E 475 20.40 -19.52 6.40
N SER E 476 21.54 -19.84 6.96
CA SER E 476 22.82 -19.62 6.34
C SER E 476 23.86 -20.43 7.09
N HIS E 477 25.07 -20.39 6.61
CA HIS E 477 26.11 -21.17 7.25
C HIS E 477 26.39 -20.70 8.66
N LEU E 478 26.59 -21.65 9.59
CA LEU E 478 26.96 -21.30 10.94
C LEU E 478 28.44 -21.51 11.12
N VAL E 479 28.90 -22.69 10.75
CA VAL E 479 30.31 -23.00 10.89
C VAL E 479 30.78 -23.58 9.58
N THR E 480 31.82 -23.01 8.99
CA THR E 480 32.24 -23.55 7.70
C THR E 480 33.62 -23.12 7.30
N PRO E 481 34.33 -23.93 6.56
CA PRO E 481 35.54 -23.53 5.91
C PRO E 481 35.17 -22.52 4.91
N LEU E 482 36.07 -21.62 4.65
CA LEU E 482 35.85 -20.67 3.59
C LEU E 482 36.77 -21.08 2.47
N ALA E 483 36.28 -20.93 1.24
CA ALA E 483 36.99 -21.30 0.04
C ALA E 483 38.09 -20.32 -0.28
N GLY E 484 38.70 -20.52 -1.44
CA GLY E 484 39.82 -19.72 -1.77
C GLY E 484 40.89 -20.23 -0.87
N GLY E 485 41.85 -19.41 -0.53
CA GLY E 485 42.95 -19.86 0.29
C GLY E 485 42.73 -19.49 1.73
N VAL E 486 41.52 -19.16 2.11
CA VAL E 486 41.35 -18.61 3.44
C VAL E 486 41.73 -19.55 4.56
N THR E 487 41.30 -20.81 4.53
CA THR E 487 41.62 -21.60 5.71
C THR E 487 42.15 -22.99 5.39
N PRO E 488 43.07 -23.50 6.21
CA PRO E 488 43.46 -24.87 6.24
C PRO E 488 42.25 -25.65 6.64
N MET E 489 42.17 -26.90 6.21
CA MET E 489 41.03 -27.75 6.49
C MET E 489 41.35 -29.06 7.12
N LYS E 490 40.48 -29.53 7.98
CA LYS E 490 40.71 -30.83 8.50
C LYS E 490 39.72 -31.77 7.86
N PRO E 491 40.10 -32.97 7.56
CA PRO E 491 39.06 -33.71 6.94
C PRO E 491 38.02 -33.94 7.98
N GLY E 492 36.76 -33.80 7.64
CA GLY E 492 35.73 -34.08 8.61
C GLY E 492 35.32 -33.04 9.61
N SER E 493 35.87 -31.85 9.55
CA SER E 493 35.45 -30.87 10.49
C SER E 493 35.13 -29.54 9.89
N ALA E 494 33.95 -29.00 10.15
CA ALA E 494 33.68 -27.65 9.77
C ALA E 494 34.78 -26.88 10.45
N SER E 495 35.06 -25.66 10.06
CA SER E 495 36.15 -25.00 10.72
C SER E 495 35.72 -23.93 11.68
N PHE E 496 35.57 -22.73 11.20
CA PHE E 496 35.33 -21.63 12.06
C PHE E 496 33.96 -21.02 11.82
N PRO E 497 33.40 -20.34 12.81
CA PRO E 497 32.13 -19.66 12.70
C PRO E 497 32.10 -18.66 11.58
N PHE E 498 30.97 -18.59 10.92
CA PHE E 498 30.77 -17.66 9.83
C PHE E 498 30.58 -16.28 10.41
N PHE E 499 30.94 -15.28 9.65
CA PHE E 499 30.89 -13.92 10.11
C PHE E 499 29.59 -13.60 10.79
N GLY E 500 29.71 -13.00 11.95
CA GLY E 500 28.59 -12.53 12.74
C GLY E 500 28.04 -13.53 13.75
N ILE E 501 28.51 -14.77 13.71
CA ILE E 501 27.97 -15.76 14.61
C ILE E 501 28.94 -16.19 15.68
N ASP E 502 28.68 -15.77 16.91
CA ASP E 502 29.60 -16.06 18.01
C ASP E 502 29.32 -17.42 18.65
N ALA E 503 29.70 -18.46 17.93
CA ALA E 503 29.47 -19.83 18.39
C ALA E 503 30.34 -20.16 19.59
N VAL E 504 29.76 -20.92 20.53
CA VAL E 504 30.43 -21.35 21.74
C VAL E 504 30.04 -22.77 22.09
N VAL E 505 30.95 -23.54 22.68
CA VAL E 505 30.56 -24.86 23.13
C VAL E 505 30.24 -24.73 24.60
N LEU E 506 29.05 -25.20 24.99
CA LEU E 506 28.59 -25.07 26.35
C LEU E 506 28.68 -26.34 27.14
N ASP E 507 28.76 -26.21 28.45
CA ASP E 507 28.68 -27.39 29.27
C ASP E 507 27.34 -28.01 28.92
N PRO E 508 27.28 -29.29 28.58
CA PRO E 508 26.09 -29.95 28.15
C PRO E 508 25.04 -30.09 29.22
N ASN E 509 25.42 -29.95 30.47
CA ASN E 509 24.46 -30.18 31.50
C ASN E 509 23.96 -28.90 32.10
N THR E 510 24.86 -27.96 32.31
CA THR E 510 24.43 -26.75 32.97
C THR E 510 25.34 -25.55 32.91
N GLY E 511 24.71 -24.41 33.07
CA GLY E 511 25.40 -23.15 33.28
C GLY E 511 26.35 -22.66 32.20
N GLU E 512 27.56 -22.42 32.67
CA GLU E 512 28.71 -21.89 31.97
C GLU E 512 29.20 -22.60 30.73
N GLU E 513 29.82 -21.81 29.90
CA GLU E 513 30.40 -22.33 28.71
C GLU E 513 31.72 -22.99 29.01
N LEU E 514 32.34 -23.56 28.00
CA LEU E 514 33.61 -24.19 28.24
C LEU E 514 34.75 -23.39 27.65
N ASN E 515 35.44 -22.66 28.51
CA ASN E 515 36.57 -21.83 28.12
C ASN E 515 37.82 -22.64 28.36
N THR E 516 38.26 -23.33 27.33
CA THR E 516 39.33 -24.29 27.46
C THR E 516 39.89 -24.71 26.15
N SER E 517 41.11 -25.22 26.20
CA SER E 517 41.75 -25.77 25.02
C SER E 517 41.08 -27.03 24.51
N HIS E 518 40.32 -27.70 25.36
CA HIS E 518 39.62 -28.91 24.94
C HIS E 518 38.21 -28.93 25.49
N ALA E 519 37.22 -28.91 24.62
CA ALA E 519 35.86 -28.87 25.15
C ALA E 519 34.90 -29.80 24.46
N GLU E 520 34.11 -30.43 25.28
CA GLU E 520 33.05 -31.30 24.84
C GLU E 520 31.73 -30.77 25.36
N GLY E 521 30.78 -30.58 24.48
CA GLY E 521 29.52 -30.06 24.96
C GLY E 521 28.53 -29.90 23.86
N VAL E 522 27.74 -28.86 23.94
CA VAL E 522 26.74 -28.63 22.93
C VAL E 522 27.02 -27.33 22.26
N LEU E 523 26.56 -27.17 21.03
CA LEU E 523 26.88 -25.95 20.34
C LEU E 523 25.80 -24.91 20.56
N ALA E 524 26.20 -23.68 20.78
CA ALA E 524 25.23 -22.63 21.00
C ALA E 524 25.75 -21.31 20.51
N VAL E 525 24.85 -20.38 20.29
CA VAL E 525 25.31 -19.08 19.84
C VAL E 525 24.92 -17.97 20.78
N LYS E 526 25.90 -17.15 21.13
CA LYS E 526 25.72 -16.03 22.04
C LYS E 526 24.81 -14.87 21.58
N ALA E 527 24.68 -14.61 20.29
CA ALA E 527 23.87 -13.47 19.85
C ALA E 527 23.23 -13.76 18.52
N ALA E 528 22.20 -12.99 18.22
CA ALA E 528 21.47 -13.13 16.97
C ALA E 528 22.25 -12.61 15.80
N TRP E 529 21.83 -13.00 14.60
CA TRP E 529 22.42 -12.62 13.33
C TRP E 529 21.28 -12.40 12.34
N PRO E 530 21.51 -11.68 11.22
CA PRO E 530 20.52 -11.29 10.22
C PRO E 530 19.62 -12.33 9.65
N SER E 531 20.04 -13.57 9.50
CA SER E 531 19.10 -14.49 8.90
C SER E 531 18.70 -15.61 9.81
N PHE E 532 18.56 -15.29 11.06
CA PHE E 532 18.07 -16.23 12.03
C PHE E 532 16.56 -16.32 11.91
N ALA E 533 16.01 -17.54 11.87
CA ALA E 533 14.58 -17.65 11.74
C ALA E 533 13.93 -16.85 12.81
N ARG E 534 12.90 -16.14 12.41
CA ARG E 534 12.25 -15.24 13.32
C ARG E 534 11.22 -15.92 14.16
N THR E 535 10.52 -16.87 13.57
CA THR E 535 9.49 -17.52 14.32
C THR E 535 9.02 -18.81 13.69
N ILE E 536 8.02 -19.40 14.30
CA ILE E 536 7.32 -20.53 13.76
C ILE E 536 5.92 -20.07 13.50
N TRP E 537 5.48 -20.22 12.28
CA TRP E 537 4.20 -19.72 11.87
C TRP E 537 3.12 -20.16 12.80
N LYS E 538 2.46 -19.16 13.35
CA LYS E 538 1.37 -19.31 14.28
C LYS E 538 1.67 -20.11 15.53
N ASN E 539 2.90 -20.07 16.02
CA ASN E 539 3.19 -20.76 17.25
C ASN E 539 4.47 -20.24 17.86
N HIS E 540 4.45 -19.02 18.36
CA HIS E 540 5.67 -18.47 18.85
C HIS E 540 6.12 -19.18 20.09
N ASP E 541 5.19 -19.73 20.85
CA ASP E 541 5.62 -20.41 22.05
C ASP E 541 6.48 -21.61 21.73
N ARG E 542 6.13 -22.38 20.69
CA ARG E 542 6.93 -23.54 20.40
C ARG E 542 8.33 -23.10 20.07
N TYR E 543 8.44 -22.02 19.30
CA TYR E 543 9.74 -21.49 18.92
C TYR E 543 10.58 -21.19 20.13
N LEU E 544 10.03 -20.46 21.06
CA LEU E 544 10.83 -20.10 22.22
C LEU E 544 11.23 -21.30 23.04
N ASP E 545 10.29 -22.21 23.28
CA ASP E 545 10.60 -23.37 24.09
C ASP E 545 11.62 -24.28 23.46
N THR E 546 11.60 -24.37 22.16
CA THR E 546 12.50 -25.23 21.44
C THR E 546 13.89 -24.69 21.36
N TYR E 547 14.05 -23.41 21.06
CA TYR E 547 15.37 -22.89 20.80
C TYR E 547 15.98 -21.95 21.82
N LEU E 548 15.19 -21.13 22.49
CA LEU E 548 15.79 -20.10 23.33
C LEU E 548 15.66 -20.34 24.81
N ASN E 549 14.67 -21.08 25.22
CA ASN E 549 14.50 -21.31 26.64
C ASN E 549 15.46 -22.31 27.29
N PRO E 550 15.89 -23.40 26.64
CA PRO E 550 16.89 -24.31 27.16
C PRO E 550 18.14 -23.51 27.24
N TYR E 551 19.04 -23.79 28.17
CA TYR E 551 20.29 -23.05 28.23
C TYR E 551 20.06 -21.56 27.92
N PRO E 552 19.18 -20.89 28.66
CA PRO E 552 18.68 -19.59 28.32
C PRO E 552 19.81 -18.63 28.24
N GLY E 553 19.73 -17.75 27.28
CA GLY E 553 20.74 -16.74 27.04
C GLY E 553 21.45 -17.04 25.74
N TYR E 554 21.39 -18.28 25.30
CA TYR E 554 22.03 -18.69 24.09
C TYR E 554 21.07 -19.36 23.14
N TYR E 555 21.36 -19.32 21.87
CA TYR E 555 20.58 -20.10 20.94
C TYR E 555 21.06 -21.50 21.01
N PHE E 556 20.18 -22.42 21.32
CA PHE E 556 20.59 -23.78 21.43
C PHE E 556 20.52 -24.46 20.11
N THR E 557 21.66 -24.89 19.62
CA THR E 557 21.71 -25.47 18.30
C THR E 557 20.95 -26.77 18.27
N GLY E 558 21.16 -27.60 19.26
CA GLY E 558 20.54 -28.92 19.29
C GLY E 558 21.51 -30.01 18.91
N ASP E 559 22.64 -29.62 18.35
CA ASP E 559 23.68 -30.55 17.98
C ASP E 559 24.80 -30.52 18.97
N GLY E 560 25.46 -31.67 19.11
CA GLY E 560 26.61 -31.79 19.97
C GLY E 560 27.81 -31.26 19.25
N ALA E 561 28.83 -30.91 20.00
CA ALA E 561 30.03 -30.40 19.37
C ALA E 561 31.22 -30.52 20.25
N ALA E 562 32.37 -30.41 19.63
CA ALA E 562 33.58 -30.38 20.39
C ALA E 562 34.52 -29.36 19.81
N LYS E 563 35.15 -28.63 20.68
CA LYS E 563 36.08 -27.64 20.23
C LYS E 563 37.46 -28.18 20.43
N ASP E 564 38.17 -28.23 19.33
CA ASP E 564 39.49 -28.78 19.27
C ASP E 564 40.57 -27.79 19.63
N LYS E 565 41.78 -28.29 19.61
CA LYS E 565 42.93 -27.44 19.75
C LYS E 565 42.92 -26.60 18.50
N ASP E 566 43.34 -25.37 18.61
CA ASP E 566 43.42 -24.46 17.47
C ASP E 566 42.08 -24.02 16.92
N GLY E 567 40.99 -24.31 17.63
CA GLY E 567 39.70 -23.75 17.28
C GLY E 567 38.83 -24.45 16.26
N TYR E 568 39.15 -25.64 15.82
CA TYR E 568 38.25 -26.23 14.86
C TYR E 568 37.05 -26.82 15.58
N ILE E 569 35.85 -26.59 15.05
CA ILE E 569 34.66 -27.15 15.69
C ILE E 569 34.17 -28.41 15.03
N TRP E 570 34.17 -29.47 15.78
CA TRP E 570 33.72 -30.76 15.29
C TRP E 570 32.26 -30.89 15.64
N ILE E 571 31.48 -31.52 14.77
CA ILE E 571 30.08 -31.73 15.09
C ILE E 571 29.94 -33.18 15.45
N LEU E 572 29.41 -33.44 16.63
CA LEU E 572 29.36 -34.81 17.15
C LEU E 572 28.07 -35.58 16.88
N GLY E 573 27.11 -34.94 16.25
CA GLY E 573 25.80 -35.52 15.98
C GLY E 573 24.75 -34.86 16.87
N ARG E 574 23.48 -35.13 16.63
CA ARG E 574 22.43 -34.49 17.41
C ARG E 574 22.51 -34.87 18.86
N VAL E 575 22.16 -33.95 19.73
CA VAL E 575 22.21 -34.23 21.16
C VAL E 575 21.26 -35.34 21.53
N ASP E 576 20.10 -35.32 20.96
CA ASP E 576 19.07 -36.31 21.21
C ASP E 576 19.47 -37.75 20.90
N ASP E 577 20.46 -37.96 20.05
CA ASP E 577 20.86 -39.31 19.69
C ASP E 577 22.04 -39.82 20.45
N VAL E 578 22.53 -39.05 21.41
CA VAL E 578 23.70 -39.52 22.14
C VAL E 578 23.40 -40.78 22.88
N VAL E 579 24.29 -41.76 22.75
CA VAL E 579 24.06 -43.02 23.41
C VAL E 579 24.82 -42.97 24.71
N ASN E 580 24.13 -43.16 25.79
CA ASN E 580 24.77 -43.08 27.08
C ASN E 580 25.23 -44.44 27.54
N VAL E 581 26.53 -44.60 27.70
CA VAL E 581 27.13 -45.85 28.12
C VAL E 581 27.78 -45.52 29.45
N SER E 582 27.99 -46.50 30.29
CA SER E 582 28.47 -46.15 31.61
C SER E 582 29.77 -45.42 31.53
N GLY E 583 30.65 -45.87 30.68
CA GLY E 583 31.94 -45.25 30.61
C GLY E 583 31.90 -43.80 30.22
N HIS E 584 31.23 -43.48 29.11
CA HIS E 584 31.15 -42.09 28.64
C HIS E 584 30.04 -41.83 27.60
N ARG E 585 29.73 -40.55 27.38
CA ARG E 585 28.76 -40.16 26.38
C ARG E 585 29.32 -40.70 25.09
N LEU E 586 28.47 -41.06 24.17
CA LEU E 586 29.00 -41.62 22.97
C LEU E 586 28.54 -40.82 21.81
N SER E 587 29.48 -40.46 20.97
CA SER E 587 29.23 -39.64 19.81
C SER E 587 28.94 -40.54 18.65
N THR E 588 27.77 -40.37 18.08
CA THR E 588 27.43 -41.19 16.96
C THR E 588 28.33 -40.86 15.79
N ALA E 589 28.72 -39.59 15.65
CA ALA E 589 29.60 -39.24 14.54
C ALA E 589 30.93 -39.96 14.63
N GLU E 590 31.51 -40.04 15.83
CA GLU E 590 32.81 -40.68 15.93
C GLU E 590 32.76 -42.16 15.66
N ILE E 591 31.80 -42.84 16.25
CA ILE E 591 31.75 -44.26 16.01
C ILE E 591 31.43 -44.60 14.58
N GLU E 592 30.57 -43.84 13.92
CA GLU E 592 30.29 -44.16 12.54
C GLU E 592 31.53 -43.98 11.72
N ALA E 593 32.33 -42.95 12.02
CA ALA E 593 33.56 -42.75 11.29
C ALA E 593 34.48 -43.95 11.44
N ALA E 594 34.54 -44.54 12.62
CA ALA E 594 35.38 -45.70 12.78
C ALA E 594 34.88 -46.89 11.97
N ILE E 595 33.59 -47.10 11.97
CA ILE E 595 33.05 -48.28 11.30
C ILE E 595 33.30 -48.27 9.81
N ILE E 596 33.17 -47.13 9.15
CA ILE E 596 33.39 -47.04 7.70
C ILE E 596 34.81 -47.43 7.24
N GLU E 597 35.77 -47.55 8.15
CA GLU E 597 37.10 -47.97 7.74
C GLU E 597 36.94 -49.44 7.40
N ASP E 598 37.99 -50.16 6.95
CA ASP E 598 37.77 -51.55 6.56
C ASP E 598 36.82 -51.56 5.35
N PRO E 599 37.32 -51.22 4.17
CA PRO E 599 36.55 -50.95 2.97
C PRO E 599 35.89 -52.16 2.36
N ILE E 600 34.96 -52.68 3.12
CA ILE E 600 34.04 -53.74 2.82
C ILE E 600 32.72 -53.14 3.17
N VAL E 601 32.82 -52.12 4.07
CA VAL E 601 31.69 -51.37 4.55
C VAL E 601 31.41 -50.23 3.64
N ALA E 602 30.18 -50.12 3.23
CA ALA E 602 29.77 -49.04 2.37
C ALA E 602 29.15 -47.90 3.14
N GLU E 603 28.25 -48.25 4.04
CA GLU E 603 27.52 -47.26 4.80
C GLU E 603 27.28 -47.78 6.20
N CYS E 604 27.04 -46.88 7.14
CA CYS E 604 26.75 -47.31 8.50
C CYS E 604 26.03 -46.28 9.34
N ALA E 605 25.14 -46.77 10.19
CA ALA E 605 24.49 -45.95 11.18
C ALA E 605 24.53 -46.62 12.53
N VAL E 606 24.80 -45.84 13.57
CA VAL E 606 24.84 -46.36 14.91
C VAL E 606 23.67 -45.88 15.71
N VAL E 607 23.03 -46.85 16.29
CA VAL E 607 21.80 -46.70 17.00
C VAL E 607 21.88 -47.18 18.45
N GLY E 608 21.42 -46.36 19.39
CA GLY E 608 21.43 -46.82 20.78
C GLY E 608 20.39 -47.92 20.92
N PHE E 609 20.63 -48.95 21.73
CA PHE E 609 19.51 -49.87 21.89
C PHE E 609 19.36 -50.40 23.31
N ASN E 610 18.10 -50.46 23.74
CA ASN E 610 17.74 -50.87 25.10
C ASN E 610 18.33 -52.22 25.42
N ASP E 611 19.00 -52.30 26.54
CA ASP E 611 19.69 -53.51 26.97
C ASP E 611 19.69 -53.53 28.48
N ASP E 612 20.28 -54.57 29.06
CA ASP E 612 20.39 -54.73 30.51
C ASP E 612 21.62 -54.05 31.07
N LEU E 613 22.32 -53.37 30.18
CA LEU E 613 23.51 -52.63 30.46
C LEU E 613 23.15 -51.29 31.05
N THR E 614 24.07 -50.70 31.77
CA THR E 614 23.85 -49.34 32.20
C THR E 614 23.63 -48.51 30.96
N GLY E 615 22.56 -47.71 30.96
CA GLY E 615 22.20 -46.91 29.79
C GLY E 615 21.78 -47.81 28.64
N GLN E 616 22.44 -47.67 27.51
CA GLN E 616 22.10 -48.48 26.33
C GLN E 616 23.28 -49.16 25.68
N ALA E 617 22.96 -50.19 24.92
CA ALA E 617 23.93 -50.90 24.12
C ALA E 617 24.16 -50.17 22.85
N VAL E 618 25.26 -50.46 22.23
CA VAL E 618 25.51 -49.92 20.93
C VAL E 618 25.15 -50.94 19.86
N ALA E 619 24.31 -50.53 18.91
CA ALA E 619 23.92 -51.37 17.81
C ALA E 619 24.32 -50.68 16.52
N ALA E 620 24.57 -51.43 15.48
CA ALA E 620 24.91 -50.76 14.24
C ALA E 620 24.34 -51.45 13.03
N PHE E 621 23.93 -50.62 12.10
CA PHE E 621 23.40 -51.07 10.86
C PHE E 621 24.44 -50.82 9.82
N VAL E 622 24.91 -51.89 9.24
CA VAL E 622 26.02 -51.81 8.34
C VAL E 622 25.66 -52.33 6.98
N VAL E 623 25.97 -51.55 5.97
CA VAL E 623 25.71 -51.91 4.60
C VAL E 623 27.01 -52.34 3.98
N LEU E 624 27.04 -53.52 3.38
CA LEU E 624 28.27 -53.95 2.76
C LEU E 624 28.28 -53.53 1.31
N LYS E 625 29.46 -53.24 0.80
CA LYS E 625 29.63 -52.74 -0.56
C LYS E 625 29.17 -53.62 -1.69
N ASN E 626 29.39 -54.93 -1.59
CA ASN E 626 29.02 -55.82 -2.68
C ASN E 626 28.07 -56.91 -2.22
N LYS E 627 26.99 -57.09 -2.96
CA LYS E 627 25.99 -58.09 -2.58
C LYS E 627 26.53 -59.52 -2.61
N SER E 628 27.40 -59.81 -3.59
CA SER E 628 27.94 -61.15 -3.73
C SER E 628 28.70 -61.56 -2.48
N ASN E 629 29.48 -60.65 -1.91
CA ASN E 629 30.15 -60.97 -0.66
C ASN E 629 29.12 -61.12 0.43
N TRP E 630 28.11 -60.26 0.43
CA TRP E 630 27.06 -60.30 1.43
C TRP E 630 26.22 -61.56 1.38
N SER E 631 25.90 -62.03 0.19
CA SER E 631 25.11 -63.25 0.08
C SER E 631 26.02 -64.45 -0.10
N THR E 632 26.21 -65.17 0.99
CA THR E 632 27.07 -66.32 1.09
C THR E 632 26.67 -67.14 2.31
N ALA E 633 27.33 -68.28 2.54
CA ALA E 633 26.96 -69.07 3.70
C ALA E 633 27.33 -68.21 4.88
N THR E 634 26.32 -67.88 5.68
CA THR E 634 26.45 -66.96 6.79
C THR E 634 27.40 -67.42 7.88
N ASP E 635 27.33 -68.68 8.26
CA ASP E 635 28.23 -69.13 9.29
C ASP E 635 29.66 -69.00 8.82
N ASP E 636 29.85 -69.26 7.54
CA ASP E 636 31.13 -69.33 6.90
C ASP E 636 31.84 -68.00 6.98
N GLU E 637 31.17 -66.93 6.53
CA GLU E 637 31.84 -65.64 6.42
C GLU E 637 31.20 -64.44 7.10
N LEU E 638 29.87 -64.38 7.20
CA LEU E 638 29.37 -63.09 7.71
C LEU E 638 29.81 -62.93 9.14
N GLN E 639 30.01 -64.07 9.81
CA GLN E 639 30.47 -64.06 11.17
C GLN E 639 31.84 -63.38 11.32
N ASP E 640 32.68 -63.42 10.28
CA ASP E 640 33.98 -62.82 10.43
C ASP E 640 33.85 -61.37 10.11
N ILE E 641 32.92 -61.06 9.24
CA ILE E 641 32.73 -59.66 8.97
C ILE E 641 32.35 -59.00 10.25
N LYS E 642 31.45 -59.62 11.00
CA LYS E 642 31.07 -59.03 12.26
C LYS E 642 32.26 -58.91 13.21
N LYS E 643 33.13 -59.93 13.28
CA LYS E 643 34.29 -59.85 14.16
C LYS E 643 35.19 -58.70 13.79
N HIS E 644 35.39 -58.49 12.50
CA HIS E 644 36.27 -57.44 12.07
C HIS E 644 35.70 -56.08 12.40
N LEU E 645 34.39 -55.92 12.19
CA LEU E 645 33.79 -54.64 12.44
C LEU E 645 33.87 -54.26 13.90
N VAL E 646 33.63 -55.21 14.80
CA VAL E 646 33.68 -54.90 16.21
C VAL E 646 35.12 -54.69 16.65
N PHE E 647 36.05 -55.45 16.08
CA PHE E 647 37.44 -55.34 16.42
C PHE E 647 37.95 -53.93 16.19
N THR E 648 37.69 -53.41 15.00
CA THR E 648 38.14 -52.06 14.70
C THR E 648 37.57 -51.04 15.65
N VAL E 649 36.29 -51.10 15.92
CA VAL E 649 35.81 -50.06 16.80
C VAL E 649 36.46 -50.21 18.15
N ARG E 650 36.53 -51.44 18.64
CA ARG E 650 37.10 -51.69 19.94
C ARG E 650 38.51 -51.15 20.09
N LYS E 651 39.35 -51.30 19.07
CA LYS E 651 40.71 -50.82 19.23
C LYS E 651 40.86 -49.32 18.99
N ASP E 652 40.11 -48.73 18.07
CA ASP E 652 40.29 -47.31 17.80
C ASP E 652 39.46 -46.38 18.66
N ILE E 653 38.26 -46.76 19.05
CA ILE E 653 37.43 -45.89 19.84
C ILE E 653 37.43 -46.34 21.29
N GLY E 654 37.25 -47.64 21.48
CA GLY E 654 37.22 -48.22 22.81
C GLY E 654 36.04 -49.18 22.97
N PRO E 655 36.19 -50.01 24.02
CA PRO E 655 35.36 -51.10 24.49
C PRO E 655 33.99 -50.65 24.81
N PHE E 656 33.78 -49.49 25.42
CA PHE E 656 32.41 -49.13 25.65
C PHE E 656 31.68 -48.91 24.34
N ALA E 657 32.31 -48.27 23.38
CA ALA E 657 31.68 -47.99 22.09
C ALA E 657 31.42 -49.20 21.20
N ALA E 658 32.40 -50.07 21.11
CA ALA E 658 32.32 -51.25 20.29
C ALA E 658 30.87 -51.76 20.29
N PRO E 659 30.28 -52.03 19.13
CA PRO E 659 28.93 -52.50 18.99
C PRO E 659 28.78 -53.91 19.45
N LYS E 660 27.58 -54.23 19.86
CA LYS E 660 27.21 -55.60 20.19
C LYS E 660 26.31 -56.17 19.13
N LEU E 661 25.36 -55.38 18.66
CA LEU E 661 24.48 -55.91 17.66
C LEU E 661 24.89 -55.40 16.30
N ILE E 662 25.40 -56.28 15.46
CA ILE E 662 25.74 -55.84 14.12
C ILE E 662 24.77 -56.43 13.15
N ILE E 663 24.05 -55.58 12.49
CA ILE E 663 23.01 -55.99 11.60
C ILE E 663 23.50 -55.65 10.21
N LEU E 664 23.65 -56.65 9.37
CA LEU E 664 24.15 -56.41 8.03
C LEU E 664 22.97 -56.31 7.10
N VAL E 665 22.81 -55.17 6.48
CA VAL E 665 21.64 -54.88 5.68
C VAL E 665 21.98 -54.48 4.27
N ASP E 666 20.99 -54.48 3.40
CA ASP E 666 21.18 -54.07 2.02
C ASP E 666 21.21 -52.56 1.86
N ASP E 667 20.50 -51.83 2.71
CA ASP E 667 20.50 -50.37 2.67
C ASP E 667 20.00 -49.76 3.98
N LEU E 668 20.09 -48.44 4.07
CA LEU E 668 19.57 -47.66 5.20
C LEU E 668 18.49 -46.71 4.69
N PRO E 669 17.48 -46.39 5.50
CA PRO E 669 16.45 -45.44 5.13
C PRO E 669 17.07 -44.09 5.03
N LYS E 670 16.74 -43.36 3.99
CA LYS E 670 17.29 -42.03 3.79
C LYS E 670 16.21 -41.02 3.54
N THR E 671 16.45 -39.79 3.94
CA THR E 671 15.46 -38.76 3.70
C THR E 671 15.68 -38.00 2.42
N ARG E 672 14.61 -37.31 2.01
CA ARG E 672 14.68 -36.41 0.87
C ARG E 672 15.67 -35.29 1.15
N SER E 673 15.76 -34.91 2.41
CA SER E 673 16.65 -33.86 2.90
C SER E 673 18.10 -34.30 2.99
N GLY E 674 18.41 -35.56 2.72
CA GLY E 674 19.80 -35.93 2.75
C GLY E 674 20.38 -36.59 4.00
N LYS E 675 19.58 -37.22 4.83
CA LYS E 675 20.08 -37.80 6.06
C LYS E 675 19.66 -39.22 6.30
N ILE E 676 20.47 -40.00 7.00
CA ILE E 676 19.98 -41.32 7.36
C ILE E 676 18.90 -41.14 8.39
N MET E 677 17.75 -41.74 8.17
CA MET E 677 16.67 -41.52 9.11
C MET E 677 16.81 -42.46 10.31
N ARG E 678 17.75 -42.09 11.18
CA ARG E 678 18.13 -42.90 12.31
C ARG E 678 16.97 -43.14 13.24
N ARG E 679 16.04 -42.21 13.33
CA ARG E 679 14.91 -42.44 14.19
C ARG E 679 14.16 -43.70 13.83
N ILE E 680 14.04 -44.00 12.54
CA ILE E 680 13.33 -45.20 12.16
C ILE E 680 14.09 -46.38 12.63
N LEU E 681 15.38 -46.35 12.38
CA LEU E 681 16.15 -47.51 12.76
C LEU E 681 16.04 -47.73 14.24
N ARG E 682 16.06 -46.66 15.02
CA ARG E 682 15.95 -46.79 16.45
C ARG E 682 14.65 -47.43 16.86
N LYS E 683 13.55 -47.00 16.27
CA LYS E 683 12.29 -47.58 16.65
C LYS E 683 12.19 -49.04 16.24
N ILE E 684 12.66 -49.37 15.04
CA ILE E 684 12.53 -50.75 14.62
C ILE E 684 13.35 -51.61 15.52
N LEU E 685 14.56 -51.17 15.79
CA LEU E 685 15.46 -51.94 16.61
C LEU E 685 14.89 -52.14 18.00
N ALA E 686 14.30 -51.09 18.58
CA ALA E 686 13.72 -51.18 19.90
C ALA E 686 12.62 -52.23 19.96
N GLY E 687 11.87 -52.37 18.88
CA GLY E 687 10.79 -53.34 18.80
C GLY E 687 9.49 -52.69 18.36
N GLU E 688 9.38 -51.39 18.54
CA GLU E 688 8.19 -50.65 18.13
C GLU E 688 8.30 -50.27 16.66
N SER E 689 8.30 -51.29 15.80
CA SER E 689 8.51 -51.15 14.37
C SER E 689 7.29 -50.68 13.61
N ASP E 690 6.15 -50.67 14.26
CA ASP E 690 4.91 -50.24 13.63
C ASP E 690 4.81 -48.74 13.62
N GLN E 691 4.99 -48.13 14.77
CA GLN E 691 4.75 -46.71 14.85
C GLN E 691 5.88 -45.85 14.34
N LEU E 692 6.07 -45.89 13.03
CA LEU E 692 7.12 -45.14 12.35
C LEU E 692 6.62 -43.87 11.74
N GLY E 693 5.32 -43.65 11.79
CA GLY E 693 4.73 -42.49 11.16
C GLY E 693 4.69 -42.73 9.66
N ASP E 694 4.59 -41.66 8.89
CA ASP E 694 4.46 -41.81 7.46
C ASP E 694 5.81 -42.12 6.85
N VAL E 695 5.90 -43.24 6.18
CA VAL E 695 7.14 -43.64 5.57
C VAL E 695 7.54 -42.65 4.49
N SER E 696 6.57 -41.96 3.90
CA SER E 696 6.86 -41.07 2.79
C SER E 696 7.46 -39.75 3.22
N THR E 697 8.63 -39.86 3.78
CA THR E 697 9.49 -38.80 4.19
C THR E 697 10.82 -39.21 3.61
N LEU E 698 10.87 -40.50 3.30
CA LEU E 698 12.05 -41.15 2.79
C LEU E 698 12.13 -41.06 1.31
N SER E 699 13.36 -41.10 0.81
CA SER E 699 13.66 -41.13 -0.61
C SER E 699 13.60 -42.54 -1.16
N ASN E 700 13.58 -43.51 -0.27
CA ASN E 700 13.55 -44.93 -0.62
C ASN E 700 12.48 -45.77 0.06
N PRO E 701 11.25 -45.28 0.19
CA PRO E 701 10.20 -45.93 0.91
C PRO E 701 10.02 -47.26 0.26
N GLY E 702 9.80 -48.25 1.09
CA GLY E 702 9.68 -49.61 0.65
C GLY E 702 10.75 -50.35 1.43
N ILE E 703 11.87 -49.67 1.64
CA ILE E 703 13.00 -50.20 2.39
C ILE E 703 12.64 -50.76 3.74
N VAL E 704 11.66 -50.18 4.38
CA VAL E 704 11.27 -50.62 5.69
C VAL E 704 10.94 -52.08 5.72
N ARG E 705 10.37 -52.61 4.64
CA ARG E 705 10.04 -54.01 4.65
C ARG E 705 11.26 -54.86 5.01
N HIS E 706 12.40 -54.53 4.44
CA HIS E 706 13.59 -55.31 4.68
C HIS E 706 14.18 -54.99 6.01
N LEU E 707 14.12 -53.74 6.41
CA LEU E 707 14.76 -53.37 7.65
C LEU E 707 14.14 -54.16 8.75
N ILE E 708 12.83 -54.33 8.71
CA ILE E 708 12.18 -55.06 9.76
C ILE E 708 12.64 -56.50 9.76
N ASP E 709 12.66 -57.15 8.61
CA ASP E 709 13.11 -58.53 8.63
C ASP E 709 14.54 -58.69 9.13
N SER E 710 15.43 -57.78 8.73
CA SER E 710 16.83 -57.90 9.12
C SER E 710 17.02 -57.76 10.61
N VAL E 711 16.32 -56.81 11.21
CA VAL E 711 16.40 -56.60 12.64
C VAL E 711 15.88 -57.79 13.40
N LYS E 712 14.72 -58.30 13.02
CA LYS E 712 14.16 -59.43 13.73
C LYS E 712 15.13 -60.59 13.73
N LEU E 713 15.72 -60.86 12.58
CA LEU E 713 16.66 -61.95 12.44
C LEU E 713 18.02 -61.42 11.99
N HIS F 38 2.36 11.70 -60.83
CA HIS F 38 3.01 10.45 -60.75
C HIS F 38 2.20 9.48 -59.92
N GLU F 39 2.83 8.92 -58.90
CA GLU F 39 2.14 8.02 -58.02
C GLU F 39 1.88 8.98 -56.92
N TYR F 40 0.72 9.57 -57.00
CA TYR F 40 0.30 10.61 -56.09
C TYR F 40 0.81 11.98 -56.50
N GLU F 41 1.23 12.12 -57.74
CA GLU F 41 1.67 13.42 -58.19
C GLU F 41 0.60 14.45 -58.00
N HIS F 42 -0.66 14.11 -58.23
CA HIS F 42 -1.67 15.12 -58.03
C HIS F 42 -1.73 15.53 -56.57
N LEU F 43 -1.92 14.55 -55.70
CA LEU F 43 -2.01 14.79 -54.26
C LEU F 43 -0.89 15.62 -53.67
N THR F 44 0.33 15.34 -54.05
CA THR F 44 1.45 15.99 -53.41
C THR F 44 1.95 17.23 -54.12
N SER F 45 1.36 17.61 -55.24
CA SER F 45 1.88 18.74 -55.98
C SER F 45 1.27 20.03 -55.49
N VAL F 46 1.78 20.46 -54.36
CA VAL F 46 1.24 21.64 -53.73
C VAL F 46 2.32 22.61 -53.34
N LYS F 47 1.89 23.84 -53.10
CA LYS F 47 2.75 24.91 -52.62
C LYS F 47 2.93 24.83 -51.12
N ILE F 48 4.11 25.18 -50.66
CA ILE F 48 4.37 25.25 -49.25
C ILE F 48 3.96 26.58 -48.69
N VAL F 49 3.21 26.55 -47.62
CA VAL F 49 2.75 27.76 -46.99
C VAL F 49 3.55 27.97 -45.71
N PRO F 50 4.32 29.05 -45.59
CA PRO F 50 5.14 29.38 -44.45
C PRO F 50 4.23 29.86 -43.37
N GLN F 51 4.63 29.85 -42.11
CA GLN F 51 3.75 30.35 -41.08
C GLN F 51 4.15 31.79 -40.82
N ARG F 52 3.16 32.63 -40.60
CA ARG F 52 3.33 34.04 -40.37
C ARG F 52 3.35 34.22 -38.87
N PRO F 53 4.07 35.19 -38.33
CA PRO F 53 4.11 35.46 -36.92
C PRO F 53 2.78 35.99 -36.50
N ILE F 54 2.41 35.69 -35.27
CA ILE F 54 1.21 36.22 -34.69
C ILE F 54 1.54 37.02 -33.48
N SER F 55 1.12 38.27 -33.43
CA SER F 55 1.39 39.06 -32.25
C SER F 55 0.14 39.83 -31.98
N ASP F 56 -0.57 39.99 -33.04
CA ASP F 56 -1.75 40.79 -33.10
C ASP F 56 -3.01 40.06 -32.72
N ARG F 57 -2.84 38.83 -32.29
CA ARG F 57 -3.92 38.02 -31.79
C ARG F 57 -3.63 37.64 -30.37
N LEU F 58 -2.61 38.22 -29.77
CA LEU F 58 -2.33 37.84 -28.40
C LEU F 58 -3.25 38.61 -27.49
N GLN F 59 -3.62 37.98 -26.40
CA GLN F 59 -4.42 38.65 -25.41
C GLN F 59 -3.46 39.29 -24.43
N PRO F 60 -3.85 40.36 -23.73
CA PRO F 60 -3.05 41.07 -22.75
C PRO F 60 -2.35 40.16 -21.76
N ALA F 61 -2.99 39.05 -21.40
CA ALA F 61 -2.45 38.08 -20.47
C ALA F 61 -1.07 37.57 -20.84
N ILE F 62 -0.81 37.41 -22.14
CA ILE F 62 0.48 36.92 -22.58
C ILE F 62 1.14 37.88 -23.50
N ALA F 63 0.48 38.96 -23.81
CA ALA F 63 1.04 39.91 -24.73
C ALA F 63 2.39 40.41 -24.27
N THR F 64 2.63 40.48 -22.97
CA THR F 64 3.89 41.01 -22.49
C THR F 64 5.01 40.00 -22.38
N HIS F 65 4.72 38.71 -22.49
CA HIS F 65 5.81 37.75 -22.32
C HIS F 65 5.81 36.59 -23.30
N TYR F 66 4.83 36.54 -24.20
CA TYR F 66 4.74 35.45 -25.15
C TYR F 66 5.97 35.23 -25.97
N SER F 67 6.35 33.97 -26.04
CA SER F 67 7.44 33.51 -26.84
C SER F 67 7.17 32.04 -27.08
N PRO F 68 7.37 31.53 -28.28
CA PRO F 68 7.12 30.15 -28.64
C PRO F 68 8.06 29.25 -27.90
N HIS F 69 7.66 28.00 -27.69
CA HIS F 69 8.55 27.06 -26.99
C HIS F 69 9.69 26.57 -27.89
N LEU F 70 9.46 26.49 -29.19
CA LEU F 70 10.49 26.12 -30.16
C LEU F 70 10.67 27.31 -31.05
N ASP F 71 11.91 27.73 -31.25
CA ASP F 71 12.18 28.93 -32.02
C ASP F 71 12.12 28.77 -33.54
N GLY F 72 12.34 27.57 -34.05
CA GLY F 72 12.31 27.38 -35.50
C GLY F 72 12.55 25.94 -35.89
N LEU F 73 12.52 25.70 -37.19
CA LEU F 73 12.68 24.38 -37.74
C LEU F 73 14.02 23.82 -37.39
N GLN F 74 15.03 24.66 -37.34
CA GLN F 74 16.36 24.18 -37.03
C GLN F 74 16.46 23.65 -35.60
N ASP F 75 15.58 24.08 -34.69
CA ASP F 75 15.68 23.58 -33.36
C ASP F 75 14.91 22.31 -33.31
N TYR F 76 13.82 22.26 -34.06
CA TYR F 76 13.11 21.02 -34.16
C TYR F 76 14.05 19.98 -34.66
N GLN F 77 14.77 20.28 -35.72
CA GLN F 77 15.63 19.29 -36.29
C GLN F 77 16.71 18.81 -35.35
N ARG F 78 17.35 19.71 -34.60
CA ARG F 78 18.40 19.18 -33.76
C ARG F 78 17.84 18.49 -32.54
N LEU F 79 16.71 18.98 -32.03
CA LEU F 79 16.13 18.40 -30.84
C LEU F 79 15.58 17.04 -31.16
N HIS F 80 14.97 16.90 -32.33
CA HIS F 80 14.44 15.64 -32.77
C HIS F 80 15.57 14.67 -32.86
N LYS F 81 16.65 15.07 -33.51
CA LYS F 81 17.78 14.18 -33.56
C LYS F 81 18.15 13.66 -32.19
N GLU F 82 18.28 14.53 -31.19
CA GLU F 82 18.66 14.09 -29.85
C GLU F 82 17.63 13.14 -29.27
N SER F 83 16.36 13.43 -29.48
CA SER F 83 15.30 12.59 -28.95
C SER F 83 15.39 11.18 -29.47
N ILE F 84 15.76 11.01 -30.73
CA ILE F 84 15.89 9.68 -31.28
C ILE F 84 17.18 9.02 -30.84
N GLU F 85 18.29 9.74 -30.96
CA GLU F 85 19.59 9.16 -30.63
C GLU F 85 19.79 8.83 -29.16
N ASP F 86 19.28 9.63 -28.22
CA ASP F 86 19.48 9.33 -26.82
C ASP F 86 18.32 9.79 -25.94
N PRO F 87 17.22 9.02 -25.91
CA PRO F 87 15.97 9.29 -25.20
C PRO F 87 16.19 9.43 -23.72
N ALA F 88 17.26 8.82 -23.27
CA ALA F 88 17.66 8.81 -21.87
C ALA F 88 17.81 10.20 -21.35
N LYS F 89 18.24 11.13 -22.18
CA LYS F 89 18.40 12.46 -21.70
C LYS F 89 17.21 13.28 -22.10
N PHE F 90 16.76 13.15 -23.34
CA PHE F 90 15.64 13.97 -23.77
C PHE F 90 14.41 13.78 -22.89
N PHE F 91 13.94 12.54 -22.77
CA PHE F 91 12.76 12.29 -21.99
C PHE F 91 13.14 12.26 -20.55
N GLY F 92 14.29 11.72 -20.28
CA GLY F 92 14.73 11.64 -18.91
C GLY F 92 14.54 12.97 -18.19
N SER F 93 15.02 14.05 -18.78
CA SER F 93 14.87 15.34 -18.15
C SER F 93 13.46 15.90 -18.19
N LYS F 94 12.78 15.84 -19.33
CA LYS F 94 11.45 16.42 -19.39
C LYS F 94 10.52 15.72 -18.40
N ALA F 95 10.75 14.45 -18.20
CA ALA F 95 9.95 13.68 -17.28
C ALA F 95 9.99 14.20 -15.88
N THR F 96 11.09 14.82 -15.44
CA THR F 96 11.11 15.29 -14.07
C THR F 96 10.85 16.77 -14.02
N GLN F 97 11.05 17.45 -15.13
CA GLN F 97 10.82 18.87 -15.15
C GLN F 97 9.35 19.20 -15.27
N PHE F 98 8.54 18.35 -15.88
CA PHE F 98 7.14 18.70 -16.00
C PHE F 98 6.17 17.86 -15.18
N LEU F 99 6.60 16.76 -14.60
CA LEU F 99 5.72 15.91 -13.79
C LEU F 99 6.20 15.94 -12.38
N ASN F 100 5.29 15.93 -11.46
CA ASN F 100 5.65 15.96 -10.07
C ASN F 100 5.59 14.56 -9.48
N TRP F 101 6.77 13.97 -9.27
CA TRP F 101 6.93 12.59 -8.83
C TRP F 101 6.86 12.45 -7.33
N SER F 102 6.25 11.36 -6.85
CA SER F 102 6.22 11.08 -5.43
C SER F 102 7.48 10.37 -5.04
N LYS F 103 7.99 9.61 -5.98
CA LYS F 103 9.21 8.88 -5.83
C LYS F 103 9.93 8.99 -7.16
N PRO F 104 11.20 9.36 -7.19
CA PRO F 104 11.97 9.50 -8.40
C PRO F 104 12.17 8.15 -9.04
N PHE F 105 12.34 8.15 -10.34
CA PHE F 105 12.58 6.92 -11.06
C PHE F 105 14.06 6.69 -11.25
N ASP F 106 14.42 5.43 -11.48
CA ASP F 106 15.82 5.09 -11.71
C ASP F 106 16.16 4.98 -13.17
N LYS F 107 15.25 4.45 -13.97
CA LYS F 107 15.62 4.25 -15.36
C LYS F 107 14.66 4.81 -16.35
N VAL F 108 15.18 5.52 -17.30
CA VAL F 108 14.29 6.10 -18.24
C VAL F 108 13.60 5.02 -19.03
N PHE F 109 14.33 4.02 -19.54
CA PHE F 109 13.64 2.99 -20.31
C PHE F 109 14.37 1.67 -20.36
N ILE F 110 13.66 0.62 -20.78
CA ILE F 110 14.28 -0.68 -20.99
C ILE F 110 14.75 -0.80 -22.43
N PRO F 111 16.04 -0.94 -22.68
CA PRO F 111 16.64 -0.98 -23.99
C PRO F 111 16.44 -2.31 -24.66
N ASP F 112 16.49 -2.25 -25.97
CA ASP F 112 16.51 -3.41 -26.83
C ASP F 112 17.92 -4.01 -26.86
N SER F 113 18.04 -5.29 -26.58
CA SER F 113 19.37 -5.93 -26.55
C SER F 113 20.22 -5.64 -27.78
N LYS F 114 19.60 -5.49 -28.94
CA LYS F 114 20.36 -5.29 -30.18
C LYS F 114 20.71 -3.84 -30.49
N THR F 115 20.15 -2.89 -29.74
CA THR F 115 20.35 -1.48 -30.03
C THR F 115 20.01 -0.60 -28.82
N GLY F 116 20.53 0.60 -28.78
CA GLY F 116 20.23 1.45 -27.62
C GLY F 116 18.83 2.04 -27.58
N ARG F 117 18.02 1.76 -28.58
CA ARG F 117 16.68 2.29 -28.63
C ARG F 117 15.72 1.47 -27.77
N PRO F 118 14.62 2.05 -27.31
CA PRO F 118 13.57 1.40 -26.56
C PRO F 118 12.94 0.22 -27.25
N SER F 119 12.76 -0.85 -26.47
CA SER F 119 12.14 -2.09 -26.90
C SER F 119 10.65 -2.01 -27.10
N PHE F 120 10.11 -2.63 -28.15
CA PHE F 120 8.65 -2.69 -28.31
C PHE F 120 8.01 -3.75 -27.46
N GLN F 121 8.65 -4.88 -27.36
CA GLN F 121 8.10 -6.02 -26.65
C GLN F 121 8.13 -5.84 -25.16
N ASN F 122 9.11 -5.11 -24.67
CA ASN F 122 9.24 -4.90 -23.24
C ASN F 122 9.32 -3.43 -22.97
N ASN F 123 8.45 -2.69 -23.60
CA ASN F 123 8.38 -1.25 -23.45
C ASN F 123 7.96 -0.87 -22.05
N ALA F 124 8.77 -0.07 -21.39
CA ALA F 124 8.47 0.43 -20.07
C ALA F 124 9.35 1.64 -19.85
N TRP F 125 8.80 2.63 -19.15
CA TRP F 125 9.51 3.88 -18.92
C TRP F 125 9.43 4.37 -17.49
N PHE F 126 10.43 5.12 -17.07
CA PHE F 126 10.46 5.74 -15.75
C PHE F 126 10.30 4.68 -14.68
N LEU F 127 11.10 3.67 -14.81
CA LEU F 127 11.03 2.54 -13.94
C LEU F 127 11.37 2.90 -12.53
N ASN F 128 10.57 2.31 -11.67
CA ASN F 128 10.60 2.36 -10.23
C ASN F 128 10.21 3.68 -9.61
N GLY F 129 9.68 4.62 -10.39
CA GLY F 129 9.19 5.85 -9.79
C GLY F 129 7.73 5.71 -9.49
N GLN F 130 7.16 6.72 -8.83
CA GLN F 130 5.74 6.74 -8.49
C GLN F 130 5.16 8.10 -8.78
N LEU F 131 3.96 8.10 -9.33
CA LEU F 131 3.34 9.31 -9.81
C LEU F 131 1.83 9.25 -9.81
N ASN F 132 1.18 10.18 -9.15
CA ASN F 132 -0.27 10.17 -9.17
C ASN F 132 -0.82 11.16 -10.18
N ALA F 133 -1.54 10.64 -11.18
CA ALA F 133 -2.06 11.49 -12.24
C ALA F 133 -2.97 12.59 -11.77
N CYS F 134 -3.78 12.33 -10.74
CA CYS F 134 -4.71 13.32 -10.27
C CYS F 134 -3.97 14.44 -9.59
N TYR F 135 -2.90 14.08 -8.89
CA TYR F 135 -2.12 15.09 -8.22
C TYR F 135 -1.63 16.07 -9.26
N ASN F 136 -1.04 15.54 -10.31
CA ASN F 136 -0.49 16.40 -11.33
C ASN F 136 -1.54 17.21 -12.09
N CYS F 137 -2.73 16.62 -12.29
CA CYS F 137 -3.80 17.29 -13.00
C CYS F 137 -4.55 18.34 -12.19
N VAL F 138 -4.77 18.10 -10.92
CA VAL F 138 -5.54 19.05 -10.16
C VAL F 138 -4.76 19.67 -9.03
N ASP F 139 -4.33 18.87 -8.07
CA ASP F 139 -3.80 19.45 -6.85
C ASP F 139 -2.61 20.32 -7.09
N ARG F 140 -1.79 19.92 -8.00
CA ARG F 140 -0.61 20.66 -8.32
C ARG F 140 -0.92 22.11 -8.69
N HIS F 141 -2.06 22.35 -9.30
CA HIS F 141 -2.40 23.68 -9.72
C HIS F 141 -3.34 24.31 -8.72
N ALA F 142 -4.29 23.56 -8.22
CA ALA F 142 -5.26 24.09 -7.28
C ALA F 142 -4.62 24.63 -6.04
N LEU F 143 -3.52 24.04 -5.64
CA LEU F 143 -2.85 24.47 -4.44
C LEU F 143 -1.91 25.64 -4.68
N LYS F 144 -1.76 26.09 -5.92
CA LYS F 144 -0.88 27.21 -6.22
C LYS F 144 -1.62 28.40 -6.82
N THR F 145 -2.54 28.13 -7.74
CA THR F 145 -3.31 29.12 -8.47
C THR F 145 -4.80 28.81 -8.30
N PRO F 146 -5.33 28.85 -7.08
CA PRO F 146 -6.68 28.42 -6.75
C PRO F 146 -7.80 29.15 -7.44
N ASN F 147 -7.58 30.34 -7.93
CA ASN F 147 -8.68 31.07 -8.53
C ASN F 147 -8.40 31.36 -9.97
N LYS F 148 -8.31 30.28 -10.69
CA LYS F 148 -8.04 30.24 -12.10
C LYS F 148 -8.99 29.23 -12.71
N LYS F 149 -9.63 29.60 -13.82
CA LYS F 149 -10.57 28.70 -14.44
C LYS F 149 -9.92 27.42 -14.90
N ALA F 150 -10.51 26.30 -14.52
CA ALA F 150 -10.03 25.00 -14.94
C ALA F 150 -10.90 24.48 -16.04
N ILE F 151 -12.19 24.60 -15.83
CA ILE F 151 -13.18 24.10 -16.76
C ILE F 151 -14.20 25.16 -17.08
N ILE F 152 -14.42 25.37 -18.35
CA ILE F 152 -15.45 26.28 -18.77
C ILE F 152 -16.50 25.42 -19.40
N PHE F 153 -17.70 25.45 -18.88
CA PHE F 153 -18.71 24.55 -19.42
C PHE F 153 -19.88 25.21 -20.05
N GLU F 154 -20.22 24.72 -21.22
CA GLU F 154 -21.40 25.20 -21.91
C GLU F 154 -22.28 24.03 -22.29
N GLY F 155 -23.55 24.17 -21.94
CA GLY F 155 -24.50 23.10 -22.14
C GLY F 155 -25.12 23.06 -23.53
N ASP F 156 -26.05 22.14 -23.70
CA ASP F 156 -26.71 21.93 -24.98
C ASP F 156 -27.56 23.15 -25.29
N GLU F 157 -28.24 23.67 -24.28
CA GLU F 157 -29.07 24.83 -24.45
C GLU F 157 -28.20 26.06 -24.18
N PRO F 158 -28.10 27.03 -25.11
CA PRO F 158 -27.25 28.21 -25.04
C PRO F 158 -27.33 29.05 -23.78
N GLY F 159 -28.45 29.10 -23.09
CA GLY F 159 -28.50 29.93 -21.90
C GLY F 159 -27.82 29.33 -20.67
N GLN F 160 -27.36 28.09 -20.74
CA GLN F 160 -26.77 27.50 -19.54
C GLN F 160 -25.29 27.18 -19.68
N GLY F 161 -24.58 27.41 -18.59
CA GLY F 161 -23.17 27.15 -18.49
C GLY F 161 -22.61 27.83 -17.27
N TYR F 162 -21.37 27.51 -16.94
CA TYR F 162 -20.68 28.05 -15.78
C TYR F 162 -19.21 27.70 -15.80
N SER F 163 -18.43 28.31 -14.93
CA SER F 163 -17.04 27.94 -14.83
C SER F 163 -16.74 27.27 -13.51
N ILE F 164 -15.68 26.46 -13.52
CA ILE F 164 -15.15 25.80 -12.34
C ILE F 164 -13.69 26.16 -12.19
N THR F 165 -13.29 26.65 -11.02
CA THR F 165 -11.89 26.98 -10.81
C THR F 165 -11.11 25.80 -10.32
N TYR F 166 -9.80 25.91 -10.34
CA TYR F 166 -9.02 24.80 -9.83
C TYR F 166 -9.31 24.51 -8.37
N LYS F 167 -9.51 25.52 -7.53
CA LYS F 167 -9.83 25.21 -6.16
C LYS F 167 -11.10 24.40 -6.07
N GLU F 168 -12.12 24.83 -6.80
CA GLU F 168 -13.39 24.15 -6.77
C GLU F 168 -13.29 22.74 -7.26
N LEU F 169 -12.46 22.53 -8.28
CA LEU F 169 -12.27 21.21 -8.82
C LEU F 169 -11.67 20.32 -7.77
N LEU F 170 -10.67 20.79 -7.06
CA LEU F 170 -10.07 19.97 -6.01
C LEU F 170 -11.12 19.47 -5.06
N GLU F 171 -11.99 20.36 -4.58
CA GLU F 171 -12.97 19.91 -3.62
C GLU F 171 -13.91 18.87 -4.20
N GLU F 172 -14.35 19.05 -5.44
CA GLU F 172 -15.28 18.09 -6.01
C GLU F 172 -14.64 16.74 -6.23
N VAL F 173 -13.41 16.75 -6.68
CA VAL F 173 -12.73 15.50 -6.93
C VAL F 173 -12.57 14.76 -5.65
N CYS F 174 -12.17 15.46 -4.59
CA CYS F 174 -11.95 14.80 -3.34
C CYS F 174 -13.21 14.17 -2.79
N GLN F 175 -14.34 14.85 -2.87
CA GLN F 175 -15.53 14.23 -2.34
C GLN F 175 -15.88 12.99 -3.12
N VAL F 176 -15.75 13.03 -4.45
CA VAL F 176 -16.11 11.85 -5.21
C VAL F 176 -15.19 10.71 -4.89
N ALA F 177 -13.91 10.97 -4.74
CA ALA F 177 -12.98 9.90 -4.44
C ALA F 177 -13.38 9.18 -3.16
N GLN F 178 -13.83 9.92 -2.15
CA GLN F 178 -14.28 9.28 -0.92
C GLN F 178 -15.54 8.48 -1.15
N VAL F 179 -16.41 8.95 -2.01
CA VAL F 179 -17.61 8.18 -2.29
C VAL F 179 -17.21 6.84 -2.86
N LEU F 180 -16.31 6.87 -3.83
CA LEU F 180 -15.89 5.64 -4.45
C LEU F 180 -15.24 4.72 -3.44
N THR F 181 -14.44 5.31 -2.56
CA THR F 181 -13.71 4.56 -1.55
C THR F 181 -14.60 3.91 -0.51
N TYR F 182 -15.54 4.66 0.03
CA TYR F 182 -16.31 4.10 1.13
C TYR F 182 -17.65 3.54 0.80
N SER F 183 -18.35 4.09 -0.17
CA SER F 183 -19.66 3.55 -0.43
C SER F 183 -19.67 2.61 -1.60
N MET F 184 -18.85 2.87 -2.60
CA MET F 184 -18.89 2.01 -3.76
C MET F 184 -17.94 0.83 -3.59
N GLY F 185 -17.10 0.89 -2.57
CA GLY F 185 -16.12 -0.14 -2.26
C GLY F 185 -14.97 -0.26 -3.25
N VAL F 186 -14.59 0.82 -3.91
CA VAL F 186 -13.56 0.76 -4.92
C VAL F 186 -12.19 0.76 -4.30
N ARG F 187 -11.35 -0.14 -4.77
CA ARG F 187 -10.00 -0.25 -4.28
C ARG F 187 -8.99 -0.19 -5.41
N LYS F 188 -7.77 0.16 -5.05
CA LYS F 188 -6.70 0.28 -6.00
C LYS F 188 -6.65 -0.91 -6.92
N GLY F 189 -6.59 -0.64 -8.21
CA GLY F 189 -6.54 -1.66 -9.22
C GLY F 189 -7.89 -2.15 -9.72
N ASP F 190 -8.99 -1.72 -9.11
CA ASP F 190 -10.30 -2.17 -9.54
C ASP F 190 -10.69 -1.38 -10.78
N THR F 191 -11.86 -1.68 -11.33
CA THR F 191 -12.30 -0.99 -12.53
C THR F 191 -13.67 -0.36 -12.42
N VAL F 192 -13.68 0.89 -12.81
CA VAL F 192 -14.87 1.69 -12.79
C VAL F 192 -15.23 2.10 -14.20
N ALA F 193 -16.41 1.71 -14.61
CA ALA F 193 -16.90 2.03 -15.93
C ALA F 193 -17.68 3.31 -15.86
N VAL F 194 -17.51 4.15 -16.84
CA VAL F 194 -18.20 5.40 -16.93
C VAL F 194 -18.99 5.47 -18.23
N TYR F 195 -20.26 5.75 -18.14
CA TYR F 195 -21.13 5.83 -19.31
C TYR F 195 -21.86 7.17 -19.35
N MET F 196 -21.23 8.15 -18.79
CA MET F 196 -21.76 9.49 -18.71
C MET F 196 -21.62 10.27 -20.02
N PRO F 197 -22.48 11.26 -20.26
CA PRO F 197 -22.39 12.22 -21.34
C PRO F 197 -21.27 13.14 -20.98
N MET F 198 -20.68 13.85 -21.93
CA MET F 198 -19.63 14.72 -21.45
C MET F 198 -20.17 15.96 -20.78
N VAL F 199 -20.09 15.93 -19.45
CA VAL F 199 -20.53 17.00 -18.57
C VAL F 199 -19.40 17.19 -17.55
N PRO F 200 -19.33 18.30 -16.80
CA PRO F 200 -18.34 18.54 -15.76
C PRO F 200 -18.25 17.41 -14.77
N GLU F 201 -19.36 16.77 -14.47
CA GLU F 201 -19.35 15.67 -13.54
C GLU F 201 -18.59 14.48 -14.07
N ALA F 202 -18.59 14.28 -15.39
CA ALA F 202 -17.85 13.18 -15.97
C ALA F 202 -16.38 13.43 -15.81
N ILE F 203 -15.98 14.68 -15.99
CA ILE F 203 -14.56 15.02 -15.86
C ILE F 203 -14.12 14.78 -14.45
N ILE F 204 -14.91 15.25 -13.52
CA ILE F 204 -14.61 15.10 -12.12
C ILE F 204 -14.49 13.65 -11.79
N THR F 205 -15.43 12.85 -12.27
CA THR F 205 -15.42 11.43 -12.02
C THR F 205 -14.14 10.79 -12.50
N LEU F 206 -13.70 11.09 -13.71
CA LEU F 206 -12.51 10.42 -14.18
C LEU F 206 -11.32 10.76 -13.32
N LEU F 207 -11.21 12.02 -12.91
CA LEU F 207 -10.10 12.42 -12.07
C LEU F 207 -10.17 11.74 -10.71
N ALA F 208 -11.36 11.66 -10.14
CA ALA F 208 -11.55 11.03 -8.85
C ALA F 208 -11.19 9.57 -8.88
N ILE F 209 -11.48 8.90 -9.97
CA ILE F 209 -11.15 7.49 -10.07
C ILE F 209 -9.64 7.34 -10.04
N SER F 210 -8.95 8.14 -10.84
CA SER F 210 -7.51 8.08 -10.89
C SER F 210 -6.87 8.37 -9.54
N ARG F 211 -7.47 9.27 -8.79
CA ARG F 211 -6.97 9.68 -7.49
C ARG F 211 -6.83 8.53 -6.50
N ILE F 212 -7.63 7.48 -6.65
CA ILE F 212 -7.58 6.39 -5.70
C ILE F 212 -6.94 5.16 -6.30
N GLY F 213 -6.25 5.34 -7.41
CA GLY F 213 -5.51 4.27 -8.02
C GLY F 213 -6.39 3.26 -8.73
N ALA F 214 -7.57 3.64 -9.15
CA ALA F 214 -8.43 2.71 -9.83
C ALA F 214 -8.28 2.98 -11.31
N ILE F 215 -8.69 2.02 -12.13
CA ILE F 215 -8.59 2.13 -13.57
C ILE F 215 -9.92 2.54 -14.14
N HIS F 216 -9.95 3.56 -14.97
CA HIS F 216 -11.25 3.88 -15.54
C HIS F 216 -11.40 3.40 -16.96
N SER F 217 -12.65 3.22 -17.34
CA SER F 217 -13.03 2.82 -18.70
C SER F 217 -14.26 3.60 -19.13
N VAL F 218 -14.17 4.29 -20.26
CA VAL F 218 -15.23 5.19 -20.67
C VAL F 218 -15.91 4.74 -21.95
N VAL F 219 -17.21 4.63 -21.89
CA VAL F 219 -18.01 4.15 -23.01
C VAL F 219 -18.86 5.26 -23.58
N PHE F 220 -18.85 5.46 -24.90
CA PHE F 220 -19.65 6.56 -25.45
C PHE F 220 -21.08 6.40 -25.00
N ALA F 221 -21.68 7.49 -24.51
CA ALA F 221 -23.06 7.46 -24.00
C ALA F 221 -24.08 6.95 -25.01
N GLY F 222 -23.86 7.18 -26.29
CA GLY F 222 -24.86 6.76 -27.25
C GLY F 222 -24.87 5.27 -27.59
N PHE F 223 -23.95 4.48 -27.06
CA PHE F 223 -23.97 3.08 -27.42
C PHE F 223 -25.14 2.33 -26.88
N SER F 224 -25.54 1.31 -27.60
CA SER F 224 -26.60 0.42 -27.22
C SER F 224 -26.17 -0.51 -26.14
N SER F 225 -27.15 -1.18 -25.54
CA SER F 225 -26.88 -2.10 -24.47
C SER F 225 -26.04 -3.32 -24.82
N ASN F 226 -26.00 -3.74 -26.07
CA ASN F 226 -25.19 -4.92 -26.32
C ASN F 226 -23.73 -4.61 -26.26
N SER F 227 -23.34 -3.52 -26.85
CA SER F 227 -21.94 -3.24 -26.86
C SER F 227 -21.52 -2.75 -25.49
N LEU F 228 -22.44 -2.14 -24.76
CA LEU F 228 -22.09 -1.72 -23.43
C LEU F 228 -21.81 -2.94 -22.62
N ARG F 229 -22.63 -3.96 -22.77
CA ARG F 229 -22.46 -5.14 -21.98
C ARG F 229 -21.16 -5.81 -22.25
N ASP F 230 -20.77 -5.87 -23.49
CA ASP F 230 -19.50 -6.47 -23.77
C ASP F 230 -18.36 -5.72 -23.13
N ARG F 231 -18.41 -4.40 -23.16
CA ARG F 231 -17.32 -3.65 -22.56
C ARG F 231 -17.28 -3.80 -21.05
N ILE F 232 -18.45 -3.80 -20.41
CA ILE F 232 -18.48 -3.94 -18.97
C ILE F 232 -17.92 -5.26 -18.57
N ASN F 233 -18.32 -6.32 -19.25
CA ASN F 233 -17.82 -7.62 -18.87
C ASN F 233 -16.39 -7.83 -19.24
N ASP F 234 -15.97 -7.39 -20.41
CA ASP F 234 -14.59 -7.66 -20.80
C ASP F 234 -13.61 -6.99 -19.86
N GLY F 235 -13.93 -5.78 -19.43
CA GLY F 235 -13.03 -5.05 -18.57
C GLY F 235 -13.20 -5.42 -17.11
N ASP F 236 -14.12 -6.31 -16.80
CA ASP F 236 -14.43 -6.73 -15.45
C ASP F 236 -14.73 -5.58 -14.51
N SER F 237 -15.58 -4.64 -14.92
CA SER F 237 -15.84 -3.58 -13.96
C SER F 237 -16.78 -4.08 -12.90
N LYS F 238 -16.81 -3.37 -11.79
CA LYS F 238 -17.72 -3.71 -10.72
C LYS F 238 -18.57 -2.54 -10.37
N VAL F 239 -18.10 -1.39 -10.78
CA VAL F 239 -18.80 -0.17 -10.51
C VAL F 239 -19.08 0.54 -11.79
N VAL F 240 -20.31 0.99 -11.93
CA VAL F 240 -20.73 1.72 -13.10
C VAL F 240 -21.21 3.09 -12.70
N ILE F 241 -20.72 4.10 -13.38
CA ILE F 241 -21.15 5.45 -13.10
C ILE F 241 -21.88 6.00 -14.30
N THR F 242 -23.09 6.47 -14.08
CA THR F 242 -23.93 6.98 -15.13
C THR F 242 -24.76 8.17 -14.72
N THR F 243 -25.70 8.51 -15.59
CA THR F 243 -26.63 9.61 -15.43
C THR F 243 -28.02 9.09 -15.65
N ASP F 244 -29.02 9.85 -15.31
CA ASP F 244 -30.35 9.37 -15.60
C ASP F 244 -30.75 9.62 -17.04
N GLU F 245 -30.74 10.88 -17.44
CA GLU F 245 -31.08 11.26 -18.80
C GLU F 245 -30.13 12.34 -19.23
N SER F 246 -29.90 12.43 -20.53
CA SER F 246 -29.08 13.52 -21.05
C SER F 246 -29.66 14.07 -22.33
N ASN F 247 -29.24 15.28 -22.66
CA ASN F 247 -29.75 15.95 -23.84
C ASN F 247 -28.67 16.39 -24.77
N ARG F 248 -28.77 15.92 -25.98
CA ARG F 248 -27.80 16.27 -26.99
C ARG F 248 -28.49 16.60 -28.29
N GLY F 249 -28.34 17.83 -28.74
CA GLY F 249 -29.00 18.25 -29.96
C GLY F 249 -30.48 18.39 -29.74
N GLY F 250 -30.87 18.60 -28.49
CA GLY F 250 -32.26 18.67 -28.15
C GLY F 250 -32.92 17.30 -28.00
N LYS F 251 -32.19 16.20 -28.18
CA LYS F 251 -32.82 14.90 -28.06
C LYS F 251 -32.47 14.24 -26.75
N VAL F 252 -33.41 13.48 -26.21
CA VAL F 252 -33.19 12.78 -24.95
C VAL F 252 -32.57 11.41 -25.11
N ILE F 253 -31.51 11.18 -24.37
CA ILE F 253 -30.82 9.92 -24.36
C ILE F 253 -31.05 9.22 -23.03
N GLU F 254 -31.65 8.03 -23.07
CA GLU F 254 -31.98 7.36 -21.82
C GLU F 254 -30.83 6.53 -21.28
N THR F 255 -29.87 7.20 -20.67
CA THR F 255 -28.68 6.53 -20.21
C THR F 255 -28.93 5.52 -19.09
N LYS F 256 -29.83 5.81 -18.15
CA LYS F 256 -30.03 4.82 -17.10
C LYS F 256 -30.61 3.56 -17.65
N ARG F 257 -31.62 3.66 -18.49
CA ARG F 257 -32.23 2.45 -18.98
C ARG F 257 -31.25 1.61 -19.76
N ILE F 258 -30.38 2.22 -20.54
CA ILE F 258 -29.42 1.41 -21.25
C ILE F 258 -28.52 0.68 -20.28
N VAL F 259 -28.04 1.35 -19.24
CA VAL F 259 -27.20 0.65 -18.29
C VAL F 259 -27.95 -0.48 -17.64
N ASP F 260 -29.17 -0.23 -17.18
CA ASP F 260 -29.93 -1.29 -16.52
C ASP F 260 -30.11 -2.48 -17.41
N ASP F 261 -30.31 -2.25 -18.69
CA ASP F 261 -30.43 -3.34 -19.62
C ASP F 261 -29.14 -4.12 -19.69
N ALA F 262 -28.05 -3.43 -19.92
CA ALA F 262 -26.79 -4.11 -20.09
C ALA F 262 -26.46 -4.96 -18.87
N LEU F 263 -26.79 -4.46 -17.70
CA LEU F 263 -26.43 -5.17 -16.49
C LEU F 263 -27.29 -6.36 -16.20
N ARG F 264 -28.31 -6.60 -16.98
CA ARG F 264 -29.13 -7.75 -16.72
C ARG F 264 -28.35 -9.03 -16.90
N GLU F 265 -27.38 -9.02 -17.80
CA GLU F 265 -26.62 -10.22 -18.04
C GLU F 265 -25.24 -10.13 -17.43
N THR F 266 -25.01 -9.19 -16.53
CA THR F 266 -23.69 -9.06 -15.97
C THR F 266 -23.68 -9.36 -14.47
N PRO F 267 -22.99 -10.41 -14.01
CA PRO F 267 -22.94 -10.83 -12.61
C PRO F 267 -22.02 -10.02 -11.75
N GLY F 268 -21.20 -9.20 -12.39
CA GLY F 268 -20.16 -8.45 -11.75
C GLY F 268 -20.62 -7.27 -10.93
N VAL F 269 -21.27 -6.33 -11.57
CA VAL F 269 -21.51 -5.06 -10.95
C VAL F 269 -22.26 -5.12 -9.68
N ARG F 270 -21.68 -4.46 -8.70
CA ARG F 270 -22.20 -4.39 -7.37
C ARG F 270 -22.88 -3.06 -7.10
N HIS F 271 -22.39 -1.98 -7.68
CA HIS F 271 -23.04 -0.71 -7.41
C HIS F 271 -23.08 0.18 -8.62
N VAL F 272 -24.15 0.94 -8.73
CA VAL F 272 -24.30 1.90 -9.80
C VAL F 272 -24.51 3.27 -9.21
N LEU F 273 -23.70 4.20 -9.62
CA LEU F 273 -23.80 5.55 -9.12
C LEU F 273 -24.49 6.36 -10.19
N VAL F 274 -25.52 7.08 -9.81
CA VAL F 274 -26.31 7.80 -10.79
C VAL F 274 -26.38 9.28 -10.55
N TYR F 275 -25.98 10.04 -11.54
CA TYR F 275 -26.08 11.45 -11.42
C TYR F 275 -27.37 11.97 -12.00
N ARG F 276 -28.17 12.58 -11.16
CA ARG F 276 -29.47 13.06 -11.58
C ARG F 276 -29.36 14.38 -12.28
N LYS F 277 -28.80 14.36 -13.48
CA LYS F 277 -28.63 15.61 -14.20
C LYS F 277 -30.00 16.23 -14.37
N THR F 278 -31.01 15.42 -14.66
CA THR F 278 -32.37 15.97 -14.74
C THR F 278 -32.96 15.73 -13.38
N ASN F 279 -33.49 16.76 -12.75
CA ASN F 279 -33.93 16.57 -11.38
C ASN F 279 -35.24 15.82 -11.16
N ASN F 280 -36.11 15.75 -12.15
CA ASN F 280 -37.41 15.13 -11.95
C ASN F 280 -37.96 14.19 -13.01
N PRO F 281 -37.16 13.37 -13.69
CA PRO F 281 -37.62 12.47 -14.74
C PRO F 281 -38.30 11.28 -14.11
N SER F 282 -38.99 10.48 -14.90
CA SER F 282 -39.61 9.30 -14.35
C SER F 282 -38.76 8.10 -14.60
N VAL F 283 -37.69 8.05 -13.84
CA VAL F 283 -36.65 7.04 -13.94
C VAL F 283 -36.57 6.21 -12.69
N ALA F 284 -36.62 4.91 -12.87
CA ALA F 284 -36.57 3.99 -11.76
C ALA F 284 -35.29 4.16 -11.00
N PHE F 285 -35.37 3.97 -9.70
CA PHE F 285 -34.18 4.07 -8.90
C PHE F 285 -34.31 3.06 -7.79
N HIS F 286 -33.37 2.13 -7.71
CA HIS F 286 -33.46 1.05 -6.75
C HIS F 286 -32.43 1.20 -5.66
N ALA F 287 -32.90 1.50 -4.47
CA ALA F 287 -31.98 1.79 -3.38
C ALA F 287 -30.94 0.72 -3.09
N PRO F 288 -31.19 -0.59 -3.21
CA PRO F 288 -30.16 -1.58 -2.96
C PRO F 288 -28.87 -1.29 -3.69
N ARG F 289 -28.91 -0.72 -4.91
CA ARG F 289 -27.62 -0.44 -5.50
C ARG F 289 -27.61 0.76 -6.43
N ASP F 290 -28.49 1.70 -6.22
CA ASP F 290 -28.48 2.93 -6.96
C ASP F 290 -28.16 4.03 -6.01
N LEU F 291 -27.04 4.65 -6.21
CA LEU F 291 -26.64 5.66 -5.29
C LEU F 291 -26.79 7.00 -5.94
N ASP F 292 -27.37 7.93 -5.25
CA ASP F 292 -27.53 9.24 -5.83
C ASP F 292 -26.28 10.06 -5.63
N TRP F 293 -25.64 10.36 -6.72
CA TRP F 293 -24.37 11.04 -6.75
C TRP F 293 -24.44 12.30 -5.95
N ALA F 294 -25.54 13.03 -6.11
CA ALA F 294 -25.71 14.33 -5.50
C ALA F 294 -26.17 14.28 -4.07
N THR F 295 -26.40 13.10 -3.53
CA THR F 295 -26.83 12.97 -2.15
C THR F 295 -25.74 12.32 -1.37
N GLU F 296 -25.01 11.43 -2.00
CA GLU F 296 -23.96 10.75 -1.31
C GLU F 296 -22.78 11.68 -1.06
N LYS F 297 -22.44 12.49 -2.06
CA LYS F 297 -21.29 13.37 -2.00
C LYS F 297 -21.19 14.24 -0.73
N LYS F 298 -22.30 14.78 -0.25
CA LYS F 298 -22.30 15.70 0.89
C LYS F 298 -21.82 15.09 2.20
N LYS F 299 -21.70 13.81 2.23
CA LYS F 299 -21.29 13.13 3.42
C LYS F 299 -19.78 13.06 3.55
N TYR F 300 -19.07 13.59 2.59
CA TYR F 300 -17.63 13.46 2.61
C TYR F 300 -16.86 14.75 2.73
N LYS F 301 -15.64 14.66 3.26
CA LYS F 301 -14.83 15.85 3.42
C LYS F 301 -14.27 16.36 2.12
N THR F 302 -13.97 17.63 2.11
CA THR F 302 -13.57 18.35 0.90
C THR F 302 -12.08 18.28 0.53
N TYR F 303 -11.33 17.47 1.25
CA TYR F 303 -9.93 17.22 0.97
C TYR F 303 -9.68 15.77 1.25
N TYR F 304 -9.02 15.10 0.36
CA TYR F 304 -8.72 13.71 0.51
C TYR F 304 -7.47 13.47 -0.32
N PRO F 305 -6.47 12.77 0.20
CA PRO F 305 -5.19 12.51 -0.44
C PRO F 305 -5.14 11.58 -1.61
N CYS F 306 -4.09 11.75 -2.41
CA CYS F 306 -3.74 10.89 -3.53
C CYS F 306 -3.05 9.62 -3.11
N THR F 307 -3.43 8.52 -3.72
CA THR F 307 -2.77 7.25 -3.48
C THR F 307 -1.58 7.08 -4.43
N PRO F 308 -0.38 6.75 -3.97
CA PRO F 308 0.76 6.49 -4.82
C PRO F 308 0.44 5.40 -5.83
N VAL F 309 0.86 5.63 -7.05
CA VAL F 309 0.66 4.73 -8.18
C VAL F 309 1.98 4.52 -8.90
N ASP F 310 2.28 3.28 -9.26
CA ASP F 310 3.53 3.06 -9.95
C ASP F 310 3.51 3.71 -11.30
N SER F 311 4.68 4.14 -11.76
CA SER F 311 4.75 4.77 -13.07
C SER F 311 4.24 3.88 -14.20
N GLU F 312 4.30 2.55 -14.05
CA GLU F 312 3.79 1.64 -15.08
C GLU F 312 2.42 1.06 -14.81
N ASP F 313 1.73 1.53 -13.78
CA ASP F 313 0.39 1.03 -13.53
C ASP F 313 -0.52 1.59 -14.60
N PRO F 314 -1.54 0.87 -15.03
CA PRO F 314 -2.51 1.31 -16.01
C PRO F 314 -3.27 2.52 -15.55
N LEU F 315 -3.41 3.50 -16.42
CA LEU F 315 -4.21 4.67 -16.10
C LEU F 315 -5.63 4.41 -16.52
N PHE F 316 -5.78 3.94 -17.75
CA PHE F 316 -7.10 3.73 -18.29
C PHE F 316 -7.14 2.75 -19.43
N LEU F 317 -8.36 2.31 -19.71
CA LEU F 317 -8.64 1.47 -20.84
C LEU F 317 -9.56 2.15 -21.82
N LEU F 318 -9.36 1.93 -23.10
CA LEU F 318 -10.33 2.39 -24.07
C LEU F 318 -10.78 1.27 -24.94
N TYR F 319 -12.05 0.98 -24.86
CA TYR F 319 -12.58 -0.07 -25.67
C TYR F 319 -12.95 0.39 -27.01
N THR F 320 -11.96 0.40 -27.86
CA THR F 320 -12.13 0.88 -29.19
C THR F 320 -12.72 -0.23 -30.00
N SER F 321 -13.22 0.12 -31.17
CA SER F 321 -13.77 -0.91 -32.00
C SER F 321 -13.79 -0.57 -33.48
N GLY F 322 -13.53 -1.62 -34.26
CA GLY F 322 -13.60 -1.63 -35.72
C GLY F 322 -14.73 -2.57 -36.16
N SER F 323 -15.62 -2.88 -35.21
CA SER F 323 -16.76 -3.79 -35.38
C SER F 323 -16.34 -5.17 -35.89
N THR F 324 -15.28 -5.72 -35.30
CA THR F 324 -14.78 -7.04 -35.62
C THR F 324 -14.15 -7.64 -34.38
N GLY F 325 -14.23 -8.95 -34.26
CA GLY F 325 -13.72 -9.59 -33.07
C GLY F 325 -14.55 -9.08 -31.91
N ALA F 326 -13.90 -8.42 -30.97
CA ALA F 326 -14.54 -7.86 -29.81
C ALA F 326 -13.81 -6.57 -29.50
N PRO F 327 -14.44 -5.62 -28.81
CA PRO F 327 -13.81 -4.37 -28.46
C PRO F 327 -12.47 -4.59 -27.78
N LYS F 328 -11.49 -3.80 -28.16
CA LYS F 328 -10.14 -3.91 -27.63
C LYS F 328 -9.88 -2.95 -26.51
N GLY F 329 -9.63 -3.46 -25.34
CA GLY F 329 -9.36 -2.61 -24.20
C GLY F 329 -7.95 -2.09 -24.28
N VAL F 330 -7.72 -1.09 -25.10
CA VAL F 330 -6.37 -0.61 -25.27
C VAL F 330 -5.94 -0.03 -23.96
N GLN F 331 -4.79 -0.45 -23.48
CA GLN F 331 -4.31 0.01 -22.19
C GLN F 331 -3.09 0.89 -22.25
N HIS F 332 -3.18 2.01 -21.53
CA HIS F 332 -2.08 2.97 -21.43
C HIS F 332 -1.69 3.16 -19.98
N SER F 333 -0.39 3.17 -19.72
CA SER F 333 0.12 3.37 -18.37
C SER F 333 0.25 4.83 -18.00
N THR F 334 0.34 5.09 -16.70
CA THR F 334 0.35 6.47 -16.21
C THR F 334 1.53 7.33 -16.59
N ALA F 335 2.76 6.98 -16.26
CA ALA F 335 3.80 7.96 -16.55
C ALA F 335 3.95 8.21 -18.03
N GLY F 336 3.83 7.16 -18.80
CA GLY F 336 4.00 7.25 -20.22
C GLY F 336 3.00 8.19 -20.85
N TYR F 337 1.74 7.92 -20.59
CA TYR F 337 0.69 8.70 -21.17
C TYR F 337 0.77 10.15 -20.76
N LEU F 338 0.95 10.42 -19.47
CA LEU F 338 0.96 11.79 -19.03
C LEU F 338 2.07 12.58 -19.65
N LEU F 339 3.26 12.00 -19.79
CA LEU F 339 4.33 12.77 -20.40
C LEU F 339 4.00 13.07 -21.84
N GLY F 340 3.46 12.08 -22.55
CA GLY F 340 3.11 12.28 -23.93
C GLY F 340 2.16 13.44 -24.06
N ALA F 341 1.12 13.45 -23.25
CA ALA F 341 0.14 14.50 -23.32
C ALA F 341 0.76 15.87 -23.07
N LEU F 342 1.66 15.99 -22.10
CA LEU F 342 2.28 17.28 -21.87
C LEU F 342 3.17 17.75 -22.98
N LEU F 343 3.98 16.86 -23.52
CA LEU F 343 4.89 17.29 -24.55
C LEU F 343 4.12 17.76 -25.74
N THR F 344 3.02 17.11 -26.02
CA THR F 344 2.24 17.50 -27.16
C THR F 344 1.64 18.87 -26.96
N MET F 345 1.08 19.12 -25.78
CA MET F 345 0.49 20.43 -25.52
C MET F 345 1.53 21.53 -25.65
N ARG F 346 2.72 21.26 -25.15
CA ARG F 346 3.80 22.22 -25.15
C ARG F 346 4.41 22.45 -26.51
N TYR F 347 4.61 21.42 -27.31
CA TYR F 347 5.28 21.65 -28.58
C TYR F 347 4.42 21.64 -29.81
N THR F 348 3.29 20.95 -29.81
CA THR F 348 2.49 20.96 -31.02
C THR F 348 1.57 22.12 -30.99
N PHE F 349 0.89 22.32 -29.88
CA PHE F 349 -0.07 23.41 -29.83
C PHE F 349 0.50 24.70 -29.28
N ASP F 350 1.74 24.64 -28.79
CA ASP F 350 2.45 25.78 -28.25
C ASP F 350 1.62 26.49 -27.19
N THR F 351 1.02 25.76 -26.26
CA THR F 351 0.17 26.46 -25.31
C THR F 351 0.86 27.10 -24.14
N HIS F 352 0.09 27.96 -23.50
CA HIS F 352 0.45 28.68 -22.32
C HIS F 352 -0.63 28.53 -21.27
N GLN F 353 -0.22 28.88 -20.09
CA GLN F 353 -1.06 28.73 -18.94
C GLN F 353 -2.28 29.58 -19.02
N GLU F 354 -2.25 30.58 -19.87
CA GLU F 354 -3.29 31.56 -20.01
C GLU F 354 -4.30 31.23 -21.11
N ASP F 355 -4.15 30.11 -21.78
CA ASP F 355 -5.07 29.79 -22.86
C ASP F 355 -6.35 29.10 -22.46
N VAL F 356 -7.19 28.89 -23.48
CA VAL F 356 -8.42 28.13 -23.45
C VAL F 356 -8.39 27.19 -24.62
N PHE F 357 -8.40 25.91 -24.31
CA PHE F 357 -8.27 24.91 -25.34
C PHE F 357 -9.60 24.25 -25.62
N PHE F 358 -10.12 24.41 -26.81
CA PHE F 358 -11.43 23.85 -27.14
C PHE F 358 -11.33 22.66 -28.06
N THR F 359 -11.65 21.49 -27.55
CA THR F 359 -11.61 20.27 -28.34
C THR F 359 -13.02 19.86 -28.65
N ALA F 360 -13.32 19.81 -29.91
CA ALA F 360 -14.65 19.50 -30.34
C ALA F 360 -14.85 18.00 -30.45
N GLY F 361 -14.95 17.33 -29.32
CA GLY F 361 -15.12 15.88 -29.40
C GLY F 361 -15.43 15.19 -28.08
N ASP F 362 -16.08 14.04 -28.20
CA ASP F 362 -16.57 13.23 -27.09
C ASP F 362 -15.50 12.66 -26.19
N ILE F 363 -15.84 12.60 -24.91
CA ILE F 363 -14.98 12.06 -23.88
C ILE F 363 -14.62 10.58 -24.05
N GLY F 364 -15.46 9.81 -24.74
CA GLY F 364 -15.18 8.39 -24.92
C GLY F 364 -14.16 8.10 -26.01
N TRP F 365 -13.68 9.12 -26.69
CA TRP F 365 -12.73 8.95 -27.77
C TRP F 365 -11.34 9.27 -27.22
N ILE F 366 -10.30 8.76 -27.85
CA ILE F 366 -8.97 9.07 -27.37
C ILE F 366 -8.67 10.55 -27.30
N THR F 367 -9.25 11.38 -28.16
CA THR F 367 -8.94 12.80 -28.08
C THR F 367 -9.63 13.43 -26.91
N GLY F 368 -10.65 12.78 -26.40
CA GLY F 368 -11.36 13.28 -25.25
C GLY F 368 -10.42 13.19 -24.08
N HIS F 369 -9.84 12.03 -23.93
CA HIS F 369 -8.93 11.83 -22.85
C HIS F 369 -7.72 12.73 -22.98
N THR F 370 -7.06 12.67 -24.12
CA THR F 370 -5.86 13.45 -24.29
C THR F 370 -6.07 14.95 -24.27
N TYR F 371 -7.13 15.48 -24.89
CA TYR F 371 -7.26 16.91 -24.93
C TYR F 371 -8.39 17.59 -24.19
N VAL F 372 -9.21 16.85 -23.48
CA VAL F 372 -10.24 17.47 -22.68
C VAL F 372 -9.86 17.31 -21.23
N VAL F 373 -9.44 16.12 -20.85
CA VAL F 373 -9.13 15.89 -19.45
C VAL F 373 -7.65 15.85 -19.09
N TYR F 374 -6.83 15.05 -19.73
CA TYR F 374 -5.45 14.91 -19.28
C TYR F 374 -4.49 15.80 -20.02
N GLY F 375 -5.00 16.70 -20.80
CA GLY F 375 -4.20 17.61 -21.57
C GLY F 375 -4.16 18.93 -20.83
N PRO F 376 -5.00 19.88 -21.20
CA PRO F 376 -5.03 21.19 -20.59
C PRO F 376 -5.01 21.17 -19.08
N LEU F 377 -5.71 20.26 -18.42
CA LEU F 377 -5.65 20.32 -16.96
C LEU F 377 -4.28 20.04 -16.43
N LEU F 378 -3.57 19.13 -17.06
CA LEU F 378 -2.27 18.71 -16.60
C LEU F 378 -1.29 19.82 -16.82
N TYR F 379 -1.45 20.44 -17.97
CA TYR F 379 -0.61 21.55 -18.37
C TYR F 379 -0.87 22.77 -17.51
N GLY F 380 -2.13 23.05 -17.25
CA GLY F 380 -2.56 24.22 -16.50
C GLY F 380 -3.42 25.19 -17.30
N CYS F 381 -3.88 24.79 -18.48
CA CYS F 381 -4.73 25.63 -19.33
C CYS F 381 -6.17 25.37 -18.97
N ALA F 382 -7.09 26.27 -19.34
CA ALA F 382 -8.50 25.97 -19.11
C ALA F 382 -9.02 25.09 -20.23
N THR F 383 -9.94 24.21 -19.90
CA THR F 383 -10.59 23.36 -20.88
C THR F 383 -11.97 23.84 -21.17
N LEU F 384 -12.32 23.95 -22.43
CA LEU F 384 -13.69 24.29 -22.75
C LEU F 384 -14.43 23.02 -23.08
N VAL F 385 -15.49 22.77 -22.35
CA VAL F 385 -16.29 21.59 -22.47
C VAL F 385 -17.64 21.91 -23.03
N PHE F 386 -17.96 21.29 -24.14
CA PHE F 386 -19.22 21.53 -24.79
C PHE F 386 -19.94 20.24 -24.99
N GLU F 387 -21.08 20.10 -24.33
CA GLU F 387 -21.79 18.83 -24.39
C GLU F 387 -22.61 18.57 -25.66
N GLY F 388 -23.01 19.61 -26.37
CA GLY F 388 -23.89 19.48 -27.53
C GLY F 388 -23.20 19.31 -28.88
N THR F 389 -23.94 19.70 -29.93
CA THR F 389 -23.58 19.57 -31.33
C THR F 389 -23.78 20.89 -32.02
N PRO F 390 -22.92 21.28 -32.99
CA PRO F 390 -23.04 22.52 -33.73
C PRO F 390 -24.34 22.59 -34.49
N ALA F 391 -24.91 21.45 -34.76
CA ALA F 391 -26.17 21.40 -35.44
C ALA F 391 -27.25 22.18 -34.71
N TYR F 392 -27.19 22.22 -33.37
CA TYR F 392 -28.25 22.82 -32.59
C TYR F 392 -27.88 24.06 -31.78
N PRO F 393 -28.70 25.10 -31.86
CA PRO F 393 -29.84 25.34 -32.72
C PRO F 393 -29.57 25.72 -34.18
N ASN F 394 -28.36 26.20 -34.57
CA ASN F 394 -28.25 26.64 -35.96
C ASN F 394 -26.89 26.76 -36.63
N TYR F 395 -25.95 25.88 -36.44
CA TYR F 395 -24.63 25.97 -37.06
C TYR F 395 -23.75 27.15 -36.68
N SER F 396 -24.26 28.19 -36.05
CA SER F 396 -23.36 29.26 -35.67
C SER F 396 -22.87 29.04 -34.28
N ARG F 397 -23.29 27.95 -33.69
CA ARG F 397 -22.99 27.69 -32.32
C ARG F 397 -21.52 27.62 -32.03
N TYR F 398 -20.72 26.96 -32.86
CA TYR F 398 -19.31 26.91 -32.50
C TYR F 398 -18.69 28.27 -32.50
N TRP F 399 -19.07 29.06 -33.47
CA TRP F 399 -18.51 30.37 -33.55
C TRP F 399 -18.94 31.21 -32.39
N ASP F 400 -20.20 31.14 -32.02
CA ASP F 400 -20.63 31.93 -30.90
C ASP F 400 -19.82 31.57 -29.67
N ILE F 401 -19.56 30.28 -29.50
CA ILE F 401 -18.78 29.79 -28.37
C ILE F 401 -17.39 30.34 -28.39
N ILE F 402 -16.74 30.29 -29.55
CA ILE F 402 -15.38 30.76 -29.65
C ILE F 402 -15.25 32.19 -29.28
N ASP F 403 -16.10 33.05 -29.78
CA ASP F 403 -15.90 34.44 -29.37
C ASP F 403 -16.32 34.71 -27.94
N GLU F 404 -17.41 34.12 -27.47
CA GLU F 404 -17.84 34.45 -26.12
C GLU F 404 -16.79 34.12 -25.09
N HIS F 405 -16.10 33.01 -25.26
CA HIS F 405 -15.13 32.63 -24.26
C HIS F 405 -13.69 32.84 -24.68
N LYS F 406 -13.45 33.60 -25.74
CA LYS F 406 -12.10 33.84 -26.20
C LYS F 406 -11.27 32.58 -26.36
N VAL F 407 -11.81 31.60 -27.06
CA VAL F 407 -11.09 30.37 -27.29
C VAL F 407 -9.85 30.66 -28.08
N THR F 408 -8.72 30.08 -27.69
CA THR F 408 -7.51 30.36 -28.43
C THR F 408 -7.03 29.19 -29.27
N GLN F 409 -7.39 27.97 -28.88
CA GLN F 409 -7.03 26.78 -29.64
C GLN F 409 -8.31 26.05 -30.08
N PHE F 410 -8.43 25.73 -31.37
CA PHE F 410 -9.61 24.98 -31.77
C PHE F 410 -9.26 23.74 -32.56
N TYR F 411 -9.50 22.59 -31.93
CA TYR F 411 -9.14 21.28 -32.45
C TYR F 411 -10.42 20.49 -32.77
N VAL F 412 -10.68 20.28 -34.07
CA VAL F 412 -11.95 19.72 -34.52
C VAL F 412 -11.85 18.57 -35.53
N ALA F 413 -12.73 17.59 -35.44
CA ALA F 413 -12.74 16.53 -36.45
C ALA F 413 -13.11 17.11 -37.81
N PRO F 414 -12.54 16.62 -38.90
CA PRO F 414 -12.82 17.07 -40.27
C PRO F 414 -14.24 16.85 -40.70
N THR F 415 -14.95 15.95 -40.05
CA THR F 415 -16.31 15.72 -40.44
C THR F 415 -17.13 16.90 -40.04
N ALA F 416 -16.80 17.47 -38.89
CA ALA F 416 -17.52 18.61 -38.45
C ALA F 416 -17.26 19.73 -39.39
N LEU F 417 -16.01 19.82 -39.84
CA LEU F 417 -15.69 20.91 -40.74
C LEU F 417 -16.46 20.79 -42.01
N ARG F 418 -16.60 19.59 -42.55
CA ARG F 418 -17.34 19.49 -43.78
C ARG F 418 -18.78 19.93 -43.59
N LEU F 419 -19.40 19.56 -42.48
CA LEU F 419 -20.79 19.96 -42.29
C LEU F 419 -20.93 21.47 -42.17
N LEU F 420 -20.00 22.10 -41.47
CA LEU F 420 -20.04 23.53 -41.30
C LEU F 420 -19.85 24.21 -42.64
N LYS F 421 -18.96 23.67 -43.43
CA LYS F 421 -18.71 24.21 -44.73
C LYS F 421 -19.96 24.16 -45.57
N ARG F 422 -20.68 23.07 -45.53
CA ARG F 422 -21.88 23.06 -46.32
C ARG F 422 -22.86 24.07 -45.83
N ALA F 423 -23.01 24.16 -44.52
CA ALA F 423 -23.99 25.11 -44.03
C ALA F 423 -23.81 26.45 -44.71
N GLY F 424 -22.58 26.82 -44.98
CA GLY F 424 -22.28 28.03 -45.71
C GLY F 424 -21.73 29.17 -44.88
N ASP F 425 -21.09 30.08 -45.58
CA ASP F 425 -20.41 31.22 -44.99
C ASP F 425 -21.36 32.23 -44.34
N SER F 426 -22.64 32.12 -44.64
CA SER F 426 -23.62 33.02 -44.06
C SER F 426 -23.70 32.86 -42.56
N TYR F 427 -23.19 31.76 -42.03
CA TYR F 427 -23.26 31.53 -40.61
C TYR F 427 -22.08 32.09 -39.84
N ILE F 428 -21.12 32.73 -40.55
CA ILE F 428 -19.96 33.35 -39.91
C ILE F 428 -19.83 34.83 -40.21
N GLU F 429 -20.86 35.42 -40.78
CA GLU F 429 -20.79 36.82 -41.17
C GLU F 429 -20.57 37.75 -40.00
N ASN F 430 -21.09 37.40 -38.85
CA ASN F 430 -20.97 38.26 -37.69
C ASN F 430 -19.96 37.79 -36.66
N HIS F 431 -18.93 37.02 -37.04
CA HIS F 431 -17.95 36.64 -36.04
C HIS F 431 -16.55 36.98 -36.49
N SER F 432 -15.74 37.51 -35.60
CA SER F 432 -14.38 37.81 -35.98
C SER F 432 -13.47 36.65 -35.71
N LEU F 433 -13.79 35.89 -34.67
CA LEU F 433 -12.98 34.77 -34.24
C LEU F 433 -11.52 35.18 -34.04
N LYS F 434 -11.30 36.45 -33.73
CA LYS F 434 -9.97 37.00 -33.61
C LYS F 434 -9.12 36.33 -32.57
N SER F 435 -9.70 35.86 -31.47
CA SER F 435 -8.90 35.25 -30.42
C SER F 435 -8.17 33.99 -30.84
N LEU F 436 -8.63 33.31 -31.86
CA LEU F 436 -7.96 32.06 -32.19
C LEU F 436 -6.55 32.30 -32.61
N ARG F 437 -5.65 31.45 -32.13
CA ARG F 437 -4.27 31.54 -32.53
C ARG F 437 -3.81 30.27 -33.20
N CYS F 438 -4.57 29.19 -33.06
CA CYS F 438 -4.19 27.93 -33.66
C CYS F 438 -5.39 27.07 -33.96
N LEU F 439 -5.43 26.52 -35.17
CA LEU F 439 -6.49 25.62 -35.60
C LEU F 439 -5.91 24.28 -35.85
N GLY F 440 -6.72 23.26 -35.78
CA GLY F 440 -6.24 21.95 -36.19
C GLY F 440 -7.35 20.95 -36.29
N SER F 441 -6.98 19.76 -36.74
CA SER F 441 -7.95 18.69 -36.93
C SER F 441 -7.34 17.31 -36.86
N VAL F 442 -8.24 16.35 -36.64
CA VAL F 442 -7.85 14.95 -36.50
C VAL F 442 -8.94 13.94 -36.82
N GLY F 443 -8.55 12.75 -37.31
CA GLY F 443 -9.46 11.64 -37.48
C GLY F 443 -9.64 11.14 -38.90
N GLU F 444 -9.35 11.96 -39.87
CA GLU F 444 -9.52 11.58 -41.24
C GLU F 444 -8.69 12.54 -42.07
N PRO F 445 -8.18 12.14 -43.24
CA PRO F 445 -7.46 13.05 -44.11
C PRO F 445 -8.31 14.23 -44.45
N ILE F 446 -7.68 15.39 -44.53
CA ILE F 446 -8.39 16.59 -44.91
C ILE F 446 -8.02 16.92 -46.35
N ALA F 447 -9.01 17.05 -47.20
CA ALA F 447 -8.74 17.40 -48.58
C ALA F 447 -8.18 18.80 -48.60
N ALA F 448 -7.29 19.11 -49.56
CA ALA F 448 -6.78 20.46 -49.63
C ALA F 448 -7.91 21.46 -49.77
N GLU F 449 -8.94 21.08 -50.49
CA GLU F 449 -10.07 21.98 -50.67
C GLU F 449 -10.68 22.43 -49.35
N VAL F 450 -10.75 21.53 -48.38
CA VAL F 450 -11.35 21.85 -47.11
C VAL F 450 -10.35 22.64 -46.32
N TRP F 451 -9.10 22.23 -46.39
CA TRP F 451 -8.04 22.89 -45.66
C TRP F 451 -8.02 24.34 -46.05
N GLU F 452 -8.11 24.63 -47.34
CA GLU F 452 -8.10 25.99 -47.81
C GLU F 452 -9.29 26.76 -47.31
N TRP F 453 -10.47 26.17 -47.32
CA TRP F 453 -11.64 26.87 -46.80
C TRP F 453 -11.47 27.20 -45.34
N TYR F 454 -11.02 26.24 -44.59
CA TYR F 454 -10.88 26.41 -43.18
C TYR F 454 -9.88 27.52 -42.91
N SER F 455 -8.75 27.49 -43.62
CA SER F 455 -7.73 28.51 -43.48
C SER F 455 -8.23 29.89 -43.81
N GLU F 456 -8.94 30.03 -44.93
CA GLU F 456 -9.44 31.31 -45.38
C GLU F 456 -10.59 31.90 -44.58
N LYS F 457 -11.58 31.11 -44.22
CA LYS F 457 -12.75 31.69 -43.60
C LYS F 457 -12.72 31.72 -42.09
N ILE F 458 -12.07 30.75 -41.47
CA ILE F 458 -12.02 30.70 -40.04
C ILE F 458 -10.70 31.23 -39.57
N GLY F 459 -9.62 30.74 -40.18
CA GLY F 459 -8.27 31.14 -39.78
C GLY F 459 -7.82 32.48 -40.38
N LYS F 460 -8.64 33.01 -41.27
CA LYS F 460 -8.42 34.26 -41.98
C LYS F 460 -7.06 34.36 -42.64
N ASN F 461 -6.54 33.26 -43.13
CA ASN F 461 -5.23 33.16 -43.75
C ASN F 461 -4.07 33.53 -42.83
N GLU F 462 -4.30 33.61 -41.53
CA GLU F 462 -3.24 33.94 -40.58
C GLU F 462 -2.91 32.81 -39.63
N ILE F 463 -3.91 32.07 -39.21
CA ILE F 463 -3.69 31.05 -38.22
C ILE F 463 -3.26 29.74 -38.85
N PRO F 464 -2.20 29.08 -38.38
CA PRO F 464 -1.76 27.80 -38.88
C PRO F 464 -2.77 26.73 -38.61
N ILE F 465 -2.88 25.77 -39.52
CA ILE F 465 -3.74 24.61 -39.30
C ILE F 465 -2.91 23.40 -39.09
N VAL F 466 -3.04 22.80 -37.93
CA VAL F 466 -2.29 21.62 -37.63
C VAL F 466 -3.07 20.37 -37.92
N ASP F 467 -2.68 19.68 -38.97
CA ASP F 467 -3.24 18.41 -39.37
C ASP F 467 -2.43 17.34 -38.69
N THR F 468 -2.99 16.74 -37.66
CA THR F 468 -2.22 15.81 -36.88
C THR F 468 -2.66 14.39 -37.09
N TYR F 469 -1.69 13.52 -37.20
CA TYR F 469 -1.94 12.12 -37.40
C TYR F 469 -1.55 11.29 -36.20
N TRP F 470 -2.50 10.52 -35.72
CA TRP F 470 -2.25 9.62 -34.62
C TRP F 470 -3.29 8.56 -34.48
N GLN F 471 -3.06 7.64 -33.55
CA GLN F 471 -3.91 6.49 -33.35
C GLN F 471 -4.17 6.28 -31.88
N THR F 472 -5.23 5.58 -31.54
CA THR F 472 -5.47 5.31 -30.14
C THR F 472 -4.25 4.72 -29.50
N GLU F 473 -3.67 3.74 -30.15
CA GLU F 473 -2.51 3.06 -29.62
C GLU F 473 -1.25 3.92 -29.51
N SER F 474 -1.16 5.04 -30.21
CA SER F 474 0.05 5.81 -30.07
C SER F 474 -0.02 6.67 -28.83
N GLY F 475 -1.25 7.06 -28.50
CA GLY F 475 -1.56 7.83 -27.30
C GLY F 475 -1.20 9.30 -27.40
N SER F 476 -0.60 9.68 -28.51
CA SER F 476 -0.12 11.02 -28.73
C SER F 476 0.17 11.19 -30.20
N HIS F 477 0.55 12.37 -30.59
CA HIS F 477 0.80 12.62 -31.99
C HIS F 477 1.96 11.80 -32.52
N LEU F 478 1.81 11.26 -33.74
CA LEU F 478 2.89 10.55 -34.37
C LEU F 478 3.55 11.43 -35.39
N VAL F 479 2.74 12.02 -36.26
CA VAL F 479 3.27 12.89 -37.30
C VAL F 479 2.44 14.15 -37.27
N THR F 480 3.09 15.30 -37.16
CA THR F 480 2.28 16.52 -37.09
C THR F 480 3.07 17.77 -37.34
N PRO F 481 2.47 18.79 -37.90
CA PRO F 481 3.05 20.09 -37.94
C PRO F 481 3.13 20.56 -36.56
N LEU F 482 4.11 21.39 -36.29
CA LEU F 482 4.18 22.01 -35.00
C LEU F 482 3.78 23.45 -35.20
N ALA F 483 3.07 23.99 -34.24
CA ALA F 483 2.58 25.36 -34.26
C ALA F 483 3.68 26.36 -34.01
N GLY F 484 3.28 27.61 -33.89
CA GLY F 484 4.25 28.64 -33.77
C GLY F 484 4.83 28.72 -35.15
N GLY F 485 6.06 29.16 -35.26
CA GLY F 485 6.66 29.31 -36.57
C GLY F 485 7.52 28.12 -36.92
N VAL F 486 7.34 27.00 -36.23
CA VAL F 486 8.30 25.94 -36.44
C VAL F 486 8.33 25.38 -37.83
N THR F 487 7.20 25.09 -38.45
CA THR F 487 7.34 24.47 -39.76
C THR F 487 6.44 25.04 -40.82
N PRO F 488 6.90 25.07 -42.07
CA PRO F 488 6.11 25.32 -43.24
C PRO F 488 5.14 24.18 -43.32
N MET F 489 3.98 24.43 -43.93
CA MET F 489 2.93 23.42 -44.04
C MET F 489 2.44 23.18 -45.42
N LYS F 490 2.09 21.95 -45.70
CA LYS F 490 1.49 21.72 -46.99
C LYS F 490 0.02 21.49 -46.78
N PRO F 491 -0.80 21.96 -47.65
CA PRO F 491 -2.16 21.67 -47.29
C PRO F 491 -2.34 20.21 -47.42
N GLY F 492 -3.01 19.59 -46.48
CA GLY F 492 -3.26 18.17 -46.62
C GLY F 492 -2.22 17.17 -46.18
N SER F 493 -1.12 17.60 -45.64
CA SER F 493 -0.15 16.64 -45.21
C SER F 493 0.38 16.87 -43.82
N ALA F 494 0.32 15.87 -42.97
CA ALA F 494 0.99 15.98 -41.70
C ALA F 494 2.42 16.26 -42.10
N SER F 495 3.25 16.74 -41.22
CA SER F 495 4.58 17.02 -41.69
C SER F 495 5.60 16.04 -41.20
N PHE F 496 6.18 16.30 -40.06
CA PHE F 496 7.29 15.52 -39.60
C PHE F 496 6.94 14.76 -38.34
N PRO F 497 7.63 13.66 -38.07
CA PRO F 497 7.45 12.87 -36.88
C PRO F 497 7.64 13.67 -35.62
N PHE F 498 6.81 13.36 -34.64
CA PHE F 498 6.87 14.02 -33.35
C PHE F 498 8.06 13.48 -32.60
N PHE F 499 8.60 14.30 -31.72
CA PHE F 499 9.80 13.94 -30.99
C PHE F 499 9.72 12.56 -30.42
N GLY F 500 10.77 11.81 -30.66
CA GLY F 500 10.94 10.46 -30.14
C GLY F 500 10.42 9.34 -31.03
N ILE F 501 9.74 9.68 -32.10
CA ILE F 501 9.18 8.65 -32.95
C ILE F 501 9.85 8.54 -34.30
N ASP F 502 10.62 7.48 -34.48
CA ASP F 502 11.38 7.32 -35.72
C ASP F 502 10.56 6.65 -36.82
N ALA F 503 9.63 7.41 -37.38
CA ALA F 503 8.75 6.92 -38.42
C ALA F 503 9.52 6.65 -39.71
N VAL F 504 9.13 5.57 -40.39
CA VAL F 504 9.72 5.15 -41.65
C VAL F 504 8.65 4.61 -42.59
N VAL F 505 8.82 4.80 -43.89
CA VAL F 505 7.89 4.19 -44.82
C VAL F 505 8.52 2.91 -45.29
N LEU F 506 7.79 1.82 -45.17
CA LEU F 506 8.32 0.51 -45.51
C LEU F 506 7.81 -0.02 -46.82
N ASP F 507 8.57 -0.90 -47.45
CA ASP F 507 8.06 -1.56 -48.60
C ASP F 507 6.78 -2.24 -48.15
N PRO F 508 5.66 -2.05 -48.82
CA PRO F 508 4.38 -2.57 -48.43
C PRO F 508 4.29 -4.06 -48.50
N ASN F 509 5.18 -4.71 -49.23
CA ASN F 509 5.03 -6.13 -49.39
C ASN F 509 6.00 -6.88 -48.54
N THR F 510 7.23 -6.40 -48.49
CA THR F 510 8.22 -7.17 -47.76
C THR F 510 9.51 -6.49 -47.39
N GLY F 511 10.11 -7.02 -46.35
CA GLY F 511 11.47 -6.68 -45.97
C GLY F 511 11.78 -5.24 -45.60
N GLU F 512 12.76 -4.74 -46.32
CA GLU F 512 13.38 -3.44 -46.21
C GLU F 512 12.50 -2.22 -46.34
N GLU F 513 12.99 -1.17 -45.70
CA GLU F 513 12.32 0.09 -45.79
C GLU F 513 12.64 0.77 -47.09
N LEU F 514 12.05 1.92 -47.30
CA LEU F 514 12.32 2.62 -48.53
C LEU F 514 13.17 3.85 -48.28
N ASN F 515 14.46 3.71 -48.59
CA ASN F 515 15.43 4.78 -48.42
C ASN F 515 15.57 5.46 -49.75
N THR F 516 14.78 6.50 -49.95
CA THR F 516 14.67 7.14 -51.24
C THR F 516 14.00 8.46 -51.17
N SER F 517 14.26 9.27 -52.19
CA SER F 517 13.61 10.56 -52.33
C SER F 517 12.11 10.47 -52.58
N HIS F 518 11.66 9.31 -53.05
CA HIS F 518 10.24 9.11 -53.30
C HIS F 518 9.79 7.75 -52.84
N ALA F 519 8.90 7.68 -51.86
CA ALA F 519 8.52 6.36 -51.38
C ALA F 519 7.05 6.19 -51.17
N GLU F 520 6.59 5.04 -51.58
CA GLU F 520 5.22 4.61 -51.39
C GLU F 520 5.22 3.34 -50.59
N GLY F 521 4.47 3.32 -49.51
CA GLY F 521 4.46 2.10 -48.73
C GLY F 521 3.56 2.21 -47.55
N VAL F 522 3.98 1.62 -46.45
CA VAL F 522 3.17 1.67 -45.25
C VAL F 522 3.94 2.36 -44.18
N LEU F 523 3.24 2.93 -43.22
CA LEU F 523 3.96 3.65 -42.21
C LEU F 523 4.29 2.76 -41.03
N ALA F 524 5.49 2.89 -40.52
CA ALA F 524 5.89 2.07 -39.39
C ALA F 524 6.87 2.80 -38.51
N VAL F 525 7.00 2.35 -37.29
CA VAL F 525 7.95 2.99 -36.43
C VAL F 525 9.03 2.06 -35.93
N LYS F 526 10.27 2.49 -36.06
CA LYS F 526 11.43 1.72 -35.64
C LYS F 526 11.62 1.44 -34.15
N ALA F 527 11.12 2.28 -33.25
CA ALA F 527 11.35 2.06 -31.82
C ALA F 527 10.19 2.56 -31.01
N ALA F 528 10.10 2.09 -29.79
CA ALA F 528 9.04 2.47 -28.87
C ALA F 528 9.24 3.87 -28.35
N TRP F 529 8.17 4.45 -27.80
CA TRP F 529 8.13 5.78 -27.22
C TRP F 529 7.26 5.70 -25.96
N PRO F 530 7.37 6.67 -25.03
CA PRO F 530 6.70 6.71 -23.74
C PRO F 530 5.22 6.49 -23.69
N SER F 531 4.45 6.87 -24.70
CA SER F 531 3.03 6.66 -24.53
C SER F 531 2.45 5.71 -25.52
N PHE F 532 3.22 4.71 -25.86
CA PHE F 532 2.76 3.66 -26.73
C PHE F 532 1.89 2.70 -25.93
N ALA F 533 0.72 2.34 -26.44
CA ALA F 533 -0.13 1.45 -25.70
C ALA F 533 0.65 0.23 -25.34
N ARG F 534 0.47 -0.19 -24.10
CA ARG F 534 1.25 -1.29 -23.60
C ARG F 534 0.64 -2.61 -23.93
N THR F 535 -0.67 -2.68 -23.91
CA THR F 535 -1.28 -3.94 -24.20
C THR F 535 -2.75 -3.83 -24.51
N ILE F 536 -3.38 -4.97 -24.69
CA ILE F 536 -4.82 -5.07 -24.82
C ILE F 536 -5.29 -5.84 -23.63
N TRP F 537 -6.20 -5.26 -22.89
CA TRP F 537 -6.65 -5.86 -21.66
C TRP F 537 -7.05 -7.28 -21.85
N LYS F 538 -6.39 -8.12 -21.10
CA LYS F 538 -6.58 -9.55 -21.08
C LYS F 538 -6.42 -10.25 -22.42
N ASN F 539 -5.56 -9.75 -23.28
CA ASN F 539 -5.32 -10.45 -24.52
C ASN F 539 -4.03 -9.99 -25.15
N HIS F 540 -2.91 -10.36 -24.56
CA HIS F 540 -1.67 -9.86 -25.06
C HIS F 540 -1.38 -10.46 -26.41
N ASP F 541 -1.87 -11.65 -26.68
CA ASP F 541 -1.58 -12.23 -27.97
C ASP F 541 -2.20 -11.42 -29.09
N ARG F 542 -3.42 -10.91 -28.92
CA ARG F 542 -4.02 -10.16 -29.99
C ARG F 542 -3.17 -8.95 -30.26
N TYR F 543 -2.69 -8.31 -29.21
CA TYR F 543 -1.85 -7.13 -29.34
C TYR F 543 -0.65 -7.41 -30.19
N LEU F 544 0.07 -8.47 -29.87
CA LEU F 544 1.26 -8.74 -30.62
C LEU F 544 0.99 -9.07 -32.06
N ASP F 545 -0.02 -9.91 -32.30
CA ASP F 545 -0.33 -10.29 -33.67
C ASP F 545 -0.80 -9.14 -34.52
N THR F 546 -1.50 -8.21 -33.91
CA THR F 546 -2.04 -7.08 -34.62
C THR F 546 -0.99 -6.05 -34.96
N TYR F 547 -0.12 -5.71 -34.01
CA TYR F 547 0.77 -4.61 -34.23
C TYR F 547 2.25 -4.90 -34.41
N LEU F 548 2.79 -5.93 -33.77
CA LEU F 548 4.23 -6.11 -33.81
C LEU F 548 4.70 -7.28 -34.64
N ASN F 549 3.87 -8.27 -34.83
CA ASN F 549 4.30 -9.42 -35.59
C ASN F 549 4.36 -9.23 -37.12
N PRO F 550 3.45 -8.47 -37.77
CA PRO F 550 3.52 -8.17 -39.18
C PRO F 550 4.76 -7.34 -39.33
N TYR F 551 5.44 -7.40 -40.48
CA TYR F 551 6.63 -6.57 -40.66
C TYR F 551 7.44 -6.49 -39.36
N PRO F 552 7.85 -7.62 -38.81
CA PRO F 552 8.40 -7.71 -37.49
C PRO F 552 9.62 -6.87 -37.38
N GLY F 553 9.76 -6.22 -36.25
CA GLY F 553 10.87 -5.34 -35.99
C GLY F 553 10.38 -3.92 -35.92
N TYR F 554 9.23 -3.66 -36.53
CA TYR F 554 8.67 -2.33 -36.54
C TYR F 554 7.26 -2.32 -36.00
N TYR F 555 6.83 -1.20 -35.50
CA TYR F 555 5.43 -1.08 -35.16
C TYR F 555 4.67 -0.81 -36.40
N PHE F 556 3.72 -1.65 -36.71
CA PHE F 556 2.98 -1.46 -37.94
C PHE F 556 1.81 -0.56 -37.69
N THR F 557 1.83 0.58 -38.35
CA THR F 557 0.81 1.55 -38.11
C THR F 557 -0.53 1.05 -38.58
N GLY F 558 -0.57 0.47 -39.76
CA GLY F 558 -1.81 0.00 -40.34
C GLY F 558 -2.31 0.94 -41.42
N ASP F 559 -1.74 2.13 -41.48
CA ASP F 559 -2.10 3.10 -42.48
C ASP F 559 -1.05 3.16 -43.55
N GLY F 560 -1.49 3.50 -44.75
CA GLY F 560 -0.62 3.67 -45.87
C GLY F 560 0.01 5.03 -45.79
N ALA F 561 1.13 5.20 -46.47
CA ALA F 561 1.78 6.48 -46.44
C ALA F 561 2.71 6.68 -47.60
N ALA F 562 3.04 7.92 -47.82
CA ALA F 562 4.03 8.21 -48.83
C ALA F 562 4.94 9.28 -48.34
N LYS F 563 6.21 9.10 -48.62
CA LYS F 563 7.18 10.08 -48.20
C LYS F 563 7.55 10.89 -49.40
N ASP F 564 7.34 12.18 -49.26
CA ASP F 564 7.55 13.12 -50.31
C ASP F 564 8.97 13.63 -50.38
N LYS F 565 9.18 14.47 -51.36
CA LYS F 565 10.42 15.17 -51.47
C LYS F 565 10.44 16.07 -50.25
N ASP F 566 11.60 16.29 -49.69
CA ASP F 566 11.76 17.19 -48.55
C ASP F 566 11.16 16.65 -47.25
N GLY F 567 10.76 15.39 -47.23
CA GLY F 567 10.37 14.76 -45.99
C GLY F 567 8.95 14.88 -45.49
N TYR F 568 8.03 15.40 -46.26
CA TYR F 568 6.69 15.48 -45.71
C TYR F 568 6.02 14.12 -45.82
N ILE F 569 5.34 13.68 -44.77
CA ILE F 569 4.67 12.38 -44.84
C ILE F 569 3.19 12.51 -45.11
N TRP F 570 2.77 11.96 -46.21
CA TRP F 570 1.39 11.99 -46.61
C TRP F 570 0.73 10.72 -46.10
N ILE F 571 -0.51 10.81 -45.68
CA ILE F 571 -1.21 9.61 -45.25
C ILE F 571 -2.16 9.23 -46.35
N LEU F 572 -2.05 8.00 -46.83
CA LEU F 572 -2.82 7.59 -47.99
C LEU F 572 -4.13 6.88 -47.70
N GLY F 573 -4.44 6.68 -46.43
CA GLY F 573 -5.64 5.96 -46.01
C GLY F 573 -5.24 4.61 -45.43
N ARG F 574 -6.18 3.89 -44.84
CA ARG F 574 -5.85 2.62 -44.22
C ARG F 574 -5.39 1.62 -45.25
N VAL F 575 -4.48 0.75 -44.87
CA VAL F 575 -3.97 -0.25 -45.80
C VAL F 575 -5.07 -1.18 -46.25
N ASP F 576 -5.90 -1.58 -45.32
CA ASP F 576 -7.00 -2.48 -45.57
C ASP F 576 -8.00 -1.99 -46.62
N ASP F 577 -8.09 -0.69 -46.87
CA ASP F 577 -9.05 -0.17 -47.82
C ASP F 577 -8.47 0.09 -49.18
N VAL F 578 -7.21 -0.25 -49.40
CA VAL F 578 -6.63 0.02 -50.70
C VAL F 578 -7.35 -0.74 -51.77
N VAL F 579 -7.69 -0.04 -52.85
CA VAL F 579 -8.39 -0.68 -53.92
C VAL F 579 -7.36 -1.09 -54.94
N ASN F 580 -7.33 -2.35 -55.25
CA ASN F 580 -6.35 -2.84 -56.18
C ASN F 580 -6.90 -2.86 -57.58
N VAL F 581 -6.29 -2.08 -58.46
CA VAL F 581 -6.70 -1.99 -59.84
C VAL F 581 -5.50 -2.50 -60.62
N SER F 582 -5.72 -2.97 -61.84
CA SER F 582 -4.60 -3.59 -62.50
C SER F 582 -3.48 -2.62 -62.65
N GLY F 583 -3.78 -1.40 -63.00
CA GLY F 583 -2.74 -0.45 -63.23
C GLY F 583 -1.89 -0.18 -62.02
N HIS F 584 -2.50 0.15 -60.89
CA HIS F 584 -1.75 0.46 -59.66
C HIS F 584 -2.60 0.45 -58.38
N ARG F 585 -1.93 0.40 -57.23
CA ARG F 585 -2.59 0.46 -55.95
C ARG F 585 -3.34 1.77 -55.97
N LEU F 586 -4.45 1.83 -55.31
CA LEU F 586 -5.17 3.06 -55.37
C LEU F 586 -5.37 3.60 -54.00
N SER F 587 -5.04 4.86 -53.84
CA SER F 587 -5.14 5.52 -52.56
C SER F 587 -6.48 6.15 -52.44
N THR F 588 -7.20 5.76 -51.41
CA THR F 588 -8.51 6.32 -51.24
C THR F 588 -8.38 7.80 -50.90
N ALA F 589 -7.33 8.18 -50.17
CA ALA F 589 -7.18 9.58 -49.85
C ALA F 589 -7.01 10.44 -51.10
N GLU F 590 -6.21 9.98 -52.05
CA GLU F 590 -5.99 10.80 -53.23
C GLU F 590 -7.23 10.94 -54.09
N ILE F 591 -7.92 9.84 -54.34
CA ILE F 591 -9.09 9.97 -55.17
C ILE F 591 -10.17 10.78 -54.51
N GLU F 592 -10.35 10.67 -53.20
CA GLU F 592 -11.39 11.46 -52.58
C GLU F 592 -11.04 12.93 -52.71
N ALA F 593 -9.76 13.27 -52.59
CA ALA F 593 -9.36 14.65 -52.73
C ALA F 593 -9.72 15.17 -54.12
N ALA F 594 -9.54 14.34 -55.14
CA ALA F 594 -9.91 14.81 -56.46
C ALA F 594 -11.40 15.04 -56.60
N ILE F 595 -12.20 14.13 -56.07
CA ILE F 595 -13.64 14.23 -56.24
C ILE F 595 -14.22 15.48 -55.64
N ILE F 596 -13.77 15.88 -54.45
CA ILE F 596 -14.29 17.08 -53.78
C ILE F 596 -14.10 18.39 -54.58
N GLU F 597 -13.27 18.40 -55.62
CA GLU F 597 -13.13 19.60 -56.42
C GLU F 597 -14.45 19.73 -57.17
N ASP F 598 -14.67 20.76 -57.99
CA ASP F 598 -15.99 20.89 -58.63
C ASP F 598 -17.03 21.10 -57.53
N PRO F 599 -17.10 22.30 -56.97
CA PRO F 599 -17.86 22.64 -55.78
C PRO F 599 -19.36 22.61 -55.95
N ILE F 600 -19.83 21.40 -56.19
CA ILE F 600 -21.19 20.99 -56.28
C ILE F 600 -21.22 19.82 -55.34
N VAL F 601 -20.01 19.26 -55.15
CA VAL F 601 -19.78 18.12 -54.27
C VAL F 601 -19.52 18.61 -52.89
N ALA F 602 -20.24 18.05 -51.95
CA ALA F 602 -20.06 18.41 -50.56
C ALA F 602 -19.17 17.44 -49.85
N GLU F 603 -19.43 16.16 -50.05
CA GLU F 603 -18.70 15.11 -49.36
C GLU F 603 -18.52 13.92 -50.30
N CYS F 604 -17.54 13.09 -50.03
CA CYS F 604 -17.34 11.90 -50.84
C CYS F 604 -16.55 10.81 -50.18
N ALA F 605 -16.94 9.57 -50.46
CA ALA F 605 -16.17 8.41 -50.04
C ALA F 605 -16.00 7.46 -51.20
N VAL F 606 -14.81 6.91 -51.33
CA VAL F 606 -14.52 5.96 -52.38
C VAL F 606 -14.36 4.59 -51.83
N VAL F 607 -15.11 3.71 -52.45
CA VAL F 607 -15.26 2.35 -52.03
C VAL F 607 -14.87 1.35 -53.13
N GLY F 608 -14.05 0.36 -52.81
CA GLY F 608 -13.72 -0.63 -53.82
C GLY F 608 -14.96 -1.47 -54.09
N PHE F 609 -15.21 -1.89 -55.32
CA PHE F 609 -16.35 -2.80 -55.43
C PHE F 609 -16.12 -3.94 -56.43
N ASN F 610 -16.58 -5.12 -56.02
CA ASN F 610 -16.41 -6.35 -56.78
C ASN F 610 -16.96 -6.18 -58.18
N ASP F 611 -16.14 -6.53 -59.15
CA ASP F 611 -16.49 -6.39 -60.55
C ASP F 611 -15.78 -7.46 -61.33
N ASP F 612 -15.96 -7.49 -62.64
CA ASP F 612 -15.34 -8.48 -63.53
C ASP F 612 -13.97 -8.00 -64.00
N LEU F 613 -13.56 -6.88 -63.47
CA LEU F 613 -12.30 -6.24 -63.72
C LEU F 613 -11.22 -6.92 -62.91
N THR F 614 -9.99 -6.78 -63.36
CA THR F 614 -8.90 -7.24 -62.53
C THR F 614 -9.00 -6.49 -61.22
N GLY F 615 -8.95 -7.22 -60.11
CA GLY F 615 -9.10 -6.61 -58.80
C GLY F 615 -10.52 -6.08 -58.61
N GLN F 616 -10.63 -4.81 -58.30
CA GLN F 616 -11.94 -4.20 -58.07
C GLN F 616 -12.18 -2.92 -58.84
N ALA F 617 -13.44 -2.60 -59.00
CA ALA F 617 -13.88 -1.37 -59.60
C ALA F 617 -13.84 -0.27 -58.59
N VAL F 618 -13.81 0.93 -59.07
CA VAL F 618 -13.91 2.05 -58.17
C VAL F 618 -15.35 2.57 -58.15
N ALA F 619 -15.90 2.67 -56.95
CA ALA F 619 -17.24 3.19 -56.76
C ALA F 619 -17.16 4.39 -55.86
N ALA F 620 -18.09 5.32 -55.99
CA ALA F 620 -18.02 6.45 -55.09
C ALA F 620 -19.38 6.92 -54.66
N PHE F 621 -19.42 7.32 -53.41
CA PHE F 621 -20.60 7.85 -52.81
C PHE F 621 -20.41 9.32 -52.68
N VAL F 622 -21.23 10.05 -53.38
CA VAL F 622 -21.07 11.47 -53.45
C VAL F 622 -22.28 12.21 -52.94
N VAL F 623 -22.03 13.15 -52.07
CA VAL F 623 -23.08 13.96 -51.49
C VAL F 623 -23.05 15.30 -52.17
N LEU F 624 -24.18 15.74 -52.69
CA LEU F 624 -24.19 17.04 -53.33
C LEU F 624 -24.58 18.09 -52.32
N LYS F 625 -24.03 19.28 -52.50
CA LYS F 625 -24.23 20.39 -51.56
C LYS F 625 -25.64 20.89 -51.36
N ASN F 626 -26.44 20.94 -52.42
CA ASN F 626 -27.79 21.47 -52.29
C ASN F 626 -28.82 20.46 -52.75
N LYS F 627 -29.85 20.25 -51.93
CA LYS F 627 -30.89 19.28 -52.28
C LYS F 627 -31.67 19.66 -53.53
N SER F 628 -31.93 20.95 -53.69
CA SER F 628 -32.72 21.42 -54.84
C SER F 628 -32.05 21.03 -56.14
N ASN F 629 -30.73 21.17 -56.22
CA ASN F 629 -30.02 20.74 -57.42
C ASN F 629 -30.12 19.24 -57.53
N TRP F 630 -29.99 18.55 -56.40
CA TRP F 630 -30.05 17.10 -56.36
C TRP F 630 -31.41 16.54 -56.75
N SER F 631 -32.48 17.17 -56.31
CA SER F 631 -33.80 16.70 -56.67
C SER F 631 -34.33 17.44 -57.88
N THR F 632 -34.22 16.77 -59.03
CA THR F 632 -34.60 17.29 -60.33
C THR F 632 -34.81 16.12 -61.27
N ALA F 633 -35.21 16.40 -62.52
CA ALA F 633 -35.40 15.30 -63.45
C ALA F 633 -34.04 14.71 -63.65
N THR F 634 -33.91 13.44 -63.28
CA THR F 634 -32.64 12.74 -63.28
C THR F 634 -31.98 12.60 -64.64
N ASP F 635 -32.76 12.27 -65.64
CA ASP F 635 -32.17 12.14 -66.96
C ASP F 635 -31.59 13.47 -67.39
N ASP F 636 -32.29 14.53 -67.02
CA ASP F 636 -32.03 15.87 -67.44
C ASP F 636 -30.67 16.31 -66.94
N GLU F 637 -30.44 16.19 -65.63
CA GLU F 637 -29.23 16.74 -65.05
C GLU F 637 -28.34 15.82 -64.22
N LEU F 638 -28.88 14.83 -63.53
CA LEU F 638 -27.96 14.12 -62.63
C LEU F 638 -26.94 13.39 -63.48
N GLN F 639 -27.35 13.04 -64.69
CA GLN F 639 -26.47 12.38 -65.62
C GLN F 639 -25.24 13.23 -65.95
N ASP F 640 -25.34 14.55 -65.90
CA ASP F 640 -24.19 15.36 -66.26
C ASP F 640 -23.35 15.51 -65.03
N ILE F 641 -23.99 15.50 -63.89
CA ILE F 641 -23.21 15.58 -62.71
C ILE F 641 -22.29 14.39 -62.69
N LYS F 642 -22.82 13.23 -63.00
CA LYS F 642 -21.98 12.07 -63.03
C LYS F 642 -20.86 12.20 -64.06
N LYS F 643 -21.15 12.73 -65.25
CA LYS F 643 -20.10 12.91 -66.26
C LYS F 643 -19.00 13.81 -65.75
N HIS F 644 -19.37 14.88 -65.08
CA HIS F 644 -18.36 15.81 -64.61
C HIS F 644 -17.50 15.19 -63.54
N LEU F 645 -18.12 14.44 -62.65
CA LEU F 645 -17.36 13.86 -61.57
C LEU F 645 -16.33 12.86 -62.08
N VAL F 646 -16.73 12.04 -63.06
CA VAL F 646 -15.80 11.06 -63.57
C VAL F 646 -14.74 11.73 -64.41
N PHE F 647 -15.11 12.77 -65.14
CA PHE F 647 -14.18 13.51 -65.97
C PHE F 647 -13.03 14.03 -65.16
N THR F 648 -13.33 14.72 -64.07
CA THR F 648 -12.28 15.26 -63.24
C THR F 648 -11.36 14.19 -62.72
N VAL F 649 -11.89 13.11 -62.21
CA VAL F 649 -10.95 12.16 -61.68
C VAL F 649 -10.08 11.62 -62.80
N ARG F 650 -10.72 11.30 -63.92
CA ARG F 650 -10.00 10.75 -65.05
C ARG F 650 -8.86 11.63 -65.50
N LYS F 651 -9.04 12.95 -65.55
CA LYS F 651 -7.95 13.78 -66.01
C LYS F 651 -6.88 14.06 -64.96
N ASP F 652 -7.27 14.22 -63.70
CA ASP F 652 -6.28 14.55 -62.68
C ASP F 652 -5.59 13.37 -62.03
N ILE F 653 -6.27 12.25 -61.86
CA ILE F 653 -5.67 11.11 -61.21
C ILE F 653 -5.30 10.07 -62.24
N GLY F 654 -6.23 9.79 -63.14
CA GLY F 654 -6.05 8.80 -64.17
C GLY F 654 -7.24 7.86 -64.29
N PRO F 655 -7.27 7.20 -65.45
CA PRO F 655 -8.24 6.27 -66.00
C PRO F 655 -8.44 5.09 -65.12
N PHE F 656 -7.39 4.53 -64.52
CA PHE F 656 -7.70 3.41 -63.66
C PHE F 656 -8.53 3.85 -62.47
N ALA F 657 -8.20 5.00 -61.88
CA ALA F 657 -8.93 5.49 -60.72
C ALA F 657 -10.36 5.95 -60.96
N ALA F 658 -10.57 6.68 -62.03
CA ALA F 658 -11.86 7.19 -62.38
C ALA F 658 -12.93 6.19 -61.96
N PRO F 659 -13.97 6.63 -61.25
CA PRO F 659 -15.05 5.78 -60.78
C PRO F 659 -15.93 5.34 -61.91
N LYS F 660 -16.56 4.20 -61.69
CA LYS F 660 -17.57 3.70 -62.59
C LYS F 660 -18.93 3.84 -61.99
N LEU F 661 -19.05 3.53 -60.71
CA LEU F 661 -20.35 3.64 -60.10
C LEU F 661 -20.41 4.90 -59.28
N ILE F 662 -21.21 5.86 -59.74
CA ILE F 662 -21.37 7.07 -58.96
C ILE F 662 -22.74 7.08 -58.36
N ILE F 663 -22.78 7.07 -57.05
CA ILE F 663 -24.02 6.99 -56.35
C ILE F 663 -24.21 8.33 -55.68
N LEU F 664 -25.27 9.04 -56.03
CA LEU F 664 -25.48 10.36 -55.46
C LEU F 664 -26.43 10.21 -54.30
N VAL F 665 -25.97 10.56 -53.12
CA VAL F 665 -26.73 10.33 -51.90
C VAL F 665 -26.93 11.59 -51.10
N ASP F 666 -27.85 11.53 -50.14
CA ASP F 666 -28.10 12.66 -49.28
C ASP F 666 -27.06 12.82 -48.18
N ASP F 667 -26.47 11.72 -47.73
CA ASP F 667 -25.43 11.77 -46.71
C ASP F 667 -24.60 10.48 -46.67
N LEU F 668 -23.55 10.48 -45.85
CA LEU F 668 -22.69 9.32 -45.61
C LEU F 668 -22.77 8.95 -44.14
N PRO F 669 -22.64 7.68 -43.79
CA PRO F 669 -22.65 7.24 -42.41
C PRO F 669 -21.40 7.75 -41.76
N LYS F 670 -21.53 8.28 -40.57
CA LYS F 670 -20.38 8.81 -39.86
C LYS F 670 -20.29 8.27 -38.46
N THR F 671 -19.09 8.15 -37.94
CA THR F 671 -18.95 7.65 -36.60
C THR F 671 -18.89 8.72 -35.55
N ARG F 672 -19.10 8.29 -34.32
CA ARG F 672 -18.96 9.16 -33.17
C ARG F 672 -17.53 9.66 -33.06
N SER F 673 -16.59 8.82 -33.48
CA SER F 673 -15.17 9.09 -33.48
C SER F 673 -14.73 10.03 -34.59
N GLY F 674 -15.62 10.43 -35.48
CA GLY F 674 -15.20 11.37 -36.50
C GLY F 674 -14.79 10.85 -37.87
N LYS F 675 -15.26 9.70 -38.29
CA LYS F 675 -14.86 9.14 -39.57
C LYS F 675 -15.97 8.67 -40.44
N ILE F 676 -15.80 8.72 -41.75
CA ILE F 676 -16.84 8.11 -42.58
C ILE F 676 -16.74 6.62 -42.39
N MET F 677 -17.84 5.97 -42.08
CA MET F 677 -17.77 4.55 -41.84
C MET F 677 -17.80 3.77 -43.15
N ARG F 678 -16.67 3.80 -43.81
CA ARG F 678 -16.53 3.22 -45.14
C ARG F 678 -16.82 1.76 -45.16
N ARG F 679 -16.56 1.06 -44.07
CA ARG F 679 -16.86 -0.35 -44.07
C ARG F 679 -18.33 -0.61 -44.35
N ILE F 680 -19.23 0.23 -43.84
CA ILE F 680 -20.63 0.00 -44.10
C ILE F 680 -20.89 0.17 -45.54
N LEU F 681 -20.36 1.25 -46.09
CA LEU F 681 -20.63 1.50 -47.47
C LEU F 681 -20.14 0.34 -48.31
N ARG F 682 -18.99 -0.20 -47.96
CA ARG F 682 -18.45 -1.30 -48.72
C ARG F 682 -19.36 -2.50 -48.66
N LYS F 683 -19.86 -2.83 -47.50
CA LYS F 683 -20.72 -3.99 -47.42
C LYS F 683 -22.03 -3.77 -48.16
N ILE F 684 -22.61 -2.59 -48.03
CA ILE F 684 -23.88 -2.38 -48.70
C ILE F 684 -23.68 -2.48 -50.17
N LEU F 685 -22.64 -1.83 -50.65
CA LEU F 685 -22.37 -1.81 -52.05
C LEU F 685 -22.12 -3.20 -52.60
N ALA F 686 -21.37 -4.02 -51.85
CA ALA F 686 -21.09 -5.38 -52.26
C ALA F 686 -22.36 -6.20 -52.43
N GLY F 687 -23.35 -5.94 -51.58
CA GLY F 687 -24.62 -6.63 -51.63
C GLY F 687 -25.01 -7.22 -50.28
N GLU F 688 -24.02 -7.40 -49.41
CA GLU F 688 -24.27 -7.92 -48.07
C GLU F 688 -24.63 -6.78 -47.15
N SER F 689 -25.78 -6.17 -47.42
CA SER F 689 -26.26 -5.00 -46.71
C SER F 689 -26.88 -5.28 -45.37
N ASP F 690 -27.12 -6.53 -45.07
CA ASP F 690 -27.71 -6.92 -43.81
C ASP F 690 -26.67 -6.98 -42.71
N GLN F 691 -25.59 -7.69 -42.97
CA GLN F 691 -24.63 -7.89 -41.91
C GLN F 691 -23.70 -6.73 -41.67
N LEU F 692 -24.26 -5.67 -41.15
CA LEU F 692 -23.54 -4.44 -40.86
C LEU F 692 -23.14 -4.32 -39.39
N GLY F 693 -23.58 -5.26 -38.58
CA GLY F 693 -23.33 -5.20 -37.17
C GLY F 693 -24.24 -4.15 -36.57
N ASP F 694 -23.88 -3.65 -35.40
CA ASP F 694 -24.74 -2.72 -34.71
C ASP F 694 -24.59 -1.34 -35.33
N VAL F 695 -25.70 -0.81 -35.82
CA VAL F 695 -25.67 0.50 -36.44
C VAL F 695 -25.27 1.56 -35.45
N SER F 696 -25.53 1.32 -34.16
CA SER F 696 -25.26 2.33 -33.15
C SER F 696 -23.80 2.45 -32.77
N THR F 697 -23.04 2.86 -33.77
CA THR F 697 -21.65 3.16 -33.69
C THR F 697 -21.57 4.49 -34.39
N LEU F 698 -22.64 4.75 -35.15
CA LEU F 698 -22.78 5.91 -35.97
C LEU F 698 -23.39 7.06 -35.20
N SER F 699 -23.05 8.25 -35.64
CA SER F 699 -23.61 9.48 -35.11
C SER F 699 -24.93 9.84 -35.77
N ASN F 700 -25.22 9.17 -36.87
CA ASN F 700 -26.43 9.38 -37.65
C ASN F 700 -27.26 8.14 -37.99
N PRO F 701 -27.42 7.20 -37.07
CA PRO F 701 -28.08 5.95 -37.32
C PRO F 701 -29.44 6.29 -37.80
N GLY F 702 -29.87 5.53 -38.78
CA GLY F 702 -31.14 5.76 -39.43
C GLY F 702 -30.79 5.92 -40.89
N ILE F 703 -29.63 6.54 -41.13
CA ILE F 703 -29.11 6.78 -42.46
C ILE F 703 -29.04 5.55 -43.33
N VAL F 704 -28.80 4.40 -42.73
CA VAL F 704 -28.67 3.19 -43.47
C VAL F 704 -29.90 2.94 -44.31
N ARG F 705 -31.07 3.30 -43.84
CA ARG F 705 -32.25 3.05 -44.63
C ARG F 705 -32.11 3.63 -46.04
N HIS F 706 -31.57 4.84 -46.13
CA HIS F 706 -31.44 5.48 -47.42
C HIS F 706 -30.29 4.94 -48.18
N LEU F 707 -29.21 4.61 -47.48
CA LEU F 707 -28.04 4.17 -48.19
C LEU F 707 -28.38 2.93 -48.96
N ILE F 708 -29.18 2.05 -48.34
CA ILE F 708 -29.52 0.84 -49.03
C ILE F 708 -30.34 1.14 -50.26
N ASP F 709 -31.36 1.98 -50.14
CA ASP F 709 -32.14 2.27 -51.34
C ASP F 709 -31.31 2.90 -52.45
N SER F 710 -30.41 3.81 -52.11
CA SER F 710 -29.62 4.50 -53.12
C SER F 710 -28.72 3.55 -53.87
N VAL F 711 -28.08 2.64 -53.15
CA VAL F 711 -27.21 1.67 -53.77
C VAL F 711 -27.96 0.75 -54.69
N LYS F 712 -29.09 0.21 -54.22
CA LYS F 712 -29.85 -0.70 -55.05
C LYS F 712 -30.22 -0.04 -56.37
N LEU F 713 -30.67 1.20 -56.30
CA LEU F 713 -31.07 1.94 -57.47
C LEU F 713 -30.24 3.20 -57.60
N HIS G 38 28.72 68.96 45.47
CA HIS G 38 28.02 69.55 44.40
C HIS G 38 27.23 68.51 43.65
N GLU G 39 27.44 68.42 42.35
CA GLU G 39 26.79 67.43 41.56
C GLU G 39 27.88 66.45 41.48
N TYR G 40 27.83 65.53 42.42
CA TYR G 40 28.85 64.54 42.60
C TYR G 40 30.02 65.04 43.42
N GLU G 41 29.81 66.13 44.16
CA GLU G 41 30.88 66.61 45.01
C GLU G 41 31.32 65.56 45.98
N HIS G 42 30.41 64.76 46.51
CA HIS G 42 30.89 63.74 47.43
C HIS G 42 31.78 62.75 46.70
N LEU G 43 31.25 62.17 45.63
CA LEU G 43 31.98 61.18 44.86
C LEU G 43 33.37 61.58 44.42
N THR G 44 33.51 62.80 43.95
CA THR G 44 34.77 63.20 43.38
C THR G 44 35.72 63.89 44.35
N SER G 45 35.31 64.09 45.58
CA SER G 45 36.15 64.84 46.50
C SER G 45 37.14 63.94 47.19
N VAL G 46 38.16 63.59 46.45
CA VAL G 46 39.12 62.64 46.96
C VAL G 46 40.53 63.14 46.77
N LYS G 47 41.45 62.53 47.50
CA LYS G 47 42.87 62.79 47.41
C LYS G 47 43.48 62.00 46.27
N ILE G 48 44.46 62.60 45.62
CA ILE G 48 45.20 61.93 44.58
C ILE G 48 46.32 61.12 45.17
N VAL G 49 46.39 59.86 44.77
CA VAL G 49 47.43 59.00 45.26
C VAL G 49 48.46 58.81 44.15
N PRO G 50 49.71 59.20 44.35
CA PRO G 50 50.79 59.11 43.38
C PRO G 50 51.21 57.67 43.37
N GLN G 51 51.89 57.21 42.32
CA GLN G 51 52.34 55.83 42.32
C GLN G 51 53.77 55.83 42.79
N ARG G 52 54.12 54.84 43.58
CA ARG G 52 55.42 54.68 44.16
C ARG G 52 56.18 53.74 43.26
N PRO G 53 57.48 53.87 43.12
CA PRO G 53 58.28 52.99 42.32
C PRO G 53 58.32 51.64 42.95
N ILE G 54 58.41 50.62 42.12
CA ILE G 54 58.55 49.27 42.59
C ILE G 54 59.83 48.69 42.08
N SER G 55 60.68 48.21 42.96
CA SER G 55 61.91 47.60 42.50
C SER G 55 62.10 46.39 43.34
N ASP G 56 61.49 46.47 44.47
CA ASP G 56 61.62 45.51 45.52
C ASP G 56 60.63 44.38 45.43
N ARG G 57 59.88 44.37 44.34
CA ARG G 57 58.97 43.30 44.05
C ARG G 57 59.35 42.68 42.72
N LEU G 58 60.50 43.05 42.19
CA LEU G 58 60.86 42.45 40.93
C LEU G 58 61.45 41.09 41.17
N GLN G 59 61.22 40.19 40.25
CA GLN G 59 61.82 38.88 40.34
C GLN G 59 63.14 38.95 39.60
N PRO G 60 64.12 38.11 39.94
CA PRO G 60 65.43 38.04 39.31
C PRO G 60 65.39 38.06 37.80
N ALA G 61 64.36 37.46 37.21
CA ALA G 61 64.17 37.40 35.77
C ALA G 61 64.23 38.76 35.09
N ILE G 62 63.68 39.78 35.75
CA ILE G 62 63.66 41.10 35.18
C ILE G 62 64.36 42.10 36.05
N ALA G 63 64.82 41.66 37.19
CA ALA G 63 65.46 42.58 38.09
C ALA G 63 66.63 43.29 37.45
N THR G 64 67.31 42.65 36.50
CA THR G 64 68.46 43.27 35.90
C THR G 64 68.17 44.19 34.73
N HIS G 65 66.97 44.17 34.19
CA HIS G 65 66.72 45.00 33.02
C HIS G 65 65.39 45.73 33.02
N TYR G 66 64.56 45.54 34.04
CA TYR G 66 63.27 46.17 34.09
C TYR G 66 63.29 47.66 33.95
N SER G 67 62.41 48.13 33.10
CA SER G 67 62.18 49.52 32.86
C SER G 67 60.78 49.62 32.29
N PRO G 68 59.97 50.56 32.72
CA PRO G 68 58.61 50.74 32.27
C PRO G 68 58.57 51.11 30.83
N HIS G 69 57.48 50.79 30.14
CA HIS G 69 57.38 51.15 28.73
C HIS G 69 57.12 52.64 28.52
N LEU G 70 56.42 53.28 29.45
CA LEU G 70 56.18 54.71 29.41
C LEU G 70 56.86 55.29 30.62
N ASP G 71 57.66 56.33 30.43
CA ASP G 71 58.44 56.89 31.52
C ASP G 71 57.68 57.80 32.48
N GLY G 72 56.59 58.43 32.03
CA GLY G 72 55.85 59.32 32.90
C GLY G 72 54.63 59.90 32.22
N LEU G 73 53.90 60.71 32.97
CA LEU G 73 52.67 61.31 32.51
C LEU G 73 52.93 62.19 31.32
N GLN G 74 54.07 62.87 31.31
CA GLN G 74 54.37 63.75 30.22
C GLN G 74 54.57 63.00 28.91
N ASP G 75 54.90 61.71 28.95
CA ASP G 75 55.07 61.00 27.71
C ASP G 75 53.73 60.51 27.30
N TYR G 76 52.92 60.14 28.28
CA TYR G 76 51.58 59.77 27.96
C TYR G 76 50.95 60.93 27.25
N GLN G 77 51.07 62.11 27.81
CA GLN G 77 50.40 63.23 27.22
C GLN G 77 50.86 63.53 25.82
N ARG G 78 52.16 63.48 25.54
CA ARG G 78 52.53 63.83 24.18
C ARG G 78 52.21 62.71 23.22
N LEU G 79 52.32 61.47 23.68
CA LEU G 79 52.08 60.33 22.82
C LEU G 79 50.61 60.24 22.49
N HIS G 80 49.77 60.50 23.48
CA HIS G 80 48.34 60.50 23.29
C HIS G 80 48.02 61.53 22.27
N LYS G 81 48.55 62.74 22.44
CA LYS G 81 48.29 63.75 21.45
C LYS G 81 48.57 63.24 20.05
N GLU G 82 49.74 62.62 19.83
CA GLU G 82 50.08 62.12 18.49
C GLU G 82 49.10 61.06 18.02
N SER G 83 48.70 60.18 18.92
CA SER G 83 47.79 59.11 18.57
C SER G 83 46.47 59.65 18.06
N ILE G 84 46.00 60.74 18.63
CA ILE G 84 44.75 61.32 18.18
C ILE G 84 44.95 62.12 16.91
N GLU G 85 45.96 62.98 16.89
CA GLU G 85 46.18 63.85 15.72
C GLU G 85 46.59 63.12 14.45
N ASP G 86 47.39 62.06 14.54
CA ASP G 86 47.80 61.38 13.31
C ASP G 86 48.03 59.88 13.52
N PRO G 87 46.94 59.09 13.57
CA PRO G 87 46.91 57.65 13.82
C PRO G 87 47.71 56.89 12.81
N ALA G 88 47.86 57.50 11.65
CA ALA G 88 48.58 56.95 10.52
C ALA G 88 49.98 56.59 10.91
N LYS G 89 50.57 57.35 11.80
CA LYS G 89 51.92 57.03 12.17
C LYS G 89 51.91 56.28 13.48
N PHE G 90 51.10 56.71 14.43
CA PHE G 90 51.13 56.01 15.71
C PHE G 90 50.79 54.53 15.59
N PHE G 91 49.64 54.23 15.00
CA PHE G 91 49.24 52.85 14.88
C PHE G 91 49.95 52.26 13.72
N GLY G 92 50.12 53.03 12.69
CA GLY G 92 50.79 52.53 11.52
C GLY G 92 52.07 51.79 11.88
N SER G 93 52.92 52.42 12.69
CA SER G 93 54.15 51.79 13.09
C SER G 93 53.98 50.66 14.09
N LYS G 94 53.18 50.85 15.13
CA LYS G 94 53.07 49.79 16.11
C LYS G 94 52.50 48.52 15.49
N ALA G 95 51.65 48.70 14.50
CA ALA G 95 51.04 47.60 13.80
C ALA G 95 52.05 46.70 13.14
N THR G 96 53.20 47.22 12.70
CA THR G 96 54.13 46.34 12.05
C THR G 96 55.24 45.95 12.98
N GLN G 97 55.43 46.72 14.03
CA GLN G 97 56.47 46.41 14.97
C GLN G 97 56.07 45.31 15.92
N PHE G 98 54.78 45.14 16.20
CA PHE G 98 54.41 44.10 17.13
C PHE G 98 53.65 42.92 16.54
N LEU G 99 53.18 43.01 15.32
CA LEU G 99 52.44 41.92 14.70
C LEU G 99 53.23 41.41 13.53
N ASN G 100 53.21 40.12 13.34
CA ASN G 100 53.95 39.54 12.24
C ASN G 100 53.01 39.28 11.07
N TRP G 101 53.13 40.11 10.05
CA TRP G 101 52.27 40.11 8.88
C TRP G 101 52.72 39.14 7.83
N SER G 102 51.77 38.50 7.15
CA SER G 102 52.09 37.60 6.03
C SER G 102 52.21 38.42 4.79
N LYS G 103 51.45 39.49 4.75
CA LYS G 103 51.43 40.41 3.66
C LYS G 103 51.30 41.78 4.29
N PRO G 104 52.14 42.75 3.93
CA PRO G 104 52.09 44.08 4.47
C PRO G 104 50.85 44.77 4.03
N PHE G 105 50.38 45.71 4.83
CA PHE G 105 49.20 46.48 4.49
C PHE G 105 49.58 47.77 3.80
N ASP G 106 48.63 48.33 3.07
CA ASP G 106 48.85 49.58 2.38
C ASP G 106 48.33 50.77 3.15
N LYS G 107 47.19 50.63 3.79
CA LYS G 107 46.62 51.79 4.44
C LYS G 107 46.27 51.59 5.88
N VAL G 108 46.68 52.53 6.69
CA VAL G 108 46.39 52.35 8.07
C VAL G 108 44.90 52.44 8.29
N PHE G 109 44.21 53.42 7.72
CA PHE G 109 42.77 53.46 7.95
C PHE G 109 41.99 54.19 6.89
N ILE G 110 40.67 54.01 6.90
CA ILE G 110 39.80 54.76 6.00
C ILE G 110 39.33 56.03 6.68
N PRO G 111 39.67 57.21 6.17
CA PRO G 111 39.37 58.49 6.76
C PRO G 111 37.95 58.88 6.53
N ASP G 112 37.49 59.73 7.42
CA ASP G 112 36.21 60.40 7.33
C ASP G 112 36.32 61.58 6.35
N SER G 113 35.44 61.65 5.37
CA SER G 113 35.51 62.71 4.36
C SER G 113 35.62 64.11 4.96
N LYS G 114 35.00 64.34 6.11
CA LYS G 114 35.00 65.68 6.71
C LYS G 114 36.20 65.99 7.60
N THR G 115 37.03 64.99 7.91
CA THR G 115 38.14 65.17 8.83
C THR G 115 39.19 64.06 8.68
N GLY G 116 40.40 64.31 9.11
CA GLY G 116 41.42 63.28 8.95
C GLY G 116 41.31 62.10 9.91
N ARG G 117 40.34 62.13 10.80
CA ARG G 117 40.18 61.07 11.76
C ARG G 117 39.44 59.88 11.14
N PRO G 118 39.63 58.67 11.67
CA PRO G 118 38.95 57.45 11.28
C PRO G 118 37.45 57.51 11.36
N SER G 119 36.81 57.01 10.30
CA SER G 119 35.37 56.92 10.15
C SER G 119 34.72 55.87 11.01
N PHE G 120 33.56 56.18 11.62
CA PHE G 120 32.83 55.15 12.36
C PHE G 120 32.04 54.23 11.47
N GLN G 121 31.43 54.79 10.45
CA GLN G 121 30.55 54.03 9.58
C GLN G 121 31.32 53.13 8.65
N ASN G 122 32.52 53.49 8.29
CA ASN G 122 33.32 52.69 7.40
C ASN G 122 34.66 52.43 8.03
N ASN G 123 34.62 52.07 9.29
CA ASN G 123 35.81 51.77 10.05
C ASN G 123 36.51 50.53 9.53
N ALA G 124 37.76 50.67 9.15
CA ALA G 124 38.58 49.55 8.70
C ALA G 124 40.01 49.98 8.85
N TRP G 125 40.86 49.02 9.20
CA TRP G 125 42.27 49.29 9.45
C TRP G 125 43.21 48.29 8.80
N PHE G 126 44.42 48.73 8.50
CA PHE G 126 45.46 47.88 7.94
C PHE G 126 44.97 47.20 6.70
N LEU G 127 44.43 48.01 5.83
CA LEU G 127 43.83 47.53 4.62
C LEU G 127 44.83 46.88 3.72
N ASN G 128 44.37 45.78 3.17
CA ASN G 128 44.99 44.90 2.21
C ASN G 128 46.14 44.07 2.74
N GLY G 129 46.37 44.05 4.04
CA GLY G 129 47.40 43.17 4.58
C GLY G 129 46.77 41.86 4.98
N GLN G 130 47.60 40.91 5.37
CA GLN G 130 47.14 39.59 5.82
C GLN G 130 47.89 39.18 7.06
N LEU G 131 47.15 38.59 7.99
CA LEU G 131 47.67 38.28 9.30
C LEU G 131 46.97 37.11 9.96
N ASN G 132 47.71 36.10 10.35
CA ASN G 132 47.07 34.99 11.02
C ASN G 132 47.23 35.09 12.53
N ALA G 133 46.10 35.20 13.22
CA ALA G 133 46.13 35.37 14.68
C ALA G 133 46.83 34.24 15.42
N CYS G 134 46.68 33.02 14.94
CA CYS G 134 47.28 31.89 15.63
C CYS G 134 48.77 31.93 15.48
N TYR G 135 49.22 32.37 14.31
CA TYR G 135 50.64 32.45 14.09
C TYR G 135 51.23 33.36 15.12
N ASN G 136 50.64 34.54 15.25
CA ASN G 136 51.16 35.50 16.18
C ASN G 136 51.05 35.08 17.64
N CYS G 137 49.99 34.34 17.99
CA CYS G 137 49.79 33.88 19.35
C CYS G 137 50.63 32.70 19.76
N VAL G 138 50.85 31.75 18.86
CA VAL G 138 51.60 30.58 19.26
C VAL G 138 52.89 30.43 18.49
N ASP G 139 52.81 30.25 17.19
CA ASP G 139 54.00 29.83 16.45
C ASP G 139 55.12 30.81 16.56
N ARG G 140 54.78 32.06 16.58
CA ARG G 140 55.76 33.10 16.68
C ARG G 140 56.64 32.93 17.90
N HIS G 141 56.11 32.41 18.99
CA HIS G 141 56.86 32.26 20.19
C HIS G 141 57.38 30.85 20.31
N ALA G 142 56.56 29.88 19.98
CA ALA G 142 56.94 28.49 20.10
C ALA G 142 58.16 28.17 19.29
N LEU G 143 58.32 28.82 18.15
CA LEU G 143 59.44 28.55 17.30
C LEU G 143 60.68 29.32 17.70
N LYS G 144 60.62 30.14 18.73
CA LYS G 144 61.78 30.90 19.18
C LYS G 144 62.18 30.58 20.61
N THR G 145 61.20 30.46 21.49
CA THR G 145 61.37 30.21 22.92
C THR G 145 60.56 28.99 23.31
N PRO G 146 60.85 27.81 22.76
CA PRO G 146 60.06 26.60 22.90
C PRO G 146 59.89 26.08 24.31
N ASN G 147 60.76 26.44 25.23
CA ASN G 147 60.62 25.88 26.55
C ASN G 147 60.41 26.96 27.55
N LYS G 148 59.28 27.60 27.37
CA LYS G 148 58.80 28.67 28.19
C LYS G 148 57.33 28.43 28.45
N LYS G 149 56.92 28.59 29.70
CA LYS G 149 55.53 28.33 30.04
C LYS G 149 54.58 29.25 29.31
N ALA G 150 53.57 28.68 28.68
CA ALA G 150 52.57 29.44 27.98
C ALA G 150 51.33 29.51 28.83
N ILE G 151 50.95 28.37 29.36
CA ILE G 151 49.75 28.23 30.14
C ILE G 151 50.05 27.53 31.44
N ILE G 152 49.60 28.11 32.51
CA ILE G 152 49.74 27.49 33.81
C ILE G 152 48.34 27.16 34.20
N PHE G 153 48.05 25.89 34.43
CA PHE G 153 46.68 25.54 34.74
C PHE G 153 46.44 24.94 36.08
N GLU G 154 45.44 25.46 36.75
CA GLU G 154 45.05 24.93 38.02
C GLU G 154 43.58 24.60 38.01
N GLY G 155 43.27 23.38 38.45
CA GLY G 155 41.93 22.88 38.41
C GLY G 155 41.07 23.26 39.60
N ASP G 156 39.86 22.74 39.60
CA ASP G 156 38.89 23.04 40.66
C ASP G 156 39.39 22.45 41.95
N GLU G 157 39.92 21.25 41.89
CA GLU G 157 40.44 20.58 43.06
C GLU G 157 41.91 20.96 43.19
N PRO G 158 42.36 21.52 44.32
CA PRO G 158 43.72 22.01 44.59
C PRO G 158 44.88 21.09 44.25
N GLY G 159 44.70 19.78 44.33
CA GLY G 159 45.83 18.91 44.02
C GLY G 159 46.14 18.74 42.55
N GLN G 160 45.30 19.27 41.65
CA GLN G 160 45.56 19.04 40.24
C GLN G 160 45.87 20.31 39.47
N GLY G 161 46.81 20.16 38.55
CA GLY G 161 47.23 21.23 37.67
C GLY G 161 48.52 20.82 36.99
N TYR G 162 48.93 21.62 36.01
CA TYR G 162 50.13 21.38 35.22
C TYR G 162 50.46 22.58 34.37
N SER G 163 51.65 22.57 33.77
CA SER G 163 51.98 23.63 32.84
C SER G 163 52.08 23.11 31.42
N ILE G 164 51.89 24.01 30.47
CA ILE G 164 52.05 23.77 29.05
C ILE G 164 53.04 24.77 28.49
N THR G 165 54.07 24.30 27.81
CA THR G 165 55.03 25.23 27.21
C THR G 165 54.60 25.65 25.83
N TYR G 166 55.24 26.68 25.31
CA TYR G 166 54.89 27.08 23.96
C TYR G 166 55.12 25.98 22.95
N LYS G 167 56.19 25.20 23.06
CA LYS G 167 56.34 24.12 22.10
C LYS G 167 55.18 23.17 22.16
N GLU G 168 54.80 22.79 23.37
CA GLU G 168 53.71 21.84 23.54
C GLU G 168 52.41 22.39 23.00
N LEU G 169 52.19 23.68 23.19
CA LEU G 169 50.99 24.31 22.72
C LEU G 169 50.94 24.21 21.20
N LEU G 170 52.05 24.49 20.53
CA LEU G 170 52.06 24.38 19.08
C LEU G 170 51.59 23.03 18.64
N GLU G 171 52.12 21.98 19.23
CA GLU G 171 51.73 20.66 18.78
C GLU G 171 50.24 20.39 18.99
N GLU G 172 49.70 20.81 20.14
CA GLU G 172 48.29 20.53 20.39
C GLU G 172 47.39 21.31 19.47
N VAL G 173 47.75 22.55 19.21
CA VAL G 173 46.94 23.36 18.34
C VAL G 173 46.91 22.77 16.97
N CYS G 174 48.08 22.35 16.49
CA CYS G 174 48.14 21.81 15.15
C CYS G 174 47.31 20.56 15.01
N GLN G 175 47.34 19.65 15.97
CA GLN G 175 46.54 18.47 15.80
C GLN G 175 45.07 18.80 15.78
N VAL G 176 44.62 19.73 16.63
CA VAL G 176 43.22 20.06 16.63
C VAL G 176 42.82 20.68 15.32
N ALA G 177 43.64 21.56 14.79
CA ALA G 177 43.28 22.20 13.54
C ALA G 177 43.04 21.17 12.45
N GLN G 178 43.86 20.12 12.39
CA GLN G 178 43.64 19.07 11.41
C GLN G 178 42.37 18.33 11.69
N VAL G 179 42.03 18.13 12.95
CA VAL G 179 40.78 17.46 13.23
C VAL G 179 39.64 18.26 12.66
N LEU G 180 39.66 19.56 12.92
CA LEU G 180 38.59 20.41 12.42
C LEU G 180 38.53 20.37 10.91
N THR G 181 39.70 20.38 10.29
CA THR G 181 39.81 20.40 8.85
C THR G 181 39.33 19.12 8.19
N TYR G 182 39.74 17.98 8.68
CA TYR G 182 39.41 16.77 7.97
C TYR G 182 38.24 15.99 8.49
N SER G 183 37.99 15.99 9.79
CA SER G 183 36.89 15.18 10.25
C SER G 183 35.66 16.01 10.50
N MET G 184 35.83 17.24 10.94
CA MET G 184 34.65 18.02 11.24
C MET G 184 34.16 18.78 10.01
N GLY G 185 34.97 18.79 8.97
CA GLY G 185 34.69 19.46 7.71
C GLY G 185 34.69 20.98 7.79
N VAL G 186 35.47 21.57 8.69
CA VAL G 186 35.45 23.01 8.84
C VAL G 186 36.28 23.69 7.80
N ARG G 187 35.74 24.72 7.21
CA ARG G 187 36.42 25.49 6.19
C ARG G 187 36.45 26.96 6.53
N LYS G 188 37.40 27.64 5.93
CA LYS G 188 37.59 29.05 6.13
C LYS G 188 36.27 29.78 6.05
N GLY G 189 36.00 30.61 7.04
CA GLY G 189 34.79 31.39 7.10
C GLY G 189 33.61 30.70 7.79
N ASP G 190 33.73 29.43 8.12
CA ASP G 190 32.63 28.72 8.77
C ASP G 190 32.60 29.09 10.23
N THR G 191 31.64 28.57 10.97
CA THR G 191 31.52 28.90 12.38
C THR G 191 31.49 27.69 13.30
N VAL G 192 32.35 27.80 14.29
CA VAL G 192 32.49 26.78 15.29
C VAL G 192 32.09 27.34 16.63
N ALA G 193 31.11 26.71 17.24
CA ALA G 193 30.64 27.12 18.53
C ALA G 193 31.36 26.34 19.58
N VAL G 194 31.71 27.00 20.65
CA VAL G 194 32.40 26.38 21.75
C VAL G 194 31.59 26.57 23.03
N TYR G 195 31.31 25.49 23.72
CA TYR G 195 30.53 25.53 24.95
C TYR G 195 31.28 24.86 26.09
N MET G 196 32.59 24.90 26.00
CA MET G 196 33.47 24.29 26.96
C MET G 196 33.63 25.14 28.22
N PRO G 197 33.96 24.52 29.36
CA PRO G 197 34.35 25.16 30.60
C PRO G 197 35.71 25.72 30.37
N MET G 198 36.16 26.68 31.14
CA MET G 198 37.51 27.10 30.85
C MET G 198 38.56 26.13 31.35
N VAL G 199 39.10 25.38 30.42
CA VAL G 199 40.13 24.38 30.64
C VAL G 199 41.18 24.59 29.54
N PRO G 200 42.40 24.08 29.65
CA PRO G 200 43.43 24.18 28.63
C PRO G 200 42.96 23.75 27.26
N GLU G 201 42.08 22.77 27.21
CA GLU G 201 41.58 22.31 25.94
C GLU G 201 40.73 23.36 25.25
N ALA G 202 40.04 24.19 26.02
CA ALA G 202 39.22 25.24 25.44
C ALA G 202 40.13 26.26 24.81
N ILE G 203 41.25 26.55 25.47
CA ILE G 203 42.17 27.53 24.92
C ILE G 203 42.74 27.03 23.63
N ILE G 204 43.15 25.78 23.63
CA ILE G 204 43.73 25.17 22.47
C ILE G 204 42.73 25.20 21.36
N THR G 205 41.49 24.86 21.65
CA THR G 205 40.45 24.87 20.65
C THR G 205 40.28 26.22 20.02
N LEU G 206 40.22 27.28 20.80
CA LEU G 206 40.01 28.57 20.18
C LEU G 206 41.14 28.92 19.25
N LEU G 207 42.37 28.62 19.65
CA LEU G 207 43.51 28.92 18.81
C LEU G 207 43.48 28.09 17.53
N ALA G 208 43.13 26.82 17.66
CA ALA G 208 43.05 25.94 16.51
C ALA G 208 42.01 26.39 15.51
N ILE G 209 40.90 26.91 16.00
CA ILE G 209 39.88 27.38 15.10
C ILE G 209 40.41 28.55 14.29
N SER G 210 41.04 29.49 14.98
CA SER G 210 41.59 30.65 14.31
C SER G 210 42.64 30.28 13.27
N ARG G 211 43.41 29.25 13.57
CA ARG G 211 44.47 28.78 12.70
C ARG G 211 44.00 28.41 11.30
N ILE G 212 42.75 27.99 11.16
CA ILE G 212 42.26 27.55 9.88
C ILE G 212 41.31 28.55 9.27
N GLY G 213 41.30 29.76 9.80
CA GLY G 213 40.50 30.82 9.25
C GLY G 213 39.03 30.69 9.55
N ALA G 214 38.66 29.99 10.60
CA ALA G 214 37.26 29.84 10.93
C ALA G 214 36.95 30.85 12.00
N ILE G 215 35.68 31.13 12.19
CA ILE G 215 35.23 32.10 13.17
C ILE G 215 34.76 31.37 14.41
N HIS G 216 35.24 31.77 15.57
CA HIS G 216 34.71 31.08 16.74
C HIS G 216 33.69 31.90 17.48
N SER G 217 32.85 31.17 18.21
CA SER G 217 31.82 31.75 19.07
C SER G 217 31.76 31.00 20.38
N VAL G 218 31.90 31.69 21.50
CA VAL G 218 32.01 31.03 22.79
C VAL G 218 30.84 31.34 23.69
N VAL G 219 30.20 30.32 24.19
CA VAL G 219 29.03 30.43 25.03
C VAL G 219 29.34 30.01 26.46
N PHE G 220 28.98 30.83 27.45
CA PHE G 220 29.30 30.42 28.82
C PHE G 220 28.74 29.04 29.09
N ALA G 221 29.55 28.17 29.67
CA ALA G 221 29.14 26.79 29.94
C ALA G 221 27.89 26.69 30.80
N GLY G 222 27.66 27.61 31.69
CA GLY G 222 26.50 27.49 32.56
C GLY G 222 25.15 27.85 31.92
N PHE G 223 25.12 28.29 30.68
CA PHE G 223 23.83 28.67 30.12
C PHE G 223 22.95 27.50 29.88
N SER G 224 21.66 27.74 29.95
CA SER G 224 20.63 26.77 29.67
C SER G 224 20.50 26.53 28.21
N SER G 225 19.78 25.47 27.87
CA SER G 225 19.58 25.10 26.49
C SER G 225 18.81 26.10 25.64
N ASN G 226 17.99 26.96 26.21
CA ASN G 226 17.28 27.86 25.33
C ASN G 226 18.18 28.92 24.79
N SER G 227 19.00 29.48 25.65
CA SER G 227 19.82 30.54 25.17
C SER G 227 20.95 29.97 24.34
N LEU G 228 21.34 28.73 24.61
CA LEU G 228 22.37 28.13 23.81
C LEU G 228 21.82 27.99 22.42
N ARG G 229 20.58 27.54 22.32
CA ARG G 229 20.01 27.31 21.02
C ARG G 229 19.93 28.56 20.22
N ASP G 230 19.54 29.64 20.84
CA ASP G 230 19.49 30.86 20.09
C ASP G 230 20.84 31.27 19.58
N ARG G 231 21.88 31.11 20.37
CA ARG G 231 23.19 31.51 19.90
C ARG G 231 23.69 30.61 18.78
N ILE G 232 23.45 29.32 18.89
CA ILE G 232 23.91 28.40 17.85
C ILE G 232 23.24 28.73 16.55
N ASN G 233 21.94 28.96 16.60
CA ASN G 233 21.25 29.24 15.36
C ASN G 233 21.56 30.61 14.82
N ASP G 234 21.62 31.62 15.67
CA ASP G 234 21.83 32.95 15.14
C ASP G 234 23.17 33.06 14.45
N GLY G 235 24.18 32.41 15.00
CA GLY G 235 25.51 32.50 14.43
C GLY G 235 25.73 31.50 13.31
N ASP G 236 24.72 30.69 13.01
CA ASP G 236 24.80 29.66 12.00
C ASP G 236 25.97 28.72 12.18
N SER G 237 26.21 28.21 13.39
CA SER G 237 27.34 27.31 13.48
C SER G 237 26.95 25.97 12.90
N LYS G 238 27.97 25.18 12.58
CA LYS G 238 27.72 23.84 12.08
C LYS G 238 28.45 22.84 12.91
N VAL G 239 29.41 23.34 13.64
CA VAL G 239 30.21 22.51 14.49
C VAL G 239 30.15 23.02 15.89
N VAL G 240 29.93 22.11 16.80
CA VAL G 240 29.88 22.42 18.21
C VAL G 240 30.92 21.66 18.95
N ILE G 241 31.69 22.35 19.77
CA ILE G 241 32.70 21.71 20.57
C ILE G 241 32.35 21.83 22.03
N THR G 242 32.31 20.70 22.71
CA THR G 242 31.94 20.64 24.11
C THR G 242 32.70 19.62 24.90
N THR G 243 32.24 19.41 26.11
CA THR G 243 32.79 18.46 27.07
C THR G 243 31.68 17.58 27.55
N ASP G 244 32.01 16.50 28.22
CA ASP G 244 30.93 15.70 28.75
C ASP G 244 30.38 16.26 30.06
N GLU G 245 31.24 16.38 31.04
CA GLU G 245 30.86 16.93 32.32
C GLU G 245 31.96 17.83 32.82
N SER G 246 31.61 18.81 33.63
CA SER G 246 32.65 19.64 34.24
C SER G 246 32.33 19.93 35.68
N ASN G 247 33.35 20.34 36.41
CA ASN G 247 33.19 20.60 37.83
C ASN G 247 33.65 21.98 38.21
N ARG G 248 32.74 22.70 38.80
CA ARG G 248 33.04 24.04 39.24
C ARG G 248 32.49 24.28 40.62
N GLY G 249 33.36 24.54 41.56
CA GLY G 249 32.94 24.75 42.93
C GLY G 249 32.50 23.45 43.53
N GLY G 250 33.00 22.35 43.00
CA GLY G 250 32.60 21.04 43.46
C GLY G 250 31.26 20.58 42.87
N LYS G 251 30.62 21.37 42.02
CA LYS G 251 29.34 20.95 41.48
C LYS G 251 29.48 20.49 40.05
N VAL G 252 28.68 19.49 39.68
CA VAL G 252 28.71 18.96 38.32
C VAL G 252 27.81 19.68 37.36
N ILE G 253 28.38 20.06 36.23
CA ILE G 253 27.65 20.73 35.17
C ILE G 253 27.52 19.79 33.99
N GLU G 254 26.29 19.47 33.61
CA GLU G 254 26.10 18.52 32.53
C GLU G 254 26.14 19.15 31.15
N THR G 255 27.34 19.45 30.70
CA THR G 255 27.50 20.16 29.44
C THR G 255 27.02 19.38 28.22
N LYS G 256 27.24 18.07 28.18
CA LYS G 256 26.78 17.36 26.99
C LYS G 256 25.29 17.38 26.89
N ARG G 257 24.59 17.11 27.98
CA ARG G 257 23.16 17.07 27.89
C ARG G 257 22.60 18.41 27.49
N ILE G 258 23.15 19.50 27.96
CA ILE G 258 22.63 20.77 27.52
C ILE G 258 22.80 20.94 26.04
N VAL G 259 23.97 20.59 25.50
CA VAL G 259 24.14 20.73 24.07
C VAL G 259 23.17 19.86 23.32
N ASP G 260 23.02 18.60 23.72
CA ASP G 260 22.13 17.72 23.00
C ASP G 260 20.71 18.25 23.01
N ASP G 261 20.30 18.86 24.09
CA ASP G 261 19.00 19.46 24.16
C ASP G 261 18.89 20.59 23.15
N ALA G 262 19.82 21.51 23.21
CA ALA G 262 19.75 22.67 22.33
C ALA G 262 19.70 22.26 20.88
N LEU G 263 20.43 21.21 20.52
CA LEU G 263 20.50 20.82 19.14
C LEU G 263 19.27 20.09 18.65
N ARG G 264 18.33 19.81 19.51
CA ARG G 264 17.14 19.13 19.04
C ARG G 264 16.38 19.98 18.07
N GLU G 265 16.44 21.30 18.23
CA GLU G 265 15.70 22.17 17.35
C GLU G 265 16.61 22.85 16.36
N THR G 266 17.82 22.36 16.18
CA THR G 266 18.72 23.03 15.27
C THR G 266 19.08 22.14 14.09
N PRO G 267 18.72 22.49 12.85
CA PRO G 267 18.96 21.71 11.64
C PRO G 267 20.37 21.80 11.11
N GLY G 268 21.11 22.74 11.63
CA GLY G 268 22.43 23.08 11.15
C GLY G 268 23.52 22.10 11.51
N VAL G 269 23.73 21.90 12.77
CA VAL G 269 24.91 21.19 13.21
C VAL G 269 25.05 19.81 12.66
N ARG G 270 26.23 19.60 12.11
CA ARG G 270 26.60 18.35 11.50
C ARG G 270 27.48 17.52 12.40
N HIS G 271 28.34 18.15 13.19
CA HIS G 271 29.18 17.35 14.04
C HIS G 271 29.41 17.98 15.39
N VAL G 272 29.53 17.13 16.40
CA VAL G 272 29.81 17.57 17.74
C VAL G 272 31.06 16.90 18.23
N LEU G 273 32.00 17.70 18.67
CA LEU G 273 33.25 17.16 19.17
C LEU G 273 33.19 17.21 20.68
N VAL G 274 33.47 16.09 21.32
CA VAL G 274 33.32 16.01 22.75
C VAL G 274 34.58 15.66 23.48
N TYR G 275 34.97 16.51 24.39
CA TYR G 275 36.13 16.20 25.17
C TYR G 275 35.76 15.51 26.46
N ARG G 276 36.24 14.30 26.61
CA ARG G 276 35.90 13.51 27.78
C ARG G 276 36.74 13.89 28.95
N LYS G 277 36.48 15.06 29.50
CA LYS G 277 37.27 15.51 30.63
C LYS G 277 37.13 14.50 31.73
N THR G 278 35.92 13.98 31.92
CA THR G 278 35.74 12.92 32.92
C THR G 278 35.85 11.62 32.14
N ASN G 279 36.71 10.72 32.55
CA ASN G 279 36.91 9.55 31.72
C ASN G 279 35.82 8.47 31.75
N ASN G 280 35.00 8.43 32.77
CA ASN G 280 34.03 7.36 32.88
C ASN G 280 32.59 7.68 33.31
N PRO G 281 32.00 8.81 32.93
CA PRO G 281 30.67 9.20 33.32
C PRO G 281 29.65 8.41 32.51
N SER G 282 28.39 8.45 32.91
CA SER G 282 27.39 7.74 32.14
C SER G 282 26.68 8.69 31.22
N VAL G 283 27.41 9.05 30.19
CA VAL G 283 26.99 10.02 29.20
C VAL G 283 26.87 9.39 27.83
N ALA G 284 25.72 9.61 27.23
CA ALA G 284 25.45 9.05 25.92
C ALA G 284 26.44 9.56 24.92
N PHE G 285 26.77 8.71 23.97
CA PHE G 285 27.68 9.12 22.94
C PHE G 285 27.25 8.45 21.67
N HIS G 286 26.94 9.21 20.65
CA HIS G 286 26.40 8.66 19.42
C HIS G 286 27.41 8.76 18.29
N ALA G 287 27.93 7.63 17.88
CA ALA G 287 28.99 7.63 16.89
C ALA G 287 28.68 8.38 15.60
N PRO G 288 27.48 8.39 15.04
CA PRO G 288 27.22 9.13 13.82
C PRO G 288 27.72 10.57 13.89
N ARG G 289 27.67 11.23 15.06
CA ARG G 289 28.22 12.57 15.03
C ARG G 289 28.82 13.04 16.33
N ASP G 290 29.28 12.12 17.15
CA ASP G 290 29.99 12.46 18.35
C ASP G 290 31.39 12.00 18.20
N LEU G 291 32.29 12.94 18.19
CA LEU G 291 33.67 12.57 17.96
C LEU G 291 34.41 12.73 19.24
N ASP G 292 35.20 11.74 19.58
CA ASP G 292 35.96 11.83 20.81
C ASP G 292 37.23 12.59 20.57
N TRP G 293 37.31 13.74 21.18
CA TRP G 293 38.39 14.67 21.01
C TRP G 293 39.71 13.99 21.23
N ALA G 294 39.76 13.17 22.27
CA ALA G 294 40.98 12.52 22.68
C ALA G 294 41.33 11.27 21.90
N THR G 295 40.48 10.88 20.96
CA THR G 295 40.74 9.71 20.16
C THR G 295 41.01 10.14 18.76
N GLU G 296 40.34 11.18 18.33
CA GLU G 296 40.51 11.65 16.98
C GLU G 296 41.87 12.31 16.82
N LYS G 297 42.28 13.11 17.80
CA LYS G 297 43.52 13.88 17.73
C LYS G 297 44.76 13.08 17.34
N LYS G 298 44.91 11.86 17.84
CA LYS G 298 46.12 11.05 17.61
C LYS G 298 46.36 10.67 16.15
N LYS G 299 45.39 10.88 15.33
CA LYS G 299 45.49 10.53 13.94
C LYS G 299 46.13 11.64 13.12
N TYR G 300 46.48 12.73 13.75
CA TYR G 300 46.99 13.84 13.00
C TYR G 300 48.43 14.23 13.31
N LYS G 301 49.08 14.85 12.34
CA LYS G 301 50.46 15.26 12.55
C LYS G 301 50.59 16.45 13.46
N THR G 302 51.75 16.56 14.06
CA THR G 302 52.01 17.56 15.10
C THR G 302 52.45 18.93 14.63
N TYR G 303 52.41 19.17 13.33
CA TYR G 303 52.70 20.45 12.73
C TYR G 303 51.73 20.61 11.58
N TYR G 304 51.12 21.76 11.49
CA TYR G 304 50.19 22.05 10.44
C TYR G 304 50.20 23.54 10.29
N PRO G 305 50.27 24.09 9.08
CA PRO G 305 50.36 25.50 8.77
C PRO G 305 49.15 26.37 8.99
N CYS G 306 49.42 27.66 9.15
CA CYS G 306 48.43 28.72 9.24
C CYS G 306 47.87 29.11 7.91
N THR G 307 46.56 29.32 7.86
CA THR G 307 45.92 29.82 6.66
C THR G 307 45.91 31.35 6.65
N PRO G 308 46.34 32.02 5.60
CA PRO G 308 46.27 33.47 5.49
C PRO G 308 44.86 33.97 5.69
N VAL G 309 44.73 35.03 6.45
CA VAL G 309 43.47 35.66 6.79
C VAL G 309 43.56 37.15 6.54
N ASP G 310 42.55 37.74 5.93
CA ASP G 310 42.63 39.16 5.68
C ASP G 310 42.62 39.92 6.97
N SER G 311 43.27 41.06 7.01
CA SER G 311 43.29 41.87 8.21
C SER G 311 41.90 42.27 8.70
N GLU G 312 40.91 42.36 7.80
CA GLU G 312 39.56 42.70 8.19
C GLU G 312 38.59 41.52 8.32
N ASP G 313 39.08 40.30 8.21
CA ASP G 313 38.21 39.16 8.37
C ASP G 313 37.85 39.07 9.83
N PRO G 314 36.64 38.61 10.17
CA PRO G 314 36.20 38.42 11.54
C PRO G 314 37.03 37.42 12.28
N LEU G 315 37.42 37.74 13.49
CA LEU G 315 38.15 36.80 14.32
C LEU G 315 37.16 35.99 15.11
N PHE G 316 36.23 36.70 15.74
CA PHE G 316 35.27 36.02 16.59
C PHE G 316 34.01 36.80 16.81
N LEU G 317 33.01 36.08 17.30
CA LEU G 317 31.76 36.66 17.71
C LEU G 317 31.52 36.46 19.18
N LEU G 318 30.92 37.44 19.83
CA LEU G 318 30.47 37.25 21.19
C LEU G 318 29.03 37.54 21.34
N TYR G 319 28.29 36.55 21.70
CA TYR G 319 26.88 36.73 21.88
C TYR G 319 26.55 37.24 23.23
N THR G 320 26.65 38.54 23.34
CA THR G 320 26.43 39.18 24.60
C THR G 320 24.96 39.34 24.77
N SER G 321 24.56 39.65 25.99
CA SER G 321 23.14 39.85 26.21
C SER G 321 22.82 40.71 27.40
N GLY G 322 21.78 41.52 27.21
CA GLY G 322 21.16 42.36 28.22
C GLY G 322 19.74 41.85 28.49
N SER G 323 19.47 40.60 28.08
CA SER G 323 18.18 39.92 28.20
C SER G 323 17.03 40.71 27.55
N THR G 324 17.29 41.22 26.34
CA THR G 324 16.30 41.96 25.57
C THR G 324 16.59 41.72 24.09
N GLY G 325 15.54 41.72 23.29
CA GLY G 325 15.73 41.46 21.89
C GLY G 325 16.24 40.03 21.78
N ALA G 326 17.44 39.90 21.23
CA ALA G 326 18.07 38.61 21.06
C ALA G 326 19.56 38.85 21.27
N PRO G 327 20.33 37.85 21.64
CA PRO G 327 21.76 37.98 21.84
C PRO G 327 22.42 38.61 20.63
N LYS G 328 23.34 39.53 20.90
CA LYS G 328 24.03 40.26 19.86
C LYS G 328 25.38 39.67 19.54
N GLY G 329 25.54 39.19 18.34
CA GLY G 329 26.80 38.60 17.94
C GLY G 329 27.80 39.69 17.64
N VAL G 330 28.37 40.28 18.67
CA VAL G 330 29.27 41.37 18.44
C VAL G 330 30.45 40.83 17.69
N GLN G 331 30.80 41.47 16.60
CA GLN G 331 31.89 40.99 15.78
C GLN G 331 33.11 41.89 15.76
N HIS G 332 34.26 41.26 15.96
CA HIS G 332 35.55 41.94 15.95
C HIS G 332 36.46 41.33 14.91
N SER G 333 37.13 42.18 14.13
CA SER G 333 38.05 41.72 13.10
C SER G 333 39.43 41.44 13.64
N THR G 334 40.20 40.67 12.88
CA THR G 334 41.52 40.23 13.33
C THR G 334 42.58 41.29 13.55
N ALA G 335 42.95 42.08 12.56
CA ALA G 335 44.08 42.95 12.84
C ALA G 335 43.75 43.97 13.91
N GLY G 336 42.54 44.46 13.88
CA GLY G 336 42.11 45.47 14.81
C GLY G 336 42.19 45.00 16.22
N TYR G 337 41.54 43.88 16.49
CA TYR G 337 41.49 43.34 17.81
C TYR G 337 42.86 43.00 18.34
N LEU G 338 43.67 42.32 17.54
CA LEU G 338 44.96 41.89 18.04
C LEU G 338 45.83 43.06 18.40
N LEU G 339 45.82 44.13 17.60
CA LEU G 339 46.64 45.26 17.96
C LEU G 339 46.17 45.88 19.26
N GLY G 340 44.86 46.00 19.41
CA GLY G 340 44.30 46.56 20.62
C GLY G 340 44.79 45.79 21.83
N ALA G 341 44.67 44.47 21.76
CA ALA G 341 45.08 43.65 22.87
C ALA G 341 46.56 43.83 23.21
N LEU G 342 47.43 43.91 22.20
CA LEU G 342 48.83 44.12 22.51
C LEU G 342 49.15 45.45 23.11
N LEU G 343 48.55 46.51 22.59
CA LEU G 343 48.88 47.81 23.11
C LEU G 343 48.46 47.90 24.55
N THR G 344 47.34 47.29 24.87
CA THR G 344 46.86 47.35 26.21
C THR G 344 47.80 46.62 27.14
N MET G 345 48.23 45.42 26.77
CA MET G 345 49.15 44.67 27.61
C MET G 345 50.43 45.43 27.86
N ARG G 346 50.92 46.08 26.82
CA ARG G 346 52.16 46.81 26.87
C ARG G 346 52.07 48.12 27.65
N TYR G 347 50.99 48.89 27.49
CA TYR G 347 50.96 50.16 28.17
C TYR G 347 50.09 50.25 29.39
N THR G 348 49.05 49.46 29.52
CA THR G 348 48.22 49.58 30.69
C THR G 348 48.79 48.72 31.78
N PHE G 349 49.10 47.49 31.45
CA PHE G 349 49.58 46.60 32.49
C PHE G 349 51.09 46.57 32.60
N ASP G 350 51.77 47.23 31.68
CA ASP G 350 53.22 47.32 31.64
C ASP G 350 53.87 45.95 31.73
N THR G 351 53.39 44.98 30.95
CA THR G 351 53.97 43.66 31.11
C THR G 351 55.26 43.39 30.37
N HIS G 352 55.87 42.32 30.79
CA HIS G 352 57.09 41.79 30.25
C HIS G 352 56.92 40.31 29.95
N GLN G 353 57.86 39.85 29.17
CA GLN G 353 57.83 38.51 28.69
C GLN G 353 57.96 37.52 29.81
N GLU G 354 58.44 37.97 30.94
CA GLU G 354 58.73 37.14 32.09
C GLU G 354 57.59 37.08 33.10
N ASP G 355 56.49 37.73 32.84
CA ASP G 355 55.40 37.72 33.80
C ASP G 355 54.44 36.54 33.72
N VAL G 356 53.51 36.55 34.68
CA VAL G 356 52.38 35.65 34.77
C VAL G 356 51.16 36.51 35.00
N PHE G 357 50.24 36.44 34.07
CA PHE G 357 49.08 37.28 34.12
C PHE G 357 47.87 36.49 34.55
N PHE G 358 47.28 36.81 35.68
CA PHE G 358 46.14 36.06 36.17
C PHE G 358 44.86 36.84 36.06
N THR G 359 43.98 36.39 35.19
CA THR G 359 42.69 37.04 35.01
C THR G 359 41.61 36.18 35.62
N ALA G 360 40.95 36.74 36.57
CA ALA G 360 39.96 36.00 37.29
C ALA G 360 38.61 36.06 36.60
N GLY G 361 38.47 35.36 35.49
CA GLY G 361 37.20 35.42 34.78
C GLY G 361 37.04 34.43 33.65
N ASP G 362 35.78 34.13 33.37
CA ASP G 362 35.36 33.14 32.37
C ASP G 362 35.72 33.48 30.93
N ILE G 363 36.04 32.43 30.20
CA ILE G 363 36.38 32.51 28.80
C ILE G 363 35.27 33.04 27.90
N GLY G 364 34.01 32.90 28.29
CA GLY G 364 32.92 33.38 27.46
C GLY G 364 32.67 34.88 27.57
N TRP G 365 33.44 35.57 28.39
CA TRP G 365 33.28 36.99 28.58
C TRP G 365 34.35 37.70 27.76
N ILE G 366 34.13 38.96 27.41
CA ILE G 366 35.14 39.65 26.65
C ILE G 366 36.50 39.69 27.31
N THR G 367 36.57 39.69 28.65
CA THR G 367 37.89 39.74 29.27
C THR G 367 38.58 38.41 29.15
N GLY G 368 37.82 37.36 28.92
CA GLY G 368 38.38 36.04 28.76
C GLY G 368 39.18 36.06 27.48
N HIS G 369 38.54 36.53 26.45
CA HIS G 369 39.21 36.58 25.18
C HIS G 369 40.41 37.52 25.23
N THR G 370 40.18 38.73 25.66
CA THR G 370 41.26 39.69 25.67
C THR G 370 42.39 39.36 26.63
N TYR G 371 42.12 38.86 27.83
CA TYR G 371 43.21 38.65 28.76
C TYR G 371 43.56 37.23 29.16
N VAL G 372 42.91 36.23 28.64
CA VAL G 372 43.28 34.88 28.93
C VAL G 372 43.89 34.29 27.70
N VAL G 373 43.26 34.51 26.54
CA VAL G 373 43.78 33.90 25.34
C VAL G 373 44.52 34.82 24.39
N TYR G 374 43.96 35.94 23.98
CA TYR G 374 44.63 36.75 22.95
C TYR G 374 45.47 37.86 23.53
N GLY G 375 45.65 37.86 24.81
CA GLY G 375 46.43 38.87 25.48
C GLY G 375 47.80 38.31 25.73
N PRO G 376 48.08 37.78 26.91
CA PRO G 376 49.36 37.22 27.28
C PRO G 376 49.96 36.32 26.24
N LEU G 377 49.19 35.46 25.59
CA LEU G 377 49.84 34.59 24.61
C LEU G 377 50.43 35.36 23.47
N LEU G 378 49.74 36.40 23.05
CA LEU G 378 50.14 37.16 21.88
C LEU G 378 51.37 37.94 22.22
N TYR G 379 51.36 38.47 23.43
CA TYR G 379 52.44 39.26 23.95
C TYR G 379 53.66 38.39 24.20
N GLY G 380 53.45 37.21 24.78
CA GLY G 380 54.51 36.30 25.13
C GLY G 380 54.61 36.03 26.64
N CYS G 381 53.61 36.44 27.41
CA CYS G 381 53.59 36.23 28.85
C CYS G 381 52.91 34.91 29.13
N ALA G 382 53.09 34.33 30.32
CA ALA G 382 52.33 33.13 30.64
C ALA G 382 50.95 33.51 31.12
N THR G 383 49.97 32.68 30.82
CA THR G 383 48.62 32.87 31.30
C THR G 383 48.29 31.92 32.40
N LEU G 384 47.73 32.43 33.48
CA LEU G 384 47.29 31.53 34.52
C LEU G 384 45.80 31.30 34.35
N VAL G 385 45.45 30.05 34.21
CA VAL G 385 44.10 29.62 33.96
C VAL G 385 43.56 28.89 35.15
N PHE G 386 42.47 29.39 35.69
CA PHE G 386 41.86 28.80 36.85
C PHE G 386 40.42 28.50 36.57
N GLU G 387 40.09 27.21 36.57
CA GLU G 387 38.73 26.83 36.20
C GLU G 387 37.66 27.01 37.28
N GLY G 388 38.05 27.04 38.54
CA GLY G 388 37.10 27.09 39.65
C GLY G 388 36.71 28.48 40.15
N THR G 389 36.30 28.51 41.41
CA THR G 389 35.78 29.68 42.12
C THR G 389 36.49 29.82 43.44
N PRO G 390 36.78 31.04 43.92
CA PRO G 390 37.43 31.28 45.20
C PRO G 390 36.64 30.74 46.35
N ALA G 391 35.35 30.58 46.13
CA ALA G 391 34.50 30.03 47.14
C ALA G 391 34.96 28.65 47.60
N TYR G 392 35.56 27.86 46.69
CA TYR G 392 35.90 26.49 47.00
C TYR G 392 37.39 26.14 47.00
N PRO G 393 37.84 25.45 48.04
CA PRO G 393 37.20 25.08 49.28
C PRO G 393 37.03 26.16 50.36
N ASN G 394 37.78 27.28 50.33
CA ASN G 394 37.64 28.18 51.48
C ASN G 394 38.05 29.65 51.38
N TYR G 395 37.81 30.34 50.30
CA TYR G 395 38.21 31.75 50.16
C TYR G 395 39.70 32.07 50.18
N SER G 396 40.57 31.18 50.60
CA SER G 396 41.97 31.53 50.54
C SER G 396 42.57 31.07 49.25
N ARG G 397 41.73 30.49 48.42
CA ARG G 397 42.20 29.89 47.21
C ARG G 397 42.90 30.87 46.29
N TYR G 398 42.38 32.08 46.11
CA TYR G 398 43.08 32.96 45.19
C TYR G 398 44.44 33.29 45.69
N TRP G 399 44.54 33.51 46.98
CA TRP G 399 45.81 33.85 47.53
C TRP G 399 46.76 32.71 47.42
N ASP G 400 46.31 31.52 47.72
CA ASP G 400 47.23 30.40 47.62
C ASP G 400 47.76 30.31 46.21
N ILE G 401 46.90 30.55 45.23
CA ILE G 401 47.30 30.49 43.83
C ILE G 401 48.34 31.54 43.52
N ILE G 402 48.10 32.75 43.98
CA ILE G 402 49.02 33.83 43.68
C ILE G 402 50.39 33.55 44.20
N ASP G 403 50.53 33.12 45.43
CA ASP G 403 51.89 32.86 45.86
C ASP G 403 52.51 31.62 45.25
N GLU G 404 51.76 30.54 45.09
CA GLU G 404 52.38 29.34 44.58
C GLU G 404 52.97 29.55 43.20
N HIS G 405 52.31 30.30 42.36
CA HIS G 405 52.81 30.48 41.02
C HIS G 405 53.43 31.83 40.76
N LYS G 406 53.72 32.60 41.81
CA LYS G 406 54.31 33.91 41.63
C LYS G 406 53.58 34.79 40.63
N VAL G 407 52.29 34.90 40.78
CA VAL G 407 51.50 35.74 39.90
C VAL G 407 51.95 37.16 40.02
N THR G 408 52.12 37.85 38.90
CA THR G 408 52.57 39.22 39.00
C THR G 408 51.49 40.24 38.67
N GLN G 409 50.51 39.85 37.87
CA GLN G 409 49.39 40.72 37.53
C GLN G 409 48.09 40.09 37.98
N PHE G 410 47.25 40.81 38.73
CA PHE G 410 45.97 40.23 39.11
C PHE G 410 44.80 41.12 38.76
N TYR G 411 44.02 40.66 37.79
CA TYR G 411 42.91 41.40 37.21
C TYR G 411 41.60 40.70 37.56
N VAL G 412 40.80 41.32 38.43
CA VAL G 412 39.61 40.67 39.00
C VAL G 412 38.33 41.50 38.97
N ALA G 413 37.19 40.86 38.75
CA ALA G 413 35.92 41.58 38.81
C ALA G 413 35.68 42.08 40.24
N PRO G 414 35.10 43.27 40.43
CA PRO G 414 34.80 43.84 41.72
C PRO G 414 33.83 43.03 42.55
N THR G 415 33.06 42.18 41.92
CA THR G 415 32.13 41.37 42.68
C THR G 415 32.89 40.37 43.47
N ALA G 416 33.96 39.86 42.87
CA ALA G 416 34.75 38.90 43.56
C ALA G 416 35.39 39.58 44.72
N LEU G 417 35.82 40.81 44.51
CA LEU G 417 36.47 41.50 45.59
C LEU G 417 35.54 41.71 46.74
N ARG G 418 34.30 42.06 46.46
CA ARG G 418 33.40 42.27 47.58
C ARG G 418 33.22 40.98 48.36
N LEU G 419 33.08 39.85 47.69
CA LEU G 419 32.90 38.61 48.44
C LEU G 419 34.11 38.27 49.29
N LEU G 420 35.30 38.49 48.75
CA LEU G 420 36.51 38.20 49.49
C LEU G 420 36.60 39.11 50.69
N LYS G 421 36.23 40.36 50.51
CA LYS G 421 36.26 41.30 51.58
C LYS G 421 35.34 40.84 52.69
N ARG G 422 34.16 40.38 52.37
CA ARG G 422 33.32 39.94 53.46
C ARG G 422 33.92 38.77 54.15
N ALA G 423 34.45 37.83 53.40
CA ALA G 423 35.00 36.66 54.06
C ALA G 423 35.87 37.09 55.22
N GLY G 424 36.60 38.17 55.03
CA GLY G 424 37.41 38.74 56.10
C GLY G 424 38.91 38.53 55.94
N ASP G 425 39.64 39.37 56.65
CA ASP G 425 41.09 39.40 56.59
C ASP G 425 41.76 38.17 57.17
N SER G 426 41.01 37.36 57.91
CA SER G 426 41.54 36.14 58.48
C SER G 426 41.98 35.16 57.42
N TYR G 427 41.52 35.36 56.19
CA TYR G 427 41.87 34.44 55.13
C TYR G 427 43.14 34.83 54.40
N ILE G 428 43.79 35.94 54.80
CA ILE G 428 45.05 36.38 54.20
C ILE G 428 46.17 36.51 55.20
N GLU G 429 45.98 36.01 56.40
CA GLU G 429 46.98 36.15 57.43
C GLU G 429 48.30 35.50 57.08
N ASN G 430 48.26 34.41 56.34
CA ASN G 430 49.47 33.71 56.00
C ASN G 430 49.94 33.90 54.57
N HIS G 431 49.61 35.01 53.92
CA HIS G 431 50.13 35.19 52.57
C HIS G 431 50.81 36.53 52.42
N SER G 432 51.96 36.54 51.76
CA SER G 432 52.62 37.81 51.55
C SER G 432 52.18 38.46 50.28
N LEU G 433 51.84 37.65 49.30
CA LEU G 433 51.46 38.13 47.98
C LEU G 433 52.49 39.10 47.42
N LYS G 434 53.74 38.93 47.84
CA LYS G 434 54.81 39.83 47.46
C LYS G 434 55.05 39.92 45.97
N SER G 435 54.87 38.85 45.25
CA SER G 435 55.13 38.87 43.82
C SER G 435 54.26 39.83 43.02
N LEU G 436 53.10 40.18 43.52
CA LEU G 436 52.25 41.03 42.72
C LEU G 436 52.88 42.37 42.49
N ARG G 437 52.76 42.85 41.27
CA ARG G 437 53.27 44.17 40.95
C ARG G 437 52.17 45.07 40.45
N CYS G 438 51.04 44.51 40.09
CA CYS G 438 49.95 45.31 39.59
C CYS G 438 48.61 44.64 39.85
N LEU G 439 47.65 45.42 40.35
CA LEU G 439 46.31 44.98 40.62
C LEU G 439 45.36 45.71 39.74
N GLY G 440 44.21 45.14 39.48
CA GLY G 440 43.21 45.91 38.78
C GLY G 440 41.88 45.21 38.77
N SER G 441 40.88 45.91 38.23
CA SER G 441 39.53 45.39 38.18
C SER G 441 38.70 45.95 37.05
N VAL G 442 37.63 45.22 36.76
CA VAL G 442 36.71 45.58 35.69
C VAL G 442 35.30 45.05 35.82
N GLY G 443 34.33 45.77 35.27
CA GLY G 443 32.96 45.29 35.17
C GLY G 443 31.91 46.08 35.91
N GLU G 444 32.32 46.82 36.92
CA GLU G 444 31.38 47.58 37.69
C GLU G 444 32.18 48.64 38.43
N PRO G 445 31.61 49.80 38.75
CA PRO G 445 32.30 50.81 39.51
C PRO G 445 32.77 50.24 40.83
N ILE G 446 33.93 50.66 41.26
CA ILE G 446 34.45 50.22 42.53
C ILE G 446 34.29 51.36 43.52
N ALA G 447 33.63 51.10 44.64
CA ALA G 447 33.49 52.15 45.64
C ALA G 447 34.85 52.45 46.21
N ALA G 448 35.10 53.69 46.62
CA ALA G 448 36.38 54.00 47.21
C ALA G 448 36.64 53.10 48.40
N GLU G 449 35.61 52.78 49.15
CA GLU G 449 35.77 51.93 50.30
C GLU G 449 36.41 50.59 49.97
N VAL G 450 36.04 50.03 48.81
CA VAL G 450 36.55 48.73 48.41
C VAL G 450 37.93 48.93 47.89
N TRP G 451 38.11 49.99 47.13
CA TRP G 451 39.39 50.31 46.53
C TRP G 451 40.42 50.40 47.62
N GLU G 452 40.09 51.11 48.69
CA GLU G 452 41.01 51.26 49.80
C GLU G 452 41.32 49.95 50.45
N TRP G 453 40.34 49.10 50.66
CA TRP G 453 40.61 47.80 51.26
C TRP G 453 41.54 46.99 50.39
N TYR G 454 41.25 46.97 49.12
CA TYR G 454 42.02 46.18 48.19
C TYR G 454 43.45 46.68 48.20
N SER G 455 43.63 47.99 48.14
CA SER G 455 44.94 48.60 48.16
C SER G 455 45.71 48.27 49.42
N GLU G 456 45.08 48.41 50.57
CA GLU G 456 45.73 48.16 51.86
C GLU G 456 46.03 46.70 52.19
N LYS G 457 45.11 45.80 51.94
CA LYS G 457 45.32 44.44 52.40
C LYS G 457 45.96 43.52 51.39
N ILE G 458 45.70 43.74 50.11
CA ILE G 458 46.25 42.90 49.09
C ILE G 458 47.44 43.58 48.47
N GLY G 459 47.28 44.85 48.11
CA GLY G 459 48.33 45.60 47.45
C GLY G 459 49.36 46.19 48.41
N LYS G 460 49.09 46.04 49.69
CA LYS G 460 49.90 46.52 50.80
C LYS G 460 50.31 47.99 50.68
N ASN G 461 49.44 48.81 50.13
CA ASN G 461 49.68 50.23 49.89
C ASN G 461 50.85 50.52 48.94
N GLU G 462 51.34 49.52 48.21
CA GLU G 462 52.42 49.72 47.28
C GLU G 462 52.04 49.50 45.84
N ILE G 463 51.18 48.54 45.59
CA ILE G 463 50.84 48.19 44.23
C ILE G 463 49.72 49.07 43.70
N PRO G 464 49.83 49.66 42.50
CA PRO G 464 48.78 50.46 41.90
C PRO G 464 47.60 49.61 41.57
N ILE G 465 46.40 50.19 41.67
CA ILE G 465 45.19 49.51 41.26
C ILE G 465 44.65 50.15 40.03
N VAL G 466 44.56 49.39 38.96
CA VAL G 466 44.06 49.91 37.74
C VAL G 466 42.59 49.61 37.57
N ASP G 467 41.78 50.64 37.69
CA ASP G 467 40.34 50.59 37.49
C ASP G 467 40.11 50.89 36.04
N THR G 468 39.79 49.89 35.26
CA THR G 468 39.69 50.10 33.83
C THR G 468 38.27 50.03 33.36
N TYR G 469 37.93 50.95 32.49
CA TYR G 469 36.62 51.03 31.92
C TYR G 469 36.60 50.68 30.46
N TRP G 470 35.75 49.71 30.12
CA TRP G 470 35.58 49.33 28.74
C TRP G 470 34.32 48.53 28.52
N GLN G 471 34.04 48.23 27.26
CA GLN G 471 32.84 47.56 26.85
C GLN G 471 33.14 46.47 25.86
N THR G 472 32.26 45.50 25.72
CA THR G 472 32.50 44.48 24.72
C THR G 472 32.80 45.10 23.39
N GLU G 473 32.00 46.05 22.99
CA GLU G 473 32.16 46.70 21.72
C GLU G 473 33.44 47.51 21.56
N SER G 474 34.10 47.89 22.63
CA SER G 474 35.31 48.67 22.43
C SER G 474 36.46 47.76 22.12
N GLY G 475 36.39 46.56 22.69
CA GLY G 475 37.36 45.50 22.47
C GLY G 475 38.66 45.68 23.22
N SER G 476 38.78 46.80 23.92
CA SER G 476 39.98 47.17 24.61
C SER G 476 39.65 48.29 25.57
N HIS G 477 40.62 48.70 26.34
CA HIS G 477 40.36 49.74 27.31
C HIS G 477 39.98 51.06 26.66
N LEU G 478 38.99 51.75 27.23
CA LEU G 478 38.63 53.06 26.75
C LEU G 478 39.21 54.11 27.65
N VAL G 479 38.99 53.96 28.94
CA VAL G 479 39.51 54.92 29.89
C VAL G 479 40.19 54.14 31.00
N THR G 480 41.44 54.45 31.29
CA THR G 480 42.09 53.65 32.31
C THR G 480 43.35 54.29 32.83
N PRO G 481 43.70 54.07 34.09
CA PRO G 481 44.98 54.41 34.61
C PRO G 481 45.96 53.56 33.89
N LEU G 482 47.15 54.06 33.76
CA LEU G 482 48.21 53.25 33.20
C LEU G 482 49.12 52.92 34.35
N ALA G 483 49.64 51.71 34.35
CA ALA G 483 50.52 51.20 35.38
C ALA G 483 51.91 51.79 35.28
N GLY G 484 52.79 51.28 36.12
CA GLY G 484 54.09 51.86 36.18
C GLY G 484 53.86 53.15 36.89
N GLY G 485 54.69 54.13 36.65
CA GLY G 485 54.55 55.39 37.34
C GLY G 485 53.82 56.40 36.49
N VAL G 486 53.11 55.96 35.47
CA VAL G 486 52.58 56.94 34.56
C VAL G 486 51.58 57.89 35.16
N THR G 487 50.61 57.43 35.92
CA THR G 487 49.64 58.41 36.38
C THR G 487 49.29 58.31 37.85
N PRO G 488 49.02 59.45 38.48
CA PRO G 488 48.41 59.53 39.78
C PRO G 488 47.04 58.94 39.63
N MET G 489 46.49 58.40 40.71
CA MET G 489 45.19 57.76 40.69
C MET G 489 44.22 58.26 41.70
N LYS G 490 42.96 58.29 41.35
CA LYS G 490 42.01 58.66 42.35
C LYS G 490 41.29 57.40 42.75
N PRO G 491 40.96 57.25 43.99
CA PRO G 491 40.28 56.00 44.21
C PRO G 491 38.96 56.10 43.53
N GLY G 492 38.54 55.06 42.85
CA GLY G 492 37.25 55.10 42.23
C GLY G 492 37.06 55.74 40.90
N SER G 493 38.10 56.21 40.25
CA SER G 493 37.91 56.80 38.96
C SER G 493 38.88 56.32 37.93
N ALA G 494 38.39 55.85 36.80
CA ALA G 494 39.27 55.57 35.70
C ALA G 494 39.94 56.89 35.47
N SER G 495 41.05 56.94 34.77
CA SER G 495 41.66 58.24 34.64
C SER G 495 41.50 58.84 33.27
N PHE G 496 42.41 58.55 32.38
CA PHE G 496 42.44 59.20 31.12
C PHE G 496 42.18 58.24 29.99
N PRO G 497 41.69 58.72 28.86
CA PRO G 497 41.46 57.92 27.68
C PRO G 497 42.69 57.19 27.21
N PHE G 498 42.48 55.98 26.75
CA PHE G 498 43.55 55.16 26.23
C PHE G 498 43.94 55.66 24.87
N PHE G 499 45.18 55.46 24.50
CA PHE G 499 45.68 55.97 23.26
C PHE G 499 44.77 55.69 22.10
N GLY G 500 44.52 56.75 21.35
CA GLY G 500 43.70 56.69 20.14
C GLY G 500 42.23 56.96 20.34
N ILE G 501 41.77 57.07 21.57
CA ILE G 501 40.36 57.26 21.80
C ILE G 501 40.02 58.64 22.33
N ASP G 502 39.42 59.46 21.49
CA ASP G 502 39.13 60.83 21.88
C ASP G 502 37.79 60.95 22.62
N ALA G 503 37.79 60.49 23.85
CA ALA G 503 36.59 60.51 24.68
C ALA G 503 36.17 61.93 25.04
N VAL G 504 34.87 62.17 25.04
CA VAL G 504 34.27 63.44 25.38
C VAL G 504 33.01 63.26 26.19
N VAL G 505 32.71 64.18 27.10
CA VAL G 505 31.45 64.10 27.80
C VAL G 505 30.49 65.02 27.09
N LEU G 506 29.33 64.48 26.71
CA LEU G 506 28.36 65.24 25.95
C LEU G 506 27.20 65.71 26.76
N ASP G 507 26.56 66.79 26.30
CA ASP G 507 25.34 67.18 26.95
C ASP G 507 24.42 65.97 26.83
N PRO G 508 23.84 65.50 27.92
CA PRO G 508 23.01 64.33 27.94
C PRO G 508 21.74 64.45 27.16
N ASN G 509 21.30 65.66 26.88
CA ASN G 509 20.03 65.79 26.23
C ASN G 509 20.18 66.10 24.78
N THR G 510 21.12 66.97 24.45
CA THR G 510 21.22 67.37 23.06
C THR G 510 22.47 68.07 22.62
N GLY G 511 22.70 67.94 21.33
CA GLY G 511 23.72 68.72 20.64
C GLY G 511 25.16 68.58 21.08
N GLU G 512 25.71 69.74 21.40
CA GLU G 512 27.07 70.02 21.79
C GLU G 512 27.63 69.29 22.99
N GLU G 513 28.94 69.16 22.95
CA GLU G 513 29.64 68.56 24.04
C GLU G 513 29.81 69.55 25.17
N LEU G 514 30.39 69.10 26.25
CA LEU G 514 30.59 70.00 27.35
C LEU G 514 32.04 70.39 27.51
N ASN G 515 32.37 71.59 27.04
CA ASN G 515 33.72 72.13 27.10
C ASN G 515 33.79 73.00 28.33
N THR G 516 34.21 72.40 29.41
CA THR G 516 34.15 73.05 30.71
C THR G 516 34.98 72.34 31.74
N SER G 517 35.32 73.08 32.77
CA SER G 517 36.05 72.53 33.91
C SER G 517 35.22 71.54 34.70
N HIS G 518 33.90 71.60 34.57
CA HIS G 518 33.04 70.67 35.27
C HIS G 518 31.92 70.19 34.38
N ALA G 519 31.88 68.90 34.10
CA ALA G 519 30.84 68.44 33.18
C ALA G 519 30.15 67.18 33.62
N GLU G 520 28.86 67.21 33.45
CA GLU G 520 28.00 66.06 33.70
C GLU G 520 27.30 65.69 32.43
N GLY G 521 27.38 64.45 32.03
CA GLY G 521 26.71 64.08 30.81
C GLY G 521 26.89 62.64 30.49
N VAL G 522 27.03 62.34 29.22
CA VAL G 522 27.19 60.96 28.81
C VAL G 522 28.51 60.82 28.14
N LEU G 523 29.06 59.63 28.14
CA LEU G 523 30.37 59.48 27.55
C LEU G 523 30.26 59.09 26.09
N ALA G 524 31.08 59.70 25.26
CA ALA G 524 31.04 59.39 23.85
C ALA G 524 32.40 59.53 23.22
N VAL G 525 32.59 58.92 22.08
CA VAL G 525 33.88 59.06 21.43
C VAL G 525 33.77 59.68 20.05
N LYS G 526 34.60 60.68 19.83
CA LYS G 526 34.65 61.41 18.57
C LYS G 526 35.09 60.65 17.31
N ALA G 527 35.92 59.62 17.42
CA ALA G 527 36.41 58.93 16.22
C ALA G 527 36.65 57.48 16.51
N ALA G 528 36.72 56.70 15.45
CA ALA G 528 36.94 55.26 15.54
C ALA G 528 38.37 54.95 15.91
N TRP G 529 38.59 53.72 16.36
CA TRP G 529 39.89 53.19 16.76
C TRP G 529 39.96 51.73 16.27
N PRO G 530 41.17 51.14 16.15
CA PRO G 530 41.42 49.81 15.63
C PRO G 530 40.63 48.65 16.15
N SER G 531 40.20 48.64 17.39
CA SER G 531 39.49 47.45 17.80
C SER G 531 38.07 47.72 18.20
N PHE G 532 37.47 48.64 17.49
CA PHE G 532 36.07 48.92 17.68
C PHE G 532 35.23 47.86 16.99
N ALA G 533 34.24 47.30 17.67
CA ALA G 533 33.44 46.28 17.04
C ALA G 533 32.94 46.78 15.73
N ARG G 534 33.02 45.92 14.74
CA ARG G 534 32.66 46.32 13.41
C ARG G 534 31.20 46.20 13.15
N THR G 535 30.60 45.18 13.70
CA THR G 535 29.18 45.01 13.45
C THR G 535 28.53 44.05 14.40
N ILE G 536 27.26 43.80 14.15
CA ILE G 536 26.50 42.77 14.84
C ILE G 536 26.16 41.74 13.81
N TRP G 537 26.54 40.52 14.07
CA TRP G 537 26.36 39.46 13.11
C TRP G 537 24.96 39.42 12.59
N LYS G 538 24.85 39.55 11.29
CA LYS G 538 23.63 39.55 10.55
C LYS G 538 22.60 40.57 10.97
N ASN G 539 23.03 41.73 11.44
CA ASN G 539 22.07 42.75 11.77
C ASN G 539 22.74 44.10 11.85
N HIS G 540 23.15 44.63 10.72
CA HIS G 540 23.89 45.86 10.80
C HIS G 540 22.99 47.00 11.21
N ASP G 541 21.70 46.90 10.93
CA ASP G 541 20.84 47.99 11.34
C ASP G 541 20.79 48.12 12.84
N ARG G 542 20.75 47.01 13.57
CA ARG G 542 20.66 47.14 15.01
C ARG G 542 21.90 47.84 15.51
N TYR G 543 23.05 47.49 14.94
CA TYR G 543 24.31 48.09 15.32
C TYR G 543 24.25 49.59 15.18
N LEU G 544 23.84 50.05 14.02
CA LEU G 544 23.83 51.48 13.81
C LEU G 544 22.86 52.19 14.72
N ASP G 545 21.65 51.64 14.87
CA ASP G 545 20.67 52.29 15.72
C ASP G 545 21.06 52.34 17.17
N THR G 546 21.76 51.32 17.62
CA THR G 546 22.16 51.23 18.99
C THR G 546 23.29 52.14 19.33
N TYR G 547 24.32 52.19 18.49
CA TYR G 547 25.51 52.91 18.87
C TYR G 547 25.83 54.20 18.13
N LEU G 548 25.49 54.33 16.86
CA LEU G 548 25.95 55.49 16.12
C LEU G 548 24.88 56.49 15.78
N ASN G 549 23.64 56.07 15.73
CA ASN G 549 22.59 57.00 15.38
C ASN G 549 22.15 57.97 16.49
N PRO G 550 22.12 57.59 17.78
CA PRO G 550 21.83 58.49 18.88
C PRO G 550 22.97 59.46 18.89
N TYR G 551 22.76 60.70 19.31
CA TYR G 551 23.87 61.65 19.37
C TYR G 551 24.79 61.47 18.16
N PRO G 552 24.28 61.57 16.95
CA PRO G 552 24.97 61.19 15.75
C PRO G 552 26.22 61.98 15.60
N GLY G 553 27.25 61.31 15.16
CA GLY G 553 28.55 61.92 14.97
C GLY G 553 29.52 61.35 15.98
N TYR G 554 29.00 60.80 17.06
CA TYR G 554 29.82 60.24 18.10
C TYR G 554 29.44 58.81 18.39
N TYR G 555 30.36 58.04 18.91
CA TYR G 555 30.00 56.74 19.39
C TYR G 555 29.39 56.89 20.73
N PHE G 556 28.18 56.43 20.90
CA PHE G 556 27.52 56.59 22.16
C PHE G 556 27.85 55.45 23.05
N THR G 557 28.50 55.75 24.15
CA THR G 557 28.95 54.70 25.03
C THR G 557 27.78 54.01 25.67
N GLY G 558 26.82 54.77 26.14
CA GLY G 558 25.68 54.22 26.84
C GLY G 558 25.79 54.40 28.34
N ASP G 559 26.97 54.76 28.80
CA ASP G 559 27.21 55.00 30.20
C ASP G 559 27.28 56.47 30.48
N GLY G 560 26.88 56.84 31.69
CA GLY G 560 26.95 58.20 32.13
C GLY G 560 28.35 58.50 32.58
N ALA G 561 28.69 59.77 32.61
CA ALA G 561 30.03 60.12 33.03
C ALA G 561 30.11 61.54 33.50
N ALA G 562 31.18 61.81 34.22
CA ALA G 562 31.42 63.17 34.61
C ALA G 562 32.89 63.47 34.47
N LYS G 563 33.18 64.64 33.97
CA LYS G 563 34.55 65.03 33.82
C LYS G 563 34.89 65.98 34.92
N ASP G 564 35.88 65.59 35.66
CA ASP G 564 36.32 66.31 36.82
C ASP G 564 37.31 67.41 36.51
N LYS G 565 37.69 68.09 37.55
CA LYS G 565 38.75 69.05 37.45
C LYS G 565 39.97 68.22 37.16
N ASP G 566 40.87 68.75 36.38
CA ASP G 566 42.13 68.07 36.05
C ASP G 566 41.96 66.85 35.13
N GLY G 567 40.76 66.65 34.58
CA GLY G 567 40.58 65.65 33.56
C GLY G 567 40.28 64.22 33.96
N TYR G 568 40.00 63.93 35.19
CA TYR G 568 39.70 62.54 35.47
C TYR G 568 38.26 62.23 35.09
N ILE G 569 38.04 61.09 34.43
CA ILE G 569 36.68 60.75 34.04
C ILE G 569 36.05 59.76 34.98
N TRP G 570 34.97 60.17 35.59
CA TRP G 570 34.24 59.34 36.52
C TRP G 570 33.14 58.65 35.74
N ILE G 571 32.85 57.42 36.09
CA ILE G 571 31.74 56.73 35.42
C ILE G 571 30.59 56.71 36.38
N LEU G 572 29.46 57.23 35.95
CA LEU G 572 28.31 57.40 36.84
C LEU G 572 27.30 56.27 36.84
N GLY G 573 27.51 55.26 36.01
CA GLY G 573 26.59 54.15 35.86
C GLY G 573 25.89 54.23 34.51
N ARG G 574 25.16 53.22 34.13
CA ARG G 574 24.50 53.23 32.82
C ARG G 574 23.48 54.31 32.73
N VAL G 575 23.33 54.88 31.54
CA VAL G 575 22.36 55.96 31.36
C VAL G 575 20.95 55.48 31.63
N ASP G 576 20.65 54.30 31.16
CA ASP G 576 19.34 53.70 31.32
C ASP G 576 18.89 53.52 32.77
N ASP G 577 19.81 53.48 33.72
CA ASP G 577 19.44 53.26 35.11
C ASP G 577 19.34 54.54 35.91
N VAL G 578 19.52 55.68 35.27
CA VAL G 578 19.47 56.90 36.04
C VAL G 578 18.13 57.10 36.66
N VAL G 579 18.11 57.42 37.94
CA VAL G 579 16.85 57.61 38.62
C VAL G 579 16.55 59.09 38.59
N ASN G 580 15.43 59.44 38.05
CA ASN G 580 15.09 60.83 37.94
C ASN G 580 14.26 61.29 39.13
N VAL G 581 14.80 62.21 39.90
CA VAL G 581 14.15 62.74 41.07
C VAL G 581 13.94 64.20 40.75
N SER G 582 12.98 64.84 41.38
CA SER G 582 12.69 66.20 40.97
C SER G 582 13.90 67.06 41.10
N GLY G 583 14.61 66.92 42.19
CA GLY G 583 15.74 67.77 42.41
C GLY G 583 16.81 67.65 41.36
N HIS G 584 17.27 66.43 41.08
CA HIS G 584 18.32 66.22 40.08
C HIS G 584 18.47 64.76 39.60
N ARG G 585 19.18 64.58 38.48
CA ARG G 585 19.46 63.26 37.97
C ARG G 585 20.18 62.56 39.09
N LEU G 586 20.03 61.27 39.19
CA LEU G 586 20.69 60.63 40.27
C LEU G 586 21.59 59.57 39.75
N SER G 587 22.81 59.59 40.22
CA SER G 587 23.82 58.65 39.80
C SER G 587 23.81 57.47 40.69
N THR G 588 23.59 56.31 40.11
CA THR G 588 23.55 55.13 40.92
C THR G 588 24.93 54.87 41.48
N ALA G 589 25.98 55.19 40.73
CA ALA G 589 27.32 54.96 41.25
C ALA G 589 27.59 55.77 42.52
N GLU G 590 27.17 57.04 42.52
CA GLU G 590 27.45 57.85 43.68
C GLU G 590 26.69 57.41 44.91
N ILE G 591 25.41 57.16 44.76
CA ILE G 591 24.68 56.73 45.93
C ILE G 591 25.13 55.40 46.47
N GLU G 592 25.48 54.46 45.60
CA GLU G 592 25.94 53.19 46.11
C GLU G 592 27.22 53.39 46.89
N ALA G 593 28.09 54.27 46.41
CA ALA G 593 29.32 54.54 47.13
C ALA G 593 29.03 55.06 48.52
N ALA G 594 28.03 55.91 48.65
CA ALA G 594 27.72 56.40 49.98
C ALA G 594 27.21 55.31 50.90
N ILE G 595 26.35 54.44 50.38
CA ILE G 595 25.73 53.43 51.21
C ILE G 595 26.73 52.47 51.80
N ILE G 596 27.73 52.04 51.03
CA ILE G 596 28.75 51.10 51.52
C ILE G 596 29.57 51.60 52.71
N GLU G 597 29.51 52.89 53.05
CA GLU G 597 30.23 53.37 54.21
C GLU G 597 29.47 52.80 55.39
N ASP G 598 29.88 53.03 56.65
CA ASP G 598 29.16 52.40 57.76
C ASP G 598 29.32 50.88 57.62
N PRO G 599 30.49 50.34 57.98
CA PRO G 599 30.92 48.98 57.72
C PRO G 599 30.18 47.93 58.50
N ILE G 600 28.90 47.84 58.19
CA ILE G 600 27.95 46.88 58.63
C ILE G 600 27.37 46.40 57.35
N VAL G 601 27.51 47.27 56.33
CA VAL G 601 27.04 47.03 54.98
C VAL G 601 28.10 46.32 54.21
N ALA G 602 27.71 45.23 53.58
CA ALA G 602 28.63 44.47 52.79
C ALA G 602 28.52 44.82 51.32
N GLU G 603 27.29 44.89 50.84
CA GLU G 603 27.03 45.14 49.43
C GLU G 603 25.78 45.97 49.29
N CYS G 604 25.64 46.66 48.17
CA CYS G 604 24.43 47.44 47.94
C CYS G 604 24.16 47.76 46.50
N ALA G 605 22.87 47.76 46.16
CA ALA G 605 22.43 48.21 44.85
C ALA G 605 21.27 49.16 45.01
N VAL G 606 21.29 50.23 44.22
CA VAL G 606 20.22 51.20 44.24
C VAL G 606 19.39 51.13 43.01
N VAL G 607 18.11 51.02 43.26
CA VAL G 607 17.11 50.80 42.26
C VAL G 607 16.04 51.88 42.25
N GLY G 608 15.72 52.42 41.07
CA GLY G 608 14.64 53.40 41.02
C GLY G 608 13.33 52.69 41.29
N PHE G 609 12.39 53.31 41.99
CA PHE G 609 11.13 52.60 42.07
C PHE G 609 9.90 53.51 41.98
N ASN G 610 8.90 53.02 41.24
CA ASN G 610 7.69 53.76 40.96
C ASN G 610 7.02 54.19 42.25
N ASP G 611 6.70 55.46 42.33
CA ASP G 611 6.11 56.04 43.51
C ASP G 611 5.23 57.20 43.08
N ASP G 612 4.60 57.86 44.05
CA ASP G 612 3.72 59.00 43.78
C ASP G 612 4.49 60.30 43.74
N LEU G 613 5.79 60.18 43.84
CA LEU G 613 6.75 61.26 43.80
C LEU G 613 6.99 61.65 42.38
N THR G 614 7.44 62.88 42.18
CA THR G 614 7.87 63.25 40.85
C THR G 614 8.97 62.28 40.45
N GLY G 615 8.85 61.71 39.25
CA GLY G 615 9.80 60.71 38.80
C GLY G 615 9.70 59.45 39.62
N GLN G 616 10.81 59.02 40.21
CA GLN G 616 10.83 57.81 41.00
C GLN G 616 11.45 57.97 42.38
N ALA G 617 11.10 57.05 43.25
CA ALA G 617 11.66 56.96 44.57
C ALA G 617 12.98 56.25 44.50
N VAL G 618 13.78 56.44 45.51
CA VAL G 618 14.99 55.68 45.60
C VAL G 618 14.80 54.51 46.55
N ALA G 619 15.12 53.32 46.06
CA ALA G 619 15.05 52.11 46.85
C ALA G 619 16.43 51.48 46.90
N ALA G 620 16.72 50.75 47.95
CA ALA G 620 18.02 50.12 47.96
C ALA G 620 17.99 48.76 48.57
N PHE G 621 18.80 47.91 47.97
CA PHE G 621 18.97 46.56 48.43
C PHE G 621 20.28 46.46 49.11
N VAL G 622 20.25 46.19 50.38
CA VAL G 622 21.43 46.22 51.17
C VAL G 622 21.72 44.88 51.80
N VAL G 623 22.93 44.43 51.65
CA VAL G 623 23.37 43.18 52.22
C VAL G 623 24.20 43.47 53.43
N LEU G 624 23.86 42.87 54.56
CA LEU G 624 24.65 43.13 55.75
C LEU G 624 25.73 42.09 55.85
N LYS G 625 26.86 42.49 56.41
CA LYS G 625 28.05 41.65 56.51
C LYS G 625 27.92 40.38 57.31
N ASN G 626 27.21 40.40 58.42
CA ASN G 626 27.10 39.23 59.27
C ASN G 626 25.66 38.81 59.47
N LYS G 627 25.37 37.54 59.27
CA LYS G 627 24.01 37.04 59.41
C LYS G 627 23.48 37.17 60.85
N SER G 628 24.34 36.94 61.83
CA SER G 628 23.92 37.00 63.22
C SER G 628 23.38 38.36 63.57
N ASN G 629 24.03 39.42 63.10
CA ASN G 629 23.49 40.75 63.33
C ASN G 629 22.19 40.91 62.57
N TRP G 630 22.15 40.38 61.36
CA TRP G 630 20.96 40.46 60.53
C TRP G 630 19.77 39.70 61.09
N SER G 631 19.99 38.53 61.66
CA SER G 631 18.90 37.78 62.23
C SER G 631 18.80 38.05 63.72
N THR G 632 17.84 38.90 64.05
CA THR G 632 17.57 39.37 65.40
C THR G 632 16.15 39.91 65.46
N ALA G 633 15.72 40.35 66.64
CA ALA G 633 14.37 40.88 66.72
C ALA G 633 14.39 42.14 65.88
N THR G 634 13.57 42.13 64.85
CA THR G 634 13.55 43.20 63.85
C THR G 634 13.18 44.57 64.39
N ASP G 635 12.17 44.62 65.23
CA ASP G 635 11.80 45.92 65.76
C ASP G 635 12.95 46.49 66.57
N ASP G 636 13.64 45.60 67.25
CA ASP G 636 14.68 45.94 68.18
C ASP G 636 15.82 46.63 67.48
N GLU G 637 16.34 46.01 66.42
CA GLU G 637 17.54 46.54 65.79
C GLU G 637 17.51 46.81 64.30
N LEU G 638 16.76 46.04 63.50
CA LEU G 638 16.94 46.29 62.06
C LEU G 638 16.45 47.68 61.74
N GLN G 639 15.50 48.16 62.54
CA GLN G 639 14.97 49.48 62.38
C GLN G 639 16.05 50.56 62.53
N ASP G 640 17.10 50.31 63.30
CA ASP G 640 18.11 51.33 63.47
C ASP G 640 19.07 51.22 62.35
N ILE G 641 19.25 50.00 61.88
CA ILE G 641 20.13 49.87 60.76
C ILE G 641 19.57 50.69 59.65
N LYS G 642 18.26 50.60 59.43
CA LYS G 642 17.68 51.39 58.39
C LYS G 642 17.86 52.90 58.63
N LYS G 643 17.69 53.35 59.89
CA LYS G 643 17.88 54.77 60.18
C LYS G 643 19.28 55.23 59.85
N HIS G 644 20.26 54.40 60.18
CA HIS G 644 21.62 54.79 59.95
C HIS G 644 21.93 54.87 58.47
N LEU G 645 21.42 53.90 57.72
CA LEU G 645 21.70 53.88 56.30
C LEU G 645 21.13 55.10 55.59
N VAL G 646 19.91 55.49 55.97
CA VAL G 646 19.30 56.63 55.31
C VAL G 646 19.97 57.91 55.78
N PHE G 647 20.35 57.96 57.05
CA PHE G 647 21.01 59.12 57.60
C PHE G 647 22.26 59.47 56.83
N THR G 648 23.12 58.48 56.63
CA THR G 648 24.34 58.73 55.89
C THR G 648 24.08 59.22 54.51
N VAL G 649 23.19 58.60 53.78
CA VAL G 649 23.04 59.12 52.45
C VAL G 649 22.52 60.54 52.49
N ARG G 650 21.54 60.77 53.35
CA ARG G 650 20.96 62.08 53.46
C ARG G 650 21.97 63.17 53.75
N LYS G 651 22.94 62.92 54.63
CA LYS G 651 23.90 63.97 54.92
C LYS G 651 25.01 64.10 53.88
N ASP G 652 25.48 63.00 53.29
CA ASP G 652 26.58 63.11 52.35
C ASP G 652 26.19 63.36 50.91
N ILE G 653 25.06 62.85 50.46
CA ILE G 653 24.65 63.04 49.08
C ILE G 653 23.55 64.07 49.01
N GLY G 654 22.56 63.92 49.88
CA GLY G 654 21.43 64.82 49.93
C GLY G 654 20.10 64.06 50.01
N PRO G 655 19.09 64.83 50.42
CA PRO G 655 17.70 64.51 50.70
C PRO G 655 17.02 63.94 49.51
N PHE G 656 17.25 64.43 48.30
CA PHE G 656 16.56 63.77 47.22
C PHE G 656 17.04 62.34 47.06
N ALA G 657 18.34 62.12 47.17
CA ALA G 657 18.90 60.78 47.01
C ALA G 657 18.55 59.76 48.10
N ALA G 658 18.63 60.20 49.33
CA ALA G 658 18.35 59.36 50.47
C ALA G 658 17.24 58.38 50.10
N PRO G 659 17.43 57.08 50.35
CA PRO G 659 16.48 56.03 50.04
C PRO G 659 15.29 56.09 50.95
N LYS G 660 14.18 55.59 50.44
CA LYS G 660 12.98 55.42 51.22
C LYS G 660 12.76 53.97 51.52
N LEU G 661 12.97 53.12 50.54
CA LEU G 661 12.74 51.72 50.78
C LEU G 661 14.07 51.02 51.00
N ILE G 662 14.31 50.58 52.22
CA ILE G 662 15.54 49.86 52.47
C ILE G 662 15.19 48.42 52.70
N ILE G 663 15.69 47.58 51.84
CA ILE G 663 15.38 46.19 51.89
C ILE G 663 16.65 45.49 52.29
N LEU G 664 16.63 44.80 53.43
CA LEU G 664 17.83 44.14 53.91
C LEU G 664 17.77 42.70 53.48
N VAL G 665 18.72 42.29 52.68
CA VAL G 665 18.70 40.97 52.07
C VAL G 665 19.96 40.18 52.37
N ASP G 666 19.91 38.88 52.09
CA ASP G 666 21.05 38.03 52.28
C ASP G 666 22.06 38.14 51.16
N ASP G 667 21.61 38.45 49.95
CA ASP G 667 22.51 38.61 48.81
C ASP G 667 21.83 39.37 47.66
N LEU G 668 22.61 39.67 46.63
CA LEU G 668 22.14 40.31 45.40
C LEU G 668 22.40 39.36 44.23
N PRO G 669 21.57 39.38 43.20
CA PRO G 669 21.76 38.57 42.01
C PRO G 669 22.97 39.08 41.30
N LYS G 670 23.82 38.18 40.86
CA LYS G 670 25.03 38.58 40.16
C LYS G 670 25.18 37.84 38.86
N THR G 671 25.82 38.46 37.90
CA THR G 671 26.01 37.79 36.63
C THR G 671 27.33 37.08 36.52
N ARG G 672 27.38 36.18 35.54
CA ARG G 672 28.61 35.48 35.21
C ARG G 672 29.67 36.48 34.77
N SER G 673 29.23 37.55 34.13
CA SER G 673 30.05 38.63 33.63
C SER G 673 30.55 39.57 34.72
N GLY G 674 30.14 39.39 35.96
CA GLY G 674 30.67 40.24 36.99
C GLY G 674 29.88 41.46 37.43
N LYS G 675 28.57 41.50 37.26
CA LYS G 675 27.78 42.66 37.62
C LYS G 675 26.58 42.38 38.44
N ILE G 676 26.16 43.32 39.27
CA ILE G 676 24.89 43.09 39.95
C ILE G 676 23.80 43.21 38.93
N MET G 677 22.93 42.22 38.86
CA MET G 677 21.90 42.28 37.82
C MET G 677 20.74 43.14 38.27
N ARG G 678 20.98 44.44 38.22
CA ARG G 678 20.04 45.43 38.72
C ARG G 678 18.72 45.36 38.02
N ARG G 679 18.71 44.97 36.76
CA ARG G 679 17.44 44.88 36.08
C ARG G 679 16.48 43.94 36.79
N ILE G 680 16.98 42.84 37.35
CA ILE G 680 16.09 41.93 38.04
C ILE G 680 15.55 42.61 39.23
N LEU G 681 16.42 43.26 39.97
CA LEU G 681 15.94 43.88 41.18
C LEU G 681 14.90 44.90 40.85
N ARG G 682 15.09 45.64 39.77
CA ARG G 682 14.12 46.64 39.39
C ARG G 682 12.78 46.03 39.08
N LYS G 683 12.76 44.94 38.34
CA LYS G 683 11.49 44.34 38.02
C LYS G 683 10.82 43.76 39.23
N ILE G 684 11.56 43.11 40.11
CA ILE G 684 10.92 42.52 41.25
C ILE G 684 10.34 43.60 42.10
N LEU G 685 11.12 44.64 42.32
CA LEU G 685 10.68 45.72 43.15
C LEU G 685 9.45 46.39 42.60
N ALA G 686 9.41 46.60 41.28
CA ALA G 686 8.27 47.21 40.63
C ALA G 686 7.00 46.41 40.86
N GLY G 687 7.12 45.09 40.90
CA GLY G 687 5.99 44.20 41.11
C GLY G 687 5.89 43.14 40.04
N GLU G 688 6.51 43.38 38.90
CA GLU G 688 6.53 42.41 37.81
C GLU G 688 7.66 41.44 38.01
N SER G 689 7.56 40.65 39.08
CA SER G 689 8.58 39.71 39.51
C SER G 689 8.62 38.41 38.72
N ASP G 690 7.63 38.18 37.91
CA ASP G 690 7.56 36.98 37.11
C ASP G 690 8.39 37.11 35.85
N GLN G 691 8.20 38.19 35.12
CA GLN G 691 8.87 38.29 33.85
C GLN G 691 10.30 38.75 33.92
N LEU G 692 11.14 37.88 34.46
CA LEU G 692 12.56 38.13 34.63
C LEU G 692 13.39 37.52 33.53
N GLY G 693 12.77 36.77 32.65
CA GLY G 693 13.50 36.08 31.62
C GLY G 693 14.20 34.88 32.23
N ASP G 694 15.23 34.40 31.57
CA ASP G 694 15.90 33.20 32.05
C ASP G 694 16.82 33.55 33.19
N VAL G 695 16.58 32.94 34.34
CA VAL G 695 17.39 33.21 35.50
C VAL G 695 18.82 32.79 35.26
N SER G 696 19.04 31.82 34.38
CA SER G 696 20.38 31.29 34.15
C SER G 696 21.26 32.19 33.30
N THR G 697 21.51 33.35 33.85
CA THR G 697 22.39 34.35 33.33
C THR G 697 23.22 34.71 34.54
N LEU G 698 22.66 34.32 35.69
CA LEU G 698 23.21 34.59 36.98
C LEU G 698 24.18 33.53 37.40
N SER G 699 25.13 33.95 38.22
CA SER G 699 26.09 33.05 38.84
C SER G 699 25.55 32.40 40.10
N ASN G 700 24.44 32.92 40.59
CA ASN G 700 23.79 32.45 41.79
C ASN G 700 22.29 32.15 41.69
N PRO G 701 21.82 31.54 40.61
CA PRO G 701 20.43 31.32 40.35
C PRO G 701 19.92 30.53 41.50
N GLY G 702 18.73 30.88 41.91
CA GLY G 702 18.11 30.28 43.07
C GLY G 702 17.80 31.44 43.98
N ILE G 703 18.71 32.42 43.97
CA ILE G 703 18.60 33.63 44.76
C ILE G 703 17.28 34.34 44.61
N VAL G 704 16.70 34.28 43.43
CA VAL G 704 15.46 34.97 43.18
C VAL G 704 14.40 34.57 44.15
N ARG G 705 14.39 33.33 44.59
CA ARG G 705 13.36 32.92 45.52
C ARG G 705 13.32 33.85 46.74
N HIS G 706 14.49 34.21 47.25
CA HIS G 706 14.55 35.03 48.43
C HIS G 706 14.30 36.46 48.09
N LEU G 707 14.78 36.89 46.95
CA LEU G 707 14.63 38.29 46.63
C LEU G 707 13.18 38.63 46.58
N ILE G 708 12.38 37.72 46.03
CA ILE G 708 10.97 38.01 45.95
C ILE G 708 10.38 38.11 47.33
N ASP G 709 10.66 37.16 48.20
CA ASP G 709 10.08 37.26 49.52
C ASP G 709 10.50 38.53 50.26
N SER G 710 11.76 38.92 50.14
CA SER G 710 12.24 40.10 50.86
C SER G 710 11.57 41.36 50.40
N VAL G 711 11.39 41.49 49.09
CA VAL G 711 10.73 42.66 48.55
C VAL G 711 9.30 42.75 48.98
N LYS G 712 8.57 41.64 48.87
CA LYS G 712 7.17 41.66 49.26
C LYS G 712 7.02 42.12 50.69
N LEU G 713 7.86 41.59 51.57
CA LEU G 713 7.81 41.94 52.97
C LEU G 713 9.14 42.53 53.41
N HIS H 38 86.08 -12.30 9.23
CA HIS H 38 85.66 -12.01 10.55
C HIS H 38 84.14 -12.02 10.62
N GLU H 39 83.57 -10.94 11.10
CA GLU H 39 82.14 -10.83 11.17
C GLU H 39 81.93 -10.03 9.94
N TYR H 40 81.69 -10.74 8.87
CA TYR H 40 81.55 -10.18 7.56
C TYR H 40 82.88 -9.98 6.87
N GLU H 41 83.93 -10.63 7.36
CA GLU H 41 85.20 -10.50 6.70
C GLU H 41 85.12 -10.91 5.26
N HIS H 42 84.34 -11.93 4.93
CA HIS H 42 84.27 -12.27 3.52
C HIS H 42 83.63 -11.15 2.74
N LEU H 43 82.44 -10.74 3.15
CA LEU H 43 81.70 -9.68 2.47
C LEU H 43 82.48 -8.41 2.24
N THR H 44 83.20 -7.95 3.23
CA THR H 44 83.85 -6.66 3.11
C THR H 44 85.28 -6.70 2.61
N SER H 45 85.81 -7.88 2.33
CA SER H 45 87.21 -7.96 1.95
C SER H 45 87.36 -7.78 0.46
N VAL H 46 87.25 -6.54 0.04
CA VAL H 46 87.28 -6.25 -1.37
C VAL H 46 88.25 -5.13 -1.68
N LYS H 47 88.60 -5.04 -2.95
CA LYS H 47 89.43 -3.99 -3.48
C LYS H 47 88.62 -2.75 -3.77
N ILE H 48 89.22 -1.59 -3.56
CA ILE H 48 88.59 -0.34 -3.90
C ILE H 48 88.83 0.00 -5.33
N VAL H 49 87.77 0.33 -6.04
CA VAL H 49 87.88 0.69 -7.43
C VAL H 49 87.71 2.20 -7.55
N PRO H 50 88.71 2.92 -8.04
CA PRO H 50 88.70 4.37 -8.21
C PRO H 50 87.86 4.66 -9.40
N GLN H 51 87.35 5.86 -9.55
CA GLN H 51 86.57 6.17 -10.74
C GLN H 51 87.49 6.82 -11.74
N ARG H 52 87.32 6.48 -12.99
CA ARG H 52 88.11 6.96 -14.09
C ARG H 52 87.37 8.13 -14.67
N PRO H 53 88.04 9.13 -15.21
CA PRO H 53 87.41 10.26 -15.84
C PRO H 53 86.74 9.81 -17.09
N ILE H 54 85.65 10.46 -17.42
CA ILE H 54 84.96 10.20 -18.66
C ILE H 54 84.91 11.46 -19.47
N SER H 55 85.40 11.40 -20.70
CA SER H 55 85.35 12.58 -21.55
C SER H 55 84.95 12.09 -22.89
N ASP H 56 85.25 10.85 -23.08
CA ASP H 56 85.11 10.18 -24.34
C ASP H 56 83.76 9.55 -24.53
N ARG H 57 82.87 9.81 -23.60
CA ARG H 57 81.50 9.38 -23.70
C ARG H 57 80.61 10.59 -23.66
N LEU H 58 81.18 11.79 -23.76
CA LEU H 58 80.31 12.94 -23.73
C LEU H 58 79.73 13.15 -25.09
N GLN H 59 78.53 13.66 -25.13
CA GLN H 59 77.91 14.00 -26.38
C GLN H 59 78.25 15.43 -26.67
N PRO H 60 78.27 15.86 -27.94
CA PRO H 60 78.58 17.22 -28.37
C PRO H 60 77.85 18.29 -27.57
N ALA H 61 76.62 17.99 -27.16
CA ALA H 61 75.80 18.90 -26.38
C ALA H 61 76.48 19.44 -25.13
N ILE H 62 77.28 18.61 -24.47
CA ILE H 62 77.96 19.02 -23.26
C ILE H 62 79.44 18.88 -23.39
N ALA H 63 79.89 18.37 -24.51
CA ALA H 63 81.30 18.17 -24.67
C ALA H 63 82.08 19.45 -24.48
N THR H 64 81.51 20.60 -24.81
CA THR H 64 82.24 21.83 -24.70
C THR H 64 82.20 22.49 -23.34
N HIS H 65 81.33 22.04 -22.43
CA HIS H 65 81.27 22.73 -21.15
C HIS H 65 81.14 21.82 -19.94
N TYR H 66 81.09 20.51 -20.14
CA TYR H 66 80.94 19.58 -19.05
C TYR H 66 81.97 19.71 -17.98
N SER H 67 81.47 19.72 -16.76
CA SER H 67 82.26 19.75 -15.57
C SER H 67 81.37 19.20 -14.47
N PRO H 68 81.87 18.33 -13.60
CA PRO H 68 81.11 17.71 -12.54
C PRO H 68 80.67 18.74 -11.54
N HIS H 69 79.58 18.47 -10.84
CA HIS H 69 79.11 19.43 -9.83
C HIS H 69 79.97 19.41 -8.57
N LEU H 70 80.56 18.27 -8.22
CA LEU H 70 81.45 18.14 -7.09
C LEU H 70 82.79 17.75 -7.67
N ASP H 71 83.85 18.44 -7.28
CA ASP H 71 85.16 18.20 -7.86
C ASP H 71 85.91 16.99 -7.31
N GLY H 72 85.61 16.58 -6.08
CA GLY H 72 86.31 15.44 -5.51
C GLY H 72 85.82 15.09 -4.13
N LEU H 73 86.41 14.05 -3.55
CA LEU H 73 86.03 13.55 -2.26
C LEU H 73 86.23 14.59 -1.21
N GLN H 74 87.28 15.39 -1.35
CA GLN H 74 87.54 16.40 -0.35
C GLN H 74 86.46 17.48 -0.32
N ASP H 75 85.70 17.67 -1.39
CA ASP H 75 84.67 18.67 -1.35
C ASP H 75 83.46 18.03 -0.78
N TYR H 76 83.28 16.77 -1.09
CA TYR H 76 82.19 16.06 -0.46
C TYR H 76 82.39 16.15 1.02
N GLN H 77 83.57 15.83 1.48
CA GLN H 77 83.79 15.81 2.90
C GLN H 77 83.56 17.15 3.56
N ARG H 78 84.02 18.25 2.97
CA ARG H 78 83.80 19.49 3.70
C ARG H 78 82.38 19.94 3.57
N LEU H 79 81.74 19.69 2.43
CA LEU H 79 80.39 20.13 2.22
C LEU H 79 79.46 19.35 3.10
N HIS H 80 79.70 18.05 3.23
CA HIS H 80 78.91 17.21 4.08
C HIS H 80 79.01 17.73 5.47
N LYS H 81 80.23 17.98 5.93
CA LYS H 81 80.37 18.52 7.26
C LYS H 81 79.46 19.73 7.45
N GLU H 82 79.47 20.69 6.52
CA GLU H 82 78.64 21.89 6.67
C GLU H 82 77.16 21.54 6.69
N SER H 83 76.75 20.61 5.86
CA SER H 83 75.36 20.21 5.79
C SER H 83 74.86 19.69 7.11
N ILE H 84 75.71 18.95 7.81
CA ILE H 84 75.30 18.41 9.10
C ILE H 84 75.37 19.48 10.18
N GLU H 85 76.49 20.20 10.25
CA GLU H 85 76.67 21.20 11.29
C GLU H 85 75.73 22.40 11.22
N ASP H 86 75.40 22.89 10.03
CA ASP H 86 74.52 24.05 9.95
C ASP H 86 73.63 24.04 8.70
N PRO H 87 72.54 23.23 8.71
CA PRO H 87 71.59 23.02 7.62
C PRO H 87 70.95 24.31 7.17
N ALA H 88 70.91 25.25 8.10
CA ALA H 88 70.33 26.55 7.89
C ALA H 88 70.94 27.24 6.72
N LYS H 89 72.21 27.02 6.47
CA LYS H 89 72.82 27.67 5.36
C LYS H 89 72.88 26.72 4.19
N PHE H 90 73.26 25.48 4.44
CA PHE H 90 73.38 24.56 3.31
C PHE H 90 72.08 24.41 2.54
N PHE H 91 71.00 24.03 3.24
CA PHE H 91 69.74 23.83 2.57
C PHE H 91 69.11 25.14 2.36
N GLY H 92 69.25 26.02 3.32
CA GLY H 92 68.66 27.32 3.19
C GLY H 92 68.93 27.94 1.84
N SER H 93 70.19 27.96 1.41
CA SER H 93 70.52 28.51 0.12
C SER H 93 70.08 27.66 -1.05
N LYS H 94 70.34 26.36 -1.02
CA LYS H 94 69.97 25.55 -2.18
C LYS H 94 68.48 25.60 -2.43
N ALA H 95 67.72 25.72 -1.36
CA ALA H 95 66.29 25.81 -1.44
C ALA H 95 65.81 26.97 -2.27
N THR H 96 66.54 28.09 -2.30
CA THR H 96 66.04 29.20 -3.08
C THR H 96 66.74 29.28 -4.39
N GLN H 97 67.90 28.66 -4.49
CA GLN H 97 68.63 28.69 -5.73
C GLN H 97 68.10 27.72 -6.75
N PHE H 98 67.48 26.62 -6.31
CA PHE H 98 66.97 25.68 -7.30
C PHE H 98 65.46 25.57 -7.40
N LEU H 99 64.71 26.13 -6.48
CA LEU H 99 63.26 26.07 -6.53
C LEU H 99 62.72 27.45 -6.73
N ASN H 100 61.68 27.56 -7.49
CA ASN H 100 61.09 28.85 -7.72
C ASN H 100 59.88 29.05 -6.82
N TRP H 101 60.06 29.88 -5.81
CA TRP H 101 59.07 30.13 -4.76
C TRP H 101 58.07 31.20 -5.14
N SER H 102 56.82 31.02 -4.73
CA SER H 102 55.79 32.03 -4.97
C SER H 102 55.86 33.03 -3.85
N LYS H 103 56.24 32.54 -2.70
CA LYS H 103 56.38 33.32 -1.51
C LYS H 103 57.62 32.79 -0.82
N PRO H 104 58.56 33.64 -0.42
CA PRO H 104 59.77 33.23 0.25
C PRO H 104 59.45 32.69 1.61
N PHE H 105 60.29 31.80 2.09
CA PHE H 105 60.11 31.24 3.41
C PHE H 105 60.90 32.01 4.44
N ASP H 106 60.49 31.88 5.70
CA ASP H 106 61.19 32.54 6.78
C ASP H 106 62.17 31.65 7.48
N LYS H 107 61.81 30.39 7.67
CA LYS H 107 62.70 29.54 8.45
C LYS H 107 63.07 28.26 7.78
N VAL H 108 64.34 27.97 7.79
CA VAL H 108 64.72 26.78 7.14
C VAL H 108 64.16 25.58 7.88
N PHE H 109 64.27 25.52 9.20
CA PHE H 109 63.71 24.36 9.88
C PHE H 109 63.36 24.60 11.33
N ILE H 110 62.57 23.68 11.90
CA ILE H 110 62.26 23.73 13.32
C ILE H 110 63.29 22.93 14.10
N PRO H 111 64.08 23.54 14.97
CA PRO H 111 65.14 22.92 15.73
C PRO H 111 64.63 22.11 16.87
N ASP H 112 65.44 21.15 17.25
CA ASP H 112 65.25 20.35 18.43
C ASP H 112 65.71 21.14 19.66
N SER H 113 64.84 21.25 20.67
CA SER H 113 65.17 22.03 21.86
C SER H 113 66.54 21.68 22.47
N LYS H 114 66.96 20.42 22.36
CA LYS H 114 68.21 20.00 22.99
C LYS H 114 69.46 20.19 22.12
N THR H 115 69.28 20.53 20.84
CA THR H 115 70.39 20.64 19.92
C THR H 115 70.03 21.46 18.68
N GLY H 116 71.02 22.00 18.00
CA GLY H 116 70.69 22.81 16.82
C GLY H 116 70.22 22.02 15.59
N ARG H 117 70.20 20.70 15.69
CA ARG H 117 69.80 19.89 14.57
C ARG H 117 68.28 19.82 14.46
N PRO H 118 67.75 19.55 13.26
CA PRO H 118 66.34 19.36 12.98
C PRO H 118 65.68 18.26 13.79
N SER H 119 64.50 18.58 14.30
CA SER H 119 63.67 17.69 15.10
C SER H 119 62.98 16.60 14.28
N PHE H 120 62.93 15.37 14.80
CA PHE H 120 62.18 14.32 14.12
C PHE H 120 60.70 14.41 14.35
N GLN H 121 60.32 14.72 15.57
CA GLN H 121 58.93 14.75 15.95
C GLN H 121 58.19 15.93 15.39
N ASN H 122 58.88 17.03 15.18
CA ASN H 122 58.25 18.22 14.65
C ASN H 122 59.02 18.69 13.44
N ASN H 123 59.34 17.75 12.59
CA ASN H 123 60.06 18.02 11.36
C ASN H 123 59.26 18.87 10.42
N ALA H 124 59.80 20.01 10.02
CA ALA H 124 59.17 20.88 9.06
C ALA H 124 60.25 21.78 8.51
N TRP H 125 60.14 22.10 7.23
CA TRP H 125 61.14 22.90 6.55
C TRP H 125 60.56 24.01 5.68
N PHE H 126 61.32 25.06 5.50
CA PHE H 126 60.95 26.16 4.64
C PHE H 126 59.62 26.73 5.05
N LEU H 127 59.53 26.99 6.33
CA LEU H 127 58.31 27.45 6.91
C LEU H 127 57.89 28.79 6.39
N ASN H 128 56.60 28.85 6.17
CA ASN H 128 55.81 29.97 5.71
C ASN H 128 56.02 30.37 4.27
N GLY H 129 56.74 29.57 3.48
CA GLY H 129 56.86 29.89 2.06
C GLY H 129 55.78 29.17 1.30
N GLN H 130 55.69 29.44 0.00
CA GLN H 130 54.72 28.79 -0.87
C GLN H 130 55.38 28.40 -2.17
N LEU H 131 55.04 27.22 -2.65
CA LEU H 131 55.69 26.63 -3.79
C LEU H 131 54.81 25.66 -4.54
N ASN H 132 54.62 25.87 -5.83
CA ASN H 132 53.82 24.94 -6.59
C ASN H 132 54.69 23.96 -7.35
N ALA H 133 54.56 22.67 -7.02
CA ALA H 133 55.39 21.65 -7.65
C ALA H 133 55.26 21.58 -9.15
N CYS H 134 54.07 21.81 -9.69
CA CYS H 134 53.87 21.72 -11.12
C CYS H 134 54.56 22.86 -11.81
N TYR H 135 54.53 24.02 -11.17
CA TYR H 135 55.18 25.16 -11.75
C TYR H 135 56.63 24.84 -11.94
N ASN H 136 57.27 24.34 -10.90
CA ASN H 136 58.67 24.04 -10.97
C ASN H 136 59.00 22.91 -11.93
N CYS H 137 58.11 21.92 -12.05
CA CYS H 137 58.32 20.78 -12.94
C CYS H 137 58.07 21.07 -14.40
N VAL H 138 57.06 21.86 -14.72
CA VAL H 138 56.76 22.08 -16.11
C VAL H 138 56.92 23.52 -16.53
N ASP H 139 56.12 24.40 -15.95
CA ASP H 139 56.05 25.76 -16.50
C ASP H 139 57.37 26.45 -16.48
N ARG H 140 58.12 26.22 -15.45
CA ARG H 140 59.40 26.84 -15.31
C ARG H 140 60.30 26.56 -16.50
N HIS H 141 60.18 25.40 -17.12
CA HIS H 141 61.01 25.05 -18.23
C HIS H 141 60.30 25.30 -19.53
N ALA H 142 59.02 24.98 -19.59
CA ALA H 142 58.26 25.13 -20.81
C ALA H 142 58.23 26.57 -21.27
N LEU H 143 58.25 27.49 -20.34
CA LEU H 143 58.20 28.89 -20.69
C LEU H 143 59.54 29.46 -21.03
N LYS H 144 60.61 28.68 -20.94
CA LYS H 144 61.94 29.18 -21.26
C LYS H 144 62.58 28.42 -22.41
N THR H 145 62.44 27.10 -22.42
CA THR H 145 63.03 26.18 -23.39
C THR H 145 61.93 25.33 -23.99
N PRO H 146 60.95 25.91 -24.67
CA PRO H 146 59.75 25.25 -25.15
C PRO H 146 59.97 24.11 -26.12
N ASN H 147 61.09 24.05 -26.79
CA ASN H 147 61.25 23.00 -27.77
C ASN H 147 62.41 22.13 -27.41
N LYS H 148 62.24 21.49 -26.30
CA LYS H 148 63.18 20.58 -25.70
C LYS H 148 62.40 19.38 -25.23
N LYS H 149 62.90 18.19 -25.51
CA LYS H 149 62.20 16.98 -25.12
C LYS H 149 62.07 16.87 -23.62
N ALA H 150 60.85 16.62 -23.17
CA ALA H 150 60.58 16.43 -21.77
C ALA H 150 60.44 14.96 -21.48
N ILE H 151 59.66 14.31 -22.33
CA ILE H 151 59.35 12.91 -22.18
C ILE H 151 59.61 12.17 -23.46
N ILE H 152 60.33 11.09 -23.37
CA ILE H 152 60.55 10.25 -24.51
C ILE H 152 59.82 8.98 -24.19
N PHE H 153 58.87 8.61 -25.01
CA PHE H 153 58.08 7.44 -24.68
C PHE H 153 58.19 6.30 -25.64
N GLU H 154 58.39 5.13 -25.07
CA GLU H 154 58.41 3.94 -25.88
C GLU H 154 57.44 2.92 -25.31
N GLY H 155 56.62 2.39 -26.20
CA GLY H 155 55.58 1.48 -25.81
C GLY H 155 56.01 0.04 -25.69
N ASP H 156 55.04 -0.83 -25.40
CA ASP H 156 55.29 -2.24 -25.21
C ASP H 156 55.73 -2.84 -26.53
N GLU H 157 55.08 -2.44 -27.60
CA GLU H 157 55.39 -2.93 -28.91
C GLU H 157 56.46 -2.00 -29.51
N PRO H 158 57.64 -2.51 -29.93
CA PRO H 158 58.78 -1.75 -30.44
C PRO H 158 58.50 -0.72 -31.52
N GLY H 159 57.51 -0.91 -32.36
CA GLY H 159 57.29 0.08 -33.40
C GLY H 159 56.59 1.35 -32.95
N GLN H 160 56.14 1.43 -31.69
CA GLN H 160 55.43 2.63 -31.27
C GLN H 160 56.14 3.41 -30.19
N GLY H 161 56.05 4.73 -30.32
CA GLY H 161 56.62 5.67 -29.39
C GLY H 161 56.62 7.05 -30.01
N TYR H 162 56.94 8.04 -29.20
CA TYR H 162 56.98 9.43 -29.60
C TYR H 162 57.61 10.30 -28.53
N SER H 163 57.89 11.55 -28.87
CA SER H 163 58.38 12.46 -27.86
C SER H 163 57.37 13.56 -27.56
N ILE H 164 57.49 14.11 -26.36
CA ILE H 164 56.70 15.25 -25.92
C ILE H 164 57.65 16.35 -25.46
N THR H 165 57.49 17.55 -25.99
CA THR H 165 58.35 18.65 -25.57
C THR H 165 57.79 19.35 -24.38
N TYR H 166 58.60 20.19 -23.75
CA TYR H 166 58.07 20.93 -22.61
C TYR H 166 56.90 21.79 -22.97
N LYS H 167 56.90 22.45 -24.13
CA LYS H 167 55.74 23.23 -24.48
C LYS H 167 54.50 22.38 -24.55
N GLU H 168 54.61 21.24 -25.20
CA GLU H 168 53.47 20.36 -25.36
C GLU H 168 52.98 19.85 -24.03
N LEU H 169 53.90 19.58 -23.12
CA LEU H 169 53.55 19.10 -21.81
C LEU H 169 52.72 20.15 -21.10
N LEU H 170 53.15 21.40 -21.16
CA LEU H 170 52.39 22.47 -20.52
C LEU H 170 50.96 22.44 -20.96
N GLU H 171 50.74 22.37 -22.26
CA GLU H 171 49.36 22.42 -22.73
C GLU H 171 48.55 21.23 -22.25
N GLU H 172 49.13 20.03 -22.24
CA GLU H 172 48.36 18.87 -21.80
C GLU H 172 48.05 18.92 -20.33
N VAL H 173 49.00 19.37 -19.54
CA VAL H 173 48.78 19.44 -18.12
C VAL H 173 47.68 20.41 -17.83
N CYS H 174 47.72 21.56 -18.49
CA CYS H 174 46.71 22.56 -18.24
C CYS H 174 45.32 22.08 -18.58
N GLN H 175 45.14 21.40 -19.70
CA GLN H 175 43.80 20.95 -19.99
C GLN H 175 43.33 19.96 -18.97
N VAL H 176 44.18 19.05 -18.53
CA VAL H 176 43.73 18.07 -17.56
C VAL H 176 43.37 18.75 -16.27
N ALA H 177 44.16 19.71 -15.83
CA ALA H 177 43.85 20.37 -14.58
C ALA H 177 42.46 21.00 -14.61
N GLN H 178 42.06 21.58 -15.75
CA GLN H 178 40.72 22.13 -15.85
C GLN H 178 39.68 21.05 -15.82
N VAL H 179 39.98 19.89 -16.40
CA VAL H 179 39.01 18.83 -16.34
C VAL H 179 38.77 18.45 -14.90
N LEU H 180 39.85 18.29 -14.15
CA LEU H 180 39.71 17.92 -12.76
C LEU H 180 38.93 18.97 -12.00
N THR H 181 39.21 20.23 -12.31
CA THR H 181 38.59 21.34 -11.63
C THR H 181 37.10 21.48 -11.91
N TYR H 182 36.70 21.40 -13.16
CA TYR H 182 35.32 21.68 -13.46
C TYR H 182 34.43 20.47 -13.63
N SER H 183 34.93 19.37 -14.15
CA SER H 183 34.03 18.26 -14.35
C SER H 183 34.15 17.25 -13.25
N MET H 184 35.34 17.05 -12.71
CA MET H 184 35.47 16.02 -11.71
C MET H 184 35.20 16.58 -10.32
N GLY H 185 35.11 17.90 -10.23
CA GLY H 185 34.85 18.62 -8.98
C GLY H 185 36.00 18.58 -7.98
N VAL H 186 37.23 18.47 -8.44
CA VAL H 186 38.35 18.36 -7.52
C VAL H 186 38.75 19.70 -6.98
N ARG H 187 38.96 19.76 -5.68
CA ARG H 187 39.36 20.97 -5.03
C ARG H 187 40.61 20.77 -4.20
N LYS H 188 41.29 21.86 -3.93
CA LYS H 188 42.51 21.85 -3.16
C LYS H 188 42.35 21.02 -1.92
N GLY H 189 43.30 20.12 -1.72
CA GLY H 189 43.31 19.24 -0.56
C GLY H 189 42.56 17.93 -0.75
N ASP H 190 41.84 17.75 -1.86
CA ASP H 190 41.09 16.52 -2.08
C ASP H 190 42.06 15.46 -2.54
N THR H 191 41.56 14.24 -2.75
CA THR H 191 42.42 13.15 -3.18
C THR H 191 41.96 12.45 -4.44
N VAL H 192 42.94 12.32 -5.31
CA VAL H 192 42.74 11.68 -6.57
C VAL H 192 43.59 10.45 -6.66
N ALA H 193 42.94 9.33 -6.87
CA ALA H 193 43.62 8.07 -6.99
C ALA H 193 43.92 7.81 -8.44
N VAL H 194 45.07 7.29 -8.70
CA VAL H 194 45.49 6.95 -10.04
C VAL H 194 45.85 5.48 -10.11
N TYR H 195 45.26 4.78 -11.05
CA TYR H 195 45.49 3.35 -11.22
C TYR H 195 45.91 3.04 -12.65
N MET H 196 46.53 4.00 -13.27
CA MET H 196 46.98 3.91 -14.63
C MET H 196 48.28 3.12 -14.77
N PRO H 197 48.54 2.52 -15.93
CA PRO H 197 49.79 1.90 -16.33
C PRO H 197 50.76 3.02 -16.56
N MET H 198 52.04 2.78 -16.52
CA MET H 198 52.88 3.93 -16.79
C MET H 198 52.92 4.28 -18.27
N VAL H 199 52.19 5.32 -18.61
CA VAL H 199 52.07 5.87 -19.95
C VAL H 199 52.22 7.39 -19.80
N PRO H 200 52.50 8.14 -20.87
CA PRO H 200 52.58 9.60 -20.84
C PRO H 200 51.38 10.25 -20.19
N GLU H 201 50.21 9.68 -20.38
CA GLU H 201 49.03 10.24 -19.79
C GLU H 201 49.05 10.16 -18.28
N ALA H 202 49.69 9.13 -17.72
CA ALA H 202 49.78 9.00 -16.28
C ALA H 202 50.65 10.10 -15.75
N ILE H 203 51.72 10.39 -16.46
CA ILE H 203 52.63 11.44 -16.02
C ILE H 203 51.93 12.77 -16.02
N ILE H 204 51.22 13.02 -17.10
CA ILE H 204 50.50 14.26 -17.24
C ILE H 204 49.50 14.38 -16.14
N THR H 205 48.79 13.29 -15.85
CA THR H 205 47.81 13.30 -14.80
C THR H 205 48.41 13.66 -13.47
N LEU H 206 49.52 13.07 -13.11
CA LEU H 206 50.06 13.38 -11.80
C LEU H 206 50.43 14.84 -11.70
N LEU H 207 51.01 15.39 -12.75
CA LEU H 207 51.37 16.79 -12.72
C LEU H 207 50.15 17.69 -12.64
N ALA H 208 49.11 17.34 -13.38
CA ALA H 208 47.88 18.11 -13.38
C ALA H 208 47.22 18.11 -12.02
N ILE H 209 47.29 17.00 -11.31
CA ILE H 209 46.70 16.94 -10.00
C ILE H 209 47.43 17.90 -9.08
N SER H 210 48.76 17.85 -9.11
CA SER H 210 49.55 18.73 -8.27
C SER H 210 49.29 20.20 -8.57
N ARG H 211 49.06 20.51 -9.84
CA ARG H 211 48.82 21.87 -10.28
C ARG H 211 47.65 22.55 -9.60
N ILE H 212 46.66 21.78 -9.15
CA ILE H 212 45.49 22.37 -8.55
C ILE H 212 45.46 22.16 -7.05
N GLY H 213 46.60 21.78 -6.49
CA GLY H 213 46.72 21.63 -5.07
C GLY H 213 46.05 20.39 -4.52
N ALA H 214 45.85 19.38 -5.33
CA ALA H 214 45.21 18.18 -4.85
C ALA H 214 46.31 17.19 -4.52
N ILE H 215 45.99 16.18 -3.75
CA ILE H 215 46.94 15.17 -3.35
C ILE H 215 46.77 13.95 -4.21
N HIS H 216 47.85 13.45 -4.78
CA HIS H 216 47.65 12.23 -5.55
C HIS H 216 48.11 10.99 -4.82
N SER H 217 47.52 9.87 -5.23
CA SER H 217 47.85 8.55 -4.71
C SER H 217 47.89 7.55 -5.85
N VAL H 218 49.00 6.85 -6.00
CA VAL H 218 49.18 5.98 -7.16
C VAL H 218 49.28 4.53 -6.78
N VAL H 219 48.46 3.72 -7.40
CA VAL H 219 48.37 2.31 -7.11
C VAL H 219 48.89 1.47 -8.27
N PHE H 220 49.78 0.51 -8.02
CA PHE H 220 50.30 -0.25 -9.15
C PHE H 220 49.15 -0.86 -9.93
N ALA H 221 49.20 -0.72 -11.25
CA ALA H 221 48.11 -1.20 -12.11
C ALA H 221 47.83 -2.70 -11.94
N GLY H 222 48.83 -3.49 -11.63
CA GLY H 222 48.58 -4.92 -11.54
C GLY H 222 47.88 -5.39 -10.26
N PHE H 223 47.60 -4.51 -9.31
CA PHE H 223 46.97 -4.99 -8.10
C PHE H 223 45.56 -5.43 -8.31
N SER H 224 45.15 -6.37 -7.50
CA SER H 224 43.81 -6.90 -7.47
C SER H 224 42.86 -5.93 -6.83
N SER H 225 41.57 -6.20 -7.01
CA SER H 225 40.55 -5.34 -6.46
C SER H 225 40.49 -5.25 -4.95
N ASN H 226 40.99 -6.22 -4.21
CA ASN H 226 40.88 -6.07 -2.78
C ASN H 226 41.84 -5.05 -2.26
N SER H 227 43.06 -5.09 -2.73
CA SER H 227 44.00 -4.16 -2.20
C SER H 227 43.75 -2.79 -2.78
N LEU H 228 43.16 -2.74 -3.97
CA LEU H 228 42.84 -1.45 -4.53
C LEU H 228 41.80 -0.83 -3.65
N ARG H 229 40.83 -1.61 -3.24
CA ARG H 229 39.75 -1.07 -2.45
C ARG H 229 40.24 -0.54 -1.15
N ASP H 230 41.13 -1.24 -0.52
CA ASP H 230 41.64 -0.72 0.72
C ASP H 230 42.35 0.59 0.54
N ARG H 231 43.13 0.73 -0.52
CA ARG H 231 43.84 1.98 -0.72
C ARG H 231 42.89 3.13 -1.04
N ILE H 232 41.88 2.87 -1.85
CA ILE H 232 40.95 3.91 -2.20
C ILE H 232 40.24 4.40 -0.96
N ASN H 233 39.78 3.48 -0.14
CA ASN H 233 39.06 3.89 1.03
C ASN H 233 39.94 4.51 2.07
N ASP H 234 41.11 3.95 2.31
CA ASP H 234 41.94 4.48 3.37
C ASP H 234 42.34 5.92 3.09
N GLY H 235 42.64 6.21 1.84
CA GLY H 235 43.07 7.54 1.47
C GLY H 235 41.92 8.49 1.23
N ASP H 236 40.70 8.00 1.35
CA ASP H 236 39.50 8.77 1.11
C ASP H 236 39.47 9.45 -0.24
N SER H 237 39.79 8.74 -1.32
CA SER H 237 39.73 9.45 -2.59
C SER H 237 38.29 9.59 -3.00
N LYS H 238 38.06 10.51 -3.92
CA LYS H 238 36.73 10.68 -4.46
C LYS H 238 36.75 10.58 -5.95
N VAL H 239 37.94 10.72 -6.47
CA VAL H 239 38.12 10.65 -7.89
C VAL H 239 39.14 9.61 -8.22
N VAL H 240 38.80 8.79 -9.19
CA VAL H 240 39.68 7.74 -9.64
C VAL H 240 39.99 7.91 -11.09
N ILE H 241 41.25 7.86 -11.43
CA ILE H 241 41.67 7.98 -12.80
C ILE H 241 42.29 6.68 -13.26
N THR H 242 41.77 6.15 -14.36
CA THR H 242 42.22 4.88 -14.89
C THR H 242 42.22 4.83 -16.39
N THR H 243 42.42 3.63 -16.90
CA THR H 243 42.45 3.31 -18.31
C THR H 243 41.50 2.19 -18.57
N ASP H 244 41.20 1.91 -19.82
CA ASP H 244 40.34 0.78 -20.06
C ASP H 244 41.10 -0.53 -20.04
N GLU H 245 42.08 -0.65 -20.90
CA GLU H 245 42.91 -1.84 -20.97
C GLU H 245 44.34 -1.42 -21.19
N SER H 246 45.27 -2.24 -20.74
CA SER H 246 46.67 -1.95 -21.01
C SER H 246 47.42 -3.21 -21.37
N ASN H 247 48.57 -3.03 -22.00
CA ASN H 247 49.37 -4.16 -22.44
C ASN H 247 50.76 -4.11 -21.93
N ARG H 248 51.13 -5.15 -21.24
CA ARG H 248 52.47 -5.26 -20.70
C ARG H 248 53.03 -6.63 -20.94
N GLY H 249 54.11 -6.71 -21.70
CA GLY H 249 54.71 -7.99 -22.01
C GLY H 249 53.83 -8.75 -22.97
N GLY H 250 53.02 -8.02 -23.72
CA GLY H 250 52.09 -8.64 -24.63
C GLY H 250 50.81 -9.14 -23.94
N LYS H 251 50.67 -8.97 -22.63
CA LYS H 251 49.48 -9.46 -21.97
C LYS H 251 48.52 -8.34 -21.66
N VAL H 252 47.23 -8.63 -21.72
CA VAL H 252 46.20 -7.64 -21.44
C VAL H 252 45.83 -7.56 -19.97
N ILE H 253 45.85 -6.35 -19.45
CA ILE H 253 45.47 -6.08 -18.09
C ILE H 253 44.15 -5.32 -18.07
N GLU H 254 43.14 -5.90 -17.44
CA GLU H 254 41.83 -5.26 -17.46
C GLU H 254 41.66 -4.23 -16.35
N THR H 255 42.24 -3.07 -16.56
CA THR H 255 42.23 -2.05 -15.53
C THR H 255 40.86 -1.50 -15.21
N LYS H 256 39.98 -1.33 -16.19
CA LYS H 256 38.67 -0.79 -15.84
C LYS H 256 37.91 -1.77 -14.98
N ARG H 257 37.89 -3.02 -15.35
CA ARG H 257 37.12 -3.96 -14.56
C ARG H 257 37.62 -4.04 -13.15
N ILE H 258 38.91 -3.98 -12.93
CA ILE H 258 39.38 -4.02 -11.57
C ILE H 258 38.88 -2.82 -10.80
N VAL H 259 38.94 -1.64 -11.39
CA VAL H 259 38.45 -0.49 -10.66
C VAL H 259 36.98 -0.62 -10.38
N ASP H 260 36.18 -1.03 -11.37
CA ASP H 260 34.75 -1.14 -11.13
C ASP H 260 34.45 -2.11 -10.02
N ASP H 261 35.21 -3.17 -9.93
CA ASP H 261 35.03 -4.11 -8.85
C ASP H 261 35.33 -3.45 -7.52
N ALA H 262 36.49 -2.83 -7.41
CA ALA H 262 36.87 -2.25 -6.15
C ALA H 262 35.85 -1.23 -5.67
N LEU H 263 35.27 -0.49 -6.60
CA LEU H 263 34.37 0.56 -6.22
C LEU H 263 33.00 0.07 -5.82
N ARG H 264 32.74 -1.21 -5.94
CA ARG H 264 31.44 -1.71 -5.55
C ARG H 264 31.23 -1.52 -4.07
N GLU H 265 32.29 -1.58 -3.27
CA GLU H 265 32.13 -1.45 -1.85
C GLU H 265 32.60 -0.09 -1.37
N THR H 266 32.77 0.86 -2.26
CA THR H 266 33.25 2.15 -1.83
C THR H 266 32.21 3.24 -2.04
N PRO H 267 31.70 3.89 -0.99
CA PRO H 267 30.67 4.92 -1.04
C PRO H 267 31.18 6.28 -1.46
N GLY H 268 32.48 6.42 -1.48
CA GLY H 268 33.14 7.68 -1.70
C GLY H 268 33.12 8.18 -3.13
N VAL H 269 33.69 7.40 -4.02
CA VAL H 269 33.96 7.91 -5.34
C VAL H 269 32.75 8.39 -6.08
N ARG H 270 32.91 9.59 -6.59
CA ARG H 270 31.89 10.28 -7.33
C ARG H 270 32.15 10.23 -8.82
N HIS H 271 33.41 10.26 -9.24
CA HIS H 271 33.65 10.22 -10.67
C HIS H 271 34.86 9.41 -11.02
N VAL H 272 34.78 8.75 -12.17
CA VAL H 272 35.89 7.98 -12.68
C VAL H 272 36.24 8.48 -14.06
N LEU H 273 37.50 8.82 -14.24
CA LEU H 273 37.95 9.32 -15.51
C LEU H 273 38.68 8.20 -16.19
N VAL H 274 38.31 7.91 -17.43
CA VAL H 274 38.87 6.77 -18.12
C VAL H 274 39.56 7.12 -19.39
N TYR H 275 40.82 6.73 -19.48
CA TYR H 275 41.54 6.96 -20.69
C TYR H 275 41.47 5.77 -21.61
N ARG H 276 40.90 5.98 -22.78
CA ARG H 276 40.71 4.90 -23.72
C ARG H 276 41.97 4.63 -24.49
N LYS H 277 42.95 4.07 -23.82
CA LYS H 277 44.21 3.81 -24.49
C LYS H 277 43.92 2.90 -25.67
N THR H 278 43.04 1.91 -25.48
CA THR H 278 42.66 1.07 -26.60
C THR H 278 41.40 1.69 -27.15
N ASN H 279 41.36 1.98 -28.43
CA ASN H 279 40.20 2.70 -28.94
C ASN H 279 38.90 1.92 -29.10
N ASN H 280 38.95 0.63 -29.21
CA ASN H 280 37.75 -0.15 -29.48
C ASN H 280 37.48 -1.44 -28.71
N PRO H 281 37.83 -1.56 -27.44
CA PRO H 281 37.67 -2.77 -26.65
C PRO H 281 36.20 -2.89 -26.26
N SER H 282 35.80 -4.04 -25.76
CA SER H 282 34.42 -4.19 -25.33
C SER H 282 34.33 -4.00 -23.84
N VAL H 283 34.45 -2.75 -23.46
CA VAL H 283 34.49 -2.32 -22.08
C VAL H 283 33.31 -1.43 -21.76
N ALA H 284 32.62 -1.78 -20.71
CA ALA H 284 31.45 -1.03 -20.28
C ALA H 284 31.83 0.38 -19.97
N PHE H 285 30.92 1.29 -20.24
CA PHE H 285 31.17 2.67 -19.94
C PHE H 285 29.86 3.28 -19.54
N HIS H 286 29.78 3.81 -18.34
CA HIS H 286 28.52 4.32 -17.82
C HIS H 286 28.56 5.83 -17.72
N ALA H 287 27.78 6.48 -18.56
CA ALA H 287 27.83 7.93 -18.63
C ALA H 287 27.61 8.66 -17.32
N PRO H 288 26.75 8.23 -16.38
CA PRO H 288 26.60 8.93 -15.14
C PRO H 288 27.91 9.24 -14.45
N ARG H 289 28.94 8.38 -14.55
CA ARG H 289 30.17 8.79 -13.90
C ARG H 289 31.42 8.26 -14.56
N ASP H 290 31.36 7.99 -15.84
CA ASP H 290 32.55 7.62 -16.59
C ASP H 290 32.82 8.69 -17.57
N LEU H 291 33.94 9.33 -17.40
CA LEU H 291 34.23 10.44 -18.27
C LEU H 291 35.33 10.03 -19.20
N ASP H 292 35.16 10.32 -20.46
CA ASP H 292 36.17 9.97 -21.41
C ASP H 292 37.24 11.02 -21.45
N TRP H 293 38.42 10.64 -21.01
CA TRP H 293 39.54 11.52 -20.86
C TRP H 293 39.79 12.27 -22.15
N ALA H 294 39.71 11.54 -23.25
CA ALA H 294 40.04 12.08 -24.55
C ALA H 294 38.93 12.87 -25.19
N THR H 295 37.77 12.96 -24.55
CA THR H 295 36.67 13.72 -25.09
C THR H 295 36.44 14.91 -24.23
N GLU H 296 36.67 14.78 -22.95
CA GLU H 296 36.45 15.87 -22.05
C GLU H 296 37.51 16.94 -22.23
N LYS H 297 38.77 16.52 -22.40
CA LYS H 297 39.90 17.43 -22.49
C LYS H 297 39.74 18.57 -23.51
N LYS H 298 39.16 18.30 -24.68
CA LYS H 298 39.06 19.29 -25.75
C LYS H 298 38.20 20.51 -25.42
N LYS H 299 37.48 20.43 -24.34
CA LYS H 299 36.62 21.49 -23.94
C LYS H 299 37.34 22.54 -23.12
N TYR H 300 38.60 22.34 -22.86
CA TYR H 300 39.31 23.26 -22.01
C TYR H 300 40.45 24.03 -22.65
N LYS H 301 40.76 25.19 -22.10
CA LYS H 301 41.83 25.98 -22.65
C LYS H 301 43.20 25.43 -22.36
N THR H 302 44.13 25.80 -23.19
CA THR H 302 45.48 25.24 -23.17
C THR H 302 46.49 25.90 -22.23
N TYR H 303 46.00 26.81 -21.40
CA TYR H 303 46.79 27.45 -20.38
C TYR H 303 45.89 27.62 -19.17
N TYR H 304 46.39 27.27 -18.02
CA TYR H 304 45.63 27.39 -16.81
C TYR H 304 46.66 27.51 -15.71
N PRO H 305 46.51 28.44 -14.78
CA PRO H 305 47.44 28.75 -13.70
C PRO H 305 47.58 27.75 -12.57
N CYS H 306 48.73 27.85 -11.92
CA CYS H 306 49.06 27.10 -10.71
C CYS H 306 48.44 27.68 -9.47
N THR H 307 47.93 26.82 -8.62
CA THR H 307 47.39 27.24 -7.33
C THR H 307 48.51 27.26 -6.28
N PRO H 308 48.70 28.32 -5.52
CA PRO H 308 49.68 28.36 -4.44
C PRO H 308 49.44 27.25 -3.44
N VAL H 309 50.52 26.62 -3.03
CA VAL H 309 50.52 25.52 -2.10
C VAL H 309 51.53 25.78 -1.00
N ASP H 310 51.17 25.52 0.23
CA ASP H 310 52.13 25.77 1.29
C ASP H 310 53.29 24.83 1.18
N SER H 311 54.47 25.27 1.60
CA SER H 311 55.64 24.42 1.54
C SER H 311 55.48 23.12 2.31
N GLU H 312 54.63 23.08 3.34
CA GLU H 312 54.40 21.85 4.10
C GLU H 312 53.14 21.09 3.75
N ASP H 313 52.44 21.50 2.70
CA ASP H 313 51.25 20.77 2.31
C ASP H 313 51.71 19.46 1.70
N PRO H 314 50.95 18.38 1.86
CA PRO H 314 51.25 17.08 1.29
C PRO H 314 51.28 17.11 -0.21
N LEU H 315 52.29 16.50 -0.81
CA LEU H 315 52.35 16.41 -2.25
C LEU H 315 51.64 15.15 -2.67
N PHE H 316 52.01 14.05 -2.01
CA PHE H 316 51.46 12.77 -2.38
C PHE H 316 51.50 11.74 -1.29
N LEU H 317 50.72 10.69 -1.51
CA LEU H 317 50.74 9.53 -0.65
C LEU H 317 51.19 8.30 -1.38
N LEU H 318 51.91 7.43 -0.72
CA LEU H 318 52.20 6.14 -1.29
C LEU H 318 51.79 5.04 -0.40
N TYR H 319 50.87 4.24 -0.87
CA TYR H 319 50.40 3.16 -0.08
C TYR H 319 51.26 1.95 -0.23
N THR H 320 52.31 1.96 0.54
CA THR H 320 53.26 0.91 0.48
C THR H 320 52.75 -0.24 1.28
N SER H 321 53.36 -1.40 1.10
CA SER H 321 52.92 -2.53 1.87
C SER H 321 53.96 -3.61 2.04
N GLY H 322 53.94 -4.18 3.24
CA GLY H 322 54.73 -5.33 3.65
C GLY H 322 53.79 -6.51 3.92
N SER H 323 52.57 -6.41 3.41
CA SER H 323 51.49 -7.39 3.57
C SER H 323 51.18 -7.71 5.04
N THR H 324 51.12 -6.66 5.86
CA THR H 324 50.79 -6.77 7.27
C THR H 324 50.06 -5.52 7.70
N GLY H 325 49.15 -5.66 8.66
CA GLY H 325 48.38 -4.51 9.07
C GLY H 325 47.55 -4.10 7.88
N ALA H 326 47.77 -2.88 7.42
CA ALA H 326 47.07 -2.33 6.29
C ALA H 326 48.06 -1.45 5.56
N PRO H 327 47.89 -1.19 4.27
CA PRO H 327 48.78 -0.35 3.51
C PRO H 327 48.99 0.99 4.20
N LYS H 328 50.24 1.43 4.20
CA LYS H 328 50.62 2.68 4.85
C LYS H 328 50.69 3.83 3.90
N GLY H 329 49.83 4.81 4.07
CA GLY H 329 49.84 5.96 3.20
C GLY H 329 50.98 6.88 3.57
N VAL H 330 52.17 6.54 3.15
CA VAL H 330 53.30 7.33 3.55
C VAL H 330 53.14 8.68 2.92
N GLN H 331 53.25 9.73 3.72
CA GLN H 331 53.04 11.07 3.22
C GLN H 331 54.28 11.92 3.20
N HIS H 332 54.48 12.57 2.04
CA HIS H 332 55.60 13.48 1.84
C HIS H 332 55.11 14.85 1.46
N SER H 333 55.68 15.89 2.07
CA SER H 333 55.30 17.27 1.77
C SER H 333 56.04 17.83 0.58
N THR H 334 55.49 18.90 0.03
CA THR H 334 56.02 19.47 -1.19
C THR H 334 57.42 20.06 -1.15
N ALA H 335 57.70 21.04 -0.30
CA ALA H 335 59.03 21.63 -0.45
C ALA H 335 60.11 20.64 -0.11
N GLY H 336 59.87 19.83 0.88
CA GLY H 336 60.84 18.87 1.33
C GLY H 336 61.21 17.90 0.26
N TYR H 337 60.21 17.24 -0.28
CA TYR H 337 60.42 16.26 -1.29
C TYR H 337 61.09 16.82 -2.51
N LEU H 338 60.61 17.95 -3.01
CA LEU H 338 61.17 18.47 -4.23
C LEU H 338 62.64 18.82 -4.07
N LEU H 339 63.02 19.40 -2.94
CA LEU H 339 64.42 19.73 -2.79
C LEU H 339 65.25 18.47 -2.76
N GLY H 340 64.77 17.45 -2.06
CA GLY H 340 65.50 16.20 -1.99
C GLY H 340 65.75 15.66 -3.37
N ALA H 341 64.69 15.61 -4.18
CA ALA H 341 64.82 15.09 -5.52
C ALA H 341 65.84 15.86 -6.33
N LEU H 342 65.84 17.19 -6.23
CA LEU H 342 66.83 17.94 -7.00
C LEU H 342 68.24 17.74 -6.56
N LEU H 343 68.47 17.71 -5.26
CA LEU H 343 69.83 17.57 -4.80
C LEU H 343 70.38 16.25 -5.24
N THR H 344 69.55 15.24 -5.22
CA THR H 344 69.99 13.94 -5.60
C THR H 344 70.37 13.90 -7.06
N MET H 345 69.52 14.47 -7.91
CA MET H 345 69.83 14.48 -9.34
C MET H 345 71.13 15.20 -9.62
N ARG H 346 71.35 16.30 -8.92
CA ARG H 346 72.52 17.12 -9.10
C ARG H 346 73.79 16.51 -8.54
N TYR H 347 73.74 15.89 -7.38
CA TYR H 347 74.98 15.38 -6.83
C TYR H 347 75.22 13.90 -6.90
N THR H 348 74.18 13.08 -6.96
CA THR H 348 74.44 11.66 -7.02
C THR H 348 74.61 11.26 -8.45
N PHE H 349 73.70 11.70 -9.30
CA PHE H 349 73.79 11.28 -10.68
C PHE H 349 74.55 12.24 -11.57
N ASP H 350 74.93 13.39 -11.02
CA ASP H 350 75.68 14.42 -11.70
C ASP H 350 75.04 14.79 -13.02
N THR H 351 73.73 15.01 -13.04
CA THR H 351 73.13 15.28 -14.34
C THR H 351 73.21 16.71 -14.83
N HIS H 352 72.94 16.81 -16.11
CA HIS H 352 72.87 18.03 -16.85
C HIS H 352 71.59 18.12 -17.62
N GLN H 353 71.32 19.33 -18.04
CA GLN H 353 70.11 19.64 -18.71
C GLN H 353 69.99 18.91 -20.00
N GLU H 354 71.09 18.44 -20.52
CA GLU H 354 71.18 17.81 -21.81
C GLU H 354 71.06 16.28 -21.77
N ASP H 355 70.86 15.71 -20.59
CA ASP H 355 70.78 14.27 -20.50
C ASP H 355 69.43 13.65 -20.76
N VAL H 356 69.43 12.31 -20.74
CA VAL H 356 68.26 11.45 -20.80
C VAL H 356 68.40 10.46 -19.69
N PHE H 357 67.45 10.50 -18.78
CA PHE H 357 67.53 9.66 -17.61
C PHE H 357 66.55 8.51 -17.72
N PHE H 358 67.05 7.29 -17.76
CA PHE H 358 66.18 6.14 -17.91
C PHE H 358 66.07 5.33 -16.64
N THR H 359 64.89 5.35 -16.05
CA THR H 359 64.65 4.60 -14.82
C THR H 359 63.79 3.41 -15.15
N ALA H 360 64.32 2.27 -14.89
CA ALA H 360 63.64 1.05 -15.23
C ALA H 360 62.70 0.62 -14.12
N GLY H 361 61.59 1.32 -13.98
CA GLY H 361 60.68 0.95 -12.90
C GLY H 361 59.33 1.65 -12.92
N ASP H 362 58.35 0.98 -12.33
CA ASP H 362 56.96 1.41 -12.28
C ASP H 362 56.68 2.69 -11.53
N ILE H 363 55.72 3.43 -12.04
CA ILE H 363 55.28 4.68 -11.47
C ILE H 363 54.70 4.57 -10.07
N GLY H 364 54.17 3.41 -9.70
CA GLY H 364 53.58 3.25 -8.37
C GLY H 364 54.60 3.03 -7.26
N TRP H 365 55.88 2.97 -7.60
CA TRP H 365 56.93 2.74 -6.65
C TRP H 365 57.58 4.07 -6.32
N ILE H 366 58.21 4.19 -5.17
CA ILE H 366 58.86 5.45 -4.84
C ILE H 366 59.86 5.90 -5.88
N THR H 367 60.54 5.00 -6.59
CA THR H 367 61.52 5.46 -7.56
C THR H 367 60.83 5.99 -8.78
N GLY H 368 59.58 5.62 -8.98
CA GLY H 368 58.81 6.12 -10.10
C GLY H 368 58.61 7.60 -9.88
N HIS H 369 58.16 7.91 -8.70
CA HIS H 369 57.92 9.29 -8.38
C HIS H 369 59.19 10.08 -8.40
N THR H 370 60.19 9.63 -7.67
CA THR H 370 61.41 10.38 -7.58
C THR H 370 62.18 10.47 -8.89
N TYR H 371 62.27 9.41 -9.69
CA TYR H 371 63.08 9.48 -10.87
C TYR H 371 62.42 9.43 -12.23
N VAL H 372 61.12 9.34 -12.31
CA VAL H 372 60.45 9.37 -13.59
C VAL H 372 59.73 10.69 -13.69
N VAL H 373 59.04 11.09 -12.64
CA VAL H 373 58.26 12.31 -12.72
C VAL H 373 58.85 13.52 -12.02
N TYR H 374 59.19 13.44 -10.74
CA TYR H 374 59.62 14.64 -10.03
C TYR H 374 61.11 14.82 -10.00
N GLY H 375 61.81 14.03 -10.75
CA GLY H 375 63.25 14.08 -10.81
C GLY H 375 63.64 14.85 -12.04
N PRO H 376 63.95 14.19 -13.14
CA PRO H 376 64.35 14.80 -14.38
C PRO H 376 63.49 15.95 -14.81
N LEU H 377 62.17 15.88 -14.66
CA LEU H 377 61.39 17.03 -15.11
C LEU H 377 61.68 18.27 -14.32
N LEU H 378 61.90 18.11 -13.04
CA LEU H 378 62.10 19.23 -12.15
C LEU H 378 63.44 19.85 -12.44
N TYR H 379 64.39 18.97 -12.66
CA TYR H 379 65.75 19.35 -12.97
C TYR H 379 65.83 20.01 -14.33
N GLY H 380 65.15 19.44 -15.31
CA GLY H 380 65.17 19.90 -16.69
C GLY H 380 65.75 18.88 -17.66
N CYS H 381 65.92 17.63 -17.24
CA CYS H 381 66.45 16.58 -18.10
C CYS H 381 65.28 15.88 -18.78
N ALA H 382 65.52 15.15 -19.86
CA ALA H 382 64.43 14.38 -20.44
C ALA H 382 64.26 13.08 -19.69
N THR H 383 63.03 12.62 -19.59
CA THR H 383 62.73 11.35 -18.97
C THR H 383 62.42 10.31 -20.00
N LEU H 384 63.02 9.15 -19.89
CA LEU H 384 62.65 8.08 -20.79
C LEU H 384 61.67 7.17 -20.08
N VAL H 385 60.51 7.02 -20.68
CA VAL H 385 59.42 6.26 -20.13
C VAL H 385 59.20 5.02 -20.93
N PHE H 386 59.29 3.89 -20.28
CA PHE H 386 59.11 2.62 -20.94
C PHE H 386 58.05 1.83 -20.25
N GLU H 387 56.96 1.58 -20.95
CA GLU H 387 55.83 0.91 -20.31
C GLU H 387 55.96 -0.61 -20.15
N GLY H 388 56.77 -1.27 -20.97
CA GLY H 388 56.88 -2.71 -20.99
C GLY H 388 57.94 -3.33 -20.08
N THR H 389 58.36 -4.53 -20.46
CA THR H 389 59.29 -5.38 -19.75
C THR H 389 60.38 -5.85 -20.69
N PRO H 390 61.64 -5.98 -20.24
CA PRO H 390 62.75 -6.45 -21.06
C PRO H 390 62.52 -7.85 -21.59
N ALA H 391 61.67 -8.58 -20.90
CA ALA H 391 61.32 -9.90 -21.33
C ALA H 391 60.77 -9.92 -22.74
N TYR H 392 60.05 -8.86 -23.14
CA TYR H 392 59.36 -8.86 -24.42
C TYR H 392 59.85 -7.84 -25.46
N PRO H 393 60.06 -8.27 -26.69
CA PRO H 393 60.07 -9.62 -27.22
C PRO H 393 61.29 -10.50 -26.92
N ASN H 394 62.46 -9.96 -26.56
CA ASN H 394 63.60 -10.88 -26.42
C ASN H 394 64.82 -10.51 -25.59
N TYR H 395 64.70 -9.87 -24.45
CA TYR H 395 65.85 -9.49 -23.64
C TYR H 395 66.82 -8.48 -24.21
N SER H 396 66.79 -8.18 -25.49
CA SER H 396 67.71 -7.17 -25.96
C SER H 396 67.05 -5.84 -25.96
N ARG H 397 65.83 -5.81 -25.49
CA ARG H 397 65.04 -4.63 -25.55
C ARG H 397 65.65 -3.47 -24.79
N TYR H 398 66.18 -3.68 -23.59
CA TYR H 398 66.73 -2.53 -22.91
C TYR H 398 67.89 -1.94 -23.66
N TRP H 399 68.70 -2.80 -24.20
CA TRP H 399 69.84 -2.32 -24.91
C TRP H 399 69.43 -1.59 -26.15
N ASP H 400 68.48 -2.14 -26.88
CA ASP H 400 68.06 -1.44 -28.07
C ASP H 400 67.59 -0.05 -27.71
N ILE H 401 66.86 0.06 -26.61
CA ILE H 401 66.35 1.34 -26.16
C ILE H 401 67.47 2.30 -25.84
N ILE H 402 68.47 1.83 -25.11
CA ILE H 402 69.55 2.69 -24.72
C ILE H 402 70.27 3.26 -25.89
N ASP H 403 70.61 2.45 -26.87
CA ASP H 403 71.30 3.08 -27.98
C ASP H 403 70.41 3.93 -28.86
N GLU H 404 69.18 3.52 -29.12
CA GLU H 404 68.36 4.31 -30.01
C GLU H 404 68.14 5.72 -29.50
N HIS H 405 67.97 5.87 -28.21
CA HIS H 405 67.70 7.20 -27.68
C HIS H 405 68.87 7.82 -26.97
N LYS H 406 70.05 7.28 -27.12
CA LYS H 406 71.24 7.82 -26.45
C LYS H 406 71.04 8.05 -24.96
N VAL H 407 70.55 7.04 -24.26
CA VAL H 407 70.35 7.15 -22.83
C VAL H 407 71.66 7.39 -22.16
N THR H 408 71.71 8.32 -21.22
CA THR H 408 72.98 8.57 -20.58
C THR H 408 73.04 8.07 -19.14
N GLN H 409 71.89 7.97 -18.49
CA GLN H 409 71.81 7.45 -17.13
C GLN H 409 70.93 6.21 -17.09
N PHE H 410 71.40 5.10 -16.52
CA PHE H 410 70.53 3.94 -16.43
C PHE H 410 70.45 3.39 -15.03
N TYR H 411 69.27 3.54 -14.44
CA TYR H 411 68.99 3.20 -13.05
C TYR H 411 68.00 2.04 -13.01
N VAL H 412 68.47 0.86 -12.60
CA VAL H 412 67.69 -0.37 -12.69
C VAL H 412 67.66 -1.24 -11.43
N ALA H 413 66.53 -1.87 -11.15
CA ALA H 413 66.46 -2.78 -10.01
C ALA H 413 67.39 -3.97 -10.26
N PRO H 414 68.06 -4.50 -9.24
CA PRO H 414 68.95 -5.64 -9.32
C PRO H 414 68.28 -6.91 -9.77
N THR H 415 66.98 -7.00 -9.64
CA THR H 415 66.30 -8.20 -10.07
C THR H 415 66.32 -8.25 -11.56
N ALA H 416 66.19 -7.09 -12.17
CA ALA H 416 66.20 -7.05 -13.61
C ALA H 416 67.57 -7.44 -14.06
N LEU H 417 68.58 -6.98 -13.33
CA LEU H 417 69.92 -7.30 -13.74
C LEU H 417 70.16 -8.77 -13.68
N ARG H 418 69.68 -9.43 -12.65
CA ARG H 418 69.92 -10.85 -12.59
C ARG H 418 69.27 -11.56 -13.76
N LEU H 419 68.05 -11.17 -14.13
CA LEU H 419 67.42 -11.86 -15.25
C LEU H 419 68.18 -11.63 -16.55
N LEU H 420 68.66 -10.43 -16.77
CA LEU H 420 69.40 -10.13 -17.97
C LEU H 420 70.68 -10.91 -18.01
N LYS H 421 71.31 -11.03 -16.86
CA LYS H 421 72.53 -11.77 -16.77
C LYS H 421 72.28 -13.22 -17.14
N ARG H 422 71.21 -13.80 -16.67
CA ARG H 422 71.00 -15.17 -17.06
C ARG H 422 70.76 -15.27 -18.53
N ALA H 423 69.99 -14.38 -19.08
CA ALA H 423 69.71 -14.48 -20.50
C ALA H 423 71.01 -14.71 -21.26
N GLY H 424 72.07 -14.06 -20.81
CA GLY H 424 73.39 -14.27 -21.38
C GLY H 424 73.89 -13.13 -22.25
N ASP H 425 75.20 -13.11 -22.41
CA ASP H 425 75.91 -12.07 -23.14
C ASP H 425 75.61 -12.05 -24.63
N SER H 426 75.01 -13.10 -25.14
CA SER H 426 74.66 -13.16 -26.55
C SER H 426 73.65 -12.10 -26.91
N TYR H 427 72.98 -11.53 -25.93
CA TYR H 427 71.98 -10.53 -26.22
C TYR H 427 72.53 -9.12 -26.26
N ILE H 428 73.84 -8.95 -26.04
CA ILE H 428 74.50 -7.64 -26.11
C ILE H 428 75.63 -7.58 -27.11
N GLU H 429 75.74 -8.58 -27.95
CA GLU H 429 76.83 -8.64 -28.91
C GLU H 429 76.83 -7.48 -29.88
N ASN H 430 75.67 -6.98 -30.23
CA ASN H 430 75.59 -5.91 -31.18
C ASN H 430 75.26 -4.55 -30.59
N HIS H 431 75.60 -4.30 -29.33
CA HIS H 431 75.34 -2.97 -28.80
C HIS H 431 76.58 -2.37 -28.18
N SER H 432 76.83 -1.10 -28.45
CA SER H 432 77.98 -0.48 -27.84
C SER H 432 77.64 0.14 -26.52
N LEU H 433 76.41 0.61 -26.40
CA LEU H 433 75.94 1.30 -25.21
C LEU H 433 76.88 2.45 -24.82
N LYS H 434 77.58 3.00 -25.80
CA LYS H 434 78.58 4.02 -25.56
C LYS H 434 78.05 5.25 -24.89
N SER H 435 76.82 5.64 -25.17
CA SER H 435 76.29 6.86 -24.58
C SER H 435 76.19 6.84 -23.06
N LEU H 436 76.11 5.67 -22.45
CA LEU H 436 75.93 5.68 -21.03
C LEU H 436 77.11 6.30 -20.33
N ARG H 437 76.82 7.10 -19.33
CA ARG H 437 77.86 7.70 -18.53
C ARG H 437 77.75 7.31 -17.08
N CYS H 438 76.61 6.77 -16.69
CA CYS H 438 76.41 6.39 -15.30
C CYS H 438 75.40 5.27 -15.17
N LEU H 439 75.75 4.26 -14.39
CA LEU H 439 74.88 3.12 -14.12
C LEU H 439 74.54 3.11 -12.67
N GLY H 440 73.43 2.50 -12.32
CA GLY H 440 73.17 2.32 -10.91
C GLY H 440 72.00 1.40 -10.67
N SER H 441 71.76 1.11 -9.40
CA SER H 441 70.70 0.21 -9.01
C SER H 441 70.17 0.45 -7.62
N VAL H 442 68.97 -0.08 -7.42
CA VAL H 442 68.28 0.07 -6.14
C VAL H 442 67.25 -1.01 -5.83
N GLY H 443 67.04 -1.29 -4.54
CA GLY H 443 65.97 -2.16 -4.09
C GLY H 443 66.39 -3.43 -3.36
N GLU H 444 67.60 -3.85 -3.56
CA GLU H 444 68.08 -5.06 -2.94
C GLU H 444 69.59 -5.02 -3.00
N PRO H 445 70.31 -5.64 -2.07
CA PRO H 445 71.75 -5.70 -2.13
C PRO H 445 72.19 -6.34 -3.42
N ILE H 446 73.28 -5.84 -3.96
CA ILE H 446 73.82 -6.40 -5.18
C ILE H 446 75.05 -7.22 -4.81
N ALA H 447 75.07 -8.48 -5.18
CA ALA H 447 76.24 -9.29 -4.90
C ALA H 447 77.40 -8.76 -5.70
N ALA H 448 78.62 -8.88 -5.18
CA ALA H 448 79.77 -8.42 -5.96
C ALA H 448 79.80 -9.11 -7.30
N GLU H 449 79.41 -10.36 -7.34
CA GLU H 449 79.42 -11.09 -8.59
C GLU H 449 78.60 -10.41 -9.68
N VAL H 450 77.46 -9.85 -9.30
CA VAL H 450 76.58 -9.21 -10.24
C VAL H 450 77.15 -7.87 -10.59
N TRP H 451 77.64 -7.19 -9.57
CA TRP H 451 78.21 -5.87 -9.74
C TRP H 451 79.31 -5.95 -10.77
N GLU H 452 80.17 -6.94 -10.65
CA GLU H 452 81.27 -7.10 -11.57
C GLU H 452 80.77 -7.37 -12.98
N TRP H 453 79.78 -8.21 -13.13
CA TRP H 453 79.24 -8.47 -14.46
C TRP H 453 78.69 -7.22 -15.09
N TYR H 454 77.93 -6.49 -14.31
CA TYR H 454 77.29 -5.30 -14.79
C TYR H 454 78.36 -4.32 -15.22
N SER H 455 79.37 -4.13 -14.37
CA SER H 455 80.47 -3.23 -14.67
C SER H 455 81.21 -3.61 -15.93
N GLU H 456 81.54 -4.89 -16.09
CA GLU H 456 82.30 -5.36 -17.24
C GLU H 456 81.55 -5.41 -18.56
N LYS H 457 80.31 -5.88 -18.56
CA LYS H 457 79.65 -6.08 -19.83
C LYS H 457 78.81 -4.91 -20.30
N ILE H 458 78.23 -4.16 -19.37
CA ILE H 458 77.40 -3.06 -19.74
C ILE H 458 78.19 -1.78 -19.59
N GLY H 459 78.84 -1.62 -18.45
CA GLY H 459 79.60 -0.41 -18.18
C GLY H 459 80.99 -0.38 -18.80
N LYS H 460 81.37 -1.50 -19.39
CA LYS H 460 82.64 -1.73 -20.04
C LYS H 460 83.85 -1.34 -19.19
N ASN H 461 83.76 -1.54 -17.89
CA ASN H 461 84.80 -1.19 -16.93
C ASN H 461 85.13 0.31 -16.89
N GLU H 462 84.29 1.16 -17.46
CA GLU H 462 84.53 2.58 -17.44
C GLU H 462 83.48 3.37 -16.67
N ILE H 463 82.25 2.94 -16.75
CA ILE H 463 81.18 3.68 -16.12
C ILE H 463 81.01 3.30 -14.66
N PRO H 464 80.93 4.24 -13.72
CA PRO H 464 80.71 3.96 -12.32
C PRO H 464 79.35 3.37 -12.09
N ILE H 465 79.23 2.48 -11.13
CA ILE H 465 77.95 1.93 -10.74
C ILE H 465 77.56 2.46 -9.40
N VAL H 466 76.46 3.15 -9.35
CA VAL H 466 76.00 3.71 -8.11
C VAL H 466 74.98 2.81 -7.44
N ASP H 467 75.40 2.16 -6.37
CA ASP H 467 74.56 1.32 -5.54
C ASP H 467 73.97 2.21 -4.48
N THR H 468 72.71 2.55 -4.61
CA THR H 468 72.13 3.50 -3.70
C THR H 468 71.16 2.87 -2.76
N TYR H 469 71.25 3.27 -1.51
CA TYR H 469 70.39 2.77 -0.48
C TYR H 469 69.42 3.80 0.02
N TRP H 470 68.14 3.45 -0.03
CA TRP H 470 67.12 4.33 0.49
C TRP H 470 65.81 3.62 0.73
N GLN H 471 64.87 4.33 1.29
CA GLN H 471 63.59 3.78 1.68
C GLN H 471 62.47 4.69 1.27
N THR H 472 61.26 4.18 1.15
CA THR H 472 60.16 5.05 0.81
C THR H 472 60.12 6.23 1.75
N GLU H 473 60.23 5.97 3.02
CA GLU H 473 60.17 7.01 4.01
C GLU H 473 61.31 8.02 3.98
N SER H 474 62.44 7.72 3.34
CA SER H 474 63.49 8.70 3.34
C SER H 474 63.23 9.70 2.26
N GLY H 475 62.61 9.23 1.19
CA GLY H 475 62.20 10.05 0.06
C GLY H 475 63.33 10.41 -0.89
N SER H 476 64.53 10.01 -0.52
CA SER H 476 65.73 10.33 -1.27
C SER H 476 66.84 9.42 -0.79
N HIS H 477 67.98 9.55 -1.42
CA HIS H 477 69.07 8.68 -1.05
C HIS H 477 69.54 8.89 0.38
N LEU H 478 69.84 7.80 1.09
CA LEU H 478 70.38 7.92 2.43
C LEU H 478 71.87 7.68 2.39
N VAL H 479 72.27 6.59 1.75
CA VAL H 479 73.68 6.27 1.66
C VAL H 479 73.97 5.94 0.22
N THR H 480 74.94 6.59 -0.39
CA THR H 480 75.17 6.30 -1.79
C THR H 480 76.50 6.80 -2.28
N PRO H 481 77.12 6.13 -3.24
CA PRO H 481 78.23 6.64 -3.95
C PRO H 481 77.76 7.83 -4.70
N LEU H 482 78.64 8.76 -4.92
CA LEU H 482 78.30 9.87 -5.75
C LEU H 482 79.06 9.68 -7.04
N ALA H 483 78.43 10.02 -8.14
CA ALA H 483 78.99 9.88 -9.47
C ALA H 483 80.05 10.91 -9.76
N GLY H 484 80.50 10.93 -11.00
CA GLY H 484 81.60 11.78 -11.32
C GLY H 484 82.76 11.12 -10.67
N GLY H 485 83.76 11.87 -10.32
CA GLY H 485 84.94 11.30 -9.72
C GLY H 485 84.92 11.41 -8.22
N VAL H 486 83.76 11.66 -7.64
CA VAL H 486 83.77 11.96 -6.23
C VAL H 486 84.27 10.84 -5.35
N THR H 487 83.82 9.61 -5.53
CA THR H 487 84.27 8.62 -4.57
C THR H 487 84.74 7.32 -5.19
N PRO H 488 85.74 6.68 -4.58
CA PRO H 488 86.12 5.33 -4.86
C PRO H 488 84.95 4.49 -4.44
N MET H 489 84.81 3.32 -5.07
CA MET H 489 83.69 2.44 -4.80
C MET H 489 84.07 1.04 -4.46
N LYS H 490 83.30 0.42 -3.58
CA LYS H 490 83.58 -0.97 -3.33
C LYS H 490 82.50 -1.77 -4.00
N PRO H 491 82.82 -2.89 -4.56
CA PRO H 491 81.70 -3.53 -5.16
C PRO H 491 80.79 -3.94 -4.05
N GLY H 492 79.51 -3.75 -4.20
CA GLY H 492 78.60 -4.21 -3.18
C GLY H 492 78.34 -3.36 -1.98
N SER H 493 78.88 -2.18 -1.88
CA SER H 493 78.60 -1.37 -0.74
C SER H 493 78.23 0.04 -1.06
N ALA H 494 77.10 0.52 -0.55
CA ALA H 494 76.81 1.91 -0.67
C ALA H 494 78.00 2.55 -0.01
N SER H 495 78.23 3.83 -0.20
CA SER H 495 79.42 4.36 0.42
C SER H 495 79.12 5.25 1.59
N PHE H 496 78.93 6.52 1.35
CA PHE H 496 78.82 7.45 2.42
C PHE H 496 77.44 8.08 2.46
N PRO H 497 77.02 8.56 3.61
CA PRO H 497 75.76 9.25 3.78
C PRO H 497 75.61 10.43 2.87
N PHE H 498 74.40 10.61 2.38
CA PHE H 498 74.07 11.71 1.50
C PHE H 498 73.98 12.97 2.32
N PHE H 499 74.26 14.09 1.71
CA PHE H 499 74.29 15.34 2.41
C PHE H 499 73.09 15.53 3.29
N GLY H 500 73.37 15.93 4.51
CA GLY H 500 72.36 16.24 5.51
C GLY H 500 71.92 15.07 6.38
N ILE H 501 72.36 13.88 6.08
CA ILE H 501 71.92 12.73 6.85
C ILE H 501 73.01 12.13 7.71
N ASP H 502 72.92 12.33 9.01
CA ASP H 502 73.96 11.85 9.91
C ASP H 502 73.74 10.40 10.33
N ALA H 503 74.01 9.49 9.40
CA ALA H 503 73.83 8.07 9.64
C ALA H 503 74.83 7.54 10.66
N VAL H 504 74.36 6.64 11.50
CA VAL H 504 75.16 5.99 12.53
C VAL H 504 74.80 4.53 12.67
N VAL H 505 75.76 3.68 13.00
CA VAL H 505 75.41 2.29 13.27
C VAL H 505 75.28 2.16 14.77
N LEU H 506 74.14 1.63 15.20
CA LEU H 506 73.86 1.51 16.62
C LEU H 506 74.01 0.13 17.15
N ASP H 507 74.27 0.02 18.45
CA ASP H 507 74.26 -1.28 19.05
C ASP H 507 72.89 -1.84 18.77
N PRO H 508 72.77 -3.04 18.22
CA PRO H 508 71.51 -3.63 17.83
C PRO H 508 70.62 -3.96 18.98
N ASN H 509 71.15 -4.03 20.19
CA ASN H 509 70.30 -4.44 21.28
C ASN H 509 69.91 -3.29 22.13
N THR H 510 70.85 -2.39 22.40
CA THR H 510 70.52 -1.33 23.31
C THR H 510 71.43 -0.12 23.35
N GLY H 511 70.84 0.97 23.77
CA GLY H 511 71.57 2.17 24.11
C GLY H 511 72.39 2.85 23.04
N GLU H 512 73.65 3.00 23.38
CA GLU H 512 74.71 3.67 22.64
C GLU H 512 75.03 3.18 21.25
N GLU H 513 75.56 4.12 20.49
CA GLU H 513 75.99 3.81 19.16
C GLU H 513 77.32 3.13 19.19
N LEU H 514 77.80 2.74 18.03
CA LEU H 514 79.08 2.10 17.99
C LEU H 514 80.15 2.98 17.41
N ASN H 515 80.96 3.55 18.29
CA ASN H 515 82.04 4.45 17.91
C ASN H 515 83.29 3.62 17.86
N THR H 516 83.60 3.13 16.68
CA THR H 516 84.65 2.16 16.50
C THR H 516 85.04 1.98 15.07
N SER H 517 86.24 1.48 14.88
CA SER H 517 86.73 1.14 13.55
C SER H 517 85.99 -0.01 12.91
N HIS H 518 85.32 -0.82 13.71
CA HIS H 518 84.56 -1.94 13.19
C HIS H 518 83.23 -2.07 13.90
N ALA H 519 82.13 -1.91 13.18
CA ALA H 519 80.86 -1.96 13.88
C ALA H 519 79.82 -2.77 13.17
N GLU H 520 79.11 -3.54 13.96
CA GLU H 520 77.99 -4.32 13.51
C GLU H 520 76.76 -3.90 14.25
N GLY H 521 75.71 -3.56 13.56
CA GLY H 521 74.53 -3.15 14.27
C GLY H 521 73.41 -2.81 13.34
N VAL H 522 72.64 -1.80 13.71
CA VAL H 522 71.53 -1.41 12.88
C VAL H 522 71.75 0.00 12.41
N LEU H 523 71.14 0.36 11.31
CA LEU H 523 71.40 1.69 10.81
C LEU H 523 70.37 2.66 11.33
N ALA H 524 70.81 3.84 11.73
CA ALA H 524 69.89 4.83 12.23
C ALA H 524 70.36 6.22 11.93
N VAL H 525 69.46 7.17 11.98
CA VAL H 525 69.89 8.52 11.71
C VAL H 525 69.63 9.46 12.87
N LYS H 526 70.65 10.20 13.24
CA LYS H 526 70.60 11.15 14.34
C LYS H 526 69.67 12.36 14.21
N ALA H 527 69.38 12.85 13.00
CA ALA H 527 68.54 14.04 12.87
C ALA H 527 67.73 13.99 11.61
N ALA H 528 66.70 14.80 11.57
CA ALA H 528 65.81 14.86 10.43
C ALA H 528 66.45 15.59 9.27
N TRP H 529 65.87 15.40 8.08
CA TRP H 529 66.31 16.01 6.83
C TRP H 529 65.06 16.39 6.04
N PRO H 530 65.16 17.30 5.05
CA PRO H 530 64.06 17.85 4.27
C PRO H 530 63.07 16.91 3.64
N SER H 531 63.46 15.72 3.24
CA SER H 531 62.43 14.92 2.59
C SER H 531 62.12 13.65 3.33
N PHE H 532 62.16 13.75 4.64
CA PHE H 532 61.78 12.65 5.48
C PHE H 532 60.26 12.57 5.53
N ALA H 533 59.70 11.38 5.35
CA ALA H 533 58.24 11.28 5.38
C ALA H 533 57.75 11.88 6.65
N ARG H 534 56.70 12.64 6.52
CA ARG H 534 56.17 13.36 7.64
C ARG H 534 55.24 12.54 8.46
N THR H 535 54.47 11.71 7.80
CA THR H 535 53.53 10.92 8.57
C THR H 535 52.96 9.77 7.78
N ILE H 536 52.04 9.06 8.40
CA ILE H 536 51.25 8.04 7.76
C ILE H 536 49.84 8.53 7.77
N TRP H 537 49.25 8.59 6.60
CA TRP H 537 47.94 9.15 6.44
C TRP H 537 46.97 8.55 7.41
N LYS H 538 46.40 9.42 8.21
CA LYS H 538 45.43 9.11 9.23
C LYS H 538 45.87 8.11 10.27
N ASN H 539 47.16 8.07 10.60
CA ASN H 539 47.58 7.19 11.65
C ASN H 539 48.94 7.60 12.17
N HIS H 540 49.00 8.71 12.87
CA HIS H 540 50.28 9.19 13.29
C HIS H 540 50.87 8.27 14.33
N ASP H 541 50.03 7.58 15.10
CA ASP H 541 50.60 6.70 16.10
C ASP H 541 51.39 5.58 15.46
N ARG H 542 50.91 5.01 14.35
CA ARG H 542 51.65 3.92 13.77
C ARG H 542 53.00 4.42 13.35
N TYR H 543 53.04 5.61 12.78
CA TYR H 543 54.28 6.22 12.33
C TYR H 543 55.28 6.30 13.46
N LEU H 544 54.86 6.85 14.58
CA LEU H 544 55.79 7.01 15.65
C LEU H 544 56.27 5.69 16.20
N ASP H 545 55.36 4.75 16.39
CA ASP H 545 55.75 3.46 16.95
C ASP H 545 56.67 2.68 16.05
N THR H 546 56.48 2.83 14.76
CA THR H 546 57.27 2.11 13.79
C THR H 546 58.65 2.66 13.64
N TYR H 547 58.79 3.98 13.55
CA TYR H 547 60.08 4.54 13.23
C TYR H 547 60.83 5.30 14.31
N LEU H 548 60.14 5.99 15.21
CA LEU H 548 60.86 6.85 16.12
C LEU H 548 60.90 6.36 17.55
N ASN H 549 59.96 5.54 17.95
CA ASN H 549 59.96 5.08 19.32
C ASN H 549 60.98 3.98 19.66
N PRO H 550 61.31 3.03 18.77
CA PRO H 550 62.35 2.03 19.00
C PRO H 550 63.62 2.82 19.05
N TYR H 551 64.63 2.39 19.80
CA TYR H 551 65.88 3.13 19.83
C TYR H 551 65.63 4.64 19.82
N PRO H 552 64.86 5.16 20.77
CA PRO H 552 64.35 6.50 20.73
C PRO H 552 65.46 7.47 20.68
N GLY H 553 65.28 8.51 19.90
CA GLY H 553 66.27 9.54 19.73
C GLY H 553 66.81 9.48 18.32
N TYR H 554 66.67 8.33 17.67
CA TYR H 554 67.17 8.14 16.33
C TYR H 554 66.08 7.65 15.41
N TYR H 555 66.21 7.92 14.14
CA TYR H 555 65.31 7.30 13.20
C TYR H 555 65.77 5.91 12.96
N PHE H 556 64.92 4.95 13.20
CA PHE H 556 65.33 3.58 13.04
C PHE H 556 65.08 3.16 11.63
N THR H 557 66.14 2.82 10.94
CA THR H 557 66.01 2.48 9.55
C THR H 557 65.25 1.21 9.37
N GLY H 558 65.55 0.21 10.17
CA GLY H 558 64.94 -1.09 10.05
C GLY H 558 65.83 -2.09 9.37
N ASP H 559 66.89 -1.62 8.75
CA ASP H 559 67.86 -2.46 8.09
C ASP H 559 69.10 -2.59 8.93
N GLY H 560 69.75 -3.73 8.79
CA GLY H 560 70.99 -4.00 9.46
C GLY H 560 72.10 -3.35 8.71
N ALA H 561 73.21 -3.12 9.37
CA ALA H 561 74.33 -2.51 8.69
C ALA H 561 75.63 -2.77 9.38
N ALA H 562 76.68 -2.55 8.65
CA ALA H 562 77.98 -2.64 9.25
C ALA H 562 78.84 -1.53 8.74
N LYS H 563 79.61 -0.96 9.64
CA LYS H 563 80.49 0.11 9.26
C LYS H 563 81.87 -0.45 9.18
N ASP H 564 82.44 -0.30 8.01
CA ASP H 564 83.73 -0.83 7.70
C ASP H 564 84.86 0.10 8.08
N LYS H 565 86.06 -0.39 7.82
CA LYS H 565 87.22 0.42 7.96
C LYS H 565 87.07 1.48 6.89
N ASP H 566 87.52 2.67 7.16
CA ASP H 566 87.48 3.76 6.20
C ASP H 566 86.08 4.30 5.91
N GLY H 567 85.09 3.87 6.68
CA GLY H 567 83.78 4.47 6.61
C GLY H 567 82.77 3.97 5.59
N TYR H 568 83.01 2.87 4.92
CA TYR H 568 81.99 2.44 3.99
C TYR H 568 80.88 1.73 4.73
N ILE H 569 79.63 2.04 4.41
CA ILE H 569 78.52 1.38 5.08
C ILE H 569 77.93 0.25 4.28
N TRP H 570 78.01 -0.93 4.82
CA TRP H 570 77.48 -2.11 4.18
C TRP H 570 76.08 -2.32 4.68
N ILE H 571 75.19 -2.79 3.82
CA ILE H 571 73.84 -3.07 4.27
C ILE H 571 73.72 -4.57 4.39
N LEU H 572 73.33 -5.03 5.56
CA LEU H 572 73.32 -6.46 5.83
C LEU H 572 72.00 -7.18 5.60
N GLY H 573 70.97 -6.44 5.22
CA GLY H 573 69.63 -6.98 5.02
C GLY H 573 68.72 -6.49 6.12
N ARG H 574 67.43 -6.73 6.01
CA ARG H 574 66.49 -6.23 7.01
C ARG H 574 66.75 -6.86 8.35
N VAL H 575 66.51 -6.11 9.40
CA VAL H 575 66.74 -6.64 10.75
C VAL H 575 65.83 -7.80 11.04
N ASP H 576 64.59 -7.69 10.62
CA ASP H 576 63.59 -8.71 10.83
C ASP H 576 63.93 -10.08 10.22
N ASP H 577 64.80 -10.13 9.22
CA ASP H 577 65.13 -11.39 8.59
C ASP H 577 66.40 -12.01 9.10
N VAL H 578 67.00 -11.43 10.11
CA VAL H 578 68.25 -12.00 10.59
C VAL H 578 68.03 -13.38 11.13
N VAL H 579 68.87 -14.32 10.72
CA VAL H 579 68.72 -15.67 11.19
C VAL H 579 69.63 -15.84 12.36
N ASN H 580 69.08 -16.23 13.47
CA ASN H 580 69.88 -16.38 14.67
C ASN H 580 70.37 -17.79 14.81
N VAL H 581 71.67 -17.97 14.78
CA VAL H 581 72.30 -19.26 14.90
C VAL H 581 73.11 -19.16 16.18
N SER H 582 73.41 -20.28 16.81
CA SER H 582 74.06 -20.15 18.10
C SER H 582 75.35 -19.41 17.98
N GLY H 583 76.11 -19.71 16.95
CA GLY H 583 77.39 -19.08 16.83
C GLY H 583 77.32 -17.59 16.71
N HIS H 584 76.52 -17.07 15.77
CA HIS H 584 76.42 -15.62 15.56
C HIS H 584 75.20 -15.19 14.73
N ARG H 585 74.87 -13.90 14.78
CA ARG H 585 73.80 -13.34 13.99
C ARG H 585 74.17 -13.65 12.57
N LEU H 586 73.22 -13.85 11.72
CA LEU H 586 73.58 -14.19 10.38
C LEU H 586 73.00 -13.20 9.44
N SER H 587 73.84 -12.69 8.57
CA SER H 587 73.44 -11.69 7.61
C SER H 587 73.01 -12.37 6.36
N THR H 588 71.77 -12.10 5.97
CA THR H 588 71.29 -12.72 4.77
C THR H 588 72.04 -12.18 3.58
N ALA H 589 72.43 -10.91 3.62
CA ALA H 589 73.17 -10.36 2.49
C ALA H 589 74.49 -11.08 2.28
N GLU H 590 75.21 -11.36 3.36
CA GLU H 590 76.51 -11.99 3.19
C GLU H 590 76.40 -13.42 2.68
N ILE H 591 75.51 -14.20 3.26
CA ILE H 591 75.41 -15.55 2.78
C ILE H 591 74.91 -15.64 1.36
N GLU H 592 73.98 -14.78 0.96
CA GLU H 592 73.53 -14.86 -0.41
C GLU H 592 74.67 -14.53 -1.34
N ALA H 593 75.51 -13.57 -0.96
CA ALA H 593 76.65 -13.23 -1.80
C ALA H 593 77.55 -14.43 -1.98
N ALA H 594 77.75 -15.21 -0.93
CA ALA H 594 78.59 -16.39 -1.09
C ALA H 594 77.98 -17.41 -2.03
N ILE H 595 76.68 -17.64 -1.90
CA ILE H 595 76.05 -18.68 -2.68
C ILE H 595 76.12 -18.41 -4.16
N ILE H 596 75.92 -17.16 -4.61
CA ILE H 596 75.97 -16.83 -6.03
C ILE H 596 77.30 -17.12 -6.72
N GLU H 597 78.38 -17.39 -5.97
CA GLU H 597 79.64 -17.72 -6.61
C GLU H 597 79.41 -19.11 -7.20
N ASP H 598 80.38 -19.73 -7.87
CA ASP H 598 80.10 -21.04 -8.49
C ASP H 598 79.00 -20.84 -9.53
N PRO H 599 79.36 -20.30 -10.70
CA PRO H 599 78.45 -19.83 -11.72
C PRO H 599 77.70 -20.92 -12.46
N ILE H 600 76.87 -21.57 -11.68
CA ILE H 600 75.90 -22.57 -12.05
C ILE H 600 74.65 -22.03 -11.43
N VAL H 601 74.87 -21.20 -10.40
CA VAL H 601 73.82 -20.55 -9.64
C VAL H 601 73.45 -19.26 -10.30
N ALA H 602 72.18 -19.09 -10.53
CA ALA H 602 71.69 -17.88 -11.13
C ALA H 602 71.18 -16.90 -10.12
N GLU H 603 70.39 -17.41 -9.17
CA GLU H 603 69.78 -16.57 -8.16
C GLU H 603 69.71 -17.34 -6.86
N CYS H 604 69.60 -16.61 -5.75
CA CYS H 604 69.47 -17.27 -4.47
C CYS H 604 68.88 -16.42 -3.38
N ALA H 605 68.08 -17.05 -2.52
CA ALA H 605 67.58 -16.41 -1.33
C ALA H 605 67.78 -17.31 -0.13
N VAL H 606 68.18 -16.72 0.98
CA VAL H 606 68.39 -17.47 2.20
C VAL H 606 67.34 -17.16 3.21
N VAL H 607 66.75 -18.21 3.69
CA VAL H 607 65.61 -18.19 4.56
C VAL H 607 65.87 -18.91 5.89
N GLY H 608 65.55 -18.28 7.00
CA GLY H 608 65.73 -18.98 8.28
C GLY H 608 64.69 -20.09 8.35
N PHE H 609 65.01 -21.24 8.92
CA PHE H 609 63.91 -22.18 9.07
C PHE H 609 63.93 -22.95 10.39
N ASN H 610 62.73 -23.10 10.95
CA ASN H 610 62.54 -23.74 12.25
C ASN H 610 63.14 -25.13 12.25
N ASP H 611 63.95 -25.39 13.25
CA ASP H 611 64.65 -26.65 13.37
C ASP H 611 64.86 -26.94 14.85
N ASP H 612 65.49 -28.06 15.16
CA ASP H 612 65.77 -28.48 16.53
C ASP H 612 67.07 -27.89 17.04
N LEU H 613 67.66 -27.06 16.21
CA LEU H 613 68.90 -26.36 16.45
C LEU H 613 68.63 -25.16 17.31
N THR H 614 69.64 -24.69 18.01
CA THR H 614 69.50 -23.44 18.70
C THR H 614 69.14 -22.40 17.65
N GLY H 615 68.09 -21.63 17.92
CA GLY H 615 67.61 -20.64 16.96
C GLY H 615 67.03 -21.32 15.74
N GLN H 616 67.54 -20.98 14.57
CA GLN H 616 67.05 -21.56 13.33
C GLN H 616 68.13 -22.12 12.42
N ALA H 617 67.71 -23.01 11.54
CA ALA H 617 68.55 -23.56 10.52
C ALA H 617 68.64 -22.62 9.37
N VAL H 618 69.66 -22.80 8.58
CA VAL H 618 69.73 -22.02 7.37
C VAL H 618 69.24 -22.85 6.19
N ALA H 619 68.30 -22.28 5.45
CA ALA H 619 67.77 -22.91 4.26
C ALA H 619 67.99 -22.00 3.08
N ALA H 620 68.11 -22.57 1.90
CA ALA H 620 68.30 -21.69 0.77
C ALA H 620 67.58 -22.16 -0.46
N PHE H 621 67.07 -21.19 -1.17
CA PHE H 621 66.38 -21.41 -2.41
C PHE H 621 67.29 -20.98 -3.50
N VAL H 622 67.67 -21.93 -4.31
CA VAL H 622 68.66 -21.69 -5.32
C VAL H 622 68.12 -21.97 -6.70
N VAL H 623 68.32 -21.01 -7.57
CA VAL H 623 67.90 -21.13 -8.95
C VAL H 623 69.09 -21.44 -9.79
N LEU H 624 69.04 -22.49 -10.58
CA LEU H 624 70.17 -22.80 -11.42
C LEU H 624 70.00 -22.13 -12.76
N LYS H 625 71.12 -21.75 -13.35
CA LYS H 625 71.12 -21.02 -14.63
C LYS H 625 70.52 -21.69 -15.83
N ASN H 626 70.72 -22.99 -15.99
CA ASN H 626 70.21 -23.68 -17.15
C ASN H 626 69.31 -24.83 -16.77
N LYS H 627 68.14 -24.90 -17.40
CA LYS H 627 67.18 -25.95 -17.07
C LYS H 627 67.70 -27.34 -17.42
N SER H 628 68.41 -27.46 -18.53
CA SER H 628 68.92 -28.76 -18.97
C SER H 628 69.82 -29.38 -17.92
N ASN H 629 70.68 -28.57 -17.31
CA ASN H 629 71.51 -29.09 -16.23
C ASN H 629 70.61 -29.44 -15.05
N TRP H 630 69.62 -28.61 -14.78
CA TRP H 630 68.71 -28.83 -13.68
C TRP H 630 67.85 -30.06 -13.84
N SER H 631 67.38 -30.32 -15.05
CA SER H 631 66.57 -31.50 -15.27
C SER H 631 67.42 -32.65 -15.77
N THR H 632 67.73 -33.54 -14.84
CA THR H 632 68.60 -34.70 -15.05
C THR H 632 68.32 -35.71 -13.96
N ALA H 633 68.99 -36.87 -14.01
CA ALA H 633 68.76 -37.85 -12.97
C ALA H 633 69.28 -37.22 -11.71
N THR H 634 68.38 -37.03 -10.76
CA THR H 634 68.67 -36.33 -9.52
C THR H 634 69.74 -36.96 -8.66
N ASP H 635 69.69 -38.26 -8.51
CA ASP H 635 70.69 -38.89 -7.69
C ASP H 635 72.07 -38.67 -8.30
N ASP H 636 72.09 -38.69 -9.63
CA ASP H 636 73.29 -38.65 -10.41
C ASP H 636 74.02 -37.34 -10.20
N GLU H 637 73.31 -36.22 -10.36
CA GLU H 637 73.98 -34.93 -10.33
C GLU H 637 73.45 -33.86 -9.38
N LEU H 638 72.14 -33.83 -9.11
CA LEU H 638 71.72 -32.66 -8.32
C LEU H 638 72.34 -32.75 -6.95
N GLN H 639 72.61 -33.98 -6.51
CA GLN H 639 73.24 -34.21 -5.24
C GLN H 639 74.62 -33.56 -5.15
N ASP H 640 75.33 -33.41 -6.27
CA ASP H 640 76.65 -32.82 -6.19
C ASP H 640 76.49 -31.36 -6.23
N ILE H 641 75.47 -30.89 -6.90
CA ILE H 641 75.27 -29.47 -6.91
C ILE H 641 75.06 -29.05 -5.49
N LYS H 642 74.25 -29.79 -4.75
CA LYS H 642 74.06 -29.44 -3.38
C LYS H 642 75.35 -29.48 -2.57
N LYS H 643 76.20 -30.49 -2.79
CA LYS H 643 77.46 -30.56 -2.06
C LYS H 643 78.32 -29.35 -2.33
N HIS H 644 78.36 -28.92 -3.59
CA HIS H 644 79.20 -27.81 -3.93
C HIS H 644 78.70 -26.53 -3.30
N LEU H 645 77.39 -26.34 -3.31
CA LEU H 645 76.83 -25.13 -2.77
C LEU H 645 77.10 -25.01 -1.29
N VAL H 646 76.96 -26.11 -0.55
CA VAL H 646 77.19 -26.05 0.88
C VAL H 646 78.66 -25.91 1.17
N PHE H 647 79.50 -26.56 0.37
CA PHE H 647 80.94 -26.49 0.53
C PHE H 647 81.43 -25.07 0.48
N THR H 648 81.03 -24.34 -0.54
CA THR H 648 81.46 -22.96 -0.66
C THR H 648 81.03 -22.13 0.51
N VAL H 649 79.80 -22.24 0.93
CA VAL H 649 79.45 -21.37 2.02
C VAL H 649 80.26 -21.75 3.24
N ARG H 650 80.36 -23.04 3.50
CA ARG H 650 81.09 -23.51 4.66
C ARG H 650 82.51 -23.01 4.72
N LYS H 651 83.22 -22.98 3.59
CA LYS H 651 84.60 -22.51 3.66
C LYS H 651 84.74 -20.99 3.68
N ASP H 652 83.89 -20.26 2.96
CA ASP H 652 84.06 -18.81 2.93
C ASP H 652 83.36 -18.04 4.03
N ILE H 653 82.21 -18.50 4.50
CA ILE H 653 81.49 -17.79 5.53
C ILE H 653 81.67 -18.48 6.85
N GLY H 654 81.50 -19.80 6.85
CA GLY H 654 81.61 -20.60 8.05
C GLY H 654 80.45 -21.59 8.18
N PRO H 655 80.72 -22.58 9.04
CA PRO H 655 79.94 -23.74 9.42
C PRO H 655 78.62 -23.36 9.98
N PHE H 656 78.52 -22.33 10.81
CA PHE H 656 77.18 -22.03 11.26
C PHE H 656 76.30 -21.59 10.12
N ALA H 657 76.82 -20.78 9.21
CA ALA H 657 76.04 -20.28 8.08
C ALA H 657 75.66 -21.32 7.02
N ALA H 658 76.60 -22.16 6.66
CA ALA H 658 76.39 -23.18 5.67
C ALA H 658 74.95 -23.69 5.77
N PRO H 659 74.23 -23.75 4.65
CA PRO H 659 72.85 -24.20 4.60
C PRO H 659 72.74 -25.67 4.83
N LYS H 660 71.59 -26.08 5.32
CA LYS H 660 71.26 -27.47 5.46
C LYS H 660 70.23 -27.86 4.43
N LEU H 661 69.24 -27.01 4.21
CA LEU H 661 68.22 -27.36 3.26
C LEU H 661 68.48 -26.61 1.98
N ILE H 662 68.86 -27.33 0.94
CA ILE H 662 69.05 -26.67 -0.34
C ILE H 662 67.94 -27.08 -1.26
N ILE H 663 67.16 -26.13 -1.67
CA ILE H 663 66.01 -26.38 -2.48
C ILE H 663 66.33 -25.81 -3.84
N LEU H 664 66.36 -26.65 -4.86
CA LEU H 664 66.70 -26.17 -6.19
C LEU H 664 65.41 -25.92 -6.93
N VAL H 665 65.19 -24.69 -7.31
CA VAL H 665 63.94 -24.27 -7.91
C VAL H 665 64.11 -23.62 -9.25
N ASP H 666 63.01 -23.48 -9.98
CA ASP H 666 63.03 -22.83 -11.27
C ASP H 666 63.08 -21.31 -11.17
N ASP H 667 62.49 -20.75 -10.12
CA ASP H 667 62.50 -19.32 -9.91
C ASP H 667 62.18 -18.94 -8.47
N LEU H 668 62.29 -17.65 -8.16
CA LEU H 668 61.94 -17.08 -6.86
C LEU H 668 60.81 -16.07 -7.05
N PRO H 669 59.92 -15.90 -6.08
CA PRO H 669 58.87 -14.92 -6.16
C PRO H 669 59.49 -13.56 -6.09
N LYS H 670 59.04 -12.66 -6.93
CA LYS H 670 59.59 -11.32 -6.97
C LYS H 670 58.50 -10.28 -6.91
N THR H 671 58.80 -9.14 -6.33
CA THR H 671 57.80 -8.10 -6.26
C THR H 671 57.86 -7.12 -7.40
N ARG H 672 56.78 -6.38 -7.55
CA ARG H 672 56.71 -5.30 -8.51
C ARG H 672 57.75 -4.24 -8.17
N SER H 673 58.00 -4.07 -6.88
CA SER H 673 58.96 -3.12 -6.33
C SER H 673 60.41 -3.56 -6.50
N GLY H 674 60.67 -4.75 -7.03
CA GLY H 674 62.04 -5.11 -7.24
C GLY H 674 62.76 -5.97 -6.20
N LYS H 675 62.06 -6.75 -5.40
CA LYS H 675 62.69 -7.54 -4.36
C LYS H 675 62.29 -8.97 -4.32
N ILE H 676 63.17 -9.85 -3.87
CA ILE H 676 62.71 -11.23 -3.70
C ILE H 676 61.77 -11.22 -2.52
N MET H 677 60.59 -11.79 -2.70
CA MET H 677 59.64 -11.76 -1.60
C MET H 677 59.91 -12.88 -0.61
N ARG H 678 60.95 -12.66 0.18
CA ARG H 678 61.45 -13.65 1.10
C ARG H 678 60.42 -14.06 2.10
N ARG H 679 59.53 -13.17 2.48
CA ARG H 679 58.50 -13.55 3.42
C ARG H 679 57.70 -14.74 2.93
N ILE H 680 57.41 -14.81 1.63
CA ILE H 680 56.64 -15.93 1.14
C ILE H 680 57.43 -17.16 1.30
N LEU H 681 58.68 -17.09 0.92
CA LEU H 681 59.49 -18.28 0.99
C LEU H 681 59.55 -18.76 2.40
N ARG H 682 59.68 -17.84 3.35
CA ARG H 682 59.75 -18.22 4.73
C ARG H 682 58.50 -18.93 5.18
N LYS H 683 57.34 -18.42 4.82
CA LYS H 683 56.13 -19.07 5.24
C LYS H 683 55.96 -20.43 4.61
N ILE H 684 56.27 -20.54 3.32
CA ILE H 684 56.07 -21.82 2.68
C ILE H 684 56.98 -22.83 3.31
N LEU H 685 58.22 -22.44 3.50
CA LEU H 685 59.20 -23.32 4.06
C LEU H 685 58.81 -23.78 5.45
N ALA H 686 58.31 -22.85 6.27
CA ALA H 686 57.90 -23.16 7.62
C ALA H 686 56.80 -24.21 7.64
N GLY H 687 55.91 -24.17 6.64
CA GLY H 687 54.82 -25.12 6.53
C GLY H 687 53.49 -24.42 6.38
N GLU H 688 53.41 -23.16 6.79
CA GLU H 688 52.20 -22.37 6.67
C GLU H 688 52.14 -21.74 5.29
N SER H 689 52.01 -22.59 4.28
CA SER H 689 52.04 -22.20 2.88
C SER H 689 50.74 -21.62 2.36
N ASP H 690 49.69 -21.72 3.14
CA ASP H 690 48.40 -21.20 2.75
C ASP H 690 48.31 -19.71 3.03
N GLN H 691 48.65 -19.32 4.23
CA GLN H 691 48.44 -17.94 4.57
C GLN H 691 49.52 -17.00 4.09
N LEU H 692 49.54 -16.81 2.78
CA LEU H 692 50.50 -15.95 2.12
C LEU H 692 49.95 -14.58 1.80
N GLY H 693 48.67 -14.39 2.06
CA GLY H 693 48.02 -13.14 1.72
C GLY H 693 47.79 -13.11 0.22
N ASP H 694 47.62 -11.92 -0.33
CA ASP H 694 47.31 -11.82 -1.74
C ASP H 694 48.56 -12.01 -2.56
N VAL H 695 48.55 -13.01 -3.42
CA VAL H 695 49.70 -13.28 -4.25
C VAL H 695 49.98 -12.12 -5.18
N SER H 696 48.96 -11.35 -5.52
CA SER H 696 49.12 -10.26 -6.47
C SER H 696 49.79 -9.03 -5.91
N THR H 697 51.02 -9.24 -5.52
CA THR H 697 51.95 -8.26 -5.04
C THR H 697 53.19 -8.55 -5.84
N LEU H 698 53.18 -9.77 -6.38
CA LEU H 698 54.27 -10.32 -7.14
C LEU H 698 54.17 -9.96 -8.58
N SER H 699 55.33 -9.90 -9.22
CA SER H 699 55.45 -9.69 -10.65
C SER H 699 55.30 -10.97 -11.44
N ASN H 700 55.38 -12.09 -10.74
CA ASN H 700 55.29 -13.42 -11.31
C ASN H 700 54.29 -14.38 -10.67
N PRO H 701 53.10 -13.93 -10.30
CA PRO H 701 52.14 -14.71 -9.58
C PRO H 701 51.85 -15.90 -10.42
N GLY H 702 51.72 -17.02 -9.76
CA GLY H 702 51.53 -18.28 -10.41
C GLY H 702 52.67 -19.14 -9.91
N ILE H 703 53.83 -18.49 -9.72
CA ILE H 703 55.02 -19.15 -9.22
C ILE H 703 54.83 -19.93 -7.96
N VAL H 704 53.94 -19.48 -7.11
CA VAL H 704 53.71 -20.14 -5.85
C VAL H 704 53.37 -21.59 -6.05
N ARG H 705 52.66 -21.93 -7.11
CA ARG H 705 52.32 -23.31 -7.31
C ARG H 705 53.55 -24.20 -7.27
N HIS H 706 54.62 -23.77 -7.90
CA HIS H 706 55.82 -24.57 -7.95
C HIS H 706 56.58 -24.49 -6.66
N LEU H 707 56.58 -23.32 -6.06
CA LEU H 707 57.38 -23.17 -4.87
C LEU H 707 56.89 -24.15 -3.84
N ILE H 708 55.57 -24.31 -3.75
CA ILE H 708 55.05 -25.22 -2.77
C ILE H 708 55.49 -26.63 -3.08
N ASP H 709 55.35 -27.07 -4.32
CA ASP H 709 55.78 -28.43 -4.60
C ASP H 709 57.26 -28.66 -4.31
N SER H 710 58.11 -27.70 -4.67
CA SER H 710 59.55 -27.87 -4.47
C SER H 710 59.92 -27.99 -3.01
N VAL H 711 59.31 -27.17 -2.18
CA VAL H 711 59.58 -27.21 -0.75
C VAL H 711 59.14 -28.52 -0.15
N LYS H 712 57.92 -28.96 -0.47
CA LYS H 712 57.44 -30.21 0.09
C LYS H 712 58.39 -31.34 -0.22
N LEU H 713 58.84 -31.40 -1.47
CA LEU H 713 59.73 -32.44 -1.91
C LEU H 713 61.03 -31.83 -2.43
N HIS I 38 37.57 52.75 -58.77
CA HIS I 38 38.20 51.52 -59.01
C HIS I 38 37.49 50.41 -58.26
N GLU I 39 38.22 49.68 -57.44
CA GLU I 39 37.64 48.65 -56.65
C GLU I 39 37.54 49.39 -55.37
N TYR I 40 36.38 49.98 -55.20
CA TYR I 40 36.10 50.84 -54.09
C TYR I 40 36.58 52.26 -54.31
N GLU I 41 36.84 52.62 -55.56
CA GLU I 41 37.24 53.99 -55.82
C GLU I 41 36.22 54.97 -55.33
N HIS I 42 34.93 54.67 -55.45
CA HIS I 42 33.98 55.62 -54.95
C HIS I 42 34.11 55.76 -53.44
N LEU I 43 34.02 54.65 -52.74
CA LEU I 43 34.10 54.64 -51.28
C LEU I 43 35.29 55.35 -50.71
N THR I 44 36.46 55.14 -51.27
CA THR I 44 37.66 55.68 -50.67
C THR I 44 38.09 57.03 -51.21
N SER I 45 37.36 57.59 -52.17
CA SER I 45 37.80 58.84 -52.77
C SER I 45 37.30 60.02 -51.98
N VAL I 46 37.95 60.26 -50.87
CA VAL I 46 37.49 61.30 -49.98
C VAL I 46 38.63 62.20 -49.57
N LYS I 47 38.26 63.37 -49.06
CA LYS I 47 39.19 64.33 -48.52
C LYS I 47 39.55 64.00 -47.09
N ILE I 48 40.79 64.27 -46.73
CA ILE I 48 41.23 64.10 -45.37
C ILE I 48 40.91 65.31 -44.54
N VAL I 49 40.29 65.08 -43.41
CA VAL I 49 39.94 66.16 -42.52
C VAL I 49 40.90 66.15 -41.34
N PRO I 50 41.69 67.19 -41.13
CA PRO I 50 42.65 67.33 -40.05
C PRO I 50 41.88 67.61 -38.81
N GLN I 51 42.43 67.38 -37.63
CA GLN I 51 41.71 67.70 -36.42
C GLN I 51 42.16 69.06 -35.97
N ARG I 52 41.23 69.84 -35.49
CA ARG I 52 41.44 71.19 -35.04
C ARG I 52 41.64 71.11 -33.54
N PRO I 53 42.45 71.97 -32.95
CA PRO I 53 42.65 72.00 -31.52
C PRO I 53 41.41 72.44 -30.85
N ILE I 54 41.19 71.93 -29.66
CA ILE I 54 40.07 72.35 -28.85
C ILE I 54 40.57 72.92 -27.56
N SER I 55 40.19 74.14 -27.25
CA SER I 55 40.61 74.71 -25.99
C SER I 55 39.42 75.41 -25.44
N ASP I 56 38.57 75.75 -26.35
CA ASP I 56 37.41 76.54 -26.12
C ASP I 56 36.20 75.75 -25.73
N ARG I 57 36.39 74.47 -25.54
CA ARG I 57 35.37 73.58 -25.06
C ARG I 57 35.84 72.95 -23.78
N LEU I 58 36.93 73.44 -23.22
CA LEU I 58 37.36 72.81 -21.98
C LEU I 58 36.58 73.41 -20.83
N GLN I 59 36.34 72.60 -19.84
CA GLN I 59 35.68 73.08 -18.66
C GLN I 59 36.77 73.54 -17.71
N PRO I 60 36.47 74.48 -16.79
CA PRO I 60 37.42 75.01 -15.81
C PRO I 60 38.21 73.94 -15.09
N ALA I 61 37.60 72.78 -14.84
CA ALA I 61 38.23 71.66 -14.18
C ALA I 61 39.56 71.25 -14.80
N ILE I 62 39.65 71.31 -16.12
CA ILE I 62 40.86 70.91 -16.80
C ILE I 62 41.43 72.03 -17.62
N ALA I 63 40.74 73.14 -17.64
CA ALA I 63 41.21 74.24 -18.46
C ALA I 63 42.62 74.66 -18.09
N THR I 64 43.01 74.50 -16.83
CA THR I 64 44.32 74.94 -16.43
C THR I 64 45.43 73.93 -16.64
N HIS I 65 45.12 72.68 -16.94
CA HIS I 65 46.20 71.71 -17.07
C HIS I 65 46.05 70.74 -18.24
N TYR I 66 44.98 70.84 -19.00
CA TYR I 66 44.75 69.93 -20.10
C TYR I 66 45.86 69.87 -21.09
N SER I 67 46.21 68.65 -21.43
CA SER I 67 47.19 68.34 -22.42
C SER I 67 46.87 66.93 -22.89
N PRO I 68 46.91 66.63 -24.18
CA PRO I 68 46.60 65.34 -24.72
C PRO I 68 47.60 64.32 -24.29
N HIS I 69 47.21 63.06 -24.24
CA HIS I 69 48.15 62.02 -23.84
C HIS I 69 49.18 61.70 -24.94
N LEU I 70 48.78 61.84 -26.20
CA LEU I 70 49.68 61.65 -27.33
C LEU I 70 49.76 62.98 -28.02
N ASP I 71 50.97 63.44 -28.30
CA ASP I 71 51.17 64.76 -28.87
C ASP I 71 50.91 64.86 -30.38
N GLY I 72 51.06 63.77 -31.11
CA GLY I 72 50.84 63.83 -32.55
C GLY I 72 51.01 62.49 -33.22
N LEU I 73 50.81 62.48 -34.53
CA LEU I 73 50.88 61.28 -35.32
C LEU I 73 52.24 60.67 -35.24
N GLN I 74 53.27 61.49 -35.17
CA GLN I 74 54.61 60.97 -35.12
C GLN I 74 54.89 60.21 -33.83
N ASP I 75 54.13 60.47 -32.76
CA ASP I 75 54.39 59.74 -31.54
C ASP I 75 53.61 58.47 -31.63
N TYR I 76 52.44 58.55 -32.24
CA TYR I 76 51.70 57.34 -32.46
C TYR I 76 52.56 56.41 -33.24
N GLN I 77 53.13 56.90 -34.32
CA GLN I 77 53.91 56.02 -35.15
C GLN I 77 55.09 55.40 -34.45
N ARG I 78 55.83 56.15 -33.64
CA ARG I 78 56.97 55.49 -33.04
C ARG I 78 56.54 54.60 -31.90
N LEU I 79 55.51 54.98 -31.19
CA LEU I 79 55.06 54.20 -30.06
C LEU I 79 54.45 52.91 -30.53
N HIS I 80 53.70 52.97 -31.62
CA HIS I 80 53.09 51.81 -32.19
C HIS I 80 54.19 50.88 -32.59
N LYS I 81 55.20 51.39 -33.28
CA LYS I 81 56.29 50.53 -33.65
C LYS I 81 56.82 49.77 -32.44
N GLU I 82 57.08 50.47 -31.33
CA GLU I 82 57.62 49.80 -30.15
C GLU I 82 56.66 48.75 -29.61
N SER I 83 55.37 49.07 -29.61
CA SER I 83 54.37 48.16 -29.11
C SER I 83 54.38 46.85 -29.86
N ILE I 84 54.59 46.91 -31.17
CA ILE I 84 54.62 45.69 -31.96
C ILE I 84 55.95 44.98 -31.81
N GLU I 85 57.05 45.70 -31.93
CA GLU I 85 58.37 45.08 -31.87
C GLU I 85 58.75 44.51 -30.52
N ASP I 86 58.37 45.13 -29.41
CA ASP I 86 58.74 44.59 -28.10
C ASP I 86 57.70 44.88 -27.02
N PRO I 87 56.59 44.11 -27.00
CA PRO I 87 55.45 44.25 -26.10
C PRO I 87 55.86 44.14 -24.65
N ALA I 88 56.97 43.45 -24.44
CA ALA I 88 57.54 43.21 -23.14
C ALA I 88 57.77 44.48 -22.41
N LYS I 89 58.11 45.53 -23.11
CA LYS I 89 58.35 46.76 -22.43
C LYS I 89 57.14 47.65 -22.53
N PHE I 90 56.53 47.72 -23.71
CA PHE I 90 55.38 48.61 -23.84
C PHE I 90 54.26 48.26 -22.87
N PHE I 91 53.79 47.01 -22.90
CA PHE I 91 52.72 46.62 -22.05
C PHE I 91 53.26 46.35 -20.69
N GLY I 92 54.44 45.77 -20.66
CA GLY I 92 55.04 45.46 -19.38
C GLY I 92 54.96 46.63 -18.43
N SER I 93 55.38 47.81 -18.88
CA SER I 93 55.33 48.97 -18.02
C SER I 93 53.94 49.52 -17.79
N LYS I 94 53.13 49.65 -18.83
CA LYS I 94 51.81 50.23 -18.61
C LYS I 94 51.00 49.37 -17.66
N ALA I 95 51.23 48.08 -17.71
CA ALA I 95 50.54 47.15 -16.85
C ALA I 95 50.76 47.43 -15.39
N THR I 96 51.92 47.96 -14.99
CA THR I 96 52.11 48.19 -13.58
C THR I 96 51.89 49.63 -13.24
N GLN I 97 51.96 50.49 -14.23
CA GLN I 97 51.74 51.90 -13.98
C GLN I 97 50.28 52.24 -13.85
N PHE I 98 49.39 51.50 -14.49
CA PHE I 98 47.99 51.86 -14.37
C PHE I 98 47.12 50.88 -13.59
N LEU I 99 47.59 49.69 -13.27
CA LEU I 99 46.81 48.72 -12.52
C LEU I 99 47.47 48.51 -11.19
N ASN I 100 46.68 48.34 -10.18
CA ASN I 100 47.21 48.12 -8.87
C ASN I 100 47.19 46.63 -8.54
N TRP I 101 48.37 46.03 -8.56
CA TRP I 101 48.57 44.60 -8.40
C TRP I 101 48.68 44.19 -6.95
N SER I 102 48.12 43.03 -6.60
CA SER I 102 48.26 42.50 -5.25
C SER I 102 49.55 41.74 -5.16
N LYS I 103 49.92 41.17 -6.28
CA LYS I 103 51.14 40.42 -6.40
C LYS I 103 51.69 40.77 -7.77
N PRO I 104 52.96 41.15 -7.89
CA PRO I 104 53.57 41.50 -9.14
C PRO I 104 53.68 40.29 -10.03
N PHE I 105 53.67 40.51 -11.33
CA PHE I 105 53.81 39.42 -12.27
C PHE I 105 55.24 39.25 -12.68
N ASP I 106 55.56 38.05 -13.17
CA ASP I 106 56.90 37.75 -13.63
C ASP I 106 57.06 37.91 -15.12
N LYS I 107 56.06 37.52 -15.89
CA LYS I 107 56.24 37.56 -17.32
C LYS I 107 55.17 38.29 -18.07
N VAL I 108 55.59 39.15 -18.94
CA VAL I 108 54.59 39.89 -19.64
C VAL I 108 53.80 38.96 -20.53
N PHE I 109 54.44 38.07 -21.28
CA PHE I 109 53.65 37.17 -22.12
C PHE I 109 54.34 35.89 -22.49
N ILE I 110 53.56 34.93 -22.99
CA ILE I 110 54.13 33.68 -23.50
C ILE I 110 54.42 33.83 -24.99
N PRO I 111 55.67 33.73 -25.42
CA PRO I 111 56.09 33.92 -26.79
C PRO I 111 55.80 32.74 -27.64
N ASP I 112 55.69 33.02 -28.91
CA ASP I 112 55.58 32.04 -29.96
C ASP I 112 56.96 31.46 -30.27
N SER I 113 57.10 30.14 -30.24
CA SER I 113 58.41 29.52 -30.48
C SER I 113 59.11 30.02 -31.75
N LYS I 114 58.35 30.37 -32.78
CA LYS I 114 58.95 30.78 -34.05
C LYS I 114 59.28 32.27 -34.14
N THR I 115 58.84 33.07 -33.18
CA THR I 115 59.02 34.51 -33.23
C THR I 115 58.84 35.17 -31.85
N GLY I 116 59.39 36.34 -31.67
CA GLY I 116 59.25 36.97 -30.35
C GLY I 116 57.87 37.54 -30.04
N ARG I 117 56.94 37.43 -30.97
CA ARG I 117 55.62 37.96 -30.75
C ARG I 117 54.76 36.99 -29.94
N PRO I 118 53.74 37.48 -29.24
CA PRO I 118 52.77 36.70 -28.49
C PRO I 118 52.04 35.66 -29.29
N SER I 119 51.94 34.48 -28.70
CA SER I 119 51.25 33.31 -29.26
C SER I 119 49.75 33.42 -29.24
N PHE I 120 49.08 32.99 -30.32
CA PHE I 120 47.62 32.95 -30.29
C PHE I 120 47.06 31.76 -29.57
N GLN I 121 47.69 30.63 -29.76
CA GLN I 121 47.21 29.38 -29.20
C GLN I 121 47.44 29.30 -27.71
N ASN I 122 48.48 29.94 -27.23
CA ASN I 122 48.79 29.90 -25.81
C ASN I 122 48.93 31.30 -25.29
N ASN I 123 47.98 32.14 -25.68
CA ASN I 123 47.96 33.52 -25.27
C ASN I 123 47.72 33.65 -23.78
N ALA I 124 48.63 34.32 -23.10
CA ALA I 124 48.50 34.59 -21.68
C ALA I 124 49.41 35.74 -21.38
N TRP I 125 48.99 36.60 -20.46
CA TRP I 125 49.73 37.79 -20.09
C TRP I 125 49.83 38.02 -18.60
N PHE I 126 50.90 38.69 -18.19
CA PHE I 126 51.11 39.07 -16.81
C PHE I 126 51.06 37.86 -15.92
N LEU I 127 51.81 36.87 -16.32
CA LEU I 127 51.83 35.62 -15.66
C LEU I 127 52.35 35.72 -14.26
N ASN I 128 51.66 34.98 -13.42
CA ASN I 128 51.87 34.78 -12.01
C ASN I 128 51.58 35.97 -11.13
N GLY I 129 50.97 37.03 -11.66
CA GLY I 129 50.59 38.13 -10.79
C GLY I 129 49.16 37.94 -10.34
N GLN I 130 48.70 38.81 -9.45
CA GLN I 130 47.32 38.77 -8.95
C GLN I 130 46.75 40.16 -8.92
N LEU I 131 45.49 40.25 -9.31
CA LEU I 131 44.83 41.52 -9.50
C LEU I 131 43.34 41.45 -9.30
N ASN I 132 42.79 42.24 -8.42
CA ASN I 132 41.35 42.23 -8.25
C ASN I 132 40.69 43.37 -9.01
N ALA I 133 39.85 43.04 -9.97
CA ALA I 133 39.21 44.05 -10.81
C ALA I 133 38.38 45.05 -10.04
N CYS I 134 37.71 44.61 -8.98
CA CYS I 134 36.85 45.49 -8.22
C CYS I 134 37.70 46.49 -7.46
N TYR I 135 38.83 46.01 -6.98
CA TYR I 135 39.71 46.90 -6.24
C TYR I 135 40.08 48.05 -7.15
N ASN I 136 40.53 47.71 -8.34
CA ASN I 136 40.95 48.75 -9.26
C ASN I 136 39.84 49.65 -9.72
N CYS I 137 38.63 49.11 -9.87
CA CYS I 137 37.48 49.89 -10.31
C CYS I 137 36.86 50.77 -9.26
N VAL I 138 36.80 50.31 -8.02
CA VAL I 138 36.14 51.12 -7.03
C VAL I 138 37.06 51.53 -5.92
N ASP I 139 37.60 50.58 -5.17
CA ASP I 139 38.29 50.94 -3.93
C ASP I 139 39.45 51.86 -4.16
N ARG I 140 40.15 51.61 -5.23
CA ARG I 140 41.29 52.41 -5.56
C ARG I 140 40.95 53.89 -5.63
N HIS I 141 39.75 54.23 -6.05
CA HIS I 141 39.38 55.61 -6.18
C HIS I 141 38.59 56.06 -4.98
N ALA I 142 37.70 55.22 -4.50
CA ALA I 142 36.85 55.58 -3.37
C ALA I 142 37.66 55.90 -2.15
N LEU I 143 38.78 55.25 -1.98
CA LEU I 143 39.61 55.47 -0.83
C LEU I 143 40.53 56.67 -0.98
N LYS I 144 40.53 57.33 -2.13
CA LYS I 144 41.38 58.49 -2.34
C LYS I 144 40.60 59.76 -2.63
N THR I 145 39.56 59.65 -3.45
CA THR I 145 38.72 60.75 -3.90
C THR I 145 37.27 60.41 -3.61
N PRO I 146 36.89 60.23 -2.34
CA PRO I 146 35.59 59.74 -1.92
C PRO I 146 34.40 60.57 -2.33
N ASN I 147 34.58 61.85 -2.63
CA ASN I 147 33.43 62.65 -2.95
C ASN I 147 33.53 63.18 -4.34
N LYS I 148 33.52 62.25 -5.24
CA LYS I 148 33.60 62.47 -6.66
C LYS I 148 32.57 61.58 -7.31
N LYS I 149 31.82 62.13 -8.25
CA LYS I 149 30.78 61.34 -8.90
C LYS I 149 31.35 60.15 -9.65
N ALA I 150 30.79 58.99 -9.41
CA ALA I 150 31.19 57.79 -10.09
C ALA I 150 30.19 57.46 -11.16
N ILE I 151 28.93 57.54 -10.77
CA ILE I 151 27.83 57.20 -11.64
C ILE I 151 26.80 58.29 -11.64
N ILE I 152 26.41 58.72 -12.81
CA ILE I 152 25.36 59.68 -12.94
C ILE I 152 24.23 58.94 -13.57
N PHE I 153 23.09 58.88 -12.92
CA PHE I 153 22.01 58.08 -13.47
C PHE I 153 20.78 58.82 -13.82
N GLU I 154 20.30 58.54 -15.01
CA GLU I 154 19.05 59.13 -15.45
C GLU I 154 18.11 58.04 -15.91
N GLY I 155 16.89 58.11 -15.38
CA GLY I 155 15.90 57.09 -15.65
C GLY I 155 15.12 57.29 -16.93
N ASP I 156 14.16 56.41 -17.14
CA ASP I 156 13.34 56.43 -18.35
C ASP I 156 12.48 57.68 -18.33
N GLU I 157 11.95 58.00 -17.17
CA GLU I 157 11.11 59.17 -17.03
C GLU I 157 12.03 60.35 -16.66
N PRO I 158 12.03 61.46 -17.42
CA PRO I 158 12.90 62.62 -17.25
C PRO I 158 13.01 63.23 -15.86
N GLY I 159 11.97 63.15 -15.04
CA GLY I 159 12.08 63.75 -13.73
C GLY I 159 12.89 62.95 -12.71
N GLN I 160 13.32 61.74 -13.05
CA GLN I 160 14.05 60.95 -12.06
C GLN I 160 15.49 60.67 -12.44
N GLY I 161 16.34 60.72 -11.42
CA GLY I 161 17.75 60.44 -11.55
C GLY I 161 18.46 60.91 -10.30
N TYR I 162 19.73 60.55 -10.19
CA TYR I 162 20.57 60.89 -9.06
C TYR I 162 22.02 60.54 -9.33
N SER I 163 22.90 61.01 -8.46
CA SER I 163 24.30 60.63 -8.60
C SER I 163 24.74 59.73 -7.47
N ILE I 164 25.78 58.94 -7.74
CA ILE I 164 26.44 58.09 -6.77
C ILE I 164 27.91 58.43 -6.75
N THR I 165 28.46 58.71 -5.58
CA THR I 165 29.88 59.01 -5.49
C THR I 165 30.70 57.77 -5.31
N TYR I 166 32.01 57.88 -5.47
CA TYR I 166 32.83 56.71 -5.27
C TYR I 166 32.72 56.16 -3.86
N LYS I 167 32.64 57.01 -2.84
CA LYS I 167 32.48 56.46 -1.50
C LYS I 167 31.22 55.64 -1.40
N GLU I 168 30.12 56.18 -1.91
CA GLU I 168 28.85 55.51 -1.83
C GLU I 168 28.88 54.20 -2.59
N LEU I 169 29.57 54.17 -3.71
CA LEU I 169 29.66 52.97 -4.50
C LEU I 169 30.37 51.91 -3.70
N LEU I 170 31.47 52.26 -3.04
CA LEU I 170 32.17 51.27 -2.23
C LEU I 170 31.24 50.60 -1.27
N GLU I 171 30.46 51.39 -0.55
CA GLU I 171 29.59 50.78 0.45
C GLU I 171 28.57 49.86 -0.18
N GLU I 172 27.98 50.25 -1.31
CA GLU I 172 26.97 49.39 -1.91
C GLU I 172 27.56 48.10 -2.45
N VAL I 173 28.73 48.20 -3.03
CA VAL I 173 29.35 47.03 -3.59
C VAL I 173 29.66 46.06 -2.48
N CYS I 174 30.20 46.58 -1.38
CA CYS I 174 30.56 45.70 -0.29
C CYS I 174 29.36 44.98 0.29
N GLN I 175 28.24 45.67 0.48
CA GLN I 175 27.12 44.95 1.03
C GLN I 175 26.64 43.87 0.09
N VAL I 176 26.61 44.14 -1.20
CA VAL I 176 26.15 43.11 -2.11
C VAL I 176 27.09 41.93 -2.12
N ALA I 177 28.38 42.17 -2.08
CA ALA I 177 29.31 41.06 -2.09
C ALA I 177 29.07 40.13 -0.91
N GLN I 178 28.76 40.68 0.26
CA GLN I 178 28.45 39.83 1.40
C GLN I 178 27.17 39.09 1.20
N VAL I 179 26.20 39.70 0.54
CA VAL I 179 24.97 38.97 0.30
C VAL I 179 25.26 37.76 -0.55
N LEU I 180 26.03 37.96 -1.61
CA LEU I 180 26.37 36.87 -2.48
C LEU I 180 27.11 35.79 -1.73
N THR I 181 28.03 36.21 -0.87
CA THR I 181 28.86 35.30 -0.11
C THR I 181 28.09 34.47 0.91
N TYR I 182 27.24 35.12 1.70
CA TYR I 182 26.61 34.37 2.76
C TYR I 182 25.23 33.87 2.50
N SER I 183 24.42 34.57 1.73
CA SER I 183 23.08 34.09 1.56
C SER I 183 22.91 33.36 0.25
N MET I 184 23.60 33.80 -0.78
CA MET I 184 23.41 33.15 -2.06
C MET I 184 24.35 31.97 -2.23
N GLY I 185 25.31 31.85 -1.33
CA GLY I 185 26.31 30.78 -1.31
C GLY I 185 27.32 30.84 -2.45
N VAL I 186 27.63 32.03 -2.95
CA VAL I 186 28.53 32.14 -4.08
C VAL I 186 29.97 32.04 -3.65
N ARG I 187 30.72 31.25 -4.37
CA ARG I 187 32.12 31.07 -4.08
C ARG I 187 32.99 31.33 -5.29
N LYS I 188 34.25 31.61 -5.04
CA LYS I 188 35.20 31.90 -6.07
C LYS I 188 35.11 30.89 -7.18
N GLY I 189 35.02 31.39 -8.41
CA GLY I 189 34.93 30.56 -9.58
C GLY I 189 33.51 30.15 -9.98
N ASP I 190 32.51 30.46 -9.18
CA ASP I 190 31.14 30.09 -9.50
C ASP I 190 30.61 31.08 -10.53
N THR I 191 29.38 30.87 -10.98
CA THR I 191 28.80 31.76 -11.98
C THR I 191 27.47 32.35 -11.58
N VAL I 192 27.44 33.66 -11.75
CA VAL I 192 26.26 34.43 -11.45
C VAL I 192 25.75 35.07 -12.70
N ALA I 193 24.51 34.76 -13.02
CA ALA I 193 23.87 35.31 -14.20
C ALA I 193 23.13 36.55 -13.80
N VAL I 194 23.19 37.53 -14.65
CA VAL I 194 22.51 38.79 -14.42
C VAL I 194 21.58 39.07 -15.59
N TYR I 195 20.32 39.34 -15.28
CA TYR I 195 19.31 39.61 -16.30
C TYR I 195 18.61 40.92 -16.02
N MET I 196 19.32 41.81 -15.38
CA MET I 196 18.82 43.10 -15.00
C MET I 196 18.82 44.10 -16.17
N PRO I 197 17.94 45.11 -16.12
CA PRO I 197 17.91 46.25 -17.03
C PRO I 197 19.10 47.10 -16.65
N MET I 198 19.57 47.97 -17.53
CA MET I 198 20.68 48.75 -17.04
C MET I 198 20.25 49.85 -16.09
N VAL I 199 20.50 49.59 -14.82
CA VAL I 199 20.20 50.48 -13.71
C VAL I 199 21.44 50.50 -12.82
N PRO I 200 21.62 51.46 -11.92
CA PRO I 200 22.74 51.52 -10.99
C PRO I 200 22.93 50.23 -10.22
N GLU I 201 21.86 49.54 -9.90
CA GLU I 201 21.95 48.30 -9.18
C GLU I 201 22.63 47.23 -10.00
N ALA I 202 22.48 47.26 -11.32
CA ALA I 202 23.11 46.28 -12.18
C ALA I 202 24.59 46.51 -12.16
N ILE I 203 24.98 47.78 -12.17
CA ILE I 203 26.41 48.09 -12.16
C ILE I 203 27.03 47.62 -10.88
N ILE I 204 26.36 47.91 -9.79
CA ILE I 204 26.83 47.52 -8.49
C ILE I 204 26.96 46.03 -8.43
N THR I 205 25.95 45.33 -8.92
CA THR I 205 25.98 43.88 -8.93
C THR I 205 27.19 43.35 -9.66
N LEU I 206 27.47 43.85 -10.85
CA LEU I 206 28.59 43.28 -11.57
C LEU I 206 29.88 43.48 -10.82
N LEU I 207 30.05 44.65 -10.22
CA LEU I 207 31.27 44.90 -9.47
C LEU I 207 31.37 43.99 -8.25
N ALA I 208 30.25 43.81 -7.56
CA ALA I 208 30.21 42.96 -6.39
C ALA I 208 30.54 41.53 -6.71
N ILE I 209 30.10 41.05 -7.87
CA ILE I 209 30.40 39.70 -8.24
C ILE I 209 31.90 39.54 -8.43
N SER I 210 32.49 40.49 -9.15
CA SER I 210 33.92 40.44 -9.40
C SER I 210 34.71 40.48 -8.10
N ARG I 211 34.23 41.24 -7.14
CA ARG I 211 34.89 41.42 -5.86
C ARG I 211 35.14 40.12 -5.12
N ILE I 212 34.31 39.10 -5.34
CA ILE I 212 34.46 37.86 -4.61
C ILE I 212 35.01 36.76 -5.49
N GLY I 213 35.55 37.13 -6.63
CA GLY I 213 36.18 36.18 -7.50
C GLY I 213 35.22 35.32 -8.27
N ALA I 214 33.99 35.76 -8.46
CA ALA I 214 33.04 34.96 -9.18
C ALA I 214 33.02 35.47 -10.60
N ILE I 215 32.49 34.68 -11.50
CA ILE I 215 32.41 35.04 -12.91
C ILE I 215 31.03 35.53 -13.23
N HIS I 216 30.92 36.68 -13.86
CA HIS I 216 29.56 37.09 -14.21
C HIS I 216 29.23 36.86 -15.66
N SER I 217 27.93 36.74 -15.90
CA SER I 217 27.37 36.58 -17.24
C SER I 217 26.13 37.42 -17.37
N VAL I 218 26.08 38.30 -18.36
CA VAL I 218 24.99 39.26 -18.49
C VAL I 218 24.16 39.03 -19.73
N VAL I 219 22.87 38.89 -19.53
CA VAL I 219 21.93 38.61 -20.60
C VAL I 219 21.03 39.81 -20.86
N PHE I 220 20.89 40.24 -22.11
CA PHE I 220 20.03 41.40 -22.36
C PHE I 220 18.67 41.16 -21.76
N ALA I 221 18.15 42.15 -21.03
CA ALA I 221 16.86 42.02 -20.36
C ALA I 221 15.72 41.69 -21.32
N GLY I 222 15.77 42.15 -22.55
CA GLY I 222 14.66 41.88 -23.44
C GLY I 222 14.58 40.48 -24.03
N PHE I 223 15.53 39.61 -23.75
CA PHE I 223 15.45 38.29 -24.36
C PHE I 223 14.34 37.47 -23.81
N SER I 224 13.85 36.59 -24.64
CA SER I 224 12.82 35.64 -24.30
C SER I 224 13.36 34.53 -23.45
N SER I 225 12.46 33.76 -22.86
CA SER I 225 12.84 32.67 -21.99
C SER I 225 13.61 31.54 -22.67
N ASN I 226 13.50 31.34 -23.96
CA ASN I 226 14.25 30.22 -24.51
C ASN I 226 15.69 30.52 -24.58
N SER I 227 16.03 31.71 -25.02
CA SER I 227 17.43 31.99 -25.16
C SER I 227 18.02 32.25 -23.79
N LEU I 228 17.21 32.71 -22.85
CA LEU I 228 17.73 32.90 -21.51
C LEU I 228 18.08 31.55 -20.98
N ARG I 229 17.24 30.57 -21.20
CA ARG I 229 17.49 29.27 -20.66
C ARG I 229 18.73 28.66 -21.19
N ASP I 230 18.96 28.82 -22.47
CA ASP I 230 20.18 28.28 -23.01
C ASP I 230 21.40 28.92 -22.40
N ARG I 231 21.37 30.22 -22.18
CA ARG I 231 22.54 30.86 -21.60
C ARG I 231 22.76 30.45 -20.16
N ILE I 232 21.69 30.34 -19.39
CA ILE I 232 21.83 29.94 -18.00
C ILE I 232 22.42 28.57 -17.91
N ASN I 233 21.92 27.66 -18.70
CA ASN I 233 22.43 26.31 -18.63
C ASN I 233 23.81 26.17 -19.20
N ASP I 234 24.09 26.80 -20.32
CA ASP I 234 25.40 26.62 -20.92
C ASP I 234 26.50 27.12 -20.02
N GLY I 235 26.25 28.24 -19.34
CA GLY I 235 27.27 28.81 -18.48
C GLY I 235 27.27 28.20 -17.09
N ASP I 236 26.38 27.25 -16.84
CA ASP I 236 26.24 26.61 -15.56
C ASP I 236 26.08 27.57 -14.40
N SER I 237 25.19 28.57 -14.52
CA SER I 237 25.08 29.44 -13.38
C SER I 237 24.27 28.76 -12.30
N LYS I 238 24.38 29.26 -11.10
CA LYS I 238 23.61 28.73 -10.00
C LYS I 238 22.83 29.82 -9.34
N VAL I 239 23.26 31.03 -9.61
CA VAL I 239 22.62 32.18 -9.06
C VAL I 239 22.20 33.10 -10.14
N VAL I 240 20.98 33.56 -10.05
CA VAL I 240 20.43 34.48 -10.99
C VAL I 240 20.01 35.76 -10.31
N ILE I 241 20.42 36.88 -10.86
CA ILE I 241 20.06 38.16 -10.30
C ILE I 241 19.20 38.90 -11.30
N THR I 242 18.04 39.33 -10.84
CA THR I 242 17.07 40.00 -11.67
C THR I 242 16.32 41.10 -10.96
N THR I 243 15.30 41.58 -11.64
CA THR I 243 14.40 42.62 -11.17
C THR I 243 13.00 42.14 -11.31
N ASP I 244 12.05 42.83 -10.70
CA ASP I 244 10.68 42.40 -10.91
C ASP I 244 10.11 42.90 -12.23
N GLU I 245 10.10 44.20 -12.40
CA GLU I 245 9.60 44.81 -13.62
C GLU I 245 10.50 45.96 -13.97
N SER I 246 10.58 46.27 -15.26
CA SER I 246 11.34 47.44 -15.67
C SER I 246 10.62 48.21 -16.75
N ASN I 247 11.01 49.45 -16.92
CA ASN I 247 10.37 50.32 -17.89
C ASN I 247 11.33 50.92 -18.86
N ARG I 248 11.08 50.67 -20.12
CA ARG I 248 11.92 51.20 -21.16
C ARG I 248 11.08 51.73 -22.29
N GLY I 249 11.19 53.03 -22.53
CA GLY I 249 10.40 53.66 -23.57
C GLY I 249 8.96 53.74 -23.14
N GLY I 250 8.73 53.73 -21.84
CA GLY I 250 7.39 53.73 -21.32
C GLY I 250 6.73 52.35 -21.33
N LYS I 251 7.41 51.31 -21.78
CA LYS I 251 6.78 50.00 -21.82
C LYS I 251 7.28 49.12 -20.70
N VAL I 252 6.40 48.27 -20.18
CA VAL I 252 6.77 47.37 -19.10
C VAL I 252 7.34 46.06 -19.57
N ILE I 253 8.48 45.71 -19.02
CA ILE I 253 9.15 44.46 -19.31
C ILE I 253 9.07 43.54 -18.11
N GLU I 254 8.45 42.38 -18.28
CA GLU I 254 8.26 41.49 -17.14
C GLU I 254 9.46 40.58 -16.90
N THR I 255 10.48 41.15 -16.30
CA THR I 255 11.73 40.42 -16.12
C THR I 255 11.60 39.23 -15.17
N LYS I 256 10.82 39.34 -14.10
CA LYS I 256 10.74 38.18 -13.21
C LYS I 256 10.08 37.02 -13.90
N ARG I 257 8.97 37.27 -14.57
CA ARG I 257 8.29 36.16 -15.18
C ARG I 257 9.16 35.48 -16.22
N ILE I 258 9.93 36.22 -16.97
CA ILE I 258 10.79 35.56 -17.93
C ILE I 258 11.78 34.67 -17.22
N VAL I 259 12.39 35.15 -16.16
CA VAL I 259 13.34 34.29 -15.46
C VAL I 259 12.66 33.07 -14.92
N ASP I 260 11.50 33.22 -14.28
CA ASP I 260 10.82 32.07 -13.71
C ASP I 260 10.51 31.04 -14.77
N ASP I 261 10.15 31.50 -15.95
CA ASP I 261 9.89 30.59 -17.04
C ASP I 261 11.15 29.84 -17.41
N ALA I 262 12.23 30.57 -17.65
CA ALA I 262 13.44 29.91 -18.09
C ALA I 262 13.91 28.89 -17.09
N LEU I 263 13.73 29.17 -15.81
CA LEU I 263 14.24 28.27 -14.79
C LEU I 263 13.39 27.03 -14.61
N ARG I 264 12.28 26.92 -15.29
CA ARG I 264 11.47 25.74 -15.14
C ARG I 264 12.21 24.52 -15.63
N GLU I 265 13.06 24.69 -16.63
CA GLU I 265 13.77 23.56 -17.18
C GLU I 265 15.21 23.54 -16.73
N THR I 266 15.56 24.31 -15.71
CA THR I 266 16.95 24.35 -15.30
C THR I 266 17.14 23.79 -13.90
N PRO I 267 17.87 22.69 -13.72
CA PRO I 267 18.07 22.02 -12.44
C PRO I 267 19.11 22.69 -11.57
N GLY I 268 19.85 23.60 -12.15
CA GLY I 268 20.99 24.23 -11.52
C GLY I 268 20.65 25.26 -10.45
N VAL I 269 19.94 26.28 -10.85
CA VAL I 269 19.80 27.43 -9.99
C VAL I 269 19.21 27.14 -8.65
N ARG I 270 19.92 27.62 -7.65
CA ARG I 270 19.57 27.46 -6.29
C ARG I 270 18.95 28.71 -5.71
N HIS I 271 19.39 29.88 -6.14
CA HIS I 271 18.79 31.08 -5.59
C HIS I 271 18.62 32.17 -6.61
N VAL I 272 17.55 32.94 -6.44
CA VAL I 272 17.29 34.07 -7.30
C VAL I 272 17.17 35.31 -6.46
N LEU I 273 17.94 36.31 -6.81
CA LEU I 273 17.93 37.55 -6.07
C LEU I 273 17.14 38.53 -6.88
N VAL I 274 16.16 39.17 -6.26
CA VAL I 274 15.26 40.04 -7.00
C VAL I 274 15.25 41.44 -6.50
N TYR I 275 15.54 42.37 -7.38
CA TYR I 275 15.48 43.75 -6.99
C TYR I 275 14.14 44.35 -7.33
N ARG I 276 13.45 44.80 -6.29
CA ARG I 276 12.12 45.34 -6.46
C ARG I 276 12.18 46.76 -6.92
N LYS I 277 12.57 46.95 -8.16
CA LYS I 277 12.66 48.30 -8.67
C LYS I 277 11.30 48.94 -8.56
N THR I 278 10.24 48.20 -8.86
CA THR I 278 8.91 48.74 -8.68
C THR I 278 8.48 48.26 -7.30
N ASN I 279 8.06 49.16 -6.45
CA ASN I 279 7.78 48.73 -5.09
C ASN I 279 6.49 47.95 -4.84
N ASN I 280 5.51 48.04 -5.72
CA ASN I 280 4.24 47.39 -5.47
C ASN I 280 3.53 46.65 -6.59
N PRO I 281 4.23 45.97 -7.50
CA PRO I 281 3.64 45.27 -8.62
C PRO I 281 3.02 43.98 -8.14
N SER I 282 2.22 43.33 -8.96
CA SER I 282 1.65 42.06 -8.54
C SER I 282 2.46 40.92 -9.11
N VAL I 283 3.61 40.75 -8.50
CA VAL I 283 4.60 39.78 -8.92
C VAL I 283 4.83 38.75 -7.84
N ALA I 284 4.73 37.50 -8.24
CA ALA I 284 4.91 36.40 -7.32
C ALA I 284 6.28 36.45 -6.71
N PHE I 285 6.36 36.02 -5.47
CA PHE I 285 7.64 35.99 -4.81
C PHE I 285 7.62 34.79 -3.89
N HIS I 286 8.55 33.89 -4.08
CA HIS I 286 8.57 32.64 -3.32
C HIS I 286 9.72 32.61 -2.36
N ALA I 287 9.41 32.68 -1.08
CA ALA I 287 10.46 32.79 -0.08
C ALA I 287 11.51 31.69 -0.13
N PRO I 288 11.23 30.43 -0.43
CA PRO I 288 12.27 29.41 -0.48
C PRO I 288 13.47 29.84 -1.32
N ARG I 289 13.27 30.61 -2.40
CA ARG I 289 14.49 31.00 -3.09
C ARG I 289 14.40 32.33 -3.79
N ASP I 290 13.57 33.22 -3.32
CA ASP I 290 13.52 34.56 -3.83
C ASP I 290 13.97 35.48 -2.75
N LEU I 291 15.06 36.13 -2.98
CA LEU I 291 15.59 36.97 -1.95
C LEU I 291 15.38 38.40 -2.35
N ASP I 292 14.91 39.19 -1.42
CA ASP I 292 14.69 40.58 -1.74
C ASP I 292 15.97 41.36 -1.56
N TRP I 293 16.48 41.85 -2.67
CA TRP I 293 17.75 42.54 -2.72
C TRP I 293 17.79 43.64 -1.71
N ALA I 294 16.70 44.38 -1.61
CA ALA I 294 16.63 45.55 -0.78
C ALA I 294 16.36 45.25 0.68
N THR I 295 16.17 43.98 1.03
CA THR I 295 15.91 43.61 2.41
C THR I 295 17.08 42.85 2.92
N GLU I 296 17.70 42.08 2.07
CA GLU I 296 18.83 41.29 2.48
C GLU I 296 20.05 42.17 2.73
N LYS I 297 20.27 43.15 1.87
CA LYS I 297 21.44 44.01 1.94
C LYS I 297 21.71 44.65 3.31
N LYS I 298 20.67 45.09 4.02
CA LYS I 298 20.82 45.81 5.29
C LYS I 298 21.45 44.98 6.40
N LYS I 299 21.56 43.71 6.19
CA LYS I 299 22.11 42.83 7.18
C LYS I 299 23.61 42.74 7.11
N TYR I 300 24.21 43.45 6.17
CA TYR I 300 25.63 43.31 5.99
C TYR I 300 26.44 44.58 6.23
N LYS I 301 27.70 44.40 6.60
CA LYS I 301 28.55 45.55 6.85
C LYS I 301 28.95 46.28 5.60
N THR I 302 29.28 47.54 5.77
CA THR I 302 29.53 48.45 4.67
C THR I 302 30.96 48.46 4.11
N TYR I 303 31.78 47.54 4.57
CA TYR I 303 33.14 47.35 4.08
C TYR I 303 33.39 45.87 4.07
N TYR I 304 33.93 45.37 3.00
CA TYR I 304 34.23 43.97 2.87
C TYR I 304 35.35 43.89 1.88
N PRO I 305 36.39 43.12 2.12
CA PRO I 305 37.59 42.99 1.30
C PRO I 305 37.47 42.27 -0.03
N CYS I 306 38.42 42.59 -0.90
CA CYS I 306 38.61 41.93 -2.19
C CYS I 306 39.33 40.62 -2.07
N THR I 307 38.86 39.64 -2.82
CA THR I 307 39.52 38.35 -2.89
C THR I 307 40.59 38.35 -4.00
N PRO I 308 41.82 37.95 -3.76
CA PRO I 308 42.84 37.85 -4.78
C PRO I 308 42.39 36.96 -5.91
N VAL I 309 42.66 37.40 -7.12
CA VAL I 309 42.30 36.71 -8.35
C VAL I 309 43.51 36.63 -9.25
N ASP I 310 43.74 35.48 -9.86
CA ASP I 310 44.90 35.38 -10.73
C ASP I 310 44.73 36.26 -11.93
N SER I 311 45.83 36.76 -12.46
CA SER I 311 45.75 37.61 -13.63
C SER I 311 45.09 36.95 -14.83
N GLU I 312 45.15 35.60 -14.91
CA GLU I 312 44.50 34.89 -16.01
C GLU I 312 43.15 34.26 -15.68
N ASP I 313 42.61 34.53 -14.51
CA ASP I 313 41.31 33.99 -14.18
C ASP I 313 40.29 34.73 -15.03
N PRO I 314 39.21 34.08 -15.43
CA PRO I 314 38.13 34.69 -16.20
C PRO I 314 37.45 35.79 -15.44
N LEU I 315 37.21 36.91 -16.10
CA LEU I 315 36.49 38.00 -15.49
C LEU I 315 35.02 37.80 -15.76
N PHE I 316 34.72 37.56 -17.03
CA PHE I 316 33.33 37.43 -17.43
C PHE I 316 33.13 36.68 -18.71
N LEU I 317 31.89 36.29 -18.90
CA LEU I 317 31.45 35.66 -20.13
C LEU I 317 30.42 36.49 -20.84
N LEU I 318 30.47 36.50 -22.15
CA LEU I 318 29.38 37.11 -22.91
C LEU I 318 28.81 36.16 -23.89
N TYR I 319 27.55 35.87 -23.71
CA TYR I 319 26.91 34.95 -24.60
C TYR I 319 26.38 35.64 -25.80
N THR I 320 27.27 35.80 -26.74
CA THR I 320 26.94 36.50 -27.94
C THR I 320 26.23 35.56 -28.86
N SER I 321 25.61 36.10 -29.87
CA SER I 321 24.93 35.22 -30.80
C SER I 321 24.73 35.81 -32.18
N GLY I 322 24.88 34.93 -33.16
CA GLY I 322 24.64 35.17 -34.57
C GLY I 322 23.44 34.32 -35.02
N SER I 323 22.66 33.84 -34.04
CA SER I 323 21.50 32.96 -34.23
C SER I 323 21.83 31.70 -35.01
N THR I 324 22.95 31.06 -34.66
CA THR I 324 23.39 29.81 -35.27
C THR I 324 24.15 29.02 -34.23
N GLY I 325 24.06 27.70 -34.34
CA GLY I 325 24.72 26.87 -33.35
C GLY I 325 24.04 27.16 -32.02
N ALA I 326 24.81 27.66 -31.08
CA ALA I 326 24.33 27.99 -29.76
C ALA I 326 25.11 29.22 -29.33
N PRO I 327 24.60 30.03 -28.42
CA PRO I 327 25.28 31.21 -27.94
C PRO I 327 26.69 30.86 -27.47
N LYS I 328 27.63 31.73 -27.83
CA LYS I 328 29.02 31.54 -27.51
C LYS I 328 29.45 32.29 -26.27
N GLY I 329 29.83 31.57 -25.24
CA GLY I 329 30.25 32.22 -24.01
C GLY I 329 31.66 32.75 -24.19
N VAL I 330 31.79 33.89 -24.85
CA VAL I 330 33.11 34.39 -25.09
C VAL I 330 33.71 34.74 -23.77
N GLN I 331 34.90 34.24 -23.51
CA GLN I 331 35.55 34.47 -22.23
C GLN I 331 36.78 35.35 -22.29
N HIS I 332 36.79 36.33 -21.38
CA HIS I 332 37.90 37.27 -21.26
C HIS I 332 38.48 37.21 -19.85
N SER I 333 39.80 37.18 -19.76
CA SER I 333 40.48 37.15 -18.48
C SER I 333 40.68 38.52 -17.87
N THR I 334 40.93 38.54 -16.57
CA THR I 334 41.03 39.81 -15.85
C THR I 334 42.16 40.74 -16.22
N ALA I 335 43.42 40.34 -16.12
CA ALA I 335 44.42 41.37 -16.35
C ALA I 335 44.39 41.87 -17.77
N GLY I 336 44.16 40.98 -18.70
CA GLY I 336 44.16 41.31 -20.09
C GLY I 336 43.11 42.33 -20.42
N TYR I 337 41.89 42.02 -20.06
CA TYR I 337 40.78 42.88 -20.35
C TYR I 337 40.93 44.23 -19.71
N LEU I 338 41.29 44.28 -18.43
CA LEU I 338 41.37 45.56 -17.76
C LEU I 338 42.41 46.45 -18.37
N LEU I 339 43.56 45.90 -18.75
CA LEU I 339 44.56 46.76 -19.35
C LEU I 339 44.06 47.31 -20.66
N GLY I 340 43.42 46.47 -21.45
CA GLY I 340 42.89 46.90 -22.73
C GLY I 340 41.96 48.07 -22.54
N ALA I 341 41.02 47.92 -21.62
CA ALA I 341 40.07 48.97 -21.37
C ALA I 341 40.74 50.28 -20.97
N LEU I 342 41.75 50.22 -20.12
CA LEU I 342 42.42 51.46 -19.75
C LEU I 342 43.18 52.12 -20.85
N LEU I 343 43.89 51.34 -21.65
CA LEU I 343 44.67 51.95 -22.69
C LEU I 343 43.77 52.62 -23.68
N THR I 344 42.63 52.02 -23.93
CA THR I 344 41.73 52.60 -24.87
C THR I 344 41.18 53.91 -24.35
N MET I 345 40.76 53.95 -23.09
CA MET I 345 40.25 55.19 -22.54
C MET I 345 41.27 56.31 -22.60
N ARG I 346 42.51 55.95 -22.31
CA ARG I 346 43.60 56.90 -22.28
C ARG I 346 44.04 57.38 -23.65
N TYR I 347 44.13 56.50 -24.64
CA TYR I 347 44.63 56.95 -25.92
C TYR I 347 43.62 57.15 -27.02
N THR I 348 42.50 56.47 -27.00
CA THR I 348 41.55 56.67 -28.07
C THR I 348 40.66 57.82 -27.72
N PHE I 349 40.13 57.81 -26.52
CA PHE I 349 39.20 58.87 -26.17
C PHE I 349 39.86 60.05 -25.47
N ASP I 350 41.13 59.91 -25.16
CA ASP I 350 41.93 60.95 -24.51
C ASP I 350 41.26 61.46 -23.26
N THR I 351 40.77 60.58 -22.40
CA THR I 351 40.05 61.09 -21.25
C THR I 351 40.89 61.52 -20.07
N HIS I 352 40.22 62.24 -19.22
CA HIS I 352 40.74 62.75 -17.97
C HIS I 352 39.79 62.42 -16.84
N GLN I 353 40.34 62.56 -15.67
CA GLN I 353 39.65 62.20 -14.48
C GLN I 353 38.44 63.05 -14.26
N GLU I 354 38.39 64.18 -14.91
CA GLU I 354 37.35 65.17 -14.76
C GLU I 354 36.21 65.03 -15.75
N ASP I 355 36.26 64.05 -16.62
CA ASP I 355 35.21 63.91 -17.62
C ASP I 355 33.97 63.15 -17.19
N VAL I 356 33.00 63.13 -18.12
CA VAL I 356 31.78 62.36 -18.05
C VAL I 356 31.66 61.63 -19.37
N PHE I 357 31.66 60.32 -19.30
CA PHE I 357 31.65 59.52 -20.49
C PHE I 357 30.27 58.91 -20.71
N PHE I 358 29.61 59.28 -21.79
CA PHE I 358 28.27 58.77 -22.04
C PHE I 358 28.24 57.78 -23.16
N THR I 359 27.96 56.52 -22.81
CA THR I 359 27.88 55.47 -23.81
C THR I 359 26.44 55.09 -24.01
N ALA I 360 25.99 55.26 -25.22
CA ALA I 360 24.61 55.03 -25.50
C ALA I 360 24.36 53.57 -25.86
N GLY I 361 24.39 52.71 -24.86
CA GLY I 361 24.20 51.29 -25.17
C GLY I 361 24.04 50.39 -23.96
N ASP I 362 23.36 49.27 -24.20
CA ASP I 362 23.00 48.28 -23.19
C ASP I 362 24.17 47.56 -22.54
N ILE I 363 23.99 47.29 -21.27
CA ILE I 363 24.96 46.58 -20.46
C ILE I 363 25.26 45.15 -20.92
N GLY I 364 24.34 44.50 -21.63
CA GLY I 364 24.58 43.14 -22.09
C GLY I 364 25.44 43.05 -23.34
N TRP I 365 25.85 44.18 -23.88
CA TRP I 365 26.66 44.21 -25.07
C TRP I 365 28.11 44.44 -24.66
N ILE I 366 29.05 44.04 -25.50
CA ILE I 366 30.44 44.26 -25.15
C ILE I 366 30.77 45.72 -24.84
N THR I 367 30.10 46.68 -25.47
CA THR I 367 30.44 48.07 -25.19
C THR I 367 29.92 48.48 -23.85
N GLY I 368 28.94 47.75 -23.34
CA GLY I 368 28.40 48.03 -22.04
C GLY I 368 29.49 47.75 -21.03
N HIS I 369 30.05 46.58 -21.16
CA HIS I 369 31.09 46.20 -20.25
C HIS I 369 32.28 47.12 -20.37
N THR I 370 32.79 47.26 -21.58
CA THR I 370 33.98 48.05 -21.75
C THR I 370 33.80 49.53 -21.45
N TYR I 371 32.67 50.16 -21.83
CA TYR I 371 32.57 51.58 -21.61
C TYR I 371 31.54 52.10 -20.62
N VAL I 372 30.81 51.26 -19.95
CA VAL I 372 29.89 51.72 -18.93
C VAL I 372 30.45 51.32 -17.60
N VAL I 373 30.91 50.07 -17.49
CA VAL I 373 31.38 49.60 -16.20
C VAL I 373 32.88 49.51 -16.03
N TYR I 374 33.60 48.84 -16.90
CA TYR I 374 35.02 48.64 -16.66
C TYR I 374 35.91 49.65 -17.34
N GLY I 375 35.31 50.66 -17.90
CA GLY I 375 36.03 51.69 -18.59
C GLY I 375 36.19 52.86 -17.65
N PRO I 376 35.33 53.87 -17.73
CA PRO I 376 35.38 55.05 -16.90
C PRO I 376 35.59 54.77 -15.44
N LEU I 377 34.97 53.75 -14.86
CA LEU I 377 35.21 53.54 -13.44
C LEU I 377 36.64 53.19 -13.13
N LEU I 378 37.25 52.41 -14.00
CA LEU I 378 38.58 51.92 -13.78
C LEU I 378 39.54 53.06 -13.92
N TYR I 379 39.26 53.88 -14.92
CA TYR I 379 40.06 55.04 -15.22
C TYR I 379 39.93 56.08 -14.14
N GLY I 380 38.71 56.31 -13.68
CA GLY I 380 38.40 57.32 -12.69
C GLY I 380 37.46 58.42 -13.20
N CYS I 381 36.84 58.22 -14.36
CA CYS I 381 35.92 59.19 -14.94
C CYS I 381 34.52 58.87 -14.46
N ALA I 382 33.58 59.81 -14.54
CA ALA I 382 32.21 59.47 -14.20
C ALA I 382 31.54 58.80 -15.37
N THR I 383 30.65 57.87 -15.09
CA THR I 383 29.87 57.21 -16.12
C THR I 383 28.47 57.72 -16.15
N LEU I 384 27.98 58.05 -17.30
CA LEU I 384 26.58 58.43 -17.39
C LEU I 384 25.78 57.23 -17.85
N VAL I 385 24.82 56.86 -17.04
CA VAL I 385 24.00 55.71 -17.26
C VAL I 385 22.59 56.12 -17.59
N PHE I 386 22.12 55.70 -18.73
CA PHE I 386 20.79 56.04 -19.18
C PHE I 386 20.03 54.80 -19.51
N GLU I 387 18.98 54.54 -18.74
CA GLU I 387 18.25 53.30 -18.93
C GLU I 387 17.27 53.25 -20.11
N GLY I 388 16.81 54.40 -20.58
CA GLY I 388 15.79 54.47 -21.62
C GLY I 388 16.29 54.54 -23.05
N THR I 389 15.45 55.11 -23.91
CA THR I 389 15.63 55.22 -25.35
C THR I 389 15.37 56.64 -25.78
N PRO I 390 16.10 57.20 -26.76
CA PRO I 390 15.91 58.55 -27.26
C PRO I 390 14.53 58.74 -27.83
N ALA I 391 13.91 57.66 -28.22
CA ALA I 391 12.57 57.73 -28.73
C ALA I 391 11.61 58.36 -27.74
N TYR I 392 11.84 58.17 -26.44
CA TYR I 392 10.89 58.62 -25.43
C TYR I 392 11.37 59.70 -24.47
N PRO I 393 10.57 60.74 -24.27
CA PRO I 393 9.33 61.11 -24.93
C PRO I 393 9.44 61.74 -26.33
N ASN I 394 10.59 62.28 -26.77
CA ASN I 394 10.53 62.96 -28.06
C ASN I 394 11.79 63.21 -28.87
N TYR I 395 12.74 62.31 -28.95
CA TYR I 395 13.98 62.52 -29.70
C TYR I 395 14.92 63.62 -29.24
N SER I 396 14.51 64.53 -28.38
CA SER I 396 15.47 65.52 -27.95
C SER I 396 16.12 65.07 -26.68
N ARG I 397 15.75 63.89 -26.25
CA ARG I 397 16.22 63.39 -24.98
C ARG I 397 17.71 63.28 -24.89
N TYR I 398 18.39 62.78 -25.93
CA TYR I 398 19.84 62.68 -25.76
C TYR I 398 20.46 64.02 -25.60
N TRP I 399 19.98 64.97 -26.36
CA TRP I 399 20.55 66.28 -26.28
C TRP I 399 20.28 66.89 -24.94
N ASP I 400 19.07 66.76 -24.44
CA ASP I 400 18.80 67.34 -23.15
C ASP I 400 19.76 66.77 -22.11
N ILE I 401 20.02 65.47 -22.22
CA ILE I 401 20.92 64.80 -21.29
C ILE I 401 22.31 65.36 -21.39
N ILE I 402 22.80 65.51 -22.61
CA ILE I 402 24.15 65.99 -22.79
C ILE I 402 24.36 67.34 -22.21
N ASP I 403 23.46 68.28 -22.44
CA ASP I 403 23.73 69.57 -21.82
C ASP I 403 23.49 69.59 -20.32
N GLU I 404 22.47 68.91 -19.83
CA GLU I 404 22.21 69.00 -18.39
C GLU I 404 23.37 68.50 -17.58
N HIS I 405 24.02 67.44 -18.02
CA HIS I 405 25.11 66.89 -17.24
C HIS I 405 26.48 67.19 -17.79
N LYS I 406 26.59 68.11 -18.72
CA LYS I 406 27.88 68.45 -19.30
C LYS I 406 28.67 67.24 -19.78
N VAL I 407 28.03 66.40 -20.57
CA VAL I 407 28.69 65.21 -21.10
C VAL I 407 29.82 65.64 -21.97
N THR I 408 30.99 65.02 -21.83
CA THR I 408 32.11 65.42 -22.65
C THR I 408 32.45 64.43 -23.74
N GLN I 409 32.12 63.16 -23.53
CA GLN I 409 32.36 62.12 -24.52
C GLN I 409 31.05 61.47 -24.91
N PHE I 410 30.75 61.37 -26.21
CA PHE I 410 29.51 60.70 -26.59
C PHE I 410 29.75 59.61 -27.62
N TYR I 411 29.56 58.38 -27.18
CA TYR I 411 29.83 57.18 -27.96
C TYR I 411 28.52 56.44 -28.26
N VAL I 412 28.09 56.47 -29.52
CA VAL I 412 26.77 55.99 -29.90
C VAL I 412 26.72 55.03 -31.10
N ALA I 413 25.85 54.05 -31.07
CA ALA I 413 25.69 53.18 -32.23
C ALA I 413 25.16 53.98 -33.42
N PRO I 414 25.59 53.71 -34.65
CA PRO I 414 25.16 54.38 -35.86
C PRO I 414 23.68 54.23 -36.15
N THR I 415 23.05 53.23 -35.58
CA THR I 415 21.64 53.05 -35.83
C THR I 415 20.90 54.15 -35.13
N ALA I 416 21.38 54.51 -33.95
CA ALA I 416 20.73 55.55 -33.22
C ALA I 416 20.90 56.82 -33.99
N LEU I 417 22.08 56.99 -34.58
CA LEU I 417 22.30 58.22 -35.30
C LEU I 417 21.38 58.33 -36.48
N ARG I 418 21.16 57.24 -37.19
CA ARG I 418 20.27 57.35 -38.31
C ARG I 418 18.87 57.74 -37.86
N LEU I 419 18.38 57.18 -36.77
CA LEU I 419 17.04 57.53 -36.35
C LEU I 419 16.95 59.00 -35.95
N LEU I 420 17.96 59.50 -35.27
CA LEU I 420 17.97 60.88 -34.84
C LEU I 420 18.00 61.78 -36.05
N LYS I 421 18.77 61.39 -37.04
CA LYS I 421 18.88 62.16 -38.24
C LYS I 421 17.52 62.24 -38.91
N ARG I 422 16.79 61.17 -38.98
CA ARG I 422 15.51 61.28 -39.61
C ARG I 422 14.62 62.19 -38.82
N ALA I 423 14.63 62.05 -37.51
CA ALA I 423 13.73 62.89 -36.74
C ALA I 423 13.84 64.33 -37.20
N GLY I 424 15.05 64.74 -37.55
CA GLY I 424 15.26 66.07 -38.10
C GLY I 424 15.93 67.04 -37.16
N ASP I 425 16.50 68.08 -37.76
CA ASP I 425 17.26 69.10 -37.06
C ASP I 425 16.42 69.96 -36.15
N SER I 426 15.11 69.90 -36.29
CA SER I 426 14.22 70.68 -35.44
C SER I 426 14.33 70.26 -33.99
N TYR I 427 14.88 69.09 -33.74
CA TYR I 427 14.99 68.62 -32.39
C TYR I 427 16.26 69.04 -31.68
N ILE I 428 17.13 69.80 -32.38
CA ILE I 428 18.38 70.31 -31.79
C ILE I 428 18.49 71.82 -31.85
N GLU I 429 17.41 72.49 -32.18
CA GLU I 429 17.45 73.93 -32.31
C GLU I 429 17.83 74.65 -31.04
N ASN I 430 17.45 74.11 -29.91
CA ASN I 430 17.73 74.75 -28.65
C ASN I 430 18.86 74.11 -27.85
N HIS I 431 19.81 73.43 -28.48
CA HIS I 431 20.90 72.89 -27.69
C HIS I 431 22.24 73.30 -28.26
N SER I 432 23.17 73.69 -27.38
CA SER I 432 24.47 74.04 -27.88
C SER I 432 25.39 72.85 -27.93
N LEU I 433 25.19 71.92 -27.01
CA LEU I 433 26.03 70.75 -26.89
C LEU I 433 27.51 71.12 -26.80
N LYS I 434 27.78 72.32 -26.30
CA LYS I 434 29.13 72.85 -26.25
C LYS I 434 30.10 72.01 -25.46
N SER I 435 29.65 71.37 -24.41
CA SER I 435 30.55 70.59 -23.58
C SER I 435 31.21 69.42 -24.29
N LEU I 436 30.62 68.92 -25.35
CA LEU I 436 31.21 67.76 -25.97
C LEU I 436 32.58 68.08 -26.52
N ARG I 437 33.50 67.16 -26.31
CA ARG I 437 34.83 67.33 -26.87
C ARG I 437 35.18 66.19 -27.79
N CYS I 438 34.43 65.11 -27.74
CA CYS I 438 34.71 63.98 -28.60
C CYS I 438 33.47 63.16 -28.89
N LEU I 439 33.27 62.82 -30.16
CA LEU I 439 32.15 62.03 -30.62
C LEU I 439 32.67 60.74 -31.16
N GLY I 440 31.85 59.72 -31.17
CA GLY I 440 32.26 58.51 -31.86
C GLY I 440 31.13 57.53 -31.99
N SER I 441 31.42 56.44 -32.69
CA SER I 441 30.43 55.41 -32.93
C SER I 441 31.00 54.04 -33.18
N VAL I 442 30.13 53.06 -33.01
CA VAL I 442 30.51 51.66 -33.17
C VAL I 442 29.37 50.72 -33.54
N GLY I 443 29.69 49.63 -34.26
CA GLY I 443 28.74 48.57 -34.50
C GLY I 443 28.37 48.32 -35.95
N GLU I 444 28.55 49.30 -36.79
CA GLU I 444 28.21 49.16 -38.18
C GLU I 444 28.95 50.25 -38.93
N PRO I 445 29.30 50.07 -40.20
CA PRO I 445 29.92 51.12 -40.98
C PRO I 445 29.07 52.34 -41.01
N ILE I 446 29.70 53.49 -40.97
CA ILE I 446 28.97 54.74 -41.03
C ILE I 446 29.15 55.32 -42.43
N ALA I 447 28.06 55.59 -43.12
CA ALA I 447 28.18 56.18 -44.44
C ALA I 447 28.75 57.56 -44.29
N ALA I 448 29.52 58.03 -45.27
CA ALA I 448 30.04 59.39 -45.18
C ALA I 448 28.92 60.38 -45.00
N GLU I 449 27.79 60.14 -45.63
CA GLU I 449 26.67 61.04 -45.52
C GLU I 449 26.23 61.26 -44.08
N VAL I 450 26.27 60.20 -43.27
CA VAL I 450 25.84 60.28 -41.90
C VAL I 450 26.93 60.93 -41.11
N TRP I 451 28.16 60.55 -41.41
CA TRP I 451 29.32 61.07 -40.72
C TRP I 451 29.31 62.58 -40.85
N GLU I 452 29.08 63.08 -42.06
CA GLU I 452 29.05 64.50 -42.27
C GLU I 452 27.93 65.17 -41.50
N TRP I 453 26.75 64.59 -41.47
CA TRP I 453 25.68 65.17 -40.69
C TRP I 453 26.02 65.26 -39.23
N TYR I 454 26.54 64.17 -38.72
CA TYR I 454 26.87 64.09 -37.32
C TYR I 454 27.91 65.15 -37.00
N SER I 455 28.94 65.24 -37.84
CA SER I 455 29.99 66.22 -37.64
C SER I 455 29.48 67.64 -37.68
N GLU I 456 28.63 67.97 -38.66
CA GLU I 456 28.10 69.32 -38.80
C GLU I 456 27.07 69.75 -37.78
N LYS I 457 26.11 68.90 -37.44
CA LYS I 457 25.04 69.36 -36.59
C LYS I 457 25.27 69.12 -35.12
N ILE I 458 25.96 68.06 -34.76
CA ILE I 458 26.19 67.76 -33.37
C ILE I 458 27.57 68.21 -33.00
N GLY I 459 28.56 67.85 -33.80
CA GLY I 459 29.95 68.18 -33.51
C GLY I 459 30.35 69.59 -33.93
N LYS I 460 29.44 70.28 -34.59
CA LYS I 460 29.58 71.63 -35.10
C LYS I 460 30.86 71.86 -35.90
N ASN I 461 31.29 70.84 -36.64
CA ASN I 461 32.52 70.87 -37.43
C ASN I 461 33.79 71.09 -36.60
N GLU I 462 33.72 70.93 -35.28
CA GLU I 462 34.89 71.09 -34.45
C GLU I 462 35.32 69.82 -33.74
N ILE I 463 34.37 69.02 -33.34
CA ILE I 463 34.68 67.83 -32.58
C ILE I 463 35.02 66.65 -33.48
N PRO I 464 36.11 65.93 -33.25
CA PRO I 464 36.48 64.76 -34.03
C PRO I 464 35.48 63.65 -33.83
N ILE I 465 35.24 62.87 -34.86
CA ILE I 465 34.40 61.69 -34.74
C ILE I 465 35.24 60.46 -34.85
N VAL I 466 35.23 59.67 -33.81
CA VAL I 466 36.00 58.46 -33.81
C VAL I 466 35.17 57.27 -34.22
N ASP I 467 35.42 56.77 -35.42
CA ASP I 467 34.79 55.59 -35.96
C ASP I 467 35.66 54.43 -35.57
N THR I 468 35.22 53.65 -34.60
CA THR I 468 36.07 52.61 -34.10
C THR I 468 35.58 51.24 -34.49
N TYR I 469 36.51 50.41 -34.88
CA TYR I 469 36.23 49.07 -35.28
C TYR I 469 36.75 48.04 -34.31
N TRP I 470 35.84 47.19 -33.85
CA TRP I 470 36.22 46.11 -32.96
C TRP I 470 35.18 45.04 -32.88
N GLN I 471 35.51 43.98 -32.16
CA GLN I 471 34.67 42.81 -32.06
C GLN I 471 34.58 42.35 -30.63
N THR I 472 33.56 41.59 -30.29
CA THR I 472 33.50 41.07 -28.94
C THR I 472 34.79 40.39 -28.57
N GLU I 473 35.27 39.54 -29.44
CA GLU I 473 36.47 38.80 -29.19
C GLU I 473 37.74 39.61 -29.09
N SER I 474 37.76 40.85 -29.58
CA SER I 474 39.00 41.59 -29.46
C SER I 474 39.09 42.21 -28.10
N GLY I 475 37.93 42.54 -27.55
CA GLY I 475 37.78 43.08 -26.21
C GLY I 475 38.14 44.55 -26.10
N SER I 476 38.61 45.12 -27.19
CA SER I 476 39.07 46.48 -27.23
C SER I 476 39.19 46.90 -28.68
N HIS I 477 39.54 48.14 -28.89
CA HIS I 477 39.62 48.63 -30.25
C HIS I 477 40.68 47.92 -31.06
N LEU I 478 40.38 47.60 -32.32
CA LEU I 478 41.36 47.01 -33.20
C LEU I 478 41.89 48.06 -34.13
N VAL I 479 40.99 48.79 -34.77
CA VAL I 479 41.41 49.83 -35.70
C VAL I 479 40.62 51.07 -35.36
N THR I 480 41.29 52.18 -35.12
CA THR I 480 40.51 53.36 -34.75
C THR I 480 41.29 54.63 -34.87
N PRO I 481 40.65 55.74 -35.17
CA PRO I 481 41.23 57.03 -35.06
C PRO I 481 41.50 57.26 -33.62
N LEU I 482 42.50 58.03 -33.34
CA LEU I 482 42.75 58.41 -31.98
C LEU I 482 42.36 59.86 -31.88
N ALA I 483 41.77 60.23 -30.75
CA ALA I 483 41.31 61.58 -30.48
C ALA I 483 42.45 62.53 -30.20
N GLY I 484 42.08 63.74 -29.81
CA GLY I 484 43.08 64.73 -29.64
C GLY I 484 43.49 65.06 -31.04
N GLY I 485 44.70 65.50 -31.24
CA GLY I 485 45.14 65.89 -32.56
C GLY I 485 45.92 64.78 -33.21
N VAL I 486 45.82 63.57 -32.72
CA VAL I 486 46.72 62.56 -33.23
C VAL I 486 46.57 62.26 -34.69
N THR I 487 45.37 62.06 -35.20
CA THR I 487 45.32 61.68 -36.60
C THR I 487 44.31 62.43 -37.44
N PRO I 488 44.62 62.68 -38.70
CA PRO I 488 43.69 63.13 -39.70
C PRO I 488 42.70 62.02 -39.86
N MET I 489 41.49 62.36 -40.27
CA MET I 489 40.42 61.38 -40.42
C MET I 489 39.75 61.38 -41.74
N LYS I 490 39.34 60.21 -42.20
CA LYS I 490 38.60 60.21 -43.41
C LYS I 490 37.15 59.94 -43.06
N PRO I 491 36.24 60.56 -43.72
CA PRO I 491 34.93 60.20 -43.26
C PRO I 491 34.71 58.77 -43.62
N GLY I 492 34.15 57.99 -42.73
CA GLY I 492 33.86 56.61 -43.07
C GLY I 492 34.93 55.58 -42.95
N SER I 493 36.11 55.91 -42.48
CA SER I 493 37.10 54.89 -42.35
C SER I 493 37.80 54.88 -41.03
N ALA I 494 37.83 53.74 -40.35
CA ALA I 494 38.66 53.63 -39.18
C ALA I 494 40.02 53.98 -39.71
N SER I 495 40.96 54.30 -38.86
CA SER I 495 42.23 54.68 -39.43
C SER I 495 43.30 53.63 -39.25
N PHE I 496 44.01 53.68 -38.17
CA PHE I 496 45.15 52.85 -38.00
C PHE I 496 44.96 51.87 -36.86
N PRO I 497 45.65 50.75 -36.87
CA PRO I 497 45.61 49.76 -35.82
C PRO I 497 45.97 50.33 -34.47
N PHE I 498 45.26 49.85 -33.47
CA PHE I 498 45.49 50.27 -32.10
C PHE I 498 46.76 49.62 -31.60
N PHE I 499 47.42 50.28 -30.68
CA PHE I 499 48.68 49.80 -30.18
C PHE I 499 48.65 48.34 -29.85
N GLY I 500 49.66 47.65 -30.35
CA GLY I 500 49.87 46.23 -30.10
C GLY I 500 49.23 45.29 -31.10
N ILE I 501 48.42 45.80 -32.00
CA ILE I 501 47.74 44.93 -32.93
C ILE I 501 48.25 45.07 -34.36
N ASP I 502 48.96 44.05 -34.82
CA ASP I 502 49.56 44.12 -36.15
C ASP I 502 48.60 43.64 -37.24
N ALA I 503 47.63 44.49 -37.53
CA ALA I 503 46.61 44.19 -38.52
C ALA I 503 47.20 44.14 -39.93
N VAL I 504 46.72 43.19 -40.72
CA VAL I 504 47.13 43.00 -42.09
C VAL I 504 45.96 42.63 -42.98
N VAL I 505 45.97 43.05 -44.24
CA VAL I 505 44.92 42.61 -45.13
C VAL I 505 45.47 41.42 -45.91
N LEU I 506 44.74 40.32 -45.87
CA LEU I 506 45.19 39.10 -46.52
C LEU I 506 44.51 38.81 -47.81
N ASP I 507 45.19 38.04 -48.67
CA ASP I 507 44.52 37.60 -49.86
C ASP I 507 43.30 36.84 -49.37
N PRO I 508 42.11 37.15 -49.86
CA PRO I 508 40.88 36.55 -49.40
C PRO I 508 40.75 35.10 -49.72
N ASN I 509 41.53 34.60 -50.66
CA ASN I 509 41.34 33.23 -51.03
C ASN I 509 42.40 32.34 -50.46
N THR I 510 43.64 32.81 -50.48
CA THR I 510 44.70 31.94 -50.02
C THR I 510 46.03 32.54 -49.70
N GLY I 511 46.75 31.84 -48.86
CA GLY I 511 48.14 32.12 -48.60
C GLY I 511 48.52 33.47 -48.03
N GLU I 512 49.41 34.10 -48.76
CA GLU I 512 50.07 35.37 -48.51
C GLU I 512 49.21 36.58 -48.31
N GLU I 513 49.78 37.51 -47.57
CA GLU I 513 49.13 38.76 -47.35
C GLU I 513 49.29 39.66 -48.54
N LEU I 514 48.70 40.83 -48.47
CA LEU I 514 48.82 41.73 -49.58
C LEU I 514 49.73 42.90 -49.24
N ASN I 515 50.96 42.83 -49.73
CA ASN I 515 51.96 43.85 -49.50
C ASN I 515 51.94 44.77 -50.70
N THR I 516 51.16 45.81 -50.62
CA THR I 516 50.89 46.65 -51.75
C THR I 516 50.26 47.96 -51.36
N SER I 517 50.40 48.93 -52.25
CA SER I 517 49.76 50.22 -52.08
C SER I 517 48.24 50.15 -52.15
N HIS I 518 47.72 49.10 -52.75
CA HIS I 518 46.28 48.94 -52.85
C HIS I 518 45.87 47.51 -52.59
N ALA I 519 45.11 47.28 -51.54
CA ALA I 519 44.77 45.89 -51.25
C ALA I 519 43.33 45.67 -50.89
N GLU I 520 42.81 44.62 -51.44
CA GLU I 520 41.47 44.16 -51.16
C GLU I 520 41.54 42.77 -50.59
N GLY I 521 40.93 42.54 -49.44
CA GLY I 521 41.00 41.21 -48.89
C GLY I 521 40.26 41.11 -47.60
N VAL I 522 40.80 40.33 -46.69
CA VAL I 522 40.13 40.16 -45.41
C VAL I 522 41.05 40.66 -44.34
N LEU I 523 40.48 41.06 -43.22
CA LEU I 523 41.34 41.60 -42.19
C LEU I 523 41.79 40.51 -41.24
N ALA I 524 43.05 40.56 -40.87
CA ALA I 524 43.57 39.56 -39.95
C ALA I 524 44.66 40.12 -39.10
N VAL I 525 44.94 39.47 -37.99
CA VAL I 525 46.01 39.97 -37.16
C VAL I 525 47.12 38.96 -36.96
N LYS I 526 48.34 39.42 -37.18
CA LYS I 526 49.54 38.59 -37.05
C LYS I 526 49.90 38.05 -35.66
N ALA I 527 49.53 38.72 -34.58
CA ALA I 527 49.92 38.25 -33.25
C ALA I 527 48.89 38.60 -32.23
N ALA I 528 48.94 37.92 -31.10
CA ALA I 528 48.01 38.13 -30.01
C ALA I 528 48.30 39.42 -29.28
N TRP I 529 47.32 39.89 -28.50
CA TRP I 529 47.37 41.09 -27.70
C TRP I 529 46.66 40.80 -26.37
N PRO I 530 46.90 41.59 -25.31
CA PRO I 530 46.39 41.40 -23.97
C PRO I 530 44.92 41.17 -23.76
N SER I 531 44.05 41.71 -24.59
CA SER I 531 42.66 41.46 -24.27
C SER I 531 41.94 40.71 -25.34
N PHE I 532 42.65 39.78 -25.95
CA PHE I 532 42.06 38.90 -26.91
C PHE I 532 41.29 37.81 -26.19
N ALA I 533 40.05 37.54 -26.61
CA ALA I 533 39.29 36.52 -25.93
C ALA I 533 40.09 35.26 -25.89
N ARG I 534 40.06 34.64 -24.74
CA ARG I 534 40.87 33.46 -24.53
C ARG I 534 40.21 32.22 -25.02
N THR I 535 38.91 32.15 -24.84
CA THR I 535 38.24 30.94 -25.26
C THR I 535 36.75 31.11 -25.35
N ILE I 536 36.09 30.01 -25.65
CA ILE I 536 34.64 29.92 -25.63
C ILE I 536 34.30 28.96 -24.54
N TRP I 537 33.50 29.39 -23.61
CA TRP I 537 33.20 28.60 -22.44
C TRP I 537 32.75 27.22 -22.82
N LYS I 538 33.49 26.26 -22.32
CA LYS I 538 33.28 24.85 -22.53
C LYS I 538 33.27 24.40 -23.97
N ASN I 539 34.02 25.05 -24.84
CA ASN I 539 34.09 24.58 -26.20
C ASN I 539 35.29 25.15 -26.90
N HIS I 540 36.47 24.68 -26.52
CA HIS I 540 37.65 25.27 -27.09
C HIS I 540 37.76 24.92 -28.55
N ASP I 541 37.22 23.79 -28.96
CA ASP I 541 37.34 23.45 -30.35
C ASP I 541 36.61 24.44 -31.23
N ARG I 542 35.43 24.90 -30.81
CA ARG I 542 34.71 25.82 -31.66
C ARG I 542 35.54 27.07 -31.82
N TYR I 543 36.14 27.52 -30.74
CA TYR I 543 36.99 28.71 -30.77
C TYR I 543 38.07 28.58 -31.79
N LEU I 544 38.80 27.49 -31.75
CA LEU I 544 39.90 27.36 -32.68
C LEU I 544 39.43 27.28 -34.12
N ASP I 545 38.38 26.50 -34.36
CA ASP I 545 37.91 26.35 -35.73
C ASP I 545 37.36 27.64 -36.30
N THR I 546 36.76 28.45 -35.46
CA THR I 546 36.15 29.67 -35.89
C THR I 546 37.16 30.75 -36.18
N TYR I 547 38.14 30.92 -35.30
CA TYR I 547 39.03 32.05 -35.44
C TYR I 547 40.47 31.80 -35.85
N LEU I 548 41.06 30.68 -35.47
CA LEU I 548 42.48 30.52 -35.71
C LEU I 548 42.83 29.52 -36.78
N ASN I 549 41.95 28.57 -37.04
CA ASN I 549 42.28 27.58 -38.04
C ASN I 549 42.14 28.03 -39.51
N PRO I 550 41.18 28.89 -39.90
CA PRO I 550 41.08 29.43 -41.24
C PRO I 550 42.30 30.27 -41.40
N TYR I 551 42.84 30.43 -42.60
CA TYR I 551 44.01 31.27 -42.79
C TYR I 551 44.97 31.13 -41.60
N PRO I 552 45.44 29.93 -41.32
CA PRO I 552 46.14 29.61 -40.11
C PRO I 552 47.38 30.43 -40.01
N GLY I 553 47.66 30.87 -38.81
CA GLY I 553 48.81 31.69 -38.55
C GLY I 553 48.36 33.09 -38.17
N TYR I 554 47.15 33.44 -38.57
CA TYR I 554 46.61 34.75 -38.27
C TYR I 554 45.28 34.64 -37.58
N TYR I 555 44.93 35.67 -36.84
CA TYR I 555 43.59 35.72 -36.31
C TYR I 555 42.69 36.20 -37.39
N PHE I 556 41.69 35.42 -37.72
CA PHE I 556 40.81 35.81 -38.78
C PHE I 556 39.70 36.65 -38.24
N THR I 557 39.65 37.88 -38.69
CA THR I 557 38.67 38.79 -38.15
C THR I 557 37.29 38.38 -38.54
N GLY I 558 37.09 38.00 -39.79
CA GLY I 558 35.78 37.65 -40.29
C GLY I 558 35.17 38.75 -41.11
N ASP I 559 35.74 39.94 -41.03
CA ASP I 559 35.28 41.07 -41.79
C ASP I 559 36.19 41.32 -42.96
N GLY I 560 35.61 41.87 -44.02
CA GLY I 560 36.35 42.23 -45.20
C GLY I 560 36.99 43.56 -44.97
N ALA I 561 38.02 43.85 -45.73
CA ALA I 561 38.69 45.11 -45.56
C ALA I 561 39.47 45.51 -46.78
N ALA I 562 39.80 46.78 -46.82
CA ALA I 562 40.65 47.24 -47.87
C ALA I 562 41.65 48.22 -47.32
N LYS I 563 42.86 48.09 -47.78
CA LYS I 563 43.89 48.99 -47.32
C LYS I 563 44.12 50.00 -48.41
N ASP I 564 43.94 51.24 -48.02
CA ASP I 564 44.04 52.36 -48.91
C ASP I 564 45.46 52.86 -49.06
N LYS I 565 45.56 53.88 -49.90
CA LYS I 565 46.79 54.59 -50.04
C LYS I 565 46.97 55.26 -48.70
N ASP I 566 48.19 55.40 -48.26
CA ASP I 566 48.50 56.07 -47.01
C ASP I 566 48.07 55.31 -45.76
N GLY I 567 47.65 54.06 -45.90
CA GLY I 567 47.41 53.23 -44.75
C GLY I 567 46.06 53.26 -44.07
N TYR I 568 45.07 53.90 -44.60
CA TYR I 568 43.81 53.86 -43.89
C TYR I 568 43.10 52.54 -44.16
N ILE I 569 42.55 51.92 -43.12
CA ILE I 569 41.85 50.65 -43.33
C ILE I 569 40.35 50.82 -43.39
N TRP I 570 39.79 50.47 -44.51
CA TRP I 570 38.37 50.56 -44.71
C TRP I 570 37.76 49.23 -44.36
N ILE I 571 36.59 49.23 -43.78
CA ILE I 571 35.93 47.96 -43.48
C ILE I 571 34.84 47.77 -44.50
N LEU I 572 34.87 46.66 -45.19
CA LEU I 572 33.95 46.44 -46.30
C LEU I 572 32.68 45.69 -45.98
N GLY I 573 32.53 45.26 -44.74
CA GLY I 573 31.38 44.47 -44.30
C GLY I 573 31.82 43.04 -44.02
N ARG I 574 30.96 42.24 -43.45
CA ARG I 574 31.34 40.87 -43.11
C ARG I 574 31.64 40.07 -44.35
N VAL I 575 32.59 39.16 -44.24
CA VAL I 575 32.96 38.34 -45.38
C VAL I 575 31.79 37.50 -45.85
N ASP I 576 31.07 36.94 -44.90
CA ASP I 576 29.94 36.09 -45.17
C ASP I 576 28.83 36.75 -45.99
N ASP I 577 28.74 38.07 -45.99
CA ASP I 577 27.67 38.74 -46.70
C ASP I 577 28.08 39.24 -48.07
N VAL I 578 29.29 38.94 -48.49
CA VAL I 578 29.71 39.45 -49.78
C VAL I 578 28.86 38.89 -50.88
N VAL I 579 28.39 39.76 -51.76
CA VAL I 579 27.55 39.30 -52.84
C VAL I 579 28.44 39.08 -54.03
N ASN I 580 28.42 37.89 -54.56
CA ASN I 580 29.27 37.59 -55.67
C ASN I 580 28.55 37.81 -56.98
N VAL I 581 29.05 38.72 -57.78
CA VAL I 581 28.47 39.06 -59.06
C VAL I 581 29.55 38.70 -60.07
N SER I 582 29.19 38.44 -61.30
CA SER I 582 30.20 37.97 -62.20
C SER I 582 31.32 38.95 -62.32
N GLY I 583 30.99 40.21 -62.41
CA GLY I 583 32.02 41.19 -62.59
C GLY I 583 33.01 41.25 -61.48
N HIS I 584 32.55 41.37 -60.24
CA HIS I 584 33.45 41.46 -59.08
C HIS I 584 32.76 41.23 -57.72
N ARG I 585 33.58 40.99 -56.69
CA ARG I 585 33.07 40.81 -55.35
C ARG I 585 32.35 42.10 -55.05
N LEU I 586 31.33 42.05 -54.25
CA LEU I 586 30.63 43.27 -54.01
C LEU I 586 30.61 43.55 -52.55
N SER I 587 30.98 44.76 -52.21
CA SER I 587 31.05 45.20 -50.84
C SER I 587 29.74 45.79 -50.45
N THR I 588 29.16 45.22 -49.42
CA THR I 588 27.88 45.74 -48.99
C THR I 588 28.08 47.13 -48.42
N ALA I 589 29.22 47.38 -47.77
CA ALA I 589 29.44 48.72 -47.23
C ALA I 589 29.46 49.77 -48.32
N GLU I 590 30.13 49.49 -49.43
CA GLU I 590 30.21 50.50 -50.47
C GLU I 590 28.87 50.78 -51.13
N ILE I 591 28.15 49.73 -51.48
CA ILE I 591 26.89 50.01 -52.12
C ILE I 591 25.90 50.69 -51.19
N GLU I 592 25.88 50.34 -49.92
CA GLU I 592 24.96 51.01 -49.05
C GLU I 592 25.31 52.48 -48.97
N ALA I 593 26.60 52.80 -48.94
CA ALA I 593 26.99 54.19 -48.90
C ALA I 593 26.48 54.94 -50.12
N ALA I 594 26.51 54.30 -51.28
CA ALA I 594 25.99 54.99 -52.45
C ALA I 594 24.50 55.24 -52.35
N ILE I 595 23.76 54.24 -51.88
CA ILE I 595 22.31 54.36 -51.87
C ILE I 595 21.83 55.48 -50.98
N ILE I 596 22.43 55.67 -49.80
CA ILE I 596 22.01 56.74 -48.89
C ILE I 596 22.13 58.16 -49.45
N GLU I 597 22.82 58.36 -50.58
CA GLU I 597 22.88 59.70 -51.16
C GLU I 597 21.49 59.93 -51.70
N ASP I 598 21.18 61.09 -52.31
CA ASP I 598 19.79 61.33 -52.74
C ASP I 598 18.90 61.33 -51.49
N PRO I 599 18.91 62.42 -50.73
CA PRO I 599 18.32 62.54 -49.42
C PRO I 599 16.81 62.54 -49.40
N ILE I 600 16.30 61.38 -49.79
CA ILE I 600 14.92 60.98 -49.78
C ILE I 600 14.99 59.68 -49.06
N VAL I 601 16.20 59.09 -49.12
CA VAL I 601 16.52 57.83 -48.49
C VAL I 601 16.96 58.06 -47.09
N ALA I 602 16.35 57.34 -46.18
CA ALA I 602 16.70 57.45 -44.78
C ALA I 602 17.66 56.37 -44.36
N GLU I 603 17.36 55.15 -44.76
CA GLU I 603 18.16 54.00 -44.35
C GLU I 603 18.19 53.00 -45.49
N CYS I 604 19.19 52.14 -45.50
CA CYS I 604 19.25 51.11 -46.52
C CYS I 604 20.12 49.93 -46.17
N ALA I 605 19.67 48.76 -46.61
CA ALA I 605 20.46 47.55 -46.49
C ALA I 605 20.47 46.80 -47.82
N VAL I 606 21.64 46.30 -48.19
CA VAL I 606 21.78 45.54 -49.42
C VAL I 606 21.98 44.09 -49.14
N VAL I 607 21.14 43.33 -49.80
CA VAL I 607 21.03 41.91 -49.62
C VAL I 607 21.26 41.14 -50.90
N GLY I 608 22.10 40.11 -50.85
CA GLY I 608 22.28 39.30 -52.06
C GLY I 608 21.01 38.52 -52.31
N PHE I 609 20.60 38.32 -53.55
CA PHE I 609 19.44 37.44 -53.69
C PHE I 609 19.52 36.49 -54.89
N ASN I 610 19.09 35.26 -54.64
CA ASN I 610 19.16 34.19 -55.61
C ASN I 610 18.44 34.59 -56.88
N ASP I 611 19.12 34.42 -57.99
CA ASP I 611 18.60 34.80 -59.29
C ASP I 611 19.21 33.87 -60.33
N ASP I 612 18.85 34.09 -61.59
CA ASP I 612 19.34 33.27 -62.71
C ASP I 612 20.65 33.83 -63.26
N LEU I 613 21.14 34.83 -62.59
CA LEU I 613 22.38 35.52 -62.89
C LEU I 613 23.52 34.73 -62.35
N THR I 614 24.69 34.93 -62.92
CA THR I 614 25.87 34.34 -62.32
C THR I 614 25.95 34.86 -60.90
N GLY I 615 26.13 33.95 -59.95
CA GLY I 615 26.15 34.32 -58.54
C GLY I 615 24.78 34.80 -58.09
N GLN I 616 24.73 35.99 -57.55
CA GLN I 616 23.47 36.55 -57.06
C GLN I 616 23.16 37.94 -57.57
N ALA I 617 21.88 38.28 -57.50
CA ALA I 617 21.40 39.59 -57.82
C ALA I 617 21.58 40.49 -56.65
N VAL I 618 21.57 41.77 -56.91
CA VAL I 618 21.59 42.70 -55.83
C VAL I 618 20.18 43.20 -55.54
N ALA I 619 19.78 43.09 -54.29
CA ALA I 619 18.49 43.57 -53.84
C ALA I 619 18.70 44.60 -52.76
N ALA I 620 17.78 45.52 -52.60
CA ALA I 620 17.98 46.48 -51.54
C ALA I 620 16.69 46.85 -50.86
N PHE I 621 16.82 47.03 -49.58
CA PHE I 621 15.73 47.45 -48.74
C PHE I 621 15.95 48.87 -48.39
N VAL I 622 15.06 49.71 -48.84
CA VAL I 622 15.25 51.12 -48.69
C VAL I 622 14.12 51.74 -47.90
N VAL I 623 14.48 52.52 -46.92
CA VAL I 623 13.53 53.22 -46.09
C VAL I 623 13.49 54.66 -46.52
N LEU I 624 12.31 55.17 -46.80
CA LEU I 624 12.24 56.57 -47.20
C LEU I 624 12.00 57.42 -45.99
N LYS I 625 12.54 58.62 -46.02
CA LYS I 625 12.48 59.56 -44.89
C LYS I 625 11.10 60.00 -44.43
N ASN I 626 10.19 60.24 -45.35
CA ASN I 626 8.88 60.72 -44.97
C ASN I 626 7.78 59.80 -45.46
N LYS I 627 6.85 59.45 -44.58
CA LYS I 627 5.77 58.54 -44.95
C LYS I 627 4.85 59.14 -46.01
N SER I 628 4.59 60.44 -45.92
CA SER I 628 3.68 61.09 -46.85
C SER I 628 4.17 60.95 -48.27
N ASN I 629 5.47 61.11 -48.49
CA ASN I 629 6.01 60.89 -49.82
C ASN I 629 5.88 59.43 -50.19
N TRP I 630 6.14 58.56 -49.21
CA TRP I 630 6.05 57.12 -49.43
C TRP I 630 4.65 56.63 -49.74
N SER I 631 3.65 57.17 -49.07
CA SER I 631 2.29 56.76 -49.33
C SER I 631 1.64 57.70 -50.31
N THR I 632 1.58 57.24 -51.56
CA THR I 632 1.05 57.98 -52.70
C THR I 632 0.70 56.99 -53.81
N ALA I 633 0.17 57.48 -54.92
CA ALA I 633 -0.17 56.56 -55.98
C ALA I 633 1.16 56.01 -56.46
N THR I 634 1.30 54.70 -56.34
CA THR I 634 2.56 54.02 -56.62
C THR I 634 3.04 54.12 -58.04
N ASP I 635 2.13 53.98 -58.99
CA ASP I 635 2.56 54.07 -60.37
C ASP I 635 3.10 55.47 -60.64
N ASP I 636 2.46 56.44 -60.01
CA ASP I 636 2.71 57.83 -60.22
C ASP I 636 4.11 58.19 -59.81
N GLU I 637 4.51 57.84 -58.59
CA GLU I 637 5.80 58.29 -58.08
C GLU I 637 6.76 57.25 -57.54
N LEU I 638 6.28 56.15 -56.96
CA LEU I 638 7.31 55.30 -56.33
C LEU I 638 8.20 54.73 -57.41
N GLN I 639 7.64 54.59 -58.61
CA GLN I 639 8.38 54.12 -59.74
C GLN I 639 9.58 55.00 -60.07
N ASP I 640 9.50 56.31 -59.78
CA ASP I 640 10.62 57.16 -60.12
C ASP I 640 11.59 57.10 -59.02
N ILE I 641 11.11 56.89 -57.82
CA ILE I 641 12.03 56.77 -56.74
C ILE I 641 12.92 55.61 -57.05
N LYS I 642 12.34 54.50 -57.50
CA LYS I 642 13.15 53.37 -57.83
C LYS I 642 14.14 53.69 -58.95
N LYS I 643 13.72 54.43 -59.98
CA LYS I 643 14.64 54.77 -61.06
C LYS I 643 15.81 55.57 -60.55
N HIS I 644 15.54 56.52 -59.67
CA HIS I 644 16.60 57.35 -59.17
C HIS I 644 17.59 56.56 -58.35
N LEU I 645 17.07 55.66 -57.51
CA LEU I 645 17.95 54.90 -56.65
C LEU I 645 18.88 54.01 -57.46
N VAL I 646 18.36 53.38 -58.51
CA VAL I 646 19.20 52.50 -59.29
C VAL I 646 20.17 53.33 -60.13
N PHE I 647 19.71 54.47 -60.63
CA PHE I 647 20.55 55.34 -61.42
C PHE I 647 21.80 55.73 -60.68
N THR I 648 21.65 56.21 -59.46
CA THR I 648 22.80 56.60 -58.68
C THR I 648 23.76 55.47 -58.47
N VAL I 649 23.28 54.31 -58.09
CA VAL I 649 24.27 53.29 -57.87
C VAL I 649 24.97 52.96 -59.17
N ARG I 650 24.20 52.83 -60.23
CA ARG I 650 24.76 52.50 -61.52
C ARG I 650 25.86 53.44 -61.96
N LYS I 651 25.69 54.74 -61.75
CA LYS I 651 26.74 55.66 -62.20
C LYS I 651 27.93 55.75 -61.24
N ASP I 652 27.70 55.69 -59.93
CA ASP I 652 28.82 55.84 -59.01
C ASP I 652 29.57 54.58 -58.67
N ILE I 653 28.88 53.44 -58.61
CA ILE I 653 29.55 52.21 -58.25
C ILE I 653 29.77 51.36 -59.48
N GLY I 654 28.72 51.24 -60.29
CA GLY I 654 28.76 50.45 -61.50
C GLY I 654 27.55 49.53 -61.63
N PRO I 655 27.37 49.08 -62.87
CA PRO I 655 26.31 48.26 -63.46
C PRO I 655 26.22 46.95 -62.77
N PHE I 656 27.31 46.29 -62.42
CA PHE I 656 27.10 45.04 -61.73
C PHE I 656 26.44 45.25 -60.38
N ALA I 657 26.85 46.28 -59.65
CA ALA I 657 26.29 46.57 -58.34
C ALA I 657 24.84 47.04 -58.31
N ALA I 658 24.52 47.96 -59.22
CA ALA I 658 23.20 48.52 -59.31
C ALA I 658 22.16 47.45 -58.94
N PRO I 659 21.23 47.75 -58.04
CA PRO I 659 20.21 46.83 -57.59
C PRO I 659 19.19 46.58 -58.65
N LYS I 660 18.57 45.43 -58.56
CA LYS I 660 17.45 45.08 -59.41
C LYS I 660 16.17 45.10 -58.62
N LEU I 661 16.21 44.58 -57.40
CA LEU I 661 14.99 44.56 -56.62
C LEU I 661 15.06 45.68 -55.61
N ILE I 662 14.22 46.69 -55.78
CA ILE I 662 14.18 47.74 -54.78
C ILE I 662 12.89 47.64 -54.04
N ILE I 663 13.02 47.40 -52.76
CA ILE I 663 11.87 47.19 -51.92
C ILE I 663 11.79 48.40 -51.02
N LEU I 664 10.72 49.14 -51.09
CA LEU I 664 10.59 50.34 -50.28
C LEU I 664 9.79 49.99 -49.06
N VAL I 665 10.39 50.14 -47.91
CA VAL I 665 9.80 49.70 -46.66
C VAL I 665 9.71 50.80 -45.63
N ASP I 666 8.93 50.56 -44.58
CA ASP I 666 8.80 51.53 -43.52
C ASP I 666 9.97 51.49 -42.54
N ASP I 667 10.59 50.34 -42.38
CA ASP I 667 11.76 50.21 -41.51
C ASP I 667 12.55 48.94 -41.80
N LEU I 668 13.70 48.80 -41.13
CA LEU I 668 14.57 47.63 -41.20
C LEU I 668 14.66 47.00 -39.80
N PRO I 669 14.81 45.69 -39.70
CA PRO I 669 14.98 45.02 -38.44
C PRO I 669 16.30 45.41 -37.87
N LYS I 670 16.33 45.72 -36.59
CA LYS I 670 17.56 46.14 -35.94
C LYS I 670 17.81 45.36 -34.69
N THR I 671 19.07 45.16 -34.36
CA THR I 671 19.37 44.42 -33.15
C THR I 671 19.57 45.30 -31.95
N ARG I 672 19.51 44.66 -30.79
CA ARG I 672 19.81 45.32 -29.53
C ARG I 672 21.25 45.81 -29.53
N SER I 673 22.11 45.05 -30.19
CA SER I 673 23.53 45.32 -30.33
C SER I 673 23.85 46.44 -31.31
N GLY I 674 22.85 46.99 -32.00
CA GLY I 674 23.16 48.10 -32.87
C GLY I 674 23.39 47.83 -34.35
N LYS I 675 22.85 46.76 -34.91
CA LYS I 675 23.08 46.44 -36.31
C LYS I 675 21.87 46.12 -37.10
N ILE I 676 21.87 46.40 -38.39
CA ILE I 676 20.73 45.93 -39.18
C ILE I 676 20.82 44.44 -39.26
N MET I 677 19.76 43.74 -38.94
CA MET I 677 19.83 42.30 -38.95
C MET I 677 19.63 41.76 -40.36
N ARG I 678 20.67 41.91 -41.16
CA ARG I 678 20.64 41.58 -42.57
C ARG I 678 20.31 40.13 -42.80
N ARG I 679 20.71 39.26 -41.89
CA ARG I 679 20.38 37.87 -42.09
C ARG I 679 18.88 37.65 -42.23
N ILE I 680 18.07 38.38 -41.47
CA ILE I 680 16.64 38.20 -41.59
C ILE I 680 16.21 38.62 -42.94
N LEU I 681 16.69 39.78 -43.35
CA LEU I 681 16.25 40.26 -44.63
C LEU I 681 16.61 39.28 -45.71
N ARG I 682 17.79 38.69 -45.61
CA ARG I 682 18.21 37.74 -46.60
C ARG I 682 17.30 36.53 -46.65
N LYS I 683 16.94 36.00 -45.51
CA LYS I 683 16.07 34.85 -45.52
C LYS I 683 14.69 35.17 -46.04
N ILE I 684 14.14 36.32 -45.64
CA ILE I 684 12.81 36.63 -46.09
C ILE I 684 12.83 36.80 -47.57
N LEU I 685 13.80 37.52 -48.06
CA LEU I 685 13.90 37.79 -49.47
C LEU I 685 14.06 36.51 -50.27
N ALA I 686 14.87 35.59 -49.77
CA ALA I 686 15.09 34.32 -50.44
C ALA I 686 13.79 33.54 -50.59
N GLY I 687 12.92 33.65 -49.60
CA GLY I 687 11.64 32.96 -49.60
C GLY I 687 11.42 32.15 -48.34
N GLU I 688 12.50 31.82 -47.65
CA GLU I 688 12.41 31.07 -46.41
C GLU I 688 12.19 32.03 -45.26
N SER I 689 11.02 32.66 -45.27
CA SER I 689 10.65 33.71 -44.31
C SER I 689 10.20 33.19 -42.96
N ASP I 690 9.97 31.89 -42.87
CA ASP I 690 9.54 31.29 -41.63
C ASP I 690 10.71 31.04 -40.70
N GLN I 691 11.74 30.41 -41.21
CA GLN I 691 12.81 30.02 -40.33
C GLN I 691 13.79 31.13 -40.01
N LEU I 692 13.32 32.09 -39.24
CA LEU I 692 14.09 33.25 -38.84
C LEU I 692 14.67 33.10 -37.44
N GLY I 693 14.31 32.03 -36.76
CA GLY I 693 14.74 31.85 -35.40
C GLY I 693 13.92 32.78 -34.51
N ASP I 694 14.45 33.07 -33.32
CA ASP I 694 13.69 33.87 -32.38
C ASP I 694 13.77 35.33 -32.77
N VAL I 695 12.63 35.93 -33.02
CA VAL I 695 12.59 37.32 -33.40
C VAL I 695 13.13 38.20 -32.30
N SER I 696 13.03 37.74 -31.05
CA SER I 696 13.44 38.56 -29.91
C SER I 696 14.95 38.62 -29.71
N THR I 697 15.59 39.19 -30.71
CA THR I 697 16.98 39.49 -30.76
C THR I 697 16.98 40.93 -31.21
N LEU I 698 15.84 41.30 -31.78
CA LEU I 698 15.61 42.59 -32.35
C LEU I 698 15.13 43.57 -31.34
N SER I 699 15.43 44.83 -31.59
CA SER I 699 14.96 45.95 -30.79
C SER I 699 13.57 46.40 -31.21
N ASN I 700 13.14 45.94 -32.37
CA ASN I 700 11.84 46.28 -32.93
C ASN I 700 10.97 45.11 -33.38
N PRO I 701 10.89 44.03 -32.62
CA PRO I 701 10.19 42.83 -33.00
C PRO I 701 8.78 43.24 -33.25
N GLY I 702 8.22 42.66 -34.28
CA GLY I 702 6.89 42.99 -34.72
C GLY I 702 7.07 43.40 -36.16
N ILE I 703 8.20 44.07 -36.43
CA ILE I 703 8.54 44.54 -37.76
C ILE I 703 8.48 43.49 -38.83
N VAL I 704 8.78 42.25 -38.47
CA VAL I 704 8.79 41.18 -39.43
C VAL I 704 7.47 41.07 -40.14
N ARG I 705 6.37 41.35 -39.47
CA ARG I 705 5.10 41.24 -40.13
C ARG I 705 5.07 42.05 -41.42
N HIS I 706 5.62 43.26 -41.38
CA HIS I 706 5.59 44.11 -42.54
C HIS I 706 6.63 43.71 -43.52
N LEU I 707 7.78 43.28 -43.02
CA LEU I 707 8.85 42.97 -43.94
C LEU I 707 8.40 41.89 -44.86
N ILE I 708 7.67 40.91 -44.32
CA ILE I 708 7.22 39.84 -45.16
C ILE I 708 6.26 40.35 -46.20
N ASP I 709 5.28 41.15 -45.82
CA ASP I 709 4.37 41.63 -46.84
C ASP I 709 5.06 42.45 -47.92
N SER I 710 6.01 43.30 -47.54
CA SER I 710 6.68 44.15 -48.51
C SER I 710 7.47 43.35 -49.52
N VAL I 711 8.16 42.34 -49.05
CA VAL I 711 8.94 41.49 -49.93
C VAL I 711 8.07 40.74 -50.90
N LYS I 712 7.01 40.12 -50.39
CA LYS I 712 6.13 39.37 -51.27
C LYS I 712 5.61 40.24 -52.39
N LEU I 713 5.19 41.46 -52.05
CA LEU I 713 4.66 42.38 -53.02
C LEU I 713 5.49 43.65 -53.03
C01 6R9 J . -50.08 -31.63 -32.38
C02 6R9 J . -49.22 -31.90 -33.59
C09 6R9 J . -44.95 -31.97 -35.88
C10 6R9 J . -44.87 -31.63 -37.36
C11 6R9 J . -43.56 -31.85 -38.11
C12 6R9 J . -43.87 -31.10 -39.35
C13 6R9 J . -44.64 -29.94 -38.90
C16 6R9 J . -43.97 -27.66 -38.11
C18 6R9 J . -42.96 -26.83 -39.83
C19 6R9 J . -43.45 -28.21 -40.18
C21 6R9 J . -42.61 -28.02 -42.23
C23 6R9 J . -42.33 -26.23 -40.82
N15 6R9 J . -44.07 -28.61 -39.00
N17 6R9 J . -43.37 -26.65 -38.50
N20 6R9 J . -43.29 -28.81 -41.32
N22 6R9 J . -42.13 -26.74 -42.02
N24 6R9 J . -41.84 -24.94 -40.65
O03 6R9 J . -49.46 -32.69 -34.45
O04 6R9 J . -48.15 -31.10 -33.58
O06 6R9 J . -46.36 -32.88 -33.18
O07 6R9 J . -45.85 -30.40 -33.39
O08 6R9 J . -46.31 -31.70 -35.43
O14 6R9 J . -45.04 -30.20 -37.57
O25 6R9 J . -44.55 -31.88 -40.29
O26 6R9 J . -43.31 -33.25 -38.41
P05 6R9 J . -46.62 -31.57 -33.85
C01 6R9 K . -17.42 14.87 25.46
C02 6R9 K . -17.78 16.32 25.69
C09 6R9 K . -16.99 21.07 25.17
C10 6R9 K . -17.30 22.03 26.30
C11 6R9 K . -17.23 23.53 26.06
C12 6R9 K . -17.27 24.01 27.46
C13 6R9 K . -16.47 23.04 28.19
C16 6R9 K . -14.01 22.88 28.68
C18 6R9 K . -13.62 24.66 29.82
C19 6R9 K . -15.09 24.62 29.49
C21 6R9 K . -15.42 26.53 30.55
C23 6R9 K . -13.28 25.72 30.54
N15 6R9 K . -15.19 23.42 28.76
N17 6R9 K . -13.10 23.49 29.23
N20 6R9 K . -15.97 25.50 29.82
N22 6R9 K . -14.11 26.66 30.93
N24 6R9 K . -11.96 25.89 30.93
O03 6R9 K . -18.87 16.73 25.91
O04 6R9 K . -16.68 17.08 25.66
O06 6R9 K . -17.21 18.36 23.51
O07 6R9 K . -15.08 18.69 24.84
O08 6R9 K . -17.16 19.72 25.66
O14 6R9 K . -16.29 21.91 27.36
O25 6R9 K . -18.57 24.13 27.94
O26 6R9 K . -18.39 24.03 25.32
P05 6R9 K . -16.53 18.48 24.83
C01 6R9 L . -63.09 -11.55 21.13
C02 6R9 L . -63.44 -10.09 21.08
C09 6R9 L . -62.50 -5.47 19.92
C10 6R9 L . -62.92 -4.35 20.84
C11 6R9 L . -62.79 -2.91 20.38
C12 6R9 L . -63.00 -2.22 21.67
C13 6R9 L . -62.31 -3.06 22.64
C16 6R9 L . -59.94 -3.14 23.46
C18 6R9 L . -59.66 -1.20 24.35
C19 6R9 L . -61.08 -1.30 23.83
C21 6R9 L . -61.50 0.76 24.55
C23 6R9 L . -59.39 -0.04 24.93
N15 6R9 L . -61.11 -2.59 23.30
N17 6R9 L . -59.09 -2.44 24.02
N20 6R9 L . -61.98 -0.37 23.91
N22 6R9 L . -60.25 0.95 25.05
N24 6R9 L . -58.13 0.19 25.45
O03 6R9 L . -64.53 -9.64 21.09
O04 6R9 L . -62.32 -9.34 21.07
O06 6R9 L . -62.55 -8.41 18.69
O07 6R9 L . -60.60 -7.88 20.21
O08 6R9 L . -62.75 -6.74 20.59
O14 6R9 L . -62.06 -4.31 22.02
O25 6R9 L . -64.34 -2.02 21.96
O26 6R9 L . -63.83 -2.53 19.43
P05 6R9 L . -62.04 -8.09 20.04
C01 6R9 M . -29.19 -58.97 15.06
C02 6R9 M . -28.32 -59.17 16.27
C09 6R9 M . -25.04 -57.62 19.51
C10 6R9 M . -23.99 -58.58 20.04
C11 6R9 M . -23.09 -58.15 21.19
C12 6R9 M . -22.08 -59.21 21.13
C13 6R9 M . -21.89 -59.45 19.70
C16 6R9 M . -20.40 -58.40 17.97
C18 6R9 M . -18.42 -58.83 18.72
C19 6R9 M . -19.44 -59.44 19.65
C21 6R9 M . -17.81 -60.22 20.94
C23 6R9 M . -17.17 -59.04 19.08
N15 6R9 M . -20.64 -59.08 19.05
N17 6R9 M . -19.21 -58.21 17.73
N20 6R9 M . -19.16 -60.11 20.73
N22 6R9 M . -16.80 -59.71 20.14
N24 6R9 M . -16.13 -58.55 18.29
O03 6R9 M . -28.52 -59.93 17.15
O04 6R9 M . -27.24 -58.38 16.19
O06 6R9 M . -27.80 -56.81 18.13
O07 6R9 M . -25.73 -56.56 16.70
O08 6R9 M . -25.78 -58.30 18.44
O14 6R9 M . -22.97 -58.83 19.02
O25 6R9 M . -22.46 -60.35 21.83
O26 6R9 M . -23.79 -58.18 22.47
P05 6R9 M . -26.67 -57.44 17.40
C01 6R9 N . 14.65 -30.28 6.95
C02 6R9 N . 15.67 -30.68 7.99
C09 6R9 N . 19.34 -29.71 11.00
C10 6R9 N . 20.43 -30.73 11.22
C11 6R9 N . 21.47 -30.49 12.31
C12 6R9 N . 22.45 -31.53 11.93
C13 6R9 N . 22.46 -31.51 10.47
C16 6R9 N . 23.74 -30.16 8.79
C18 6R9 N . 25.78 -30.71 9.19
C19 6R9 N . 24.89 -31.48 10.12
C21 6R9 N . 26.66 -32.46 11.03
C23 6R9 N . 27.08 -30.98 9.34
N15 6R9 N . 23.63 -31.03 9.74
N17 6R9 N . 24.89 -29.93 8.42
N20 6R9 N . 25.29 -32.33 11.02
N22 6R9 N . 27.57 -31.82 10.22
N24 6R9 N . 28.01 -30.34 8.53
O03 6R9 N . 15.55 -31.59 8.73
O04 6R9 N . 16.74 -29.88 7.91
O06 6R9 N . 16.44 -28.69 10.16
O07 6R9 N . 18.32 -28.16 8.54
O08 6R9 N . 18.47 -30.20 9.94
O14 6R9 N . 21.31 -30.80 10.05
O25 6R9 N . 22.16 -32.78 12.47
O26 6R9 N . 20.95 -30.76 13.65
P05 6R9 N . 17.46 -29.17 9.19
C01 6R9 O . -11.60 4.83 -31.98
C02 6R9 O . -10.89 4.78 -33.31
C09 6R9 O . -6.95 5.15 -36.11
C10 6R9 O . -7.05 5.74 -37.49
C11 6R9 O . -5.85 5.67 -38.44
C12 6R9 O . -6.30 6.61 -39.47
C13 6R9 O . -6.98 7.67 -38.74
C16 6R9 O . -6.18 9.79 -37.66
C18 6R9 O . -5.39 10.91 -39.31
C19 6R9 O . -5.94 9.61 -39.84
C21 6R9 O . -5.37 10.16 -41.90
C23 6R9 O . -4.89 11.68 -40.25
N15 6R9 O . -6.41 9.00 -38.67
N17 6R9 O . -5.63 10.85 -37.92
N20 6R9 O . -5.93 9.23 -41.07
N22 6R9 O . -4.84 11.38 -41.54
N24 6R9 O . -4.35 12.93 -39.92
O03 6R9 O . -11.25 4.15 -34.25
O04 6R9 O . -9.82 5.57 -33.30
O06 6R9 O . -8.02 3.77 -33.46
O07 6R9 O . -7.50 6.24 -33.28
O08 6R9 O . -8.24 5.31 -35.45
O14 6R9 O . -7.22 7.19 -37.43
O25 6R9 O . -7.10 6.01 -40.44
O26 6R9 O . -5.65 4.34 -39.00
P05 6R9 O . -8.33 5.16 -33.83
C01 6R9 P . 28.74 40.92 28.51
C02 6R9 P . 28.46 42.30 29.06
C09 6R9 P . 29.34 47.06 29.32
C10 6R9 P . 29.21 47.79 30.66
C11 6R9 P . 29.30 49.31 30.69
C12 6R9 P . 29.45 49.51 32.14
C13 6R9 P . 30.31 48.40 32.58
C16 6R9 P . 32.80 48.13 32.70
C18 6R9 P . 33.38 49.66 34.10
C19 6R9 P . 31.88 49.70 33.95
C21 6R9 P . 31.75 51.37 35.40
C23 6R9 P . 33.85 50.56 34.95
N15 6R9 P . 31.66 48.66 33.04
N17 6R9 P . 33.79 48.62 33.24
N20 6R9 P . 31.08 50.51 34.56
N22 6R9 P . 33.11 51.42 35.61
N24 6R9 P . 35.22 50.65 35.19
O03 6R9 P . 27.42 42.67 29.49
O04 6R9 P . 29.58 43.05 29.01
O06 6R9 P . 28.82 44.72 27.24
O07 6R9 P . 31.12 44.77 28.32
O08 6R9 P . 29.18 45.63 29.57
O14 6R9 P . 30.33 47.46 31.53
O25 6R9 P . 28.23 49.54 32.82
O26 6R9 P . 28.08 49.95 30.22
P05 6R9 P . 29.66 44.57 28.45
C01 6R9 Q . 57.53 -0.32 -1.51
C02 6R9 Q . 58.67 -0.89 -0.70
C09 6R9 Q . 62.70 -0.43 1.97
C10 6R9 Q . 63.79 -1.47 1.86
C11 6R9 Q . 64.97 -1.42 2.84
C12 6R9 Q . 65.88 -2.36 2.17
C13 6R9 Q . 65.70 -2.09 0.75
C16 6R9 Q . 66.78 -0.46 -0.83
C18 6R9 Q . 68.86 -1.05 -0.78
C19 6R9 Q . 68.07 -1.98 0.11
C21 6R9 Q . 69.92 -3.10 0.61
C23 6R9 Q . 70.14 -1.34 -0.85
N15 6R9 Q . 66.78 -1.49 -0.02
N17 6R9 Q . 67.88 -0.16 -1.28
N20 6R9 Q . 68.56 -2.97 0.79
N22 6R9 Q . 70.73 -2.32 -0.19
N24 6R9 Q . 70.99 -0.56 -1.64
O03 6R9 Q . 58.63 -1.91 -0.10
O04 6R9 Q . 59.73 -0.08 -0.76
O06 6R9 Q . 59.73 0.70 1.68
O07 6R9 Q . 61.41 1.51 -0.05
O08 6R9 Q . 61.69 -0.74 0.95
O14 6R9 Q . 64.52 -1.32 0.60
O25 6R9 Q . 65.63 -3.69 2.51
O26 6R9 Q . 64.61 -1.91 4.17
P05 6R9 Q . 60.61 0.41 0.52
C01 6R9 R . 27.19 40.89 -30.05
C02 6R9 R . 27.72 41.07 -31.45
C09 6R9 R . 31.30 41.94 -34.61
C10 6R9 R . 31.03 42.77 -35.86
C11 6R9 R . 32.11 42.87 -36.93
C12 6R9 R . 31.55 43.98 -37.72
C13 6R9 R . 30.97 44.89 -36.73
C16 6R9 R . 31.94 46.79 -35.40
C18 6R9 R . 32.54 48.18 -36.93
C19 6R9 R . 31.90 46.99 -37.60
C21 6R9 R . 32.23 47.90 -39.59
C23 6R9 R . 32.93 49.12 -37.78
N15 6R9 R . 31.57 46.19 -36.50
N17 6R9 R . 32.47 47.88 -35.56
N20 6R9 R . 31.75 46.83 -38.87
N22 6R9 R . 32.82 49.04 -39.09
N24 6R9 R . 33.54 50.28 -37.31
O03 6R9 R . 27.24 40.61 -32.43
O04 6R9 R . 28.79 41.86 -31.44
O06 6R9 R . 30.53 40.12 -32.11
O07 6R9 R . 31.12 42.53 -31.59
O08 6R9 R . 30.10 41.98 -33.77
O14 6R9 R . 30.89 44.18 -35.51
O25 6R9 R . 30.62 43.55 -38.67
O26 6R9 R . 32.20 41.66 -37.74
P05 6R9 R . 30.20 41.55 -32.21
#